data_8EGR
#
_entry.id   8EGR
#
loop_
_entity.id
_entity.type
_entity.pdbx_description
1 polymer 'gp15, receptor-binding protein, tail fiber'
2 polymer 'Upper collar protein'
3 polymer 'gp16, tail stem protein'
4 polymer 'SGNH_hydro domain-containing protein'
5 polymer 'gp20, portal-proximal core protein'
#
loop_
_entity_poly.entity_id
_entity_poly.type
_entity_poly.pdbx_seq_one_letter_code
_entity_poly.pdbx_strand_id
1 'polypeptide(L)'
;MYINNGRINYNNEYGYRRGIYREPFYSDNADYNTNSKSYYDYLARFNGFIFELCDFVNGLADDIQKMKDTYEALTLSNTD
VTYTVGQKGDFDTLNHCFEHIEDLIVQPKSIRVILLKDYMMREQLFLRDKRYNHITITSENDIVEAYETELNRQVEIKTN
PIFRVKPLFYGINSTFPKIDFKLQNKDFSDTINCGFLMDNTTFEMTERGGSTHFNFIGLCGVNGSHIQTNYCDFSYNGNR
EQLEEYNKDQNMYGDGLRIFNSSLTGNYMTVNRCGEIGIHFSHGASGYIDFTEARFNGHHGLMVTTGSQASARNCKITDT
IDDNVVSYASSDIDLRSSDCSNSQTTYGVIATRSSNINFDKGIANGCGASGIMANRGCSIDATGATASRNKWHGVIASNN
SKVDFTSGNANENGLDGIQCTHGSTVQARLSTTNGNKRNGVLAYAGDVYCQEINCDGNGRRGLEATRGGYVAAYGAKVSR
SKDDNVLAYGSMISINEALIERAGRNGIEATRGGQIFADRITITGSGDFGILAYASKVFAEASNISGTKNEPVYATRGGE
VTCFGSNISSNKTVYNVYNGSRIFTDKDHGYSTNVDPQTLSSKGLIILG
;
A,B,C,D,E,F
2 'polypeptide(L)'
;MSYLDNDYIGKNKDVGLKVELTEDIDRRIMEHRNRFRRLIFNRYVEFLPLLINYTNQNSVGIDFLQLEIALRQGYQVVVG
KARNGVIMILGYIQSMYYKNSNDFINNFNLTFNKRLTQDDITFIIPDYLRPDYALEIEYYDNCQSGDFIVLRNKPVNLNN
DYQIIEHYCDELAEIILSRFSLIMQSKFSKIFLSDIQDETINQFINKLYNGAPFIKTDKYIDPEEDIIDLGSDFVTTALV
EMKREYQNKVSELSNFLGVNSLAVDKESGVSDTEAKSNRSFTTSNSNIYLRGRNPFEMLNRRFNLDIHPYYDDEAISEMD
IMNLKTDNFGGGKVE
;
G,H
3 'polypeptide(L)'
;LSKHTTTLYEIIESELQRLGLNEFVNNDRIHFNDSKHAFMQKMLYFDDDVKQIVDHMFFKGFMFNDERIDRYFKESFTLR
FLYREIGRQTVESFASQVLYITMTHEDYIYRVYGSDMYKYIEQVTDTQSQDLGKAIENAIEQGQTKDRQQDKGHEEYKDY
EDTITKSFDDNRTAESTLPQSKVNIDVDNTVLDYADTNTISRDKNTSETVSEKTGTKDNTFDSLRNGESDTKRNTQSQNE
MNRTGLTKQYLIDNLQKLYSMRDTIFKTYDKECFLHIW
;
J,I
4 'polypeptide(L)'
;LIIKHQMKLHLNELVDWAWRNGVTSEKFHSNNGSYVIFDHSAVVETYIINKNDLFNVTEEIEITLDKPIDYFLEKDMYGN
YREHFGIAINDLLFLNTTVNIWLVNDDNSHILIYKDGKLIDEYMYHQFEYEANQNKHIYPNNKASGTYPHKTEQDVTPPK
KQPDTKPLPPEEHTPKVRTIKTLNGTVMKDYTPVSSIQYVKSVGIIGDSVGKGAHASYNFGDYINEKTGAKIQNLSVSSA
TMSEVKDNNILNQAKQLKDNELVIIQGTDDDWLFNSNAGVEVGNKITDTKTYIGAFYKVVETVKENNPKAKIVVITPTKQ
AKIDDTGKVIRRDTDKNKKGYTLKTYVDSQVKATKDLGLALYNAYDDSLINPYDEKFRQSSMKDGLHPTKWGHEMMYYRI
AETYHKNFD
;
K,L
5 'polypeptide(L)'
;MAEEEKIIKEEPTNEETEQPEKIESAEDVVTEPEKEVTEEKSEAFVQLEQRISSLEQRLNNLESQPQPTQESSDPNFEDK
TVPTEVDDNQETDGIESSEEIKQMLNL
;
M,N,O,P,Q,R,S,T,U,V,W,X
#
# COMPACT_ATOMS: atom_id res chain seq x y z
N MET A 1 -52.73 4.25 36.68
CA MET A 1 -52.60 4.67 38.07
C MET A 1 -51.28 5.42 38.31
N TYR A 2 -50.19 4.83 37.83
CA TYR A 2 -48.87 5.43 38.07
C TYR A 2 -48.63 6.64 37.17
N ILE A 3 -49.16 6.63 35.96
CA ILE A 3 -48.92 7.70 35.00
C ILE A 3 -50.00 8.77 35.16
N ASN A 4 -49.57 10.00 35.40
CA ASN A 4 -50.47 11.14 35.54
C ASN A 4 -49.94 12.30 34.70
N ASN A 5 -50.81 12.86 33.85
CA ASN A 5 -50.47 14.01 33.03
C ASN A 5 -49.24 13.77 32.16
N GLY A 6 -49.09 12.55 31.64
CA GLY A 6 -47.97 12.23 30.80
C GLY A 6 -46.67 11.99 31.53
N ARG A 7 -46.69 11.91 32.85
CA ARG A 7 -45.50 11.63 33.65
C ARG A 7 -45.79 10.41 34.51
N ILE A 8 -44.77 9.58 34.73
CA ILE A 8 -44.90 8.33 35.46
C ILE A 8 -44.13 8.46 36.77
N ASN A 9 -44.79 8.12 37.87
CA ASN A 9 -44.18 8.12 39.19
C ASN A 9 -44.62 6.88 39.94
N TYR A 10 -43.76 6.42 40.86
CA TYR A 10 -44.06 5.19 41.58
C TYR A 10 -44.97 5.45 42.78
N ASN A 11 -44.50 6.27 43.72
CA ASN A 11 -45.14 6.79 44.94
C ASN A 11 -45.26 5.75 46.06
N ASN A 12 -45.03 4.46 45.80
CA ASN A 12 -44.84 3.42 46.81
C ASN A 12 -45.74 3.56 48.03
N GLU A 13 -47.06 3.55 47.85
CA GLU A 13 -47.97 3.75 48.98
C GLU A 13 -47.90 2.57 49.94
N TYR A 14 -48.15 2.84 51.22
CA TYR A 14 -48.10 1.84 52.26
C TYR A 14 -49.49 1.70 52.90
N GLY A 15 -49.96 0.47 53.01
CA GLY A 15 -51.21 0.20 53.69
C GLY A 15 -51.02 -0.80 54.83
N TYR A 16 -51.42 -0.42 56.04
CA TYR A 16 -51.20 -1.24 57.22
C TYR A 16 -52.41 -2.13 57.46
N ARG A 17 -52.17 -3.44 57.45
CA ARG A 17 -53.21 -4.43 57.73
C ARG A 17 -52.67 -5.43 58.73
N ARG A 18 -53.38 -5.60 59.85
CA ARG A 18 -52.94 -6.48 60.93
C ARG A 18 -53.99 -7.57 61.11
N GLY A 19 -53.57 -8.82 60.95
CA GLY A 19 -54.51 -9.93 61.05
C GLY A 19 -54.98 -10.17 62.47
N ILE A 20 -56.10 -10.89 62.59
CA ILE A 20 -56.66 -11.16 63.89
C ILE A 20 -55.88 -12.26 64.61
N TYR A 21 -55.57 -13.35 63.91
CA TYR A 21 -54.88 -14.49 64.50
C TYR A 21 -53.51 -14.66 63.86
N ARG A 22 -52.53 -15.07 64.66
CA ARG A 22 -51.18 -15.24 64.16
C ARG A 22 -51.11 -16.43 63.20
N GLU A 23 -50.14 -16.38 62.30
CA GLU A 23 -50.00 -17.42 61.29
C GLU A 23 -49.68 -18.76 61.96
N PRO A 24 -50.21 -19.86 61.44
CA PRO A 24 -49.93 -21.18 62.04
C PRO A 24 -48.54 -21.66 61.68
N PHE A 25 -47.71 -21.88 62.71
CA PHE A 25 -46.35 -22.34 62.48
C PHE A 25 -46.32 -23.82 62.11
N TYR A 26 -47.17 -24.62 62.73
CA TYR A 26 -47.16 -26.07 62.54
C TYR A 26 -48.11 -26.53 61.44
N SER A 27 -48.73 -25.61 60.72
CA SER A 27 -49.57 -26.01 59.60
C SER A 27 -48.70 -26.52 58.47
N ASP A 28 -49.27 -27.41 57.64
CA ASP A 28 -48.50 -28.00 56.56
C ASP A 28 -48.30 -27.04 55.39
N ASN A 29 -49.10 -25.98 55.30
CA ASN A 29 -48.93 -25.01 54.22
C ASN A 29 -47.57 -24.32 54.33
N ALA A 30 -47.17 -23.92 55.53
CA ALA A 30 -45.87 -23.29 55.75
C ALA A 30 -44.85 -24.40 55.99
N ASP A 31 -44.16 -24.80 54.93
CA ASP A 31 -43.21 -25.90 55.01
C ASP A 31 -41.81 -25.35 55.26
N TYR A 32 -41.15 -25.90 56.28
CA TYR A 32 -39.80 -25.53 56.69
C TYR A 32 -39.77 -24.16 57.36
N ASN A 33 -40.87 -23.43 57.30
CA ASN A 33 -40.98 -22.09 57.86
C ASN A 33 -39.76 -21.24 57.55
N THR A 34 -39.22 -21.37 56.34
CA THR A 34 -37.98 -20.72 55.99
C THR A 34 -38.23 -19.30 55.48
N ASN A 35 -37.18 -18.70 54.94
CA ASN A 35 -37.20 -17.30 54.53
C ASN A 35 -37.54 -17.10 53.06
N SER A 36 -37.20 -18.08 52.20
CA SER A 36 -37.12 -17.82 50.76
C SER A 36 -38.45 -17.41 50.16
N LYS A 37 -39.58 -17.83 50.73
CA LYS A 37 -40.86 -17.52 50.13
C LYS A 37 -41.10 -16.01 50.10
N SER A 38 -40.75 -15.31 51.18
CA SER A 38 -40.92 -13.86 51.21
C SER A 38 -40.03 -13.18 50.17
N TYR A 39 -38.80 -13.67 50.01
CA TYR A 39 -37.92 -13.10 48.99
C TYR A 39 -38.49 -13.31 47.60
N TYR A 40 -39.05 -14.50 47.34
CA TYR A 40 -39.67 -14.76 46.05
C TYR A 40 -40.85 -13.84 45.81
N ASP A 41 -41.68 -13.63 46.82
CA ASP A 41 -42.91 -12.86 46.65
C ASP A 41 -42.72 -11.36 46.78
N TYR A 42 -41.53 -10.89 47.17
CA TYR A 42 -41.33 -9.44 47.30
C TYR A 42 -41.45 -8.75 45.96
N LEU A 43 -40.84 -9.30 44.92
CA LEU A 43 -40.78 -8.62 43.63
C LEU A 43 -42.12 -8.52 42.93
N ALA A 44 -43.15 -9.20 43.42
CA ALA A 44 -44.45 -9.17 42.76
C ALA A 44 -45.17 -7.85 42.94
N ARG A 45 -44.67 -6.96 43.81
CA ARG A 45 -45.32 -5.68 43.99
C ARG A 45 -45.01 -4.70 42.86
N PHE A 46 -43.97 -4.98 42.07
CA PHE A 46 -43.57 -4.09 40.99
C PHE A 46 -44.20 -4.43 39.65
N ASN A 47 -45.10 -5.43 39.60
CA ASN A 47 -45.63 -5.87 38.32
C ASN A 47 -46.47 -4.77 37.65
N GLY A 48 -47.34 -4.11 38.43
CA GLY A 48 -48.15 -3.05 37.85
C GLY A 48 -47.30 -1.90 37.34
N PHE A 49 -46.31 -1.49 38.13
CA PHE A 49 -45.43 -0.42 37.68
C PHE A 49 -44.64 -0.83 36.45
N ILE A 50 -44.19 -2.09 36.39
CA ILE A 50 -43.44 -2.54 35.23
C ILE A 50 -44.30 -2.49 33.98
N PHE A 51 -45.56 -2.92 34.10
CA PHE A 51 -46.44 -2.88 32.94
C PHE A 51 -46.72 -1.45 32.49
N GLU A 52 -46.98 -0.55 33.44
CA GLU A 52 -47.23 0.84 33.08
C GLU A 52 -45.99 1.48 32.46
N LEU A 53 -44.82 1.18 33.00
CA LEU A 53 -43.58 1.72 32.47
C LEU A 53 -43.30 1.19 31.07
N CYS A 54 -43.56 -0.09 30.83
CA CYS A 54 -43.39 -0.63 29.49
C CYS A 54 -44.34 0.03 28.51
N ASP A 55 -45.59 0.27 28.91
CA ASP A 55 -46.51 0.97 28.04
C ASP A 55 -46.03 2.39 27.75
N PHE A 56 -45.55 3.10 28.78
CA PHE A 56 -45.07 4.47 28.59
C PHE A 56 -43.87 4.50 27.66
N VAL A 57 -42.92 3.60 27.85
CA VAL A 57 -41.72 3.58 27.01
C VAL A 57 -42.07 3.21 25.57
N ASN A 58 -43.00 2.26 25.39
CA ASN A 58 -43.43 1.93 24.04
C ASN A 58 -44.12 3.12 23.38
N GLY A 59 -44.89 3.89 24.16
CA GLY A 59 -45.48 5.10 23.63
C GLY A 59 -44.44 6.10 23.17
N LEU A 60 -43.39 6.27 23.98
CA LEU A 60 -42.30 7.17 23.59
C LEU A 60 -41.61 6.69 22.32
N ALA A 61 -41.38 5.37 22.20
CA ALA A 61 -40.75 4.85 21.00
C ALA A 61 -41.62 5.05 19.77
N ASP A 62 -42.93 4.82 19.90
CA ASP A 62 -43.84 5.07 18.78
C ASP A 62 -43.84 6.54 18.41
N ASP A 63 -43.75 7.42 19.40
CA ASP A 63 -43.65 8.85 19.11
C ASP A 63 -42.38 9.17 18.34
N ILE A 64 -41.27 8.55 18.73
CA ILE A 64 -40.01 8.77 18.01
C ILE A 64 -40.15 8.33 16.56
N GLN A 65 -40.74 7.16 16.34
CA GLN A 65 -40.87 6.66 14.98
C GLN A 65 -41.79 7.55 14.15
N LYS A 66 -42.91 7.97 14.72
CA LYS A 66 -43.84 8.82 14.00
C LYS A 66 -43.21 10.17 13.66
N MET A 67 -42.49 10.76 14.60
CA MET A 67 -41.87 12.06 14.38
C MET A 67 -40.60 11.97 13.55
N LYS A 68 -40.02 10.78 13.39
CA LYS A 68 -38.99 10.60 12.36
C LYS A 68 -39.62 10.47 10.98
N ASP A 69 -40.79 9.83 10.89
CA ASP A 69 -41.43 9.64 9.60
C ASP A 69 -42.02 10.94 9.06
N THR A 70 -42.64 11.75 9.93
CA THR A 70 -43.37 12.92 9.45
C THR A 70 -42.42 14.01 8.95
N TYR A 71 -41.37 14.30 9.71
CA TYR A 71 -40.44 15.38 9.39
C TYR A 71 -39.36 14.86 8.45
N GLU A 72 -39.26 15.48 7.27
CA GLU A 72 -38.27 15.05 6.30
C GLU A 72 -36.86 15.51 6.68
N ALA A 73 -36.75 16.58 7.48
CA ALA A 73 -35.45 17.14 7.79
C ALA A 73 -34.56 16.14 8.52
N LEU A 74 -35.15 15.12 9.13
CA LEU A 74 -34.34 14.12 9.83
C LEU A 74 -33.70 13.14 8.84
N THR A 75 -34.39 12.86 7.74
CA THR A 75 -33.87 11.92 6.74
C THR A 75 -33.15 12.68 5.61
N LEU A 76 -32.17 13.48 6.02
CA LEU A 76 -31.28 14.17 5.09
C LEU A 76 -29.90 13.52 5.18
N SER A 77 -29.49 12.89 4.09
CA SER A 77 -28.17 12.28 4.01
C SER A 77 -27.55 12.65 2.67
N ASN A 78 -26.25 12.94 2.68
CA ASN A 78 -25.53 13.30 1.47
C ASN A 78 -24.67 12.16 0.96
N THR A 79 -25.03 10.92 1.26
CA THR A 79 -24.29 9.77 0.76
C THR A 79 -24.41 9.68 -0.75
N ASP A 80 -23.36 9.17 -1.38
CA ASP A 80 -23.33 9.08 -2.84
C ASP A 80 -24.42 8.16 -3.35
N VAL A 81 -25.04 8.54 -4.46
CA VAL A 81 -26.24 7.87 -4.97
C VAL A 81 -26.13 7.74 -6.49
N THR A 82 -26.58 6.60 -6.99
CA THR A 82 -26.59 6.32 -8.43
C THR A 82 -28.04 6.23 -8.89
N TYR A 83 -28.45 7.18 -9.73
CA TYR A 83 -29.74 7.11 -10.41
C TYR A 83 -29.56 6.42 -11.75
N THR A 84 -30.51 5.57 -12.10
CA THR A 84 -30.50 4.85 -13.37
C THR A 84 -31.67 5.33 -14.22
N VAL A 85 -31.37 5.80 -15.42
CA VAL A 85 -32.37 6.31 -16.35
C VAL A 85 -32.53 5.32 -17.48
N GLY A 86 -33.76 4.93 -17.75
CA GLY A 86 -34.03 3.98 -18.82
C GLY A 86 -35.49 3.64 -18.86
N GLN A 87 -35.83 2.71 -19.76
CA GLN A 87 -37.21 2.26 -19.87
C GLN A 87 -37.65 1.55 -18.59
N LYS A 88 -36.77 0.73 -18.01
CA LYS A 88 -37.06 -0.02 -16.80
C LYS A 88 -36.33 0.53 -15.58
N GLY A 89 -35.73 1.71 -15.68
CA GLY A 89 -34.98 2.29 -14.58
C GLY A 89 -35.83 3.16 -13.69
N ASP A 90 -35.14 3.93 -12.84
CA ASP A 90 -35.83 4.80 -11.90
C ASP A 90 -36.64 5.88 -12.61
N PHE A 91 -36.05 6.49 -13.64
CA PHE A 91 -36.68 7.60 -14.35
C PHE A 91 -36.81 7.25 -15.83
N ASP A 92 -37.90 7.70 -16.43
CA ASP A 92 -38.12 7.41 -17.85
C ASP A 92 -37.21 8.24 -18.74
N THR A 93 -37.03 9.52 -18.41
CA THR A 93 -36.23 10.43 -19.24
C THR A 93 -35.21 11.14 -18.37
N LEU A 94 -34.23 11.75 -19.03
CA LEU A 94 -33.20 12.50 -18.31
C LEU A 94 -33.78 13.74 -17.63
N ASN A 95 -34.79 14.36 -18.25
CA ASN A 95 -35.36 15.57 -17.68
C ASN A 95 -35.99 15.29 -16.32
N HIS A 96 -36.70 14.17 -16.19
CA HIS A 96 -37.27 13.82 -14.89
C HIS A 96 -36.17 13.62 -13.86
N CYS A 97 -35.09 12.93 -14.24
CA CYS A 97 -34.01 12.69 -13.30
C CYS A 97 -33.37 13.99 -12.83
N PHE A 98 -33.14 14.93 -13.75
CA PHE A 98 -32.48 16.16 -13.33
C PHE A 98 -33.43 17.11 -12.63
N GLU A 99 -34.74 17.03 -12.88
CA GLU A 99 -35.68 17.74 -12.04
C GLU A 99 -35.66 17.20 -10.62
N HIS A 100 -35.56 15.87 -10.48
CA HIS A 100 -35.42 15.28 -9.16
C HIS A 100 -34.13 15.73 -8.48
N ILE A 101 -33.05 15.82 -9.26
CA ILE A 101 -31.79 16.33 -8.73
C ILE A 101 -31.96 17.77 -8.24
N GLU A 102 -32.70 18.58 -9.00
CA GLU A 102 -33.02 19.93 -8.57
C GLU A 102 -33.76 19.94 -7.25
N ASP A 103 -34.73 19.02 -7.08
CA ASP A 103 -35.61 19.07 -5.92
C ASP A 103 -34.89 18.73 -4.62
N LEU A 104 -33.71 18.09 -4.70
CA LEU A 104 -33.01 17.68 -3.48
C LEU A 104 -32.65 18.90 -2.63
N ILE A 105 -32.89 18.78 -1.32
CA ILE A 105 -32.58 19.87 -0.40
C ILE A 105 -31.07 20.02 -0.24
N VAL A 106 -30.36 18.91 -0.06
CA VAL A 106 -28.91 18.92 0.07
C VAL A 106 -28.33 18.00 -1.01
N GLN A 107 -27.32 18.48 -1.70
CA GLN A 107 -26.71 17.72 -2.78
C GLN A 107 -25.77 16.67 -2.21
N PRO A 108 -25.94 15.39 -2.54
CA PRO A 108 -25.06 14.36 -2.00
C PRO A 108 -23.62 14.54 -2.46
N LYS A 109 -22.74 13.74 -1.86
CA LYS A 109 -21.30 13.90 -2.10
C LYS A 109 -20.96 13.63 -3.56
N SER A 110 -21.60 12.65 -4.17
CA SER A 110 -21.41 12.40 -5.59
C SER A 110 -22.61 11.65 -6.13
N ILE A 111 -23.11 12.11 -7.28
CA ILE A 111 -24.27 11.52 -7.94
C ILE A 111 -23.80 10.92 -9.25
N ARG A 112 -24.30 9.73 -9.56
CA ARG A 112 -23.93 9.03 -10.79
C ARG A 112 -25.19 8.68 -11.55
N VAL A 113 -25.34 9.24 -12.75
CA VAL A 113 -26.48 8.96 -13.60
C VAL A 113 -26.05 7.95 -14.65
N ILE A 114 -26.70 6.78 -14.65
CA ILE A 114 -26.38 5.70 -15.56
C ILE A 114 -27.52 5.53 -16.54
N LEU A 115 -27.25 5.76 -17.82
CA LEU A 115 -28.27 5.61 -18.86
C LEU A 115 -28.28 4.15 -19.30
N LEU A 116 -29.42 3.48 -19.13
CA LEU A 116 -29.51 2.07 -19.47
C LEU A 116 -29.45 1.88 -20.98
N LYS A 117 -29.26 0.62 -21.37
CA LYS A 117 -29.13 0.29 -22.79
C LYS A 117 -30.40 0.59 -23.56
N ASP A 118 -31.55 0.67 -22.87
CA ASP A 118 -32.81 0.93 -23.55
C ASP A 118 -32.96 2.39 -23.95
N TYR A 119 -32.13 3.28 -23.42
CA TYR A 119 -32.36 4.71 -23.58
C TYR A 119 -31.90 5.20 -24.95
N MET A 120 -32.76 5.94 -25.63
CA MET A 120 -32.42 6.65 -26.86
C MET A 120 -32.91 8.08 -26.72
N MET A 121 -31.97 9.03 -26.72
CA MET A 121 -32.29 10.41 -26.40
C MET A 121 -33.31 10.99 -27.38
N ARG A 122 -34.37 11.59 -26.82
CA ARG A 122 -35.39 12.27 -27.60
C ARG A 122 -35.83 13.57 -26.94
N GLU A 123 -34.99 14.16 -26.11
CA GLU A 123 -35.30 15.41 -25.44
C GLU A 123 -34.01 16.15 -25.13
N GLN A 124 -34.14 17.45 -24.84
CA GLN A 124 -33.00 18.30 -24.59
C GLN A 124 -32.82 18.54 -23.10
N LEU A 125 -31.57 18.63 -22.67
CA LEU A 125 -31.22 18.87 -21.28
C LEU A 125 -30.57 20.25 -21.17
N PHE A 126 -31.25 21.17 -20.50
CA PHE A 126 -30.78 22.54 -20.32
C PHE A 126 -30.50 22.79 -18.85
N LEU A 127 -29.29 23.25 -18.55
CA LEU A 127 -28.90 23.61 -17.19
C LEU A 127 -28.50 25.07 -17.15
N ARG A 128 -29.01 25.79 -16.16
CA ARG A 128 -28.87 27.24 -16.09
C ARG A 128 -28.57 27.62 -14.65
N ASP A 129 -27.33 28.03 -14.38
CA ASP A 129 -26.86 28.35 -13.03
C ASP A 129 -27.09 27.20 -12.06
N LYS A 130 -26.58 26.02 -12.42
CA LYS A 130 -26.61 24.84 -11.56
C LYS A 130 -25.18 24.38 -11.33
N ARG A 131 -24.72 24.44 -10.07
CA ARG A 131 -23.37 24.01 -9.72
C ARG A 131 -23.31 22.49 -9.58
N TYR A 132 -23.69 21.80 -10.65
CA TYR A 132 -23.64 20.34 -10.70
C TYR A 132 -22.21 19.87 -10.94
N ASN A 133 -21.34 20.23 -10.00
CA ASN A 133 -19.92 19.91 -10.11
C ASN A 133 -19.65 18.44 -9.82
N HIS A 134 -20.49 17.81 -9.00
CA HIS A 134 -20.26 16.45 -8.54
C HIS A 134 -20.90 15.39 -9.42
N ILE A 135 -21.98 15.73 -10.11
CA ILE A 135 -22.71 14.73 -10.88
C ILE A 135 -21.88 14.25 -12.08
N THR A 136 -21.94 12.95 -12.33
CA THR A 136 -21.33 12.36 -13.50
C THR A 136 -22.37 11.52 -14.24
N ILE A 137 -22.34 11.58 -15.56
CA ILE A 137 -23.30 10.88 -16.40
C ILE A 137 -22.56 9.79 -17.17
N THR A 138 -22.92 8.54 -16.89
CA THR A 138 -22.29 7.38 -17.51
C THR A 138 -23.37 6.58 -18.24
N SER A 139 -22.97 5.85 -19.27
CA SER A 139 -23.89 5.02 -20.02
C SER A 139 -23.40 3.59 -20.05
N GLU A 140 -24.32 2.64 -19.85
CA GLU A 140 -23.98 1.23 -20.01
C GLU A 140 -23.56 0.94 -21.44
N ASN A 141 -24.29 1.46 -22.41
CA ASN A 141 -23.87 1.38 -23.79
C ASN A 141 -22.68 2.30 -24.02
N ASP A 142 -21.83 1.93 -24.99
CA ASP A 142 -20.65 2.73 -25.28
C ASP A 142 -21.06 4.11 -25.78
N ILE A 143 -22.05 4.17 -26.67
CA ILE A 143 -22.51 5.43 -27.24
C ILE A 143 -24.01 5.54 -27.05
N VAL A 144 -24.52 6.77 -27.11
CA VAL A 144 -25.94 7.06 -26.93
C VAL A 144 -26.43 7.74 -28.20
N GLU A 145 -27.51 7.21 -28.78
CA GLU A 145 -28.08 7.76 -30.01
C GLU A 145 -29.06 8.88 -29.67
N ALA A 146 -29.01 9.95 -30.43
CA ALA A 146 -29.86 11.12 -30.22
C ALA A 146 -30.79 11.26 -31.43
N TYR A 147 -32.06 10.93 -31.25
CA TYR A 147 -33.05 11.01 -32.31
C TYR A 147 -33.73 12.38 -32.29
N GLU A 148 -34.82 12.50 -33.04
CA GLU A 148 -35.56 13.76 -33.09
C GLU A 148 -36.12 14.10 -31.71
N THR A 149 -35.98 15.37 -31.32
CA THR A 149 -36.41 15.81 -30.01
C THR A 149 -37.90 16.13 -30.01
N GLU A 150 -38.56 15.81 -28.89
CA GLU A 150 -39.98 16.12 -28.76
C GLU A 150 -40.23 17.62 -28.74
N LEU A 151 -39.37 18.37 -28.05
CA LEU A 151 -39.51 19.81 -27.91
C LEU A 151 -38.32 20.50 -28.56
N ASN A 152 -38.60 21.41 -29.50
CA ASN A 152 -37.55 22.13 -30.21
C ASN A 152 -37.27 23.42 -29.47
N ARG A 153 -36.23 23.41 -28.64
CA ARG A 153 -35.76 24.59 -27.93
C ARG A 153 -34.49 25.08 -28.61
N GLN A 154 -34.51 26.30 -29.12
CA GLN A 154 -33.40 26.88 -29.85
C GLN A 154 -32.82 28.04 -29.06
N VAL A 155 -31.50 28.11 -29.01
CA VAL A 155 -30.78 29.17 -28.31
C VAL A 155 -29.97 29.95 -29.33
N GLU A 156 -30.08 31.27 -29.29
CA GLU A 156 -29.41 32.15 -30.23
C GLU A 156 -28.22 32.81 -29.53
N ILE A 157 -27.05 32.74 -30.14
CA ILE A 157 -25.83 33.29 -29.56
C ILE A 157 -25.67 34.71 -30.05
N LYS A 158 -25.61 35.67 -29.13
CA LYS A 158 -25.55 37.08 -29.47
C LYS A 158 -24.11 37.60 -29.57
N THR A 159 -23.28 36.90 -30.34
CA THR A 159 -21.92 37.33 -30.57
C THR A 159 -21.85 38.12 -31.87
N ASN A 160 -20.64 38.42 -32.35
CA ASN A 160 -20.52 39.15 -33.61
C ASN A 160 -21.11 38.38 -34.77
N PRO A 161 -20.76 37.10 -35.03
CA PRO A 161 -21.56 36.31 -35.96
C PRO A 161 -22.74 35.70 -35.22
N ILE A 162 -23.95 36.14 -35.53
CA ILE A 162 -25.14 35.68 -34.81
C ILE A 162 -25.62 34.40 -35.45
N PHE A 163 -25.68 33.33 -34.66
CA PHE A 163 -26.19 32.05 -35.12
C PHE A 163 -27.05 31.43 -34.04
N ARG A 164 -28.05 30.66 -34.45
CA ARG A 164 -28.95 29.98 -33.55
C ARG A 164 -28.73 28.47 -33.67
N VAL A 165 -28.88 27.77 -32.55
CA VAL A 165 -28.49 26.38 -32.43
C VAL A 165 -29.51 25.65 -31.56
N LYS A 166 -29.83 24.42 -31.96
CA LYS A 166 -30.64 23.51 -31.15
C LYS A 166 -29.70 22.52 -30.47
N PRO A 167 -29.28 22.77 -29.24
CA PRO A 167 -28.33 21.87 -28.60
C PRO A 167 -29.02 20.77 -27.80
N LEU A 168 -28.55 19.53 -27.95
CA LEU A 168 -29.06 18.45 -27.12
C LEU A 168 -28.68 18.66 -25.67
N PHE A 169 -27.45 19.09 -25.42
CA PHE A 169 -26.98 19.47 -24.09
C PHE A 169 -26.69 20.96 -24.10
N TYR A 170 -27.22 21.68 -23.11
CA TYR A 170 -26.96 23.11 -22.99
C TYR A 170 -26.61 23.43 -21.55
N GLY A 171 -25.49 24.11 -21.35
CA GLY A 171 -25.13 24.50 -20.00
C GLY A 171 -24.65 25.93 -19.92
N ILE A 172 -25.35 26.79 -19.19
CA ILE A 172 -25.05 28.22 -19.15
C ILE A 172 -24.76 28.64 -17.72
N ASN A 173 -23.66 29.36 -17.52
CA ASN A 173 -23.30 29.95 -16.24
C ASN A 173 -23.30 28.92 -15.12
N SER A 174 -22.76 27.73 -15.41
CA SER A 174 -22.92 26.62 -14.48
C SER A 174 -21.95 25.51 -14.85
N THR A 175 -21.26 24.98 -13.85
CA THR A 175 -20.46 23.79 -14.06
C THR A 175 -21.35 22.63 -14.51
N PHE A 176 -20.87 21.88 -15.51
CA PHE A 176 -21.68 20.84 -16.13
C PHE A 176 -21.26 19.47 -15.64
N PRO A 177 -22.21 18.55 -15.46
CA PRO A 177 -21.84 17.18 -15.05
C PRO A 177 -20.92 16.53 -16.07
N LYS A 178 -19.99 15.72 -15.56
CA LYS A 178 -19.04 15.04 -16.43
C LYS A 178 -19.78 14.02 -17.31
N ILE A 179 -19.40 13.98 -18.58
CA ILE A 179 -20.03 13.11 -19.56
C ILE A 179 -19.12 11.93 -19.84
N ASP A 180 -19.70 10.73 -19.86
CA ASP A 180 -18.93 9.50 -20.01
C ASP A 180 -19.37 8.68 -21.23
N PHE A 181 -20.09 9.29 -22.16
CA PHE A 181 -20.62 8.57 -23.30
C PHE A 181 -20.42 9.39 -24.57
N LYS A 182 -20.62 8.73 -25.71
CA LYS A 182 -20.51 9.38 -27.01
C LYS A 182 -21.89 9.59 -27.59
N LEU A 183 -22.14 10.81 -28.06
CA LEU A 183 -23.40 11.15 -28.73
C LEU A 183 -23.25 10.95 -30.23
N GLN A 184 -24.15 10.16 -30.81
CA GLN A 184 -24.23 10.01 -32.26
C GLN A 184 -25.63 10.38 -32.70
N ASN A 185 -25.73 11.33 -33.61
CA ASN A 185 -27.01 11.87 -34.02
C ASN A 185 -27.60 11.02 -35.14
N LYS A 186 -28.76 10.42 -34.89
CA LYS A 186 -29.48 9.66 -35.89
C LYS A 186 -30.61 10.46 -36.53
N ASP A 187 -30.67 11.76 -36.26
CA ASP A 187 -31.67 12.64 -36.83
C ASP A 187 -31.00 13.58 -37.83
N PHE A 188 -31.52 13.62 -39.06
CA PHE A 188 -30.97 14.47 -40.09
C PHE A 188 -31.98 15.47 -40.64
N SER A 189 -33.16 15.57 -40.03
CA SER A 189 -34.16 16.51 -40.50
C SER A 189 -33.81 17.95 -40.14
N ASP A 190 -33.36 18.19 -38.92
CA ASP A 190 -33.10 19.54 -38.44
C ASP A 190 -31.68 19.96 -38.76
N THR A 191 -31.53 21.10 -39.43
CA THR A 191 -30.24 21.49 -39.98
C THR A 191 -29.40 22.33 -39.02
N ILE A 192 -29.92 22.64 -37.83
CA ILE A 192 -29.19 23.47 -36.88
C ILE A 192 -28.98 22.78 -35.54
N ASN A 193 -29.10 21.46 -35.47
CA ASN A 193 -28.92 20.77 -34.21
C ASN A 193 -27.45 20.75 -33.81
N CYS A 194 -27.20 20.54 -32.52
CA CYS A 194 -25.85 20.50 -31.99
C CYS A 194 -25.79 19.54 -30.82
N GLY A 195 -24.59 19.01 -30.58
CA GLY A 195 -24.38 18.08 -29.49
C GLY A 195 -24.33 18.75 -28.13
N PHE A 196 -23.35 19.62 -27.93
CA PHE A 196 -23.14 20.27 -26.65
C PHE A 196 -22.89 21.75 -26.87
N LEU A 197 -23.55 22.59 -26.06
CA LEU A 197 -23.34 24.03 -26.09
C LEU A 197 -23.04 24.48 -24.67
N MET A 198 -21.79 24.81 -24.40
CA MET A 198 -21.35 25.27 -23.09
C MET A 198 -21.09 26.76 -23.17
N ASP A 199 -21.82 27.54 -22.37
CA ASP A 199 -21.66 28.99 -22.31
C ASP A 199 -21.31 29.31 -20.87
N ASN A 200 -20.07 29.79 -20.66
CA ASN A 200 -19.55 30.06 -19.32
C ASN A 200 -19.61 28.81 -18.44
N THR A 201 -19.19 27.68 -19.00
CA THR A 201 -19.28 26.37 -18.39
C THR A 201 -17.93 25.66 -18.42
N THR A 202 -17.57 25.04 -17.32
CA THR A 202 -16.43 24.12 -17.29
C THR A 202 -16.94 22.73 -17.62
N PHE A 203 -16.55 22.22 -18.79
CA PHE A 203 -17.09 20.99 -19.33
C PHE A 203 -15.97 19.98 -19.51
N GLU A 204 -16.22 18.74 -19.11
CA GLU A 204 -15.21 17.69 -19.16
C GLU A 204 -15.83 16.42 -19.72
N MET A 205 -14.99 15.59 -20.33
CA MET A 205 -15.41 14.30 -20.85
C MET A 205 -14.40 13.25 -20.39
N THR A 206 -14.82 11.99 -20.44
CA THR A 206 -14.09 10.89 -19.79
C THR A 206 -13.31 10.05 -20.79
N GLU A 207 -12.68 10.66 -21.79
CA GLU A 207 -11.86 9.98 -22.78
C GLU A 207 -12.60 8.82 -23.46
N ARG A 208 -13.92 8.88 -23.50
CA ARG A 208 -14.71 7.78 -24.03
C ARG A 208 -15.81 8.24 -24.99
N GLY A 209 -16.09 9.53 -25.09
CA GLY A 209 -17.21 9.99 -25.87
C GLY A 209 -17.00 11.36 -26.47
N GLY A 210 -17.81 11.66 -27.49
CA GLY A 210 -17.81 12.96 -28.13
C GLY A 210 -18.90 13.00 -29.19
N SER A 211 -19.45 14.18 -29.44
CA SER A 211 -20.57 14.30 -30.37
C SER A 211 -20.15 13.88 -31.78
N THR A 212 -21.12 13.41 -32.56
CA THR A 212 -20.86 12.85 -33.88
C THR A 212 -22.13 12.94 -34.71
N HIS A 213 -21.94 13.06 -36.03
CA HIS A 213 -23.03 12.96 -37.00
C HIS A 213 -24.08 14.06 -36.83
N PHE A 214 -23.71 15.20 -36.25
CA PHE A 214 -24.65 16.29 -36.03
C PHE A 214 -24.67 17.19 -37.26
N ASN A 215 -25.82 17.80 -37.52
CA ASN A 215 -25.98 18.53 -38.77
C ASN A 215 -25.17 19.82 -38.80
N PHE A 216 -25.23 20.62 -37.73
CA PHE A 216 -24.55 21.91 -37.73
C PHE A 216 -23.17 21.85 -37.09
N ILE A 217 -23.10 21.56 -35.79
CA ILE A 217 -21.84 21.57 -35.06
C ILE A 217 -21.87 20.45 -34.03
N GLY A 218 -20.68 20.05 -33.60
CA GLY A 218 -20.57 18.98 -32.61
C GLY A 218 -20.50 19.47 -31.18
N LEU A 219 -19.69 20.50 -30.93
CA LEU A 219 -19.53 21.03 -29.59
C LEU A 219 -19.13 22.49 -29.70
N CYS A 220 -19.67 23.32 -28.82
CA CYS A 220 -19.44 24.76 -28.90
C CYS A 220 -19.19 25.34 -27.52
N GLY A 221 -18.26 26.30 -27.45
CA GLY A 221 -18.04 27.08 -26.26
C GLY A 221 -18.02 28.56 -26.56
N VAL A 222 -18.96 29.32 -26.00
CA VAL A 222 -19.16 30.71 -26.41
C VAL A 222 -18.48 31.67 -25.45
N ASN A 223 -18.83 31.59 -24.17
CA ASN A 223 -18.24 32.44 -23.15
C ASN A 223 -16.90 31.85 -22.73
N GLY A 224 -16.35 32.33 -21.62
CA GLY A 224 -15.11 31.77 -21.14
C GLY A 224 -15.30 30.38 -20.59
N SER A 225 -15.83 29.50 -21.43
CA SER A 225 -16.27 28.17 -21.02
C SER A 225 -15.18 27.17 -21.35
N HIS A 226 -14.36 26.84 -20.35
CA HIS A 226 -13.32 25.84 -20.57
C HIS A 226 -13.94 24.50 -20.92
N ILE A 227 -13.32 23.82 -21.88
CA ILE A 227 -13.73 22.49 -22.32
C ILE A 227 -12.54 21.55 -22.11
N GLN A 228 -12.82 20.29 -21.83
CA GLN A 228 -11.77 19.30 -21.60
C GLN A 228 -12.01 18.02 -22.39
N THR A 229 -12.61 18.14 -23.57
CA THR A 229 -12.81 16.97 -24.40
C THR A 229 -11.45 16.40 -24.84
N ASN A 230 -11.05 15.29 -24.24
CA ASN A 230 -9.73 14.71 -24.44
C ASN A 230 -9.88 13.28 -24.91
N TYR A 231 -9.08 12.90 -25.91
CA TYR A 231 -9.12 11.59 -26.55
C TYR A 231 -10.45 11.30 -27.24
N CYS A 232 -11.31 12.29 -27.39
CA CYS A 232 -12.66 12.07 -27.89
C CYS A 232 -12.69 12.04 -29.42
N ASP A 233 -13.90 11.95 -29.96
CA ASP A 233 -14.12 11.89 -31.40
C ASP A 233 -15.23 12.87 -31.78
N PHE A 234 -15.04 13.60 -32.87
CA PHE A 234 -16.05 14.51 -33.41
C PHE A 234 -15.99 14.39 -34.93
N SER A 235 -16.87 13.57 -35.50
CA SER A 235 -16.78 13.23 -36.91
C SER A 235 -18.12 13.42 -37.59
N TYR A 236 -18.07 13.68 -38.90
CA TYR A 236 -19.23 13.84 -39.77
C TYR A 236 -20.16 14.95 -39.35
N ASN A 237 -19.71 15.88 -38.50
CA ASN A 237 -20.56 16.96 -38.03
C ASN A 237 -20.70 18.01 -39.13
N GLY A 238 -21.60 17.75 -40.06
CA GLY A 238 -21.89 18.79 -41.04
C GLY A 238 -22.33 18.21 -42.37
N ASN A 239 -21.99 18.95 -43.43
CA ASN A 239 -22.48 18.71 -44.78
C ASN A 239 -21.51 17.91 -45.63
N ARG A 240 -20.44 17.38 -45.04
CA ARG A 240 -19.37 16.76 -45.81
C ARG A 240 -19.85 15.61 -46.69
N GLU A 241 -20.93 14.92 -46.29
CA GLU A 241 -21.38 13.77 -47.06
C GLU A 241 -22.01 14.17 -48.38
N GLN A 242 -22.48 15.42 -48.49
CA GLN A 242 -23.29 15.85 -49.64
C GLN A 242 -22.60 16.87 -50.52
N LEU A 243 -21.27 16.91 -50.53
CA LEU A 243 -20.54 17.82 -51.40
C LEU A 243 -19.50 17.05 -52.21
N GLU A 244 -19.23 17.53 -53.43
CA GLU A 244 -18.28 16.89 -54.32
C GLU A 244 -16.85 17.33 -53.99
N GLU A 245 -15.91 16.54 -54.48
CA GLU A 245 -14.49 16.78 -54.22
C GLU A 245 -13.88 17.63 -55.33
N TYR A 246 -12.76 18.28 -54.98
CA TYR A 246 -12.01 19.14 -55.89
C TYR A 246 -12.80 20.34 -56.36
N ASN A 247 -13.84 20.74 -55.63
CA ASN A 247 -14.61 21.96 -55.92
C ASN A 247 -14.58 22.84 -54.68
N LYS A 248 -13.76 23.90 -54.73
CA LYS A 248 -13.72 24.85 -53.63
C LYS A 248 -14.92 25.78 -53.62
N ASP A 249 -15.68 25.83 -54.72
CA ASP A 249 -16.80 26.76 -54.86
C ASP A 249 -18.13 26.14 -54.43
N GLN A 250 -18.08 25.41 -53.31
CA GLN A 250 -19.24 24.75 -52.75
C GLN A 250 -19.68 25.42 -51.46
N ASN A 251 -20.95 25.23 -51.12
CA ASN A 251 -21.49 25.73 -49.85
C ASN A 251 -21.20 24.67 -48.79
N MET A 252 -20.04 24.79 -48.15
CA MET A 252 -19.58 23.80 -47.19
C MET A 252 -20.13 24.15 -45.81
N TYR A 253 -21.35 23.68 -45.56
CA TYR A 253 -22.03 23.88 -44.30
C TYR A 253 -21.48 22.95 -43.23
N GLY A 254 -21.82 23.24 -41.98
CA GLY A 254 -21.39 22.41 -40.87
C GLY A 254 -20.19 23.01 -40.16
N ASP A 255 -19.78 22.32 -39.08
CA ASP A 255 -18.63 22.73 -38.29
C ASP A 255 -18.41 21.70 -37.20
N GLY A 256 -17.31 21.84 -36.49
CA GLY A 256 -17.02 21.01 -35.34
C GLY A 256 -16.05 21.70 -34.41
N LEU A 257 -16.27 21.54 -33.11
CA LEU A 257 -15.43 22.16 -32.09
C LEU A 257 -15.36 23.68 -32.27
N ARG A 258 -16.50 24.30 -32.52
CA ARG A 258 -16.53 25.75 -32.63
C ARG A 258 -16.27 26.36 -31.25
N ILE A 259 -15.15 27.07 -31.12
CA ILE A 259 -14.70 27.58 -29.83
C ILE A 259 -14.50 29.09 -29.95
N PHE A 260 -15.25 29.85 -29.17
CA PHE A 260 -15.10 31.30 -29.11
C PHE A 260 -14.75 31.71 -27.69
N ASN A 261 -13.71 32.53 -27.56
CA ASN A 261 -13.32 33.14 -26.29
C ASN A 261 -13.30 32.12 -25.16
N SER A 262 -12.68 30.98 -25.42
CA SER A 262 -12.68 29.87 -24.48
C SER A 262 -11.30 29.25 -24.43
N SER A 263 -11.17 28.21 -23.62
CA SER A 263 -9.95 27.43 -23.52
C SER A 263 -10.29 25.96 -23.68
N LEU A 264 -9.57 25.28 -24.56
CA LEU A 264 -9.80 23.87 -24.83
C LEU A 264 -8.54 23.08 -24.55
N THR A 265 -8.69 21.93 -23.89
CA THR A 265 -7.57 21.04 -23.58
C THR A 265 -7.95 19.65 -24.09
N GLY A 266 -7.67 19.40 -25.37
CA GLY A 266 -7.95 18.10 -25.93
C GLY A 266 -6.82 17.56 -26.78
N ASN A 267 -6.26 16.44 -26.37
CA ASN A 267 -5.18 15.80 -27.11
C ASN A 267 -5.65 14.48 -27.69
N TYR A 268 -4.99 14.06 -28.77
CA TYR A 268 -5.26 12.79 -29.44
C TYR A 268 -6.71 12.69 -29.94
N MET A 269 -7.39 13.83 -30.08
CA MET A 269 -8.72 13.82 -30.66
C MET A 269 -8.65 13.38 -32.12
N THR A 270 -9.80 12.98 -32.66
CA THR A 270 -9.92 12.65 -34.07
C THR A 270 -11.17 13.32 -34.62
N VAL A 271 -10.99 14.26 -35.54
CA VAL A 271 -12.08 15.05 -36.09
C VAL A 271 -12.06 14.84 -37.60
N ASN A 272 -12.80 13.84 -38.08
CA ASN A 272 -12.77 13.47 -39.48
C ASN A 272 -14.07 13.86 -40.17
N ARG A 273 -13.96 14.20 -41.45
CA ARG A 273 -15.11 14.42 -42.33
C ARG A 273 -16.08 15.46 -41.79
N CYS A 274 -15.56 16.48 -41.12
CA CYS A 274 -16.43 17.57 -40.70
C CYS A 274 -16.88 18.39 -41.90
N GLY A 275 -17.91 19.18 -41.69
CA GLY A 275 -18.49 19.97 -42.77
C GLY A 275 -17.60 21.09 -43.28
N GLU A 276 -17.40 22.11 -42.44
CA GLU A 276 -16.64 23.28 -42.83
C GLU A 276 -15.31 23.39 -42.12
N ILE A 277 -15.28 23.26 -40.79
CA ILE A 277 -14.04 23.37 -40.04
C ILE A 277 -14.00 22.25 -39.02
N GLY A 278 -12.95 21.42 -39.09
CA GLY A 278 -12.80 20.36 -38.11
C GLY A 278 -12.57 20.90 -36.71
N ILE A 279 -11.61 21.80 -36.55
CA ILE A 279 -11.32 22.44 -35.27
C ILE A 279 -11.21 23.94 -35.52
N HIS A 280 -12.04 24.71 -34.82
CA HIS A 280 -12.19 26.14 -35.05
C HIS A 280 -11.93 26.87 -33.74
N PHE A 281 -10.84 27.62 -33.68
CA PHE A 281 -10.56 28.51 -32.56
C PHE A 281 -10.68 29.93 -33.04
N SER A 282 -11.36 30.78 -32.28
CA SER A 282 -11.58 32.14 -32.75
C SER A 282 -11.83 33.07 -31.58
N HIS A 283 -11.69 34.37 -31.86
CA HIS A 283 -12.02 35.44 -30.94
C HIS A 283 -11.29 35.30 -29.60
N GLY A 284 -9.97 35.35 -29.68
CA GLY A 284 -9.15 35.36 -28.48
C GLY A 284 -9.31 34.15 -27.59
N ALA A 285 -9.35 32.97 -28.19
CA ALA A 285 -9.60 31.73 -27.46
C ALA A 285 -8.32 30.89 -27.46
N SER A 286 -7.90 30.46 -26.27
CA SER A 286 -6.79 29.53 -26.18
C SER A 286 -7.19 28.19 -26.78
N GLY A 287 -6.21 27.29 -26.88
CA GLY A 287 -6.48 25.97 -27.44
C GLY A 287 -5.29 25.06 -27.24
N TYR A 288 -5.58 23.78 -27.05
CA TYR A 288 -4.54 22.79 -26.78
C TYR A 288 -4.84 21.49 -27.52
N ILE A 289 -5.20 21.61 -28.80
CA ILE A 289 -5.53 20.44 -29.61
C ILE A 289 -4.21 19.83 -30.11
N ASP A 290 -3.65 18.93 -29.32
CA ASP A 290 -2.35 18.34 -29.61
C ASP A 290 -2.53 16.90 -30.07
N PHE A 291 -1.62 16.45 -30.93
CA PHE A 291 -1.62 15.10 -31.50
C PHE A 291 -2.93 14.75 -32.18
N THR A 292 -3.78 15.74 -32.46
CA THR A 292 -5.07 15.49 -33.09
C THR A 292 -4.88 15.03 -34.54
N GLU A 293 -5.84 14.28 -35.04
CA GLU A 293 -5.90 13.91 -36.44
C GLU A 293 -7.20 14.41 -37.04
N ALA A 294 -7.11 15.13 -38.15
CA ALA A 294 -8.29 15.55 -38.91
C ALA A 294 -8.06 15.22 -40.37
N ARG A 295 -9.06 14.59 -40.99
CA ARG A 295 -8.90 14.12 -42.35
C ARG A 295 -10.19 14.30 -43.13
N PHE A 296 -10.05 14.72 -44.40
CA PHE A 296 -11.16 14.78 -45.35
C PHE A 296 -12.24 15.77 -44.93
N ASN A 297 -11.90 16.72 -44.08
CA ASN A 297 -12.84 17.78 -43.73
C ASN A 297 -13.07 18.69 -44.92
N GLY A 298 -14.34 18.96 -45.23
CA GLY A 298 -14.63 19.99 -46.21
C GLY A 298 -14.16 21.34 -45.69
N HIS A 299 -13.65 22.17 -46.60
CA HIS A 299 -13.08 23.46 -46.24
C HIS A 299 -11.96 23.29 -45.24
N HIS A 300 -11.60 24.36 -44.53
CA HIS A 300 -10.43 24.34 -43.66
C HIS A 300 -10.54 23.28 -42.59
N GLY A 301 -9.46 22.50 -42.42
CA GLY A 301 -9.48 21.43 -41.44
C GLY A 301 -9.10 21.88 -40.04
N LEU A 302 -8.40 23.00 -39.93
CA LEU A 302 -8.05 23.58 -38.65
C LEU A 302 -7.87 25.08 -38.87
N MET A 303 -8.56 25.90 -38.09
CA MET A 303 -8.39 27.34 -38.21
C MET A 303 -8.22 27.97 -36.84
N VAL A 304 -7.28 28.90 -36.75
CA VAL A 304 -7.09 29.73 -35.57
C VAL A 304 -7.23 31.18 -36.02
N THR A 305 -8.26 31.87 -35.53
CA THR A 305 -8.66 33.17 -36.06
C THR A 305 -8.65 34.22 -34.96
N THR A 306 -8.38 35.45 -35.36
CA THR A 306 -8.71 36.66 -34.60
C THR A 306 -8.11 36.61 -33.20
N GLY A 307 -6.78 36.63 -33.15
CA GLY A 307 -6.08 36.78 -31.89
C GLY A 307 -5.98 35.54 -31.05
N SER A 308 -6.52 34.42 -31.51
CA SER A 308 -6.49 33.20 -30.71
C SER A 308 -5.08 32.60 -30.70
N GLN A 309 -4.86 31.69 -29.77
CA GLN A 309 -3.61 30.98 -29.64
C GLN A 309 -3.90 29.50 -29.47
N ALA A 310 -3.06 28.64 -30.03
CA ALA A 310 -3.32 27.21 -30.02
C ALA A 310 -2.01 26.45 -29.97
N SER A 311 -2.13 25.12 -29.94
CA SER A 311 -1.00 24.22 -29.90
C SER A 311 -1.38 22.91 -30.57
N ALA A 312 -0.67 22.55 -31.62
CA ALA A 312 -0.99 21.34 -32.37
C ALA A 312 0.28 20.58 -32.74
N ARG A 313 1.19 20.40 -31.77
CA ARG A 313 2.41 19.65 -32.03
C ARG A 313 2.08 18.23 -32.48
N ASN A 314 2.76 17.78 -33.53
CA ASN A 314 2.63 16.42 -34.06
C ASN A 314 1.19 16.09 -34.47
N CYS A 315 0.40 17.10 -34.78
CA CYS A 315 -0.96 16.92 -35.25
C CYS A 315 -0.95 16.45 -36.70
N LYS A 316 -2.11 16.05 -37.22
CA LYS A 316 -2.21 15.53 -38.57
C LYS A 316 -3.50 15.99 -39.24
N ILE A 317 -3.38 16.92 -40.18
CA ILE A 317 -4.47 17.33 -41.07
C ILE A 317 -4.08 16.92 -42.48
N THR A 318 -4.91 16.09 -43.11
CA THR A 318 -4.62 15.65 -44.47
C THR A 318 -5.92 15.55 -45.27
N ASP A 319 -5.77 15.65 -46.59
CA ASP A 319 -6.84 15.35 -47.56
C ASP A 319 -8.07 16.22 -47.38
N THR A 320 -7.92 17.44 -46.88
CA THR A 320 -9.05 18.33 -46.68
C THR A 320 -9.16 19.27 -47.88
N ILE A 321 -10.38 19.42 -48.40
CA ILE A 321 -10.66 20.42 -49.42
C ILE A 321 -10.27 21.77 -48.85
N ASP A 322 -9.84 22.70 -49.71
CA ASP A 322 -9.32 23.98 -49.27
C ASP A 322 -8.11 23.80 -48.36
N ASP A 323 -7.77 24.84 -47.60
CA ASP A 323 -6.57 24.79 -46.77
C ASP A 323 -6.73 23.77 -45.64
N ASN A 324 -5.60 23.23 -45.19
CA ASN A 324 -5.62 22.31 -44.07
C ASN A 324 -5.48 23.02 -42.73
N VAL A 325 -4.43 23.81 -42.56
CA VAL A 325 -4.21 24.57 -41.33
C VAL A 325 -4.14 26.05 -41.70
N VAL A 326 -4.92 26.86 -41.00
CA VAL A 326 -5.05 28.28 -41.30
C VAL A 326 -4.78 29.09 -40.04
N SER A 327 -3.90 30.08 -40.17
CA SER A 327 -3.68 31.09 -39.14
C SER A 327 -4.17 32.40 -39.70
N TYR A 328 -5.09 33.06 -38.99
CA TYR A 328 -5.82 34.19 -39.53
C TYR A 328 -5.91 35.27 -38.47
N ALA A 329 -5.56 36.50 -38.85
CA ALA A 329 -5.79 37.70 -38.05
C ALA A 329 -5.09 37.60 -36.69
N SER A 330 -3.75 37.57 -36.76
CA SER A 330 -2.91 37.69 -35.58
C SER A 330 -3.10 36.52 -34.61
N SER A 331 -3.16 35.31 -35.16
CA SER A 331 -3.33 34.10 -34.37
C SER A 331 -2.05 33.29 -34.40
N ASP A 332 -1.64 32.82 -33.22
CA ASP A 332 -0.42 32.04 -33.07
C ASP A 332 -0.78 30.57 -32.88
N ILE A 333 -0.10 29.69 -33.61
CA ILE A 333 -0.29 28.25 -33.50
C ILE A 333 1.06 27.58 -33.63
N ASP A 334 1.23 26.48 -32.92
CA ASP A 334 2.48 25.72 -32.95
C ASP A 334 2.22 24.37 -33.61
N LEU A 335 3.00 24.06 -34.64
CA LEU A 335 2.93 22.79 -35.37
C LEU A 335 4.35 22.23 -35.45
N ARG A 336 4.78 21.56 -34.39
CA ARG A 336 6.18 21.19 -34.29
C ARG A 336 6.58 20.16 -35.35
N SER A 337 5.76 19.14 -35.55
CA SER A 337 6.12 18.11 -36.52
C SER A 337 4.92 17.63 -37.32
N SER A 338 3.90 18.47 -37.50
CA SER A 338 2.64 18.02 -38.06
C SER A 338 2.81 17.66 -39.53
N ASP A 339 1.94 16.77 -39.99
CA ASP A 339 1.85 16.41 -41.41
C ASP A 339 0.59 17.03 -41.97
N CYS A 340 0.75 18.06 -42.79
CA CYS A 340 -0.37 18.78 -43.40
C CYS A 340 -0.18 18.71 -44.90
N SER A 341 -0.80 17.73 -45.55
CA SER A 341 -0.53 17.46 -46.95
C SER A 341 -1.80 16.98 -47.63
N ASN A 342 -1.67 16.66 -48.91
CA ASN A 342 -2.71 16.08 -49.75
C ASN A 342 -4.00 16.91 -49.79
N SER A 343 -3.93 18.19 -49.48
CA SER A 343 -5.11 19.04 -49.62
C SER A 343 -5.54 19.11 -51.08
N GLN A 344 -6.79 19.48 -51.30
CA GLN A 344 -7.37 19.51 -52.63
C GLN A 344 -7.60 20.96 -53.05
N THR A 345 -6.90 21.39 -54.10
CA THR A 345 -7.15 22.64 -54.81
C THR A 345 -6.96 23.88 -53.94
N THR A 346 -6.11 23.82 -52.92
CA THR A 346 -5.79 24.99 -52.10
C THR A 346 -4.65 24.60 -51.18
N TYR A 347 -4.00 25.62 -50.60
CA TYR A 347 -2.73 25.47 -49.91
C TYR A 347 -2.82 24.46 -48.77
N GLY A 348 -1.66 23.94 -48.37
CA GLY A 348 -1.64 23.02 -47.24
C GLY A 348 -1.63 23.73 -45.91
N VAL A 349 -0.58 24.50 -45.64
CA VAL A 349 -0.46 25.33 -44.45
C VAL A 349 -0.44 26.77 -44.89
N ILE A 350 -1.32 27.60 -44.32
CA ILE A 350 -1.40 29.00 -44.72
C ILE A 350 -1.42 29.87 -43.47
N ALA A 351 -0.56 30.87 -43.46
CA ALA A 351 -0.59 31.94 -42.47
C ALA A 351 -0.94 33.25 -43.17
N THR A 352 -1.80 34.05 -42.56
CA THR A 352 -2.23 35.27 -43.20
C THR A 352 -2.71 36.27 -42.16
N ARG A 353 -2.73 37.53 -42.56
CA ARG A 353 -3.17 38.64 -41.70
C ARG A 353 -2.38 38.68 -40.39
N SER A 354 -1.07 38.84 -40.50
CA SER A 354 -0.18 39.10 -39.38
C SER A 354 -0.16 37.99 -38.35
N SER A 355 -0.39 36.74 -38.75
CA SER A 355 -0.36 35.63 -37.81
C SER A 355 1.04 35.03 -37.71
N ASN A 356 1.20 34.04 -36.84
CA ASN A 356 2.46 33.34 -36.68
C ASN A 356 2.21 31.83 -36.70
N ILE A 357 3.22 31.09 -37.14
CA ILE A 357 3.17 29.63 -37.17
C ILE A 357 4.59 29.11 -36.94
N ASN A 358 4.68 27.99 -36.22
CA ASN A 358 5.96 27.30 -36.02
C ASN A 358 5.83 25.92 -36.67
N PHE A 359 6.19 25.82 -37.94
CA PHE A 359 6.10 24.58 -38.71
C PHE A 359 7.45 23.87 -38.73
N ASP A 360 7.95 23.55 -37.54
CA ASP A 360 9.37 23.25 -37.36
C ASP A 360 9.87 22.16 -38.30
N LYS A 361 9.15 21.05 -38.38
CA LYS A 361 9.55 19.97 -39.28
C LYS A 361 8.36 19.38 -40.01
N GLY A 362 7.46 20.24 -40.50
CA GLY A 362 6.23 19.76 -41.07
C GLY A 362 6.42 19.10 -42.43
N ILE A 363 5.34 18.48 -42.89
CA ILE A 363 5.29 17.83 -44.20
C ILE A 363 4.12 18.43 -44.97
N ALA A 364 4.39 19.00 -46.14
CA ALA A 364 3.34 19.51 -47.02
C ALA A 364 3.62 18.98 -48.43
N ASN A 365 3.15 17.77 -48.71
CA ASN A 365 3.40 17.12 -49.99
C ASN A 365 2.10 16.87 -50.73
N GLY A 366 2.20 16.82 -52.06
CA GLY A 366 1.07 16.46 -52.90
C GLY A 366 -0.11 17.38 -52.77
N CYS A 367 0.12 18.58 -52.25
CA CYS A 367 -0.97 19.51 -51.96
C CYS A 367 -1.67 19.94 -53.24
N GLY A 368 -2.90 20.45 -53.09
CA GLY A 368 -3.67 20.84 -54.26
C GLY A 368 -3.08 22.06 -54.96
N ALA A 369 -2.60 23.03 -54.20
CA ALA A 369 -2.02 24.22 -54.80
C ALA A 369 -1.12 24.93 -53.80
N SER A 370 0.19 24.87 -54.04
CA SER A 370 1.20 25.77 -53.49
C SER A 370 1.67 25.52 -52.07
N GLY A 371 1.29 24.42 -51.43
CA GLY A 371 1.97 23.99 -50.20
C GLY A 371 2.04 25.05 -49.12
N ILE A 372 3.22 25.20 -48.51
CA ILE A 372 3.42 26.17 -47.45
C ILE A 372 3.26 27.58 -48.00
N MET A 373 2.46 28.40 -47.33
CA MET A 373 2.08 29.69 -47.86
C MET A 373 1.97 30.68 -46.73
N ALA A 374 2.68 31.80 -46.85
CA ALA A 374 2.59 32.90 -45.90
C ALA A 374 2.21 34.15 -46.65
N ASN A 375 1.32 34.96 -46.08
CA ASN A 375 0.75 36.06 -46.85
C ASN A 375 0.32 37.20 -45.94
N ARG A 376 0.64 38.42 -46.36
CA ARG A 376 0.13 39.64 -45.71
C ARG A 376 0.56 39.72 -44.24
N GLY A 377 1.87 39.83 -44.03
CA GLY A 377 2.41 40.21 -42.75
C GLY A 377 2.78 39.09 -41.81
N CYS A 378 2.49 37.84 -42.16
CA CYS A 378 2.69 36.75 -41.22
C CYS A 378 4.17 36.39 -41.10
N SER A 379 4.42 35.30 -40.37
CA SER A 379 5.75 34.73 -40.21
C SER A 379 5.63 33.25 -39.95
N ILE A 380 6.47 32.45 -40.61
CA ILE A 380 6.45 31.00 -40.48
C ILE A 380 7.88 30.51 -40.32
N ASP A 381 8.09 29.56 -39.42
CA ASP A 381 9.38 28.91 -39.23
C ASP A 381 9.23 27.44 -39.62
N ALA A 382 9.87 27.05 -40.71
CA ALA A 382 9.81 25.67 -41.21
C ALA A 382 11.22 25.22 -41.62
N THR A 383 11.99 24.69 -40.67
CA THR A 383 13.38 24.38 -40.98
C THR A 383 13.52 23.08 -41.74
N GLY A 384 13.14 21.97 -41.13
CA GLY A 384 13.26 20.70 -41.82
C GLY A 384 12.10 20.37 -42.72
N ALA A 385 11.23 21.34 -42.98
CA ALA A 385 9.96 21.06 -43.64
C ALA A 385 10.18 20.50 -45.04
N THR A 386 9.26 19.64 -45.46
CA THR A 386 9.23 19.08 -46.80
C THR A 386 8.01 19.63 -47.52
N ALA A 387 8.23 20.24 -48.68
CA ALA A 387 7.15 20.77 -49.50
C ALA A 387 7.42 20.32 -50.93
N SER A 388 6.93 19.14 -51.30
CA SER A 388 7.24 18.53 -52.57
C SER A 388 5.97 18.11 -53.27
N ARG A 389 6.07 17.94 -54.59
CA ARG A 389 5.03 17.41 -55.48
C ARG A 389 3.76 18.26 -55.50
N ASN A 390 3.79 19.45 -54.91
CA ASN A 390 2.61 20.32 -54.98
C ASN A 390 2.41 20.81 -56.41
N LYS A 391 1.17 21.17 -56.73
CA LYS A 391 0.88 21.65 -58.08
C LYS A 391 1.51 23.01 -58.33
N TRP A 392 1.43 23.91 -57.36
CA TRP A 392 2.05 25.22 -57.44
C TRP A 392 3.31 25.26 -56.58
N HIS A 393 3.83 26.47 -56.37
CA HIS A 393 5.09 26.68 -55.66
C HIS A 393 5.14 25.90 -54.36
N GLY A 394 6.28 25.22 -54.12
CA GLY A 394 6.41 24.43 -52.92
C GLY A 394 6.33 25.26 -51.65
N VAL A 395 7.05 26.38 -51.61
CA VAL A 395 7.01 27.32 -50.50
C VAL A 395 6.85 28.72 -51.07
N ILE A 396 5.88 29.47 -50.58
CA ILE A 396 5.63 30.81 -51.09
C ILE A 396 5.43 31.77 -49.93
N ALA A 397 6.11 32.92 -50.01
CA ALA A 397 5.91 34.02 -49.07
C ALA A 397 5.55 35.26 -49.87
N SER A 398 4.32 35.74 -49.72
CA SER A 398 3.79 36.82 -50.53
C SER A 398 3.34 37.97 -49.64
N ASN A 399 3.50 39.18 -50.14
CA ASN A 399 3.01 40.40 -49.50
C ASN A 399 3.57 40.58 -48.10
N ASN A 400 4.89 40.79 -48.04
CA ASN A 400 5.57 41.25 -46.82
C ASN A 400 5.45 40.24 -45.68
N SER A 401 5.92 39.03 -45.92
CA SER A 401 5.95 38.00 -44.90
C SER A 401 7.37 37.47 -44.71
N LYS A 402 7.52 36.58 -43.74
CA LYS A 402 8.77 35.88 -43.48
C LYS A 402 8.51 34.38 -43.45
N VAL A 403 9.41 33.62 -44.07
CA VAL A 403 9.40 32.16 -44.01
C VAL A 403 10.84 31.69 -43.81
N ASP A 404 11.01 30.73 -42.92
CA ASP A 404 12.32 30.14 -42.67
C ASP A 404 12.32 28.74 -43.24
N PHE A 405 13.37 28.39 -43.97
CA PHE A 405 13.49 27.11 -44.66
C PHE A 405 14.90 26.58 -44.54
N THR A 406 15.46 26.62 -43.32
CA THR A 406 16.90 26.46 -43.12
C THR A 406 17.44 25.17 -43.73
N SER A 407 16.66 24.10 -43.75
CA SER A 407 17.13 22.87 -44.39
C SER A 407 16.04 22.16 -45.16
N GLY A 408 15.03 22.88 -45.63
CA GLY A 408 13.88 22.24 -46.24
C GLY A 408 14.16 21.69 -47.62
N ASN A 409 13.21 20.90 -48.10
CA ASN A 409 13.25 20.32 -49.44
C ASN A 409 12.03 20.77 -50.21
N ALA A 410 12.22 21.13 -51.47
CA ALA A 410 11.13 21.54 -52.36
C ALA A 410 11.38 20.93 -53.72
N ASN A 411 10.82 19.75 -53.98
CA ASN A 411 11.13 18.97 -55.17
C ASN A 411 9.87 18.74 -55.99
N GLU A 412 10.06 18.71 -57.32
CA GLU A 412 9.04 18.33 -58.29
C GLU A 412 7.74 19.14 -58.15
N ASN A 413 7.81 20.33 -57.55
CA ASN A 413 6.66 21.22 -57.56
C ASN A 413 6.38 21.68 -58.98
N GLY A 414 5.10 21.84 -59.30
CA GLY A 414 4.73 22.28 -60.64
C GLY A 414 5.18 23.68 -60.98
N LEU A 415 5.51 24.48 -59.97
CA LEU A 415 6.03 25.83 -60.17
C LEU A 415 7.28 26.03 -59.33
N ASP A 416 7.70 27.28 -59.18
CA ASP A 416 8.92 27.60 -58.45
C ASP A 416 8.96 26.92 -57.09
N GLY A 417 10.09 26.26 -56.79
CA GLY A 417 10.19 25.56 -55.51
C GLY A 417 10.12 26.50 -54.34
N ILE A 418 10.85 27.60 -54.39
CA ILE A 418 10.78 28.66 -53.39
C ILE A 418 10.42 29.94 -54.10
N GLN A 419 9.44 30.67 -53.57
CA GLN A 419 8.93 31.86 -54.24
C GLN A 419 8.72 32.96 -53.23
N CYS A 420 9.32 34.12 -53.48
CA CYS A 420 9.08 35.32 -52.69
C CYS A 420 8.36 36.34 -53.57
N THR A 421 7.44 37.09 -52.97
CA THR A 421 6.65 38.04 -53.73
C THR A 421 6.36 39.29 -52.89
N HIS A 422 6.65 40.45 -53.46
CA HIS A 422 6.28 41.75 -52.89
C HIS A 422 6.78 41.93 -51.46
N GLY A 423 8.11 41.98 -51.33
CA GLY A 423 8.73 42.38 -50.09
C GLY A 423 8.97 41.28 -49.09
N SER A 424 8.35 40.12 -49.27
CA SER A 424 8.56 39.01 -48.35
C SER A 424 9.96 38.45 -48.52
N THR A 425 10.51 37.90 -47.43
CA THR A 425 11.84 37.31 -47.43
C THR A 425 11.76 35.88 -46.90
N VAL A 426 12.35 34.95 -47.63
CA VAL A 426 12.51 33.57 -47.17
C VAL A 426 13.99 33.32 -46.94
N GLN A 427 14.30 32.45 -45.99
CA GLN A 427 15.67 32.05 -45.71
C GLN A 427 15.78 30.54 -45.86
N ALA A 428 16.64 30.11 -46.77
CA ALA A 428 16.89 28.68 -47.01
C ALA A 428 18.40 28.47 -47.00
N ARG A 429 18.98 28.29 -45.81
CA ARG A 429 20.44 28.28 -45.69
C ARG A 429 21.05 27.13 -46.45
N LEU A 430 20.57 25.91 -46.23
CA LEU A 430 21.11 24.72 -46.90
C LEU A 430 20.01 23.91 -47.57
N SER A 431 18.93 24.55 -47.98
CA SER A 431 17.80 23.83 -48.56
C SER A 431 18.21 23.17 -49.88
N THR A 432 17.56 22.04 -50.18
CA THR A 432 17.80 21.30 -51.41
C THR A 432 16.51 21.30 -52.22
N THR A 433 16.40 22.22 -53.17
CA THR A 433 15.24 22.33 -54.03
C THR A 433 15.67 21.96 -55.45
N ASN A 434 15.23 20.80 -55.92
CA ASN A 434 15.67 20.29 -57.22
C ASN A 434 14.56 19.48 -57.87
N GLY A 435 14.62 19.38 -59.19
CA GLY A 435 13.68 18.58 -59.93
C GLY A 435 12.35 19.22 -60.22
N ASN A 436 12.23 20.54 -60.09
CA ASN A 436 10.94 21.19 -60.23
C ASN A 436 10.49 21.23 -61.68
N LYS A 437 9.32 21.81 -61.90
CA LYS A 437 8.82 21.99 -63.26
C LYS A 437 9.19 23.37 -63.81
N ARG A 438 9.01 24.41 -63.01
CA ARG A 438 9.44 25.77 -63.33
C ARG A 438 10.70 26.11 -62.55
N ASN A 439 11.07 27.39 -62.57
CA ASN A 439 12.30 27.88 -61.96
C ASN A 439 12.49 27.31 -60.56
N GLY A 440 13.74 27.02 -60.21
CA GLY A 440 14.02 26.46 -58.90
C GLY A 440 13.74 27.41 -57.77
N VAL A 441 14.17 28.67 -57.90
CA VAL A 441 13.95 29.71 -56.89
C VAL A 441 13.58 30.99 -57.62
N LEU A 442 12.62 31.72 -57.07
CA LEU A 442 12.17 32.95 -57.72
C LEU A 442 11.93 34.04 -56.69
N ALA A 443 12.42 35.24 -57.00
CA ALA A 443 12.14 36.44 -56.24
C ALA A 443 11.34 37.38 -57.11
N TYR A 444 10.27 37.95 -56.56
CA TYR A 444 9.32 38.80 -57.28
C TYR A 444 9.17 40.04 -56.43
N ALA A 445 10.09 40.98 -56.58
CA ALA A 445 10.19 42.14 -55.68
C ALA A 445 10.31 41.68 -54.23
N GLY A 446 11.12 40.65 -54.01
CA GLY A 446 11.35 40.13 -52.67
C GLY A 446 12.74 39.59 -52.53
N ASP A 447 13.12 39.30 -51.28
CA ASP A 447 14.46 38.85 -50.95
C ASP A 447 14.45 37.36 -50.66
N VAL A 448 15.50 36.67 -51.08
CA VAL A 448 15.70 35.25 -50.80
C VAL A 448 17.16 35.06 -50.41
N TYR A 449 17.40 34.35 -49.31
CA TYR A 449 18.74 34.15 -48.79
C TYR A 449 19.04 32.66 -48.72
N CYS A 450 20.14 32.24 -49.34
CA CYS A 450 20.47 30.81 -49.46
C CYS A 450 21.98 30.66 -49.41
N GLN A 451 22.52 30.37 -48.22
CA GLN A 451 23.97 30.36 -48.06
C GLN A 451 24.62 29.28 -48.94
N GLU A 452 24.15 28.05 -48.87
CA GLU A 452 24.67 26.98 -49.74
C GLU A 452 23.53 26.14 -50.31
N ILE A 453 22.52 26.81 -50.90
CA ILE A 453 21.38 26.11 -51.49
C ILE A 453 21.86 25.10 -52.53
N ASN A 454 21.09 24.03 -52.72
CA ASN A 454 21.37 23.00 -53.71
C ASN A 454 20.20 22.96 -54.69
N CYS A 455 20.51 23.08 -55.98
CA CYS A 455 19.52 22.93 -57.05
C CYS A 455 20.06 21.95 -58.08
N ASP A 456 19.16 21.21 -58.73
CA ASP A 456 19.57 20.19 -59.68
C ASP A 456 18.39 19.83 -60.56
N GLY A 457 18.67 19.70 -61.86
CA GLY A 457 17.65 19.30 -62.81
C GLY A 457 16.37 20.09 -62.73
N ASN A 458 16.49 21.40 -62.47
CA ASN A 458 15.33 22.23 -62.23
C ASN A 458 14.57 22.46 -63.53
N GLY A 459 13.56 23.32 -63.46
CA GLY A 459 12.72 23.58 -64.61
C GLY A 459 13.22 24.72 -65.47
N ARG A 460 12.42 25.78 -65.59
CA ARG A 460 12.72 26.85 -66.53
C ARG A 460 14.02 27.56 -66.17
N ARG A 461 14.28 27.79 -64.88
CA ARG A 461 15.42 28.58 -64.47
C ARG A 461 16.05 27.98 -63.22
N GLY A 462 17.39 27.97 -63.18
CA GLY A 462 18.07 27.44 -62.00
C GLY A 462 17.85 28.31 -60.77
N LEU A 463 17.96 29.62 -60.93
CA LEU A 463 17.76 30.56 -59.82
C LEU A 463 17.59 31.96 -60.39
N GLU A 464 16.48 32.62 -60.07
CA GLU A 464 16.10 33.85 -60.75
C GLU A 464 15.88 34.96 -59.73
N ALA A 465 16.16 36.19 -60.14
CA ALA A 465 15.83 37.36 -59.34
C ALA A 465 15.31 38.45 -60.27
N THR A 466 14.03 38.76 -60.19
CA THR A 466 13.39 39.67 -61.15
C THR A 466 12.55 40.73 -60.43
N ARG A 467 12.28 41.81 -61.16
CA ARG A 467 11.38 42.87 -60.74
C ARG A 467 11.79 43.46 -59.39
N GLY A 468 13.08 43.75 -59.25
CA GLY A 468 13.57 44.39 -58.04
C GLY A 468 13.90 43.46 -56.90
N GLY A 469 13.86 42.15 -57.11
CA GLY A 469 14.17 41.23 -56.05
C GLY A 469 15.65 41.22 -55.71
N TYR A 470 16.00 40.35 -54.77
CA TYR A 470 17.38 40.20 -54.33
C TYR A 470 17.60 38.76 -53.88
N VAL A 471 18.70 38.17 -54.33
CA VAL A 471 19.08 36.81 -53.94
C VAL A 471 20.52 36.84 -53.46
N ALA A 472 20.76 36.35 -52.25
CA ALA A 472 22.09 36.28 -51.67
C ALA A 472 22.45 34.82 -51.46
N ALA A 473 23.19 34.24 -52.39
CA ALA A 473 23.57 32.83 -52.35
C ALA A 473 25.08 32.73 -52.37
N TYR A 474 25.70 32.79 -51.19
CA TYR A 474 27.16 32.86 -51.13
C TYR A 474 27.82 31.61 -51.70
N GLY A 475 27.32 30.44 -51.36
CA GLY A 475 27.93 29.21 -51.80
C GLY A 475 26.98 28.34 -52.58
N ALA A 476 26.16 28.96 -53.44
CA ALA A 476 25.14 28.22 -54.18
C ALA A 476 25.78 27.10 -54.98
N LYS A 477 25.01 26.02 -55.16
CA LYS A 477 25.45 24.88 -55.95
C LYS A 477 24.40 24.51 -56.99
N VAL A 478 23.69 25.50 -57.53
CA VAL A 478 22.71 25.24 -58.56
C VAL A 478 23.40 24.70 -59.81
N SER A 479 22.80 23.67 -60.41
CA SER A 479 23.40 23.03 -61.57
C SER A 479 22.32 22.30 -62.36
N ARG A 480 22.66 21.94 -63.59
CA ARG A 480 21.83 21.14 -64.48
C ARG A 480 20.48 21.78 -64.75
N SER A 481 20.38 23.10 -64.63
CA SER A 481 19.14 23.78 -64.98
C SER A 481 18.85 23.63 -66.46
N LYS A 482 17.57 23.65 -66.81
CA LYS A 482 17.19 23.44 -68.20
C LYS A 482 17.44 24.69 -69.06
N ASP A 483 17.45 25.87 -68.46
CA ASP A 483 17.54 27.10 -69.25
C ASP A 483 18.08 28.23 -68.36
N ASP A 484 19.21 28.78 -68.76
CA ASP A 484 19.82 30.03 -68.30
C ASP A 484 20.44 29.92 -66.91
N ASN A 485 20.29 28.80 -66.19
CA ASN A 485 20.81 28.69 -64.83
C ASN A 485 20.43 29.89 -63.97
N VAL A 486 21.42 30.65 -63.50
CA VAL A 486 21.16 31.80 -62.65
C VAL A 486 20.96 33.04 -63.52
N LEU A 487 19.90 33.79 -63.22
CA LEU A 487 19.49 34.93 -64.04
C LEU A 487 19.03 36.08 -63.16
N ALA A 488 19.50 37.27 -63.50
CA ALA A 488 19.03 38.52 -62.93
C ALA A 488 18.27 39.29 -64.00
N TYR A 489 17.05 39.68 -63.67
CA TYR A 489 16.12 40.33 -64.60
C TYR A 489 15.77 41.69 -64.00
N GLY A 490 16.62 42.67 -64.25
CA GLY A 490 16.44 43.96 -63.60
C GLY A 490 16.49 43.89 -62.09
N SER A 491 17.38 43.06 -61.55
CA SER A 491 17.50 42.88 -60.11
C SER A 491 18.93 42.46 -59.81
N MET A 492 19.24 42.30 -58.52
CA MET A 492 20.58 41.98 -58.07
C MET A 492 20.66 40.57 -57.53
N ILE A 493 21.84 39.97 -57.66
CA ILE A 493 22.12 38.64 -57.13
C ILE A 493 23.53 38.68 -56.55
N SER A 494 23.76 37.90 -55.50
CA SER A 494 25.09 37.78 -54.89
C SER A 494 25.44 36.30 -54.77
N ILE A 495 25.97 35.74 -55.86
CA ILE A 495 26.52 34.39 -55.85
C ILE A 495 28.04 34.55 -55.77
N ASN A 496 28.56 34.63 -54.55
CA ASN A 496 29.96 34.96 -54.39
C ASN A 496 30.87 33.81 -54.81
N GLU A 497 30.53 32.58 -54.45
CA GLU A 497 31.35 31.43 -54.80
C GLU A 497 30.47 30.28 -55.28
N ALA A 498 29.55 30.58 -56.20
CA ALA A 498 28.65 29.56 -56.72
C ALA A 498 29.43 28.46 -57.43
N LEU A 499 28.75 27.36 -57.70
CA LEU A 499 29.37 26.18 -58.31
C LEU A 499 28.47 25.65 -59.42
N ILE A 500 28.05 26.54 -60.32
CA ILE A 500 27.12 26.16 -61.36
C ILE A 500 27.77 25.15 -62.30
N GLU A 501 26.95 24.25 -62.84
CA GLU A 501 27.44 23.17 -63.69
C GLU A 501 26.37 22.76 -64.67
N ARG A 502 26.80 22.41 -65.89
CA ARG A 502 25.97 21.73 -66.88
C ARG A 502 24.66 22.49 -67.16
N ALA A 503 24.76 23.82 -67.19
CA ALA A 503 23.58 24.61 -67.52
C ALA A 503 23.12 24.34 -68.94
N GLY A 504 21.81 24.39 -69.15
CA GLY A 504 21.27 24.22 -70.50
C GLY A 504 21.43 25.44 -71.38
N ARG A 505 21.76 26.58 -70.78
CA ARG A 505 21.98 27.83 -71.51
C ARG A 505 23.00 28.64 -70.71
N ASN A 506 23.00 29.96 -70.92
CA ASN A 506 23.94 30.86 -70.26
C ASN A 506 24.23 30.45 -68.83
N GLY A 507 25.51 30.34 -68.49
CA GLY A 507 25.90 29.95 -67.14
C GLY A 507 25.41 30.93 -66.10
N ILE A 508 25.66 32.21 -66.32
CA ILE A 508 25.03 33.29 -65.57
C ILE A 508 24.56 34.33 -66.58
N GLU A 509 23.39 34.90 -66.35
CA GLU A 509 22.87 35.93 -67.21
C GLU A 509 22.37 37.10 -66.39
N ALA A 510 22.73 38.31 -66.80
CA ALA A 510 22.14 39.52 -66.28
C ALA A 510 21.54 40.28 -67.44
N THR A 511 20.28 40.70 -67.30
CA THR A 511 19.54 41.24 -68.44
C THR A 511 18.66 42.39 -67.99
N ARG A 512 18.40 43.30 -68.93
CA ARG A 512 17.46 44.40 -68.74
C ARG A 512 17.81 45.23 -67.50
N GLY A 513 19.10 45.49 -67.33
CA GLY A 513 19.57 46.11 -66.11
C GLY A 513 19.95 45.06 -65.08
N GLY A 514 20.11 45.52 -63.85
CA GLY A 514 20.44 44.64 -62.76
C GLY A 514 21.92 44.28 -62.74
N GLN A 515 22.33 43.61 -61.67
CA GLN A 515 23.73 43.29 -61.46
C GLN A 515 23.83 41.88 -60.91
N ILE A 516 25.03 41.31 -61.00
CA ILE A 516 25.34 40.02 -60.43
C ILE A 516 26.69 40.11 -59.74
N PHE A 517 26.76 39.66 -58.49
CA PHE A 517 27.99 39.70 -57.72
C PHE A 517 28.59 38.29 -57.68
N ALA A 518 29.84 38.17 -58.09
CA ALA A 518 30.55 36.91 -58.05
C ALA A 518 32.02 37.17 -57.75
N ASP A 519 32.63 36.29 -56.97
CA ASP A 519 34.03 36.45 -56.58
C ASP A 519 34.92 35.34 -57.12
N ARG A 520 34.60 34.08 -56.82
CA ARG A 520 35.36 32.95 -57.30
C ARG A 520 34.45 31.93 -57.95
N ILE A 521 33.40 32.40 -58.64
CA ILE A 521 32.39 31.51 -59.17
C ILE A 521 33.01 30.53 -60.15
N THR A 522 32.66 29.26 -59.99
CA THR A 522 33.18 28.19 -60.84
C THR A 522 32.08 27.78 -61.80
N ILE A 523 32.27 28.07 -63.08
CA ILE A 523 31.31 27.75 -64.13
C ILE A 523 31.89 26.62 -64.96
N THR A 524 31.07 25.60 -65.24
CA THR A 524 31.52 24.42 -65.95
C THR A 524 30.37 23.89 -66.80
N GLY A 525 30.52 23.95 -68.11
CA GLY A 525 29.49 23.44 -69.01
C GLY A 525 28.34 24.41 -69.19
N SER A 526 27.92 24.62 -70.43
CA SER A 526 26.79 25.50 -70.74
C SER A 526 26.38 25.37 -72.19
N GLY A 527 25.10 25.58 -72.48
CA GLY A 527 24.66 25.61 -73.86
C GLY A 527 25.18 26.83 -74.61
N ASP A 528 25.21 27.98 -73.95
CA ASP A 528 25.64 29.24 -74.54
C ASP A 528 26.71 29.90 -73.69
N PHE A 529 26.97 31.19 -73.94
CA PHE A 529 28.02 31.93 -73.25
C PHE A 529 28.00 31.68 -71.75
N GLY A 530 29.20 31.53 -71.18
CA GLY A 530 29.30 31.27 -69.76
C GLY A 530 28.79 32.43 -68.91
N ILE A 531 29.14 33.65 -69.29
CA ILE A 531 28.67 34.86 -68.63
C ILE A 531 28.07 35.76 -69.69
N LEU A 532 26.84 36.22 -69.45
CA LEU A 532 26.17 37.11 -70.38
C LEU A 532 25.74 38.38 -69.65
N ALA A 533 26.13 39.53 -70.20
CA ALA A 533 25.82 40.83 -69.61
C ALA A 533 25.06 41.65 -70.65
N TYR A 534 23.73 41.55 -70.63
CA TYR A 534 22.84 42.24 -71.56
C TYR A 534 22.48 43.58 -70.95
N ALA A 535 23.31 44.60 -71.20
CA ALA A 535 23.12 45.93 -70.63
C ALA A 535 23.07 45.88 -69.11
N SER A 536 23.96 45.08 -68.52
CA SER A 536 23.97 44.89 -67.07
C SER A 536 25.40 44.67 -66.60
N LYS A 537 25.61 44.90 -65.30
CA LYS A 537 26.91 44.73 -64.69
C LYS A 537 27.06 43.32 -64.13
N VAL A 538 28.24 42.75 -64.30
CA VAL A 538 28.62 41.47 -63.70
C VAL A 538 30.05 41.59 -63.18
N PHE A 539 30.28 41.11 -61.96
CA PHE A 539 31.60 41.13 -61.36
C PHE A 539 32.04 39.72 -61.07
N ALA A 540 33.27 39.37 -61.48
CA ALA A 540 33.82 38.04 -61.19
C ALA A 540 35.34 38.19 -61.08
N GLU A 541 35.84 38.39 -59.86
CA GLU A 541 37.26 38.69 -59.68
C GLU A 541 38.13 37.55 -60.17
N ALA A 542 37.79 36.31 -59.81
CA ALA A 542 38.63 35.16 -60.14
C ALA A 542 37.77 33.98 -60.58
N SER A 543 36.79 34.23 -61.44
CA SER A 543 35.93 33.16 -61.92
C SER A 543 36.72 32.14 -62.73
N ASN A 544 36.30 30.89 -62.66
CA ASN A 544 36.88 29.81 -63.44
C ASN A 544 35.82 29.29 -64.41
N ILE A 545 35.97 29.60 -65.69
CA ILE A 545 35.06 29.15 -66.73
C ILE A 545 35.68 27.95 -67.42
N SER A 546 34.84 27.01 -67.85
CA SER A 546 35.33 25.83 -68.56
C SER A 546 34.17 25.20 -69.31
N GLY A 547 34.51 24.50 -70.39
CA GLY A 547 33.53 23.71 -71.12
C GLY A 547 32.35 24.49 -71.66
N THR A 548 32.58 25.71 -72.15
CA THR A 548 31.52 26.55 -72.68
C THR A 548 31.43 26.35 -74.19
N LYS A 549 30.22 26.08 -74.68
CA LYS A 549 30.05 25.84 -76.11
C LYS A 549 30.33 27.11 -76.92
N ASN A 550 29.77 28.23 -76.49
CA ASN A 550 29.97 29.51 -77.15
C ASN A 550 31.06 30.29 -76.44
N GLU A 551 31.20 31.57 -76.79
CA GLU A 551 32.23 32.40 -76.19
C GLU A 551 32.02 32.51 -74.69
N PRO A 552 33.07 32.38 -73.89
CA PRO A 552 32.91 32.37 -72.43
C PRO A 552 32.26 33.62 -71.86
N VAL A 553 32.83 34.78 -72.12
CA VAL A 553 32.36 36.05 -71.59
C VAL A 553 31.79 36.87 -72.73
N TYR A 554 30.55 37.33 -72.57
CA TYR A 554 29.85 38.06 -73.62
C TYR A 554 29.13 39.24 -72.99
N ALA A 555 29.45 40.44 -73.46
CA ALA A 555 28.84 41.67 -72.96
C ALA A 555 28.26 42.46 -74.13
N THR A 556 27.07 43.01 -73.94
CA THR A 556 26.37 43.65 -75.03
C THR A 556 25.52 44.80 -74.50
N ARG A 557 25.17 45.71 -75.40
CA ARG A 557 24.24 46.81 -75.13
C ARG A 557 24.65 47.64 -73.91
N GLY A 558 25.96 47.71 -73.66
CA GLY A 558 26.47 48.61 -72.65
C GLY A 558 26.72 48.01 -71.28
N GLY A 559 26.88 46.69 -71.18
CA GLY A 559 27.14 46.08 -69.90
C GLY A 559 28.60 46.15 -69.51
N GLU A 560 28.89 45.64 -68.32
CA GLU A 560 30.25 45.56 -67.80
C GLU A 560 30.49 44.16 -67.26
N VAL A 561 31.70 43.65 -67.48
CA VAL A 561 32.15 42.39 -66.89
C VAL A 561 33.56 42.63 -66.38
N THR A 562 33.71 42.92 -65.10
CA THR A 562 35.02 43.17 -64.52
C THR A 562 35.69 41.87 -64.08
N CYS A 563 35.74 40.89 -64.97
CA CYS A 563 36.32 39.59 -64.67
C CYS A 563 37.83 39.68 -64.78
N PHE A 564 38.51 39.93 -63.65
CA PHE A 564 39.94 40.23 -63.70
C PHE A 564 40.79 38.96 -63.79
N GLY A 565 40.75 38.13 -62.76
CA GLY A 565 41.65 37.01 -62.69
C GLY A 565 41.05 35.72 -63.21
N SER A 566 40.18 35.83 -64.21
CA SER A 566 39.40 34.69 -64.69
C SER A 566 40.34 33.69 -65.37
N ASN A 567 40.33 32.45 -64.88
CA ASN A 567 41.02 31.35 -65.54
C ASN A 567 40.02 30.65 -66.45
N ILE A 568 40.11 30.92 -67.74
CA ILE A 568 39.13 30.47 -68.71
C ILE A 568 39.78 29.47 -69.66
N SER A 569 39.04 28.41 -69.99
CA SER A 569 39.52 27.35 -70.87
C SER A 569 38.49 27.12 -71.97
N SER A 570 38.71 27.77 -73.12
CA SER A 570 37.81 27.61 -74.25
C SER A 570 38.54 27.94 -75.54
N ASN A 571 38.13 27.28 -76.63
CA ASN A 571 38.74 27.52 -77.93
C ASN A 571 38.24 28.81 -78.55
N LYS A 572 36.99 29.17 -78.30
CA LYS A 572 36.40 30.37 -78.87
C LYS A 572 37.12 31.61 -78.35
N THR A 573 36.76 32.76 -78.92
CA THR A 573 37.27 34.03 -78.41
C THR A 573 36.83 34.23 -76.97
N VAL A 574 37.79 34.47 -76.09
CA VAL A 574 37.51 34.48 -74.65
C VAL A 574 36.55 35.61 -74.30
N TYR A 575 36.96 36.85 -74.56
CA TYR A 575 36.14 38.01 -74.25
C TYR A 575 35.46 38.50 -75.52
N ASN A 576 34.15 38.76 -75.43
CA ASN A 576 33.40 39.30 -76.54
C ASN A 576 32.61 40.51 -76.06
N VAL A 577 32.76 41.63 -76.76
CA VAL A 577 32.05 42.86 -76.46
C VAL A 577 31.37 43.35 -77.73
N TYR A 578 30.09 43.67 -77.62
CA TYR A 578 29.33 44.17 -78.76
C TYR A 578 28.47 45.34 -78.32
N ASN A 579 28.25 46.26 -79.25
CA ASN A 579 27.30 47.36 -79.08
C ASN A 579 27.61 48.25 -77.89
N GLY A 580 28.90 48.39 -77.56
CA GLY A 580 29.31 49.39 -76.58
C GLY A 580 29.38 48.94 -75.14
N SER A 581 29.58 47.66 -74.88
CA SER A 581 29.80 47.22 -73.51
C SER A 581 31.27 47.40 -73.12
N ARG A 582 31.62 46.96 -71.92
CA ARG A 582 32.98 47.06 -71.43
C ARG A 582 33.37 45.79 -70.69
N ILE A 583 34.66 45.46 -70.73
CA ILE A 583 35.21 44.34 -69.97
C ILE A 583 36.57 44.77 -69.42
N PHE A 584 36.82 44.44 -68.15
CA PHE A 584 38.09 44.74 -67.50
C PHE A 584 38.68 43.45 -66.95
N THR A 585 39.91 43.13 -67.36
CA THR A 585 40.51 41.85 -67.04
C THR A 585 42.00 42.05 -66.76
N ASP A 586 42.73 40.94 -66.74
CA ASP A 586 44.15 40.93 -66.39
C ASP A 586 45.01 40.69 -67.62
N LYS A 587 46.25 41.17 -67.56
CA LYS A 587 47.18 41.00 -68.67
C LYS A 587 48.03 39.74 -68.52
N ASP A 588 48.09 39.17 -67.31
CA ASP A 588 48.99 38.03 -67.06
C ASP A 588 48.63 36.84 -67.96
N HIS A 589 47.34 36.56 -68.11
CA HIS A 589 46.91 35.48 -68.98
C HIS A 589 46.69 35.97 -70.39
N GLY A 590 47.11 35.17 -71.37
CA GLY A 590 46.93 35.54 -72.75
C GLY A 590 45.64 34.97 -73.33
N TYR A 591 44.60 35.78 -73.40
CA TYR A 591 43.29 35.35 -73.87
C TYR A 591 42.90 36.15 -75.10
N SER A 592 42.36 35.47 -76.09
CA SER A 592 41.90 36.13 -77.31
C SER A 592 40.81 37.14 -76.98
N THR A 593 40.83 38.27 -77.68
CA THR A 593 39.92 39.36 -77.41
C THR A 593 39.26 39.82 -78.70
N ASN A 594 38.02 40.29 -78.59
CA ASN A 594 37.25 40.68 -79.77
C ASN A 594 37.88 41.87 -80.49
N VAL A 595 38.31 42.88 -79.73
CA VAL A 595 38.91 44.09 -80.30
C VAL A 595 40.25 44.34 -79.62
N ASP A 596 40.91 45.42 -80.04
CA ASP A 596 42.18 45.79 -79.47
C ASP A 596 42.02 46.18 -78.01
N PRO A 597 43.03 45.92 -77.17
CA PRO A 597 42.87 46.15 -75.73
C PRO A 597 42.52 47.58 -75.34
N GLN A 598 43.10 48.58 -76.00
CA GLN A 598 42.82 49.97 -75.64
C GLN A 598 42.38 50.72 -76.90
N THR A 599 41.09 50.62 -77.21
CA THR A 599 40.51 51.27 -78.37
C THR A 599 39.03 51.55 -78.13
N LEU A 600 38.65 52.82 -78.16
CA LEU A 600 37.24 53.20 -78.00
C LEU A 600 36.55 53.10 -79.36
N SER A 601 36.41 51.86 -79.83
CA SER A 601 35.74 51.60 -81.08
C SER A 601 34.22 51.64 -80.88
N SER A 602 33.48 51.22 -81.90
CA SER A 602 32.04 51.05 -81.75
C SER A 602 31.74 50.02 -80.67
N LYS A 603 32.47 48.91 -80.68
CA LYS A 603 32.50 48.00 -79.55
C LYS A 603 33.37 48.61 -78.46
N GLY A 604 32.88 48.61 -77.23
CA GLY A 604 33.52 49.35 -76.17
C GLY A 604 34.89 48.82 -75.79
N LEU A 605 35.57 49.59 -74.95
CA LEU A 605 36.93 49.29 -74.55
C LEU A 605 37.00 48.00 -73.75
N ILE A 606 38.10 47.27 -73.91
CA ILE A 606 38.37 46.03 -73.19
C ILE A 606 39.75 46.18 -72.57
N ILE A 607 39.82 46.73 -71.36
CA ILE A 607 41.11 47.04 -70.75
C ILE A 607 41.74 45.71 -70.32
N LEU A 608 42.79 45.31 -71.02
CA LEU A 608 43.49 44.08 -70.65
C LEU A 608 44.49 44.30 -69.53
N GLY A 609 44.70 45.53 -69.10
CA GLY A 609 45.66 45.82 -68.06
C GLY A 609 45.26 45.28 -66.69
N TYR B 10 -46.23 -31.18 31.56
CA TYR B 10 -47.40 -31.79 32.16
C TYR B 10 -47.24 -31.92 33.67
N ASN B 11 -48.37 -31.88 34.38
CA ASN B 11 -48.36 -31.90 35.84
C ASN B 11 -49.41 -32.87 36.38
N ASN B 12 -49.76 -33.89 35.60
CA ASN B 12 -50.75 -34.86 36.03
C ASN B 12 -50.22 -35.70 37.18
N GLU B 13 -50.99 -35.75 38.27
CA GLU B 13 -50.59 -36.50 39.46
C GLU B 13 -51.77 -37.29 39.99
N TYR B 14 -51.50 -38.51 40.45
CA TYR B 14 -52.51 -39.34 41.08
C TYR B 14 -52.29 -39.54 42.57
N GLY B 15 -51.04 -39.41 43.04
CA GLY B 15 -50.75 -39.40 44.46
C GLY B 15 -50.14 -38.08 44.85
N TYR B 16 -50.60 -37.49 45.95
CA TYR B 16 -50.23 -36.13 46.33
C TYR B 16 -49.15 -36.17 47.41
N ARG B 17 -47.95 -35.77 47.04
CA ARG B 17 -46.88 -35.49 47.98
C ARG B 17 -46.42 -34.06 47.76
N ARG B 18 -46.32 -33.29 48.84
CA ARG B 18 -46.14 -31.85 48.73
C ARG B 18 -44.69 -31.50 48.45
N GLY B 19 -44.45 -30.78 47.36
CA GLY B 19 -43.19 -30.13 47.11
C GLY B 19 -41.97 -31.04 47.04
N ILE B 20 -42.08 -32.16 46.33
CA ILE B 20 -40.92 -33.01 46.07
C ILE B 20 -40.63 -33.17 44.59
N TYR B 21 -41.49 -32.68 43.71
CA TYR B 21 -41.31 -32.82 42.26
C TYR B 21 -40.85 -31.49 41.67
N ARG B 22 -39.79 -31.53 40.89
CA ARG B 22 -39.26 -30.37 40.21
C ARG B 22 -39.25 -30.63 38.70
N GLU B 23 -39.34 -29.56 37.91
CA GLU B 23 -39.36 -29.67 36.46
C GLU B 23 -38.26 -28.81 35.86
N PRO B 24 -37.44 -29.34 34.97
CA PRO B 24 -36.39 -28.53 34.34
C PRO B 24 -36.98 -27.51 33.38
N PHE B 25 -36.21 -26.45 33.15
CA PHE B 25 -36.55 -25.45 32.16
C PHE B 25 -35.28 -24.76 31.70
N TYR B 26 -35.35 -24.15 30.53
CA TYR B 26 -34.20 -23.52 29.91
C TYR B 26 -34.18 -22.04 30.22
N SER B 27 -33.09 -21.58 30.85
CA SER B 27 -32.91 -20.18 31.22
C SER B 27 -32.12 -19.50 30.11
N ASP B 28 -32.84 -18.89 29.16
CA ASP B 28 -32.19 -18.29 28.01
C ASP B 28 -31.27 -17.15 28.41
N ASN B 29 -31.73 -16.28 29.32
CA ASN B 29 -30.94 -15.14 29.74
C ASN B 29 -31.03 -14.97 31.25
N ALA B 30 -30.00 -14.35 31.82
CA ALA B 30 -29.90 -14.14 33.26
C ALA B 30 -28.73 -13.22 33.53
N ASP B 31 -28.81 -12.45 34.61
CA ASP B 31 -27.78 -11.49 34.97
C ASP B 31 -27.46 -11.64 36.44
N TYR B 32 -26.37 -12.32 36.75
CA TYR B 32 -25.97 -12.54 38.13
C TYR B 32 -25.12 -11.41 38.68
N ASN B 33 -24.79 -10.42 37.84
CA ASN B 33 -23.99 -9.27 38.27
C ASN B 33 -24.88 -8.33 39.04
N THR B 34 -25.09 -8.65 40.32
CA THR B 34 -25.91 -7.85 41.22
C THR B 34 -25.01 -7.11 42.20
N ASN B 35 -24.78 -5.82 41.93
CA ASN B 35 -23.82 -5.05 42.70
C ASN B 35 -24.36 -4.77 44.09
N SER B 36 -24.40 -5.78 44.93
CA SER B 36 -24.91 -5.67 46.29
C SER B 36 -24.31 -6.79 47.12
N LYS B 37 -24.27 -6.58 48.43
CA LYS B 37 -23.66 -7.60 49.29
C LYS B 37 -24.67 -8.65 49.74
N SER B 38 -25.96 -8.45 49.47
CA SER B 38 -26.99 -9.41 49.83
C SER B 38 -28.26 -9.05 49.07
N TYR B 39 -29.26 -9.93 49.18
CA TYR B 39 -30.52 -9.71 48.49
C TYR B 39 -31.26 -8.49 49.05
N TYR B 40 -31.20 -8.29 50.37
CA TYR B 40 -31.89 -7.17 50.99
C TYR B 40 -31.38 -5.84 50.43
N ASP B 41 -30.06 -5.65 50.42
CA ASP B 41 -29.51 -4.41 49.89
C ASP B 41 -29.73 -4.30 48.40
N TYR B 42 -29.79 -5.43 47.69
CA TYR B 42 -30.12 -5.38 46.26
C TYR B 42 -31.53 -4.85 46.05
N LEU B 43 -32.49 -5.28 46.88
CA LEU B 43 -33.85 -4.76 46.73
C LEU B 43 -33.94 -3.29 47.10
N ALA B 44 -33.17 -2.87 48.10
CA ALA B 44 -33.09 -1.44 48.41
C ALA B 44 -32.54 -0.65 47.22
N ARG B 45 -31.47 -1.17 46.61
CA ARG B 45 -30.91 -0.54 45.42
C ARG B 45 -31.92 -0.50 44.30
N PHE B 46 -32.76 -1.54 44.19
CA PHE B 46 -33.76 -1.54 43.13
C PHE B 46 -34.83 -0.49 43.37
N ASN B 47 -35.19 -0.24 44.63
CA ASN B 47 -36.11 0.86 44.90
C ASN B 47 -35.51 2.20 44.49
N GLY B 48 -34.25 2.42 44.87
CA GLY B 48 -33.57 3.64 44.43
C GLY B 48 -33.53 3.76 42.92
N PHE B 49 -33.23 2.66 42.24
CA PHE B 49 -33.17 2.68 40.79
C PHE B 49 -34.53 2.90 40.17
N ILE B 50 -35.60 2.45 40.82
CA ILE B 50 -36.94 2.70 40.26
C ILE B 50 -37.25 4.19 40.31
N PHE B 51 -36.84 4.86 41.39
CA PHE B 51 -37.03 6.31 41.43
C PHE B 51 -36.19 7.01 40.37
N GLU B 52 -34.92 6.60 40.23
CA GLU B 52 -34.06 7.20 39.22
C GLU B 52 -34.61 6.99 37.82
N LEU B 53 -35.14 5.79 37.55
CA LEU B 53 -35.69 5.49 36.24
C LEU B 53 -36.93 6.32 35.95
N CYS B 54 -37.79 6.52 36.96
CA CYS B 54 -38.93 7.41 36.77
C CYS B 54 -38.46 8.80 36.37
N ASP B 55 -37.46 9.35 37.07
CA ASP B 55 -36.97 10.67 36.72
C ASP B 55 -36.39 10.71 35.31
N PHE B 56 -35.60 9.69 34.95
CA PHE B 56 -34.95 9.68 33.64
C PHE B 56 -35.97 9.60 32.51
N VAL B 57 -36.98 8.74 32.65
CA VAL B 57 -37.99 8.61 31.61
C VAL B 57 -38.83 9.88 31.51
N ASN B 58 -39.12 10.52 32.64
CA ASN B 58 -39.80 11.81 32.57
C ASN B 58 -38.98 12.83 31.81
N GLY B 59 -37.66 12.86 32.05
CA GLY B 59 -36.81 13.75 31.29
C GLY B 59 -36.82 13.46 29.80
N LEU B 60 -36.82 12.17 29.44
CA LEU B 60 -36.90 11.81 28.03
C LEU B 60 -38.20 12.29 27.40
N ALA B 61 -39.32 12.14 28.10
CA ALA B 61 -40.58 12.62 27.58
C ALA B 61 -40.56 14.14 27.40
N ASP B 62 -39.95 14.85 28.35
CA ASP B 62 -39.82 16.30 28.21
C ASP B 62 -39.02 16.67 26.97
N ASP B 63 -37.92 15.95 26.73
CA ASP B 63 -37.11 16.23 25.54
C ASP B 63 -37.89 15.94 24.27
N ILE B 64 -38.68 14.86 24.27
CA ILE B 64 -39.46 14.52 23.09
C ILE B 64 -40.47 15.62 22.77
N GLN B 65 -41.15 16.12 23.80
CA GLN B 65 -42.07 17.23 23.58
C GLN B 65 -41.32 18.46 23.09
N LYS B 66 -40.15 18.74 23.66
CA LYS B 66 -39.37 19.90 23.26
C LYS B 66 -39.01 19.84 21.78
N MET B 67 -38.64 18.66 21.29
CA MET B 67 -38.25 18.58 19.88
C MET B 67 -39.45 18.48 18.95
N LYS B 68 -40.57 17.92 19.41
CA LYS B 68 -41.80 18.07 18.65
C LYS B 68 -42.12 19.54 18.44
N ASP B 69 -41.83 20.37 19.44
CA ASP B 69 -42.04 21.81 19.28
C ASP B 69 -40.98 22.43 18.38
N THR B 70 -39.70 22.05 18.57
CA THR B 70 -38.62 22.80 17.94
C THR B 70 -38.42 22.40 16.47
N TYR B 71 -38.93 21.23 16.06
CA TYR B 71 -38.84 20.90 14.65
C TYR B 71 -39.97 21.51 13.84
N GLU B 72 -40.99 22.04 14.52
CA GLU B 72 -41.89 22.98 13.87
C GLU B 72 -41.18 24.32 13.70
N ALA B 73 -41.71 25.14 12.80
CA ALA B 73 -41.18 26.45 12.44
C ALA B 73 -39.83 26.34 11.74
N LEU B 74 -39.31 25.14 11.55
CA LEU B 74 -38.13 24.93 10.72
C LEU B 74 -38.60 24.35 9.39
N THR B 75 -38.63 25.18 8.36
CA THR B 75 -39.13 24.80 7.05
C THR B 75 -38.00 24.86 6.04
N LEU B 76 -37.96 23.90 5.13
CA LEU B 76 -36.97 23.83 4.07
C LEU B 76 -37.70 23.81 2.73
N SER B 77 -37.32 24.73 1.85
CA SER B 77 -37.95 24.82 0.54
C SER B 77 -37.00 25.50 -0.43
N ASN B 78 -37.04 25.07 -1.68
CA ASN B 78 -36.22 25.64 -2.74
C ASN B 78 -37.04 26.45 -3.74
N THR B 79 -38.26 26.79 -3.35
CA THR B 79 -39.11 27.55 -4.24
C THR B 79 -38.42 28.85 -4.53
N ASP B 80 -38.43 29.24 -5.79
CA ASP B 80 -37.82 30.50 -6.17
C ASP B 80 -38.39 31.64 -5.35
N VAL B 81 -37.53 32.50 -4.84
CA VAL B 81 -37.99 33.63 -4.05
C VAL B 81 -37.75 34.92 -4.83
N THR B 82 -38.31 36.03 -4.37
CA THR B 82 -38.11 37.31 -5.04
C THR B 82 -38.10 38.49 -4.08
N TYR B 83 -37.00 38.67 -3.36
CA TYR B 83 -36.90 39.77 -2.42
C TYR B 83 -36.99 41.11 -3.13
N THR B 84 -37.55 42.10 -2.44
CA THR B 84 -37.67 43.46 -2.96
C THR B 84 -36.98 44.41 -1.99
N VAL B 85 -36.13 45.29 -2.52
CA VAL B 85 -35.35 46.22 -1.72
C VAL B 85 -35.90 47.63 -1.94
N GLY B 86 -36.08 48.36 -0.85
CA GLY B 86 -36.60 49.71 -0.93
C GLY B 86 -37.16 50.13 0.41
N GLN B 87 -37.67 51.36 0.45
CA GLN B 87 -38.30 51.84 1.66
C GLN B 87 -39.55 51.04 1.99
N LYS B 88 -40.35 50.73 0.97
CA LYS B 88 -41.57 49.94 1.15
C LYS B 88 -41.33 48.44 0.97
N GLY B 89 -40.13 48.05 0.55
CA GLY B 89 -39.84 46.66 0.28
C GLY B 89 -39.52 45.88 1.53
N ASP B 90 -39.11 44.62 1.32
CA ASP B 90 -38.80 43.74 2.44
C ASP B 90 -37.61 44.26 3.25
N PHE B 91 -36.58 44.76 2.56
CA PHE B 91 -35.38 45.23 3.20
C PHE B 91 -35.10 46.67 2.80
N ASP B 92 -34.59 47.45 3.75
CA ASP B 92 -34.34 48.86 3.47
C ASP B 92 -33.06 49.05 2.65
N THR B 93 -32.06 48.20 2.84
CA THR B 93 -30.79 48.33 2.14
C THR B 93 -30.47 47.01 1.45
N LEU B 94 -29.56 47.09 0.46
CA LEU B 94 -29.12 45.88 -0.22
C LEU B 94 -28.36 44.96 0.73
N ASN B 95 -27.60 45.55 1.66
CA ASN B 95 -26.86 44.72 2.62
C ASN B 95 -27.81 43.88 3.46
N HIS B 96 -28.91 44.46 3.91
CA HIS B 96 -29.89 43.70 4.69
C HIS B 96 -30.45 42.54 3.88
N CYS B 97 -30.73 42.77 2.59
CA CYS B 97 -31.23 41.69 1.74
C CYS B 97 -30.19 40.60 1.54
N PHE B 98 -28.91 40.98 1.51
CA PHE B 98 -27.86 39.99 1.28
C PHE B 98 -27.31 39.42 2.57
N GLU B 99 -27.59 40.05 3.71
CA GLU B 99 -27.30 39.41 4.99
C GLU B 99 -28.32 38.33 5.29
N HIS B 100 -29.59 38.56 4.92
CA HIS B 100 -30.61 37.54 5.11
C HIS B 100 -30.39 36.35 4.18
N ILE B 101 -30.00 36.62 2.93
CA ILE B 101 -29.69 35.55 1.99
C ILE B 101 -28.50 34.74 2.48
N GLU B 102 -27.53 35.40 3.12
CA GLU B 102 -26.33 34.74 3.60
C GLU B 102 -26.65 33.71 4.69
N ASP B 103 -27.79 33.86 5.37
CA ASP B 103 -28.14 33.02 6.51
C ASP B 103 -29.27 32.05 6.22
N LEU B 104 -29.61 31.81 4.95
CA LEU B 104 -30.62 30.81 4.63
C LEU B 104 -30.07 29.42 4.91
N ILE B 105 -30.94 28.54 5.42
CA ILE B 105 -30.53 27.18 5.72
C ILE B 105 -30.13 26.44 4.45
N VAL B 106 -30.97 26.54 3.42
CA VAL B 106 -30.69 25.94 2.13
C VAL B 106 -30.97 26.98 1.04
N GLN B 107 -30.01 27.14 0.14
CA GLN B 107 -30.17 28.14 -0.92
C GLN B 107 -31.25 27.69 -1.91
N PRO B 108 -32.24 28.53 -2.19
CA PRO B 108 -33.28 28.14 -3.14
C PRO B 108 -32.73 28.03 -4.55
N LYS B 109 -33.60 27.59 -5.46
CA LYS B 109 -33.18 27.38 -6.84
C LYS B 109 -32.92 28.69 -7.56
N SER B 110 -33.68 29.74 -7.20
CA SER B 110 -33.53 31.04 -7.85
C SER B 110 -33.90 32.15 -6.88
N ILE B 111 -33.05 33.17 -6.82
CA ILE B 111 -33.31 34.37 -6.02
C ILE B 111 -33.30 35.57 -6.95
N ARG B 112 -34.33 36.40 -6.85
CA ARG B 112 -34.49 37.57 -7.72
C ARG B 112 -34.67 38.80 -6.86
N VAL B 113 -33.58 39.54 -6.65
CA VAL B 113 -33.61 40.77 -5.88
C VAL B 113 -34.08 41.90 -6.79
N ILE B 114 -35.22 42.49 -6.45
CA ILE B 114 -35.80 43.56 -7.25
C ILE B 114 -35.66 44.87 -6.48
N LEU B 115 -34.92 45.81 -7.07
CA LEU B 115 -34.73 47.11 -6.45
C LEU B 115 -35.92 48.00 -6.79
N LEU B 116 -36.59 48.51 -5.77
CA LEU B 116 -37.72 49.40 -5.99
C LEU B 116 -37.25 50.71 -6.62
N LYS B 117 -38.16 51.38 -7.32
CA LYS B 117 -37.82 52.64 -7.97
C LYS B 117 -37.44 53.72 -6.97
N ASP B 118 -37.84 53.56 -5.70
CA ASP B 118 -37.46 54.53 -4.68
C ASP B 118 -36.01 54.37 -4.26
N TYR B 119 -35.45 53.18 -4.42
CA TYR B 119 -34.14 52.88 -3.85
C TYR B 119 -33.04 53.67 -4.53
N MET B 120 -32.18 54.29 -3.73
CA MET B 120 -30.97 54.95 -4.20
C MET B 120 -29.78 54.38 -3.44
N MET B 121 -28.80 53.88 -4.18
CA MET B 121 -27.73 53.06 -3.61
C MET B 121 -26.77 53.96 -2.83
N ARG B 122 -26.75 53.82 -1.51
CA ARG B 122 -25.88 54.59 -0.64
C ARG B 122 -24.99 53.72 0.24
N GLU B 123 -24.76 52.47 -0.17
CA GLU B 123 -23.91 51.56 0.59
C GLU B 123 -23.11 50.72 -0.39
N GLN B 124 -22.01 50.15 0.10
CA GLN B 124 -21.16 49.29 -0.70
C GLN B 124 -21.49 47.83 -0.41
N LEU B 125 -21.68 47.05 -1.48
CA LEU B 125 -22.00 45.63 -1.37
C LEU B 125 -20.73 44.83 -1.65
N PHE B 126 -20.25 44.10 -0.65
CA PHE B 126 -19.02 43.32 -0.76
C PHE B 126 -19.37 41.85 -0.62
N LEU B 127 -19.49 41.16 -1.75
CA LEU B 127 -19.78 39.73 -1.78
C LEU B 127 -18.46 38.99 -1.92
N ARG B 128 -17.80 38.73 -0.79
CA ARG B 128 -16.52 38.05 -0.76
C ARG B 128 -16.77 36.56 -0.60
N ASP B 129 -16.28 35.77 -1.56
CA ASP B 129 -16.13 34.33 -1.41
C ASP B 129 -17.49 33.63 -1.23
N LYS B 130 -18.39 33.87 -2.18
CA LYS B 130 -19.72 33.27 -2.15
C LYS B 130 -20.17 32.92 -3.56
N ARG B 131 -20.58 31.67 -3.76
CA ARG B 131 -21.06 31.18 -5.05
C ARG B 131 -22.55 31.47 -5.14
N TYR B 132 -22.92 32.37 -6.06
CA TYR B 132 -24.28 32.90 -6.14
C TYR B 132 -24.77 32.92 -7.58
N ASN B 133 -24.64 31.79 -8.29
CA ASN B 133 -25.10 31.75 -9.67
C ASN B 133 -26.59 32.06 -9.76
N HIS B 134 -27.39 31.49 -8.85
CA HIS B 134 -28.84 31.61 -8.97
C HIS B 134 -29.31 33.05 -8.78
N ILE B 135 -28.70 33.80 -7.87
CA ILE B 135 -29.18 35.14 -7.57
C ILE B 135 -29.05 36.03 -8.79
N THR B 136 -30.06 36.88 -9.01
CA THR B 136 -30.02 37.94 -10.00
C THR B 136 -30.59 39.20 -9.37
N ILE B 137 -30.02 40.34 -9.75
CA ILE B 137 -30.42 41.64 -9.21
C ILE B 137 -31.07 42.45 -10.31
N THR B 138 -32.28 42.94 -10.05
CA THR B 138 -33.06 43.67 -11.04
C THR B 138 -33.56 44.95 -10.40
N SER B 139 -33.77 45.97 -11.23
CA SER B 139 -34.33 47.23 -10.77
C SER B 139 -35.51 47.61 -11.65
N GLU B 140 -36.56 48.13 -11.02
CA GLU B 140 -37.71 48.60 -11.79
C GLU B 140 -37.31 49.79 -12.66
N ASN B 141 -36.50 50.69 -12.14
CA ASN B 141 -35.93 51.76 -12.94
C ASN B 141 -34.76 51.24 -13.77
N ASP B 142 -34.58 51.85 -14.94
CA ASP B 142 -33.50 51.43 -15.82
C ASP B 142 -32.13 51.80 -15.26
N ILE B 143 -32.04 52.91 -14.54
CA ILE B 143 -30.78 53.43 -14.02
C ILE B 143 -30.88 53.51 -12.51
N VAL B 144 -29.89 52.96 -11.82
CA VAL B 144 -29.81 53.00 -10.37
C VAL B 144 -28.72 54.00 -9.99
N GLU B 145 -29.11 55.10 -9.35
CA GLU B 145 -28.18 56.16 -9.01
C GLU B 145 -27.41 55.80 -7.75
N ALA B 146 -26.09 55.95 -7.80
CA ALA B 146 -25.22 55.64 -6.67
C ALA B 146 -24.72 56.96 -6.07
N TYR B 147 -25.21 57.29 -4.88
CA TYR B 147 -24.82 58.51 -4.19
C TYR B 147 -23.59 58.24 -3.32
N GLU B 148 -23.26 59.19 -2.45
CA GLU B 148 -22.11 59.02 -1.56
C GLU B 148 -22.37 57.89 -0.57
N THR B 149 -21.41 56.99 -0.44
CA THR B 149 -21.54 55.87 0.48
C THR B 149 -21.41 56.36 1.91
N GLU B 150 -22.32 55.90 2.77
CA GLU B 150 -22.26 56.30 4.18
C GLU B 150 -20.97 55.79 4.83
N LEU B 151 -20.56 54.57 4.52
CA LEU B 151 -19.31 54.01 4.96
C LEU B 151 -18.48 53.68 3.73
N ASN B 152 -17.26 54.22 3.67
CA ASN B 152 -16.38 54.02 2.53
C ASN B 152 -15.34 52.96 2.88
N ARG B 153 -15.29 51.91 2.08
CA ARG B 153 -14.32 50.83 2.23
C ARG B 153 -13.51 50.72 0.95
N GLN B 154 -12.20 50.73 1.08
CA GLN B 154 -11.30 50.73 -0.06
C GLN B 154 -10.54 49.41 -0.12
N VAL B 155 -10.36 48.90 -1.34
CA VAL B 155 -9.64 47.65 -1.58
C VAL B 155 -8.46 47.97 -2.48
N GLU B 156 -7.29 47.45 -2.12
CA GLU B 156 -6.06 47.70 -2.87
C GLU B 156 -5.70 46.45 -3.67
N ILE B 157 -5.42 46.65 -4.96
CA ILE B 157 -5.02 45.57 -5.85
C ILE B 157 -3.51 45.61 -5.99
N LYS B 158 -2.87 44.48 -5.68
CA LYS B 158 -1.41 44.40 -5.63
C LYS B 158 -0.89 43.79 -6.92
N THR B 159 -0.56 44.64 -7.89
CA THR B 159 0.00 44.24 -9.16
C THR B 159 1.10 45.24 -9.51
N ASN B 160 1.55 45.25 -10.77
CA ASN B 160 2.55 46.25 -11.17
C ASN B 160 2.08 47.67 -10.90
N PRO B 161 0.90 48.11 -11.36
CA PRO B 161 0.33 49.33 -10.79
C PRO B 161 -0.51 49.00 -9.57
N ILE B 162 -0.10 49.49 -8.40
CA ILE B 162 -0.83 49.25 -7.15
C ILE B 162 -1.79 50.43 -6.98
N PHE B 163 -3.05 50.22 -7.35
CA PHE B 163 -4.05 51.28 -7.30
C PHE B 163 -5.15 50.90 -6.32
N ARG B 164 -5.51 51.83 -5.45
CA ARG B 164 -6.54 51.62 -4.44
C ARG B 164 -7.88 52.06 -5.00
N VAL B 165 -8.91 51.25 -4.78
CA VAL B 165 -10.23 51.45 -5.38
C VAL B 165 -11.28 51.39 -4.28
N LYS B 166 -12.38 52.13 -4.50
CA LYS B 166 -13.54 52.09 -3.61
C LYS B 166 -14.74 51.62 -4.44
N PRO B 167 -14.97 50.32 -4.53
CA PRO B 167 -16.01 49.81 -5.42
C PRO B 167 -17.38 49.79 -4.78
N LEU B 168 -18.40 50.12 -5.60
CA LEU B 168 -19.77 49.96 -5.15
C LEU B 168 -20.15 48.49 -5.03
N PHE B 169 -19.75 47.68 -6.01
CA PHE B 169 -19.94 46.24 -5.97
C PHE B 169 -18.57 45.58 -6.06
N TYR B 170 -18.29 44.69 -5.11
CA TYR B 170 -16.99 44.04 -5.04
C TYR B 170 -17.19 42.55 -4.82
N GLY B 171 -16.51 41.74 -5.61
CA GLY B 171 -16.58 40.30 -5.48
C GLY B 171 -15.24 39.64 -5.65
N ILE B 172 -14.85 38.77 -4.73
CA ILE B 172 -13.56 38.10 -4.77
C ILE B 172 -13.77 36.62 -4.51
N ASN B 173 -13.19 35.78 -5.38
CA ASN B 173 -13.25 34.32 -5.24
C ASN B 173 -14.69 33.85 -5.13
N SER B 174 -15.57 34.46 -5.91
CA SER B 174 -17.00 34.24 -5.80
C SER B 174 -17.58 34.08 -7.20
N THR B 175 -18.90 34.18 -7.28
CA THR B 175 -19.60 34.29 -8.56
C THR B 175 -20.69 35.33 -8.35
N PHE B 176 -20.43 36.54 -8.81
CA PHE B 176 -21.35 37.64 -8.54
C PHE B 176 -22.69 37.40 -9.23
N PRO B 177 -23.80 37.77 -8.58
CA PRO B 177 -25.11 37.56 -9.20
C PRO B 177 -25.26 38.35 -10.48
N LYS B 178 -26.10 37.83 -11.38
CA LYS B 178 -26.40 38.50 -12.63
C LYS B 178 -26.96 39.89 -12.36
N ILE B 179 -26.44 40.88 -13.08
CA ILE B 179 -26.83 42.28 -12.89
C ILE B 179 -27.76 42.68 -14.02
N ASP B 180 -28.87 43.34 -13.66
CA ASP B 180 -29.90 43.70 -14.63
C ASP B 180 -30.31 45.16 -14.48
N PHE B 181 -29.36 46.04 -14.17
CA PHE B 181 -29.65 47.46 -14.01
C PHE B 181 -28.41 48.26 -14.38
N LYS B 182 -28.62 49.55 -14.64
CA LYS B 182 -27.55 50.46 -15.01
C LYS B 182 -27.16 51.30 -13.79
N LEU B 183 -25.89 51.21 -13.41
CA LEU B 183 -25.39 51.89 -12.21
C LEU B 183 -24.73 53.20 -12.62
N GLN B 184 -25.37 54.31 -12.28
CA GLN B 184 -24.85 55.63 -12.58
C GLN B 184 -24.46 56.33 -11.28
N ASN B 185 -23.20 56.75 -11.19
CA ASN B 185 -22.69 57.41 -10.00
C ASN B 185 -23.16 58.86 -9.98
N LYS B 186 -23.54 59.34 -8.79
CA LYS B 186 -23.88 60.73 -8.58
C LYS B 186 -22.99 61.41 -7.55
N ASP B 187 -22.03 60.68 -6.97
CA ASP B 187 -21.09 61.25 -6.02
C ASP B 187 -19.83 61.68 -6.79
N PHE B 188 -19.53 62.96 -6.74
CA PHE B 188 -18.37 63.51 -7.43
C PHE B 188 -17.32 64.04 -6.44
N SER B 189 -17.22 63.43 -5.27
CA SER B 189 -16.25 63.85 -4.27
C SER B 189 -15.09 62.87 -4.14
N ASP B 190 -15.36 61.57 -4.18
CA ASP B 190 -14.32 60.56 -4.05
C ASP B 190 -13.66 60.31 -5.39
N THR B 191 -12.34 60.45 -5.43
CA THR B 191 -11.59 60.35 -6.68
C THR B 191 -11.11 58.95 -6.99
N ILE B 192 -11.43 57.96 -6.17
CA ILE B 192 -11.04 56.58 -6.42
C ILE B 192 -12.24 55.65 -6.48
N ASN B 193 -13.46 56.19 -6.40
CA ASN B 193 -14.65 55.35 -6.42
C ASN B 193 -14.81 54.70 -7.80
N CYS B 194 -15.31 53.47 -7.80
CA CYS B 194 -15.50 52.71 -9.02
C CYS B 194 -16.83 51.97 -8.97
N GLY B 195 -17.32 51.59 -10.14
CA GLY B 195 -18.59 50.91 -10.25
C GLY B 195 -18.55 49.48 -9.78
N PHE B 196 -17.76 48.64 -10.45
CA PHE B 196 -17.67 47.23 -10.13
C PHE B 196 -16.22 46.81 -10.08
N LEU B 197 -15.89 45.91 -9.16
CA LEU B 197 -14.54 45.35 -9.07
C LEU B 197 -14.69 43.85 -8.92
N MET B 198 -14.32 43.11 -9.97
CA MET B 198 -14.42 41.66 -9.96
C MET B 198 -13.02 41.07 -9.86
N ASP B 199 -12.84 40.15 -8.91
CA ASP B 199 -11.55 39.53 -8.64
C ASP B 199 -11.76 38.04 -8.54
N ASN B 200 -11.40 37.31 -9.60
CA ASN B 200 -11.51 35.85 -9.68
C ASN B 200 -12.97 35.38 -9.68
N THR B 201 -13.91 36.24 -10.08
CA THR B 201 -15.32 35.90 -10.09
C THR B 201 -15.88 36.09 -11.49
N THR B 202 -16.61 35.10 -11.97
CA THR B 202 -17.34 35.29 -13.23
C THR B 202 -18.46 36.30 -13.01
N PHE B 203 -18.61 37.20 -13.97
CA PHE B 203 -19.54 38.31 -13.87
C PHE B 203 -20.37 38.39 -15.15
N GLU B 204 -21.64 38.76 -15.00
CA GLU B 204 -22.52 38.85 -16.14
C GLU B 204 -23.41 40.08 -16.01
N MET B 205 -23.91 40.55 -17.15
CA MET B 205 -24.87 41.63 -17.19
C MET B 205 -25.98 41.27 -18.16
N THR B 206 -27.17 41.81 -17.91
CA THR B 206 -28.36 41.46 -18.70
C THR B 206 -28.57 42.38 -19.88
N GLU B 207 -27.50 43.02 -20.38
CA GLU B 207 -27.50 43.88 -21.56
C GLU B 207 -28.41 45.10 -21.42
N ARG B 208 -29.04 45.29 -20.26
CA ARG B 208 -29.90 46.43 -20.03
C ARG B 208 -29.26 47.46 -19.09
N GLY B 209 -28.00 47.28 -18.74
CA GLY B 209 -27.38 48.17 -17.76
C GLY B 209 -25.87 48.15 -17.85
N GLY B 210 -25.26 49.19 -17.26
CA GLY B 210 -23.82 49.32 -17.20
C GLY B 210 -23.47 50.30 -16.10
N SER B 211 -22.19 50.66 -16.04
CA SER B 211 -21.68 51.60 -15.06
C SER B 211 -21.19 52.86 -15.76
N THR B 212 -21.69 54.01 -15.31
CA THR B 212 -21.39 55.29 -15.95
C THR B 212 -21.13 56.37 -14.91
N HIS B 213 -20.44 57.41 -15.35
CA HIS B 213 -20.21 58.62 -14.56
C HIS B 213 -19.44 58.33 -13.27
N PHE B 214 -18.50 57.39 -13.32
CA PHE B 214 -17.67 57.07 -12.18
C PHE B 214 -16.33 57.77 -12.30
N ASN B 215 -15.77 58.19 -11.16
CA ASN B 215 -14.56 59.01 -11.18
C ASN B 215 -13.36 58.21 -11.68
N PHE B 216 -13.17 57.00 -11.17
CA PHE B 216 -11.96 56.24 -11.50
C PHE B 216 -12.20 55.16 -12.54
N ILE B 217 -13.07 54.19 -12.25
CA ILE B 217 -13.31 53.06 -13.14
C ILE B 217 -14.78 52.72 -13.12
N GLY B 218 -15.28 52.11 -14.20
CA GLY B 218 -16.64 51.63 -14.19
C GLY B 218 -16.74 50.14 -13.92
N LEU B 219 -15.80 49.37 -14.44
CA LEU B 219 -15.78 47.93 -14.22
C LEU B 219 -14.34 47.46 -14.34
N CYS B 220 -13.93 46.61 -13.42
CA CYS B 220 -12.55 46.15 -13.36
C CYS B 220 -12.53 44.63 -13.24
N GLY B 221 -11.60 44.00 -13.95
CA GLY B 221 -11.47 42.56 -13.90
C GLY B 221 -10.04 42.13 -13.69
N VAL B 222 -9.78 41.45 -12.57
CA VAL B 222 -8.45 41.03 -12.18
C VAL B 222 -8.50 39.55 -11.84
N ASN B 223 -7.34 38.90 -11.93
CA ASN B 223 -7.15 37.56 -11.36
C ASN B 223 -8.04 36.53 -12.07
N GLY B 224 -8.31 36.77 -13.33
CA GLY B 224 -9.08 35.82 -14.13
C GLY B 224 -10.58 35.90 -13.94
N SER B 225 -11.09 37.07 -13.55
CA SER B 225 -12.53 37.26 -13.33
C SER B 225 -13.17 37.48 -14.69
N HIS B 226 -13.68 36.40 -15.27
CA HIS B 226 -14.31 36.50 -16.58
C HIS B 226 -15.54 37.40 -16.51
N ILE B 227 -15.68 38.27 -17.52
CA ILE B 227 -16.77 39.21 -17.59
C ILE B 227 -17.64 38.88 -18.81
N GLN B 228 -18.92 39.22 -18.72
CA GLN B 228 -19.87 38.92 -19.77
C GLN B 228 -20.60 40.17 -20.28
N THR B 229 -20.35 41.33 -19.67
CA THR B 229 -21.05 42.56 -20.00
C THR B 229 -21.19 42.76 -21.50
N ASN B 230 -22.42 42.80 -21.98
CA ASN B 230 -22.73 42.76 -23.40
C ASN B 230 -23.80 43.80 -23.68
N TYR B 231 -23.68 44.51 -24.81
CA TYR B 231 -24.59 45.58 -25.18
C TYR B 231 -24.66 46.70 -24.15
N CYS B 232 -23.75 46.69 -23.17
CA CYS B 232 -23.83 47.59 -22.04
C CYS B 232 -23.37 48.99 -22.41
N ASP B 233 -23.26 49.84 -21.40
CA ASP B 233 -22.80 51.21 -21.57
C ASP B 233 -21.83 51.56 -20.45
N PHE B 234 -20.70 52.15 -20.81
CA PHE B 234 -19.70 52.65 -19.86
C PHE B 234 -19.23 54.00 -20.38
N SER B 235 -19.90 55.07 -19.98
CA SER B 235 -19.68 56.37 -20.59
C SER B 235 -19.48 57.43 -19.52
N TYR B 236 -18.83 58.52 -19.91
CA TYR B 236 -18.55 59.68 -19.06
C TYR B 236 -17.80 59.30 -17.79
N ASN B 237 -16.87 58.36 -17.90
CA ASN B 237 -16.26 57.72 -16.74
C ASN B 237 -14.85 58.25 -16.52
N GLY B 238 -14.73 59.35 -15.81
CA GLY B 238 -13.40 59.77 -15.43
C GLY B 238 -13.28 61.29 -15.49
N ASN B 239 -12.12 61.73 -15.97
CA ASN B 239 -11.72 63.12 -15.94
C ASN B 239 -12.15 63.89 -17.18
N ARG B 240 -12.91 63.25 -18.08
CA ARG B 240 -13.20 63.85 -19.38
C ARG B 240 -14.01 65.13 -19.25
N GLU B 241 -14.77 65.28 -18.17
CA GLU B 241 -15.67 66.42 -18.07
C GLU B 241 -14.93 67.74 -17.93
N GLN B 242 -13.63 67.72 -17.63
CA GLN B 242 -12.91 68.94 -17.32
C GLN B 242 -11.65 69.17 -18.14
N LEU B 243 -11.05 68.13 -18.70
CA LEU B 243 -9.77 68.31 -19.39
C LEU B 243 -9.95 69.13 -20.67
N GLU B 244 -8.90 69.85 -21.03
CA GLU B 244 -8.95 70.78 -22.16
C GLU B 244 -8.84 70.03 -23.48
N GLU B 245 -9.65 70.44 -24.45
CA GLU B 245 -9.70 69.79 -25.74
C GLU B 245 -8.52 70.21 -26.62
N TYR B 246 -8.16 69.33 -27.55
CA TYR B 246 -7.10 69.56 -28.53
C TYR B 246 -5.74 69.80 -27.88
N ASN B 247 -5.53 69.29 -26.68
CA ASN B 247 -4.25 69.43 -25.98
C ASN B 247 -3.79 68.04 -25.58
N LYS B 248 -2.56 67.69 -25.97
CA LYS B 248 -2.07 66.33 -25.76
C LYS B 248 -1.68 66.06 -24.31
N ASP B 249 -1.13 67.06 -23.61
CA ASP B 249 -0.61 66.84 -22.27
C ASP B 249 -1.53 67.48 -21.24
N GLN B 250 -1.97 66.69 -20.26
CA GLN B 250 -2.75 67.12 -19.10
C GLN B 250 -2.88 65.90 -18.20
N ASN B 251 -3.57 66.09 -17.07
CA ASN B 251 -3.66 65.02 -16.07
C ASN B 251 -4.30 63.76 -16.65
N MET B 252 -5.46 63.91 -17.28
CA MET B 252 -6.07 62.86 -18.09
C MET B 252 -6.28 61.57 -17.28
N TYR B 253 -7.18 61.66 -16.31
CA TYR B 253 -7.42 60.61 -15.33
C TYR B 253 -8.73 59.89 -15.66
N GLY B 254 -9.00 58.82 -14.92
CA GLY B 254 -10.19 58.02 -15.13
C GLY B 254 -9.96 56.90 -16.13
N ASP B 255 -10.83 55.88 -16.06
CA ASP B 255 -10.62 54.70 -16.89
C ASP B 255 -11.95 53.98 -17.05
N GLY B 256 -11.98 53.08 -18.03
CA GLY B 256 -13.14 52.23 -18.26
C GLY B 256 -12.75 50.82 -18.66
N LEU B 257 -13.36 49.82 -18.02
CA LEU B 257 -13.11 48.42 -18.32
C LEU B 257 -11.64 48.05 -18.18
N ARG B 258 -11.02 48.51 -17.10
CA ARG B 258 -9.64 48.12 -16.82
C ARG B 258 -9.62 46.62 -16.53
N ILE B 259 -9.10 45.83 -17.47
CA ILE B 259 -9.11 44.38 -17.40
C ILE B 259 -7.68 43.88 -17.36
N PHE B 260 -7.31 43.23 -16.26
CA PHE B 260 -5.98 42.66 -16.09
C PHE B 260 -6.09 41.15 -15.95
N ASN B 261 -5.41 40.42 -16.86
CA ASN B 261 -5.38 38.96 -16.83
C ASN B 261 -6.77 38.37 -16.71
N SER B 262 -7.69 38.88 -17.51
CA SER B 262 -9.08 38.45 -17.43
C SER B 262 -9.67 38.42 -18.83
N SER B 263 -10.71 37.61 -18.99
CA SER B 263 -11.36 37.45 -20.28
C SER B 263 -12.68 38.22 -20.28
N LEU B 264 -12.86 39.06 -21.30
CA LEU B 264 -14.08 39.83 -21.47
C LEU B 264 -14.68 39.49 -22.83
N THR B 265 -16.00 39.31 -22.86
CA THR B 265 -16.73 39.04 -24.10
C THR B 265 -17.97 39.95 -24.16
N GLY B 266 -17.78 41.15 -24.66
CA GLY B 266 -18.89 42.06 -24.82
C GLY B 266 -18.92 42.76 -26.15
N ASN B 267 -19.98 42.53 -26.93
CA ASN B 267 -20.11 43.10 -28.25
C ASN B 267 -21.23 44.14 -28.26
N TYR B 268 -21.21 44.98 -29.29
CA TYR B 268 -22.18 46.06 -29.47
C TYR B 268 -22.21 47.01 -28.29
N MET B 269 -21.10 47.12 -27.57
CA MET B 269 -21.01 48.01 -26.42
C MET B 269 -20.93 49.47 -26.87
N THR B 270 -20.97 50.37 -25.90
CA THR B 270 -20.75 51.79 -26.13
C THR B 270 -19.93 52.35 -24.98
N VAL B 271 -18.82 53.00 -25.32
CA VAL B 271 -17.92 53.59 -24.32
C VAL B 271 -17.59 55.00 -24.83
N ASN B 272 -18.33 55.99 -24.36
CA ASN B 272 -18.20 57.35 -24.85
C ASN B 272 -17.70 58.28 -23.75
N ARG B 273 -16.85 59.23 -24.16
CA ARG B 273 -16.40 60.31 -23.29
C ARG B 273 -15.77 59.80 -21.99
N CYS B 274 -15.04 58.70 -22.07
CA CYS B 274 -14.36 58.17 -20.89
C CYS B 274 -13.14 59.02 -20.57
N GLY B 275 -12.35 58.58 -19.60
CA GLY B 275 -11.23 59.37 -19.13
C GLY B 275 -9.90 59.06 -19.78
N GLU B 276 -8.97 58.50 -19.02
CA GLU B 276 -7.65 58.22 -19.56
C GLU B 276 -7.70 57.16 -20.65
N ILE B 277 -8.51 56.12 -20.47
CA ILE B 277 -8.57 55.02 -21.42
C ILE B 277 -10.01 54.54 -21.51
N GLY B 278 -10.51 54.42 -22.74
CA GLY B 278 -11.88 53.94 -22.92
C GLY B 278 -12.03 52.48 -22.56
N ILE B 279 -11.24 51.61 -23.18
CA ILE B 279 -11.26 50.18 -22.92
C ILE B 279 -9.82 49.71 -22.77
N HIS B 280 -9.53 49.04 -21.66
CA HIS B 280 -8.16 48.68 -21.31
C HIS B 280 -8.05 47.16 -21.20
N PHE B 281 -7.10 46.59 -21.93
CA PHE B 281 -6.72 45.19 -21.79
C PHE B 281 -5.23 45.13 -21.51
N SER B 282 -4.82 44.30 -20.56
CA SER B 282 -3.42 44.26 -20.19
C SER B 282 -3.10 42.96 -19.48
N HIS B 283 -1.82 42.61 -19.48
CA HIS B 283 -1.27 41.49 -18.72
C HIS B 283 -1.98 40.18 -19.03
N GLY B 284 -1.99 39.84 -20.31
CA GLY B 284 -2.50 38.55 -20.74
C GLY B 284 -4.00 38.45 -20.90
N ALA B 285 -4.73 39.56 -20.81
CA ALA B 285 -6.17 39.52 -20.94
C ALA B 285 -6.57 39.05 -22.34
N SER B 286 -7.70 38.36 -22.42
CA SER B 286 -8.25 37.87 -23.69
C SER B 286 -9.57 38.56 -23.93
N GLY B 287 -9.56 39.58 -24.79
CA GLY B 287 -10.72 40.41 -25.02
C GLY B 287 -11.52 39.98 -26.24
N TYR B 288 -12.81 40.32 -26.23
CA TYR B 288 -13.71 40.06 -27.35
C TYR B 288 -14.75 41.19 -27.32
N ILE B 289 -14.48 42.26 -28.07
CA ILE B 289 -15.36 43.43 -28.13
C ILE B 289 -15.56 43.79 -29.60
N ASP B 290 -16.69 43.39 -30.17
CA ASP B 290 -16.97 43.61 -31.58
C ASP B 290 -18.16 44.55 -31.72
N PHE B 291 -18.16 45.32 -32.80
CA PHE B 291 -19.18 46.32 -33.11
C PHE B 291 -19.32 47.37 -32.03
N THR B 292 -18.39 47.43 -31.07
CA THR B 292 -18.46 48.42 -30.01
C THR B 292 -18.10 49.80 -30.55
N GLU B 293 -18.56 50.83 -29.84
CA GLU B 293 -18.36 52.21 -30.24
C GLU B 293 -17.69 52.98 -29.11
N ALA B 294 -16.43 53.33 -29.29
CA ALA B 294 -15.66 54.08 -28.31
C ALA B 294 -15.35 55.45 -28.89
N ARG B 295 -16.16 56.45 -28.54
CA ARG B 295 -16.10 57.76 -29.17
C ARG B 295 -15.78 58.83 -28.15
N PHE B 296 -14.99 59.82 -28.55
CA PHE B 296 -14.68 61.00 -27.75
C PHE B 296 -13.97 60.66 -26.45
N ASN B 297 -13.28 59.52 -26.38
CA ASN B 297 -12.50 59.21 -25.19
C ASN B 297 -11.35 60.20 -25.05
N GLY B 298 -10.85 60.34 -23.82
CA GLY B 298 -9.81 61.31 -23.56
C GLY B 298 -8.45 60.91 -24.09
N HIS B 299 -8.19 59.61 -24.22
CA HIS B 299 -6.87 59.12 -24.58
C HIS B 299 -6.98 57.61 -24.82
N HIS B 300 -6.30 57.13 -25.86
CA HIS B 300 -6.23 55.70 -26.18
C HIS B 300 -7.60 55.04 -26.09
N GLY B 301 -8.49 55.45 -26.99
CA GLY B 301 -9.84 54.93 -27.06
C GLY B 301 -9.96 53.43 -26.86
N LEU B 302 -9.02 52.68 -27.43
CA LEU B 302 -8.86 51.27 -27.14
C LEU B 302 -7.37 51.00 -27.07
N MET B 303 -6.96 50.18 -26.10
CA MET B 303 -5.53 49.94 -25.92
C MET B 303 -5.33 48.57 -25.30
N VAL B 304 -4.66 47.69 -26.04
CA VAL B 304 -4.38 46.33 -25.61
C VAL B 304 -2.88 46.18 -25.44
N THR B 305 -2.43 45.87 -24.23
CA THR B 305 -1.01 45.85 -23.94
C THR B 305 -0.60 44.53 -23.34
N THR B 306 0.68 44.22 -23.49
CA THR B 306 1.37 43.21 -22.70
C THR B 306 0.76 41.83 -22.88
N GLY B 307 0.80 41.35 -24.13
CA GLY B 307 0.34 40.02 -24.44
C GLY B 307 -1.16 39.87 -24.60
N SER B 308 -1.92 40.94 -24.46
CA SER B 308 -3.37 40.85 -24.56
C SER B 308 -3.80 40.45 -25.96
N GLN B 309 -4.92 39.75 -26.05
CA GLN B 309 -5.54 39.38 -27.31
C GLN B 309 -6.93 39.98 -27.35
N ALA B 310 -7.28 40.59 -28.47
CA ALA B 310 -8.57 41.25 -28.58
C ALA B 310 -9.13 41.05 -29.98
N SER B 311 -10.46 41.15 -30.07
CA SER B 311 -11.18 41.19 -31.33
C SER B 311 -11.97 42.49 -31.36
N ALA B 312 -11.82 43.25 -32.44
CA ALA B 312 -12.54 44.51 -32.56
C ALA B 312 -13.06 44.69 -33.98
N ARG B 313 -13.63 43.64 -34.55
CA ARG B 313 -14.12 43.71 -35.91
C ARG B 313 -15.32 44.65 -36.00
N ASN B 314 -15.33 45.49 -37.04
CA ASN B 314 -16.42 46.43 -37.30
C ASN B 314 -16.66 47.37 -36.12
N CYS B 315 -15.61 47.66 -35.36
CA CYS B 315 -15.71 48.53 -34.20
C CYS B 315 -15.36 49.96 -34.61
N LYS B 316 -16.02 50.94 -33.97
CA LYS B 316 -15.85 52.34 -34.32
C LYS B 316 -15.27 53.10 -33.14
N ILE B 317 -14.02 53.53 -33.27
CA ILE B 317 -13.34 54.35 -32.27
C ILE B 317 -12.88 55.63 -32.95
N THR B 318 -13.52 56.76 -32.62
CA THR B 318 -13.20 58.01 -33.28
C THR B 318 -13.16 59.13 -32.24
N ASP B 319 -12.60 60.26 -32.66
CA ASP B 319 -12.60 61.55 -31.96
C ASP B 319 -11.82 61.55 -30.66
N THR B 320 -11.10 60.48 -30.32
CA THR B 320 -10.29 60.50 -29.11
C THR B 320 -9.19 61.55 -29.23
N ILE B 321 -8.89 62.23 -28.12
CA ILE B 321 -7.88 63.29 -28.14
C ILE B 321 -6.52 62.73 -28.53
N ASP B 322 -6.10 61.66 -27.86
CA ASP B 322 -4.87 60.97 -28.18
C ASP B 322 -5.18 59.82 -29.15
N ASP B 323 -4.23 58.90 -29.31
CA ASP B 323 -4.35 57.76 -30.22
C ASP B 323 -5.71 57.10 -30.09
N ASN B 324 -6.23 56.60 -31.22
CA ASN B 324 -7.51 55.91 -31.18
C ASN B 324 -7.36 54.47 -30.72
N VAL B 325 -6.47 53.71 -31.36
CA VAL B 325 -6.24 52.31 -31.03
C VAL B 325 -4.75 52.10 -30.82
N VAL B 326 -4.41 51.40 -29.75
CA VAL B 326 -3.02 51.13 -29.41
C VAL B 326 -2.84 49.64 -29.19
N SER B 327 -1.85 49.05 -29.84
CA SER B 327 -1.42 47.69 -29.58
C SER B 327 0.01 47.76 -29.07
N TYR B 328 0.21 47.39 -27.82
CA TYR B 328 1.44 47.70 -27.09
C TYR B 328 2.04 46.43 -26.52
N ALA B 329 3.36 46.33 -26.61
CA ALA B 329 4.12 45.26 -25.95
C ALA B 329 3.63 43.87 -26.35
N SER B 330 3.77 43.56 -27.64
CA SER B 330 3.49 42.24 -28.20
C SER B 330 2.05 41.82 -28.05
N SER B 331 1.10 42.73 -28.21
CA SER B 331 -0.31 42.37 -28.14
C SER B 331 -0.82 41.95 -29.51
N ASP B 332 -1.95 41.24 -29.51
CA ASP B 332 -2.63 40.82 -30.73
C ASP B 332 -4.02 41.45 -30.72
N ILE B 333 -4.41 42.03 -31.86
CA ILE B 333 -5.69 42.71 -31.97
C ILE B 333 -6.14 42.67 -33.42
N ASP B 334 -7.45 42.50 -33.61
CA ASP B 334 -8.05 42.45 -34.94
C ASP B 334 -8.98 43.63 -35.11
N LEU B 335 -8.81 44.38 -36.20
CA LEU B 335 -9.71 45.45 -36.60
C LEU B 335 -10.03 45.24 -38.08
N ARG B 336 -11.00 44.38 -38.36
CA ARG B 336 -11.22 43.95 -39.75
C ARG B 336 -11.68 45.11 -40.62
N SER B 337 -12.86 45.67 -40.32
CA SER B 337 -13.34 46.87 -41.00
C SER B 337 -13.78 47.85 -39.93
N SER B 338 -12.82 48.59 -39.39
CA SER B 338 -13.04 49.40 -38.20
C SER B 338 -12.70 50.86 -38.50
N ASP B 339 -13.63 51.76 -38.21
CA ASP B 339 -13.43 53.18 -38.39
C ASP B 339 -12.64 53.72 -37.21
N CYS B 340 -11.41 54.16 -37.45
CA CYS B 340 -10.55 54.75 -36.43
C CYS B 340 -10.01 56.06 -36.99
N SER B 341 -10.79 57.13 -36.85
CA SER B 341 -10.49 58.39 -37.52
C SER B 341 -10.77 59.57 -36.61
N ASN B 342 -10.48 60.76 -37.11
CA ASN B 342 -10.77 62.04 -36.47
C ASN B 342 -10.09 62.20 -35.12
N SER B 343 -9.00 61.48 -34.87
CA SER B 343 -8.22 61.70 -33.66
C SER B 343 -7.73 63.13 -33.61
N GLN B 344 -7.83 63.76 -32.45
CA GLN B 344 -7.63 65.20 -32.36
C GLN B 344 -6.16 65.57 -32.41
N THR B 345 -5.27 64.73 -31.88
CA THR B 345 -3.89 65.15 -31.73
C THR B 345 -2.87 64.11 -32.21
N THR B 346 -3.21 62.83 -32.22
CA THR B 346 -2.18 61.83 -32.49
C THR B 346 -2.78 60.73 -33.34
N TYR B 347 -1.90 60.06 -34.09
CA TYR B 347 -2.32 59.06 -35.06
C TYR B 347 -3.21 57.97 -34.46
N GLY B 348 -4.27 57.63 -35.21
CA GLY B 348 -5.33 56.81 -34.65
C GLY B 348 -4.91 55.38 -34.36
N VAL B 349 -4.21 54.76 -35.30
CA VAL B 349 -3.81 53.36 -35.16
C VAL B 349 -2.30 53.31 -34.98
N ILE B 350 -1.87 52.79 -33.85
CA ILE B 350 -0.45 52.73 -33.49
C ILE B 350 -0.14 51.35 -32.93
N ALA B 351 1.00 50.80 -33.34
CA ALA B 351 1.47 49.52 -32.83
C ALA B 351 2.94 49.67 -32.46
N THR B 352 3.25 49.63 -31.17
CA THR B 352 4.61 49.75 -30.69
C THR B 352 5.02 48.49 -29.95
N ARG B 353 6.33 48.29 -29.86
CA ARG B 353 6.93 47.22 -29.07
C ARG B 353 6.42 45.85 -29.51
N SER B 354 6.66 45.52 -30.77
CA SER B 354 6.51 44.17 -31.31
C SER B 354 5.08 43.65 -31.25
N SER B 355 4.09 44.51 -31.38
CA SER B 355 2.70 44.06 -31.38
C SER B 355 2.24 43.79 -32.82
N ASN B 356 1.04 43.22 -32.94
CA ASN B 356 0.44 42.92 -34.22
C ASN B 356 -0.96 43.49 -34.28
N ILE B 357 -1.35 43.96 -35.47
CA ILE B 357 -2.70 44.44 -35.73
C ILE B 357 -3.12 43.89 -37.09
N ASN B 358 -4.43 43.81 -37.31
CA ASN B 358 -5.00 43.41 -38.60
C ASN B 358 -6.04 44.46 -38.98
N PHE B 359 -5.59 45.52 -39.66
CA PHE B 359 -6.45 46.61 -40.09
C PHE B 359 -6.94 46.36 -41.52
N ASP B 360 -7.64 45.23 -41.68
CA ASP B 360 -7.86 44.66 -43.01
C ASP B 360 -8.56 45.64 -43.94
N LYS B 361 -9.63 46.27 -43.48
CA LYS B 361 -10.33 47.22 -44.33
C LYS B 361 -10.73 48.49 -43.59
N GLY B 362 -10.06 48.80 -42.47
CA GLY B 362 -10.44 49.97 -41.71
C GLY B 362 -10.07 51.26 -42.42
N ILE B 363 -10.50 52.37 -41.82
CA ILE B 363 -10.23 53.70 -42.35
C ILE B 363 -9.62 54.53 -41.22
N ALA B 364 -8.85 55.54 -41.59
CA ALA B 364 -8.20 56.43 -40.62
C ALA B 364 -7.98 57.78 -41.29
N ASN B 365 -8.88 58.73 -41.02
CA ASN B 365 -8.84 60.04 -41.65
C ASN B 365 -8.82 61.14 -40.61
N GLY B 366 -8.10 62.20 -40.89
CA GLY B 366 -8.18 63.42 -40.11
C GLY B 366 -7.43 63.43 -38.80
N CYS B 367 -6.62 62.41 -38.52
CA CYS B 367 -5.87 62.39 -37.27
C CYS B 367 -4.90 63.56 -37.20
N GLY B 368 -4.68 64.07 -35.99
CA GLY B 368 -3.76 65.18 -35.83
C GLY B 368 -2.36 64.83 -36.24
N ALA B 369 -1.90 63.64 -35.88
CA ALA B 369 -0.68 63.06 -36.39
C ALA B 369 -1.01 62.21 -37.62
N SER B 370 -0.08 61.33 -38.00
CA SER B 370 -0.22 60.52 -39.21
C SER B 370 -1.46 59.64 -39.19
N GLY B 371 -1.72 58.94 -40.30
CA GLY B 371 -2.90 58.11 -40.36
C GLY B 371 -2.73 56.79 -39.61
N ILE B 372 -1.77 55.99 -40.04
CA ILE B 372 -1.48 54.69 -39.44
C ILE B 372 -0.01 54.67 -39.04
N MET B 373 0.26 54.23 -37.81
CA MET B 373 1.61 54.18 -37.31
C MET B 373 1.93 52.76 -36.84
N ALA B 374 3.19 52.38 -37.01
CA ALA B 374 3.66 51.07 -36.57
C ALA B 374 5.18 51.13 -36.46
N ASN B 375 5.71 50.95 -35.25
CA ASN B 375 7.14 51.08 -35.07
C ASN B 375 7.63 50.10 -34.02
N ARG B 376 8.95 49.90 -34.02
CA ARG B 376 9.64 49.11 -33.01
C ARG B 376 9.22 47.63 -33.07
N GLY B 377 9.35 47.04 -34.25
CA GLY B 377 9.18 45.62 -34.42
C GLY B 377 7.79 45.15 -34.76
N CYS B 378 6.81 46.04 -34.82
CA CYS B 378 5.43 45.64 -34.98
C CYS B 378 5.10 45.28 -36.43
N SER B 379 3.88 44.83 -36.64
CA SER B 379 3.39 44.44 -37.95
C SER B 379 1.89 44.77 -38.05
N ILE B 380 1.49 45.36 -39.17
CA ILE B 380 0.10 45.70 -39.43
C ILE B 380 -0.26 45.24 -40.82
N ASP B 381 -1.49 44.77 -40.99
CA ASP B 381 -2.03 44.41 -42.30
C ASP B 381 -3.19 45.35 -42.62
N ALA B 382 -3.02 46.17 -43.65
CA ALA B 382 -4.01 47.16 -44.05
C ALA B 382 -4.16 47.14 -45.56
N THR B 383 -5.03 46.27 -46.08
CA THR B 383 -5.12 46.10 -47.52
C THR B 383 -6.16 47.03 -48.15
N GLY B 384 -7.38 47.02 -47.63
CA GLY B 384 -8.40 47.91 -48.16
C GLY B 384 -8.42 49.23 -47.43
N ALA B 385 -7.34 49.51 -46.71
CA ALA B 385 -7.32 50.64 -45.78
C ALA B 385 -7.43 51.97 -46.52
N THR B 386 -7.70 53.02 -45.74
CA THR B 386 -7.77 54.39 -46.23
C THR B 386 -7.12 55.29 -45.19
N ALA B 387 -6.32 56.26 -45.66
CA ALA B 387 -5.69 57.22 -44.77
C ALA B 387 -5.57 58.55 -45.53
N SER B 388 -6.56 59.41 -45.34
CA SER B 388 -6.63 60.66 -46.07
C SER B 388 -6.84 61.83 -45.11
N ARG B 389 -6.41 63.00 -45.55
CA ARG B 389 -6.63 64.29 -44.89
C ARG B 389 -5.96 64.38 -43.52
N ASN B 390 -5.02 63.50 -43.20
CA ASN B 390 -4.31 63.61 -41.94
C ASN B 390 -3.27 64.71 -42.02
N LYS B 391 -3.04 65.38 -40.88
CA LYS B 391 -2.09 66.48 -40.88
C LYS B 391 -0.67 66.00 -41.19
N TRP B 392 -0.29 64.86 -40.63
CA TRP B 392 0.98 64.21 -40.93
C TRP B 392 0.76 63.10 -41.97
N HIS B 393 1.77 62.23 -42.09
CA HIS B 393 1.81 61.21 -43.15
C HIS B 393 0.53 60.38 -43.18
N GLY B 394 0.31 59.73 -44.33
CA GLY B 394 -0.82 58.83 -44.44
C GLY B 394 -0.56 57.49 -43.77
N VAL B 395 0.54 56.85 -44.13
CA VAL B 395 0.98 55.60 -43.51
C VAL B 395 2.46 55.71 -43.23
N ILE B 396 2.86 55.45 -41.99
CA ILE B 396 4.25 55.54 -41.59
C ILE B 396 4.63 54.28 -40.83
N ALA B 397 5.79 53.72 -41.18
CA ALA B 397 6.35 52.58 -40.47
C ALA B 397 7.78 52.92 -40.07
N SER B 398 8.11 52.71 -38.81
CA SER B 398 9.41 53.09 -38.29
C SER B 398 10.03 51.91 -37.53
N ASN B 399 11.33 52.02 -37.29
CA ASN B 399 12.07 51.13 -36.40
C ASN B 399 11.72 49.66 -36.61
N ASN B 400 11.98 49.19 -37.82
CA ASN B 400 11.92 47.76 -38.14
C ASN B 400 10.49 47.21 -38.02
N SER B 401 9.52 47.94 -38.54
CA SER B 401 8.14 47.51 -38.54
C SER B 401 7.63 47.32 -39.97
N LYS B 402 6.69 46.40 -40.13
CA LYS B 402 6.17 46.05 -41.45
C LYS B 402 4.70 46.41 -41.54
N VAL B 403 4.33 47.17 -42.56
CA VAL B 403 2.94 47.54 -42.82
C VAL B 403 2.60 47.15 -44.25
N ASP B 404 1.45 46.49 -44.42
CA ASP B 404 0.96 46.08 -45.72
C ASP B 404 -0.10 47.08 -46.17
N PHE B 405 0.00 47.54 -47.41
CA PHE B 405 -0.92 48.53 -47.97
C PHE B 405 -1.32 48.15 -49.39
N THR B 406 -1.74 46.89 -49.56
CA THR B 406 -1.90 46.30 -50.90
C THR B 406 -2.74 47.17 -51.82
N SER B 407 -3.86 47.69 -51.32
CA SER B 407 -4.73 48.51 -52.15
C SER B 407 -5.23 49.74 -51.39
N GLY B 408 -4.40 50.28 -50.50
CA GLY B 408 -4.82 51.40 -49.69
C GLY B 408 -4.82 52.70 -50.45
N ASN B 409 -5.43 53.71 -49.82
CA ASN B 409 -5.48 55.06 -50.35
C ASN B 409 -4.84 56.01 -49.35
N ALA B 410 -3.95 56.88 -49.84
CA ALA B 410 -3.29 57.89 -49.02
C ALA B 410 -3.37 59.22 -49.78
N ASN B 411 -4.43 59.98 -49.56
CA ASN B 411 -4.69 61.18 -50.33
C ASN B 411 -4.76 62.39 -49.42
N GLU B 412 -4.39 63.56 -49.96
CA GLU B 412 -4.57 64.85 -49.31
C GLU B 412 -3.96 64.89 -47.91
N ASN B 413 -2.87 64.16 -47.70
CA ASN B 413 -2.19 64.22 -46.41
C ASN B 413 -1.25 65.42 -46.38
N GLY B 414 -1.07 65.98 -45.18
CA GLY B 414 -0.18 67.12 -45.04
C GLY B 414 1.27 66.77 -45.34
N LEU B 415 1.74 65.65 -44.83
CA LEU B 415 3.08 65.14 -45.09
C LEU B 415 2.99 63.98 -46.08
N ASP B 416 4.12 63.27 -46.23
CA ASP B 416 4.24 62.21 -47.23
C ASP B 416 3.09 61.21 -47.14
N GLY B 417 2.62 60.76 -48.31
CA GLY B 417 1.50 59.84 -48.33
C GLY B 417 1.81 58.50 -47.69
N ILE B 418 2.96 57.92 -48.05
CA ILE B 418 3.43 56.67 -47.46
C ILE B 418 4.88 56.88 -47.06
N GLN B 419 5.25 56.39 -45.88
CA GLN B 419 6.54 56.70 -45.30
C GLN B 419 7.16 55.44 -44.74
N CYS B 420 8.49 55.40 -44.74
CA CYS B 420 9.26 54.32 -44.12
C CYS B 420 10.45 54.93 -43.41
N THR B 421 10.95 54.25 -42.39
CA THR B 421 11.96 54.83 -41.54
C THR B 421 12.73 53.75 -40.79
N HIS B 422 14.04 53.70 -41.05
CA HIS B 422 14.97 52.84 -40.33
C HIS B 422 14.57 51.36 -40.40
N GLY B 423 14.63 50.84 -41.62
CA GLY B 423 14.47 49.41 -41.85
C GLY B 423 13.06 48.94 -42.05
N SER B 424 12.07 49.82 -41.87
CA SER B 424 10.68 49.42 -42.06
C SER B 424 10.39 49.15 -43.52
N THR B 425 9.64 48.09 -43.79
CA THR B 425 9.24 47.72 -45.14
C THR B 425 7.72 47.84 -45.26
N VAL B 426 7.27 48.77 -46.10
CA VAL B 426 5.85 48.95 -46.39
C VAL B 426 5.58 48.44 -47.79
N GLN B 427 4.62 47.53 -47.90
CA GLN B 427 4.26 46.92 -49.17
C GLN B 427 2.93 47.51 -49.63
N ALA B 428 2.95 48.28 -50.70
CA ALA B 428 1.75 48.91 -51.27
C ALA B 428 1.69 48.54 -52.74
N ARG B 429 1.15 47.35 -53.03
CA ARG B 429 1.23 46.81 -54.38
C ARG B 429 0.43 47.64 -55.38
N LEU B 430 -0.79 48.01 -55.02
CA LEU B 430 -1.64 48.79 -55.92
C LEU B 430 -2.20 50.03 -55.25
N SER B 431 -1.50 50.58 -54.27
CA SER B 431 -2.01 51.72 -53.51
C SER B 431 -2.14 52.95 -54.40
N THR B 432 -3.12 53.78 -54.07
CA THR B 432 -3.36 55.05 -54.76
C THR B 432 -3.00 56.18 -53.80
N THR B 433 -1.89 56.86 -54.09
CA THR B 433 -1.40 57.96 -53.25
C THR B 433 -1.32 59.21 -54.12
N ASN B 434 -2.43 59.93 -54.23
CA ASN B 434 -2.47 61.15 -55.03
C ASN B 434 -3.14 62.27 -54.25
N GLY B 435 -2.67 63.49 -54.49
CA GLY B 435 -3.20 64.66 -53.84
C GLY B 435 -2.48 65.10 -52.59
N ASN B 436 -1.36 64.46 -52.24
CA ASN B 436 -0.68 64.78 -50.99
C ASN B 436 0.01 66.13 -51.08
N LYS B 437 0.28 66.70 -49.90
CA LYS B 437 0.98 67.98 -49.83
C LYS B 437 2.50 67.83 -49.86
N ARG B 438 3.00 66.60 -49.79
CA ARG B 438 4.44 66.34 -49.91
C ARG B 438 4.59 65.02 -50.66
N ASN B 439 5.78 64.42 -50.56
CA ASN B 439 6.13 63.22 -51.30
C ASN B 439 5.01 62.20 -51.32
N GLY B 440 4.69 61.69 -52.50
CA GLY B 440 3.68 60.65 -52.60
C GLY B 440 4.06 59.39 -51.85
N VAL B 441 5.36 59.06 -51.86
CA VAL B 441 5.88 57.92 -51.12
C VAL B 441 7.37 58.16 -50.88
N LEU B 442 7.82 57.89 -49.65
CA LEU B 442 9.18 58.19 -49.25
C LEU B 442 9.80 56.96 -48.61
N ALA B 443 11.12 56.83 -48.77
CA ALA B 443 11.90 55.79 -48.11
C ALA B 443 13.06 56.46 -47.40
N TYR B 444 13.01 56.49 -46.07
CA TYR B 444 14.02 57.12 -45.23
C TYR B 444 14.75 55.99 -44.51
N ALA B 445 15.84 55.51 -45.12
CA ALA B 445 16.59 54.38 -44.58
C ALA B 445 15.71 53.15 -44.40
N GLY B 446 14.77 52.94 -45.32
CA GLY B 446 13.89 51.80 -45.25
C GLY B 446 13.46 51.38 -46.64
N ASP B 447 12.80 50.22 -46.70
CA ASP B 447 12.41 49.62 -47.96
C ASP B 447 10.93 49.88 -48.23
N VAL B 448 10.60 50.14 -49.48
CA VAL B 448 9.21 50.28 -49.93
C VAL B 448 9.05 49.48 -51.21
N TYR B 449 7.99 48.70 -51.29
CA TYR B 449 7.71 47.88 -52.47
C TYR B 449 6.31 48.21 -52.97
N CYS B 450 6.20 48.69 -54.20
CA CYS B 450 4.94 49.16 -54.75
C CYS B 450 4.89 48.82 -56.24
N GLN B 451 4.21 47.72 -56.58
CA GLN B 451 4.25 47.23 -57.95
C GLN B 451 3.71 48.24 -58.95
N GLU B 452 2.51 48.76 -58.70
CA GLU B 452 1.86 49.68 -59.63
C GLU B 452 1.24 50.86 -58.88
N ILE B 453 2.03 51.49 -58.01
CA ILE B 453 1.52 52.57 -57.18
C ILE B 453 1.09 53.74 -58.05
N ASN B 454 -0.10 54.27 -57.78
CA ASN B 454 -0.65 55.40 -58.51
C ASN B 454 -0.38 56.69 -57.73
N CYS B 455 0.45 57.56 -58.28
CA CYS B 455 0.72 58.87 -57.72
C CYS B 455 0.30 59.96 -58.70
N ASP B 456 -0.16 61.08 -58.16
CA ASP B 456 -0.64 62.18 -58.98
C ASP B 456 -0.80 63.42 -58.12
N GLY B 457 -0.43 64.57 -58.67
CA GLY B 457 -0.64 65.82 -57.96
C GLY B 457 0.04 65.93 -56.62
N ASN B 458 1.14 65.20 -56.42
CA ASN B 458 1.83 65.25 -55.13
C ASN B 458 2.40 66.64 -54.89
N GLY B 459 2.53 67.01 -53.62
CA GLY B 459 3.01 68.33 -53.29
C GLY B 459 4.47 68.55 -53.70
N ARG B 460 5.29 67.51 -53.59
CA ARG B 460 6.72 67.67 -53.82
C ARG B 460 7.35 66.30 -54.06
N ARG B 461 8.10 66.18 -55.16
CA ARG B 461 9.04 65.09 -55.41
C ARG B 461 8.38 63.73 -55.58
N GLY B 462 7.06 63.63 -55.41
CA GLY B 462 6.36 62.38 -55.64
C GLY B 462 6.98 61.17 -54.99
N LEU B 463 7.47 60.24 -55.81
CA LEU B 463 8.16 59.05 -55.33
C LEU B 463 9.62 59.37 -55.05
N GLU B 464 10.15 58.85 -53.94
CA GLU B 464 11.50 59.22 -53.52
C GLU B 464 12.09 58.11 -52.66
N ALA B 465 13.42 58.01 -52.70
CA ALA B 465 14.18 57.17 -51.79
C ALA B 465 15.33 57.99 -51.24
N THR B 466 15.70 57.73 -49.99
CA THR B 466 16.68 58.59 -49.32
C THR B 466 17.45 57.81 -48.28
N ARG B 467 18.69 58.21 -48.07
CA ARG B 467 19.51 57.80 -46.93
C ARG B 467 19.60 56.28 -46.81
N GLY B 468 19.99 55.64 -47.91
CA GLY B 468 20.19 54.20 -47.90
C GLY B 468 18.93 53.37 -48.06
N GLY B 469 17.79 53.99 -48.32
CA GLY B 469 16.57 53.24 -48.52
C GLY B 469 16.59 52.48 -49.83
N TYR B 470 15.42 51.97 -50.19
CA TYR B 470 15.24 51.24 -51.43
C TYR B 470 13.77 51.23 -51.79
N VAL B 471 13.46 51.51 -53.06
CA VAL B 471 12.09 51.49 -53.56
C VAL B 471 12.04 50.59 -54.78
N ALA B 472 11.09 49.66 -54.79
CA ALA B 472 10.87 48.78 -55.92
C ALA B 472 9.49 49.06 -56.50
N ALA B 473 9.43 49.41 -57.78
CA ALA B 473 8.16 49.74 -58.42
C ALA B 473 8.24 49.32 -59.88
N TYR B 474 7.78 48.11 -60.17
CA TYR B 474 7.91 47.59 -61.53
C TYR B 474 7.08 48.42 -62.51
N GLY B 475 5.87 48.82 -62.12
CA GLY B 475 5.00 49.53 -63.02
C GLY B 475 4.41 50.80 -62.46
N ALA B 476 5.19 51.56 -61.70
CA ALA B 476 4.71 52.78 -61.08
C ALA B 476 4.17 53.73 -62.13
N LYS B 477 3.24 54.59 -61.72
CA LYS B 477 2.57 55.52 -62.61
C LYS B 477 2.51 56.92 -61.99
N VAL B 478 3.64 57.39 -61.46
CA VAL B 478 3.65 58.71 -60.85
C VAL B 478 3.47 59.77 -61.93
N SER B 479 2.96 60.93 -61.51
CA SER B 479 2.56 61.96 -62.47
C SER B 479 2.28 63.26 -61.75
N ARG B 480 2.42 64.36 -62.48
CA ARG B 480 1.99 65.69 -62.04
C ARG B 480 2.54 66.07 -60.67
N SER B 481 3.81 65.73 -60.44
CA SER B 481 4.49 66.13 -59.21
C SER B 481 5.07 67.52 -59.40
N LYS B 482 4.89 68.39 -58.40
CA LYS B 482 5.41 69.75 -58.50
C LYS B 482 6.92 69.74 -58.62
N ASP B 483 7.58 68.81 -57.94
CA ASP B 483 9.01 68.60 -58.09
C ASP B 483 9.25 67.36 -58.95
N ASP B 484 10.51 66.93 -59.00
CA ASP B 484 10.89 65.78 -59.83
C ASP B 484 10.15 64.53 -59.40
N ASN B 485 9.63 63.79 -60.38
CA ASN B 485 8.77 62.64 -60.08
C ASN B 485 9.50 61.58 -59.26
N VAL B 486 10.67 61.15 -59.72
CA VAL B 486 11.42 60.08 -59.06
C VAL B 486 12.81 60.60 -58.75
N LEU B 487 13.16 60.62 -57.47
CA LEU B 487 14.47 61.07 -57.03
C LEU B 487 15.08 59.99 -56.13
N ALA B 488 16.38 59.77 -56.27
CA ALA B 488 17.11 58.77 -55.49
C ALA B 488 18.28 59.48 -54.81
N TYR B 489 18.03 60.03 -53.63
CA TYR B 489 19.02 60.82 -52.91
C TYR B 489 19.97 59.86 -52.21
N GLY B 490 20.93 59.32 -52.95
CA GLY B 490 21.87 58.38 -52.36
C GLY B 490 21.27 57.04 -52.05
N SER B 491 20.20 56.65 -52.75
CA SER B 491 19.54 55.37 -52.54
C SER B 491 19.24 54.75 -53.90
N MET B 492 18.79 53.51 -53.89
CA MET B 492 18.48 52.78 -55.11
C MET B 492 16.98 52.72 -55.34
N ILE B 493 16.59 52.78 -56.61
CA ILE B 493 15.20 52.63 -57.01
C ILE B 493 15.14 51.69 -58.19
N SER B 494 14.14 50.81 -58.20
CA SER B 494 13.97 49.82 -59.26
C SER B 494 12.61 50.06 -59.92
N ILE B 495 12.59 50.94 -60.92
CA ILE B 495 11.40 51.16 -61.72
C ILE B 495 11.64 50.62 -63.12
N ASN B 496 11.31 49.34 -63.33
CA ASN B 496 11.68 48.69 -64.58
C ASN B 496 10.83 49.19 -65.74
N GLU B 497 9.52 49.30 -65.55
CA GLU B 497 8.65 49.74 -66.64
C GLU B 497 7.68 50.81 -66.18
N ALA B 498 8.15 51.72 -65.33
CA ALA B 498 7.30 52.79 -64.83
C ALA B 498 6.82 53.69 -65.95
N LEU B 499 5.87 54.55 -65.63
CA LEU B 499 5.31 55.52 -66.57
C LEU B 499 5.22 56.85 -65.85
N ILE B 500 6.17 57.76 -66.13
CA ILE B 500 6.18 59.09 -65.52
C ILE B 500 5.66 60.06 -66.56
N GLU B 501 5.03 61.14 -66.09
CA GLU B 501 4.52 62.14 -67.01
C GLU B 501 4.22 63.43 -66.24
N ARG B 502 4.21 64.53 -66.99
CA ARG B 502 3.80 65.85 -66.48
C ARG B 502 4.61 66.26 -65.26
N ALA B 503 5.87 65.82 -65.19
CA ALA B 503 6.72 66.17 -64.07
C ALA B 503 7.00 67.67 -64.04
N GLY B 504 6.89 68.27 -62.86
CA GLY B 504 7.23 69.68 -62.73
C GLY B 504 8.71 69.94 -62.93
N ARG B 505 9.54 69.00 -62.50
CA ARG B 505 10.99 69.08 -62.68
C ARG B 505 11.49 67.80 -63.33
N ASN B 506 12.79 67.57 -63.29
CA ASN B 506 13.43 66.41 -63.92
C ASN B 506 12.59 65.14 -63.77
N GLY B 507 12.37 64.45 -64.89
CA GLY B 507 11.57 63.24 -64.84
C GLY B 507 12.18 62.18 -63.95
N ILE B 508 13.48 61.94 -64.10
CA ILE B 508 14.23 61.04 -63.25
C ILE B 508 15.49 61.76 -62.78
N GLU B 509 15.73 61.77 -61.48
CA GLU B 509 16.93 62.38 -60.93
C GLU B 509 17.62 61.39 -60.02
N ALA B 510 18.92 61.19 -60.25
CA ALA B 510 19.74 60.31 -59.43
C ALA B 510 20.90 61.13 -58.90
N THR B 511 20.89 61.38 -57.60
CA THR B 511 21.82 62.32 -56.99
C THR B 511 22.63 61.64 -55.90
N ARG B 512 23.90 62.02 -55.81
CA ARG B 512 24.79 61.61 -54.72
C ARG B 512 24.96 60.09 -54.68
N GLY B 513 25.26 59.51 -55.84
CA GLY B 513 25.62 58.11 -55.92
C GLY B 513 24.46 57.13 -55.94
N GLY B 514 23.23 57.60 -56.01
CA GLY B 514 22.09 56.70 -55.97
C GLY B 514 21.69 56.14 -57.32
N GLN B 515 21.94 54.85 -57.52
CA GLN B 515 21.60 54.21 -58.79
C GLN B 515 20.08 54.12 -58.95
N ILE B 516 19.62 54.11 -60.20
CA ILE B 516 18.22 53.94 -60.53
C ILE B 516 18.11 52.94 -61.66
N PHE B 517 17.26 51.93 -61.49
CA PHE B 517 17.04 50.91 -62.50
C PHE B 517 15.83 51.26 -63.35
N ALA B 518 15.93 51.02 -64.64
CA ALA B 518 14.82 51.22 -65.57
C ALA B 518 15.05 50.40 -66.82
N ASP B 519 13.97 49.91 -67.42
CA ASP B 519 14.06 49.11 -68.62
C ASP B 519 13.35 49.73 -69.81
N ARG B 520 12.07 50.09 -69.66
CA ARG B 520 11.29 50.61 -70.76
C ARG B 520 10.42 51.78 -70.30
N ILE B 521 10.91 52.57 -69.35
CA ILE B 521 10.07 53.57 -68.71
C ILE B 521 9.76 54.69 -69.69
N THR B 522 8.49 55.08 -69.75
CA THR B 522 8.02 56.13 -70.65
C THR B 522 8.03 57.45 -69.89
N ILE B 523 8.75 58.44 -70.43
CA ILE B 523 8.86 59.75 -69.83
C ILE B 523 8.17 60.75 -70.75
N THR B 524 7.39 61.65 -70.18
CA THR B 524 6.61 62.58 -70.98
C THR B 524 6.42 63.90 -70.23
N GLY B 525 6.64 65.00 -70.94
CA GLY B 525 6.29 66.32 -70.43
C GLY B 525 7.00 66.74 -69.16
N SER B 526 8.26 66.36 -69.02
CA SER B 526 9.03 66.77 -67.84
C SER B 526 9.43 68.22 -67.94
N GLY B 527 9.47 68.90 -66.78
CA GLY B 527 9.89 70.29 -66.76
C GLY B 527 11.36 70.47 -67.12
N ASP B 528 12.22 69.57 -66.62
CA ASP B 528 13.64 69.61 -66.91
C ASP B 528 14.08 68.27 -67.50
N PHE B 529 15.39 68.04 -67.57
CA PHE B 529 15.96 66.84 -68.16
C PHE B 529 15.17 65.59 -67.78
N GLY B 530 14.79 64.81 -68.80
CA GLY B 530 14.04 63.60 -68.54
C GLY B 530 14.80 62.60 -67.69
N ILE B 531 16.10 62.49 -67.92
CA ILE B 531 16.98 61.66 -67.11
C ILE B 531 18.18 62.51 -66.70
N LEU B 532 18.46 62.54 -65.41
CA LEU B 532 19.58 63.32 -64.88
C LEU B 532 20.44 62.42 -64.01
N ALA B 533 21.74 62.42 -64.27
CA ALA B 533 22.70 61.68 -63.47
C ALA B 533 23.59 62.70 -62.77
N TYR B 534 23.63 62.63 -61.43
CA TYR B 534 24.39 63.55 -60.60
C TYR B 534 25.30 62.70 -59.73
N ALA B 535 26.46 62.34 -60.28
CA ALA B 535 27.39 61.38 -59.69
C ALA B 535 26.75 60.02 -59.41
N SER B 536 25.63 59.72 -60.08
CA SER B 536 24.88 58.50 -59.84
C SER B 536 24.57 57.82 -61.16
N LYS B 537 24.43 56.51 -61.13
CA LYS B 537 24.14 55.75 -62.34
C LYS B 537 22.64 55.68 -62.60
N VAL B 538 22.29 55.61 -63.88
CA VAL B 538 20.91 55.39 -64.31
C VAL B 538 20.94 54.38 -65.46
N PHE B 539 20.09 53.35 -65.38
CA PHE B 539 20.04 52.31 -66.39
C PHE B 539 18.69 52.36 -67.09
N ALA B 540 18.70 52.35 -68.41
CA ALA B 540 17.44 52.31 -69.18
C ALA B 540 17.74 51.63 -70.53
N GLU B 541 17.47 50.33 -70.61
CA GLU B 541 17.76 49.60 -71.84
C GLU B 541 16.94 50.16 -72.99
N ALA B 542 15.67 50.46 -72.77
CA ALA B 542 14.86 51.22 -73.70
C ALA B 542 14.31 52.43 -72.98
N SER B 543 13.55 53.25 -73.71
CA SER B 543 12.90 54.42 -73.13
C SER B 543 11.99 55.02 -74.19
N ASN B 544 11.15 55.96 -73.76
CA ASN B 544 10.31 56.74 -74.65
C ASN B 544 10.29 58.20 -74.22
N ILE B 545 11.47 58.74 -73.90
CA ILE B 545 11.57 60.10 -73.41
C ILE B 545 10.98 61.06 -74.43
N SER B 546 10.06 61.91 -73.98
CA SER B 546 9.38 62.83 -74.89
C SER B 546 8.99 64.08 -74.12
N GLY B 547 8.80 65.17 -74.86
CA GLY B 547 8.28 66.39 -74.29
C GLY B 547 9.13 66.98 -73.18
N THR B 548 10.44 66.84 -73.28
CA THR B 548 11.36 67.37 -72.28
C THR B 548 11.76 68.79 -72.68
N LYS B 549 11.48 69.75 -71.78
CA LYS B 549 11.80 71.14 -72.10
C LYS B 549 13.30 71.35 -72.25
N ASN B 550 14.09 70.76 -71.36
CA ASN B 550 15.54 70.84 -71.45
C ASN B 550 16.06 69.61 -72.20
N GLU B 551 17.36 69.39 -72.14
CA GLU B 551 17.96 68.27 -72.85
C GLU B 551 17.51 66.95 -72.22
N PRO B 552 17.17 65.95 -73.04
CA PRO B 552 16.59 64.71 -72.50
C PRO B 552 17.49 63.97 -71.51
N VAL B 553 18.69 63.60 -71.93
CA VAL B 553 19.60 62.82 -71.09
C VAL B 553 20.74 63.73 -70.64
N TYR B 554 20.97 63.77 -69.34
CA TYR B 554 21.96 64.66 -68.74
C TYR B 554 22.78 63.87 -67.74
N ALA B 555 24.05 64.24 -67.59
CA ALA B 555 24.95 63.55 -66.67
C ALA B 555 26.10 64.47 -66.31
N THR B 556 26.42 64.52 -65.01
CA THR B 556 27.39 65.50 -64.51
C THR B 556 28.09 64.91 -63.30
N ARG B 557 29.31 65.42 -63.04
CA ARG B 557 30.12 65.04 -61.88
C ARG B 557 30.28 63.52 -61.80
N GLY B 558 30.56 62.91 -62.93
CA GLY B 558 30.69 61.47 -62.98
C GLY B 558 29.36 60.78 -63.22
N GLY B 559 29.33 59.49 -62.93
CA GLY B 559 28.13 58.70 -63.10
C GLY B 559 27.94 58.28 -64.54
N GLU B 560 27.06 57.30 -64.73
CA GLU B 560 26.81 56.74 -66.04
C GLU B 560 25.32 56.74 -66.35
N VAL B 561 25.02 56.73 -67.64
CA VAL B 561 23.70 56.39 -68.14
C VAL B 561 23.90 55.40 -69.29
N THR B 562 23.27 54.24 -69.19
CA THR B 562 23.39 53.22 -70.24
C THR B 562 22.03 53.06 -70.87
N CYS B 563 21.68 54.00 -71.75
CA CYS B 563 20.42 53.98 -72.48
C CYS B 563 20.69 53.50 -73.91
N PHE B 564 20.88 52.19 -74.07
CA PHE B 564 21.25 51.70 -75.38
C PHE B 564 20.16 51.93 -76.41
N GLY B 565 19.03 51.25 -76.26
CA GLY B 565 17.89 51.52 -77.10
C GLY B 565 17.07 52.67 -76.54
N SER B 566 16.43 53.42 -77.43
CA SER B 566 15.65 54.56 -76.97
C SER B 566 14.79 55.08 -78.10
N ASN B 567 13.81 55.90 -77.74
CA ASN B 567 13.00 56.64 -78.69
C ASN B 567 12.77 58.02 -78.08
N ILE B 568 13.63 58.97 -78.45
CA ILE B 568 13.60 60.32 -77.90
C ILE B 568 13.16 61.28 -78.97
N SER B 569 12.22 62.17 -78.64
CA SER B 569 11.69 63.17 -79.56
C SER B 569 11.77 64.54 -78.86
N SER B 570 12.91 65.21 -79.03
CA SER B 570 13.11 66.52 -78.42
C SER B 570 13.95 67.38 -79.35
N ASN B 571 13.67 68.69 -79.36
CA ASN B 571 14.37 69.61 -80.24
C ASN B 571 15.83 69.76 -79.84
N LYS B 572 16.11 69.89 -78.55
CA LYS B 572 17.46 70.15 -78.07
C LYS B 572 18.35 68.93 -78.29
N THR B 573 19.62 69.08 -77.92
CA THR B 573 20.58 67.98 -78.03
C THR B 573 20.10 66.79 -77.22
N VAL B 574 19.99 65.64 -77.87
CA VAL B 574 19.37 64.47 -77.24
C VAL B 574 20.20 64.02 -76.04
N TYR B 575 21.50 63.85 -76.23
CA TYR B 575 22.40 63.41 -75.17
C TYR B 575 23.24 64.58 -74.69
N ASN B 576 23.49 64.64 -73.39
CA ASN B 576 24.35 65.66 -72.80
C ASN B 576 25.37 65.00 -71.88
N VAL B 577 26.59 65.52 -71.93
CA VAL B 577 27.69 65.01 -71.11
C VAL B 577 28.45 66.19 -70.55
N TYR B 578 28.69 66.17 -69.24
CA TYR B 578 29.49 67.21 -68.60
C TYR B 578 30.26 66.60 -67.43
N ASN B 579 31.47 67.13 -67.21
CA ASN B 579 32.24 66.84 -66.00
C ASN B 579 32.52 65.35 -65.83
N GLY B 580 33.11 64.75 -66.87
CA GLY B 580 33.55 63.37 -66.77
C GLY B 580 32.45 62.36 -66.54
N SER B 581 31.36 62.46 -67.29
CA SER B 581 30.21 61.57 -67.14
C SER B 581 30.06 60.72 -68.39
N ARG B 582 29.91 59.41 -68.20
CA ARG B 582 29.83 58.47 -69.32
C ARG B 582 28.39 58.22 -69.72
N ILE B 583 28.17 58.02 -71.02
CA ILE B 583 26.88 57.64 -71.57
C ILE B 583 27.11 56.58 -72.64
N PHE B 584 26.27 55.55 -72.65
CA PHE B 584 26.37 54.46 -73.60
C PHE B 584 25.03 54.27 -74.29
N THR B 585 25.03 54.18 -75.61
CA THR B 585 23.78 54.10 -76.36
C THR B 585 24.05 53.46 -77.72
N ASP B 586 22.98 53.36 -78.51
CA ASP B 586 23.06 52.76 -79.83
C ASP B 586 23.35 53.82 -80.90
N LYS B 587 23.93 53.37 -82.01
CA LYS B 587 24.24 54.26 -83.12
C LYS B 587 23.20 54.21 -84.23
N ASP B 588 22.27 53.24 -84.19
CA ASP B 588 21.26 53.15 -85.24
C ASP B 588 20.38 54.40 -85.27
N HIS B 589 19.94 54.86 -84.10
CA HIS B 589 19.21 56.11 -84.01
C HIS B 589 20.14 57.28 -84.20
N GLY B 590 19.75 58.22 -85.05
CA GLY B 590 20.55 59.41 -85.25
C GLY B 590 20.20 60.51 -84.28
N TYR B 591 20.97 60.63 -83.20
CA TYR B 591 20.70 61.61 -82.16
C TYR B 591 21.95 62.44 -81.91
N SER B 592 21.75 63.75 -81.75
CA SER B 592 22.86 64.66 -81.50
C SER B 592 23.51 64.36 -80.16
N THR B 593 24.82 64.57 -80.10
CA THR B 593 25.60 64.36 -78.88
C THR B 593 26.43 65.59 -78.58
N ASN B 594 26.51 65.93 -77.29
CA ASN B 594 27.31 67.08 -76.88
C ASN B 594 28.80 66.86 -77.16
N VAL B 595 29.24 65.60 -77.19
CA VAL B 595 30.65 65.26 -77.35
C VAL B 595 30.76 64.23 -78.46
N ASP B 596 31.92 64.20 -79.11
CA ASP B 596 32.16 63.24 -80.17
C ASP B 596 31.97 61.82 -79.64
N PRO B 597 31.39 60.92 -80.45
CA PRO B 597 30.94 59.63 -79.91
C PRO B 597 32.05 58.79 -79.28
N GLN B 598 33.29 58.91 -79.72
CA GLN B 598 34.36 58.08 -79.16
C GLN B 598 35.60 58.95 -78.95
N THR B 599 35.71 59.54 -77.76
CA THR B 599 36.86 60.36 -77.40
C THR B 599 36.86 60.54 -75.89
N LEU B 600 38.02 60.94 -75.37
CA LEU B 600 38.17 61.28 -73.96
C LEU B 600 38.52 62.75 -73.84
N SER B 601 37.89 63.42 -72.89
CA SER B 601 38.12 64.86 -72.69
C SER B 601 37.75 65.20 -71.24
N SER B 602 37.63 66.49 -70.96
CA SER B 602 37.09 66.90 -69.67
C SER B 602 35.69 66.36 -69.47
N LYS B 603 34.84 66.48 -70.47
CA LYS B 603 33.56 65.78 -70.45
C LYS B 603 33.78 64.30 -70.74
N GLY B 604 32.99 63.47 -70.08
CA GLY B 604 33.21 62.03 -70.17
C GLY B 604 32.89 61.47 -71.54
N LEU B 605 33.42 60.29 -71.79
CA LEU B 605 33.19 59.62 -73.06
C LEU B 605 31.71 59.27 -73.21
N ILE B 606 31.20 59.41 -74.43
CA ILE B 606 29.79 59.13 -74.74
C ILE B 606 29.78 58.15 -75.91
N ILE B 607 29.89 56.86 -75.61
CA ILE B 607 29.97 55.86 -76.67
C ILE B 607 28.61 55.68 -77.32
N LEU B 608 28.58 55.77 -78.65
CA LEU B 608 27.36 55.54 -79.40
C LEU B 608 27.30 54.17 -80.05
N GLY B 609 28.38 53.40 -79.97
CA GLY B 609 28.41 52.08 -80.57
C GLY B 609 27.50 51.08 -79.88
N MET C 1 -26.36 -55.53 9.94
CA MET C 1 -26.32 -54.08 9.98
C MET C 1 -26.60 -53.48 8.60
N TYR C 2 -27.79 -52.90 8.45
CA TYR C 2 -28.20 -52.26 7.21
C TYR C 2 -28.70 -50.85 7.49
N ILE C 3 -28.64 -50.01 6.47
CA ILE C 3 -29.05 -48.62 6.63
C ILE C 3 -30.55 -48.56 6.91
N ASN C 4 -30.98 -47.43 7.48
CA ASN C 4 -32.39 -47.17 7.74
C ASN C 4 -33.15 -46.70 6.50
N ASN C 5 -32.58 -46.93 5.31
CA ASN C 5 -33.22 -46.65 4.02
C ASN C 5 -33.47 -45.16 3.81
N GLY C 6 -32.60 -44.30 4.35
CA GLY C 6 -32.74 -42.88 4.15
C GLY C 6 -33.89 -42.24 4.89
N ARG C 7 -34.65 -43.00 5.68
CA ARG C 7 -35.72 -42.48 6.51
C ARG C 7 -35.43 -42.83 7.95
N ILE C 8 -35.46 -41.84 8.83
CA ILE C 8 -35.15 -42.03 10.23
C ILE C 8 -36.43 -42.42 10.97
N ASN C 9 -36.33 -43.43 11.82
CA ASN C 9 -37.44 -43.86 12.66
C ASN C 9 -36.89 -44.20 14.04
N TYR C 10 -37.60 -43.78 15.07
CA TYR C 10 -37.17 -43.98 16.45
C TYR C 10 -37.90 -45.16 17.07
N ASN C 11 -37.14 -46.11 17.61
CA ASN C 11 -37.72 -47.23 18.33
C ASN C 11 -36.78 -47.63 19.46
N ASN C 12 -37.35 -48.12 20.56
CA ASN C 12 -36.60 -48.52 21.73
C ASN C 12 -36.84 -50.00 21.96
N GLU C 13 -35.93 -50.84 21.49
CA GLU C 13 -36.06 -52.27 21.70
C GLU C 13 -35.94 -52.62 23.18
N TYR C 14 -35.06 -51.95 23.89
CA TYR C 14 -34.76 -52.24 25.30
C TYR C 14 -35.13 -51.02 26.12
N GLY C 15 -36.40 -50.94 26.53
CA GLY C 15 -36.89 -49.80 27.27
C GLY C 15 -36.99 -50.06 28.76
N TYR C 16 -37.22 -49.00 29.54
CA TYR C 16 -37.34 -49.17 30.99
C TYR C 16 -38.66 -49.81 31.37
N ARG C 17 -39.77 -49.34 30.79
CA ARG C 17 -41.10 -49.79 31.15
C ARG C 17 -41.85 -50.23 29.91
N ARG C 18 -42.70 -51.23 30.07
CA ARG C 18 -43.59 -51.71 29.01
C ARG C 18 -45.01 -51.59 29.51
N GLY C 19 -45.67 -50.49 29.18
CA GLY C 19 -47.00 -50.24 29.72
C GLY C 19 -46.92 -49.97 31.21
N ILE C 20 -47.80 -50.64 31.95
CA ILE C 20 -47.81 -50.47 33.41
C ILE C 20 -46.58 -51.10 34.04
N TYR C 21 -46.17 -52.26 33.55
CA TYR C 21 -45.13 -53.05 34.19
C TYR C 21 -43.75 -52.45 33.92
N ARG C 22 -42.73 -53.08 34.51
CA ARG C 22 -41.35 -52.61 34.41
C ARG C 22 -40.49 -53.69 33.76
N GLU C 23 -39.70 -53.31 32.77
CA GLU C 23 -38.80 -54.22 32.10
C GLU C 23 -37.59 -54.52 32.98
N PRO C 24 -36.98 -55.69 32.81
CA PRO C 24 -35.83 -56.08 33.64
C PRO C 24 -34.49 -55.60 33.14
N PHE C 25 -34.44 -54.73 32.13
CA PHE C 25 -33.16 -54.37 31.53
C PHE C 25 -32.38 -53.38 32.39
N TYR C 26 -33.08 -52.44 33.02
CA TYR C 26 -32.44 -51.37 33.78
C TYR C 26 -32.78 -51.47 35.26
N SER C 27 -31.93 -50.85 36.08
CA SER C 27 -32.05 -50.91 37.53
C SER C 27 -32.59 -49.59 38.07
N ASP C 28 -33.31 -49.69 39.19
CA ASP C 28 -33.92 -48.52 39.82
C ASP C 28 -33.37 -48.20 41.20
N ASN C 29 -32.63 -49.11 41.82
CA ASN C 29 -32.16 -48.92 43.20
C ASN C 29 -30.97 -47.97 43.24
N ALA C 30 -31.18 -46.78 42.68
CA ALA C 30 -30.16 -45.74 42.66
C ALA C 30 -30.83 -44.40 42.92
N ASP C 31 -30.17 -43.55 43.70
CA ASP C 31 -30.72 -42.25 44.08
C ASP C 31 -29.77 -41.16 43.60
N TYR C 32 -30.31 -40.19 42.88
CA TYR C 32 -29.52 -39.11 42.30
C TYR C 32 -29.93 -37.77 42.91
N ASN C 33 -28.95 -36.91 43.13
CA ASN C 33 -29.23 -35.57 43.62
C ASN C 33 -29.89 -34.74 42.53
N THR C 34 -30.96 -34.04 42.89
CA THR C 34 -31.68 -33.16 41.98
C THR C 34 -31.47 -31.72 42.44
N ASN C 35 -30.91 -30.89 41.57
CA ASN C 35 -30.57 -29.52 41.90
C ASN C 35 -31.40 -28.58 41.05
N SER C 36 -32.31 -27.85 41.69
CA SER C 36 -33.19 -26.92 41.01
C SER C 36 -32.66 -25.50 41.14
N LYS C 37 -33.41 -24.56 40.58
CA LYS C 37 -33.03 -23.16 40.64
C LYS C 37 -33.46 -22.55 41.97
N SER C 38 -32.57 -21.74 42.55
CA SER C 38 -32.83 -21.09 43.82
C SER C 38 -33.35 -19.67 43.59
N TYR C 39 -33.46 -18.90 44.67
CA TYR C 39 -33.93 -17.52 44.54
C TYR C 39 -32.98 -16.67 43.72
N TYR C 40 -31.66 -16.93 43.86
CA TYR C 40 -30.70 -16.16 43.10
C TYR C 40 -30.94 -16.27 41.60
N ASP C 41 -31.46 -17.40 41.13
CA ASP C 41 -31.76 -17.51 39.69
C ASP C 41 -32.98 -16.67 39.32
N TYR C 42 -33.96 -16.58 40.22
CA TYR C 42 -35.08 -15.66 40.00
C TYR C 42 -34.58 -14.22 39.91
N LEU C 43 -33.67 -13.86 40.80
CA LEU C 43 -33.06 -12.53 40.73
C LEU C 43 -32.30 -12.35 39.42
N ALA C 44 -31.60 -13.38 38.97
CA ALA C 44 -30.84 -13.26 37.73
C ALA C 44 -31.76 -13.02 36.55
N ARG C 45 -32.88 -13.72 36.47
CA ARG C 45 -33.82 -13.49 35.37
C ARG C 45 -34.42 -12.09 35.44
N PHE C 46 -34.78 -11.64 36.65
CA PHE C 46 -35.30 -10.28 36.77
C PHE C 46 -34.25 -9.25 36.36
N ASN C 47 -32.99 -9.49 36.73
CA ASN C 47 -31.92 -8.59 36.34
C ASN C 47 -31.71 -8.60 34.84
N GLY C 48 -31.90 -9.75 34.20
CA GLY C 48 -31.84 -9.78 32.75
C GLY C 48 -32.89 -8.90 32.11
N PHE C 49 -34.12 -8.98 32.62
CA PHE C 49 -35.16 -8.11 32.10
C PHE C 49 -34.82 -6.63 32.35
N ILE C 50 -34.31 -6.33 33.54
CA ILE C 50 -33.99 -4.93 33.85
C ILE C 50 -32.86 -4.44 32.95
N PHE C 51 -31.91 -5.31 32.63
CA PHE C 51 -30.84 -4.95 31.71
C PHE C 51 -31.39 -4.64 30.33
N GLU C 52 -32.33 -5.45 29.84
CA GLU C 52 -32.92 -5.17 28.54
C GLU C 52 -33.70 -3.85 28.57
N LEU C 53 -34.40 -3.58 29.68
CA LEU C 53 -35.13 -2.32 29.79
C LEU C 53 -34.18 -1.13 29.77
N CYS C 54 -33.06 -1.24 30.49
CA CYS C 54 -32.07 -0.16 30.50
C CYS C 54 -31.49 0.05 29.11
N ASP C 55 -31.23 -1.04 28.38
CA ASP C 55 -30.74 -0.90 27.00
C ASP C 55 -31.77 -0.18 26.13
N PHE C 56 -33.05 -0.52 26.28
CA PHE C 56 -34.09 0.14 25.49
C PHE C 56 -34.16 1.63 25.79
N VAL C 57 -34.13 1.99 27.07
CA VAL C 57 -34.23 3.40 27.44
C VAL C 57 -33.00 4.16 26.94
N ASN C 58 -31.82 3.55 27.06
CA ASN C 58 -30.61 4.20 26.55
C ASN C 58 -30.67 4.37 25.04
N GLY C 59 -31.28 3.41 24.34
CA GLY C 59 -31.46 3.56 22.90
C GLY C 59 -32.35 4.75 22.57
N LEU C 60 -33.44 4.92 23.32
CA LEU C 60 -34.29 6.10 23.10
C LEU C 60 -33.52 7.39 23.36
N ALA C 61 -32.72 7.41 24.43
CA ALA C 61 -31.93 8.60 24.72
C ALA C 61 -30.93 8.90 23.61
N ASP C 62 -30.32 7.85 23.05
CA ASP C 62 -29.38 8.03 21.95
C ASP C 62 -30.08 8.55 20.71
N ASP C 63 -31.31 8.09 20.45
CA ASP C 63 -32.06 8.63 19.33
C ASP C 63 -32.34 10.12 19.51
N ILE C 64 -32.71 10.52 20.72
CA ILE C 64 -32.95 11.94 20.98
C ILE C 64 -31.66 12.75 20.80
N GLN C 65 -30.53 12.19 21.25
CA GLN C 65 -29.26 12.90 21.06
C GLN C 65 -28.90 13.03 19.59
N LYS C 66 -29.14 11.98 18.81
CA LYS C 66 -28.91 12.06 17.37
C LYS C 66 -29.79 13.14 16.75
N MET C 67 -31.01 13.30 17.26
CA MET C 67 -31.87 14.36 16.79
C MET C 67 -31.30 15.74 17.11
N LYS C 68 -30.76 15.90 18.33
CA LYS C 68 -30.06 17.14 18.66
C LYS C 68 -28.95 17.42 17.66
N ASP C 69 -28.15 16.40 17.37
CA ASP C 69 -27.02 16.58 16.46
C ASP C 69 -27.48 16.96 15.06
N THR C 70 -28.55 16.33 14.58
CA THR C 70 -29.06 16.66 13.25
C THR C 70 -29.55 18.10 13.20
N TYR C 71 -30.26 18.55 14.23
CA TYR C 71 -30.73 19.93 14.24
C TYR C 71 -29.56 20.91 14.26
N GLU C 72 -28.55 20.63 15.07
CA GLU C 72 -27.39 21.53 15.10
C GLU C 72 -26.67 21.55 13.75
N ALA C 73 -26.54 20.39 13.11
CA ALA C 73 -25.90 20.34 11.79
C ALA C 73 -26.68 21.15 10.78
N LEU C 74 -28.02 21.06 10.81
CA LEU C 74 -28.82 21.86 9.90
C LEU C 74 -28.67 23.35 10.17
N THR C 75 -28.67 23.75 11.43
CA THR C 75 -28.60 25.18 11.74
C THR C 75 -27.20 25.75 11.63
N LEU C 76 -26.19 24.90 11.46
CA LEU C 76 -24.79 25.34 11.38
C LEU C 76 -24.52 26.28 10.21
N SER C 77 -25.49 26.51 9.32
CA SER C 77 -25.21 27.21 8.07
C SER C 77 -24.70 28.63 8.30
N ASN C 78 -25.31 29.36 9.24
CA ASN C 78 -25.04 30.78 9.41
C ASN C 78 -24.00 31.08 10.47
N THR C 79 -23.14 30.11 10.78
CA THR C 79 -22.08 30.31 11.74
C THR C 79 -20.76 30.13 11.05
N ASP C 80 -19.66 30.29 11.77
CA ASP C 80 -18.34 30.07 11.20
C ASP C 80 -17.62 29.05 12.06
N VAL C 81 -16.59 28.42 11.53
CA VAL C 81 -15.93 27.35 12.29
C VAL C 81 -14.42 27.52 12.35
N THR C 82 -13.74 26.71 13.15
CA THR C 82 -12.29 26.76 13.21
C THR C 82 -11.74 25.44 13.70
N TYR C 83 -11.37 24.56 12.78
CA TYR C 83 -10.84 23.24 13.10
C TYR C 83 -9.34 23.31 13.24
N THR C 84 -8.82 22.72 14.31
CA THR C 84 -7.39 22.73 14.60
C THR C 84 -6.83 21.33 14.37
N VAL C 85 -5.80 21.23 13.53
CA VAL C 85 -5.15 19.97 13.21
C VAL C 85 -3.84 19.91 13.98
N GLY C 86 -3.59 18.79 14.63
CA GLY C 86 -2.37 18.61 15.39
C GLY C 86 -2.53 17.49 16.39
N GLN C 87 -1.52 17.36 17.25
CA GLN C 87 -1.57 16.35 18.29
C GLN C 87 -2.70 16.63 19.28
N LYS C 88 -2.85 17.88 19.70
CA LYS C 88 -3.86 18.27 20.67
C LYS C 88 -5.07 18.94 20.02
N GLY C 89 -5.16 18.91 18.69
CA GLY C 89 -6.23 19.57 18.00
C GLY C 89 -7.49 18.73 17.91
N ASP C 90 -8.49 19.30 17.22
CA ASP C 90 -9.75 18.59 17.04
C ASP C 90 -9.58 17.32 16.22
N PHE C 91 -8.77 17.39 15.16
CA PHE C 91 -8.54 16.26 14.28
C PHE C 91 -7.06 15.90 14.29
N ASP C 92 -6.78 14.59 14.18
CA ASP C 92 -5.40 14.12 14.27
C ASP C 92 -4.59 14.54 13.05
N THR C 93 -5.13 14.35 11.86
CA THR C 93 -4.43 14.65 10.63
C THR C 93 -5.32 15.46 9.71
N LEU C 94 -4.71 16.11 8.72
CA LEU C 94 -5.46 16.92 7.77
C LEU C 94 -6.45 16.08 6.98
N ASN C 95 -6.11 14.81 6.74
CA ASN C 95 -7.01 13.94 5.98
C ASN C 95 -8.31 13.70 6.75
N HIS C 96 -8.22 13.55 8.07
CA HIS C 96 -9.41 13.39 8.88
C HIS C 96 -10.28 14.64 8.84
N CYS C 97 -9.65 15.83 8.91
CA CYS C 97 -10.42 17.06 8.99
C CYS C 97 -11.26 17.29 7.75
N PHE C 98 -10.71 17.02 6.58
CA PHE C 98 -11.47 17.21 5.34
C PHE C 98 -12.34 16.01 5.01
N GLU C 99 -12.18 14.88 5.71
CA GLU C 99 -13.18 13.83 5.64
C GLU C 99 -14.41 14.20 6.45
N HIS C 100 -14.21 14.91 7.56
CA HIS C 100 -15.35 15.38 8.36
C HIS C 100 -16.08 16.51 7.66
N ILE C 101 -15.35 17.42 7.02
CA ILE C 101 -15.97 18.54 6.34
C ILE C 101 -16.82 18.06 5.16
N GLU C 102 -16.31 17.08 4.42
CA GLU C 102 -17.06 16.55 3.28
C GLU C 102 -18.35 15.86 3.73
N ASP C 103 -18.42 15.46 5.00
CA ASP C 103 -19.61 14.77 5.50
C ASP C 103 -20.65 15.71 6.06
N LEU C 104 -20.34 17.00 6.19
CA LEU C 104 -21.31 17.95 6.72
C LEU C 104 -22.53 18.05 5.82
N ILE C 105 -23.72 17.99 6.41
CA ILE C 105 -24.95 18.08 5.64
C ILE C 105 -25.09 19.46 5.02
N VAL C 106 -24.84 20.51 5.81
CA VAL C 106 -24.93 21.88 5.34
C VAL C 106 -23.60 22.57 5.61
N GLN C 107 -23.02 23.17 4.59
CA GLN C 107 -21.72 23.81 4.71
C GLN C 107 -21.86 25.11 5.49
N PRO C 108 -21.07 25.32 6.54
CA PRO C 108 -21.18 26.56 7.32
C PRO C 108 -20.74 27.76 6.49
N LYS C 109 -20.88 28.94 7.09
CA LYS C 109 -20.62 30.18 6.36
C LYS C 109 -19.15 30.29 5.97
N SER C 110 -18.24 29.93 6.86
CA SER C 110 -16.81 30.02 6.57
C SER C 110 -16.05 29.10 7.51
N ILE C 111 -15.47 28.05 6.97
CA ILE C 111 -14.60 27.15 7.72
C ILE C 111 -13.18 27.70 7.67
N ARG C 112 -12.42 27.47 8.73
CA ARG C 112 -11.04 27.91 8.82
C ARG C 112 -10.25 26.83 9.53
N VAL C 113 -9.31 26.22 8.83
CA VAL C 113 -8.52 25.12 9.36
C VAL C 113 -7.16 25.65 9.80
N ILE C 114 -6.76 25.32 11.02
CA ILE C 114 -5.52 25.80 11.59
C ILE C 114 -4.62 24.60 11.86
N LEU C 115 -3.42 24.62 11.30
CA LEU C 115 -2.43 23.57 11.53
C LEU C 115 -1.53 24.03 12.68
N LEU C 116 -1.57 23.31 13.80
CA LEU C 116 -0.82 23.70 14.97
C LEU C 116 0.68 23.56 14.72
N LYS C 117 1.47 24.06 15.67
CA LYS C 117 2.92 24.06 15.52
C LYS C 117 3.47 22.64 15.49
N ASP C 118 2.85 21.73 16.23
CA ASP C 118 3.35 20.37 16.30
C ASP C 118 2.92 19.50 15.13
N TYR C 119 2.14 20.05 14.19
CA TYR C 119 1.69 19.25 13.05
C TYR C 119 2.76 19.22 11.97
N MET C 120 3.17 18.01 11.58
CA MET C 120 4.12 17.80 10.50
C MET C 120 3.45 16.92 9.45
N MET C 121 3.33 17.44 8.23
CA MET C 121 2.52 16.77 7.22
C MET C 121 3.16 15.46 6.79
N ARG C 122 2.35 14.40 6.77
CA ARG C 122 2.80 13.10 6.29
C ARG C 122 1.76 12.37 5.46
N GLU C 123 0.70 13.06 5.02
CA GLU C 123 -0.34 12.45 4.21
C GLU C 123 -0.76 13.42 3.12
N GLN C 124 -1.30 12.89 2.03
CA GLN C 124 -1.71 13.70 0.90
C GLN C 124 -3.19 14.06 1.03
N LEU C 125 -3.52 15.28 0.60
CA LEU C 125 -4.89 15.79 0.64
C LEU C 125 -5.40 15.86 -0.79
N PHE C 126 -6.31 14.96 -1.14
CA PHE C 126 -6.87 14.87 -2.48
C PHE C 126 -8.32 15.35 -2.44
N LEU C 127 -8.63 16.35 -3.26
CA LEU C 127 -9.99 16.86 -3.40
C LEU C 127 -10.45 16.63 -4.82
N ARG C 128 -11.60 15.99 -4.99
CA ARG C 128 -12.12 15.62 -6.30
C ARG C 128 -13.58 16.02 -6.38
N ASP C 129 -13.88 17.07 -7.15
CA ASP C 129 -15.22 17.64 -7.25
C ASP C 129 -15.76 18.06 -5.89
N LYS C 130 -15.07 18.99 -5.25
CA LYS C 130 -15.52 19.61 -4.00
C LYS C 130 -15.28 21.11 -4.10
N ARG C 131 -16.36 21.88 -4.14
CA ARG C 131 -16.26 23.34 -4.19
C ARG C 131 -16.13 23.87 -2.76
N TYR C 132 -14.94 24.34 -2.41
CA TYR C 132 -14.61 24.77 -1.05
C TYR C 132 -14.07 26.19 -1.07
N ASN C 133 -14.79 27.10 -1.72
CA ASN C 133 -14.35 28.48 -1.78
C ASN C 133 -14.13 29.05 -0.39
N HIS C 134 -15.05 28.77 0.54
CA HIS C 134 -15.04 29.44 1.83
C HIS C 134 -13.91 28.92 2.73
N ILE C 135 -13.48 27.67 2.53
CA ILE C 135 -12.53 27.08 3.45
C ILE C 135 -11.15 27.71 3.25
N THR C 136 -10.49 28.04 4.36
CA THR C 136 -9.12 28.52 4.32
C THR C 136 -8.26 27.66 5.24
N ILE C 137 -7.05 27.35 4.80
CA ILE C 137 -6.10 26.54 5.56
C ILE C 137 -4.98 27.44 6.03
N THR C 138 -4.81 27.55 7.36
CA THR C 138 -3.82 28.40 7.97
C THR C 138 -2.96 27.57 8.90
N SER C 139 -1.74 28.04 9.15
CA SER C 139 -0.83 27.36 10.05
C SER C 139 -0.24 28.36 11.04
N GLU C 140 -0.10 27.92 12.30
CA GLU C 140 0.58 28.75 13.29
C GLU C 140 2.05 28.94 12.92
N ASN C 141 2.70 27.89 12.44
CA ASN C 141 4.07 28.01 11.96
C ASN C 141 4.10 28.76 10.63
N ASP C 142 5.21 29.45 10.39
CA ASP C 142 5.39 30.11 9.11
C ASP C 142 5.45 29.11 7.97
N ILE C 143 6.16 28.00 8.16
CA ILE C 143 6.33 26.98 7.14
C ILE C 143 5.84 25.66 7.69
N VAL C 144 5.35 24.79 6.81
CA VAL C 144 4.90 23.45 7.15
C VAL C 144 5.74 22.45 6.37
N GLU C 145 6.28 21.46 7.07
CA GLU C 145 7.25 20.54 6.48
C GLU C 145 6.55 19.25 6.06
N ALA C 146 6.76 18.85 4.80
CA ALA C 146 6.15 17.66 4.24
C ALA C 146 7.16 16.52 4.26
N TYR C 147 6.95 15.56 5.15
CA TYR C 147 7.85 14.42 5.27
C TYR C 147 7.36 13.28 4.37
N GLU C 148 7.90 12.08 4.58
CA GLU C 148 7.54 10.94 3.76
C GLU C 148 6.05 10.64 3.90
N THR C 149 5.38 10.46 2.77
CA THR C 149 3.94 10.27 2.76
C THR C 149 3.59 8.82 3.08
N GLU C 150 2.50 8.64 3.83
CA GLU C 150 2.08 7.31 4.24
C GLU C 150 1.73 6.43 3.04
N LEU C 151 0.98 6.96 2.08
CA LEU C 151 0.54 6.21 0.91
C LEU C 151 0.94 6.98 -0.34
N ASN C 152 1.71 6.34 -1.21
CA ASN C 152 2.21 6.99 -2.42
C ASN C 152 1.12 7.03 -3.49
N ARG C 153 0.07 7.80 -3.20
CA ARG C 153 -0.95 8.08 -4.19
C ARG C 153 -0.35 8.94 -5.28
N GLN C 154 -0.66 8.61 -6.54
CA GLN C 154 -0.06 9.30 -7.67
C GLN C 154 -1.14 9.73 -8.65
N VAL C 155 -0.91 10.87 -9.28
CA VAL C 155 -1.79 11.41 -10.31
C VAL C 155 -1.02 11.47 -11.60
N GLU C 156 -1.61 10.95 -12.67
CA GLU C 156 -0.98 10.93 -13.98
C GLU C 156 -1.70 11.88 -14.92
N ILE C 157 -0.93 12.69 -15.62
CA ILE C 157 -1.46 13.68 -16.56
C ILE C 157 -1.36 13.11 -17.97
N LYS C 158 -2.50 13.04 -18.66
CA LYS C 158 -2.56 12.51 -20.02
C LYS C 158 -2.57 13.68 -20.99
N THR C 159 -1.39 14.05 -21.46
CA THR C 159 -1.23 15.22 -22.31
C THR C 159 -0.04 14.94 -23.23
N ASN C 160 0.30 15.90 -24.10
CA ASN C 160 1.36 15.66 -25.08
C ASN C 160 2.66 15.23 -24.43
N PRO C 161 3.18 15.89 -23.39
CA PRO C 161 4.14 15.21 -22.52
C PRO C 161 3.42 14.52 -21.39
N ILE C 162 3.58 13.20 -21.25
CA ILE C 162 2.92 12.44 -20.21
C ILE C 162 3.88 12.32 -19.04
N PHE C 163 3.49 12.85 -17.89
CA PHE C 163 4.33 12.84 -16.70
C PHE C 163 3.50 12.45 -15.50
N ARG C 164 4.11 11.67 -14.61
CA ARG C 164 3.44 11.13 -13.43
C ARG C 164 3.91 11.88 -12.20
N VAL C 165 2.96 12.33 -11.38
CA VAL C 165 3.23 13.23 -10.28
C VAL C 165 2.62 12.67 -9.01
N LYS C 166 3.33 12.82 -7.89
CA LYS C 166 2.82 12.49 -6.56
C LYS C 166 2.61 13.79 -5.80
N PRO C 167 1.39 14.31 -5.74
CA PRO C 167 1.18 15.62 -5.13
C PRO C 167 0.81 15.54 -3.66
N LEU C 168 1.36 16.49 -2.89
CA LEU C 168 0.96 16.63 -1.50
C LEU C 168 -0.43 17.26 -1.39
N PHE C 169 -0.79 18.11 -2.35
CA PHE C 169 -2.12 18.67 -2.46
C PHE C 169 -2.61 18.45 -3.88
N TYR C 170 -3.90 18.17 -4.04
CA TYR C 170 -4.43 17.88 -5.36
C TYR C 170 -5.91 18.24 -5.43
N GLY C 171 -6.29 18.86 -6.52
CA GLY C 171 -7.67 19.22 -6.75
C GLY C 171 -8.03 19.12 -8.22
N ILE C 172 -9.18 18.56 -8.54
CA ILE C 172 -9.60 18.40 -9.92
C ILE C 172 -11.07 18.79 -10.04
N ASN C 173 -11.38 19.62 -11.03
CA ASN C 173 -12.75 20.05 -11.31
C ASN C 173 -13.42 20.60 -10.05
N SER C 174 -12.67 21.39 -9.28
CA SER C 174 -13.17 21.82 -8.00
C SER C 174 -12.34 22.98 -7.48
N THR C 175 -13.02 24.05 -7.07
CA THR C 175 -12.34 25.15 -6.41
C THR C 175 -11.62 24.67 -5.16
N PHE C 176 -10.41 25.19 -4.96
CA PHE C 176 -9.56 24.72 -3.88
C PHE C 176 -9.56 25.72 -2.73
N PRO C 177 -9.51 25.25 -1.49
CA PRO C 177 -9.44 26.18 -0.35
C PRO C 177 -8.20 27.05 -0.41
N LYS C 178 -8.36 28.30 0.03
CA LYS C 178 -7.24 29.23 0.05
C LYS C 178 -6.16 28.75 1.01
N ILE C 179 -4.92 28.74 0.55
CA ILE C 179 -3.78 28.31 1.34
C ILE C 179 -3.13 29.51 1.99
N ASP C 180 -2.61 29.33 3.20
CA ASP C 180 -2.05 30.44 3.97
C ASP C 180 -0.75 30.06 4.67
N PHE C 181 0.01 29.12 4.11
CA PHE C 181 1.28 28.72 4.70
C PHE C 181 2.25 28.38 3.58
N LYS C 182 3.43 27.90 3.97
CA LYS C 182 4.50 27.57 3.03
C LYS C 182 4.90 26.12 3.21
N LEU C 183 4.84 25.34 2.13
CA LEU C 183 5.21 23.94 2.15
C LEU C 183 6.69 23.80 1.85
N GLN C 184 7.44 23.19 2.76
CA GLN C 184 8.84 22.85 2.54
C GLN C 184 8.99 21.34 2.63
N ASN C 185 9.61 20.74 1.62
CA ASN C 185 9.74 19.30 1.56
C ASN C 185 10.97 18.86 2.34
N LYS C 186 10.81 17.78 3.12
CA LYS C 186 11.91 17.15 3.83
C LYS C 186 12.07 15.69 3.44
N ASP C 187 11.46 15.27 2.35
CA ASP C 187 11.53 13.89 1.87
C ASP C 187 12.35 13.88 0.59
N PHE C 188 13.65 13.57 0.72
CA PHE C 188 14.54 13.52 -0.42
C PHE C 188 14.69 12.11 -0.98
N SER C 189 13.99 11.13 -0.42
CA SER C 189 14.02 9.79 -0.97
C SER C 189 13.21 9.69 -2.26
N ASP C 190 12.02 10.29 -2.29
CA ASP C 190 11.15 10.20 -3.45
C ASP C 190 11.71 11.04 -4.60
N THR C 191 11.15 10.83 -5.79
CA THR C 191 11.68 11.46 -6.99
C THR C 191 10.64 12.24 -7.77
N ILE C 192 9.36 12.01 -7.56
CA ILE C 192 8.33 12.67 -8.36
C ILE C 192 7.37 13.46 -7.49
N ASN C 193 7.70 13.60 -6.20
CA ASN C 193 6.78 14.27 -5.29
C ASN C 193 6.67 15.75 -5.64
N CYS C 194 5.47 16.29 -5.51
CA CYS C 194 5.17 17.66 -5.85
C CYS C 194 4.33 18.33 -4.77
N GLY C 195 4.44 19.64 -4.67
CA GLY C 195 3.69 20.36 -3.64
C GLY C 195 2.21 20.46 -3.96
N PHE C 196 1.88 21.02 -5.13
CA PHE C 196 0.49 21.27 -5.48
C PHE C 196 0.27 20.88 -6.93
N LEU C 197 -0.85 20.21 -7.20
CA LEU C 197 -1.26 19.87 -8.56
C LEU C 197 -2.68 20.34 -8.74
N MET C 198 -2.87 21.41 -9.50
CA MET C 198 -4.18 21.98 -9.75
C MET C 198 -4.60 21.65 -11.18
N ASP C 199 -5.80 21.08 -11.32
CA ASP C 199 -6.34 20.69 -12.62
C ASP C 199 -7.78 21.16 -12.67
N ASN C 200 -8.05 22.21 -13.44
CA ASN C 200 -9.40 22.74 -13.60
C ASN C 200 -9.97 23.22 -12.27
N THR C 201 -9.16 23.95 -11.51
CA THR C 201 -9.53 24.46 -10.21
C THR C 201 -9.31 25.96 -10.15
N THR C 202 -9.91 26.60 -9.16
CA THR C 202 -9.59 27.98 -8.82
C THR C 202 -8.77 27.96 -7.55
N PHE C 203 -7.45 28.13 -7.70
CA PHE C 203 -6.52 27.98 -6.59
C PHE C 203 -5.93 29.35 -6.24
N GLU C 204 -5.85 29.62 -4.94
CA GLU C 204 -5.38 30.92 -4.47
C GLU C 204 -4.50 30.74 -3.25
N MET C 205 -3.56 31.67 -3.08
CA MET C 205 -2.66 31.68 -1.94
C MET C 205 -2.68 33.06 -1.30
N THR C 206 -2.35 33.11 -0.01
CA THR C 206 -2.55 34.30 0.79
C THR C 206 -1.30 35.15 0.96
N GLU C 207 -0.45 35.21 -0.08
CA GLU C 207 0.76 36.03 -0.07
C GLU C 207 1.64 35.75 1.14
N ARG C 208 1.60 34.51 1.65
CA ARG C 208 2.32 34.16 2.86
C ARG C 208 3.24 32.97 2.71
N GLY C 209 3.06 32.15 1.68
CA GLY C 209 3.93 31.01 1.50
C GLY C 209 3.72 30.35 0.15
N GLY C 210 4.49 29.29 -0.07
CA GLY C 210 4.41 28.53 -1.29
C GLY C 210 5.25 27.28 -1.15
N SER C 211 5.11 26.38 -2.12
CA SER C 211 5.86 25.14 -2.08
C SER C 211 7.36 25.40 -2.23
N THR C 212 8.16 24.55 -1.61
CA THR C 212 9.60 24.80 -1.53
C THR C 212 10.32 23.47 -1.32
N HIS C 213 11.52 23.36 -1.90
CA HIS C 213 12.45 22.27 -1.67
C HIS C 213 11.92 20.93 -2.15
N PHE C 214 10.90 20.90 -3.00
CA PHE C 214 10.36 19.65 -3.50
C PHE C 214 11.27 19.08 -4.56
N ASN C 215 11.03 17.80 -4.90
CA ASN C 215 11.92 17.13 -5.85
C ASN C 215 11.54 17.41 -7.29
N PHE C 216 10.27 17.22 -7.66
CA PHE C 216 9.91 17.32 -9.06
C PHE C 216 9.42 18.71 -9.43
N ILE C 217 8.30 19.16 -8.88
CA ILE C 217 7.77 20.48 -9.20
C ILE C 217 7.12 21.07 -7.97
N GLY C 218 7.09 22.40 -7.91
CA GLY C 218 6.46 23.07 -6.78
C GLY C 218 5.00 23.34 -6.98
N LEU C 219 4.55 23.48 -8.22
CA LEU C 219 3.15 23.74 -8.52
C LEU C 219 2.91 23.46 -9.99
N CYS C 220 1.71 22.98 -10.31
CA CYS C 220 1.38 22.61 -11.67
C CYS C 220 -0.05 23.02 -11.99
N GLY C 221 -0.31 23.23 -13.28
CA GLY C 221 -1.64 23.49 -13.77
C GLY C 221 -1.87 22.77 -15.08
N VAL C 222 -2.88 21.91 -15.15
CA VAL C 222 -3.05 21.00 -16.28
C VAL C 222 -4.16 21.48 -17.22
N ASN C 223 -5.34 21.75 -16.68
CA ASN C 223 -6.42 22.34 -17.46
C ASN C 223 -6.55 23.81 -17.12
N GLY C 224 -7.49 24.47 -17.77
CA GLY C 224 -7.74 25.87 -17.48
C GLY C 224 -8.09 26.04 -16.02
N SER C 225 -7.15 26.57 -15.25
CA SER C 225 -7.27 26.58 -13.81
C SER C 225 -6.51 27.80 -13.29
N HIS C 226 -7.24 28.89 -13.05
CA HIS C 226 -6.57 30.13 -12.69
C HIS C 226 -5.88 29.99 -11.34
N ILE C 227 -4.68 30.55 -11.25
CA ILE C 227 -3.83 30.43 -10.06
C ILE C 227 -3.33 31.82 -9.70
N GLN C 228 -3.46 32.18 -8.42
CA GLN C 228 -2.91 33.42 -7.90
C GLN C 228 -1.92 33.10 -6.81
N THR C 229 -0.66 33.47 -7.01
CA THR C 229 0.41 33.22 -6.05
C THR C 229 1.24 34.47 -5.84
N ASN C 230 0.57 35.61 -5.62
CA ASN C 230 1.27 36.86 -5.43
C ASN C 230 2.18 36.78 -4.20
N TYR C 231 3.39 37.33 -4.34
CA TYR C 231 4.35 37.44 -3.24
C TYR C 231 4.70 36.08 -2.63
N CYS C 232 4.60 35.03 -3.42
CA CYS C 232 4.89 33.69 -2.95
C CYS C 232 6.36 33.35 -3.13
N ASP C 233 6.71 32.12 -2.80
CA ASP C 233 8.08 31.63 -2.87
C ASP C 233 8.08 30.18 -3.34
N PHE C 234 8.75 29.91 -4.46
CA PHE C 234 8.91 28.56 -5.00
C PHE C 234 10.40 28.39 -5.29
N SER C 235 11.17 27.99 -4.29
CA SER C 235 12.62 27.92 -4.41
C SER C 235 13.11 26.50 -4.19
N TYR C 236 14.23 26.17 -4.82
CA TYR C 236 14.96 24.92 -4.65
C TYR C 236 14.19 23.69 -5.12
N ASN C 237 13.08 23.87 -5.83
CA ASN C 237 12.30 22.72 -6.29
C ASN C 237 12.97 22.03 -7.47
N GLY C 238 13.86 21.10 -7.21
CA GLY C 238 14.38 20.31 -8.32
C GLY C 238 15.75 19.75 -7.99
N ASN C 239 16.53 19.57 -9.05
CA ASN C 239 17.81 18.90 -9.01
C ASN C 239 18.98 19.85 -8.82
N ARG C 240 18.71 21.14 -8.56
CA ARG C 240 19.76 22.14 -8.53
C ARG C 240 20.80 21.87 -7.44
N GLU C 241 20.47 21.06 -6.45
CA GLU C 241 21.42 20.77 -5.38
C GLU C 241 22.64 20.02 -5.92
N GLN C 242 22.42 19.09 -6.84
CA GLN C 242 23.49 18.18 -7.25
C GLN C 242 24.31 18.74 -8.41
N LEU C 243 23.66 19.37 -9.38
CA LEU C 243 24.31 19.67 -10.64
C LEU C 243 25.42 20.71 -10.45
N GLU C 244 26.40 20.67 -11.35
CA GLU C 244 27.59 21.50 -11.28
C GLU C 244 27.36 22.85 -11.97
N GLU C 245 28.34 23.73 -11.82
CA GLU C 245 28.27 25.07 -12.39
C GLU C 245 29.05 25.13 -13.69
N TYR C 246 28.65 26.08 -14.54
CA TYR C 246 29.28 26.30 -15.85
C TYR C 246 29.30 25.03 -16.68
N ASN C 247 28.17 24.32 -16.69
CA ASN C 247 28.05 23.06 -17.41
C ASN C 247 26.68 22.99 -18.05
N LYS C 248 26.63 22.94 -19.37
CA LYS C 248 25.38 22.85 -20.11
C LYS C 248 25.00 21.42 -20.48
N ASP C 249 25.82 20.44 -20.14
CA ASP C 249 25.59 19.05 -20.53
C ASP C 249 25.47 18.21 -19.26
N GLN C 250 24.25 18.13 -18.74
CA GLN C 250 23.94 17.27 -17.59
C GLN C 250 22.43 17.11 -17.53
N ASN C 251 21.97 16.34 -16.55
CA ASN C 251 20.55 16.10 -16.36
C ASN C 251 20.00 17.16 -15.41
N MET C 252 19.12 18.00 -15.93
CA MET C 252 18.47 19.05 -15.15
C MET C 252 17.02 18.65 -14.95
N TYR C 253 16.61 18.44 -13.70
CA TYR C 253 15.34 17.82 -13.38
C TYR C 253 14.46 18.76 -12.57
N GLY C 254 13.23 18.92 -13.02
CA GLY C 254 12.20 19.54 -12.21
C GLY C 254 12.09 21.03 -12.43
N ASP C 255 10.85 21.52 -12.32
CA ASP C 255 10.54 22.92 -12.56
C ASP C 255 9.97 23.56 -11.29
N GLY C 256 10.25 24.85 -11.12
CA GLY C 256 9.65 25.57 -10.02
C GLY C 256 8.15 25.72 -10.17
N LEU C 257 7.70 26.04 -11.38
CA LEU C 257 6.28 26.14 -11.70
C LEU C 257 6.05 25.46 -13.04
N ARG C 258 4.81 25.04 -13.27
CA ARG C 258 4.43 24.42 -14.54
C ARG C 258 2.99 24.81 -14.84
N ILE C 259 2.78 25.48 -15.97
CA ILE C 259 1.47 25.97 -16.36
C ILE C 259 1.19 25.46 -17.77
N PHE C 260 0.26 24.52 -17.89
CA PHE C 260 -0.14 23.96 -19.17
C PHE C 260 -1.58 24.36 -19.45
N ASN C 261 -1.77 25.23 -20.44
CA ASN C 261 -3.10 25.68 -20.84
C ASN C 261 -3.90 26.18 -19.64
N SER C 262 -3.27 27.00 -18.81
CA SER C 262 -3.90 27.55 -17.63
C SER C 262 -3.59 29.04 -17.56
N SER C 263 -3.97 29.66 -16.46
CA SER C 263 -3.70 31.06 -16.23
C SER C 263 -3.03 31.21 -14.87
N LEU C 264 -2.20 32.25 -14.73
CA LEU C 264 -1.48 32.50 -13.49
C LEU C 264 -1.31 34.00 -13.31
N THR C 265 -1.58 34.46 -12.09
CA THR C 265 -1.36 35.87 -11.72
C THR C 265 -0.53 35.85 -10.44
N GLY C 266 0.79 35.73 -10.60
CA GLY C 266 1.68 35.79 -9.47
C GLY C 266 2.73 36.86 -9.63
N ASN C 267 2.64 37.92 -8.83
CA ASN C 267 3.59 39.01 -8.89
C ASN C 267 4.51 38.97 -7.67
N TYR C 268 5.71 39.50 -7.84
CA TYR C 268 6.71 39.60 -6.78
C TYR C 268 7.11 38.25 -6.21
N MET C 269 6.89 37.17 -6.97
CA MET C 269 7.34 35.86 -6.53
C MET C 269 8.86 35.78 -6.58
N THR C 270 9.43 34.93 -5.72
CA THR C 270 10.84 34.61 -5.76
C THR C 270 10.97 33.13 -6.06
N VAL C 271 11.57 32.81 -7.20
CA VAL C 271 11.74 31.44 -7.65
C VAL C 271 13.23 31.24 -7.87
N ASN C 272 13.94 30.80 -6.83
CA ASN C 272 15.39 30.76 -6.84
C ASN C 272 15.90 29.32 -6.80
N ARG C 273 16.95 29.06 -7.56
CA ARG C 273 17.70 27.80 -7.51
C ARG C 273 16.81 26.58 -7.76
N CYS C 274 15.84 26.70 -8.66
CA CYS C 274 15.07 25.54 -9.03
C CYS C 274 15.87 24.63 -9.95
N GLY C 275 15.39 23.40 -10.10
CA GLY C 275 16.15 22.40 -10.81
C GLY C 275 16.38 22.69 -12.27
N GLU C 276 15.33 22.64 -13.09
CA GLU C 276 15.46 22.88 -14.52
C GLU C 276 14.89 24.23 -14.93
N ILE C 277 13.62 24.48 -14.67
CA ILE C 277 12.96 25.68 -15.15
C ILE C 277 12.34 26.38 -13.96
N GLY C 278 12.75 27.62 -13.72
CA GLY C 278 12.17 28.36 -12.61
C GLY C 278 10.68 28.57 -12.78
N ILE C 279 10.27 29.06 -13.94
CA ILE C 279 8.87 29.31 -14.24
C ILE C 279 8.60 28.84 -15.67
N HIS C 280 7.57 28.02 -15.83
CA HIS C 280 7.28 27.34 -17.09
C HIS C 280 5.86 27.67 -17.53
N PHE C 281 5.74 28.35 -18.66
CA PHE C 281 4.47 28.52 -19.34
C PHE C 281 4.54 27.83 -20.69
N SER C 282 3.46 27.15 -21.07
CA SER C 282 3.45 26.48 -22.37
C SER C 282 2.04 26.07 -22.72
N HIS C 283 1.85 25.75 -23.99
CA HIS C 283 0.60 25.23 -24.54
C HIS C 283 -0.58 26.15 -24.22
N GLY C 284 -0.46 27.39 -24.68
CA GLY C 284 -1.55 28.34 -24.59
C GLY C 284 -1.73 29.01 -23.25
N ALA C 285 -0.86 28.75 -22.28
CA ALA C 285 -1.01 29.34 -20.96
C ALA C 285 -0.85 30.85 -21.02
N SER C 286 -1.71 31.57 -20.30
CA SER C 286 -1.66 33.02 -20.22
C SER C 286 -1.25 33.39 -18.81
N GLY C 287 0.03 33.73 -18.65
CA GLY C 287 0.60 33.99 -17.33
C GLY C 287 0.86 35.47 -17.11
N TYR C 288 0.76 35.90 -15.86
CA TYR C 288 1.01 37.28 -15.43
C TYR C 288 1.97 37.20 -14.25
N ILE C 289 3.26 37.12 -14.53
CA ILE C 289 4.30 37.10 -13.51
C ILE C 289 5.10 38.39 -13.63
N ASP C 290 5.08 39.19 -12.58
CA ASP C 290 5.53 40.57 -12.67
C ASP C 290 6.38 40.92 -11.47
N PHE C 291 7.45 41.67 -11.70
CA PHE C 291 8.40 42.08 -10.69
C PHE C 291 9.02 40.91 -9.95
N THR C 292 8.87 39.69 -10.47
CA THR C 292 9.39 38.51 -9.80
C THR C 292 10.91 38.42 -9.98
N GLU C 293 11.51 37.51 -9.22
CA GLU C 293 12.96 37.34 -9.19
C GLU C 293 13.27 35.85 -9.26
N ALA C 294 14.06 35.45 -10.26
CA ALA C 294 14.39 34.05 -10.47
C ALA C 294 15.89 33.96 -10.79
N ARG C 295 16.65 33.32 -9.92
CA ARG C 295 18.09 33.26 -10.06
C ARG C 295 18.61 31.84 -9.87
N PHE C 296 19.68 31.52 -10.59
CA PHE C 296 20.49 30.32 -10.41
C PHE C 296 19.80 29.03 -10.83
N ASN C 297 18.77 29.11 -11.67
CA ASN C 297 18.13 27.89 -12.16
C ASN C 297 19.09 27.12 -13.06
N GLY C 298 18.95 25.79 -13.03
CA GLY C 298 19.88 24.95 -13.79
C GLY C 298 19.73 25.09 -15.29
N HIS C 299 18.51 25.19 -15.77
CA HIS C 299 18.18 25.34 -17.19
C HIS C 299 17.47 26.69 -17.34
N HIS C 300 16.84 26.89 -18.50
CA HIS C 300 16.15 28.13 -18.80
C HIS C 300 15.34 28.63 -17.60
N GLY C 301 15.70 29.83 -17.11
CA GLY C 301 15.07 30.34 -15.91
C GLY C 301 13.60 30.65 -16.10
N LEU C 302 13.25 31.26 -17.22
CA LEU C 302 11.86 31.49 -17.59
C LEU C 302 11.70 31.05 -19.03
N MET C 303 10.74 30.17 -19.29
CA MET C 303 10.45 29.75 -20.65
C MET C 303 8.96 29.82 -20.90
N VAL C 304 8.58 30.46 -22.00
CA VAL C 304 7.21 30.50 -22.48
C VAL C 304 7.19 29.82 -23.83
N THR C 305 6.43 28.72 -23.95
CA THR C 305 6.50 27.87 -25.12
C THR C 305 5.12 27.73 -25.74
N THR C 306 5.11 27.40 -27.02
CA THR C 306 3.96 26.80 -27.69
C THR C 306 2.72 27.67 -27.56
N GLY C 307 2.79 28.87 -28.13
CA GLY C 307 1.63 29.73 -28.22
C GLY C 307 1.24 30.42 -26.93
N SER C 308 2.04 30.32 -25.88
CA SER C 308 1.69 30.96 -24.62
C SER C 308 1.91 32.46 -24.70
N GLN C 309 1.59 33.13 -23.60
CA GLN C 309 1.79 34.57 -23.47
C GLN C 309 2.06 34.91 -22.02
N ALA C 310 3.02 35.81 -21.79
CA ALA C 310 3.41 36.18 -20.44
C ALA C 310 3.46 37.69 -20.34
N SER C 311 3.78 38.18 -19.14
CA SER C 311 3.87 39.61 -18.86
C SER C 311 4.86 39.81 -17.73
N ALA C 312 6.13 40.04 -18.08
CA ALA C 312 7.19 40.01 -17.07
C ALA C 312 7.90 41.35 -16.92
N ARG C 313 7.13 42.44 -16.82
CA ARG C 313 7.72 43.76 -16.67
C ARG C 313 8.53 43.85 -15.38
N ASN C 314 9.71 44.48 -15.49
CA ASN C 314 10.57 44.77 -14.34
C ASN C 314 10.90 43.52 -13.53
N CYS C 315 11.15 42.42 -14.23
CA CYS C 315 11.46 41.14 -13.58
C CYS C 315 12.94 40.82 -13.73
N LYS C 316 13.55 40.36 -12.64
CA LYS C 316 14.99 40.12 -12.60
C LYS C 316 15.26 38.62 -12.67
N ILE C 317 16.01 38.20 -13.69
CA ILE C 317 16.35 36.80 -13.89
C ILE C 317 17.82 36.67 -14.27
N THR C 318 18.67 36.29 -13.33
CA THR C 318 20.10 36.24 -13.58
C THR C 318 20.68 34.92 -13.10
N ASP C 319 21.89 34.62 -13.58
CA ASP C 319 22.76 33.53 -13.13
C ASP C 319 22.28 32.14 -13.52
N THR C 320 21.21 32.01 -14.30
CA THR C 320 20.82 30.68 -14.76
C THR C 320 21.90 30.10 -15.67
N ILE C 321 22.13 28.80 -15.55
CA ILE C 321 23.21 28.16 -16.30
C ILE C 321 22.98 28.29 -17.80
N ASP C 322 21.78 27.98 -18.26
CA ASP C 322 21.40 28.16 -19.65
C ASP C 322 20.64 29.47 -19.81
N ASP C 323 20.02 29.63 -20.98
CA ASP C 323 19.31 30.86 -21.34
C ASP C 323 18.44 31.36 -20.20
N ASN C 324 18.62 32.64 -19.85
CA ASN C 324 17.84 33.19 -18.74
C ASN C 324 16.36 33.25 -19.08
N VAL C 325 16.02 33.83 -20.23
CA VAL C 325 14.63 33.95 -20.67
C VAL C 325 14.53 33.39 -22.07
N VAL C 326 13.59 32.48 -22.29
CA VAL C 326 13.36 31.87 -23.59
C VAL C 326 11.92 32.10 -24.00
N SER C 327 11.72 32.61 -25.21
CA SER C 327 10.42 32.68 -25.83
C SER C 327 10.42 31.72 -27.00
N TYR C 328 9.50 30.77 -27.00
CA TYR C 328 9.58 29.60 -27.86
C TYR C 328 8.25 29.34 -28.53
N ALA C 329 8.30 29.07 -29.83
CA ALA C 329 7.14 28.59 -30.59
C ALA C 329 5.93 29.49 -30.43
N SER C 330 6.06 30.71 -30.95
CA SER C 330 5.00 31.71 -31.09
C SER C 330 4.65 32.40 -29.78
N SER C 331 5.37 32.15 -28.69
CA SER C 331 5.05 32.80 -27.43
C SER C 331 5.34 34.30 -27.50
N ASP C 332 4.47 35.09 -26.88
CA ASP C 332 4.64 36.52 -26.76
C ASP C 332 4.90 36.86 -25.30
N ILE C 333 6.07 37.40 -25.00
CA ILE C 333 6.46 37.73 -23.64
C ILE C 333 6.97 39.16 -23.61
N ASP C 334 6.57 39.92 -22.59
CA ASP C 334 6.96 41.30 -22.42
C ASP C 334 7.92 41.41 -21.26
N LEU C 335 9.09 42.01 -21.51
CA LEU C 335 10.10 42.26 -20.48
C LEU C 335 10.50 43.73 -20.58
N ARG C 336 9.72 44.61 -19.95
CA ARG C 336 9.84 46.03 -20.21
C ARG C 336 11.18 46.58 -19.73
N SER C 337 11.54 46.31 -18.48
CA SER C 337 12.79 46.83 -17.94
C SER C 337 13.56 45.76 -17.20
N SER C 338 13.45 44.52 -17.67
CA SER C 338 13.97 43.38 -16.95
C SER C 338 15.50 43.37 -16.95
N ASP C 339 16.06 42.56 -16.06
CA ASP C 339 17.51 42.40 -15.92
C ASP C 339 17.80 40.92 -16.08
N CYS C 340 17.97 40.49 -17.33
CA CYS C 340 18.28 39.10 -17.66
C CYS C 340 19.73 39.04 -18.09
N SER C 341 20.62 38.67 -17.17
CA SER C 341 22.05 38.74 -17.44
C SER C 341 22.76 37.64 -16.68
N ASN C 342 24.09 37.65 -16.79
CA ASN C 342 25.01 36.77 -16.07
C ASN C 342 24.71 35.30 -16.27
N SER C 343 24.12 34.92 -17.41
CA SER C 343 23.98 33.51 -17.73
C SER C 343 25.34 32.84 -17.76
N GLN C 344 25.42 31.63 -17.20
CA GLN C 344 26.72 30.98 -17.04
C GLN C 344 27.24 30.39 -18.34
N THR C 345 26.36 29.88 -19.21
CA THR C 345 26.86 29.18 -20.37
C THR C 345 26.22 29.60 -21.69
N THR C 346 24.97 30.04 -21.72
CA THR C 346 24.31 30.34 -22.99
C THR C 346 23.72 31.75 -22.92
N TYR C 347 22.90 32.08 -23.91
CA TYR C 347 22.45 33.44 -24.13
C TYR C 347 21.64 33.96 -22.96
N GLY C 348 21.49 35.29 -22.90
CA GLY C 348 20.68 35.89 -21.85
C GLY C 348 19.21 35.88 -22.19
N VAL C 349 18.83 36.55 -23.28
CA VAL C 349 17.46 36.61 -23.75
C VAL C 349 17.42 36.05 -25.16
N ILE C 350 16.57 35.05 -25.38
CA ILE C 350 16.51 34.37 -26.67
C ILE C 350 15.06 34.19 -27.06
N ALA C 351 14.76 34.42 -28.34
CA ALA C 351 13.45 34.17 -28.90
C ALA C 351 13.61 33.36 -30.18
N THR C 352 12.86 32.27 -30.27
CA THR C 352 12.99 31.35 -31.39
C THR C 352 11.62 30.92 -31.86
N ARG C 353 11.57 30.40 -33.09
CA ARG C 353 10.37 29.81 -33.66
C ARG C 353 9.21 30.80 -33.68
N SER C 354 9.44 31.94 -34.33
CA SER C 354 8.38 32.91 -34.61
C SER C 354 7.70 33.43 -33.33
N SER C 355 8.52 33.78 -32.34
CA SER C 355 8.03 34.24 -31.05
C SER C 355 8.60 35.62 -30.74
N ASN C 356 7.74 36.52 -30.26
CA ASN C 356 8.10 37.91 -30.05
C ASN C 356 8.48 38.17 -28.60
N ILE C 357 9.32 39.19 -28.39
CA ILE C 357 9.72 39.67 -27.08
C ILE C 357 9.70 41.19 -27.12
N ASN C 358 9.51 41.80 -25.96
CA ASN C 358 9.60 43.25 -25.81
C ASN C 358 10.61 43.54 -24.71
N PHE C 359 11.88 43.63 -25.07
CA PHE C 359 12.97 43.90 -24.14
C PHE C 359 13.27 45.40 -24.10
N ASP C 360 12.27 46.17 -23.67
CA ASP C 360 12.24 47.61 -23.94
C ASP C 360 13.47 48.32 -23.40
N LYS C 361 13.87 48.01 -22.17
CA LYS C 361 15.08 48.61 -21.61
C LYS C 361 15.91 47.58 -20.86
N GLY C 362 16.01 46.38 -21.40
CA GLY C 362 16.61 45.29 -20.68
C GLY C 362 18.11 45.46 -20.47
N ILE C 363 18.64 44.63 -19.57
CA ILE C 363 20.06 44.62 -19.25
C ILE C 363 20.53 43.18 -19.36
N ALA C 364 21.45 42.92 -20.29
CA ALA C 364 21.98 41.57 -20.51
C ALA C 364 23.50 41.67 -20.62
N ASN C 365 24.18 41.58 -19.48
CA ASN C 365 25.63 41.65 -19.44
C ASN C 365 26.22 40.37 -18.86
N GLY C 366 27.51 40.16 -19.13
CA GLY C 366 28.26 39.10 -18.50
C GLY C 366 27.87 37.69 -18.90
N CYS C 367 27.03 37.54 -19.93
CA CYS C 367 26.57 36.22 -20.31
C CYS C 367 27.72 35.38 -20.85
N GLY C 368 27.62 34.06 -20.65
CA GLY C 368 28.62 33.17 -21.20
C GLY C 368 28.53 33.01 -22.70
N ALA C 369 27.42 33.44 -23.29
CA ALA C 369 27.24 33.47 -24.73
C ALA C 369 26.61 34.78 -25.14
N SER C 370 26.09 34.86 -26.36
CA SER C 370 25.55 36.11 -26.89
C SER C 370 24.49 36.69 -25.97
N GLY C 371 24.59 37.99 -25.71
CA GLY C 371 23.71 38.61 -24.73
C GLY C 371 22.25 38.55 -25.13
N ILE C 372 21.94 38.94 -26.36
CA ILE C 372 20.58 38.91 -26.89
C ILE C 372 20.61 38.15 -28.21
N MET C 373 19.71 37.19 -28.38
CA MET C 373 19.64 36.43 -29.61
C MET C 373 18.19 36.36 -30.06
N ALA C 374 18.01 36.40 -31.38
CA ALA C 374 16.69 36.35 -31.99
C ALA C 374 16.78 35.49 -33.24
N ASN C 375 16.17 34.32 -33.21
CA ASN C 375 16.40 33.30 -34.21
C ASN C 375 15.10 32.77 -34.78
N ARG C 376 15.17 32.27 -36.02
CA ARG C 376 14.11 31.50 -36.65
C ARG C 376 12.80 32.30 -36.75
N GLY C 377 12.85 33.38 -37.52
CA GLY C 377 11.65 34.11 -37.88
C GLY C 377 10.95 34.80 -36.73
N CYS C 378 11.70 35.30 -35.76
CA CYS C 378 11.15 35.94 -34.58
C CYS C 378 11.46 37.43 -34.59
N SER C 379 10.89 38.13 -33.61
CA SER C 379 11.09 39.57 -33.47
C SER C 379 11.35 39.93 -32.02
N ILE C 380 12.29 40.84 -31.79
CA ILE C 380 12.57 41.38 -30.46
C ILE C 380 12.62 42.89 -30.59
N ASP C 381 12.31 43.56 -29.48
CA ASP C 381 12.39 45.01 -29.40
C ASP C 381 13.27 45.32 -28.19
N ALA C 382 14.45 45.89 -28.43
CA ALA C 382 15.35 46.31 -27.36
C ALA C 382 15.78 47.74 -27.65
N THR C 383 14.94 48.70 -27.26
CA THR C 383 15.17 50.09 -27.66
C THR C 383 16.31 50.71 -26.85
N GLY C 384 16.34 50.47 -25.55
CA GLY C 384 17.38 51.04 -24.73
C GLY C 384 18.20 49.98 -24.02
N ALA C 385 18.36 48.82 -24.66
CA ALA C 385 19.00 47.69 -24.01
C ALA C 385 20.46 47.98 -23.70
N THR C 386 21.10 47.03 -23.03
CA THR C 386 22.52 47.07 -22.72
C THR C 386 23.06 45.65 -22.78
N ALA C 387 23.96 45.39 -23.72
CA ALA C 387 24.56 44.07 -23.90
C ALA C 387 26.07 44.25 -23.93
N SER C 388 26.69 44.22 -22.76
CA SER C 388 28.12 44.46 -22.63
C SER C 388 28.78 43.31 -21.90
N ARG C 389 30.07 43.12 -22.19
CA ARG C 389 30.96 42.16 -21.55
C ARG C 389 30.58 40.72 -21.83
N ASN C 390 29.63 40.46 -22.73
CA ASN C 390 29.30 39.08 -23.07
C ASN C 390 30.48 38.41 -23.77
N LYS C 391 30.54 37.08 -23.65
CA LYS C 391 31.63 36.35 -24.27
C LYS C 391 31.54 36.36 -25.78
N TRP C 392 30.36 36.05 -26.31
CA TRP C 392 30.10 36.08 -27.74
C TRP C 392 29.49 37.43 -28.14
N HIS C 393 28.93 37.48 -29.34
CA HIS C 393 28.36 38.71 -29.87
C HIS C 393 27.34 39.32 -28.92
N GLY C 394 27.39 40.64 -28.77
CA GLY C 394 26.48 41.31 -27.85
C GLY C 394 25.02 41.17 -28.27
N VAL C 395 24.74 41.41 -29.54
CA VAL C 395 23.40 41.27 -30.10
C VAL C 395 23.51 40.51 -31.41
N ILE C 396 22.78 39.41 -31.53
CA ILE C 396 22.83 38.58 -32.73
C ILE C 396 21.40 38.25 -33.14
N ALA C 397 21.11 38.42 -34.43
CA ALA C 397 19.85 37.97 -35.02
C ALA C 397 20.18 37.06 -36.19
N SER C 398 19.52 35.91 -36.24
CA SER C 398 19.89 34.88 -37.21
C SER C 398 18.63 34.29 -37.85
N ASN C 399 18.81 33.80 -39.08
CA ASN C 399 17.75 33.16 -39.85
C ASN C 399 16.46 33.96 -39.86
N ASN C 400 16.54 35.15 -40.46
CA ASN C 400 15.37 35.96 -40.81
C ASN C 400 14.61 36.41 -39.56
N SER C 401 15.27 37.12 -38.67
CA SER C 401 14.65 37.62 -37.45
C SER C 401 15.00 39.08 -37.25
N LYS C 402 14.02 39.88 -36.82
CA LYS C 402 14.17 41.31 -36.69
C LYS C 402 14.41 41.69 -35.23
N VAL C 403 15.37 42.57 -34.99
CA VAL C 403 15.67 43.10 -33.67
C VAL C 403 15.71 44.61 -33.77
N ASP C 404 15.34 45.27 -32.67
CA ASP C 404 15.44 46.71 -32.58
C ASP C 404 16.45 47.06 -31.50
N PHE C 405 17.34 48.01 -31.80
CA PHE C 405 18.39 48.42 -30.88
C PHE C 405 18.55 49.94 -30.95
N THR C 406 17.42 50.65 -30.90
CA THR C 406 17.37 52.05 -31.32
C THR C 406 18.41 52.91 -30.60
N SER C 407 18.59 52.70 -29.30
CA SER C 407 19.58 53.48 -28.55
C SER C 407 20.36 52.65 -27.55
N GLY C 408 20.51 51.35 -27.81
CA GLY C 408 21.21 50.49 -26.88
C GLY C 408 22.72 50.65 -26.96
N ASN C 409 23.40 49.90 -26.10
CA ASN C 409 24.85 49.84 -26.08
C ASN C 409 25.31 48.40 -26.30
N ALA C 410 26.53 48.26 -26.80
CA ALA C 410 27.17 46.94 -26.93
C ALA C 410 28.68 47.17 -26.84
N ASN C 411 29.23 46.97 -25.64
CA ASN C 411 30.64 47.26 -25.38
C ASN C 411 31.31 46.03 -24.80
N GLU C 412 32.62 45.92 -25.02
CA GLU C 412 33.49 44.92 -24.41
C GLU C 412 33.08 43.49 -24.72
N ASN C 413 32.19 43.27 -25.69
CA ASN C 413 31.84 41.91 -26.06
C ASN C 413 33.04 41.21 -26.68
N GLY C 414 33.14 39.91 -26.42
CA GLY C 414 34.27 39.14 -26.93
C GLY C 414 34.25 38.95 -28.44
N LEU C 415 33.13 39.22 -29.10
CA LEU C 415 32.99 39.06 -30.53
C LEU C 415 32.18 40.25 -31.05
N ASP C 416 31.64 40.10 -32.26
CA ASP C 416 30.94 41.18 -32.95
C ASP C 416 29.94 41.86 -32.03
N GLY C 417 30.04 43.18 -31.92
CA GLY C 417 29.17 43.90 -31.00
C GLY C 417 27.71 43.76 -31.35
N ILE C 418 27.40 43.79 -32.64
CA ILE C 418 26.03 43.62 -33.13
C ILE C 418 26.09 42.96 -34.49
N GLN C 419 25.42 41.82 -34.63
CA GLN C 419 25.58 40.98 -35.80
C GLN C 419 24.22 40.64 -36.41
N CYS C 420 24.24 40.36 -37.71
CA CYS C 420 23.10 39.81 -38.42
C CYS C 420 23.52 38.53 -39.12
N THR C 421 22.55 37.69 -39.45
CA THR C 421 22.83 36.41 -40.10
C THR C 421 21.61 35.97 -40.88
N HIS C 422 21.77 35.84 -42.19
CA HIS C 422 20.80 35.19 -43.06
C HIS C 422 19.42 35.86 -42.99
N GLY C 423 19.36 37.10 -43.46
CA GLY C 423 18.11 37.79 -43.63
C GLY C 423 17.68 38.62 -42.43
N SER C 424 18.38 38.52 -41.31
CA SER C 424 18.04 39.27 -40.13
C SER C 424 18.28 40.76 -40.34
N THR C 425 17.44 41.58 -39.72
CA THR C 425 17.56 43.03 -39.79
C THR C 425 17.57 43.59 -38.38
N VAL C 426 18.75 44.03 -37.92
CA VAL C 426 18.86 44.75 -36.66
C VAL C 426 18.89 46.24 -36.98
N GLN C 427 18.24 47.03 -36.13
CA GLN C 427 18.13 48.46 -36.34
C GLN C 427 18.69 49.17 -35.11
N ALA C 428 19.75 49.95 -35.30
CA ALA C 428 20.40 50.67 -34.20
C ALA C 428 20.55 52.13 -34.62
N ARG C 429 19.50 52.92 -34.40
CA ARG C 429 19.47 54.29 -34.91
C ARG C 429 20.57 55.15 -34.30
N LEU C 430 20.79 55.02 -32.99
CA LEU C 430 21.77 55.83 -32.30
C LEU C 430 22.62 55.03 -31.33
N SER C 431 22.78 53.73 -31.56
CA SER C 431 23.44 52.87 -30.58
C SER C 431 24.90 53.28 -30.39
N THR C 432 25.50 52.74 -29.34
CA THR C 432 26.93 52.91 -29.07
C THR C 432 27.57 51.53 -29.06
N THR C 433 28.49 51.30 -29.99
CA THR C 433 29.13 49.99 -30.16
C THR C 433 30.64 50.22 -30.17
N ASN C 434 31.24 50.28 -29.00
CA ASN C 434 32.65 50.61 -28.88
C ASN C 434 33.32 49.74 -27.84
N GLY C 435 34.59 49.45 -28.06
CA GLY C 435 35.37 48.62 -27.15
C GLY C 435 35.22 47.13 -27.34
N ASN C 436 34.46 46.70 -28.33
CA ASN C 436 34.25 45.27 -28.55
C ASN C 436 35.55 44.58 -28.92
N LYS C 437 35.64 43.29 -28.59
CA LYS C 437 36.90 42.59 -28.75
C LYS C 437 37.21 42.28 -30.21
N ARG C 438 36.21 41.85 -30.99
CA ARG C 438 36.53 41.47 -32.36
C ARG C 438 36.12 42.51 -33.40
N ASN C 439 34.83 42.80 -33.53
CA ASN C 439 34.40 43.45 -34.76
C ASN C 439 33.44 44.63 -34.60
N GLY C 440 32.56 44.65 -33.61
CA GLY C 440 31.54 45.69 -33.60
C GLY C 440 30.31 45.31 -34.42
N VAL C 441 30.12 45.95 -35.57
CA VAL C 441 28.94 45.73 -36.40
C VAL C 441 29.35 44.86 -37.59
N LEU C 442 28.59 43.80 -37.82
CA LEU C 442 28.85 42.90 -38.94
C LEU C 442 27.53 42.54 -39.59
N ALA C 443 27.54 42.35 -40.91
CA ALA C 443 26.36 42.00 -41.67
C ALA C 443 26.66 40.71 -42.44
N TYR C 444 26.41 39.57 -41.80
CA TYR C 444 26.69 38.25 -42.37
C TYR C 444 25.45 37.81 -43.15
N ALA C 445 25.36 38.26 -44.40
CA ALA C 445 24.21 37.99 -45.26
C ALA C 445 22.92 38.52 -44.63
N GLY C 446 23.00 39.71 -44.04
CA GLY C 446 21.84 40.32 -43.42
C GLY C 446 21.94 41.83 -43.45
N ASP C 447 20.81 42.47 -43.16
CA ASP C 447 20.71 43.92 -43.23
C ASP C 447 20.89 44.52 -41.84
N VAL C 448 21.62 45.63 -41.78
CA VAL C 448 21.83 46.38 -40.55
C VAL C 448 21.62 47.86 -40.85
N TYR C 449 20.80 48.53 -40.05
CA TYR C 449 20.48 49.94 -40.26
C TYR C 449 20.91 50.74 -39.04
N CYS C 450 21.70 51.79 -39.26
CA CYS C 450 22.27 52.56 -38.15
C CYS C 450 22.39 54.01 -38.59
N GLN C 451 21.45 54.85 -38.16
CA GLN C 451 21.45 56.25 -38.59
C GLN C 451 22.73 56.97 -38.19
N GLU C 452 23.10 56.90 -36.92
CA GLU C 452 24.28 57.61 -36.42
C GLU C 452 25.06 56.76 -35.44
N ILE C 453 25.31 55.49 -35.80
CA ILE C 453 25.95 54.56 -34.88
C ILE C 453 27.33 55.09 -34.49
N ASN C 454 27.72 54.85 -33.24
CA ASN C 454 29.03 55.22 -32.73
C ASN C 454 29.86 53.95 -32.57
N CYS C 455 31.04 53.93 -33.17
CA CYS C 455 31.98 52.84 -33.03
C CYS C 455 33.34 53.42 -32.65
N ASP C 456 34.04 52.77 -31.74
CA ASP C 456 35.32 53.29 -31.27
C ASP C 456 36.12 52.18 -30.61
N GLY C 457 37.43 52.21 -30.80
CA GLY C 457 38.32 51.29 -30.11
C GLY C 457 38.03 49.83 -30.32
N ASN C 458 37.47 49.46 -31.47
CA ASN C 458 37.11 48.07 -31.71
C ASN C 458 38.37 47.21 -31.87
N GLY C 459 38.15 45.93 -32.11
CA GLY C 459 39.25 45.00 -32.23
C GLY C 459 39.69 44.74 -33.66
N ARG C 460 38.75 44.81 -34.60
CA ARG C 460 39.05 44.57 -36.00
C ARG C 460 37.84 44.91 -36.85
N ARG C 461 38.11 45.35 -38.07
CA ARG C 461 37.13 45.40 -39.16
C ARG C 461 36.05 46.45 -38.98
N GLY C 462 36.00 47.10 -37.82
CA GLY C 462 34.99 48.11 -37.54
C GLY C 462 33.61 47.74 -38.04
N LEU C 463 32.90 48.71 -38.61
CA LEU C 463 31.67 48.40 -39.32
C LEU C 463 31.97 47.55 -40.54
N GLU C 464 31.15 46.55 -40.82
CA GLU C 464 31.48 45.59 -41.86
C GLU C 464 30.21 44.97 -42.42
N ALA C 465 30.31 44.53 -43.67
CA ALA C 465 29.28 43.72 -44.32
C ALA C 465 29.97 42.62 -45.12
N THR C 466 29.21 41.56 -45.43
CA THR C 466 29.78 40.44 -46.17
C THR C 466 28.65 39.56 -46.69
N ARG C 467 29.00 38.74 -47.69
CA ARG C 467 28.14 37.67 -48.18
C ARG C 467 26.74 38.19 -48.57
N GLY C 468 26.70 39.33 -49.24
CA GLY C 468 25.43 39.90 -49.65
C GLY C 468 24.75 40.76 -48.62
N GLY C 469 25.34 40.92 -47.44
CA GLY C 469 24.73 41.78 -46.43
C GLY C 469 24.75 43.24 -46.86
N TYR C 470 23.85 44.01 -46.26
CA TYR C 470 23.71 45.42 -46.57
C TYR C 470 23.75 46.22 -45.27
N VAL C 471 24.37 47.39 -45.31
CA VAL C 471 24.45 48.27 -44.16
C VAL C 471 24.03 49.68 -44.61
N ALA C 472 23.16 50.29 -43.83
CA ALA C 472 22.69 51.65 -44.10
C ALA C 472 23.06 52.53 -42.92
N ALA C 473 24.12 53.33 -43.09
CA ALA C 473 24.61 54.17 -42.00
C ALA C 473 24.80 55.59 -42.54
N TYR C 474 23.73 56.39 -42.46
CA TYR C 474 23.80 57.73 -43.05
C TYR C 474 24.81 58.62 -42.35
N GLY C 475 24.91 58.53 -41.03
CA GLY C 475 25.80 59.42 -40.31
C GLY C 475 26.72 58.72 -39.34
N ALA C 476 27.23 57.56 -39.73
CA ALA C 476 28.02 56.74 -38.82
C ALA C 476 29.26 57.49 -38.34
N LYS C 477 29.63 57.25 -37.09
CA LYS C 477 30.82 57.84 -36.50
C LYS C 477 31.71 56.70 -36.01
N VAL C 478 32.56 56.20 -36.90
CA VAL C 478 33.44 55.07 -36.61
C VAL C 478 34.85 55.60 -36.48
N SER C 479 35.59 55.12 -35.48
CA SER C 479 36.94 55.61 -35.26
C SER C 479 37.75 54.60 -34.46
N ARG C 480 39.07 54.74 -34.56
CA ARG C 480 40.05 54.06 -33.71
C ARG C 480 39.99 52.54 -33.78
N SER C 481 39.21 51.97 -34.69
CA SER C 481 39.19 50.51 -34.80
C SER C 481 40.50 50.03 -35.40
N LYS C 482 40.84 48.77 -35.11
CA LYS C 482 42.17 48.28 -35.42
C LYS C 482 42.33 47.88 -36.88
N ASP C 483 41.26 47.86 -37.68
CA ASP C 483 41.38 47.38 -39.04
C ASP C 483 40.29 48.02 -39.91
N ASP C 484 40.67 49.07 -40.64
CA ASP C 484 39.93 49.68 -41.74
C ASP C 484 38.69 50.48 -41.37
N ASN C 485 38.17 50.33 -40.17
CA ASN C 485 37.01 51.07 -39.69
C ASN C 485 35.74 50.81 -40.50
N VAL C 486 35.88 50.15 -41.66
CA VAL C 486 34.81 49.90 -42.63
C VAL C 486 35.33 48.84 -43.58
N LEU C 487 34.47 47.93 -44.01
CA LEU C 487 34.87 46.97 -45.03
C LEU C 487 33.63 46.40 -45.70
N ALA C 488 33.65 46.39 -47.03
CA ALA C 488 32.61 45.75 -47.83
C ALA C 488 33.23 44.53 -48.51
N TYR C 489 32.76 43.35 -48.13
CA TYR C 489 33.33 42.08 -48.58
C TYR C 489 32.34 41.42 -49.53
N GLY C 490 32.40 41.80 -50.80
CA GLY C 490 31.44 41.30 -51.77
C GLY C 490 30.02 41.67 -51.44
N SER C 491 29.79 42.88 -50.93
CA SER C 491 28.47 43.28 -50.48
C SER C 491 28.40 44.80 -50.55
N MET C 492 27.21 45.33 -50.28
CA MET C 492 26.94 46.76 -50.38
C MET C 492 26.89 47.40 -49.01
N ILE C 493 27.40 48.63 -48.91
CA ILE C 493 27.33 49.43 -47.70
C ILE C 493 26.99 50.85 -48.10
N SER C 494 26.11 51.49 -47.35
CA SER C 494 25.67 52.85 -47.63
C SER C 494 26.04 53.75 -46.45
N ILE C 495 27.08 54.57 -46.63
CA ILE C 495 27.54 55.50 -45.61
C ILE C 495 27.60 56.88 -46.28
N ASN C 496 26.49 57.62 -46.22
CA ASN C 496 26.40 58.86 -46.98
C ASN C 496 27.34 59.93 -46.43
N GLU C 497 27.30 60.18 -45.13
CA GLU C 497 28.11 61.24 -44.51
C GLU C 497 28.60 60.73 -43.16
N ALA C 498 29.81 60.17 -43.14
CA ALA C 498 30.38 59.59 -41.93
C ALA C 498 31.60 60.39 -41.48
N LEU C 499 32.15 59.98 -40.34
CA LEU C 499 33.39 60.51 -39.80
C LEU C 499 34.26 59.33 -39.38
N ILE C 500 35.27 59.02 -40.18
CA ILE C 500 36.17 57.90 -39.94
C ILE C 500 37.53 58.45 -39.56
N GLU C 501 38.04 58.04 -38.40
CA GLU C 501 39.28 58.58 -37.88
C GLU C 501 40.15 57.47 -37.32
N ARG C 502 41.47 57.69 -37.43
CA ARG C 502 42.48 56.90 -36.72
C ARG C 502 42.36 55.41 -37.00
N ALA C 503 42.06 55.05 -38.24
CA ALA C 503 41.98 53.66 -38.62
C ALA C 503 43.33 52.98 -38.49
N GLY C 504 43.30 51.70 -38.11
CA GLY C 504 44.53 50.92 -38.08
C GLY C 504 44.98 50.47 -39.45
N ARG C 505 44.12 50.59 -40.45
CA ARG C 505 44.46 50.24 -41.82
C ARG C 505 43.65 51.16 -42.73
N ASN C 506 43.51 50.78 -44.00
CA ASN C 506 42.84 51.62 -44.98
C ASN C 506 41.41 51.95 -44.57
N GLY C 507 41.12 53.25 -44.47
CA GLY C 507 39.92 53.69 -43.77
C GLY C 507 38.63 53.29 -44.45
N ILE C 508 38.69 53.02 -45.75
CA ILE C 508 37.57 52.45 -46.50
C ILE C 508 38.11 51.33 -47.35
N GLU C 509 37.34 50.26 -47.50
CA GLU C 509 37.76 49.13 -48.30
C GLU C 509 36.55 48.45 -48.90
N ALA C 510 36.45 48.45 -50.21
CA ALA C 510 35.49 47.64 -50.96
C ALA C 510 36.27 46.55 -51.67
N THR C 511 36.12 45.32 -51.22
CA THR C 511 36.92 44.21 -51.71
C THR C 511 36.04 43.15 -52.34
N ARG C 512 36.57 42.48 -53.36
CA ARG C 512 35.96 41.28 -53.91
C ARG C 512 34.54 41.58 -54.42
N GLY C 513 34.40 42.70 -55.09
CA GLY C 513 33.09 43.17 -55.50
C GLY C 513 32.47 44.08 -54.47
N GLY C 514 31.21 44.43 -54.73
CA GLY C 514 30.47 45.27 -53.81
C GLY C 514 30.68 46.75 -54.06
N GLN C 515 29.78 47.55 -53.50
CA GLN C 515 29.80 49.00 -53.70
C GLN C 515 29.63 49.68 -52.35
N ILE C 516 30.29 50.83 -52.19
CA ILE C 516 30.22 51.61 -50.97
C ILE C 516 29.74 53.02 -51.33
N PHE C 517 28.52 53.35 -50.95
CA PHE C 517 27.95 54.66 -51.23
C PHE C 517 28.46 55.66 -50.22
N ALA C 518 28.75 56.88 -50.68
CA ALA C 518 29.24 57.93 -49.81
C ALA C 518 29.11 59.27 -50.54
N ASP C 519 28.73 60.31 -49.79
CA ASP C 519 28.44 61.61 -50.38
C ASP C 519 29.38 62.70 -49.87
N ARG C 520 29.49 62.88 -48.56
CA ARG C 520 30.36 63.88 -47.98
C ARG C 520 31.20 63.27 -46.86
N ILE C 521 31.69 62.05 -47.10
CA ILE C 521 32.30 61.27 -46.04
C ILE C 521 33.66 61.85 -45.69
N THR C 522 33.96 61.91 -44.40
CA THR C 522 35.19 62.50 -43.91
C THR C 522 36.10 61.41 -43.33
N ILE C 523 37.34 61.36 -43.80
CA ILE C 523 38.34 60.45 -43.28
C ILE C 523 39.45 61.27 -42.63
N THR C 524 40.20 60.63 -41.73
CA THR C 524 41.27 61.31 -41.02
C THR C 524 42.19 60.26 -40.40
N GLY C 525 43.49 60.47 -40.52
CA GLY C 525 44.46 59.70 -39.76
C GLY C 525 44.51 58.22 -40.05
N SER C 526 43.95 57.78 -41.18
CA SER C 526 43.95 56.36 -41.48
C SER C 526 45.37 55.85 -41.66
N GLY C 527 45.64 54.66 -41.13
CA GLY C 527 46.98 54.12 -41.19
C GLY C 527 47.41 53.81 -42.62
N ASP C 528 46.48 53.38 -43.46
CA ASP C 528 46.78 53.05 -44.85
C ASP C 528 45.84 53.83 -45.77
N PHE C 529 45.81 53.42 -47.04
CA PHE C 529 45.11 54.10 -48.12
C PHE C 529 43.77 54.64 -47.66
N GLY C 530 43.52 55.93 -47.95
CA GLY C 530 42.28 56.54 -47.52
C GLY C 530 41.05 55.85 -48.08
N ILE C 531 41.08 55.55 -49.38
CA ILE C 531 40.05 54.77 -50.04
C ILE C 531 40.73 53.70 -50.88
N LEU C 532 40.24 52.46 -50.77
CA LEU C 532 40.81 51.34 -51.51
C LEU C 532 39.67 50.56 -52.17
N ALA C 533 39.96 49.97 -53.32
CA ALA C 533 38.96 49.21 -54.07
C ALA C 533 39.64 48.04 -54.77
N TYR C 534 39.02 46.87 -54.70
CA TYR C 534 39.49 45.65 -55.36
C TYR C 534 38.39 45.15 -56.25
N ALA C 535 38.41 45.57 -57.53
CA ALA C 535 37.38 45.20 -58.49
C ALA C 535 35.99 45.58 -58.00
N SER C 536 35.91 46.72 -57.31
CA SER C 536 34.70 47.12 -56.63
C SER C 536 34.49 48.63 -56.78
N LYS C 537 33.23 49.01 -56.88
CA LYS C 537 32.84 50.41 -57.01
C LYS C 537 32.89 51.09 -55.65
N VAL C 538 33.37 52.34 -55.61
CA VAL C 538 33.27 53.19 -54.44
C VAL C 538 32.85 54.58 -54.91
N PHE C 539 31.80 55.11 -54.30
CA PHE C 539 31.29 56.44 -54.64
C PHE C 539 31.55 57.37 -53.46
N ALA C 540 32.21 58.50 -53.73
CA ALA C 540 32.39 59.52 -52.69
C ALA C 540 32.44 60.88 -53.38
N GLU C 541 31.28 61.53 -53.47
CA GLU C 541 31.17 62.74 -54.28
C GLU C 541 32.06 63.86 -53.74
N ALA C 542 32.02 64.10 -52.45
CA ALA C 542 32.71 65.23 -51.85
C ALA C 542 33.48 64.81 -50.60
N SER C 543 34.23 63.72 -50.71
CA SER C 543 35.02 63.23 -49.59
C SER C 543 36.03 64.28 -49.13
N ASN C 544 36.53 64.14 -47.91
CA ASN C 544 37.45 65.10 -47.29
C ASN C 544 38.66 64.39 -46.73
N ILE C 545 39.27 63.54 -47.55
CA ILE C 545 40.42 62.72 -47.15
C ILE C 545 41.47 63.59 -46.48
N SER C 546 42.04 63.11 -45.38
CA SER C 546 43.08 63.87 -44.68
C SER C 546 43.90 62.93 -43.83
N GLY C 547 45.10 63.39 -43.47
CA GLY C 547 45.94 62.68 -42.52
C GLY C 547 46.27 61.25 -42.90
N THR C 548 46.24 60.94 -44.20
CA THR C 548 46.45 59.58 -44.67
C THR C 548 47.93 59.31 -44.86
N LYS C 549 48.40 58.19 -44.32
CA LYS C 549 49.82 57.84 -44.45
C LYS C 549 50.18 57.50 -45.89
N ASN C 550 49.40 56.62 -46.51
CA ASN C 550 49.67 56.16 -47.87
C ASN C 550 48.84 56.96 -48.86
N GLU C 551 48.82 56.50 -50.11
CA GLU C 551 48.09 57.19 -51.16
C GLU C 551 46.61 57.27 -50.80
N PRO C 552 45.99 58.46 -50.84
CA PRO C 552 44.59 58.57 -50.40
C PRO C 552 43.61 57.70 -51.17
N VAL C 553 43.51 57.87 -52.47
CA VAL C 553 42.56 57.13 -53.29
C VAL C 553 43.32 56.07 -54.08
N TYR C 554 42.88 54.83 -53.96
CA TYR C 554 43.57 53.70 -54.56
C TYR C 554 42.55 52.75 -55.16
N ALA C 555 42.56 52.61 -56.48
CA ALA C 555 41.69 51.69 -57.18
C ALA C 555 42.54 50.66 -57.88
N THR C 556 42.11 49.39 -57.84
CA THR C 556 42.95 48.31 -58.32
C THR C 556 42.06 47.15 -58.74
N ARG C 557 42.55 46.36 -59.70
CA ARG C 557 41.87 45.18 -60.22
C ARG C 557 40.54 45.53 -60.89
N GLY C 558 40.39 46.76 -61.37
CA GLY C 558 39.23 47.13 -62.13
C GLY C 558 38.15 47.89 -61.38
N GLY C 559 38.37 48.21 -60.11
CA GLY C 559 37.38 48.98 -59.37
C GLY C 559 37.41 50.44 -59.76
N GLU C 560 36.27 51.10 -59.66
CA GLU C 560 36.13 52.49 -60.04
C GLU C 560 35.75 53.32 -58.83
N VAL C 561 36.22 54.57 -58.82
CA VAL C 561 35.92 55.53 -57.77
C VAL C 561 35.52 56.85 -58.42
N THR C 562 34.42 57.44 -57.96
CA THR C 562 33.95 58.72 -58.47
C THR C 562 33.98 59.73 -57.34
N CYS C 563 34.76 60.80 -57.52
CA CYS C 563 34.92 61.79 -56.46
C CYS C 563 35.13 63.16 -57.10
N PHE C 564 34.04 63.90 -57.30
CA PHE C 564 34.09 65.17 -58.02
C PHE C 564 34.09 66.38 -57.09
N GLY C 565 34.30 66.18 -55.80
CA GLY C 565 34.32 67.31 -54.89
C GLY C 565 35.34 67.17 -53.78
N SER C 566 36.29 66.26 -53.96
CA SER C 566 37.21 65.91 -52.88
C SER C 566 38.06 67.11 -52.47
N ASN C 567 38.37 67.16 -51.18
CA ASN C 567 39.30 68.12 -50.61
C ASN C 567 40.52 67.39 -50.04
N ILE C 568 41.01 66.40 -50.79
CA ILE C 568 42.10 65.56 -50.30
C ILE C 568 43.33 66.41 -50.01
N SER C 569 44.00 66.11 -48.90
CA SER C 569 45.20 66.83 -48.47
C SER C 569 46.24 65.79 -48.06
N SER C 570 47.15 65.46 -48.98
CA SER C 570 48.22 64.53 -48.71
C SER C 570 49.39 64.81 -49.64
N ASN C 571 50.60 64.55 -49.14
CA ASN C 571 51.80 64.79 -49.93
C ASN C 571 51.92 63.79 -51.07
N LYS C 572 51.52 62.54 -50.83
CA LYS C 572 51.67 61.49 -51.83
C LYS C 572 50.74 61.74 -53.02
N THR C 573 50.82 60.85 -54.00
CA THR C 573 49.95 60.95 -55.18
C THR C 573 48.49 60.84 -54.75
N VAL C 574 47.70 61.83 -55.15
CA VAL C 574 46.32 61.90 -54.68
C VAL C 574 45.50 60.72 -55.23
N TYR C 575 45.57 60.49 -56.53
CA TYR C 575 44.84 59.41 -57.16
C TYR C 575 45.81 58.36 -57.70
N ASN C 576 45.48 57.09 -57.49
CA ASN C 576 46.31 55.99 -57.94
C ASN C 576 45.46 54.98 -58.68
N VAL C 577 46.01 54.41 -59.75
CA VAL C 577 45.32 53.44 -60.59
C VAL C 577 46.28 52.31 -60.94
N TYR C 578 45.80 51.07 -60.80
CA TYR C 578 46.58 49.91 -61.17
C TYR C 578 45.65 48.85 -61.75
N ASN C 579 46.20 48.04 -62.67
CA ASN C 579 45.51 46.88 -63.23
C ASN C 579 44.14 47.24 -63.80
N GLY C 580 44.07 48.35 -64.52
CA GLY C 580 42.88 48.67 -65.28
C GLY C 580 41.73 49.25 -64.49
N SER C 581 41.98 49.74 -63.28
CA SER C 581 40.93 50.39 -62.50
C SER C 581 40.63 51.77 -63.07
N ARG C 582 39.55 52.37 -62.58
CA ARG C 582 39.10 53.67 -63.08
C ARG C 582 38.93 54.65 -61.93
N ILE C 583 39.12 55.93 -62.23
CA ILE C 583 38.86 57.02 -61.30
C ILE C 583 38.24 58.16 -62.08
N PHE C 584 37.24 58.81 -61.47
CA PHE C 584 36.61 59.99 -62.04
C PHE C 584 36.57 61.07 -60.97
N THR C 585 37.17 62.23 -61.27
CA THR C 585 37.31 63.27 -60.27
C THR C 585 37.17 64.63 -60.95
N ASP C 586 37.51 65.68 -60.21
CA ASP C 586 37.38 67.06 -60.68
C ASP C 586 38.76 67.68 -60.87
N LYS C 587 38.89 68.53 -61.89
CA LYS C 587 40.16 69.17 -62.20
C LYS C 587 40.32 70.53 -61.53
N ASP C 588 39.31 71.02 -60.82
CA ASP C 588 39.38 72.36 -60.25
C ASP C 588 40.53 72.48 -59.25
N HIS C 589 40.69 71.48 -58.39
CA HIS C 589 41.85 71.39 -57.50
C HIS C 589 42.89 70.49 -58.17
N GLY C 590 43.99 71.08 -58.60
CA GLY C 590 45.04 70.32 -59.24
C GLY C 590 45.63 69.28 -58.30
N TYR C 591 45.41 68.01 -58.62
CA TYR C 591 45.88 66.92 -57.78
C TYR C 591 46.76 65.99 -58.59
N SER C 592 47.77 65.43 -57.93
CA SER C 592 48.65 64.49 -58.59
C SER C 592 47.89 63.25 -59.02
N THR C 593 48.28 62.70 -60.17
CA THR C 593 47.66 61.50 -60.70
C THR C 593 48.75 60.55 -61.19
N ASN C 594 48.51 59.25 -60.99
CA ASN C 594 49.50 58.25 -61.38
C ASN C 594 49.63 58.14 -62.90
N VAL C 595 48.57 58.49 -63.63
CA VAL C 595 48.53 58.37 -65.08
C VAL C 595 47.93 59.65 -65.65
N ASP C 596 48.33 59.98 -66.88
CA ASP C 596 47.82 61.18 -67.53
C ASP C 596 46.29 61.11 -67.63
N PRO C 597 45.60 62.25 -67.55
CA PRO C 597 44.15 62.22 -67.33
C PRO C 597 43.36 61.42 -68.35
N GLN C 598 43.68 61.53 -69.64
CA GLN C 598 42.90 60.82 -70.66
C GLN C 598 43.85 60.00 -71.52
N THR C 599 44.24 58.83 -71.01
CA THR C 599 45.03 57.85 -71.75
C THR C 599 44.63 56.47 -71.26
N LEU C 600 44.31 55.58 -72.19
CA LEU C 600 44.06 54.19 -71.86
C LEU C 600 45.38 53.41 -71.92
N SER C 601 45.70 52.71 -70.85
CA SER C 601 46.91 51.91 -70.77
C SER C 601 46.61 50.68 -69.93
N SER C 602 47.67 49.98 -69.51
CA SER C 602 47.50 48.90 -68.55
C SER C 602 46.83 49.42 -67.27
N LYS C 603 47.11 50.66 -66.92
CA LYS C 603 46.37 51.35 -65.86
C LYS C 603 45.24 52.16 -66.51
N GLY C 604 44.07 52.11 -65.88
CA GLY C 604 42.90 52.70 -66.50
C GLY C 604 42.89 54.20 -66.44
N LEU C 605 41.94 54.77 -67.18
CA LEU C 605 41.84 56.22 -67.34
C LEU C 605 41.40 56.90 -66.05
N ILE C 606 41.80 58.16 -65.90
CA ILE C 606 41.41 59.00 -64.76
C ILE C 606 40.86 60.30 -65.34
N ILE C 607 39.57 60.35 -65.59
CA ILE C 607 38.97 61.53 -66.22
C ILE C 607 38.95 62.63 -65.17
N LEU C 608 39.89 63.57 -65.27
CA LEU C 608 39.97 64.66 -64.30
C LEU C 608 38.79 65.62 -64.43
N GLY C 609 38.00 65.52 -65.49
CA GLY C 609 36.82 66.35 -65.64
C GLY C 609 37.10 67.83 -65.65
N MET D 1 -46.19 -30.97 20.06
CA MET D 1 -46.11 -32.30 19.48
C MET D 1 -47.11 -32.47 18.35
N TYR D 2 -47.39 -31.38 17.62
CA TYR D 2 -48.39 -31.41 16.57
C TYR D 2 -47.92 -30.58 15.40
N ILE D 3 -48.33 -31.00 14.20
CA ILE D 3 -48.00 -30.30 12.96
C ILE D 3 -49.23 -29.52 12.52
N ASN D 4 -49.12 -28.20 12.52
CA ASN D 4 -50.18 -27.31 12.10
C ASN D 4 -49.70 -26.51 10.89
N ASN D 5 -50.51 -26.51 9.82
CA ASN D 5 -50.19 -25.79 8.59
C ASN D 5 -48.80 -26.15 8.06
N GLY D 6 -48.41 -27.41 8.22
CA GLY D 6 -47.11 -27.84 7.73
C GLY D 6 -45.92 -27.43 8.57
N ARG D 7 -46.15 -26.86 9.74
CA ARG D 7 -45.07 -26.48 10.64
C ARG D 7 -45.23 -27.21 11.97
N ILE D 8 -44.13 -27.67 12.53
CA ILE D 8 -44.15 -28.46 13.76
C ILE D 8 -43.53 -27.64 14.89
N ASN D 9 -44.30 -27.44 15.96
CA ASN D 9 -43.81 -26.80 17.17
C ASN D 9 -44.19 -27.66 18.36
N TYR D 10 -43.32 -27.68 19.36
CA TYR D 10 -43.54 -28.46 20.57
C TYR D 10 -43.98 -27.54 21.70
N ASN D 11 -45.23 -27.68 22.14
CA ASN D 11 -45.75 -26.95 23.28
C ASN D 11 -45.84 -27.87 24.48
N ASN D 12 -45.49 -27.35 25.66
CA ASN D 12 -45.47 -28.14 26.89
C ASN D 12 -46.72 -27.80 27.69
N GLU D 13 -47.76 -28.60 27.53
CA GLU D 13 -48.98 -28.40 28.30
C GLU D 13 -48.70 -28.64 29.78
N TYR D 14 -49.43 -27.94 30.64
CA TYR D 14 -49.27 -28.08 32.08
C TYR D 14 -50.62 -28.28 32.75
N GLY D 15 -51.44 -29.17 32.19
CA GLY D 15 -52.68 -29.56 32.82
C GLY D 15 -52.43 -30.17 34.18
N TYR D 16 -53.11 -29.66 35.20
CA TYR D 16 -52.88 -30.08 36.58
C TYR D 16 -53.95 -31.06 37.01
N ARG D 17 -53.53 -32.24 37.46
CA ARG D 17 -54.42 -33.26 38.00
C ARG D 17 -53.96 -33.61 39.40
N ARG D 18 -54.89 -33.59 40.35
CA ARG D 18 -54.59 -33.84 41.75
C ARG D 18 -55.29 -35.11 42.22
N GLY D 19 -54.56 -35.95 42.94
CA GLY D 19 -55.11 -37.17 43.52
C GLY D 19 -55.37 -37.00 45.01
N ILE D 20 -56.43 -37.64 45.48
CA ILE D 20 -56.81 -37.51 46.89
C ILE D 20 -55.82 -38.23 47.79
N TYR D 21 -55.44 -39.46 47.43
CA TYR D 21 -54.56 -40.27 48.27
C TYR D 21 -53.12 -39.81 48.14
N ARG D 22 -52.43 -39.67 49.28
CA ARG D 22 -50.98 -39.56 49.25
C ARG D 22 -50.38 -40.88 48.81
N GLU D 23 -49.21 -40.81 48.18
CA GLU D 23 -48.52 -42.03 47.78
C GLU D 23 -48.15 -42.83 49.02
N PRO D 24 -48.36 -44.15 49.01
CA PRO D 24 -48.23 -44.93 50.26
C PRO D 24 -46.85 -44.90 50.88
N PHE D 25 -45.79 -44.98 50.07
CA PHE D 25 -44.40 -44.92 50.50
C PHE D 25 -44.00 -46.22 51.22
N TYR D 26 -44.97 -47.07 51.55
CA TYR D 26 -44.66 -48.35 52.16
C TYR D 26 -45.08 -49.55 51.33
N SER D 27 -45.87 -49.35 50.28
CA SER D 27 -46.27 -50.46 49.43
C SER D 27 -45.06 -51.00 48.66
N ASP D 28 -45.13 -52.28 48.30
CA ASP D 28 -44.04 -52.89 47.55
C ASP D 28 -43.90 -52.29 46.16
N ASN D 29 -44.92 -51.58 45.66
CA ASN D 29 -44.83 -50.98 44.35
C ASN D 29 -43.72 -49.92 44.31
N ALA D 30 -43.58 -49.15 45.37
CA ALA D 30 -42.51 -48.15 45.46
C ALA D 30 -41.26 -48.83 45.97
N ASP D 31 -40.41 -49.29 45.05
CA ASP D 31 -39.19 -49.99 45.41
C ASP D 31 -38.13 -48.98 45.84
N TYR D 32 -37.70 -49.06 47.10
CA TYR D 32 -36.60 -48.29 47.66
C TYR D 32 -36.95 -46.81 47.83
N ASN D 33 -38.10 -46.39 47.30
CA ASN D 33 -38.53 -45.00 47.35
C ASN D 33 -37.40 -44.05 46.93
N THR D 34 -36.80 -44.36 45.79
CA THR D 34 -35.65 -43.63 45.30
C THR D 34 -36.06 -42.63 44.21
N ASN D 35 -35.05 -42.03 43.60
CA ASN D 35 -35.25 -40.96 42.63
C ASN D 35 -35.26 -41.44 41.19
N SER D 36 -34.57 -42.55 40.89
CA SER D 36 -34.23 -42.87 39.51
C SER D 36 -35.45 -43.10 38.64
N LYS D 37 -36.49 -43.73 39.19
CA LYS D 37 -37.67 -44.02 38.39
C LYS D 37 -38.26 -42.76 37.77
N SER D 38 -38.22 -41.65 38.51
CA SER D 38 -38.69 -40.39 37.95
C SER D 38 -37.86 -39.97 36.75
N TYR D 39 -36.54 -40.12 36.84
CA TYR D 39 -35.67 -39.78 35.72
C TYR D 39 -35.95 -40.68 34.52
N TYR D 40 -36.17 -41.97 34.76
CA TYR D 40 -36.49 -42.88 33.67
C TYR D 40 -37.79 -42.49 33.00
N ASP D 41 -38.79 -42.11 33.78
CA ASP D 41 -40.11 -41.82 33.23
C ASP D 41 -40.20 -40.42 32.62
N TYR D 42 -39.26 -39.53 32.93
CA TYR D 42 -39.34 -38.17 32.38
C TYR D 42 -39.28 -38.18 30.86
N LEU D 43 -38.32 -38.91 30.28
CA LEU D 43 -38.09 -38.82 28.85
C LEU D 43 -39.23 -39.38 28.02
N ALA D 44 -40.16 -40.11 28.64
CA ALA D 44 -41.33 -40.59 27.90
C ALA D 44 -42.27 -39.46 27.52
N ARG D 45 -42.07 -38.26 28.07
CA ARG D 45 -42.91 -37.11 27.71
C ARG D 45 -42.72 -36.72 26.25
N PHE D 46 -41.57 -37.04 25.67
CA PHE D 46 -41.21 -36.58 24.34
C PHE D 46 -41.51 -37.60 23.25
N ASN D 47 -42.14 -38.73 23.58
CA ASN D 47 -42.29 -39.80 22.59
C ASN D 47 -43.17 -39.38 21.42
N GLY D 48 -44.32 -38.77 21.72
CA GLY D 48 -45.21 -38.35 20.64
C GLY D 48 -44.56 -37.32 19.74
N PHE D 49 -43.89 -36.34 20.34
CA PHE D 49 -43.20 -35.34 19.55
C PHE D 49 -42.09 -35.96 18.72
N ILE D 50 -41.37 -36.93 19.28
CA ILE D 50 -40.29 -37.58 18.55
C ILE D 50 -40.84 -38.29 17.33
N PHE D 51 -41.94 -39.01 17.50
CA PHE D 51 -42.53 -39.72 16.36
C PHE D 51 -43.02 -38.75 15.30
N GLU D 52 -43.69 -37.68 15.71
CA GLU D 52 -44.19 -36.72 14.74
C GLU D 52 -43.04 -36.01 14.04
N LEU D 53 -41.96 -35.71 14.77
CA LEU D 53 -40.80 -35.09 14.16
C LEU D 53 -40.13 -36.01 13.15
N CYS D 54 -40.05 -37.30 13.47
CA CYS D 54 -39.51 -38.26 12.52
C CYS D 54 -40.35 -38.30 11.25
N ASP D 55 -41.68 -38.31 11.40
CA ASP D 55 -42.53 -38.30 10.22
C ASP D 55 -42.36 -37.03 9.41
N PHE D 56 -42.28 -35.88 10.08
CA PHE D 56 -42.11 -34.60 9.40
C PHE D 56 -40.78 -34.55 8.65
N VAL D 57 -39.71 -35.03 9.28
CA VAL D 57 -38.39 -34.99 8.66
C VAL D 57 -38.33 -35.95 7.48
N ASN D 58 -38.93 -37.14 7.60
CA ASN D 58 -38.99 -38.04 6.46
C ASN D 58 -39.80 -37.43 5.33
N GLY D 59 -40.86 -36.69 5.66
CA GLY D 59 -41.60 -35.98 4.63
C GLY D 59 -40.76 -34.96 3.92
N LEU D 60 -39.94 -34.22 4.68
CA LEU D 60 -39.03 -33.25 4.04
C LEU D 60 -38.03 -33.93 3.13
N ALA D 61 -37.49 -35.07 3.58
CA ALA D 61 -36.54 -35.80 2.74
C ALA D 61 -37.20 -36.29 1.46
N ASP D 62 -38.44 -36.78 1.56
CA ASP D 62 -39.15 -37.22 0.37
C ASP D 62 -39.44 -36.05 -0.56
N ASP D 63 -39.76 -34.88 0.00
CA ASP D 63 -39.94 -33.69 -0.83
C ASP D 63 -38.66 -33.33 -1.57
N ILE D 64 -37.53 -33.39 -0.88
CA ILE D 64 -36.24 -33.09 -1.50
C ILE D 64 -35.99 -34.06 -2.65
N GLN D 65 -36.22 -35.35 -2.41
CA GLN D 65 -35.97 -36.34 -3.46
C GLN D 65 -36.90 -36.15 -4.65
N LYS D 66 -38.18 -35.87 -4.40
CA LYS D 66 -39.11 -35.66 -5.49
C LYS D 66 -38.74 -34.44 -6.32
N MET D 67 -38.33 -33.35 -5.67
CA MET D 67 -38.00 -32.16 -6.42
C MET D 67 -36.66 -32.32 -7.14
N LYS D 68 -35.74 -33.10 -6.59
CA LYS D 68 -34.53 -33.44 -7.34
C LYS D 68 -34.87 -34.24 -8.58
N ASP D 69 -35.81 -35.18 -8.46
CA ASP D 69 -36.22 -35.97 -9.62
C ASP D 69 -36.88 -35.08 -10.68
N THR D 70 -37.73 -34.15 -10.25
CA THR D 70 -38.51 -33.37 -11.22
C THR D 70 -37.64 -32.35 -11.94
N TYR D 71 -36.79 -31.63 -11.20
CA TYR D 71 -35.83 -30.68 -11.77
C TYR D 71 -34.47 -31.36 -11.84
N GLU D 72 -34.09 -31.80 -13.04
CA GLU D 72 -32.84 -32.53 -13.18
C GLU D 72 -31.62 -31.61 -13.10
N ALA D 73 -31.81 -30.30 -13.29
CA ALA D 73 -30.67 -29.39 -13.30
C ALA D 73 -30.00 -29.31 -11.94
N LEU D 74 -30.76 -29.51 -10.86
CA LEU D 74 -30.21 -29.37 -9.52
C LEU D 74 -29.23 -30.48 -9.16
N THR D 75 -29.25 -31.59 -9.90
CA THR D 75 -28.33 -32.69 -9.61
C THR D 75 -26.90 -32.39 -10.03
N LEU D 76 -26.70 -31.34 -10.83
CA LEU D 76 -25.36 -31.02 -11.32
C LEU D 76 -24.41 -30.72 -10.17
N SER D 77 -23.20 -31.25 -10.27
CA SER D 77 -22.17 -31.01 -9.28
C SER D 77 -20.83 -30.87 -9.97
N ASN D 78 -19.97 -30.03 -9.39
CA ASN D 78 -18.61 -29.86 -9.89
C ASN D 78 -17.57 -30.22 -8.83
N THR D 79 -17.86 -31.19 -7.98
CA THR D 79 -16.85 -31.66 -7.04
C THR D 79 -15.74 -32.36 -7.80
N ASP D 80 -14.57 -32.53 -7.19
CA ASP D 80 -13.45 -33.14 -7.89
C ASP D 80 -13.70 -34.58 -8.26
N VAL D 81 -12.94 -35.12 -9.21
CA VAL D 81 -13.15 -36.48 -9.70
C VAL D 81 -11.84 -37.18 -10.00
N THR D 82 -11.87 -38.51 -10.14
CA THR D 82 -10.66 -39.28 -10.48
C THR D 82 -10.97 -40.51 -11.31
N TYR D 83 -11.09 -40.35 -12.61
CA TYR D 83 -11.41 -41.46 -13.50
C TYR D 83 -10.16 -42.30 -13.70
N THR D 84 -10.29 -43.61 -13.50
CA THR D 84 -9.18 -44.53 -13.65
C THR D 84 -9.40 -45.33 -14.94
N VAL D 85 -8.37 -45.39 -15.78
CA VAL D 85 -8.42 -46.06 -17.07
C VAL D 85 -7.60 -47.34 -16.98
N GLY D 86 -8.13 -48.42 -17.52
CA GLY D 86 -7.42 -49.68 -17.50
C GLY D 86 -8.34 -50.81 -17.91
N GLN D 87 -7.83 -52.03 -17.73
CA GLN D 87 -8.65 -53.21 -18.01
C GLN D 87 -9.82 -53.31 -17.04
N LYS D 88 -9.58 -53.02 -15.76
CA LYS D 88 -10.62 -53.05 -14.74
C LYS D 88 -10.87 -51.68 -14.12
N GLY D 89 -10.54 -50.60 -14.82
CA GLY D 89 -10.80 -49.27 -14.34
C GLY D 89 -12.20 -48.80 -14.70
N ASP D 90 -12.44 -47.51 -14.46
CA ASP D 90 -13.74 -46.93 -14.77
C ASP D 90 -14.03 -47.00 -16.27
N PHE D 91 -13.03 -46.71 -17.09
CA PHE D 91 -13.20 -46.65 -18.54
C PHE D 91 -12.27 -47.64 -19.21
N ASP D 92 -12.75 -48.22 -20.31
CA ASP D 92 -11.98 -49.25 -21.00
C ASP D 92 -10.73 -48.67 -21.64
N THR D 93 -10.86 -47.55 -22.36
CA THR D 93 -9.74 -46.93 -23.04
C THR D 93 -9.68 -45.46 -22.71
N LEU D 94 -8.52 -44.85 -22.99
CA LEU D 94 -8.33 -43.44 -22.68
C LEU D 94 -9.22 -42.55 -23.54
N ASN D 95 -9.56 -42.98 -24.74
CA ASN D 95 -10.49 -42.22 -25.57
C ASN D 95 -11.87 -42.12 -24.91
N HIS D 96 -12.32 -43.22 -24.30
CA HIS D 96 -13.61 -43.21 -23.62
C HIS D 96 -13.61 -42.23 -22.46
N CYS D 97 -12.52 -42.19 -21.69
CA CYS D 97 -12.47 -41.32 -20.53
C CYS D 97 -12.56 -39.85 -20.92
N PHE D 98 -11.85 -39.45 -21.98
CA PHE D 98 -11.92 -38.07 -22.43
C PHE D 98 -13.10 -37.81 -23.35
N GLU D 99 -13.76 -38.85 -23.84
CA GLU D 99 -15.04 -38.65 -24.51
C GLU D 99 -16.14 -38.40 -23.49
N HIS D 100 -16.07 -39.07 -22.33
CA HIS D 100 -17.05 -38.84 -21.29
C HIS D 100 -16.85 -37.48 -20.63
N ILE D 101 -15.60 -37.04 -20.51
CA ILE D 101 -15.32 -35.75 -19.88
C ILE D 101 -15.95 -34.61 -20.68
N GLU D 102 -15.79 -34.66 -22.01
CA GLU D 102 -16.39 -33.62 -22.85
C GLU D 102 -17.91 -33.67 -22.81
N ASP D 103 -18.49 -34.76 -22.32
CA ASP D 103 -19.95 -34.86 -22.26
C ASP D 103 -20.52 -34.30 -20.96
N LEU D 104 -19.67 -34.06 -19.96
CA LEU D 104 -20.14 -33.47 -18.73
C LEU D 104 -20.70 -32.08 -18.99
N ILE D 105 -21.89 -31.82 -18.44
CA ILE D 105 -22.50 -30.51 -18.63
C ILE D 105 -21.70 -29.43 -17.91
N VAL D 106 -21.25 -29.72 -16.69
CA VAL D 106 -20.46 -28.78 -15.90
C VAL D 106 -19.12 -29.41 -15.58
N GLN D 107 -18.04 -28.72 -15.93
CA GLN D 107 -16.71 -29.24 -15.70
C GLN D 107 -16.34 -29.11 -14.23
N PRO D 108 -15.95 -30.20 -13.56
CA PRO D 108 -15.61 -30.10 -12.14
C PRO D 108 -14.39 -29.22 -11.90
N LYS D 109 -14.12 -28.99 -10.62
CA LYS D 109 -13.04 -28.07 -10.27
C LYS D 109 -11.67 -28.63 -10.62
N SER D 110 -11.53 -29.96 -10.64
CA SER D 110 -10.29 -30.58 -11.05
C SER D 110 -10.54 -32.06 -11.32
N ILE D 111 -9.92 -32.57 -12.38
CA ILE D 111 -10.06 -33.96 -12.77
C ILE D 111 -8.67 -34.59 -12.83
N ARG D 112 -8.55 -35.80 -12.30
CA ARG D 112 -7.31 -36.56 -12.36
C ARG D 112 -7.60 -37.87 -13.07
N VAL D 113 -6.91 -38.10 -14.18
CA VAL D 113 -7.06 -39.33 -14.94
C VAL D 113 -5.86 -40.21 -14.64
N ILE D 114 -6.10 -41.36 -14.01
CA ILE D 114 -5.04 -42.27 -13.62
C ILE D 114 -5.05 -43.45 -14.56
N LEU D 115 -3.93 -43.69 -15.24
CA LEU D 115 -3.78 -44.85 -16.09
C LEU D 115 -3.22 -46.00 -15.26
N LEU D 116 -3.96 -47.09 -15.15
CA LEU D 116 -3.56 -48.21 -14.32
C LEU D 116 -2.32 -48.89 -14.88
N LYS D 117 -1.72 -49.76 -14.07
CA LYS D 117 -0.52 -50.46 -14.49
C LYS D 117 -0.79 -51.44 -15.63
N ASP D 118 -2.06 -51.74 -15.91
CA ASP D 118 -2.39 -52.66 -17.00
C ASP D 118 -2.58 -51.96 -18.33
N TYR D 119 -2.55 -50.63 -18.36
CA TYR D 119 -2.90 -49.91 -19.58
C TYR D 119 -1.72 -49.85 -20.53
N MET D 120 -1.95 -50.25 -21.78
CA MET D 120 -0.99 -50.11 -22.87
C MET D 120 -1.62 -49.23 -23.94
N MET D 121 -0.94 -48.13 -24.27
CA MET D 121 -1.50 -47.15 -25.18
C MET D 121 -1.56 -47.71 -26.59
N ARG D 122 -2.76 -47.74 -27.17
CA ARG D 122 -2.97 -48.26 -28.52
C ARG D 122 -3.92 -47.38 -29.33
N GLU D 123 -4.15 -46.15 -28.90
CA GLU D 123 -5.05 -45.25 -29.61
C GLU D 123 -4.54 -43.82 -29.43
N GLN D 124 -4.99 -42.94 -30.32
CA GLN D 124 -4.55 -41.55 -30.32
C GLN D 124 -5.62 -40.68 -29.67
N LEU D 125 -5.18 -39.78 -28.80
CA LEU D 125 -6.07 -38.86 -28.11
C LEU D 125 -5.99 -37.50 -28.80
N PHE D 126 -7.09 -37.09 -29.43
CA PHE D 126 -7.16 -35.84 -30.18
C PHE D 126 -8.10 -34.88 -29.47
N LEU D 127 -7.54 -33.80 -28.93
CA LEU D 127 -8.32 -32.74 -28.31
C LEU D 127 -8.25 -31.50 -29.18
N ARG D 128 -9.41 -30.90 -29.46
CA ARG D 128 -9.46 -29.67 -30.24
C ARG D 128 -10.45 -28.72 -29.60
N ASP D 129 -9.99 -27.50 -29.30
CA ASP D 129 -10.82 -26.44 -28.71
C ASP D 129 -11.47 -26.90 -27.41
N LYS D 130 -10.67 -27.50 -26.53
CA LYS D 130 -11.10 -27.94 -25.21
C LYS D 130 -10.25 -27.23 -24.16
N ARG D 131 -10.89 -26.42 -23.33
CA ARG D 131 -10.20 -25.67 -22.28
C ARG D 131 -10.03 -26.56 -21.05
N TYR D 132 -9.10 -27.49 -21.17
CA TYR D 132 -8.82 -28.45 -20.09
C TYR D 132 -7.63 -27.99 -19.26
N ASN D 133 -7.79 -26.84 -18.61
CA ASN D 133 -6.75 -26.37 -17.69
C ASN D 133 -6.58 -27.32 -16.51
N HIS D 134 -7.70 -27.77 -15.94
CA HIS D 134 -7.67 -28.47 -14.65
C HIS D 134 -7.21 -29.92 -14.76
N ILE D 135 -7.57 -30.62 -15.85
CA ILE D 135 -7.31 -32.04 -15.91
C ILE D 135 -5.82 -32.33 -15.85
N THR D 136 -5.48 -33.40 -15.14
CA THR D 136 -4.12 -33.90 -15.04
C THR D 136 -4.15 -35.39 -15.35
N ILE D 137 -3.17 -35.86 -16.11
CA ILE D 137 -3.07 -37.26 -16.50
C ILE D 137 -1.87 -37.87 -15.79
N THR D 138 -2.12 -38.87 -14.96
CA THR D 138 -1.09 -39.51 -14.16
C THR D 138 -1.16 -41.01 -14.37
N SER D 139 -0.02 -41.67 -14.21
CA SER D 139 0.07 -43.11 -14.37
C SER D 139 0.65 -43.74 -13.11
N GLU D 140 0.12 -44.93 -12.76
CA GLU D 140 0.71 -45.68 -11.65
C GLU D 140 2.13 -46.13 -11.99
N ASN D 141 2.43 -46.25 -13.27
CA ASN D 141 3.78 -46.60 -13.70
C ASN D 141 4.56 -45.34 -14.07
N ASP D 142 5.89 -45.47 -14.03
CA ASP D 142 6.74 -44.35 -14.40
C ASP D 142 6.68 -44.08 -15.90
N ILE D 143 6.57 -45.12 -16.70
CA ILE D 143 6.57 -45.00 -18.16
C ILE D 143 5.31 -45.62 -18.71
N VAL D 144 4.69 -44.94 -19.67
CA VAL D 144 3.52 -45.46 -20.38
C VAL D 144 3.95 -45.84 -21.78
N GLU D 145 3.93 -47.13 -22.07
CA GLU D 145 4.35 -47.62 -23.38
C GLU D 145 3.29 -47.33 -24.43
N ALA D 146 3.74 -47.23 -25.67
CA ALA D 146 2.88 -46.89 -26.80
C ALA D 146 3.06 -47.94 -27.89
N TYR D 147 2.05 -48.77 -28.08
CA TYR D 147 2.10 -49.84 -29.05
C TYR D 147 1.44 -49.39 -30.35
N GLU D 148 1.22 -50.34 -31.27
CA GLU D 148 0.67 -50.02 -32.57
C GLU D 148 -0.75 -49.48 -32.43
N THR D 149 -0.96 -48.24 -32.85
CA THR D 149 -2.27 -47.63 -32.79
C THR D 149 -3.22 -48.32 -33.77
N GLU D 150 -4.47 -48.52 -33.35
CA GLU D 150 -5.42 -49.25 -34.17
C GLU D 150 -5.77 -48.48 -35.44
N LEU D 151 -6.01 -47.18 -35.32
CA LEU D 151 -6.45 -46.34 -36.42
C LEU D 151 -5.44 -45.23 -36.64
N ASN D 152 -4.85 -45.17 -37.83
CA ASN D 152 -3.79 -44.22 -38.15
C ASN D 152 -4.43 -42.91 -38.60
N ARG D 153 -4.53 -41.95 -37.68
CA ARG D 153 -5.01 -40.62 -38.00
C ARG D 153 -3.83 -39.67 -38.02
N GLN D 154 -3.59 -39.06 -39.18
CA GLN D 154 -2.44 -38.19 -39.39
C GLN D 154 -2.91 -36.75 -39.56
N VAL D 155 -2.14 -35.81 -39.04
CA VAL D 155 -2.42 -34.39 -39.17
C VAL D 155 -1.31 -33.75 -39.98
N GLU D 156 -1.67 -33.03 -41.03
CA GLU D 156 -0.71 -32.37 -41.91
C GLU D 156 -0.48 -30.95 -41.43
N ILE D 157 0.78 -30.57 -41.31
CA ILE D 157 1.16 -29.23 -40.85
C ILE D 157 1.50 -28.40 -42.09
N LYS D 158 0.77 -27.30 -42.28
CA LYS D 158 0.95 -26.43 -43.44
C LYS D 158 1.91 -25.32 -43.04
N THR D 159 3.19 -25.53 -43.35
CA THR D 159 4.28 -24.69 -42.90
C THR D 159 5.28 -24.65 -44.06
N ASN D 160 6.33 -23.82 -43.96
CA ASN D 160 7.27 -23.69 -45.07
C ASN D 160 7.82 -25.05 -45.49
N PRO D 161 8.33 -25.90 -44.59
CA PRO D 161 8.45 -27.32 -44.95
C PRO D 161 7.19 -28.08 -44.56
N ILE D 162 6.57 -28.75 -45.52
CA ILE D 162 5.36 -29.52 -45.27
C ILE D 162 5.76 -30.90 -44.78
N PHE D 163 5.31 -31.27 -43.58
CA PHE D 163 5.60 -32.57 -43.02
C PHE D 163 4.35 -33.12 -42.34
N ARG D 164 3.96 -34.33 -42.72
CA ARG D 164 2.80 -34.99 -42.14
C ARG D 164 3.24 -35.79 -40.91
N VAL D 165 2.44 -35.70 -39.85
CA VAL D 165 2.77 -36.29 -38.56
C VAL D 165 1.59 -37.12 -38.09
N LYS D 166 1.88 -38.23 -37.40
CA LYS D 166 0.85 -39.02 -36.74
C LYS D 166 1.07 -38.94 -35.24
N PRO D 167 0.35 -38.07 -34.53
CA PRO D 167 0.62 -37.88 -33.09
C PRO D 167 -0.25 -38.74 -32.21
N LEU D 168 0.31 -39.14 -31.07
CA LEU D 168 -0.48 -39.84 -30.07
C LEU D 168 -1.33 -38.85 -29.27
N PHE D 169 -0.76 -37.73 -28.85
CA PHE D 169 -1.47 -36.68 -28.17
C PHE D 169 -1.45 -35.44 -29.04
N TYR D 170 -2.62 -34.86 -29.30
CA TYR D 170 -2.75 -33.76 -30.23
C TYR D 170 -3.74 -32.75 -29.71
N GLY D 171 -3.28 -31.52 -29.50
CA GLY D 171 -4.15 -30.46 -29.04
C GLY D 171 -4.00 -29.19 -29.83
N ILE D 172 -5.07 -28.74 -30.46
CA ILE D 172 -5.06 -27.56 -31.33
C ILE D 172 -6.01 -26.53 -30.76
N ASN D 173 -5.52 -25.29 -30.64
CA ASN D 173 -6.33 -24.14 -30.22
C ASN D 173 -6.98 -24.39 -28.86
N SER D 174 -6.23 -24.99 -27.94
CA SER D 174 -6.79 -25.36 -26.66
C SER D 174 -5.67 -25.66 -25.69
N THR D 175 -5.94 -25.46 -24.40
CA THR D 175 -5.00 -25.89 -23.38
C THR D 175 -5.07 -27.40 -23.20
N PHE D 176 -3.91 -28.01 -22.97
CA PHE D 176 -3.83 -29.45 -22.87
C PHE D 176 -3.68 -29.87 -21.41
N PRO D 177 -4.28 -30.98 -21.01
CA PRO D 177 -4.17 -31.43 -19.62
C PRO D 177 -2.72 -31.70 -19.23
N LYS D 178 -2.40 -31.42 -17.98
CA LYS D 178 -1.05 -31.64 -17.48
C LYS D 178 -0.69 -33.12 -17.57
N ILE D 179 0.54 -33.40 -17.96
CA ILE D 179 1.02 -34.76 -18.19
C ILE D 179 1.97 -35.13 -17.06
N ASP D 180 1.74 -36.30 -16.44
CA ASP D 180 2.54 -36.76 -15.32
C ASP D 180 3.13 -38.15 -15.56
N PHE D 181 3.37 -38.52 -16.81
CA PHE D 181 3.99 -39.80 -17.12
C PHE D 181 5.02 -39.59 -18.21
N LYS D 182 5.67 -40.69 -18.61
CA LYS D 182 6.64 -40.67 -19.69
C LYS D 182 6.17 -41.60 -20.80
N LEU D 183 5.92 -41.06 -21.98
CA LEU D 183 5.61 -41.88 -23.14
C LEU D 183 6.89 -42.54 -23.63
N GLN D 184 6.83 -43.83 -23.90
CA GLN D 184 7.94 -44.57 -24.48
C GLN D 184 7.40 -45.42 -25.62
N ASN D 185 7.86 -45.14 -26.82
CA ASN D 185 7.36 -45.85 -27.99
C ASN D 185 7.74 -47.31 -27.93
N LYS D 186 6.88 -48.16 -28.48
CA LYS D 186 7.15 -49.58 -28.61
C LYS D 186 6.80 -50.11 -29.99
N ASP D 187 6.47 -49.23 -30.93
CA ASP D 187 6.20 -49.58 -32.32
C ASP D 187 7.19 -48.84 -33.20
N PHE D 188 7.99 -49.59 -33.96
CA PHE D 188 8.99 -49.02 -34.84
C PHE D 188 8.63 -49.15 -36.31
N SER D 189 7.43 -49.67 -36.62
CA SER D 189 7.04 -49.83 -38.02
C SER D 189 6.69 -48.50 -38.66
N ASP D 190 5.96 -47.65 -37.96
CA ASP D 190 5.51 -46.38 -38.53
C ASP D 190 6.61 -45.34 -38.44
N THR D 191 6.92 -44.71 -39.57
CA THR D 191 8.05 -43.80 -39.67
C THR D 191 7.70 -42.34 -39.43
N ILE D 192 6.43 -42.02 -39.14
CA ILE D 192 6.02 -40.65 -38.90
C ILE D 192 5.35 -40.46 -37.56
N ASN D 193 5.31 -41.49 -36.72
CA ASN D 193 4.65 -41.36 -35.43
C ASN D 193 5.38 -40.35 -34.55
N CYS D 194 4.62 -39.70 -33.66
CA CYS D 194 5.17 -38.66 -32.81
C CYS D 194 4.45 -38.67 -31.47
N GLY D 195 5.22 -38.42 -30.40
CA GLY D 195 4.64 -38.48 -29.06
C GLY D 195 3.64 -37.38 -28.80
N PHE D 196 3.98 -36.15 -29.17
CA PHE D 196 3.11 -35.01 -28.88
C PHE D 196 3.22 -33.99 -30.00
N LEU D 197 2.08 -33.53 -30.48
CA LEU D 197 2.02 -32.44 -31.45
C LEU D 197 1.14 -31.36 -30.85
N MET D 198 1.76 -30.33 -30.28
CA MET D 198 1.03 -29.26 -29.61
C MET D 198 0.93 -28.07 -30.54
N ASP D 199 -0.29 -27.65 -30.85
CA ASP D 199 -0.54 -26.61 -31.83
C ASP D 199 -1.39 -25.52 -31.18
N ASN D 200 -0.81 -24.33 -31.04
CA ASN D 200 -1.48 -23.20 -30.39
C ASN D 200 -1.99 -23.61 -29.02
N THR D 201 -1.16 -24.30 -28.25
CA THR D 201 -1.55 -24.92 -27.00
C THR D 201 -0.53 -24.66 -25.92
N THR D 202 -0.99 -24.27 -24.74
CA THR D 202 -0.15 -24.24 -23.56
C THR D 202 -0.05 -25.65 -22.99
N PHE D 203 1.17 -26.16 -22.88
CA PHE D 203 1.42 -27.56 -22.55
C PHE D 203 2.37 -27.63 -21.37
N GLU D 204 2.08 -28.54 -20.43
CA GLU D 204 2.89 -28.66 -19.22
C GLU D 204 3.10 -30.13 -18.91
N MET D 205 4.28 -30.43 -18.35
CA MET D 205 4.60 -31.77 -17.90
C MET D 205 5.15 -31.68 -16.47
N THR D 206 4.99 -32.78 -15.72
CA THR D 206 5.15 -32.73 -14.28
C THR D 206 6.50 -33.30 -13.85
N GLU D 207 7.56 -32.99 -14.59
CA GLU D 207 8.94 -33.30 -14.19
C GLU D 207 9.21 -34.79 -14.14
N ARG D 208 8.21 -35.63 -14.45
CA ARG D 208 8.33 -37.07 -14.27
C ARG D 208 8.51 -37.83 -15.57
N GLY D 209 8.49 -37.16 -16.71
CA GLY D 209 8.61 -37.91 -17.95
C GLY D 209 8.72 -37.02 -19.17
N GLY D 210 8.78 -37.69 -20.33
CA GLY D 210 8.84 -37.05 -21.62
C GLY D 210 8.83 -38.11 -22.69
N SER D 211 8.44 -37.77 -23.92
CA SER D 211 8.35 -38.76 -24.98
C SER D 211 9.73 -39.32 -25.30
N THR D 212 9.76 -40.57 -25.75
CA THR D 212 11.01 -41.29 -25.94
C THR D 212 10.80 -42.40 -26.97
N HIS D 213 11.83 -42.65 -27.77
CA HIS D 213 11.90 -43.74 -28.73
C HIS D 213 10.91 -43.63 -29.89
N PHE D 214 10.28 -42.48 -30.06
CA PHE D 214 9.41 -42.30 -31.22
C PHE D 214 10.24 -42.14 -32.48
N ASN D 215 9.63 -42.48 -33.62
CA ASN D 215 10.39 -42.54 -34.85
C ASN D 215 10.67 -41.14 -35.43
N PHE D 216 9.65 -40.29 -35.49
CA PHE D 216 9.79 -39.01 -36.17
C PHE D 216 10.16 -37.86 -35.22
N ILE D 217 9.30 -37.56 -34.26
CA ILE D 217 9.47 -36.39 -33.41
C ILE D 217 9.03 -36.72 -32.00
N GLY D 218 9.87 -36.43 -31.01
CA GLY D 218 9.48 -36.61 -29.63
C GLY D 218 8.39 -35.66 -29.20
N LEU D 219 8.51 -34.39 -29.57
CA LEU D 219 7.53 -33.37 -29.17
C LEU D 219 7.64 -32.20 -30.14
N CYS D 220 6.50 -31.73 -30.63
CA CYS D 220 6.48 -30.66 -31.62
C CYS D 220 5.62 -29.52 -31.11
N GLY D 221 6.17 -28.30 -31.17
CA GLY D 221 5.44 -27.13 -30.75
C GLY D 221 5.30 -26.09 -31.85
N VAL D 222 4.07 -25.84 -32.28
CA VAL D 222 3.80 -24.96 -33.42
C VAL D 222 2.81 -23.89 -32.98
N ASN D 223 2.83 -22.77 -33.70
CA ASN D 223 1.77 -21.77 -33.63
C ASN D 223 1.68 -21.14 -32.25
N GLY D 224 2.81 -20.77 -31.67
CA GLY D 224 2.81 -20.15 -30.36
C GLY D 224 2.38 -21.07 -29.24
N SER D 225 2.77 -22.34 -29.31
CA SER D 225 2.41 -23.33 -28.29
C SER D 225 3.50 -23.32 -27.22
N HIS D 226 3.24 -22.66 -26.11
CA HIS D 226 4.20 -22.68 -25.02
C HIS D 226 4.29 -24.07 -24.41
N ILE D 227 5.51 -24.51 -24.15
CA ILE D 227 5.79 -25.83 -23.59
C ILE D 227 6.50 -25.63 -22.26
N GLN D 228 6.12 -26.44 -21.27
CA GLN D 228 6.63 -26.29 -19.91
C GLN D 228 7.59 -27.41 -19.54
N THR D 229 7.76 -28.39 -20.43
CA THR D 229 8.54 -29.59 -20.12
C THR D 229 9.87 -29.26 -19.45
N ASN D 230 10.10 -29.86 -18.30
CA ASN D 230 11.19 -29.46 -17.41
C ASN D 230 11.70 -30.69 -16.68
N TYR D 231 13.03 -30.82 -16.61
CA TYR D 231 13.68 -32.02 -16.05
C TYR D 231 13.34 -33.28 -16.83
N CYS D 232 12.69 -33.15 -17.97
CA CYS D 232 12.19 -34.29 -18.71
C CYS D 232 13.29 -34.95 -19.53
N ASP D 233 12.91 -35.94 -20.32
CA ASP D 233 13.83 -36.72 -21.12
C ASP D 233 13.16 -36.97 -22.47
N PHE D 234 13.82 -36.55 -23.54
CA PHE D 234 13.39 -36.81 -24.91
C PHE D 234 14.57 -37.43 -25.64
N SER D 235 14.75 -38.74 -25.49
CA SER D 235 15.93 -39.42 -26.01
C SER D 235 15.55 -40.51 -26.98
N TYR D 236 16.52 -40.92 -27.79
CA TYR D 236 16.40 -42.02 -28.74
C TYR D 236 15.33 -41.79 -29.79
N ASN D 237 14.79 -40.57 -29.89
CA ASN D 237 13.80 -40.25 -30.91
C ASN D 237 14.49 -40.05 -32.25
N GLY D 238 14.14 -40.88 -33.23
CA GLY D 238 14.65 -40.66 -34.57
C GLY D 238 15.31 -41.83 -35.24
N ASN D 239 16.29 -41.54 -36.10
CA ASN D 239 16.96 -42.51 -36.94
C ASN D 239 18.34 -42.89 -36.42
N ARG D 240 18.66 -42.51 -35.18
CA ARG D 240 20.00 -42.75 -34.66
C ARG D 240 20.30 -44.23 -34.54
N GLU D 241 19.27 -45.08 -34.56
CA GLU D 241 19.48 -46.52 -34.44
C GLU D 241 20.27 -47.05 -35.63
N GLN D 242 20.05 -46.49 -36.82
CA GLN D 242 20.51 -47.10 -38.05
C GLN D 242 21.82 -46.50 -38.54
N LEU D 243 21.97 -45.18 -38.42
CA LEU D 243 23.08 -44.48 -39.03
C LEU D 243 24.42 -44.93 -38.42
N GLU D 244 25.46 -44.89 -39.26
CA GLU D 244 26.80 -45.32 -38.87
C GLU D 244 27.64 -44.13 -38.43
N GLU D 245 28.54 -44.39 -37.48
CA GLU D 245 29.32 -43.33 -36.87
C GLU D 245 30.38 -42.79 -37.81
N TYR D 246 30.76 -41.53 -37.58
CA TYR D 246 31.85 -40.86 -38.28
C TYR D 246 31.60 -40.66 -39.76
N ASN D 247 30.33 -40.60 -40.17
CA ASN D 247 29.97 -40.21 -41.53
C ASN D 247 29.05 -39.00 -41.45
N LYS D 248 29.44 -37.90 -42.08
CA LYS D 248 28.65 -36.69 -42.06
C LYS D 248 27.67 -36.59 -43.22
N ASP D 249 27.68 -37.56 -44.13
CA ASP D 249 26.80 -37.55 -45.30
C ASP D 249 26.00 -38.86 -45.37
N GLN D 250 24.80 -38.82 -44.77
CA GLN D 250 23.86 -39.92 -44.82
C GLN D 250 22.48 -39.37 -44.51
N ASN D 251 21.45 -40.06 -44.98
CA ASN D 251 20.08 -39.66 -44.72
C ASN D 251 19.83 -39.81 -43.22
N MET D 252 19.73 -38.68 -42.52
CA MET D 252 19.68 -38.67 -41.06
C MET D 252 18.33 -38.11 -40.63
N TYR D 253 17.43 -39.01 -40.24
CA TYR D 253 16.02 -38.72 -40.06
C TYR D 253 15.70 -38.58 -38.58
N GLY D 254 14.47 -38.19 -38.28
CA GLY D 254 14.02 -38.01 -36.92
C GLY D 254 14.38 -36.62 -36.42
N ASP D 255 13.91 -36.33 -35.20
CA ASP D 255 14.12 -35.02 -34.59
C ASP D 255 13.51 -35.11 -33.19
N GLY D 256 13.97 -34.21 -32.31
CA GLY D 256 13.41 -34.12 -30.97
C GLY D 256 13.19 -32.67 -30.58
N LEU D 257 12.06 -32.38 -29.95
CA LEU D 257 11.70 -31.01 -29.57
C LEU D 257 11.69 -30.07 -30.79
N ARG D 258 10.96 -30.44 -31.83
CA ARG D 258 10.81 -29.55 -32.97
C ARG D 258 9.88 -28.40 -32.61
N ILE D 259 10.46 -27.23 -32.34
CA ILE D 259 9.70 -26.07 -31.87
C ILE D 259 9.75 -25.00 -32.95
N PHE D 260 8.59 -24.70 -33.54
CA PHE D 260 8.45 -23.63 -34.51
C PHE D 260 7.54 -22.55 -33.94
N ASN D 261 8.01 -21.31 -33.91
CA ASN D 261 7.19 -20.15 -33.58
C ASN D 261 6.54 -20.30 -32.21
N SER D 262 7.21 -20.99 -31.29
CA SER D 262 6.63 -21.27 -30.00
C SER D 262 7.67 -21.06 -28.91
N SER D 263 7.20 -20.80 -27.70
CA SER D 263 8.07 -20.64 -26.55
C SER D 263 8.32 -22.00 -25.92
N LEU D 264 9.34 -22.05 -25.06
CA LEU D 264 9.69 -23.28 -24.35
C LEU D 264 10.51 -22.93 -23.13
N THR D 265 10.15 -23.50 -21.99
CA THR D 265 10.90 -23.30 -20.73
C THR D 265 11.22 -24.69 -20.21
N GLY D 266 12.41 -25.18 -20.53
CA GLY D 266 12.85 -26.46 -20.03
C GLY D 266 14.29 -26.51 -19.58
N ASN D 267 14.52 -26.80 -18.31
CA ASN D 267 15.86 -26.87 -17.77
C ASN D 267 16.17 -28.28 -17.29
N TYR D 268 17.46 -28.60 -17.26
CA TYR D 268 17.98 -29.89 -16.79
C TYR D 268 17.45 -31.07 -17.59
N MET D 269 16.92 -30.84 -18.79
CA MET D 269 16.46 -31.94 -19.62
C MET D 269 17.64 -32.74 -20.13
N THR D 270 17.35 -33.97 -20.56
CA THR D 270 18.33 -34.80 -21.24
C THR D 270 17.74 -35.27 -22.56
N VAL D 271 18.46 -35.02 -23.65
CA VAL D 271 18.01 -35.44 -24.98
C VAL D 271 19.17 -36.12 -25.70
N ASN D 272 19.26 -37.44 -25.59
CA ASN D 272 20.41 -38.19 -26.08
C ASN D 272 20.03 -39.04 -27.28
N ARG D 273 21.01 -39.22 -28.17
CA ARG D 273 20.93 -40.19 -29.26
C ARG D 273 19.68 -40.02 -30.12
N CYS D 274 19.40 -38.78 -30.51
CA CYS D 274 18.28 -38.48 -31.39
C CYS D 274 18.81 -38.21 -32.79
N GLY D 275 18.17 -38.83 -33.79
CA GLY D 275 18.56 -38.62 -35.16
C GLY D 275 18.24 -37.20 -35.60
N GLU D 276 19.16 -36.59 -36.35
CA GLU D 276 19.04 -35.20 -36.80
C GLU D 276 18.92 -34.31 -35.56
N ILE D 277 18.35 -33.11 -35.70
CA ILE D 277 18.44 -32.11 -34.63
C ILE D 277 17.81 -32.64 -33.36
N GLY D 278 18.55 -32.53 -32.26
CA GLY D 278 18.10 -33.00 -30.97
C GLY D 278 17.20 -32.03 -30.23
N ILE D 279 17.44 -30.73 -30.39
CA ILE D 279 16.59 -29.67 -29.85
C ILE D 279 16.45 -28.62 -30.93
N HIS D 280 15.29 -28.55 -31.57
CA HIS D 280 15.10 -27.71 -32.74
C HIS D 280 14.32 -26.45 -32.35
N PHE D 281 14.98 -25.30 -32.45
CA PHE D 281 14.31 -24.01 -32.36
C PHE D 281 14.38 -23.34 -33.72
N SER D 282 13.26 -22.78 -34.16
CA SER D 282 13.24 -22.17 -35.48
C SER D 282 12.04 -21.25 -35.60
N HIS D 283 12.19 -20.25 -36.47
CA HIS D 283 11.09 -19.41 -36.90
C HIS D 283 10.48 -18.60 -35.75
N GLY D 284 11.33 -17.77 -35.14
CA GLY D 284 10.87 -16.88 -34.11
C GLY D 284 10.66 -17.49 -32.75
N ALA D 285 11.02 -18.75 -32.56
CA ALA D 285 10.83 -19.40 -31.27
C ALA D 285 11.74 -18.80 -30.22
N SER D 286 11.28 -18.82 -28.97
CA SER D 286 12.06 -18.37 -27.83
C SER D 286 12.28 -19.55 -26.89
N GLY D 287 13.54 -19.87 -26.62
CA GLY D 287 13.89 -21.05 -25.88
C GLY D 287 14.53 -20.72 -24.55
N TYR D 288 14.36 -21.63 -23.59
CA TYR D 288 14.95 -21.50 -22.26
C TYR D 288 15.54 -22.83 -21.82
N ILE D 289 16.28 -23.48 -22.72
CA ILE D 289 16.87 -24.79 -22.45
C ILE D 289 18.21 -24.60 -21.73
N ASP D 290 18.14 -24.52 -20.41
CA ASP D 290 19.30 -24.21 -19.60
C ASP D 290 19.72 -25.44 -18.82
N PHE D 291 21.02 -25.60 -18.62
CA PHE D 291 21.61 -26.68 -17.85
C PHE D 291 21.26 -28.06 -18.39
N THR D 292 20.72 -28.14 -19.60
CA THR D 292 20.31 -29.42 -20.17
C THR D 292 21.52 -30.21 -20.66
N GLU D 293 21.24 -31.37 -21.24
CA GLU D 293 22.26 -32.23 -21.82
C GLU D 293 21.74 -32.81 -23.13
N ALA D 294 22.61 -32.86 -24.13
CA ALA D 294 22.28 -33.43 -25.44
C ALA D 294 23.51 -34.16 -25.95
N ARG D 295 23.59 -35.45 -25.67
CA ARG D 295 24.79 -36.23 -25.92
C ARG D 295 24.51 -37.29 -26.99
N PHE D 296 25.38 -37.35 -28.00
CA PHE D 296 25.43 -38.36 -29.06
C PHE D 296 24.35 -38.20 -30.12
N ASN D 297 23.71 -37.03 -30.23
CA ASN D 297 22.69 -36.86 -31.25
C ASN D 297 23.30 -36.92 -32.64
N GLY D 298 22.51 -37.40 -33.59
CA GLY D 298 22.88 -37.27 -34.98
C GLY D 298 22.71 -35.84 -35.46
N HIS D 299 23.50 -35.46 -36.45
CA HIS D 299 23.47 -34.11 -37.03
C HIS D 299 23.68 -33.10 -35.90
N HIS D 300 22.91 -32.03 -35.82
CA HIS D 300 23.16 -30.96 -34.88
C HIS D 300 22.49 -31.26 -33.54
N GLY D 301 23.28 -31.19 -32.47
CA GLY D 301 22.72 -31.39 -31.14
C GLY D 301 21.74 -30.30 -30.74
N LEU D 302 22.09 -29.04 -31.01
CA LEU D 302 21.23 -27.91 -30.77
C LEU D 302 21.19 -27.05 -32.03
N MET D 303 20.01 -26.60 -32.41
CA MET D 303 19.87 -25.76 -33.58
C MET D 303 18.82 -24.69 -33.31
N VAL D 304 19.24 -23.43 -33.40
CA VAL D 304 18.32 -22.29 -33.44
C VAL D 304 18.47 -21.64 -34.81
N THR D 305 17.34 -21.42 -35.47
CA THR D 305 17.38 -21.10 -36.89
C THR D 305 16.30 -20.07 -37.20
N THR D 306 16.63 -19.17 -38.12
CA THR D 306 15.66 -18.26 -38.72
C THR D 306 14.98 -17.38 -37.67
N GLY D 307 15.79 -16.53 -37.04
CA GLY D 307 15.28 -15.48 -36.20
C GLY D 307 14.85 -15.89 -34.81
N SER D 308 15.19 -17.10 -34.36
CA SER D 308 14.75 -17.55 -33.05
C SER D 308 15.65 -16.98 -31.96
N GLN D 309 15.44 -17.45 -30.73
CA GLN D 309 16.23 -17.08 -29.58
C GLN D 309 16.38 -18.31 -28.69
N ALA D 310 17.37 -18.28 -27.80
CA ALA D 310 17.59 -19.41 -26.90
C ALA D 310 18.44 -18.97 -25.73
N SER D 311 18.49 -19.83 -24.71
CA SER D 311 19.34 -19.67 -23.55
C SER D 311 19.83 -21.03 -23.13
N ALA D 312 21.14 -21.25 -23.18
CA ALA D 312 21.69 -22.58 -22.96
C ALA D 312 22.88 -22.52 -22.01
N ARG D 313 22.79 -21.70 -20.97
CA ARG D 313 23.89 -21.55 -20.04
C ARG D 313 24.24 -22.87 -19.36
N ASN D 314 25.53 -23.16 -19.29
CA ASN D 314 26.09 -24.35 -18.65
C ASN D 314 25.63 -25.66 -19.27
N CYS D 315 24.98 -25.61 -20.43
CA CYS D 315 24.51 -26.83 -21.08
C CYS D 315 25.67 -27.65 -21.59
N LYS D 316 25.44 -28.95 -21.78
CA LYS D 316 26.45 -29.87 -22.27
C LYS D 316 25.93 -30.58 -23.51
N ILE D 317 26.65 -30.46 -24.63
CA ILE D 317 26.28 -31.08 -25.89
C ILE D 317 27.55 -31.61 -26.53
N THR D 318 27.76 -32.92 -26.47
CA THR D 318 29.01 -33.51 -26.95
C THR D 318 28.72 -34.76 -27.78
N ASP D 319 29.74 -35.19 -28.52
CA ASP D 319 29.74 -36.40 -29.34
C ASP D 319 28.63 -36.43 -30.39
N THR D 320 28.06 -35.29 -30.76
CA THR D 320 27.20 -35.27 -31.93
C THR D 320 28.03 -35.51 -33.18
N ILE D 321 27.44 -36.20 -34.15
CA ILE D 321 28.18 -36.53 -35.38
C ILE D 321 28.54 -35.26 -36.14
N ASP D 322 27.56 -34.40 -36.38
CA ASP D 322 27.76 -33.11 -36.99
C ASP D 322 27.93 -32.07 -35.88
N ASP D 323 27.79 -30.78 -36.23
CA ASP D 323 28.00 -29.69 -35.29
C ASP D 323 27.18 -29.88 -34.02
N ASN D 324 27.83 -29.66 -32.88
CA ASN D 324 27.12 -29.78 -31.60
C ASN D 324 26.07 -28.69 -31.46
N VAL D 325 26.45 -27.43 -31.67
CA VAL D 325 25.56 -26.29 -31.50
C VAL D 325 25.64 -25.45 -32.76
N VAL D 326 24.48 -25.11 -33.33
CA VAL D 326 24.40 -24.30 -34.53
C VAL D 326 23.49 -23.12 -34.27
N SER D 327 23.99 -21.91 -34.51
CA SER D 327 23.17 -20.71 -34.53
C SER D 327 23.08 -20.26 -35.99
N TYR D 328 21.87 -20.26 -36.52
CA TYR D 328 21.65 -20.19 -37.95
C TYR D 328 20.70 -19.06 -38.28
N ALA D 329 21.07 -18.22 -39.24
CA ALA D 329 20.18 -17.24 -39.84
C ALA D 329 19.61 -16.27 -38.80
N SER D 330 20.51 -15.49 -38.21
CA SER D 330 20.15 -14.39 -37.30
C SER D 330 19.39 -14.89 -36.08
N SER D 331 20.02 -15.81 -35.35
CA SER D 331 19.46 -16.35 -34.12
C SER D 331 20.45 -16.15 -32.98
N ASP D 332 19.95 -15.92 -31.79
CA ASP D 332 20.76 -15.60 -30.63
C ASP D 332 20.82 -16.78 -29.67
N ILE D 333 22.00 -17.03 -29.12
CA ILE D 333 22.24 -18.08 -28.15
C ILE D 333 23.10 -17.52 -27.03
N ASP D 334 22.91 -18.06 -25.83
CA ASP D 334 23.80 -17.77 -24.70
C ASP D 334 24.27 -19.10 -24.12
N LEU D 335 25.54 -19.43 -24.32
CA LEU D 335 26.17 -20.59 -23.68
C LEU D 335 27.25 -20.05 -22.75
N ARG D 336 26.85 -19.67 -21.54
CA ARG D 336 27.76 -18.95 -20.65
C ARG D 336 28.94 -19.82 -20.24
N SER D 337 28.70 -21.07 -19.88
CA SER D 337 29.78 -21.94 -19.45
C SER D 337 29.62 -23.34 -20.01
N SER D 338 29.10 -23.45 -21.23
CA SER D 338 28.75 -24.75 -21.78
C SER D 338 30.00 -25.58 -22.03
N ASP D 339 29.76 -26.83 -22.43
CA ASP D 339 30.82 -27.78 -22.78
C ASP D 339 30.37 -28.47 -24.06
N CYS D 340 30.73 -27.89 -25.20
CA CYS D 340 30.38 -28.45 -26.51
C CYS D 340 31.67 -28.90 -27.18
N SER D 341 31.95 -30.20 -27.13
CA SER D 341 33.24 -30.71 -27.59
C SER D 341 33.05 -32.13 -28.10
N ASN D 342 34.17 -32.75 -28.49
CA ASN D 342 34.23 -34.15 -28.89
C ASN D 342 33.28 -34.46 -30.05
N SER D 343 33.05 -33.50 -30.93
CA SER D 343 32.21 -33.75 -32.10
C SER D 343 32.91 -34.73 -33.03
N GLN D 344 32.17 -35.74 -33.48
CA GLN D 344 32.77 -36.78 -34.31
C GLN D 344 33.19 -36.24 -35.67
N THR D 345 32.48 -35.24 -36.18
CA THR D 345 32.81 -34.64 -37.47
C THR D 345 32.31 -33.21 -37.46
N THR D 346 33.03 -32.35 -38.20
CA THR D 346 32.61 -30.97 -38.44
C THR D 346 32.66 -30.14 -37.15
N TYR D 347 32.47 -28.83 -37.28
CA TYR D 347 32.83 -27.90 -36.22
C TYR D 347 32.03 -28.13 -34.94
N GLY D 348 32.70 -27.99 -33.80
CA GLY D 348 32.03 -28.19 -32.52
C GLY D 348 30.96 -27.15 -32.24
N VAL D 349 31.31 -25.87 -32.43
CA VAL D 349 30.38 -24.76 -32.24
C VAL D 349 30.48 -23.86 -33.47
N ILE D 350 29.37 -23.69 -34.18
CA ILE D 350 29.36 -22.91 -35.40
C ILE D 350 28.18 -21.94 -35.36
N ALA D 351 28.42 -20.69 -35.70
CA ALA D 351 27.38 -19.70 -35.90
C ALA D 351 27.53 -19.12 -37.29
N THR D 352 26.41 -18.95 -37.99
CA THR D 352 26.47 -18.66 -39.40
C THR D 352 25.25 -17.83 -39.80
N ARG D 353 25.33 -17.23 -40.99
CA ARG D 353 24.26 -16.42 -41.56
C ARG D 353 23.84 -15.30 -40.62
N SER D 354 24.83 -14.56 -40.12
CA SER D 354 24.60 -13.32 -39.37
C SER D 354 23.86 -13.57 -38.05
N SER D 355 24.35 -14.50 -37.25
CA SER D 355 23.74 -14.80 -35.96
C SER D 355 24.69 -14.37 -34.84
N ASN D 356 24.31 -14.64 -33.59
CA ASN D 356 25.12 -14.30 -32.44
C ASN D 356 25.18 -15.48 -31.48
N ILE D 357 26.31 -15.61 -30.78
CA ILE D 357 26.48 -16.61 -29.73
C ILE D 357 27.35 -15.98 -28.66
N ASN D 358 27.07 -16.33 -27.39
CA ASN D 358 27.86 -15.91 -26.25
C ASN D 358 28.48 -17.15 -25.63
N PHE D 359 29.65 -17.54 -26.13
CA PHE D 359 30.37 -18.72 -25.63
C PHE D 359 31.38 -18.30 -24.57
N ASP D 360 30.87 -17.68 -23.50
CA ASP D 360 31.71 -16.90 -22.58
C ASP D 360 32.90 -17.70 -22.06
N LYS D 361 32.67 -18.91 -21.59
CA LYS D 361 33.76 -19.72 -21.07
C LYS D 361 33.66 -21.16 -21.55
N GLY D 362 33.15 -21.36 -22.76
CA GLY D 362 32.88 -22.71 -23.22
C GLY D 362 34.13 -23.52 -23.44
N ILE D 363 33.93 -24.80 -23.74
CA ILE D 363 35.01 -25.74 -23.97
C ILE D 363 34.69 -26.51 -25.24
N ALA D 364 35.64 -26.51 -26.19
CA ALA D 364 35.48 -27.24 -27.45
C ALA D 364 36.82 -27.90 -27.78
N ASN D 365 37.00 -29.12 -27.28
CA ASN D 365 38.21 -29.88 -27.50
C ASN D 365 37.89 -31.17 -28.24
N GLY D 366 38.84 -31.63 -29.05
CA GLY D 366 38.73 -32.93 -29.68
C GLY D 366 37.76 -33.01 -30.84
N CYS D 367 37.20 -31.89 -31.29
CA CYS D 367 36.22 -31.93 -32.36
C CYS D 367 36.84 -32.45 -33.65
N GLY D 368 35.99 -32.99 -34.52
CA GLY D 368 36.46 -33.49 -35.80
C GLY D 368 36.93 -32.39 -36.72
N ALA D 369 36.44 -31.17 -36.53
CA ALA D 369 36.91 -30.00 -37.25
C ALA D 369 37.20 -28.89 -36.24
N SER D 370 37.37 -27.66 -36.72
CA SER D 370 37.69 -26.56 -35.83
C SER D 370 36.61 -26.39 -34.76
N GLY D 371 37.07 -26.21 -33.52
CA GLY D 371 36.15 -26.23 -32.38
C GLY D 371 35.14 -25.11 -32.41
N ILE D 372 35.58 -23.89 -32.67
CA ILE D 372 34.72 -22.72 -32.72
C ILE D 372 34.84 -22.10 -34.10
N MET D 373 33.69 -21.86 -34.74
CA MET D 373 33.67 -21.27 -36.07
C MET D 373 32.57 -20.23 -36.15
N ALA D 374 32.88 -19.11 -36.80
CA ALA D 374 31.91 -18.04 -37.04
C ALA D 374 31.97 -17.67 -38.51
N ASN D 375 30.86 -17.85 -39.21
CA ASN D 375 30.84 -17.76 -40.66
C ASN D 375 29.75 -16.79 -41.12
N ARG D 376 30.01 -16.13 -42.24
CA ARG D 376 29.04 -15.29 -42.94
C ARG D 376 28.47 -14.20 -42.01
N GLY D 377 29.37 -13.32 -41.59
CA GLY D 377 28.94 -12.09 -40.93
C GLY D 377 28.24 -12.26 -39.60
N CYS D 378 28.72 -13.17 -38.77
CA CYS D 378 28.15 -13.41 -37.45
C CYS D 378 29.18 -13.11 -36.37
N SER D 379 28.71 -13.00 -35.14
CA SER D 379 29.56 -12.66 -34.01
C SER D 379 29.52 -13.75 -32.94
N ILE D 380 30.67 -13.99 -32.32
CA ILE D 380 30.81 -14.95 -31.24
C ILE D 380 31.71 -14.35 -30.17
N ASP D 381 31.30 -14.48 -28.91
CA ASP D 381 32.12 -14.05 -27.78
C ASP D 381 32.60 -15.30 -27.05
N ALA D 382 33.91 -15.46 -26.96
CA ALA D 382 34.50 -16.68 -26.41
C ALA D 382 35.70 -16.34 -25.52
N THR D 383 35.53 -15.37 -24.63
CA THR D 383 36.66 -14.81 -23.90
C THR D 383 37.41 -15.87 -23.11
N GLY D 384 36.71 -16.64 -22.29
CA GLY D 384 37.38 -17.66 -21.53
C GLY D 384 37.47 -19.01 -22.18
N ALA D 385 37.13 -19.10 -23.47
CA ALA D 385 36.90 -20.38 -24.10
C ALA D 385 38.19 -21.20 -24.18
N THR D 386 38.04 -22.42 -24.66
CA THR D 386 39.16 -23.35 -24.80
C THR D 386 38.91 -24.21 -26.03
N ALA D 387 39.80 -24.13 -27.00
CA ALA D 387 39.79 -25.00 -28.16
C ALA D 387 41.12 -25.72 -28.21
N SER D 388 41.09 -27.03 -28.40
CA SER D 388 42.33 -27.80 -28.38
C SER D 388 42.09 -29.18 -28.97
N ARG D 389 43.18 -29.79 -29.41
CA ARG D 389 43.21 -31.18 -29.89
C ARG D 389 42.27 -31.42 -31.07
N ASN D 390 41.69 -30.37 -31.64
CA ASN D 390 40.83 -30.55 -32.81
C ASN D 390 41.68 -30.94 -34.02
N LYS D 391 41.03 -31.60 -34.98
CA LYS D 391 41.74 -31.98 -36.20
C LYS D 391 42.14 -30.76 -37.01
N TRP D 392 41.22 -29.86 -37.24
CA TRP D 392 41.47 -28.60 -37.92
C TRP D 392 41.76 -27.51 -36.90
N HIS D 393 41.67 -26.25 -37.35
CA HIS D 393 42.09 -25.11 -36.55
C HIS D 393 41.43 -25.07 -35.18
N GLY D 394 42.00 -24.28 -34.28
CA GLY D 394 41.42 -24.13 -32.96
C GLY D 394 40.16 -23.28 -32.98
N VAL D 395 40.31 -22.01 -33.32
CA VAL D 395 39.17 -21.10 -33.50
C VAL D 395 39.33 -20.40 -34.83
N ILE D 396 38.29 -20.45 -35.65
CA ILE D 396 38.33 -19.92 -37.02
C ILE D 396 37.20 -18.94 -37.19
N ALA D 397 37.49 -17.79 -37.79
CA ALA D 397 36.47 -16.84 -38.20
C ALA D 397 36.60 -16.63 -39.70
N SER D 398 35.51 -16.83 -40.43
CA SER D 398 35.54 -16.78 -41.88
C SER D 398 34.37 -15.96 -42.40
N ASN D 399 34.61 -15.30 -43.53
CA ASN D 399 33.59 -14.57 -44.27
C ASN D 399 32.95 -13.47 -43.42
N ASN D 400 33.78 -12.50 -43.03
CA ASN D 400 33.31 -11.23 -42.47
C ASN D 400 32.67 -11.40 -41.10
N SER D 401 33.22 -12.28 -40.27
CA SER D 401 32.67 -12.58 -38.95
C SER D 401 33.63 -12.16 -37.85
N LYS D 402 33.09 -11.85 -36.69
CA LYS D 402 33.89 -11.43 -35.54
C LYS D 402 33.88 -12.50 -34.47
N VAL D 403 35.04 -12.74 -33.86
CA VAL D 403 35.18 -13.64 -32.72
C VAL D 403 36.08 -12.97 -31.69
N ASP D 404 35.74 -13.17 -30.42
CA ASP D 404 36.53 -12.61 -29.33
C ASP D 404 37.16 -13.74 -28.53
N PHE D 405 38.48 -13.69 -28.35
CA PHE D 405 39.23 -14.67 -27.57
C PHE D 405 40.12 -13.88 -26.62
N THR D 406 39.57 -13.40 -25.51
CA THR D 406 40.33 -12.46 -24.69
C THR D 406 41.44 -13.14 -23.92
N SER D 407 41.18 -14.31 -23.35
CA SER D 407 42.23 -15.04 -22.66
C SER D 407 42.15 -16.53 -22.92
N GLY D 408 41.47 -16.94 -23.99
CA GLY D 408 41.27 -18.34 -24.24
C GLY D 408 42.52 -19.04 -24.72
N ASN D 409 42.42 -20.35 -24.84
CA ASN D 409 43.53 -21.19 -25.27
C ASN D 409 43.16 -21.90 -26.55
N ALA D 410 44.04 -21.83 -27.55
CA ALA D 410 43.91 -22.59 -28.79
C ALA D 410 45.20 -23.38 -28.98
N ASN D 411 45.27 -24.55 -28.34
CA ASN D 411 46.49 -25.35 -28.34
C ASN D 411 46.27 -26.64 -29.12
N GLU D 412 47.38 -27.31 -29.42
CA GLU D 412 47.44 -28.72 -29.77
C GLU D 412 46.70 -29.08 -31.06
N ASN D 413 46.10 -28.11 -31.74
CA ASN D 413 45.27 -28.44 -32.89
C ASN D 413 46.12 -28.93 -34.05
N GLY D 414 45.47 -29.67 -34.95
CA GLY D 414 46.16 -30.21 -36.11
C GLY D 414 46.44 -29.21 -37.21
N LEU D 415 45.93 -27.99 -37.08
CA LEU D 415 46.18 -26.93 -38.06
C LEU D 415 46.36 -25.63 -37.28
N ASP D 416 46.27 -24.50 -37.99
CA ASP D 416 46.50 -23.19 -37.40
C ASP D 416 45.72 -23.00 -36.10
N GLY D 417 46.39 -22.45 -35.08
CA GLY D 417 45.72 -22.25 -33.81
C GLY D 417 44.56 -21.29 -33.91
N ILE D 418 44.77 -20.15 -34.55
CA ILE D 418 43.73 -19.16 -34.80
C ILE D 418 43.85 -18.73 -36.26
N GLN D 419 42.73 -18.73 -36.97
CA GLN D 419 42.74 -18.34 -38.37
C GLN D 419 41.57 -17.42 -38.67
N CYS D 420 41.85 -16.28 -39.27
CA CYS D 420 40.85 -15.41 -39.86
C CYS D 420 40.93 -15.54 -41.36
N THR D 421 39.79 -15.65 -42.02
CA THR D 421 39.74 -15.87 -43.45
C THR D 421 38.76 -14.91 -44.09
N HIS D 422 39.23 -14.15 -45.07
CA HIS D 422 38.38 -13.30 -45.90
C HIS D 422 37.62 -12.27 -45.06
N GLY D 423 38.38 -11.35 -44.46
CA GLY D 423 37.82 -10.17 -43.85
C GLY D 423 37.41 -10.33 -42.40
N SER D 424 37.29 -11.56 -41.93
CA SER D 424 36.90 -11.79 -40.55
C SER D 424 38.00 -11.37 -39.60
N THR D 425 37.62 -10.90 -38.42
CA THR D 425 38.57 -10.45 -37.42
C THR D 425 38.31 -11.18 -36.11
N VAL D 426 39.37 -11.76 -35.54
CA VAL D 426 39.33 -12.28 -34.18
C VAL D 426 40.12 -11.32 -33.30
N GLN D 427 39.80 -11.31 -32.01
CA GLN D 427 40.53 -10.53 -31.03
C GLN D 427 41.08 -11.48 -29.98
N ALA D 428 42.40 -11.50 -29.83
CA ALA D 428 43.08 -12.40 -28.89
C ALA D 428 44.03 -11.59 -28.04
N ARG D 429 43.51 -10.96 -26.98
CA ARG D 429 44.30 -10.00 -26.23
C ARG D 429 45.42 -10.68 -25.45
N LEU D 430 45.11 -11.75 -24.73
CA LEU D 430 46.10 -12.44 -23.92
C LEU D 430 46.02 -13.95 -24.11
N SER D 431 45.68 -14.41 -25.30
CA SER D 431 45.46 -15.83 -25.55
C SER D 431 46.75 -16.63 -25.37
N THR D 432 46.59 -17.94 -25.44
CA THR D 432 47.72 -18.87 -25.44
C THR D 432 47.50 -19.86 -26.57
N THR D 433 48.36 -19.81 -27.58
CA THR D 433 48.26 -20.69 -28.76
C THR D 433 49.63 -21.31 -28.99
N ASN D 434 49.85 -22.49 -28.41
CA ASN D 434 51.16 -23.12 -28.49
C ASN D 434 51.00 -24.62 -28.70
N GLY D 435 51.95 -25.19 -29.44
CA GLY D 435 52.02 -26.62 -29.64
C GLY D 435 51.35 -27.16 -30.88
N ASN D 436 50.71 -26.30 -31.67
CA ASN D 436 49.89 -26.78 -32.77
C ASN D 436 50.74 -27.35 -33.90
N LYS D 437 50.09 -28.17 -34.73
CA LYS D 437 50.78 -28.78 -35.87
C LYS D 437 51.07 -27.76 -36.96
N ARG D 438 50.47 -26.58 -36.90
CA ARG D 438 50.70 -25.53 -37.90
C ARG D 438 50.77 -24.18 -37.22
N ASN D 439 50.62 -23.11 -38.01
CA ASN D 439 50.84 -21.76 -37.52
C ASN D 439 50.09 -21.47 -36.23
N GLY D 440 50.74 -20.71 -35.35
CA GLY D 440 50.08 -20.28 -34.13
C GLY D 440 48.86 -19.40 -34.40
N VAL D 441 49.00 -18.46 -35.33
CA VAL D 441 47.87 -17.68 -35.81
C VAL D 441 48.13 -17.32 -37.27
N LEU D 442 47.10 -17.43 -38.10
CA LEU D 442 47.19 -17.12 -39.51
C LEU D 442 46.11 -16.08 -39.85
N ALA D 443 46.42 -15.21 -40.79
CA ALA D 443 45.50 -14.16 -41.21
C ALA D 443 45.33 -14.26 -42.72
N TYR D 444 44.37 -15.06 -43.16
CA TYR D 444 44.11 -15.29 -44.58
C TYR D 444 43.15 -14.22 -45.07
N ALA D 445 43.72 -13.05 -45.41
CA ALA D 445 42.94 -11.89 -45.82
C ALA D 445 41.95 -11.46 -44.74
N GLY D 446 42.38 -11.53 -43.49
CA GLY D 446 41.56 -11.08 -42.38
C GLY D 446 42.43 -10.49 -41.29
N ASP D 447 41.79 -9.78 -40.36
CA ASP D 447 42.49 -9.06 -39.32
C ASP D 447 42.61 -9.93 -38.07
N VAL D 448 43.75 -9.85 -37.41
CA VAL D 448 43.96 -10.46 -36.09
C VAL D 448 44.52 -9.38 -35.18
N TYR D 449 43.94 -9.25 -33.99
CA TYR D 449 44.37 -8.24 -33.05
C TYR D 449 44.74 -8.90 -31.74
N CYS D 450 46.00 -8.73 -31.33
CA CYS D 450 46.49 -9.31 -30.09
C CYS D 450 47.21 -8.22 -29.30
N GLN D 451 47.46 -8.50 -28.02
CA GLN D 451 48.25 -7.61 -27.18
C GLN D 451 49.47 -8.30 -26.62
N GLU D 452 49.33 -9.48 -26.03
CA GLU D 452 50.45 -10.26 -25.55
C GLU D 452 50.24 -11.74 -25.86
N ILE D 453 49.82 -12.04 -27.09
CA ILE D 453 49.56 -13.42 -27.46
C ILE D 453 50.79 -14.27 -27.24
N ASN D 454 50.59 -15.46 -26.69
CA ASN D 454 51.69 -16.39 -26.43
C ASN D 454 51.69 -17.48 -27.50
N CYS D 455 52.85 -17.76 -28.06
CA CYS D 455 53.01 -18.86 -29.00
C CYS D 455 54.28 -19.62 -28.66
N ASP D 456 54.29 -20.92 -28.97
CA ASP D 456 55.43 -21.76 -28.67
C ASP D 456 55.24 -23.11 -29.37
N GLY D 457 56.31 -23.61 -29.96
CA GLY D 457 56.32 -24.96 -30.48
C GLY D 457 55.40 -25.25 -31.63
N ASN D 458 54.81 -24.22 -32.25
CA ASN D 458 53.96 -24.46 -33.40
C ASN D 458 54.77 -25.03 -34.56
N GLY D 459 54.09 -25.78 -35.43
CA GLY D 459 54.78 -26.50 -36.48
C GLY D 459 55.32 -25.62 -37.59
N ARG D 460 54.85 -24.39 -37.70
CA ARG D 460 55.24 -23.47 -38.77
C ARG D 460 55.20 -22.06 -38.19
N ARG D 461 55.12 -21.07 -39.08
CA ARG D 461 55.16 -19.66 -38.70
C ARG D 461 54.28 -19.37 -37.50
N GLY D 462 54.89 -18.83 -36.43
CA GLY D 462 54.13 -18.56 -35.21
C GLY D 462 53.04 -17.54 -35.42
N LEU D 463 53.35 -16.44 -36.09
CA LEU D 463 52.36 -15.47 -36.51
C LEU D 463 52.53 -15.27 -38.01
N GLU D 464 51.43 -15.32 -38.75
CA GLU D 464 51.52 -15.21 -40.20
C GLU D 464 50.33 -14.42 -40.73
N ALA D 465 50.60 -13.53 -41.67
CA ALA D 465 49.58 -12.78 -42.38
C ALA D 465 49.85 -12.87 -43.86
N THR D 466 48.78 -13.03 -44.64
CA THR D 466 48.94 -13.16 -46.09
C THR D 466 47.69 -12.67 -46.79
N ARG D 467 47.86 -12.33 -48.07
CA ARG D 467 46.76 -11.93 -48.95
C ARG D 467 45.98 -10.76 -48.37
N GLY D 468 46.68 -9.83 -47.73
CA GLY D 468 46.06 -8.63 -47.21
C GLY D 468 45.69 -8.69 -45.73
N GLY D 469 46.12 -9.70 -45.01
CA GLY D 469 45.83 -9.76 -43.59
C GLY D 469 46.53 -8.67 -42.82
N TYR D 470 46.28 -8.65 -41.50
CA TYR D 470 46.87 -7.65 -40.63
C TYR D 470 46.86 -8.21 -39.20
N VAL D 471 48.04 -8.56 -38.70
CA VAL D 471 48.19 -9.10 -37.36
C VAL D 471 48.84 -8.03 -36.50
N ALA D 472 48.09 -7.50 -35.55
CA ALA D 472 48.58 -6.47 -34.63
C ALA D 472 48.78 -7.11 -33.27
N ALA D 473 50.00 -7.02 -32.74
CA ALA D 473 50.33 -7.64 -31.46
C ALA D 473 51.44 -6.81 -30.82
N TYR D 474 51.07 -5.91 -29.91
CA TYR D 474 52.06 -5.00 -29.35
C TYR D 474 53.12 -5.73 -28.56
N GLY D 475 52.75 -6.75 -27.80
CA GLY D 475 53.72 -7.43 -26.96
C GLY D 475 53.76 -8.93 -27.14
N ALA D 476 53.56 -9.38 -28.37
CA ALA D 476 53.51 -10.82 -28.64
C ALA D 476 54.78 -11.51 -28.18
N LYS D 477 54.62 -12.68 -27.57
CA LYS D 477 55.74 -13.47 -27.08
C LYS D 477 55.73 -14.81 -27.81
N VAL D 478 56.36 -14.84 -28.98
CA VAL D 478 56.46 -16.05 -29.78
C VAL D 478 57.80 -16.70 -29.47
N SER D 479 57.86 -18.02 -29.66
CA SER D 479 59.09 -18.74 -29.36
C SER D 479 59.03 -20.13 -29.97
N ARG D 480 60.20 -20.71 -30.20
CA ARG D 480 60.37 -22.13 -30.48
C ARG D 480 59.51 -22.61 -31.65
N SER D 481 59.33 -21.73 -32.63
CA SER D 481 58.63 -22.12 -33.84
C SER D 481 59.54 -22.92 -34.75
N LYS D 482 59.03 -24.01 -35.30
CA LYS D 482 59.83 -24.86 -36.18
C LYS D 482 60.30 -24.09 -37.40
N ASP D 483 59.38 -23.39 -38.05
CA ASP D 483 59.70 -22.50 -39.15
C ASP D 483 59.91 -21.08 -38.63
N ASP D 484 59.89 -20.12 -39.55
CA ASP D 484 59.89 -18.69 -39.20
C ASP D 484 59.02 -18.40 -37.99
N ASN D 485 59.51 -17.52 -37.11
CA ASN D 485 58.66 -17.07 -36.00
C ASN D 485 57.47 -16.28 -36.51
N VAL D 486 57.72 -15.12 -37.11
CA VAL D 486 56.67 -14.27 -37.65
C VAL D 486 57.05 -13.88 -39.07
N LEU D 487 56.14 -14.11 -40.01
CA LEU D 487 56.40 -13.85 -41.41
C LEU D 487 55.23 -13.07 -42.01
N ALA D 488 55.55 -11.96 -42.68
CA ALA D 488 54.57 -11.19 -43.42
C ALA D 488 54.68 -11.57 -44.89
N TYR D 489 53.55 -11.99 -45.46
CA TYR D 489 53.51 -12.54 -46.81
C TYR D 489 52.61 -11.64 -47.64
N GLY D 490 53.19 -10.57 -48.20
CA GLY D 490 52.41 -9.64 -48.97
C GLY D 490 51.39 -8.86 -48.17
N SER D 491 51.56 -8.77 -46.85
CA SER D 491 50.64 -8.05 -45.99
C SER D 491 51.41 -7.47 -44.82
N MET D 492 50.69 -6.83 -43.92
CA MET D 492 51.30 -6.04 -42.86
C MET D 492 51.15 -6.75 -41.50
N ILE D 493 52.18 -6.59 -40.67
CA ILE D 493 52.19 -7.12 -39.31
C ILE D 493 52.76 -6.04 -38.40
N SER D 494 52.14 -5.86 -37.24
CA SER D 494 52.50 -4.78 -36.32
C SER D 494 52.87 -5.37 -34.96
N ILE D 495 54.14 -5.74 -34.79
CA ILE D 495 54.65 -6.17 -33.50
C ILE D 495 55.59 -5.10 -32.97
N ASN D 496 55.06 -4.15 -32.20
CA ASN D 496 55.87 -3.00 -31.79
C ASN D 496 56.94 -3.38 -30.79
N GLU D 497 56.59 -4.13 -29.75
CA GLU D 497 57.56 -4.46 -28.72
C GLU D 497 57.57 -5.96 -28.43
N ALA D 498 57.40 -6.77 -29.48
CA ALA D 498 57.39 -8.21 -29.29
C ALA D 498 58.73 -8.72 -28.81
N LEU D 499 58.71 -9.82 -28.07
CA LEU D 499 59.92 -10.51 -27.65
C LEU D 499 59.84 -11.94 -28.15
N ILE D 500 60.69 -12.29 -29.11
CA ILE D 500 60.61 -13.55 -29.81
C ILE D 500 61.98 -14.24 -29.76
N GLU D 501 61.99 -15.51 -29.41
CA GLU D 501 63.24 -16.21 -29.13
C GLU D 501 63.22 -17.60 -29.77
N ARG D 502 64.43 -18.12 -30.00
CA ARG D 502 64.65 -19.53 -30.29
C ARG D 502 63.86 -20.02 -31.50
N ALA D 503 63.79 -19.20 -32.53
CA ALA D 503 63.14 -19.62 -33.76
C ALA D 503 63.95 -20.72 -34.44
N GLY D 504 63.26 -21.57 -35.22
CA GLY D 504 63.96 -22.56 -36.01
C GLY D 504 64.49 -22.01 -37.31
N ARG D 505 64.04 -20.83 -37.70
CA ARG D 505 64.48 -20.13 -38.90
C ARG D 505 64.56 -18.65 -38.56
N ASN D 506 64.53 -17.80 -39.58
CA ASN D 506 64.61 -16.35 -39.42
C ASN D 506 63.75 -15.88 -38.24
N GLY D 507 64.27 -14.90 -37.50
CA GLY D 507 63.50 -14.35 -36.40
C GLY D 507 62.23 -13.66 -36.87
N ILE D 508 62.37 -12.71 -37.78
CA ILE D 508 61.23 -12.09 -38.45
C ILE D 508 61.55 -12.06 -39.94
N GLU D 509 60.51 -11.94 -40.76
CA GLU D 509 60.69 -11.92 -42.19
C GLU D 509 59.50 -11.26 -42.86
N ALA D 510 59.77 -10.46 -43.88
CA ALA D 510 58.74 -9.84 -44.69
C ALA D 510 59.08 -10.18 -46.14
N THR D 511 58.37 -11.15 -46.71
CA THR D 511 58.65 -11.66 -48.03
C THR D 511 57.54 -11.27 -48.99
N ARG D 512 57.92 -10.95 -50.22
CA ARG D 512 56.98 -10.73 -51.31
C ARG D 512 56.08 -9.52 -51.00
N GLY D 513 56.71 -8.37 -50.79
CA GLY D 513 55.98 -7.20 -50.40
C GLY D 513 55.61 -7.26 -48.93
N GLY D 514 54.76 -6.31 -48.53
CA GLY D 514 54.33 -6.22 -47.16
C GLY D 514 55.33 -5.49 -46.29
N GLN D 515 54.91 -5.18 -45.06
CA GLN D 515 55.75 -4.45 -44.13
C GLN D 515 55.59 -5.06 -42.75
N ILE D 516 56.60 -4.86 -41.91
CA ILE D 516 56.56 -5.29 -40.51
C ILE D 516 57.03 -4.14 -39.65
N PHE D 517 56.24 -3.80 -38.64
CA PHE D 517 56.56 -2.72 -37.73
C PHE D 517 57.26 -3.28 -36.49
N ALA D 518 58.14 -2.47 -35.90
CA ALA D 518 58.85 -2.87 -34.69
C ALA D 518 59.41 -1.63 -34.03
N ASP D 519 59.39 -1.61 -32.70
CA ASP D 519 59.92 -0.49 -31.93
C ASP D 519 61.10 -0.89 -31.07
N ARG D 520 60.96 -1.92 -30.25
CA ARG D 520 62.05 -2.44 -29.43
C ARG D 520 62.03 -3.95 -29.44
N ILE D 521 61.78 -4.54 -30.60
CA ILE D 521 61.58 -5.98 -30.69
C ILE D 521 62.87 -6.69 -30.31
N THR D 522 62.75 -7.77 -29.56
CA THR D 522 63.89 -8.54 -29.09
C THR D 522 63.93 -9.87 -29.82
N ILE D 523 65.01 -10.09 -30.59
CA ILE D 523 65.27 -11.37 -31.22
C ILE D 523 66.34 -12.08 -30.41
N THR D 524 66.25 -13.40 -30.34
CA THR D 524 67.24 -14.20 -29.63
C THR D 524 67.25 -15.61 -30.19
N GLY D 525 68.43 -16.15 -30.44
CA GLY D 525 68.55 -17.53 -30.87
C GLY D 525 67.86 -17.84 -32.18
N SER D 526 67.94 -16.94 -33.15
CA SER D 526 67.29 -17.17 -34.44
C SER D 526 67.91 -18.37 -35.15
N GLY D 527 67.24 -18.81 -36.21
CA GLY D 527 67.71 -19.93 -36.98
C GLY D 527 68.65 -19.53 -38.10
N ASP D 528 68.20 -18.61 -38.95
CA ASP D 528 69.02 -18.14 -40.05
C ASP D 528 69.37 -16.65 -39.93
N PHE D 529 68.37 -15.78 -39.84
CA PHE D 529 68.59 -14.34 -39.78
C PHE D 529 67.72 -13.73 -38.70
N GLY D 530 68.24 -12.70 -38.02
CA GLY D 530 67.41 -11.97 -37.08
C GLY D 530 66.30 -11.21 -37.77
N ILE D 531 66.63 -10.53 -38.87
CA ILE D 531 65.65 -9.80 -39.68
C ILE D 531 65.93 -10.12 -41.14
N LEU D 532 64.87 -10.30 -41.92
CA LEU D 532 65.01 -10.60 -43.33
C LEU D 532 64.00 -9.77 -44.11
N ALA D 533 64.32 -9.51 -45.39
CA ALA D 533 63.46 -8.72 -46.26
C ALA D 533 63.55 -9.23 -47.68
N TYR D 534 62.41 -9.27 -48.37
CA TYR D 534 62.32 -9.64 -49.78
C TYR D 534 61.41 -8.63 -50.47
N ALA D 535 62.01 -7.56 -50.98
CA ALA D 535 61.25 -6.45 -51.56
C ALA D 535 60.21 -5.93 -50.58
N SER D 536 60.59 -5.89 -49.30
CA SER D 536 59.68 -5.50 -48.23
C SER D 536 60.47 -4.72 -47.20
N LYS D 537 59.78 -3.81 -46.52
CA LYS D 537 60.40 -2.93 -45.56
C LYS D 537 60.08 -3.36 -44.14
N VAL D 538 61.07 -3.25 -43.26
CA VAL D 538 60.93 -3.56 -41.84
C VAL D 538 61.45 -2.38 -41.05
N PHE D 539 60.63 -1.86 -40.14
CA PHE D 539 61.00 -0.71 -39.32
C PHE D 539 61.25 -1.18 -37.90
N ALA D 540 62.44 -0.87 -37.38
CA ALA D 540 62.80 -1.22 -36.01
C ALA D 540 63.63 -0.08 -35.41
N GLU D 541 62.97 0.87 -34.74
CA GLU D 541 63.69 2.02 -34.22
C GLU D 541 64.72 1.62 -33.18
N ALA D 542 64.52 0.47 -32.52
CA ALA D 542 65.52 -0.12 -31.66
C ALA D 542 65.27 -1.61 -31.61
N SER D 543 66.33 -2.37 -31.34
CA SER D 543 66.20 -3.83 -31.31
C SER D 543 67.37 -4.38 -30.51
N ASN D 544 67.28 -5.67 -30.19
CA ASN D 544 68.30 -6.35 -29.41
C ASN D 544 68.60 -7.72 -30.00
N ILE D 545 68.78 -7.77 -31.33
CA ILE D 545 69.07 -9.04 -31.98
C ILE D 545 70.34 -9.65 -31.39
N SER D 546 70.28 -10.93 -31.08
CA SER D 546 71.41 -11.63 -30.48
C SER D 546 71.29 -13.12 -30.78
N GLY D 547 72.42 -13.80 -30.71
CA GLY D 547 72.45 -15.25 -30.86
C GLY D 547 72.04 -15.75 -32.22
N THR D 548 71.97 -14.86 -33.20
CA THR D 548 71.62 -15.25 -34.55
C THR D 548 72.74 -16.07 -35.18
N LYS D 549 72.35 -17.03 -36.03
CA LYS D 549 73.33 -17.95 -36.61
C LYS D 549 74.10 -17.31 -37.76
N ASN D 550 73.41 -16.93 -38.83
CA ASN D 550 74.11 -16.46 -40.02
C ASN D 550 74.36 -14.96 -40.01
N GLU D 551 73.30 -14.16 -39.97
CA GLU D 551 73.47 -12.71 -40.05
C GLU D 551 72.38 -12.02 -39.24
N PRO D 552 72.71 -10.95 -38.54
CA PRO D 552 71.70 -10.22 -37.77
C PRO D 552 70.56 -9.67 -38.61
N VAL D 553 70.87 -8.86 -39.61
CA VAL D 553 69.86 -8.24 -40.46
C VAL D 553 70.27 -8.39 -41.92
N TYR D 554 69.30 -8.75 -42.76
CA TYR D 554 69.54 -9.09 -44.15
C TYR D 554 68.48 -8.42 -45.01
N ALA D 555 68.91 -7.79 -46.09
CA ALA D 555 67.99 -7.10 -47.00
C ALA D 555 68.31 -7.54 -48.43
N THR D 556 67.27 -7.92 -49.18
CA THR D 556 67.45 -8.45 -50.52
C THR D 556 66.32 -7.95 -51.41
N ARG D 557 66.64 -7.74 -52.69
CA ARG D 557 65.66 -7.41 -53.71
C ARG D 557 64.87 -6.15 -53.35
N GLY D 558 65.55 -5.20 -52.72
CA GLY D 558 64.90 -3.99 -52.29
C GLY D 558 64.41 -4.09 -50.85
N GLY D 559 63.69 -3.06 -50.45
CA GLY D 559 63.13 -3.05 -49.11
C GLY D 559 64.10 -2.53 -48.07
N GLU D 560 63.57 -1.63 -47.23
CA GLU D 560 64.36 -0.94 -46.23
C GLU D 560 64.38 -1.74 -44.94
N VAL D 561 65.39 -1.47 -44.11
CA VAL D 561 65.41 -1.90 -42.71
C VAL D 561 65.84 -0.68 -41.90
N THR D 562 64.86 0.07 -41.38
CA THR D 562 65.15 1.31 -40.67
C THR D 562 65.49 1.02 -39.20
N CYS D 563 66.48 0.16 -39.02
CA CYS D 563 66.92 -0.26 -37.68
C CYS D 563 67.98 0.73 -37.20
N PHE D 564 67.52 1.80 -36.54
CA PHE D 564 68.42 2.89 -36.21
C PHE D 564 69.25 2.58 -34.96
N GLY D 565 68.60 2.45 -33.81
CA GLY D 565 69.33 2.34 -32.56
C GLY D 565 69.47 0.93 -32.04
N SER D 566 69.62 -0.03 -32.96
CA SER D 566 69.64 -1.43 -32.58
C SER D 566 70.88 -1.77 -31.76
N ASN D 567 70.68 -2.56 -30.71
CA ASN D 567 71.78 -3.07 -29.89
C ASN D 567 72.18 -4.48 -30.35
N ILE D 568 72.54 -4.57 -31.63
CA ILE D 568 72.88 -5.87 -32.21
C ILE D 568 74.18 -6.40 -31.60
N SER D 569 74.27 -7.73 -31.52
CA SER D 569 75.45 -8.38 -30.95
C SER D 569 75.64 -9.72 -31.67
N SER D 570 76.55 -9.74 -32.65
CA SER D 570 76.85 -10.96 -33.36
C SER D 570 78.24 -10.84 -33.96
N ASN D 571 78.86 -11.99 -34.21
CA ASN D 571 80.23 -12.02 -34.74
C ASN D 571 80.28 -11.71 -36.24
N LYS D 572 79.29 -12.18 -36.99
CA LYS D 572 79.30 -12.00 -38.44
C LYS D 572 79.05 -10.54 -38.79
N THR D 573 79.01 -10.28 -40.10
CA THR D 573 78.73 -8.92 -40.58
C THR D 573 77.33 -8.51 -40.14
N VAL D 574 77.23 -7.38 -39.46
CA VAL D 574 75.98 -7.00 -38.81
C VAL D 574 74.93 -6.63 -39.85
N TYR D 575 75.19 -5.60 -40.63
CA TYR D 575 74.25 -5.10 -41.62
C TYR D 575 74.59 -5.66 -42.99
N ASN D 576 73.64 -6.33 -43.62
CA ASN D 576 73.86 -6.95 -44.92
C ASN D 576 72.88 -6.41 -45.95
N VAL D 577 73.38 -6.21 -47.16
CA VAL D 577 72.61 -5.64 -48.26
C VAL D 577 72.91 -6.41 -49.53
N TYR D 578 71.87 -6.78 -50.28
CA TYR D 578 72.05 -7.50 -51.52
C TYR D 578 70.96 -7.09 -52.50
N ASN D 579 71.32 -6.98 -53.78
CA ASN D 579 70.39 -6.77 -54.88
C ASN D 579 69.58 -5.48 -54.69
N GLY D 580 70.29 -4.38 -54.48
CA GLY D 580 69.66 -3.07 -54.46
C GLY D 580 68.66 -2.85 -53.36
N SER D 581 69.05 -3.10 -52.12
CA SER D 581 68.19 -2.93 -50.95
C SER D 581 68.85 -1.99 -49.96
N ARG D 582 68.07 -1.13 -49.34
CA ARG D 582 68.61 -0.10 -48.46
C ARG D 582 68.57 -0.54 -47.00
N ILE D 583 69.42 0.08 -46.20
CA ILE D 583 69.41 -0.06 -44.74
C ILE D 583 69.80 1.28 -44.14
N PHE D 584 69.12 1.67 -43.07
CA PHE D 584 69.41 2.91 -42.37
C PHE D 584 69.63 2.61 -40.90
N THR D 585 70.65 3.23 -40.31
CA THR D 585 71.03 2.92 -38.94
C THR D 585 71.89 4.05 -38.39
N ASP D 586 72.32 3.88 -37.14
CA ASP D 586 73.16 4.85 -36.47
C ASP D 586 74.63 4.46 -36.54
N LYS D 587 75.49 5.45 -36.30
CA LYS D 587 76.93 5.24 -36.26
C LYS D 587 77.49 5.21 -34.85
N ASP D 588 76.63 5.22 -33.84
CA ASP D 588 77.11 5.23 -32.45
C ASP D 588 77.88 3.96 -32.13
N HIS D 589 77.39 2.81 -32.58
CA HIS D 589 78.09 1.54 -32.42
C HIS D 589 78.66 1.13 -33.77
N GLY D 590 79.97 0.94 -33.82
CA GLY D 590 80.61 0.51 -35.05
C GLY D 590 80.28 -0.93 -35.38
N TYR D 591 79.45 -1.14 -36.40
CA TYR D 591 79.01 -2.48 -36.78
C TYR D 591 79.49 -2.80 -38.18
N SER D 592 79.93 -4.04 -38.37
CA SER D 592 80.39 -4.47 -39.68
C SER D 592 79.29 -4.31 -40.72
N THR D 593 79.67 -3.89 -41.92
CA THR D 593 78.72 -3.64 -42.99
C THR D 593 79.19 -4.37 -44.25
N ASN D 594 78.22 -4.94 -44.98
CA ASN D 594 78.56 -5.66 -46.20
C ASN D 594 79.12 -4.71 -47.25
N VAL D 595 78.61 -3.49 -47.31
CA VAL D 595 78.98 -2.51 -48.33
C VAL D 595 79.60 -1.32 -47.62
N ASP D 596 80.43 -0.57 -48.36
CA ASP D 596 80.97 0.70 -47.89
C ASP D 596 79.87 1.54 -47.27
N PRO D 597 80.17 2.31 -46.21
CA PRO D 597 79.11 2.83 -45.33
C PRO D 597 78.00 3.61 -46.04
N GLN D 598 78.33 4.69 -46.74
CA GLN D 598 77.33 5.63 -47.21
C GLN D 598 77.54 5.98 -48.68
N THR D 599 77.70 4.96 -49.52
CA THR D 599 77.80 5.17 -50.96
C THR D 599 76.93 4.15 -51.68
N LEU D 600 76.39 4.54 -52.83
CA LEU D 600 75.61 3.62 -53.65
C LEU D 600 76.52 2.57 -54.28
N SER D 601 75.90 1.53 -54.82
CA SER D 601 76.63 0.44 -55.45
C SER D 601 75.64 -0.37 -56.27
N SER D 602 76.13 -1.46 -56.85
CA SER D 602 75.23 -2.43 -57.46
C SER D 602 74.28 -3.00 -56.42
N LYS D 603 74.83 -3.35 -55.25
CA LYS D 603 74.00 -3.60 -54.09
C LYS D 603 73.44 -2.28 -53.56
N GLY D 604 72.41 -2.37 -52.75
CA GLY D 604 71.73 -1.18 -52.29
C GLY D 604 72.62 -0.27 -51.45
N LEU D 605 72.06 0.88 -51.11
CA LEU D 605 72.78 1.90 -50.36
C LEU D 605 72.53 1.75 -48.87
N ILE D 606 73.56 2.04 -48.08
CA ILE D 606 73.46 2.08 -46.63
C ILE D 606 73.75 3.51 -46.21
N ILE D 607 73.12 3.94 -45.10
CA ILE D 607 73.43 5.22 -44.48
C ILE D 607 73.75 4.92 -43.02
N LEU D 608 75.03 4.72 -42.71
CA LEU D 608 75.44 4.42 -41.35
C LEU D 608 75.32 5.63 -40.43
N GLY D 609 75.08 6.81 -40.98
CA GLY D 609 74.97 8.02 -40.18
C GLY D 609 73.82 8.00 -39.20
N TYR E 10 -37.33 -66.24 27.70
CA TYR E 10 -38.07 -65.02 28.02
C TYR E 10 -38.13 -64.80 29.53
N ASN E 11 -39.20 -64.16 29.99
CA ASN E 11 -39.37 -63.81 31.39
C ASN E 11 -40.21 -64.81 32.17
N ASN E 12 -40.20 -66.08 31.76
CA ASN E 12 -40.99 -67.09 32.46
C ASN E 12 -40.41 -67.35 33.84
N GLU E 13 -41.28 -67.48 34.83
CA GLU E 13 -40.86 -67.74 36.21
C GLU E 13 -42.07 -68.18 37.02
N TYR E 14 -41.78 -68.72 38.21
CA TYR E 14 -42.81 -69.18 39.14
C TYR E 14 -42.90 -68.32 40.39
N GLY E 15 -41.80 -68.11 41.10
CA GLY E 15 -41.82 -67.25 42.26
C GLY E 15 -42.02 -65.80 41.88
N TYR E 16 -42.46 -65.00 42.86
CA TYR E 16 -42.77 -63.59 42.64
C TYR E 16 -41.83 -62.67 43.40
N ARG E 17 -40.55 -63.03 43.48
CA ARG E 17 -39.56 -62.11 44.00
C ARG E 17 -39.43 -60.93 43.05
N ARG E 18 -39.53 -59.73 43.59
CA ARG E 18 -39.67 -58.52 42.78
C ARG E 18 -38.31 -57.87 42.57
N GLY E 19 -37.98 -57.58 41.32
CA GLY E 19 -36.82 -56.76 41.00
C GLY E 19 -35.48 -57.30 41.45
N ILE E 20 -35.25 -58.61 41.27
CA ILE E 20 -33.95 -59.21 41.54
C ILE E 20 -33.38 -59.90 40.31
N TYR E 21 -34.15 -60.02 39.23
CA TYR E 21 -33.69 -60.68 38.02
C TYR E 21 -33.38 -59.63 36.96
N ARG E 22 -32.15 -59.64 36.45
CA ARG E 22 -31.71 -58.72 35.43
C ARG E 22 -31.40 -59.49 34.16
N GLU E 23 -31.50 -58.80 33.02
CA GLU E 23 -31.35 -59.43 31.71
C GLU E 23 -30.23 -58.76 30.94
N PRO E 24 -29.27 -59.50 30.41
CA PRO E 24 -28.22 -58.88 29.60
C PRO E 24 -28.72 -58.51 28.22
N PHE E 25 -28.16 -57.44 27.67
CA PHE E 25 -28.50 -57.01 26.32
C PHE E 25 -27.31 -56.27 25.72
N TYR E 26 -27.27 -56.22 24.40
CA TYR E 26 -26.16 -55.62 23.68
C TYR E 26 -26.54 -54.20 23.27
N SER E 27 -25.72 -53.23 23.69
CA SER E 27 -25.92 -51.83 23.36
C SER E 27 -25.01 -51.49 22.17
N ASP E 28 -25.58 -51.52 20.97
CA ASP E 28 -24.79 -51.32 19.77
C ASP E 28 -24.19 -49.92 19.73
N ASN E 29 -24.98 -48.90 20.07
CA ASN E 29 -24.51 -47.53 20.06
C ASN E 29 -25.01 -46.79 21.30
N ALA E 30 -24.24 -45.79 21.72
CA ALA E 30 -24.54 -44.97 22.87
C ALA E 30 -23.57 -43.79 22.89
N ASP E 31 -24.06 -42.62 23.26
CA ASP E 31 -23.24 -41.41 23.28
C ASP E 31 -23.26 -40.88 24.71
N TYR E 32 -22.14 -40.98 25.40
CA TYR E 32 -22.08 -40.51 26.77
C TYR E 32 -21.71 -39.04 26.89
N ASN E 33 -21.38 -38.38 25.78
CA ASN E 33 -20.99 -36.98 25.79
C ASN E 33 -22.22 -36.12 26.05
N THR E 34 -22.53 -35.93 27.33
CA THR E 34 -23.61 -35.07 27.76
C THR E 34 -23.03 -33.81 28.37
N ASN E 35 -23.32 -32.67 27.76
CA ASN E 35 -22.65 -31.41 28.09
C ASN E 35 -23.40 -30.67 29.18
N SER E 36 -23.40 -31.26 30.38
CA SER E 36 -24.00 -30.65 31.55
C SER E 36 -23.40 -31.28 32.78
N LYS E 37 -23.57 -30.61 33.92
CA LYS E 37 -22.99 -31.10 35.16
C LYS E 37 -23.92 -32.07 35.90
N SER E 38 -25.13 -32.30 35.40
CA SER E 38 -26.07 -33.20 36.06
C SER E 38 -27.15 -33.58 35.06
N TYR E 39 -27.94 -34.59 35.43
CA TYR E 39 -29.03 -35.02 34.56
C TYR E 39 -30.09 -33.94 34.44
N TYR E 40 -30.33 -33.19 35.52
CA TYR E 40 -31.31 -32.11 35.49
C TYR E 40 -30.92 -31.05 34.46
N ASP E 41 -29.65 -30.63 34.46
CA ASP E 41 -29.21 -29.65 33.48
C ASP E 41 -29.23 -30.22 32.07
N TYR E 42 -28.96 -31.52 31.92
CA TYR E 42 -29.08 -32.14 30.60
C TYR E 42 -30.52 -32.05 30.10
N LEU E 43 -31.49 -32.31 30.97
CA LEU E 43 -32.89 -32.24 30.53
C LEU E 43 -33.30 -30.81 30.20
N ALA E 44 -32.81 -29.84 30.97
CA ALA E 44 -33.10 -28.44 30.63
C ALA E 44 -32.51 -28.07 29.27
N ARG E 45 -31.25 -28.44 29.04
CA ARG E 45 -30.64 -28.22 27.74
C ARG E 45 -31.40 -28.92 26.64
N PHE E 46 -31.97 -30.10 26.94
CA PHE E 46 -32.73 -30.80 25.91
C PHE E 46 -34.03 -30.08 25.60
N ASN E 47 -34.67 -29.46 26.60
CA ASN E 47 -35.86 -28.66 26.29
C ASN E 47 -35.50 -27.49 25.37
N GLY E 48 -34.41 -26.80 25.69
CA GLY E 48 -33.95 -25.72 24.81
C GLY E 48 -33.66 -26.22 23.40
N PHE E 49 -32.99 -27.37 23.30
CA PHE E 49 -32.67 -27.93 22.00
C PHE E 49 -33.91 -28.36 21.26
N ILE E 50 -34.95 -28.83 21.96
CA ILE E 50 -36.19 -29.19 21.31
C ILE E 50 -36.81 -27.96 20.66
N PHE E 51 -36.82 -26.85 21.39
CA PHE E 51 -37.37 -25.61 20.82
C PHE E 51 -36.58 -25.18 19.58
N GLU E 52 -35.24 -25.20 19.68
CA GLU E 52 -34.47 -24.74 18.53
C GLU E 52 -34.50 -25.73 17.37
N LEU E 53 -34.69 -27.02 17.64
CA LEU E 53 -34.87 -27.99 16.57
C LEU E 53 -36.19 -27.78 15.85
N CYS E 54 -37.24 -27.46 16.60
CA CYS E 54 -38.50 -27.09 15.98
C CYS E 54 -38.29 -25.91 15.04
N ASP E 55 -37.57 -24.88 15.51
CA ASP E 55 -37.31 -23.72 14.67
C ASP E 55 -36.53 -24.10 13.41
N PHE E 56 -35.51 -24.94 13.57
CA PHE E 56 -34.66 -25.32 12.45
C PHE E 56 -35.45 -26.08 11.38
N VAL E 57 -36.22 -27.08 11.79
CA VAL E 57 -36.96 -27.86 10.80
C VAL E 57 -38.07 -27.02 10.19
N ASN E 58 -38.65 -26.08 10.95
CA ASN E 58 -39.62 -25.17 10.35
C ASN E 58 -38.98 -24.31 9.28
N GLY E 59 -37.76 -23.83 9.53
CA GLY E 59 -37.04 -23.08 8.51
C GLY E 59 -36.76 -23.92 7.26
N LEU E 60 -36.39 -25.19 7.46
CA LEU E 60 -36.18 -26.06 6.30
C LEU E 60 -37.47 -26.26 5.52
N ALA E 61 -38.60 -26.41 6.21
CA ALA E 61 -39.87 -26.56 5.52
C ALA E 61 -40.22 -25.30 4.74
N ASP E 62 -39.95 -24.13 5.32
CA ASP E 62 -40.17 -22.88 4.59
C ASP E 62 -39.29 -22.81 3.34
N ASP E 63 -38.04 -23.25 3.45
CA ASP E 63 -37.16 -23.27 2.30
C ASP E 63 -37.71 -24.17 1.20
N ILE E 64 -38.18 -25.37 1.58
CA ILE E 64 -38.78 -26.27 0.60
C ILE E 64 -39.97 -25.62 -0.07
N GLN E 65 -40.86 -25.00 0.71
CA GLN E 65 -42.06 -24.42 0.13
C GLN E 65 -41.71 -23.30 -0.84
N LYS E 66 -40.78 -22.42 -0.46
CA LYS E 66 -40.39 -21.32 -1.33
C LYS E 66 -39.74 -21.83 -2.62
N MET E 67 -38.84 -22.83 -2.48
CA MET E 67 -38.17 -23.37 -3.67
C MET E 67 -39.17 -24.03 -4.60
N LYS E 68 -40.13 -24.78 -4.06
CA LYS E 68 -41.13 -25.42 -4.89
C LYS E 68 -42.02 -24.38 -5.58
N ASP E 69 -42.37 -23.31 -4.87
CA ASP E 69 -43.22 -22.29 -5.45
C ASP E 69 -42.51 -21.53 -6.57
N THR E 70 -41.23 -21.21 -6.38
CA THR E 70 -40.55 -20.29 -7.27
C THR E 70 -39.83 -20.97 -8.43
N TYR E 71 -39.09 -22.05 -8.16
CA TYR E 71 -38.19 -22.60 -9.17
C TYR E 71 -38.96 -23.08 -10.39
N GLU E 72 -38.34 -22.91 -11.56
CA GLU E 72 -38.91 -23.37 -12.82
C GLU E 72 -37.88 -24.22 -13.55
N ALA E 73 -38.37 -25.13 -14.39
CA ALA E 73 -37.49 -26.07 -15.06
C ALA E 73 -36.56 -25.36 -16.03
N LEU E 74 -35.30 -25.78 -16.04
CA LEU E 74 -34.29 -25.26 -16.94
C LEU E 74 -33.81 -26.39 -17.85
N THR E 75 -33.67 -26.08 -19.14
CA THR E 75 -33.19 -27.05 -20.11
C THR E 75 -31.71 -26.79 -20.39
N LEU E 76 -30.89 -27.82 -20.22
CA LEU E 76 -29.46 -27.75 -20.45
C LEU E 76 -29.06 -28.86 -21.42
N SER E 77 -28.36 -28.49 -22.48
CA SER E 77 -27.92 -29.47 -23.47
C SER E 77 -26.69 -28.90 -24.18
N ASN E 78 -25.61 -29.68 -24.19
CA ASN E 78 -24.37 -29.26 -24.84
C ASN E 78 -24.13 -29.97 -26.16
N THR E 79 -25.19 -30.50 -26.77
CA THR E 79 -25.02 -31.08 -28.10
C THR E 79 -24.69 -29.94 -29.04
N ASP E 80 -23.94 -30.21 -30.11
CA ASP E 80 -23.50 -29.16 -31.02
C ASP E 80 -24.64 -28.54 -31.83
N VAL E 81 -24.41 -27.32 -32.31
CA VAL E 81 -25.49 -26.52 -32.88
C VAL E 81 -25.06 -25.76 -34.13
N THR E 82 -26.04 -25.20 -34.86
CA THR E 82 -25.73 -24.38 -36.03
C THR E 82 -26.71 -23.23 -36.13
N TYR E 83 -26.22 -22.00 -36.15
CA TYR E 83 -27.06 -20.83 -36.20
C TYR E 83 -26.92 -20.15 -37.55
N THR E 84 -28.03 -19.91 -38.22
CA THR E 84 -28.05 -19.27 -39.54
C THR E 84 -28.38 -17.80 -39.36
N VAL E 85 -27.51 -16.93 -39.86
CA VAL E 85 -27.70 -15.49 -39.80
C VAL E 85 -28.04 -14.98 -41.18
N GLY E 86 -29.12 -14.22 -41.29
CA GLY E 86 -29.52 -13.69 -42.58
C GLY E 86 -30.99 -13.30 -42.57
N GLN E 87 -31.50 -13.06 -43.77
CA GLN E 87 -32.90 -12.67 -43.92
C GLN E 87 -33.83 -13.78 -43.47
N LYS E 88 -33.54 -15.02 -43.87
CA LYS E 88 -34.35 -16.18 -43.53
C LYS E 88 -33.72 -17.04 -42.43
N GLY E 89 -32.65 -16.55 -41.81
CA GLY E 89 -31.97 -17.31 -40.78
C GLY E 89 -32.63 -17.16 -39.41
N ASP E 90 -32.02 -17.81 -38.43
CA ASP E 90 -32.54 -17.75 -37.06
C ASP E 90 -32.44 -16.33 -36.51
N PHE E 91 -31.36 -15.64 -36.81
CA PHE E 91 -31.13 -14.29 -36.31
C PHE E 91 -30.93 -13.34 -37.49
N ASP E 92 -31.53 -12.15 -37.39
CA ASP E 92 -31.46 -11.20 -38.50
C ASP E 92 -30.07 -10.58 -38.61
N THR E 93 -29.37 -10.41 -37.50
CA THR E 93 -28.05 -9.81 -37.50
C THR E 93 -27.07 -10.74 -36.78
N LEU E 94 -25.77 -10.49 -37.03
CA LEU E 94 -24.75 -11.28 -36.37
C LEU E 94 -24.67 -10.96 -34.88
N ASN E 95 -24.99 -9.73 -34.48
CA ASN E 95 -24.96 -9.37 -33.07
C ASN E 95 -26.00 -10.15 -32.28
N HIS E 96 -27.19 -10.35 -32.86
CA HIS E 96 -28.22 -11.13 -32.17
C HIS E 96 -27.76 -12.57 -31.94
N CYS E 97 -27.14 -13.18 -32.94
CA CYS E 97 -26.67 -14.56 -32.79
C CYS E 97 -25.60 -14.67 -31.71
N PHE E 98 -24.83 -13.61 -31.48
CA PHE E 98 -23.81 -13.63 -30.44
C PHE E 98 -24.30 -13.07 -29.12
N GLU E 99 -25.53 -12.56 -29.07
CA GLU E 99 -26.16 -12.28 -27.79
C GLU E 99 -26.92 -13.49 -27.28
N HIS E 100 -27.52 -14.26 -28.19
CA HIS E 100 -28.15 -15.52 -27.80
C HIS E 100 -27.12 -16.54 -27.33
N ILE E 101 -25.97 -16.59 -28.01
CA ILE E 101 -24.89 -17.46 -27.56
C ILE E 101 -24.42 -17.04 -26.17
N GLU E 102 -24.30 -15.74 -25.95
CA GLU E 102 -23.92 -15.22 -24.64
C GLU E 102 -24.94 -15.57 -23.57
N ASP E 103 -26.20 -15.81 -23.96
CA ASP E 103 -27.25 -16.05 -22.98
C ASP E 103 -27.39 -17.52 -22.60
N LEU E 104 -26.68 -18.41 -23.26
CA LEU E 104 -26.81 -19.83 -22.96
C LEU E 104 -26.31 -20.13 -21.55
N ILE E 105 -27.02 -21.00 -20.85
CA ILE E 105 -26.60 -21.40 -19.51
C ILE E 105 -25.28 -22.15 -19.57
N VAL E 106 -25.14 -23.05 -20.53
CA VAL E 106 -23.92 -23.83 -20.72
C VAL E 106 -23.56 -23.81 -22.19
N GLN E 107 -22.26 -23.87 -22.48
CA GLN E 107 -21.79 -23.78 -23.85
C GLN E 107 -21.69 -25.16 -24.48
N PRO E 108 -22.29 -25.40 -25.63
CA PRO E 108 -22.21 -26.72 -26.26
C PRO E 108 -20.81 -27.07 -26.72
N LYS E 109 -20.64 -28.28 -27.25
CA LYS E 109 -19.31 -28.74 -27.66
C LYS E 109 -18.77 -27.92 -28.82
N SER E 110 -19.63 -27.55 -29.76
CA SER E 110 -19.20 -26.74 -30.90
C SER E 110 -20.39 -26.01 -31.49
N ILE E 111 -20.21 -24.72 -31.75
CA ILE E 111 -21.22 -23.88 -32.40
C ILE E 111 -20.69 -23.45 -33.75
N ARG E 112 -21.53 -23.49 -34.77
CA ARG E 112 -21.14 -23.14 -36.12
C ARG E 112 -22.13 -22.12 -36.67
N VAL E 113 -21.75 -20.84 -36.63
CA VAL E 113 -22.59 -19.76 -37.15
C VAL E 113 -22.37 -19.69 -38.66
N ILE E 114 -23.45 -19.79 -39.42
CA ILE E 114 -23.39 -19.82 -40.87
C ILE E 114 -24.03 -18.54 -41.41
N LEU E 115 -23.25 -17.73 -42.09
CA LEU E 115 -23.74 -16.49 -42.68
C LEU E 115 -24.36 -16.80 -44.04
N LEU E 116 -25.65 -16.54 -44.18
CA LEU E 116 -26.33 -16.81 -45.44
C LEU E 116 -25.88 -15.82 -46.51
N LYS E 117 -26.23 -16.13 -47.77
CA LYS E 117 -25.86 -15.27 -48.88
C LYS E 117 -26.53 -13.90 -48.77
N ASP E 118 -27.72 -13.84 -48.18
CA ASP E 118 -28.45 -12.59 -48.11
C ASP E 118 -27.81 -11.60 -47.14
N TYR E 119 -26.88 -12.06 -46.32
CA TYR E 119 -26.36 -11.23 -45.24
C TYR E 119 -25.21 -10.36 -45.72
N MET E 120 -25.32 -9.05 -45.47
CA MET E 120 -24.23 -8.10 -45.70
C MET E 120 -23.98 -7.36 -44.39
N MET E 121 -22.74 -7.42 -43.92
CA MET E 121 -22.41 -6.93 -42.58
C MET E 121 -22.66 -5.43 -42.47
N ARG E 122 -23.36 -5.03 -41.40
CA ARG E 122 -23.61 -3.63 -41.13
C ARG E 122 -23.48 -3.27 -39.65
N GLU E 123 -22.95 -4.15 -38.82
CA GLU E 123 -22.83 -3.90 -37.40
C GLU E 123 -21.53 -4.48 -36.88
N GLN E 124 -20.85 -3.73 -36.02
CA GLN E 124 -19.59 -4.21 -35.46
C GLN E 124 -19.85 -5.27 -34.41
N LEU E 125 -18.86 -6.16 -34.23
CA LEU E 125 -18.95 -7.25 -33.27
C LEU E 125 -17.80 -7.11 -32.28
N PHE E 126 -18.13 -6.93 -31.01
CA PHE E 126 -17.16 -6.73 -29.95
C PHE E 126 -17.29 -7.85 -28.92
N LEU E 127 -16.18 -8.51 -28.61
CA LEU E 127 -16.14 -9.55 -27.59
C LEU E 127 -15.09 -9.19 -26.57
N ARG E 128 -15.44 -9.28 -25.28
CA ARG E 128 -14.52 -9.00 -24.20
C ARG E 128 -14.52 -10.18 -23.24
N ASP E 129 -13.33 -10.76 -23.02
CA ASP E 129 -13.14 -11.82 -22.03
C ASP E 129 -14.04 -13.02 -22.30
N LYS E 130 -14.15 -13.41 -23.55
CA LYS E 130 -14.94 -14.57 -23.95
C LYS E 130 -14.02 -15.70 -24.37
N ARG E 131 -14.26 -16.90 -23.85
CA ARG E 131 -13.49 -18.09 -24.20
C ARG E 131 -14.25 -18.85 -25.28
N TYR E 132 -14.22 -18.33 -26.50
CA TYR E 132 -14.93 -18.91 -27.62
C TYR E 132 -14.00 -19.74 -28.50
N ASN E 133 -13.46 -20.82 -27.96
CA ASN E 133 -12.66 -21.72 -28.78
C ASN E 133 -13.56 -22.52 -29.72
N HIS E 134 -14.72 -22.96 -29.24
CA HIS E 134 -15.54 -23.90 -29.98
C HIS E 134 -16.28 -23.25 -31.14
N ILE E 135 -16.75 -22.00 -30.98
CA ILE E 135 -17.53 -21.39 -32.02
C ILE E 135 -16.67 -21.09 -33.24
N THR E 136 -17.25 -21.27 -34.42
CA THR E 136 -16.65 -20.90 -35.68
C THR E 136 -17.69 -20.19 -36.52
N ILE E 137 -17.24 -19.22 -37.32
CA ILE E 137 -18.12 -18.43 -38.17
C ILE E 137 -17.83 -18.79 -39.62
N THR E 138 -18.88 -19.17 -40.36
CA THR E 138 -18.75 -19.61 -41.73
C THR E 138 -19.77 -18.87 -42.58
N SER E 139 -19.50 -18.78 -43.88
CA SER E 139 -20.41 -18.12 -44.80
C SER E 139 -20.58 -18.98 -46.04
N GLU E 140 -21.82 -19.04 -46.55
CA GLU E 140 -22.06 -19.75 -47.80
C GLU E 140 -21.35 -19.07 -48.96
N ASN E 141 -21.40 -17.75 -49.02
CA ASN E 141 -20.63 -17.02 -50.01
C ASN E 141 -19.16 -16.96 -49.59
N ASP E 142 -18.28 -16.94 -50.60
CA ASP E 142 -16.85 -16.87 -50.31
C ASP E 142 -16.47 -15.57 -49.64
N ILE E 143 -17.08 -14.46 -50.08
CA ILE E 143 -16.73 -13.12 -49.61
C ILE E 143 -17.94 -12.51 -48.91
N VAL E 144 -17.71 -11.95 -47.73
CA VAL E 144 -18.73 -11.26 -46.96
C VAL E 144 -18.42 -9.77 -47.02
N GLU E 145 -19.35 -8.99 -47.55
CA GLU E 145 -19.13 -7.57 -47.79
C GLU E 145 -19.53 -6.76 -46.56
N ALA E 146 -18.63 -5.89 -46.11
CA ALA E 146 -18.82 -5.10 -44.91
C ALA E 146 -19.15 -3.67 -45.32
N TYR E 147 -20.44 -3.35 -45.33
CA TYR E 147 -20.90 -2.02 -45.72
C TYR E 147 -20.71 -1.05 -44.55
N GLU E 148 -21.32 0.13 -44.67
CA GLU E 148 -21.22 1.12 -43.61
C GLU E 148 -21.96 0.65 -42.36
N THR E 149 -21.30 0.76 -41.21
CA THR E 149 -21.87 0.29 -39.96
C THR E 149 -22.85 1.31 -39.39
N GLU E 150 -23.92 0.81 -38.79
CA GLU E 150 -24.94 1.69 -38.22
C GLU E 150 -24.42 2.41 -36.99
N LEU E 151 -23.58 1.75 -36.20
CA LEU E 151 -23.04 2.30 -34.97
C LEU E 151 -21.56 2.54 -35.15
N ASN E 152 -21.12 3.79 -34.93
CA ASN E 152 -19.74 4.17 -35.16
C ASN E 152 -18.91 4.01 -33.89
N ARG E 153 -18.97 2.81 -33.31
CA ARG E 153 -18.17 2.52 -32.14
C ARG E 153 -16.70 2.41 -32.52
N GLN E 154 -15.83 2.90 -31.64
CA GLN E 154 -14.40 2.90 -31.86
C GLN E 154 -13.69 2.31 -30.66
N VAL E 155 -12.47 1.84 -30.90
CA VAL E 155 -11.57 1.39 -29.84
C VAL E 155 -10.27 2.14 -30.00
N GLU E 156 -9.56 2.33 -28.89
CA GLU E 156 -8.30 3.06 -28.90
C GLU E 156 -7.21 2.22 -28.24
N ILE E 157 -6.02 2.23 -28.84
CA ILE E 157 -4.88 1.49 -28.34
C ILE E 157 -3.88 2.49 -27.76
N LYS E 158 -3.64 2.39 -26.45
CA LYS E 158 -2.75 3.31 -25.74
C LYS E 158 -1.38 2.67 -25.66
N THR E 159 -0.50 3.05 -26.58
CA THR E 159 0.82 2.46 -26.70
C THR E 159 1.77 3.57 -27.15
N ASN E 160 2.97 3.21 -27.59
CA ASN E 160 3.90 4.24 -28.07
C ASN E 160 3.34 5.07 -29.21
N PRO E 161 2.84 4.50 -30.31
CA PRO E 161 2.00 5.30 -31.20
C PRO E 161 0.55 5.18 -30.79
N ILE E 162 -0.10 6.30 -30.46
CA ILE E 162 -1.49 6.31 -30.05
C ILE E 162 -2.34 6.40 -31.31
N PHE E 163 -3.18 5.39 -31.54
CA PHE E 163 -4.10 5.39 -32.66
C PHE E 163 -5.40 4.74 -32.24
N ARG E 164 -6.49 5.17 -32.86
CA ARG E 164 -7.80 4.58 -32.66
C ARG E 164 -8.31 4.05 -33.99
N VAL E 165 -9.20 3.07 -33.94
CA VAL E 165 -9.77 2.47 -35.14
C VAL E 165 -11.25 2.23 -34.93
N LYS E 166 -11.92 1.84 -36.01
CA LYS E 166 -13.31 1.40 -35.96
C LYS E 166 -13.36 -0.06 -36.37
N PRO E 167 -13.00 -0.99 -35.48
CA PRO E 167 -12.86 -2.38 -35.88
C PRO E 167 -14.22 -3.02 -36.14
N LEU E 168 -14.30 -3.78 -37.23
CA LEU E 168 -15.51 -4.55 -37.51
C LEU E 168 -15.61 -5.77 -36.60
N PHE E 169 -14.47 -6.37 -36.24
CA PHE E 169 -14.42 -7.47 -35.30
C PHE E 169 -13.36 -7.14 -34.25
N TYR E 170 -13.73 -7.25 -32.98
CA TYR E 170 -12.85 -6.86 -31.88
C TYR E 170 -12.92 -7.90 -30.78
N GLY E 171 -11.76 -8.32 -30.30
CA GLY E 171 -11.68 -9.24 -29.18
C GLY E 171 -10.52 -8.91 -28.26
N ILE E 172 -10.81 -8.65 -26.99
CA ILE E 172 -9.80 -8.27 -26.01
C ILE E 172 -9.82 -9.26 -24.87
N ASN E 173 -8.65 -9.77 -24.49
CA ASN E 173 -8.51 -10.72 -23.39
C ASN E 173 -9.40 -11.94 -23.61
N SER E 174 -9.53 -12.34 -24.86
CA SER E 174 -10.52 -13.33 -25.23
C SER E 174 -10.00 -14.17 -26.39
N THR E 175 -10.44 -15.42 -26.45
CA THR E 175 -10.20 -16.24 -27.63
C THR E 175 -11.32 -16.00 -28.65
N PHE E 176 -10.92 -15.80 -29.90
CA PHE E 176 -11.90 -15.41 -30.90
C PHE E 176 -12.33 -16.59 -31.74
N PRO E 177 -13.60 -16.65 -32.13
CA PRO E 177 -14.07 -17.75 -32.98
C PRO E 177 -13.34 -17.79 -34.32
N LYS E 178 -13.19 -18.99 -34.85
CA LYS E 178 -12.56 -19.15 -36.15
C LYS E 178 -13.37 -18.45 -37.23
N ILE E 179 -12.65 -17.92 -38.23
CA ILE E 179 -13.26 -17.18 -39.33
C ILE E 179 -13.13 -18.01 -40.60
N ASP E 180 -14.25 -18.21 -41.29
CA ASP E 180 -14.30 -19.03 -42.50
C ASP E 180 -14.80 -18.25 -43.70
N PHE E 181 -14.46 -16.96 -43.77
CA PHE E 181 -14.90 -16.14 -44.88
C PHE E 181 -13.89 -15.04 -45.14
N LYS E 182 -14.13 -14.27 -46.20
CA LYS E 182 -13.27 -13.19 -46.62
C LYS E 182 -14.01 -11.87 -46.47
N LEU E 183 -13.47 -10.96 -45.68
CA LEU E 183 -14.10 -9.67 -45.42
C LEU E 183 -13.64 -8.66 -46.46
N GLN E 184 -14.59 -8.14 -47.25
CA GLN E 184 -14.32 -7.10 -48.23
C GLN E 184 -15.10 -5.86 -47.84
N ASN E 185 -14.40 -4.76 -47.62
CA ASN E 185 -15.07 -3.52 -47.26
C ASN E 185 -15.78 -2.94 -48.47
N LYS E 186 -16.96 -2.35 -48.24
CA LYS E 186 -17.70 -1.64 -49.27
C LYS E 186 -18.03 -0.21 -48.85
N ASP E 187 -17.50 0.25 -47.72
CA ASP E 187 -17.71 1.60 -47.24
C ASP E 187 -16.39 2.36 -47.30
N PHE E 188 -16.40 3.51 -47.97
CA PHE E 188 -15.21 4.33 -48.11
C PHE E 188 -15.36 5.71 -47.48
N SER E 189 -16.48 5.97 -46.80
CA SER E 189 -16.64 7.24 -46.11
C SER E 189 -15.73 7.31 -44.90
N ASP E 190 -15.72 6.26 -44.08
CA ASP E 190 -14.88 6.26 -42.88
C ASP E 190 -13.44 5.97 -43.25
N THR E 191 -12.53 6.82 -42.77
CA THR E 191 -11.11 6.73 -43.08
C THR E 191 -10.30 6.13 -41.95
N ILE E 192 -10.95 5.39 -41.03
CA ILE E 192 -10.27 4.87 -39.86
C ILE E 192 -10.57 3.40 -39.61
N ASN E 193 -11.55 2.82 -40.30
CA ASN E 193 -12.03 1.49 -39.96
C ASN E 193 -10.96 0.42 -40.20
N CYS E 194 -10.90 -0.55 -39.30
CA CYS E 194 -9.97 -1.66 -39.38
C CYS E 194 -10.77 -2.96 -39.43
N GLY E 195 -10.31 -3.91 -40.25
CA GLY E 195 -11.06 -5.15 -40.41
C GLY E 195 -11.11 -5.98 -39.13
N PHE E 196 -9.97 -6.15 -38.48
CA PHE E 196 -9.88 -6.98 -37.29
C PHE E 196 -8.87 -6.37 -36.33
N LEU E 197 -9.27 -6.11 -35.09
CA LEU E 197 -8.32 -5.71 -34.06
C LEU E 197 -8.37 -6.75 -32.96
N MET E 198 -7.21 -7.31 -32.63
CA MET E 198 -7.11 -8.35 -31.61
C MET E 198 -6.17 -7.89 -30.52
N ASP E 199 -6.58 -8.06 -29.27
CA ASP E 199 -5.80 -7.65 -28.11
C ASP E 199 -5.82 -8.80 -27.12
N ASN E 200 -4.64 -9.35 -26.83
CA ASN E 200 -4.51 -10.51 -25.94
C ASN E 200 -5.40 -11.66 -26.42
N THR E 201 -5.49 -11.82 -27.74
CA THR E 201 -6.43 -12.74 -28.35
C THR E 201 -5.68 -13.71 -29.26
N THR E 202 -6.05 -14.98 -29.18
CA THR E 202 -5.56 -15.99 -30.11
C THR E 202 -6.56 -16.11 -31.25
N PHE E 203 -6.15 -15.64 -32.43
CA PHE E 203 -7.02 -15.51 -33.59
C PHE E 203 -6.57 -16.47 -34.68
N GLU E 204 -7.51 -17.22 -35.26
CA GLU E 204 -7.18 -18.20 -36.27
C GLU E 204 -8.15 -18.09 -37.44
N MET E 205 -7.63 -18.24 -38.65
CA MET E 205 -8.43 -18.26 -39.86
C MET E 205 -8.17 -19.57 -40.60
N THR E 206 -9.16 -19.99 -41.37
CA THR E 206 -9.11 -21.28 -42.06
C THR E 206 -8.80 -21.15 -43.55
N GLU E 207 -7.90 -20.24 -43.92
CA GLU E 207 -7.30 -20.16 -45.26
C GLU E 207 -8.33 -19.88 -46.34
N ARG E 208 -9.60 -19.72 -45.98
CA ARG E 208 -10.63 -19.42 -46.96
C ARG E 208 -10.82 -17.92 -47.18
N GLY E 209 -10.17 -17.07 -46.40
CA GLY E 209 -10.31 -15.64 -46.65
C GLY E 209 -9.59 -14.81 -45.61
N GLY E 210 -9.57 -13.51 -45.87
CA GLY E 210 -9.00 -12.53 -44.96
C GLY E 210 -9.52 -11.16 -45.30
N SER E 211 -9.27 -10.22 -44.39
CA SER E 211 -9.81 -8.87 -44.57
C SER E 211 -9.22 -8.21 -45.81
N THR E 212 -10.04 -7.40 -46.48
CA THR E 212 -9.66 -6.82 -47.75
C THR E 212 -10.40 -5.50 -47.94
N HIS E 213 -9.71 -4.54 -48.56
CA HIS E 213 -10.29 -3.28 -49.04
C HIS E 213 -10.65 -2.31 -47.92
N PHE E 214 -10.12 -2.49 -46.72
CA PHE E 214 -10.43 -1.57 -45.63
C PHE E 214 -9.63 -0.29 -45.77
N ASN E 215 -10.15 0.79 -45.18
CA ASN E 215 -9.54 2.09 -45.39
C ASN E 215 -8.24 2.24 -44.61
N PHE E 216 -8.22 1.78 -43.35
CA PHE E 216 -7.06 1.99 -42.50
C PHE E 216 -6.18 0.75 -42.39
N ILE E 217 -6.72 -0.35 -41.86
CA ILE E 217 -5.92 -1.53 -41.56
C ILE E 217 -6.74 -2.77 -41.87
N GLY E 218 -6.06 -3.80 -42.35
CA GLY E 218 -6.71 -5.08 -42.60
C GLY E 218 -6.80 -5.94 -41.36
N LEU E 219 -5.76 -5.93 -40.52
CA LEU E 219 -5.78 -6.69 -39.29
C LEU E 219 -4.72 -6.12 -38.35
N CYS E 220 -5.04 -6.08 -37.06
CA CYS E 220 -4.14 -5.53 -36.07
C CYS E 220 -4.00 -6.50 -34.91
N GLY E 221 -2.76 -6.83 -34.56
CA GLY E 221 -2.50 -7.70 -33.43
C GLY E 221 -1.64 -7.00 -32.38
N VAL E 222 -2.19 -6.79 -31.19
CA VAL E 222 -1.54 -6.00 -30.16
C VAL E 222 -1.64 -6.75 -28.84
N ASN E 223 -0.70 -6.48 -27.94
CA ASN E 223 -0.81 -6.89 -26.54
C ASN E 223 -0.77 -8.41 -26.38
N GLY E 224 0.26 -9.02 -26.96
CA GLY E 224 0.47 -10.44 -26.79
C GLY E 224 -0.47 -11.33 -27.57
N SER E 225 -1.28 -10.78 -28.47
CA SER E 225 -2.20 -11.58 -29.24
C SER E 225 -1.44 -12.57 -30.11
N HIS E 226 -2.19 -13.52 -30.67
CA HIS E 226 -1.63 -14.48 -31.62
C HIS E 226 -2.55 -14.57 -32.82
N ILE E 227 -1.95 -14.56 -34.02
CA ILE E 227 -2.69 -14.63 -35.27
C ILE E 227 -2.25 -15.88 -36.01
N GLN E 228 -3.20 -16.56 -36.64
CA GLN E 228 -2.92 -17.76 -37.41
C GLN E 228 -3.42 -17.64 -38.84
N THR E 229 -3.59 -16.42 -39.34
CA THR E 229 -4.04 -16.25 -40.70
C THR E 229 -3.05 -16.89 -41.68
N ASN E 230 -3.57 -17.72 -42.58
CA ASN E 230 -2.74 -18.54 -43.44
C ASN E 230 -3.40 -18.62 -44.80
N TYR E 231 -2.60 -18.54 -45.87
CA TYR E 231 -3.13 -18.57 -47.24
C TYR E 231 -4.16 -17.49 -47.49
N CYS E 232 -4.20 -16.47 -46.63
CA CYS E 232 -5.24 -15.46 -46.66
C CYS E 232 -4.85 -14.30 -47.57
N ASP E 233 -5.83 -13.45 -47.87
CA ASP E 233 -5.65 -12.31 -48.73
C ASP E 233 -5.88 -11.04 -47.91
N PHE E 234 -4.90 -10.15 -47.89
CA PHE E 234 -5.03 -8.82 -47.30
C PHE E 234 -4.53 -7.82 -48.34
N SER E 235 -5.42 -7.39 -49.23
CA SER E 235 -5.03 -6.58 -50.36
C SER E 235 -5.90 -5.33 -50.44
N TYR E 236 -5.37 -4.31 -51.09
CA TYR E 236 -6.04 -3.06 -51.44
C TYR E 236 -6.44 -2.24 -50.23
N ASN E 237 -6.07 -2.64 -49.01
CA ASN E 237 -6.51 -1.95 -47.81
C ASN E 237 -5.57 -0.78 -47.50
N GLY E 238 -5.90 0.37 -48.08
CA GLY E 238 -5.14 1.57 -47.80
C GLY E 238 -5.41 2.66 -48.82
N ASN E 239 -4.42 3.52 -49.00
CA ASN E 239 -4.50 4.64 -49.93
C ASN E 239 -3.94 4.30 -51.30
N ARG E 240 -3.56 3.04 -51.53
CA ARG E 240 -2.84 2.68 -52.74
C ARG E 240 -3.66 2.97 -54.00
N GLU E 241 -4.98 2.99 -53.88
CA GLU E 241 -5.82 3.20 -55.06
C GLU E 241 -5.74 4.66 -55.55
N GLN E 242 -5.22 5.56 -54.73
CA GLN E 242 -5.22 6.99 -55.06
C GLN E 242 -3.83 7.56 -55.32
N LEU E 243 -2.79 7.07 -54.64
CA LEU E 243 -1.49 7.70 -54.74
C LEU E 243 -0.86 7.44 -56.10
N GLU E 244 0.06 8.33 -56.48
CA GLU E 244 0.69 8.31 -57.79
C GLU E 244 1.96 7.46 -57.77
N GLU E 245 2.19 6.74 -58.86
CA GLU E 245 3.37 5.89 -58.98
C GLU E 245 4.63 6.72 -59.14
N TYR E 246 5.76 6.11 -58.81
CA TYR E 246 7.08 6.74 -58.88
C TYR E 246 7.16 8.02 -58.07
N ASN E 247 6.53 8.05 -56.90
CA ASN E 247 6.46 9.25 -56.06
C ASN E 247 6.87 8.88 -54.64
N LYS E 248 8.07 9.29 -54.24
CA LYS E 248 8.54 9.00 -52.89
C LYS E 248 7.86 9.89 -51.86
N ASP E 249 7.65 11.17 -52.20
CA ASP E 249 7.17 12.15 -51.23
C ASP E 249 5.68 12.44 -51.46
N GLN E 250 4.86 11.61 -50.82
CA GLN E 250 3.41 11.84 -50.81
C GLN E 250 2.83 11.17 -49.58
N ASN E 251 1.59 11.54 -49.26
CA ASN E 251 0.91 10.97 -48.10
C ASN E 251 0.54 9.52 -48.39
N MET E 252 1.20 8.59 -47.71
CA MET E 252 0.94 7.17 -47.87
C MET E 252 0.20 6.69 -46.62
N TYR E 253 -1.10 6.48 -46.76
CA TYR E 253 -1.96 6.12 -45.64
C TYR E 253 -2.48 4.70 -45.84
N GLY E 254 -2.83 4.06 -44.73
CA GLY E 254 -3.22 2.67 -44.74
C GLY E 254 -2.12 1.78 -44.16
N ASP E 255 -2.44 0.49 -44.09
CA ASP E 255 -1.52 -0.48 -43.53
C ASP E 255 -2.12 -1.86 -43.73
N GLY E 256 -1.34 -2.89 -43.38
CA GLY E 256 -1.82 -4.25 -43.41
C GLY E 256 -1.07 -5.11 -42.41
N LEU E 257 -1.82 -5.82 -41.57
CA LEU E 257 -1.24 -6.71 -40.56
C LEU E 257 -0.29 -5.95 -39.63
N ARG E 258 -0.79 -4.87 -39.05
CA ARG E 258 -0.01 -4.14 -38.05
C ARG E 258 0.10 -4.99 -36.79
N ILE E 259 1.30 -5.51 -36.52
CA ILE E 259 1.52 -6.45 -35.42
C ILE E 259 2.42 -5.77 -34.39
N PHE E 260 1.93 -5.63 -33.17
CA PHE E 260 2.70 -5.06 -32.07
C PHE E 260 2.81 -6.08 -30.95
N ASN E 261 4.04 -6.50 -30.66
CA ASN E 261 4.34 -7.40 -29.55
C ASN E 261 3.43 -8.62 -29.56
N SER E 262 3.23 -9.18 -30.73
CA SER E 262 2.38 -10.34 -30.92
C SER E 262 3.13 -11.40 -31.69
N SER E 263 2.42 -12.44 -32.11
CA SER E 263 2.97 -13.48 -32.95
C SER E 263 2.08 -13.65 -34.17
N LEU E 264 2.66 -14.22 -35.23
CA LEU E 264 1.91 -14.46 -36.46
C LEU E 264 2.52 -15.64 -37.18
N THR E 265 1.69 -16.57 -37.62
CA THR E 265 2.11 -17.74 -38.38
C THR E 265 1.27 -17.78 -39.65
N GLY E 266 1.81 -17.23 -40.74
CA GLY E 266 1.08 -17.21 -41.98
C GLY E 266 1.95 -17.40 -43.20
N ASN E 267 1.64 -18.40 -44.01
CA ASN E 267 2.42 -18.71 -45.20
C ASN E 267 1.53 -18.60 -46.43
N TYR E 268 2.16 -18.33 -47.57
CA TYR E 268 1.49 -18.24 -48.87
C TYR E 268 0.44 -17.13 -48.91
N MET E 269 0.46 -16.22 -47.93
CA MET E 269 -0.46 -15.10 -47.93
C MET E 269 -0.16 -14.15 -49.06
N THR E 270 -1.20 -13.52 -49.61
CA THR E 270 -1.06 -12.55 -50.68
C THR E 270 -1.44 -11.18 -50.14
N VAL E 271 -0.48 -10.26 -50.09
CA VAL E 271 -0.69 -8.92 -49.54
C VAL E 271 -0.26 -7.94 -50.64
N ASN E 272 -1.20 -7.55 -51.48
CA ASN E 272 -0.90 -6.70 -52.63
C ASN E 272 -1.59 -5.35 -52.49
N ARG E 273 -0.95 -4.33 -53.05
CA ARG E 273 -1.56 -3.00 -53.18
C ARG E 273 -1.97 -2.41 -51.84
N CYS E 274 -1.18 -2.68 -50.79
CA CYS E 274 -1.45 -2.08 -49.50
C CYS E 274 -1.19 -0.57 -49.55
N GLY E 275 -1.71 0.14 -48.55
CA GLY E 275 -1.53 1.57 -48.51
C GLY E 275 -0.11 1.99 -48.21
N GLU E 276 0.35 1.72 -46.99
CA GLU E 276 1.69 2.10 -46.56
C GLU E 276 2.60 0.89 -46.37
N ILE E 277 2.24 -0.02 -45.47
CA ILE E 277 3.07 -1.19 -45.18
C ILE E 277 2.23 -2.44 -45.34
N GLY E 278 2.65 -3.32 -46.24
CA GLY E 278 1.89 -4.54 -46.47
C GLY E 278 1.90 -5.46 -45.28
N ILE E 279 3.08 -5.66 -44.67
CA ILE E 279 3.23 -6.52 -43.51
C ILE E 279 4.09 -5.80 -42.49
N HIS E 280 3.53 -5.50 -41.33
CA HIS E 280 4.18 -4.68 -40.32
C HIS E 280 4.44 -5.54 -39.08
N PHE E 281 5.69 -5.55 -38.62
CA PHE E 281 6.05 -6.17 -37.36
C PHE E 281 6.78 -5.14 -36.52
N SER E 282 6.51 -5.11 -35.23
CA SER E 282 7.11 -4.07 -34.40
C SER E 282 7.09 -4.47 -32.94
N HIS E 283 7.98 -3.83 -32.17
CA HIS E 283 8.01 -3.93 -30.72
C HIS E 283 8.09 -5.37 -30.25
N GLY E 284 9.17 -6.04 -30.65
CA GLY E 284 9.45 -7.38 -30.15
C GLY E 284 8.50 -8.46 -30.62
N ALA E 285 7.83 -8.25 -31.74
CA ALA E 285 6.85 -9.21 -32.23
C ALA E 285 7.53 -10.27 -33.08
N SER E 286 7.32 -11.53 -32.74
CA SER E 286 7.80 -12.62 -33.59
C SER E 286 6.99 -12.65 -34.87
N GLY E 287 7.49 -13.38 -35.85
CA GLY E 287 6.83 -13.45 -37.14
C GLY E 287 7.14 -14.73 -37.87
N TYR E 288 6.20 -15.16 -38.71
CA TYR E 288 6.37 -16.32 -39.58
C TYR E 288 5.56 -16.07 -40.84
N ILE E 289 6.23 -15.56 -41.87
CA ILE E 289 5.58 -15.27 -43.15
C ILE E 289 6.48 -15.83 -44.24
N ASP E 290 6.18 -17.05 -44.68
CA ASP E 290 7.00 -17.75 -45.65
C ASP E 290 6.23 -17.92 -46.96
N PHE E 291 6.94 -17.81 -48.08
CA PHE E 291 6.37 -18.01 -49.40
C PHE E 291 5.26 -17.01 -49.71
N THR E 292 5.05 -16.05 -48.83
CA THR E 292 4.05 -15.02 -49.06
C THR E 292 4.51 -14.06 -50.14
N GLU E 293 3.54 -13.42 -50.80
CA GLU E 293 3.85 -12.47 -51.86
C GLU E 293 3.27 -11.11 -51.49
N ALA E 294 4.01 -10.05 -51.80
CA ALA E 294 3.63 -8.69 -51.44
C ALA E 294 4.07 -7.75 -52.55
N ARG E 295 3.13 -7.33 -53.38
CA ARG E 295 3.43 -6.52 -54.55
C ARG E 295 2.69 -5.19 -54.51
N PHE E 296 3.34 -4.15 -55.03
CA PHE E 296 2.73 -2.85 -55.29
C PHE E 296 2.31 -2.12 -54.02
N ASN E 297 2.95 -2.38 -52.90
CA ASN E 297 2.71 -1.60 -51.69
C ASN E 297 3.27 -0.18 -51.86
N GLY E 298 2.65 0.77 -51.18
CA GLY E 298 3.08 2.15 -51.30
C GLY E 298 4.42 2.42 -50.63
N HIS E 299 4.45 2.42 -49.31
CA HIS E 299 5.67 2.54 -48.54
C HIS E 299 6.31 1.14 -48.45
N HIS E 300 7.22 0.94 -47.51
CA HIS E 300 7.88 -0.35 -47.32
C HIS E 300 6.88 -1.50 -47.42
N GLY E 301 7.18 -2.45 -48.30
CA GLY E 301 6.29 -3.57 -48.53
C GLY E 301 6.32 -4.59 -47.40
N LEU E 302 7.37 -4.57 -46.59
CA LEU E 302 7.48 -5.42 -45.41
C LEU E 302 8.44 -4.74 -44.46
N MET E 303 8.02 -4.56 -43.21
CA MET E 303 8.82 -3.84 -42.24
C MET E 303 8.93 -4.66 -40.96
N VAL E 304 10.15 -4.87 -40.49
CA VAL E 304 10.41 -5.53 -39.22
C VAL E 304 11.23 -4.55 -38.39
N THR E 305 10.59 -3.91 -37.42
CA THR E 305 11.20 -2.81 -36.70
C THR E 305 11.15 -3.01 -35.20
N THR E 306 12.05 -2.33 -34.49
CA THR E 306 12.00 -2.17 -33.05
C THR E 306 12.09 -3.51 -32.32
N GLY E 307 13.21 -4.19 -32.53
CA GLY E 307 13.53 -5.38 -31.76
C GLY E 307 12.80 -6.64 -32.16
N SER E 308 11.98 -6.59 -33.21
CA SER E 308 11.20 -7.75 -33.59
C SER E 308 12.07 -8.81 -34.24
N GLN E 309 11.42 -9.88 -34.71
CA GLN E 309 12.07 -10.94 -35.45
C GLN E 309 11.03 -11.62 -36.34
N ALA E 310 11.42 -11.96 -37.55
CA ALA E 310 10.51 -12.53 -38.53
C ALA E 310 11.22 -13.57 -39.37
N SER E 311 10.43 -14.40 -40.03
CA SER E 311 10.93 -15.44 -40.93
C SER E 311 10.24 -15.27 -42.27
N ALA E 312 11.00 -14.89 -43.29
CA ALA E 312 10.45 -14.60 -44.62
C ALA E 312 11.33 -15.27 -45.68
N ARG E 313 11.05 -16.52 -46.00
CA ARG E 313 11.85 -17.27 -46.96
C ARG E 313 11.05 -17.47 -48.24
N ASN E 314 11.73 -17.31 -49.38
CA ASN E 314 11.14 -17.50 -50.70
C ASN E 314 9.89 -16.65 -50.90
N CYS E 315 9.91 -15.43 -50.36
CA CYS E 315 8.78 -14.52 -50.48
C CYS E 315 9.05 -13.51 -51.59
N LYS E 316 8.06 -13.33 -52.46
CA LYS E 316 8.17 -12.41 -53.59
C LYS E 316 7.61 -11.06 -53.17
N ILE E 317 8.47 -10.07 -53.03
CA ILE E 317 8.10 -8.73 -52.58
C ILE E 317 8.67 -7.74 -53.59
N THR E 318 7.88 -7.38 -54.59
CA THR E 318 8.37 -6.54 -55.68
C THR E 318 7.43 -5.36 -55.91
N ASP E 319 7.93 -4.39 -56.66
CA ASP E 319 7.19 -3.24 -57.22
C ASP E 319 6.74 -2.22 -56.18
N THR E 320 7.21 -2.29 -54.93
CA THR E 320 6.81 -1.27 -53.97
C THR E 320 7.44 0.07 -54.31
N ILE E 321 6.69 1.15 -54.08
CA ILE E 321 7.19 2.48 -54.40
C ILE E 321 8.42 2.81 -53.56
N ASP E 322 8.32 2.60 -52.27
CA ASP E 322 9.47 2.75 -51.37
C ASP E 322 10.17 1.40 -51.23
N ASP E 323 11.05 1.29 -50.25
CA ASP E 323 11.86 0.10 -50.07
C ASP E 323 11.01 -1.16 -50.01
N ASN E 324 11.50 -2.23 -50.65
CA ASN E 324 10.74 -3.48 -50.66
C ASN E 324 10.77 -4.16 -49.30
N VAL E 325 11.93 -4.19 -48.66
CA VAL E 325 12.10 -4.85 -47.37
C VAL E 325 12.96 -3.95 -46.49
N VAL E 326 12.55 -3.77 -45.24
CA VAL E 326 13.27 -2.94 -44.29
C VAL E 326 13.47 -3.73 -43.01
N SER E 327 14.66 -3.65 -42.45
CA SER E 327 14.96 -4.20 -41.13
C SER E 327 15.45 -3.06 -40.25
N TYR E 328 14.70 -2.75 -39.21
CA TYR E 328 14.85 -1.50 -38.48
C TYR E 328 15.04 -1.77 -37.00
N ALA E 329 16.02 -1.08 -36.40
CA ALA E 329 16.17 -1.00 -34.95
C ALA E 329 16.29 -2.39 -34.31
N SER E 330 17.39 -3.06 -34.66
CA SER E 330 17.85 -4.31 -34.05
C SER E 330 17.00 -5.52 -34.43
N SER E 331 16.04 -5.36 -35.34
CA SER E 331 15.24 -6.50 -35.75
C SER E 331 16.08 -7.46 -36.58
N ASP E 332 15.81 -8.75 -36.43
CA ASP E 332 16.47 -9.80 -37.21
C ASP E 332 15.44 -10.42 -38.14
N ILE E 333 15.77 -10.49 -39.43
CA ILE E 333 14.86 -11.00 -40.44
C ILE E 333 15.64 -11.96 -41.33
N ASP E 334 14.95 -13.01 -41.78
CA ASP E 334 15.52 -14.04 -42.63
C ASP E 334 14.85 -13.95 -44.00
N LEU E 335 15.68 -13.86 -45.06
CA LEU E 335 15.20 -13.88 -46.45
C LEU E 335 16.07 -14.88 -47.22
N ARG E 336 15.73 -16.16 -47.12
CA ARG E 336 16.63 -17.20 -47.65
C ARG E 336 16.72 -17.14 -49.16
N SER E 337 15.58 -17.03 -49.85
CA SER E 337 15.61 -16.98 -51.31
C SER E 337 14.61 -15.96 -51.85
N SER E 338 14.29 -14.94 -51.07
CA SER E 338 13.25 -14.00 -51.46
C SER E 338 13.67 -13.20 -52.69
N ASP E 339 12.67 -12.73 -53.44
CA ASP E 339 12.88 -11.92 -54.63
C ASP E 339 12.34 -10.52 -54.32
N CYS E 340 13.23 -9.64 -53.90
CA CYS E 340 12.89 -8.25 -53.58
C CYS E 340 13.50 -7.35 -54.64
N SER E 341 12.75 -7.10 -55.71
CA SER E 341 13.28 -6.35 -56.84
C SER E 341 12.24 -5.36 -57.32
N ASN E 342 12.59 -4.61 -58.36
CA ASN E 342 11.72 -3.67 -59.05
C ASN E 342 11.15 -2.59 -58.13
N SER E 343 11.84 -2.26 -57.05
CA SER E 343 11.44 -1.12 -56.23
C SER E 343 11.41 0.14 -57.08
N GLN E 344 10.35 0.92 -56.95
CA GLN E 344 10.15 2.04 -57.86
C GLN E 344 11.05 3.22 -57.53
N THR E 345 11.35 3.48 -56.27
CA THR E 345 12.09 4.70 -55.92
C THR E 345 13.27 4.50 -54.98
N THR E 346 13.28 3.49 -54.12
CA THR E 346 14.33 3.38 -53.11
C THR E 346 14.85 1.94 -53.09
N TYR E 347 15.65 1.64 -52.07
CA TYR E 347 16.44 0.42 -52.03
C TYR E 347 15.57 -0.83 -52.02
N GLY E 348 16.05 -1.89 -52.67
CA GLY E 348 15.33 -3.14 -52.66
C GLY E 348 15.33 -3.82 -51.31
N VAL E 349 16.49 -3.88 -50.66
CA VAL E 349 16.61 -4.51 -49.34
C VAL E 349 17.51 -3.64 -48.48
N ILE E 350 16.93 -2.98 -47.47
CA ILE E 350 17.68 -2.08 -46.60
C ILE E 350 17.59 -2.58 -45.18
N ALA E 351 18.75 -2.70 -44.53
CA ALA E 351 18.83 -3.00 -43.11
C ALA E 351 19.53 -1.83 -42.41
N THR E 352 18.91 -1.34 -41.35
CA THR E 352 19.42 -0.14 -40.69
C THR E 352 19.27 -0.29 -39.19
N ARG E 353 20.06 0.50 -38.46
CA ARG E 353 20.01 0.56 -37.00
C ARG E 353 20.23 -0.82 -36.39
N SER E 354 21.42 -1.36 -36.61
CA SER E 354 21.92 -2.59 -36.00
C SER E 354 21.11 -3.83 -36.36
N SER E 355 20.28 -3.76 -37.39
CA SER E 355 19.47 -4.91 -37.76
C SER E 355 20.33 -6.00 -38.41
N ASN E 356 19.74 -7.17 -38.59
CA ASN E 356 20.38 -8.28 -39.27
C ASN E 356 19.46 -8.83 -40.34
N ILE E 357 20.05 -9.25 -41.46
CA ILE E 357 19.31 -9.92 -42.54
C ILE E 357 20.14 -11.12 -43.00
N ASN E 358 19.46 -12.11 -43.55
CA ASN E 358 20.09 -13.28 -44.17
C ASN E 358 19.52 -13.39 -45.58
N PHE E 359 20.17 -12.72 -46.52
CA PHE E 359 19.72 -12.68 -47.92
C PHE E 359 20.46 -13.72 -48.75
N ASP E 360 20.24 -15.00 -48.40
CA ASP E 360 21.14 -16.07 -48.83
C ASP E 360 21.26 -16.15 -50.34
N LYS E 361 20.13 -16.09 -51.06
CA LYS E 361 20.18 -16.14 -52.51
C LYS E 361 19.23 -15.15 -53.14
N GLY E 362 19.11 -13.97 -52.56
CA GLY E 362 18.07 -13.05 -52.97
C GLY E 362 18.32 -12.42 -54.33
N ILE E 363 17.35 -11.63 -54.76
CA ILE E 363 17.41 -10.92 -56.04
C ILE E 363 16.99 -9.48 -55.80
N ALA E 364 17.73 -8.54 -56.38
CA ALA E 364 17.42 -7.12 -56.26
C ALA E 364 17.78 -6.45 -57.58
N ASN E 365 16.79 -6.31 -58.47
CA ASN E 365 17.00 -5.75 -59.78
C ASN E 365 16.01 -4.62 -60.05
N GLY E 366 16.46 -3.62 -60.80
CA GLY E 366 15.61 -2.54 -61.25
C GLY E 366 15.29 -1.48 -60.23
N CYS E 367 15.81 -1.60 -59.01
CA CYS E 367 15.42 -0.68 -57.94
C CYS E 367 15.90 0.74 -58.26
N GLY E 368 15.09 1.71 -57.86
CA GLY E 368 15.47 3.10 -58.07
C GLY E 368 16.75 3.47 -57.35
N ALA E 369 16.92 3.00 -56.12
CA ALA E 369 18.14 3.17 -55.38
C ALA E 369 18.93 1.86 -55.39
N SER E 370 19.97 1.79 -54.58
CA SER E 370 20.81 0.60 -54.52
C SER E 370 19.98 -0.63 -54.16
N GLY E 371 20.26 -1.74 -54.84
CA GLY E 371 19.48 -2.94 -54.63
C GLY E 371 19.59 -3.49 -53.21
N ILE E 372 20.80 -3.50 -52.66
CA ILE E 372 21.05 -3.99 -51.30
C ILE E 372 21.82 -2.92 -50.55
N MET E 373 21.28 -2.47 -49.43
CA MET E 373 21.94 -1.44 -48.63
C MET E 373 22.00 -1.89 -47.18
N ALA E 374 23.16 -1.75 -46.56
CA ALA E 374 23.36 -2.06 -45.15
C ALA E 374 23.93 -0.84 -44.48
N ASN E 375 23.21 -0.31 -43.49
CA ASN E 375 23.53 1.00 -42.94
C ASN E 375 23.41 0.99 -41.43
N ARG E 376 24.18 1.89 -40.79
CA ARG E 376 24.03 2.20 -39.37
C ARG E 376 24.21 0.96 -38.49
N GLY E 377 25.42 0.40 -38.53
CA GLY E 377 25.79 -0.66 -37.62
C GLY E 377 25.15 -2.01 -37.89
N CYS E 378 24.38 -2.13 -38.96
CA CYS E 378 23.64 -3.38 -39.22
C CYS E 378 24.56 -4.41 -39.85
N SER E 379 23.96 -5.48 -40.36
CA SER E 379 24.69 -6.55 -41.02
C SER E 379 23.75 -7.30 -41.95
N ILE E 380 24.25 -7.67 -43.13
CA ILE E 380 23.50 -8.43 -44.11
C ILE E 380 24.40 -9.53 -44.64
N ASP E 381 23.78 -10.68 -44.95
CA ASP E 381 24.48 -11.81 -45.55
C ASP E 381 23.80 -12.13 -46.86
N ALA E 382 24.51 -11.90 -47.98
CA ALA E 382 23.97 -12.16 -49.32
C ALA E 382 24.98 -12.99 -50.09
N THR E 383 24.93 -14.32 -49.92
CA THR E 383 25.93 -15.17 -50.52
C THR E 383 25.77 -15.27 -52.03
N GLY E 384 24.55 -15.45 -52.51
CA GLY E 384 24.34 -15.60 -53.94
C GLY E 384 23.41 -14.55 -54.53
N ALA E 385 23.34 -13.39 -53.89
CA ALA E 385 22.42 -12.35 -54.33
C ALA E 385 22.82 -11.82 -55.70
N THR E 386 21.81 -11.33 -56.43
CA THR E 386 22.01 -10.76 -57.76
C THR E 386 21.47 -9.34 -57.75
N ALA E 387 22.36 -8.37 -57.59
CA ALA E 387 22.00 -6.95 -57.57
C ALA E 387 22.42 -6.34 -58.90
N SER E 388 21.48 -6.25 -59.83
CA SER E 388 21.76 -5.80 -61.18
C SER E 388 20.71 -4.79 -61.63
N ARG E 389 21.06 -4.02 -62.66
CA ARG E 389 20.18 -3.06 -63.32
C ARG E 389 19.64 -1.99 -62.37
N ASN E 390 20.21 -1.85 -61.17
CA ASN E 390 19.79 -0.79 -60.27
C ASN E 390 20.30 0.56 -60.77
N LYS E 391 19.52 1.61 -60.54
CA LYS E 391 19.94 2.94 -60.97
C LYS E 391 21.18 3.40 -60.23
N TRP E 392 21.21 3.20 -58.92
CA TRP E 392 22.36 3.48 -58.06
C TRP E 392 23.19 2.21 -57.89
N HIS E 393 24.07 2.22 -56.88
CA HIS E 393 25.01 1.13 -56.65
C HIS E 393 24.32 -0.22 -56.58
N GLY E 394 25.09 -1.27 -56.80
CA GLY E 394 24.54 -2.61 -56.68
C GLY E 394 24.34 -3.02 -55.23
N VAL E 395 25.43 -3.16 -54.48
CA VAL E 395 25.36 -3.42 -53.05
C VAL E 395 26.22 -2.37 -52.35
N ILE E 396 25.66 -1.73 -51.34
CA ILE E 396 26.34 -0.66 -50.63
C ILE E 396 26.23 -0.91 -49.13
N ALA E 397 27.35 -0.75 -48.43
CA ALA E 397 27.35 -0.76 -46.98
C ALA E 397 27.84 0.60 -46.50
N SER E 398 27.11 1.20 -45.57
CA SER E 398 27.38 2.56 -45.15
C SER E 398 27.37 2.66 -43.63
N ASN E 399 28.21 3.55 -43.12
CA ASN E 399 28.24 3.91 -41.71
C ASN E 399 28.45 2.68 -40.83
N ASN E 400 29.60 2.04 -41.02
CA ASN E 400 30.08 0.96 -40.15
C ASN E 400 29.10 -0.21 -40.16
N SER E 401 28.91 -0.79 -41.33
CA SER E 401 28.04 -1.93 -41.53
C SER E 401 28.75 -2.98 -42.36
N LYS E 402 28.33 -4.24 -42.22
CA LYS E 402 28.97 -5.34 -42.92
C LYS E 402 27.99 -5.99 -43.87
N VAL E 403 28.49 -6.34 -45.06
CA VAL E 403 27.75 -7.15 -46.01
C VAL E 403 28.66 -8.32 -46.42
N ASP E 404 28.03 -9.41 -46.83
CA ASP E 404 28.75 -10.55 -47.38
C ASP E 404 28.17 -10.84 -48.75
N PHE E 405 29.01 -10.80 -49.77
CA PHE E 405 28.62 -11.05 -51.16
C PHE E 405 29.59 -12.08 -51.70
N THR E 406 29.35 -13.35 -51.41
CA THR E 406 30.38 -14.36 -51.61
C THR E 406 30.54 -14.75 -53.07
N SER E 407 29.44 -14.90 -53.80
CA SER E 407 29.55 -15.25 -55.22
C SER E 407 28.51 -14.54 -56.07
N GLY E 408 28.05 -13.36 -55.64
CA GLY E 408 26.93 -12.74 -56.31
C GLY E 408 27.35 -11.98 -57.56
N ASN E 409 26.35 -11.43 -58.24
CA ASN E 409 26.54 -10.69 -59.47
C ASN E 409 26.09 -9.25 -59.28
N ALA E 410 26.84 -8.32 -59.85
CA ALA E 410 26.47 -6.90 -59.85
C ALA E 410 26.77 -6.34 -61.24
N ASN E 411 25.76 -6.32 -62.10
CA ASN E 411 25.97 -5.99 -63.51
C ASN E 411 25.04 -4.86 -63.93
N GLU E 412 25.53 -4.06 -64.88
CA GLU E 412 24.75 -3.04 -65.59
C GLU E 412 24.15 -1.99 -64.65
N ASN E 413 24.69 -1.84 -63.45
CA ASN E 413 24.19 -0.82 -62.54
C ASN E 413 24.55 0.57 -63.05
N GLY E 414 23.73 1.56 -62.67
CA GLY E 414 24.01 2.93 -63.06
C GLY E 414 25.18 3.55 -62.33
N LEU E 415 25.63 2.93 -61.24
CA LEU E 415 26.78 3.43 -60.48
C LEU E 415 27.64 2.27 -60.00
N ASP E 416 28.49 2.55 -59.01
CA ASP E 416 29.46 1.58 -58.51
C ASP E 416 28.81 0.24 -58.22
N GLY E 417 29.44 -0.85 -58.67
CA GLY E 417 28.89 -2.17 -58.43
C GLY E 417 28.86 -2.54 -56.96
N ILE E 418 29.96 -2.27 -56.25
CA ILE E 418 30.08 -2.55 -54.83
C ILE E 418 30.71 -1.34 -54.17
N GLN E 419 30.08 -0.84 -53.11
CA GLN E 419 30.60 0.34 -52.43
C GLN E 419 30.64 0.09 -50.93
N CYS E 420 31.74 0.53 -50.31
CA CYS E 420 31.87 0.58 -48.87
C CYS E 420 32.06 2.03 -48.46
N THR E 421 31.49 2.40 -47.32
CA THR E 421 31.44 3.80 -46.94
C THR E 421 31.57 3.95 -45.43
N HIS E 422 32.65 4.62 -45.01
CA HIS E 422 32.87 4.99 -43.61
C HIS E 422 32.88 3.76 -42.69
N GLY E 423 33.89 2.93 -42.87
CA GLY E 423 34.14 1.81 -41.98
C GLY E 423 33.45 0.52 -42.37
N SER E 424 32.60 0.55 -43.38
CA SER E 424 31.90 -0.64 -43.81
C SER E 424 32.87 -1.64 -44.44
N THR E 425 32.52 -2.92 -44.35
CA THR E 425 33.29 -3.98 -44.98
C THR E 425 32.35 -4.90 -45.76
N VAL E 426 32.38 -4.76 -47.08
CA VAL E 426 31.68 -5.69 -47.96
C VAL E 426 32.68 -6.70 -48.48
N GLN E 427 32.31 -7.98 -48.43
CA GLN E 427 33.15 -9.05 -48.93
C GLN E 427 32.61 -9.54 -50.26
N ALA E 428 33.51 -9.67 -51.24
CA ALA E 428 33.17 -10.24 -52.54
C ALA E 428 34.25 -11.26 -52.89
N ARG E 429 34.10 -12.49 -52.40
CA ARG E 429 35.17 -13.46 -52.56
C ARG E 429 35.27 -13.96 -54.00
N LEU E 430 34.14 -14.24 -54.64
CA LEU E 430 34.15 -14.75 -56.00
C LEU E 430 33.07 -14.08 -56.85
N SER E 431 32.75 -12.83 -56.56
CA SER E 431 31.68 -12.16 -57.27
C SER E 431 32.05 -11.93 -58.72
N THR E 432 31.06 -11.53 -59.52
CA THR E 432 31.25 -11.14 -60.90
C THR E 432 30.56 -9.79 -61.09
N THR E 433 31.28 -8.71 -60.77
CA THR E 433 30.75 -7.36 -60.88
C THR E 433 31.29 -6.71 -62.15
N ASN E 434 30.65 -7.00 -63.27
CA ASN E 434 31.09 -6.50 -64.57
C ASN E 434 29.93 -5.89 -65.32
N GLY E 435 30.21 -4.82 -66.05
CA GLY E 435 29.22 -4.14 -66.85
C GLY E 435 28.66 -2.86 -66.26
N ASN E 436 29.16 -2.43 -65.11
CA ASN E 436 28.59 -1.28 -64.42
C ASN E 436 28.93 0.02 -65.14
N LYS E 437 28.10 1.04 -64.91
CA LYS E 437 28.33 2.34 -65.53
C LYS E 437 29.49 3.07 -64.88
N ARG E 438 29.53 3.10 -63.56
CA ARG E 438 30.64 3.67 -62.81
C ARG E 438 31.57 2.56 -62.34
N ASN E 439 32.46 2.88 -61.40
CA ASN E 439 33.47 1.94 -60.90
C ASN E 439 32.88 0.56 -60.61
N GLY E 440 33.66 -0.48 -60.89
CA GLY E 440 33.23 -1.81 -60.53
C GLY E 440 33.21 -2.05 -59.04
N VAL E 441 34.23 -1.55 -58.33
CA VAL E 441 34.35 -1.71 -56.88
C VAL E 441 34.99 -0.46 -56.33
N LEU E 442 34.33 0.19 -55.36
CA LEU E 442 34.85 1.41 -54.76
C LEU E 442 34.87 1.26 -53.25
N ALA E 443 36.01 1.54 -52.64
CA ALA E 443 36.17 1.57 -51.20
C ALA E 443 36.29 3.04 -50.78
N TYR E 444 35.21 3.59 -50.25
CA TYR E 444 35.10 5.00 -49.91
C TYR E 444 35.23 5.12 -48.40
N ALA E 445 36.47 5.26 -47.92
CA ALA E 445 36.77 5.30 -46.50
C ALA E 445 36.33 4.02 -45.78
N GLY E 446 36.28 2.91 -46.51
CA GLY E 446 35.93 1.63 -45.94
C GLY E 446 36.77 0.53 -46.54
N ASP E 447 36.60 -0.67 -46.01
CA ASP E 447 37.37 -1.84 -46.43
C ASP E 447 36.52 -2.73 -47.33
N VAL E 448 37.15 -3.27 -48.37
CA VAL E 448 36.52 -4.25 -49.24
C VAL E 448 37.49 -5.40 -49.41
N TYR E 449 37.00 -6.63 -49.25
CA TYR E 449 37.83 -7.81 -49.32
C TYR E 449 37.36 -8.71 -50.45
N CYS E 450 38.29 -9.13 -51.30
CA CYS E 450 37.99 -10.01 -52.41
C CYS E 450 39.09 -11.05 -52.53
N GLN E 451 38.80 -12.13 -53.24
CA GLN E 451 39.81 -13.15 -53.52
C GLN E 451 40.08 -13.30 -55.01
N GLU E 452 39.04 -13.52 -55.81
CA GLU E 452 39.19 -13.69 -57.25
C GLU E 452 38.10 -12.91 -57.97
N ILE E 453 37.89 -11.66 -57.54
CA ILE E 453 36.78 -10.88 -58.06
C ILE E 453 36.98 -10.59 -59.54
N ASN E 454 35.87 -10.58 -60.29
CA ASN E 454 35.89 -10.33 -61.72
C ASN E 454 35.30 -8.95 -62.00
N CYS E 455 35.93 -8.23 -62.93
CA CYS E 455 35.41 -6.95 -63.41
C CYS E 455 35.66 -6.85 -64.90
N ASP E 456 34.70 -6.30 -65.63
CA ASP E 456 34.78 -6.27 -67.09
C ASP E 456 33.80 -5.24 -67.61
N GLY E 457 34.30 -4.26 -68.35
CA GLY E 457 33.44 -3.30 -69.01
C GLY E 457 32.94 -2.17 -68.14
N ASN E 458 33.45 -2.03 -66.92
CA ASN E 458 33.03 -0.94 -66.05
C ASN E 458 33.39 0.40 -66.69
N GLY E 459 32.44 1.33 -66.67
CA GLY E 459 32.63 2.61 -67.33
C GLY E 459 33.73 3.46 -66.72
N ARG E 460 34.17 3.13 -65.51
CA ARG E 460 35.28 3.83 -64.87
C ARG E 460 36.18 2.82 -64.17
N ARG E 461 37.03 3.30 -63.26
CA ARG E 461 38.02 2.46 -62.61
C ARG E 461 37.42 1.18 -62.06
N GLY E 462 38.01 0.05 -62.45
CA GLY E 462 37.47 -1.23 -62.01
C GLY E 462 37.54 -1.42 -60.51
N LEU E 463 38.66 -1.07 -59.90
CA LEU E 463 38.84 -1.10 -58.46
C LEU E 463 39.34 0.25 -58.00
N GLU E 464 38.91 0.69 -56.82
CA GLU E 464 39.33 1.98 -56.31
C GLU E 464 39.17 2.01 -54.80
N ALA E 465 40.15 2.62 -54.13
CA ALA E 465 40.08 2.84 -52.70
C ALA E 465 40.52 4.27 -52.41
N THR E 466 39.68 5.01 -51.69
CA THR E 466 39.89 6.44 -51.51
C THR E 466 39.63 6.82 -50.06
N ARG E 467 40.19 7.96 -49.67
CA ARG E 467 39.98 8.55 -48.35
C ARG E 467 40.30 7.56 -47.23
N GLY E 468 41.43 6.87 -47.37
CA GLY E 468 41.88 5.96 -46.34
C GLY E 468 41.25 4.59 -46.36
N GLY E 469 40.49 4.26 -47.40
CA GLY E 469 39.89 2.93 -47.49
C GLY E 469 40.93 1.85 -47.65
N TYR E 470 40.43 0.64 -47.92
CA TYR E 470 41.30 -0.52 -48.10
C TYR E 470 40.62 -1.50 -49.03
N VAL E 471 41.41 -2.13 -49.90
CA VAL E 471 40.94 -3.19 -50.77
C VAL E 471 41.93 -4.33 -50.72
N ALA E 472 41.44 -5.55 -50.49
CA ALA E 472 42.27 -6.74 -50.50
C ALA E 472 41.71 -7.72 -51.52
N ALA E 473 42.47 -7.98 -52.57
CA ALA E 473 42.04 -8.91 -53.62
C ALA E 473 43.28 -9.63 -54.13
N TYR E 474 43.52 -10.83 -53.58
CA TYR E 474 44.74 -11.55 -53.89
C TYR E 474 44.83 -11.92 -55.36
N GLY E 475 43.71 -12.36 -55.94
CA GLY E 475 43.74 -12.83 -57.32
C GLY E 475 42.73 -12.15 -58.21
N ALA E 476 42.53 -10.85 -58.01
CA ALA E 476 41.51 -10.11 -58.76
C ALA E 476 41.81 -10.19 -60.25
N LYS E 477 40.73 -10.22 -61.05
CA LYS E 477 40.83 -10.33 -62.49
C LYS E 477 40.15 -9.15 -63.18
N VAL E 478 40.23 -7.96 -62.57
CA VAL E 478 39.63 -6.78 -63.18
C VAL E 478 40.30 -6.48 -64.50
N SER E 479 39.49 -6.15 -65.51
CA SER E 479 39.99 -5.88 -66.84
C SER E 479 38.95 -5.07 -67.61
N ARG E 480 39.39 -4.50 -68.73
CA ARG E 480 38.56 -3.78 -69.69
C ARG E 480 37.89 -2.55 -69.13
N SER E 481 38.32 -2.07 -67.96
CA SER E 481 37.77 -0.83 -67.43
C SER E 481 38.18 0.34 -68.30
N LYS E 482 37.23 1.27 -68.52
CA LYS E 482 37.53 2.41 -69.38
C LYS E 482 38.62 3.29 -68.77
N ASP E 483 38.54 3.55 -67.47
CA ASP E 483 39.55 4.32 -66.76
C ASP E 483 40.57 3.35 -66.16
N ASP E 484 41.40 3.85 -65.24
CA ASP E 484 42.45 3.04 -64.64
C ASP E 484 41.89 1.77 -64.02
N ASN E 485 42.53 0.63 -64.33
CA ASN E 485 42.02 -0.65 -63.82
C ASN E 485 42.05 -0.69 -62.30
N VAL E 486 43.14 -0.25 -61.69
CA VAL E 486 43.28 -0.22 -60.24
C VAL E 486 43.83 1.13 -59.85
N LEU E 487 43.19 1.78 -58.89
CA LEU E 487 43.62 3.10 -58.44
C LEU E 487 43.55 3.16 -56.92
N ALA E 488 44.61 3.65 -56.31
CA ALA E 488 44.69 3.82 -54.86
C ALA E 488 44.78 5.31 -54.57
N TYR E 489 43.62 5.96 -54.47
CA TYR E 489 43.56 7.41 -54.28
C TYR E 489 43.85 7.74 -52.82
N GLY E 490 45.12 7.63 -52.46
CA GLY E 490 45.50 7.84 -51.07
C GLY E 490 45.01 6.75 -50.14
N SER E 491 45.02 5.51 -50.60
CA SER E 491 44.61 4.38 -49.80
C SER E 491 45.50 3.19 -50.16
N MET E 492 45.24 2.05 -49.54
CA MET E 492 46.03 0.85 -49.76
C MET E 492 45.21 -0.19 -50.50
N ILE E 493 45.84 -0.84 -51.46
CA ILE E 493 45.23 -1.93 -52.22
C ILE E 493 46.22 -3.09 -52.26
N SER E 494 45.74 -4.29 -51.98
CA SER E 494 46.57 -5.49 -51.99
C SER E 494 46.10 -6.40 -53.11
N ILE E 495 46.83 -6.40 -54.22
CA ILE E 495 46.58 -7.31 -55.34
C ILE E 495 47.89 -8.04 -55.59
N ASN E 496 48.07 -9.19 -54.94
CA ASN E 496 49.37 -9.85 -54.98
C ASN E 496 49.61 -10.56 -56.30
N GLU E 497 48.66 -11.39 -56.72
CA GLU E 497 48.83 -12.13 -57.97
C GLU E 497 47.65 -11.85 -58.89
N ALA E 498 47.32 -10.57 -59.04
CA ALA E 498 46.19 -10.17 -59.85
C ALA E 498 46.48 -10.41 -61.32
N LEU E 499 45.51 -10.06 -62.17
CA LEU E 499 45.61 -10.24 -63.62
C LEU E 499 44.73 -9.16 -64.26
N ILE E 500 45.36 -8.09 -64.72
CA ILE E 500 44.65 -6.96 -65.30
C ILE E 500 45.01 -6.87 -66.77
N GLU E 501 43.99 -6.80 -67.62
CA GLU E 501 44.20 -6.73 -69.06
C GLU E 501 43.35 -5.62 -69.66
N ARG E 502 43.76 -5.18 -70.85
CA ARG E 502 42.94 -4.33 -71.70
C ARG E 502 42.49 -3.05 -71.01
N ALA E 503 43.30 -2.53 -70.11
CA ALA E 503 42.95 -1.31 -69.40
C ALA E 503 42.81 -0.15 -70.39
N GLY E 504 41.77 0.66 -70.20
CA GLY E 504 41.58 1.81 -71.06
C GLY E 504 42.61 2.90 -70.85
N ARG E 505 43.23 2.93 -69.68
CA ARG E 505 44.26 3.90 -69.33
C ARG E 505 44.89 3.48 -68.02
N ASN E 506 46.22 3.63 -67.92
CA ASN E 506 46.93 3.54 -66.64
C ASN E 506 46.58 2.26 -65.89
N GLY E 507 47.02 1.14 -66.48
CA GLY E 507 46.79 -0.19 -65.91
C GLY E 507 46.89 -0.28 -64.40
N ILE E 508 47.87 0.41 -63.81
CA ILE E 508 47.96 0.58 -62.37
C ILE E 508 48.32 2.03 -62.08
N GLU E 509 47.56 2.67 -61.21
CA GLU E 509 47.85 4.03 -60.80
C GLU E 509 47.76 4.14 -59.29
N ALA E 510 48.75 4.78 -58.68
CA ALA E 510 48.74 5.07 -57.26
C ALA E 510 48.96 6.57 -57.08
N THR E 511 48.04 7.24 -56.39
CA THR E 511 48.05 8.68 -56.33
C THR E 511 47.88 9.14 -54.89
N ARG E 512 48.42 10.33 -54.60
CA ARG E 512 48.25 10.98 -53.31
C ARG E 512 48.77 10.12 -52.15
N GLY E 513 49.87 9.42 -52.39
CA GLY E 513 50.57 8.74 -51.32
C GLY E 513 50.09 7.34 -50.99
N GLY E 514 49.09 6.82 -51.69
CA GLY E 514 48.58 5.51 -51.36
C GLY E 514 49.45 4.39 -51.91
N GLN E 515 49.71 3.39 -51.07
CA GLN E 515 50.51 2.24 -51.44
C GLN E 515 49.68 1.28 -52.29
N ILE E 516 50.38 0.42 -53.03
CA ILE E 516 49.79 -0.70 -53.74
C ILE E 516 50.73 -1.89 -53.58
N PHE E 517 50.18 -3.04 -53.18
CA PHE E 517 50.96 -4.26 -53.06
C PHE E 517 50.72 -5.14 -54.27
N ALA E 518 51.79 -5.76 -54.77
CA ALA E 518 51.69 -6.66 -55.90
C ALA E 518 52.89 -7.57 -55.91
N ASP E 519 52.66 -8.83 -56.29
CA ASP E 519 53.71 -9.84 -56.28
C ASP E 519 54.01 -10.37 -57.67
N ARG E 520 53.00 -10.91 -58.37
CA ARG E 520 53.17 -11.45 -59.70
C ARG E 520 52.09 -10.91 -60.63
N ILE E 521 51.74 -9.64 -60.46
CA ILE E 521 50.57 -9.10 -61.15
C ILE E 521 50.84 -9.03 -62.63
N THR E 522 49.90 -9.51 -63.43
CA THR E 522 50.03 -9.54 -64.88
C THR E 522 49.29 -8.35 -65.47
N ILE E 523 50.04 -7.39 -66.01
CA ILE E 523 49.48 -6.24 -66.70
C ILE E 523 49.60 -6.46 -68.19
N THR E 524 48.51 -6.19 -68.91
CA THR E 524 48.48 -6.43 -70.35
C THR E 524 47.60 -5.37 -71.02
N GLY E 525 48.15 -4.75 -72.07
CA GLY E 525 47.37 -3.83 -72.87
C GLY E 525 46.88 -2.60 -72.12
N SER E 526 47.70 -2.04 -71.24
CA SER E 526 47.32 -0.83 -70.54
C SER E 526 47.21 0.33 -71.51
N GLY E 527 46.28 1.25 -71.20
CA GLY E 527 46.08 2.39 -72.09
C GLY E 527 47.26 3.33 -72.12
N ASP E 528 47.80 3.68 -70.95
CA ASP E 528 48.95 4.57 -70.88
C ASP E 528 50.18 3.91 -70.28
N PHE E 529 50.10 3.40 -69.04
CA PHE E 529 51.25 2.80 -68.40
C PHE E 529 50.83 1.55 -67.64
N GLY E 530 51.75 0.59 -67.57
CA GLY E 530 51.50 -0.59 -66.75
C GLY E 530 51.45 -0.26 -65.28
N ILE E 531 52.39 0.55 -64.81
CA ILE E 531 52.46 0.95 -63.40
C ILE E 531 52.74 2.45 -63.36
N LEU E 532 52.00 3.16 -62.52
CA LEU E 532 52.20 4.58 -62.32
C LEU E 532 52.33 4.87 -60.84
N ALA E 533 53.42 5.53 -60.45
CA ALA E 533 53.66 5.93 -59.06
C ALA E 533 53.63 7.44 -58.99
N TYR E 534 52.47 7.99 -58.64
CA TYR E 534 52.26 9.43 -58.59
C TYR E 534 52.34 9.85 -57.12
N ALA E 535 53.55 10.17 -56.67
CA ALA E 535 53.80 10.57 -55.29
C ALA E 535 53.39 9.47 -54.31
N SER E 536 53.59 8.22 -54.71
CA SER E 536 53.11 7.09 -53.94
C SER E 536 53.95 5.85 -54.26
N LYS E 537 53.79 4.83 -53.44
CA LYS E 537 54.60 3.63 -53.53
C LYS E 537 53.83 2.50 -54.20
N VAL E 538 54.54 1.71 -55.00
CA VAL E 538 54.01 0.48 -55.58
C VAL E 538 55.10 -0.58 -55.50
N PHE E 539 54.72 -1.80 -55.13
CA PHE E 539 55.65 -2.92 -55.10
C PHE E 539 55.16 -4.01 -56.02
N ALA E 540 56.05 -4.55 -56.84
CA ALA E 540 55.69 -5.65 -57.75
C ALA E 540 56.94 -6.50 -57.97
N GLU E 541 57.08 -7.56 -57.17
CA GLU E 541 58.32 -8.33 -57.17
C GLU E 541 58.66 -8.88 -58.55
N ALA E 542 57.71 -9.58 -59.17
CA ALA E 542 57.97 -10.25 -60.44
C ALA E 542 56.83 -10.04 -61.41
N SER E 543 56.34 -8.81 -61.50
CA SER E 543 55.20 -8.52 -62.35
C SER E 543 55.57 -8.69 -63.83
N ASN E 544 54.57 -9.05 -64.63
CA ASN E 544 54.72 -9.14 -66.08
C ASN E 544 53.92 -8.02 -66.72
N ILE E 545 54.62 -7.10 -67.38
CA ILE E 545 54.02 -5.94 -68.01
C ILE E 545 54.21 -6.05 -69.51
N SER E 546 53.13 -5.82 -70.26
CA SER E 546 53.19 -5.89 -71.72
C SER E 546 52.09 -5.04 -72.31
N GLY E 547 52.34 -4.55 -73.53
CA GLY E 547 51.32 -3.85 -74.30
C GLY E 547 51.06 -2.42 -73.89
N THR E 548 51.81 -1.87 -72.95
CA THR E 548 51.59 -0.49 -72.53
C THR E 548 51.94 0.46 -73.67
N LYS E 549 51.08 1.46 -73.87
CA LYS E 549 51.28 2.38 -74.99
C LYS E 549 52.44 3.33 -74.75
N ASN E 550 52.50 3.93 -73.56
CA ASN E 550 53.48 4.98 -73.31
C ASN E 550 54.76 4.47 -72.67
N GLU E 551 54.65 3.87 -71.48
CA GLU E 551 55.82 3.37 -70.77
C GLU E 551 55.42 2.20 -69.91
N PRO E 552 56.30 1.21 -69.73
CA PRO E 552 55.96 0.10 -68.82
C PRO E 552 55.76 0.53 -67.38
N VAL E 553 56.75 1.20 -66.79
CA VAL E 553 56.65 1.73 -65.44
C VAL E 553 56.92 3.22 -65.51
N TYR E 554 56.41 3.96 -64.54
CA TYR E 554 56.50 5.41 -64.53
C TYR E 554 56.31 5.91 -63.10
N ALA E 555 57.26 6.70 -62.61
CA ALA E 555 57.22 7.22 -61.26
C ALA E 555 57.47 8.72 -61.30
N THR E 556 56.73 9.46 -60.46
CA THR E 556 56.82 10.91 -60.48
C THR E 556 56.58 11.44 -59.07
N ARG E 557 57.16 12.61 -58.81
CA ARG E 557 56.90 13.38 -57.59
C ARG E 557 57.19 12.56 -56.32
N GLY E 558 58.34 11.90 -56.30
CA GLY E 558 58.76 11.16 -55.13
C GLY E 558 58.21 9.76 -55.01
N GLY E 559 57.45 9.28 -56.00
CA GLY E 559 56.94 7.93 -55.94
C GLY E 559 58.08 6.92 -55.99
N GLU E 560 57.85 5.77 -55.38
CA GLU E 560 58.84 4.70 -55.31
C GLU E 560 58.25 3.40 -55.83
N VAL E 561 58.98 2.74 -56.70
CA VAL E 561 58.58 1.44 -57.26
C VAL E 561 59.71 0.46 -57.00
N THR E 562 59.36 -0.71 -56.48
CA THR E 562 60.33 -1.78 -56.23
C THR E 562 59.86 -3.01 -57.02
N CYS E 563 60.24 -3.09 -58.29
CA CYS E 563 59.91 -4.21 -59.14
C CYS E 563 61.19 -4.94 -59.50
N PHE E 564 61.35 -6.16 -59.01
CA PHE E 564 62.60 -6.88 -59.19
C PHE E 564 62.56 -7.79 -60.43
N GLY E 565 61.63 -8.73 -60.48
CA GLY E 565 61.53 -9.59 -61.64
C GLY E 565 61.20 -8.79 -62.88
N SER E 566 59.98 -8.28 -62.94
CA SER E 566 59.58 -7.26 -63.91
C SER E 566 59.90 -7.67 -65.34
N ASN E 567 59.35 -8.82 -65.74
CA ASN E 567 59.49 -9.26 -67.12
C ASN E 567 58.62 -8.38 -68.02
N ILE E 568 59.27 -7.53 -68.81
CA ILE E 568 58.58 -6.49 -69.57
C ILE E 568 58.90 -6.65 -71.05
N SER E 569 57.90 -6.45 -71.90
CA SER E 569 58.06 -6.52 -73.35
C SER E 569 57.47 -5.24 -73.95
N SER E 570 58.32 -4.21 -74.09
CA SER E 570 57.88 -2.95 -74.67
C SER E 570 59.06 -2.26 -75.33
N ASN E 571 58.75 -1.50 -76.38
CA ASN E 571 59.80 -0.82 -77.14
C ASN E 571 60.32 0.42 -76.41
N LYS E 572 59.44 1.14 -75.72
CA LYS E 572 59.80 2.38 -75.05
C LYS E 572 60.79 2.11 -73.92
N THR E 573 61.29 3.20 -73.33
CA THR E 573 62.17 3.08 -72.18
C THR E 573 61.42 2.42 -71.02
N VAL E 574 61.96 1.29 -70.57
CA VAL E 574 61.22 0.46 -69.62
C VAL E 574 61.02 1.18 -68.29
N TYR E 575 62.09 1.73 -67.74
CA TYR E 575 62.04 2.40 -66.44
C TYR E 575 62.08 3.90 -66.63
N ASN E 576 61.14 4.60 -65.98
CA ASN E 576 61.08 6.05 -66.05
C ASN E 576 61.05 6.62 -64.65
N VAL E 577 61.78 7.72 -64.45
CA VAL E 577 61.85 8.39 -63.16
C VAL E 577 61.84 9.89 -63.39
N TYR E 578 60.98 10.60 -62.66
CA TYR E 578 60.90 12.05 -62.76
C TYR E 578 60.63 12.64 -61.39
N ASN E 579 61.24 13.81 -61.13
CA ASN E 579 60.96 14.61 -59.94
C ASN E 579 61.20 13.82 -58.66
N GLY E 580 62.43 13.34 -58.49
CA GLY E 580 62.83 12.74 -57.24
C GLY E 580 62.32 11.34 -56.97
N SER E 581 61.78 10.66 -57.99
CA SER E 581 61.27 9.32 -57.79
C SER E 581 62.42 8.33 -57.54
N ARG E 582 62.04 7.08 -57.28
CA ARG E 582 63.01 6.01 -57.06
C ARG E 582 62.47 4.72 -57.66
N ILE E 583 63.37 3.93 -58.25
CA ILE E 583 63.03 2.61 -58.77
C ILE E 583 64.16 1.66 -58.41
N PHE E 584 63.81 0.48 -57.90
CA PHE E 584 64.77 -0.55 -57.56
C PHE E 584 64.39 -1.82 -58.33
N THR E 585 65.36 -2.38 -59.05
CA THR E 585 65.06 -3.50 -59.94
C THR E 585 66.30 -4.38 -60.08
N ASP E 586 66.27 -5.27 -61.05
CA ASP E 586 67.33 -6.24 -61.27
C ASP E 586 68.12 -5.90 -62.52
N LYS E 587 69.44 -6.09 -62.46
CA LYS E 587 70.29 -5.88 -63.62
C LYS E 587 70.45 -7.13 -64.46
N ASP E 588 69.85 -8.25 -64.04
CA ASP E 588 69.98 -9.49 -64.80
C ASP E 588 69.39 -9.33 -66.21
N HIS E 589 68.23 -8.71 -66.30
CA HIS E 589 67.68 -8.35 -67.60
C HIS E 589 68.27 -7.02 -68.06
N GLY E 590 68.33 -6.83 -69.37
CA GLY E 590 68.78 -5.56 -69.91
C GLY E 590 67.62 -4.68 -70.30
N TYR E 591 67.29 -3.70 -69.45
CA TYR E 591 66.15 -2.83 -69.68
C TYR E 591 66.61 -1.37 -69.71
N SER E 592 66.04 -0.61 -70.64
CA SER E 592 66.38 0.80 -70.75
C SER E 592 65.94 1.55 -69.50
N THR E 593 66.76 2.51 -69.08
CA THR E 593 66.45 3.35 -67.93
C THR E 593 66.55 4.81 -68.33
N ASN E 594 65.64 5.62 -67.80
CA ASN E 594 65.65 7.05 -68.09
C ASN E 594 66.92 7.72 -67.58
N VAL E 595 67.35 7.34 -66.38
CA VAL E 595 68.50 7.95 -65.73
C VAL E 595 69.57 6.89 -65.55
N ASP E 596 70.83 7.30 -65.62
CA ASP E 596 71.93 6.38 -65.38
C ASP E 596 71.80 5.76 -64.00
N PRO E 597 71.83 4.43 -63.89
CA PRO E 597 71.58 3.80 -62.59
C PRO E 597 72.63 4.17 -61.55
N GLN E 598 72.21 4.12 -60.29
CA GLN E 598 73.07 4.43 -59.14
C GLN E 598 73.65 5.84 -59.23
N THR E 599 72.85 6.78 -59.71
CA THR E 599 73.25 8.18 -59.81
C THR E 599 72.13 9.05 -59.25
N LEU E 600 72.50 10.03 -58.44
CA LEU E 600 71.52 10.90 -57.79
C LEU E 600 71.18 12.07 -58.70
N SER E 601 70.60 11.74 -59.85
CA SER E 601 70.10 12.77 -60.74
C SER E 601 68.94 13.52 -60.09
N SER E 602 68.76 14.77 -60.54
CA SER E 602 67.65 15.57 -60.01
C SER E 602 66.31 14.94 -60.31
N LYS E 603 66.20 14.19 -61.41
CA LYS E 603 64.96 13.50 -61.72
C LYS E 603 64.68 12.39 -60.70
N GLY E 604 65.72 11.84 -60.09
CA GLY E 604 65.55 10.78 -59.12
C GLY E 604 66.74 9.85 -59.17
N LEU E 605 66.58 8.68 -58.56
CA LEU E 605 67.62 7.67 -58.56
C LEU E 605 67.04 6.32 -58.94
N ILE E 606 67.83 5.53 -59.66
CA ILE E 606 67.49 4.16 -60.00
C ILE E 606 68.66 3.27 -59.60
N ILE E 607 68.35 2.15 -58.96
CA ILE E 607 69.37 1.16 -58.60
C ILE E 607 69.05 -0.09 -59.40
N LEU E 608 69.85 -0.34 -60.44
CA LEU E 608 69.62 -1.51 -61.28
C LEU E 608 69.88 -2.81 -60.53
N GLY E 609 70.52 -2.73 -59.36
CA GLY E 609 70.74 -3.90 -58.55
C GLY E 609 71.69 -4.90 -59.17
N MET F 1 -18.67 -79.87 21.90
CA MET F 1 -17.89 -78.85 21.20
C MET F 1 -16.73 -79.49 20.47
N TYR F 2 -17.02 -80.18 19.37
CA TYR F 2 -15.97 -80.87 18.63
C TYR F 2 -16.33 -80.94 17.16
N ILE F 3 -15.35 -81.32 16.35
CA ILE F 3 -15.52 -81.56 14.92
C ILE F 3 -15.13 -83.00 14.64
N ASN F 4 -16.03 -83.74 14.00
CA ASN F 4 -15.74 -85.10 13.58
C ASN F 4 -16.16 -85.26 12.12
N ASN F 5 -15.30 -85.92 11.34
CA ASN F 5 -15.56 -86.19 9.93
C ASN F 5 -15.82 -84.92 9.12
N GLY F 6 -15.39 -83.77 9.64
CA GLY F 6 -15.60 -82.51 8.98
C GLY F 6 -16.89 -81.79 9.33
N ARG F 7 -17.72 -82.36 10.20
CA ARG F 7 -18.94 -81.70 10.66
C ARG F 7 -18.84 -81.44 12.16
N ILE F 8 -19.40 -80.32 12.59
CA ILE F 8 -19.27 -79.87 13.98
C ILE F 8 -20.49 -80.32 14.76
N ASN F 9 -20.28 -80.72 16.01
CA ASN F 9 -21.35 -81.10 16.91
C ASN F 9 -21.04 -80.56 18.30
N TYR F 10 -22.09 -80.15 19.01
CA TYR F 10 -21.96 -79.61 20.37
C TYR F 10 -22.65 -80.56 21.33
N ASN F 11 -21.90 -80.99 22.35
CA ASN F 11 -22.46 -81.83 23.40
C ASN F 11 -21.67 -81.60 24.69
N ASN F 12 -22.39 -81.44 25.80
CA ASN F 12 -21.78 -81.20 27.10
C ASN F 12 -21.88 -82.50 27.90
N GLU F 13 -20.77 -83.25 27.95
CA GLU F 13 -20.74 -84.47 28.74
C GLU F 13 -20.90 -84.17 30.22
N TYR F 14 -20.22 -83.13 30.70
CA TYR F 14 -20.26 -82.74 32.10
C TYR F 14 -21.04 -81.44 32.21
N GLY F 15 -22.35 -81.55 32.34
CA GLY F 15 -23.21 -80.39 32.45
C GLY F 15 -23.53 -80.05 33.89
N TYR F 16 -24.06 -78.84 34.13
CA TYR F 16 -24.39 -78.45 35.49
C TYR F 16 -25.65 -79.16 35.97
N ARG F 17 -26.67 -79.25 35.13
CA ARG F 17 -27.96 -79.82 35.50
C ARG F 17 -28.38 -80.87 34.48
N ARG F 18 -29.05 -81.90 34.95
CA ARG F 18 -29.73 -82.87 34.09
C ARG F 18 -31.18 -82.97 34.59
N GLY F 19 -32.13 -82.77 33.69
CA GLY F 19 -33.51 -82.74 34.12
C GLY F 19 -33.74 -81.67 35.16
N ILE F 20 -34.40 -82.06 36.25
CA ILE F 20 -34.58 -81.14 37.37
C ILE F 20 -33.40 -81.26 38.34
N TYR F 21 -32.77 -82.42 38.40
CA TYR F 21 -31.68 -82.64 39.33
C TYR F 21 -30.40 -81.95 38.87
N ARG F 22 -29.52 -81.67 39.82
CA ARG F 22 -28.30 -80.93 39.57
C ARG F 22 -27.10 -81.87 39.67
N GLU F 23 -26.23 -81.82 38.66
CA GLU F 23 -25.08 -82.71 38.59
C GLU F 23 -24.04 -82.34 39.66
N PRO F 24 -23.19 -83.28 40.04
CA PRO F 24 -22.17 -83.01 41.05
C PRO F 24 -20.86 -82.44 40.51
N PHE F 25 -20.76 -82.17 39.22
CA PHE F 25 -19.47 -81.77 38.65
C PHE F 25 -19.08 -80.36 39.10
N TYR F 26 -20.02 -79.43 39.11
CA TYR F 26 -19.72 -78.03 39.38
C TYR F 26 -20.33 -77.60 40.69
N SER F 27 -19.68 -76.63 41.33
CA SER F 27 -20.12 -76.10 42.62
C SER F 27 -20.74 -74.73 42.40
N ASP F 28 -21.93 -74.51 42.95
CA ASP F 28 -22.68 -73.29 42.74
C ASP F 28 -22.97 -72.54 44.04
N ASN F 29 -22.16 -72.73 45.07
CA ASN F 29 -22.31 -71.96 46.31
C ASN F 29 -21.40 -70.73 46.29
N ALA F 30 -21.50 -69.93 45.23
CA ALA F 30 -20.70 -68.73 45.08
C ALA F 30 -21.60 -67.61 44.55
N ASP F 31 -21.47 -66.43 45.15
CA ASP F 31 -22.27 -65.28 44.77
C ASP F 31 -21.42 -64.32 43.95
N TYR F 32 -21.92 -63.94 42.78
CA TYR F 32 -21.22 -63.05 41.87
C TYR F 32 -21.99 -61.73 41.76
N ASN F 33 -21.27 -60.62 41.78
CA ASN F 33 -21.90 -59.33 41.61
C ASN F 33 -22.46 -59.20 40.19
N THR F 34 -23.69 -58.71 40.10
CA THR F 34 -24.35 -58.48 38.82
C THR F 34 -24.53 -56.97 38.64
N ASN F 35 -23.83 -56.41 37.67
CA ASN F 35 -23.83 -54.97 37.42
C ASN F 35 -24.61 -54.67 36.16
N SER F 36 -25.85 -54.21 36.31
CA SER F 36 -26.72 -53.89 35.20
C SER F 36 -26.50 -52.46 34.73
N LYS F 37 -27.40 -51.98 33.88
CA LYS F 37 -27.29 -50.64 33.36
C LYS F 37 -28.06 -49.66 34.24
N SER F 38 -27.46 -48.50 34.51
CA SER F 38 -28.08 -47.48 35.33
C SER F 38 -28.84 -46.50 34.44
N TYR F 39 -29.27 -45.37 35.02
CA TYR F 39 -29.99 -44.37 34.24
C TYR F 39 -29.08 -43.71 33.21
N TYR F 40 -27.79 -43.57 33.54
CA TYR F 40 -26.89 -42.89 32.62
C TYR F 40 -26.80 -43.61 31.29
N ASP F 41 -26.98 -44.93 31.28
CA ASP F 41 -26.97 -45.66 30.02
C ASP F 41 -28.24 -45.40 29.22
N TYR F 42 -29.37 -45.23 29.90
CA TYR F 42 -30.59 -44.82 29.23
C TYR F 42 -30.40 -43.44 28.57
N LEU F 43 -29.80 -42.52 29.31
CA LEU F 43 -29.48 -41.21 28.74
C LEU F 43 -28.55 -41.34 27.55
N ALA F 44 -27.58 -42.25 27.64
CA ALA F 44 -26.62 -42.42 26.56
C ALA F 44 -27.29 -42.92 25.30
N ARG F 45 -28.19 -43.91 25.42
CA ARG F 45 -28.87 -44.40 24.23
C ARG F 45 -29.77 -43.32 23.62
N PHE F 46 -30.48 -42.58 24.48
CA PHE F 46 -31.30 -41.48 23.95
C PHE F 46 -30.43 -40.43 23.28
N ASN F 47 -29.25 -40.15 23.86
CA ASN F 47 -28.34 -39.19 23.26
C ASN F 47 -27.82 -39.68 21.93
N GLY F 48 -27.58 -40.98 21.80
CA GLY F 48 -27.20 -41.54 20.51
C GLY F 48 -28.27 -41.33 19.46
N PHE F 49 -29.53 -41.57 19.83
CA PHE F 49 -30.59 -41.30 18.87
C PHE F 49 -30.64 -39.82 18.50
N ILE F 50 -30.47 -38.94 19.48
CA ILE F 50 -30.50 -37.51 19.19
C ILE F 50 -29.35 -37.13 18.26
N PHE F 51 -28.18 -37.74 18.46
CA PHE F 51 -27.05 -37.50 17.57
C PHE F 51 -27.37 -37.92 16.15
N GLU F 52 -27.99 -39.09 15.99
CA GLU F 52 -28.36 -39.53 14.64
C GLU F 52 -29.39 -38.61 14.01
N LEU F 53 -30.36 -38.15 14.80
CA LEU F 53 -31.36 -37.22 14.27
C LEU F 53 -30.72 -35.91 13.84
N CYS F 54 -29.80 -35.39 14.64
CA CYS F 54 -29.10 -34.16 14.26
C CYS F 54 -28.30 -34.36 12.99
N ASP F 55 -27.66 -35.52 12.85
CA ASP F 55 -26.93 -35.80 11.62
C ASP F 55 -27.86 -35.81 10.41
N PHE F 56 -29.03 -36.44 10.55
CA PHE F 56 -29.99 -36.48 9.45
C PHE F 56 -30.47 -35.09 9.08
N VAL F 57 -30.79 -34.27 10.09
CA VAL F 57 -31.30 -32.93 9.83
C VAL F 57 -30.23 -32.08 9.16
N ASN F 58 -28.97 -32.21 9.62
CA ASN F 58 -27.89 -31.46 8.99
C ASN F 58 -27.69 -31.90 7.54
N GLY F 59 -27.85 -33.20 7.27
CA GLY F 59 -27.78 -33.65 5.88
C GLY F 59 -28.86 -33.02 5.02
N LEU F 60 -30.08 -32.95 5.54
CA LEU F 60 -31.15 -32.30 4.79
C LEU F 60 -30.84 -30.81 4.55
N ALA F 61 -30.30 -30.14 5.57
CA ALA F 61 -29.95 -28.73 5.41
C ALA F 61 -28.86 -28.55 4.37
N ASP F 62 -27.88 -29.44 4.35
CA ASP F 62 -26.82 -29.37 3.35
C ASP F 62 -27.38 -29.57 1.95
N ASP F 63 -28.30 -30.52 1.78
CA ASP F 63 -28.92 -30.73 0.48
C ASP F 63 -29.68 -29.48 0.03
N ILE F 64 -30.43 -28.87 0.95
CA ILE F 64 -31.19 -27.67 0.62
C ILE F 64 -30.24 -26.56 0.18
N GLN F 65 -29.17 -26.34 0.94
CA GLN F 65 -28.25 -25.26 0.62
C GLN F 65 -27.56 -25.51 -0.72
N LYS F 66 -27.15 -26.75 -0.99
CA LYS F 66 -26.48 -27.05 -2.24
C LYS F 66 -27.41 -26.85 -3.43
N MET F 67 -28.68 -27.26 -3.29
CA MET F 67 -29.62 -27.08 -4.39
C MET F 67 -29.91 -25.60 -4.62
N LYS F 68 -30.05 -24.82 -3.55
CA LYS F 68 -30.25 -23.39 -3.71
C LYS F 68 -29.06 -22.74 -4.39
N ASP F 69 -27.84 -23.14 -4.00
CA ASP F 69 -26.65 -22.60 -4.64
C ASP F 69 -26.61 -22.94 -6.12
N THR F 70 -26.93 -24.19 -6.46
CA THR F 70 -26.91 -24.60 -7.86
C THR F 70 -27.92 -23.80 -8.68
N TYR F 71 -29.14 -23.64 -8.16
CA TYR F 71 -30.14 -22.92 -8.93
C TYR F 71 -29.82 -21.44 -9.04
N GLU F 72 -29.29 -20.84 -7.97
CA GLU F 72 -28.91 -19.43 -8.03
C GLU F 72 -27.78 -19.21 -9.03
N ALA F 73 -26.80 -20.12 -9.05
CA ALA F 73 -25.72 -20.02 -10.03
C ALA F 73 -26.25 -20.18 -11.45
N LEU F 74 -27.18 -21.11 -11.64
CA LEU F 74 -27.72 -21.35 -12.98
C LEU F 74 -28.53 -20.15 -13.48
N THR F 75 -29.34 -19.56 -12.61
CA THR F 75 -30.28 -18.54 -13.07
C THR F 75 -29.62 -17.18 -13.22
N LEU F 76 -28.39 -17.00 -12.71
CA LEU F 76 -27.70 -15.73 -12.80
C LEU F 76 -26.47 -15.78 -13.70
N SER F 77 -26.42 -16.73 -14.63
CA SER F 77 -25.30 -16.78 -15.56
C SER F 77 -25.28 -15.56 -16.46
N ASN F 78 -26.44 -15.09 -16.89
CA ASN F 78 -26.51 -13.94 -17.78
C ASN F 78 -26.29 -12.63 -17.05
N THR F 79 -26.54 -12.58 -15.75
CA THR F 79 -26.38 -11.34 -15.01
C THR F 79 -24.92 -10.98 -14.77
N ASP F 80 -24.66 -9.79 -14.25
CA ASP F 80 -23.31 -9.35 -13.97
C ASP F 80 -23.17 -9.01 -12.50
N VAL F 81 -22.28 -9.68 -11.80
CA VAL F 81 -22.34 -9.71 -10.34
C VAL F 81 -21.26 -8.86 -9.69
N THR F 82 -21.50 -8.42 -8.47
CA THR F 82 -20.52 -7.61 -7.74
C THR F 82 -20.35 -8.06 -6.32
N TYR F 83 -19.18 -8.57 -5.97
CA TYR F 83 -18.89 -9.02 -4.62
C TYR F 83 -18.04 -7.97 -3.92
N THR F 84 -18.50 -7.51 -2.76
CA THR F 84 -17.77 -6.54 -1.97
C THR F 84 -17.02 -7.28 -0.88
N VAL F 85 -15.71 -7.04 -0.79
CA VAL F 85 -14.85 -7.73 0.17
C VAL F 85 -14.39 -6.70 1.20
N GLY F 86 -14.63 -6.99 2.46
CA GLY F 86 -14.25 -6.08 3.51
C GLY F 86 -14.89 -6.46 4.82
N GLN F 87 -14.83 -5.54 5.78
CA GLN F 87 -15.44 -5.79 7.08
C GLN F 87 -16.95 -5.94 6.94
N LYS F 88 -17.60 -5.07 6.18
CA LYS F 88 -19.03 -5.09 5.98
C LYS F 88 -19.42 -5.62 4.61
N GLY F 89 -18.49 -6.24 3.89
CA GLY F 89 -18.78 -6.75 2.57
C GLY F 89 -19.47 -8.09 2.60
N ASP F 90 -19.75 -8.60 1.39
CA ASP F 90 -20.37 -9.91 1.28
C ASP F 90 -19.47 -11.00 1.84
N PHE F 91 -18.16 -10.81 1.78
CA PHE F 91 -17.20 -11.79 2.26
C PHE F 91 -16.20 -11.13 3.18
N ASP F 92 -15.82 -11.84 4.24
CA ASP F 92 -14.95 -11.27 5.26
C ASP F 92 -13.56 -11.02 4.69
N THR F 93 -12.97 -12.01 4.02
CA THR F 93 -11.65 -11.89 3.45
C THR F 93 -11.70 -12.22 1.96
N LEU F 94 -10.61 -11.86 1.26
CA LEU F 94 -10.54 -12.12 -0.17
C LEU F 94 -10.54 -13.61 -0.46
N ASN F 95 -9.82 -14.40 0.35
CA ASN F 95 -9.76 -15.84 0.11
C ASN F 95 -11.14 -16.49 0.24
N HIS F 96 -11.97 -15.98 1.16
CA HIS F 96 -13.33 -16.50 1.27
C HIS F 96 -14.17 -16.09 0.07
N CYS F 97 -13.91 -14.91 -0.49
CA CYS F 97 -14.65 -14.47 -1.67
C CYS F 97 -14.34 -15.35 -2.87
N PHE F 98 -13.08 -15.73 -3.04
CA PHE F 98 -12.70 -16.54 -4.19
C PHE F 98 -12.93 -18.03 -3.97
N GLU F 99 -13.27 -18.44 -2.75
CA GLU F 99 -13.73 -19.82 -2.56
C GLU F 99 -15.18 -19.96 -3.03
N HIS F 100 -15.96 -18.89 -2.90
CA HIS F 100 -17.33 -18.91 -3.43
C HIS F 100 -17.32 -18.91 -4.95
N ILE F 101 -16.45 -18.09 -5.56
CA ILE F 101 -16.38 -18.02 -7.01
C ILE F 101 -15.96 -19.36 -7.59
N GLU F 102 -14.99 -20.02 -6.95
CA GLU F 102 -14.55 -21.33 -7.41
C GLU F 102 -15.67 -22.36 -7.33
N ASP F 103 -16.57 -22.22 -6.34
CA ASP F 103 -17.61 -23.21 -6.13
C ASP F 103 -18.83 -23.01 -7.01
N LEU F 104 -18.89 -21.91 -7.77
CA LEU F 104 -20.05 -21.67 -8.62
C LEU F 104 -20.16 -22.74 -9.69
N ILE F 105 -21.39 -23.20 -9.93
CA ILE F 105 -21.61 -24.23 -10.94
C ILE F 105 -21.33 -23.68 -12.34
N VAL F 106 -21.89 -22.51 -12.64
CA VAL F 106 -21.70 -21.86 -13.93
C VAL F 106 -21.31 -20.41 -13.66
N GLN F 107 -20.16 -19.99 -14.19
CA GLN F 107 -19.69 -18.65 -13.95
C GLN F 107 -20.57 -17.63 -14.68
N PRO F 108 -20.84 -16.48 -14.07
CA PRO F 108 -21.71 -15.50 -14.72
C PRO F 108 -21.01 -14.76 -15.84
N LYS F 109 -21.68 -13.75 -16.41
CA LYS F 109 -21.09 -12.99 -17.51
C LYS F 109 -19.84 -12.25 -17.07
N SER F 110 -19.87 -11.64 -15.89
CA SER F 110 -18.72 -10.89 -15.39
C SER F 110 -18.88 -10.67 -13.90
N ILE F 111 -17.78 -10.79 -13.17
CA ILE F 111 -17.75 -10.60 -11.72
C ILE F 111 -16.83 -9.42 -11.42
N ARG F 112 -17.24 -8.58 -10.49
CA ARG F 112 -16.47 -7.41 -10.09
C ARG F 112 -16.28 -7.45 -8.59
N VAL F 113 -15.15 -7.97 -8.14
CA VAL F 113 -14.84 -8.08 -6.72
C VAL F 113 -14.34 -6.72 -6.24
N ILE F 114 -15.13 -6.05 -5.42
CA ILE F 114 -14.83 -4.69 -4.98
C ILE F 114 -14.24 -4.76 -3.58
N LEU F 115 -12.99 -4.35 -3.44
CA LEU F 115 -12.36 -4.26 -2.12
C LEU F 115 -12.79 -2.96 -1.47
N LEU F 116 -13.44 -3.05 -0.31
CA LEU F 116 -13.92 -1.87 0.38
C LEU F 116 -12.75 -1.07 0.94
N LYS F 117 -13.05 0.14 1.42
CA LYS F 117 -12.02 0.99 2.00
C LYS F 117 -11.48 0.41 3.29
N ASP F 118 -12.22 -0.48 3.94
CA ASP F 118 -11.78 -1.05 5.21
C ASP F 118 -10.89 -2.26 5.05
N TYR F 119 -10.62 -2.69 3.82
CA TYR F 119 -9.86 -3.92 3.60
C TYR F 119 -8.36 -3.63 3.63
N MET F 120 -7.63 -4.49 4.33
CA MET F 120 -6.20 -4.35 4.53
C MET F 120 -5.60 -5.74 4.34
N MET F 121 -4.94 -5.95 3.20
CA MET F 121 -4.56 -7.29 2.78
C MET F 121 -3.67 -7.97 3.81
N ARG F 122 -4.06 -9.17 4.23
CA ARG F 122 -3.30 -9.93 5.21
C ARG F 122 -3.23 -11.41 4.90
N GLU F 123 -3.55 -11.82 3.66
CA GLU F 123 -3.51 -13.21 3.27
C GLU F 123 -3.08 -13.30 1.82
N GLN F 124 -2.56 -14.48 1.45
CA GLN F 124 -2.05 -14.70 0.11
C GLN F 124 -3.14 -15.36 -0.74
N LEU F 125 -3.35 -14.83 -1.95
CA LEU F 125 -4.30 -15.38 -2.89
C LEU F 125 -3.57 -16.24 -3.90
N PHE F 126 -3.95 -17.51 -3.98
CA PHE F 126 -3.33 -18.47 -4.89
C PHE F 126 -4.37 -19.01 -5.84
N LEU F 127 -4.13 -18.91 -7.13
CA LEU F 127 -4.98 -19.48 -8.16
C LEU F 127 -4.15 -20.45 -8.99
N ARG F 128 -4.76 -21.57 -9.36
CA ARG F 128 -4.03 -22.65 -10.02
C ARG F 128 -4.97 -23.35 -10.99
N ASP F 129 -4.72 -23.18 -12.29
CA ASP F 129 -5.62 -23.64 -13.35
C ASP F 129 -7.04 -23.10 -13.16
N LYS F 130 -7.17 -21.77 -13.17
CA LYS F 130 -8.46 -21.11 -13.15
C LYS F 130 -8.49 -20.09 -14.28
N ARG F 131 -9.49 -20.20 -15.17
CA ARG F 131 -9.62 -19.29 -16.30
C ARG F 131 -10.62 -18.20 -15.94
N TYR F 132 -10.12 -17.20 -15.20
CA TYR F 132 -10.95 -16.09 -14.74
C TYR F 132 -10.76 -14.88 -15.67
N ASN F 133 -11.27 -15.02 -16.89
CA ASN F 133 -11.23 -13.89 -17.82
C ASN F 133 -12.09 -12.75 -17.31
N HIS F 134 -13.33 -13.04 -16.93
CA HIS F 134 -14.30 -11.99 -16.65
C HIS F 134 -14.04 -11.28 -15.33
N ILE F 135 -13.60 -12.02 -14.31
CA ILE F 135 -13.49 -11.44 -12.98
C ILE F 135 -12.49 -10.30 -12.97
N THR F 136 -12.85 -9.21 -12.30
CA THR F 136 -11.97 -8.06 -12.13
C THR F 136 -11.96 -7.66 -10.65
N ILE F 137 -10.78 -7.39 -10.13
CA ILE F 137 -10.60 -7.02 -8.73
C ILE F 137 -10.36 -5.52 -8.66
N THR F 138 -11.28 -4.81 -8.04
CA THR F 138 -11.23 -3.35 -7.97
C THR F 138 -11.32 -2.92 -6.50
N SER F 139 -10.64 -1.84 -6.17
CA SER F 139 -10.69 -1.28 -4.83
C SER F 139 -11.22 0.15 -4.90
N GLU F 140 -12.04 0.52 -3.93
CA GLU F 140 -12.49 1.91 -3.85
C GLU F 140 -11.32 2.84 -3.54
N ASN F 141 -10.41 2.41 -2.67
CA ASN F 141 -9.19 3.16 -2.44
C ASN F 141 -8.29 3.09 -3.67
N ASP F 142 -7.46 4.12 -3.84
CA ASP F 142 -6.54 4.13 -4.96
C ASP F 142 -5.54 2.99 -4.84
N ILE F 143 -5.01 2.76 -3.64
CA ILE F 143 -4.02 1.72 -3.39
C ILE F 143 -4.51 0.85 -2.24
N VAL F 144 -3.99 -0.36 -2.17
CA VAL F 144 -4.35 -1.33 -1.13
C VAL F 144 -3.07 -1.78 -0.44
N GLU F 145 -2.98 -1.55 0.87
CA GLU F 145 -1.79 -1.93 1.61
C GLU F 145 -1.71 -3.44 1.78
N ALA F 146 -0.50 -3.95 1.97
CA ALA F 146 -0.25 -5.36 2.19
C ALA F 146 0.56 -5.51 3.47
N TYR F 147 0.04 -6.28 4.42
CA TYR F 147 0.66 -6.46 5.72
C TYR F 147 1.10 -7.91 5.88
N GLU F 148 1.59 -8.23 7.08
CA GLU F 148 2.08 -9.58 7.35
C GLU F 148 0.97 -10.60 7.16
N THR F 149 1.29 -11.70 6.50
CA THR F 149 0.32 -12.71 6.15
C THR F 149 0.20 -13.76 7.24
N GLU F 150 -1.02 -14.26 7.45
CA GLU F 150 -1.23 -15.29 8.46
C GLU F 150 -0.57 -16.60 8.06
N LEU F 151 -0.63 -16.95 6.78
CA LEU F 151 0.03 -18.14 6.25
C LEU F 151 1.20 -17.70 5.38
N ASN F 152 2.40 -18.15 5.72
CA ASN F 152 3.59 -17.84 4.93
C ASN F 152 3.82 -18.98 3.94
N ARG F 153 3.01 -18.97 2.88
CA ARG F 153 3.15 -19.96 1.81
C ARG F 153 4.16 -19.47 0.80
N GLN F 154 5.17 -20.29 0.54
CA GLN F 154 6.26 -19.95 -0.36
C GLN F 154 6.21 -20.83 -1.60
N VAL F 155 6.50 -20.24 -2.75
CA VAL F 155 6.58 -20.96 -4.01
C VAL F 155 8.02 -20.88 -4.51
N GLU F 156 8.52 -22.00 -5.03
CA GLU F 156 9.89 -22.11 -5.49
C GLU F 156 9.90 -22.32 -7.00
N ILE F 157 10.70 -21.52 -7.70
CA ILE F 157 10.85 -21.61 -9.14
C ILE F 157 12.07 -22.44 -9.47
N LYS F 158 11.90 -23.44 -10.32
CA LYS F 158 12.97 -24.37 -10.67
C LYS F 158 13.48 -24.01 -12.06
N THR F 159 14.47 -23.13 -12.12
CA THR F 159 15.11 -22.72 -13.36
C THR F 159 16.61 -22.66 -13.12
N ASN F 160 17.35 -22.02 -14.03
CA ASN F 160 18.79 -21.95 -13.87
C ASN F 160 19.18 -21.25 -12.57
N PRO F 161 18.69 -20.03 -12.27
CA PRO F 161 18.80 -19.55 -10.89
C PRO F 161 17.56 -19.94 -10.11
N ILE F 162 17.74 -20.60 -8.96
CA ILE F 162 16.63 -21.06 -8.14
C ILE F 162 16.43 -20.04 -7.02
N PHE F 163 15.21 -19.51 -6.91
CA PHE F 163 14.90 -18.52 -5.89
C PHE F 163 13.51 -18.80 -5.33
N ARG F 164 13.38 -18.69 -4.01
CA ARG F 164 12.14 -18.92 -3.31
C ARG F 164 11.44 -17.58 -3.07
N VAL F 165 10.17 -17.49 -3.46
CA VAL F 165 9.42 -16.25 -3.42
C VAL F 165 8.15 -16.48 -2.64
N LYS F 166 7.81 -15.54 -1.76
CA LYS F 166 6.55 -15.56 -1.05
C LYS F 166 5.58 -14.62 -1.76
N PRO F 167 4.68 -15.10 -2.60
CA PRO F 167 3.88 -14.20 -3.41
C PRO F 167 2.57 -13.79 -2.73
N LEU F 168 2.28 -12.49 -2.75
CA LEU F 168 0.97 -12.05 -2.27
C LEU F 168 -0.14 -12.49 -3.22
N PHE F 169 0.14 -12.51 -4.52
CA PHE F 169 -0.76 -13.04 -5.53
C PHE F 169 0.01 -14.05 -6.35
N TYR F 170 -0.68 -15.07 -6.86
CA TYR F 170 0.01 -16.16 -7.55
C TYR F 170 -0.96 -16.82 -8.52
N GLY F 171 -0.50 -17.08 -9.74
CA GLY F 171 -1.31 -17.77 -10.72
C GLY F 171 -0.50 -18.65 -11.64
N ILE F 172 -0.84 -19.93 -11.72
CA ILE F 172 -0.08 -20.88 -12.53
C ILE F 172 -1.06 -21.61 -13.45
N ASN F 173 -0.70 -21.70 -14.74
CA ASN F 173 -1.51 -22.39 -15.74
C ASN F 173 -2.95 -21.88 -15.75
N SER F 174 -3.09 -20.57 -15.59
CA SER F 174 -4.39 -19.97 -15.33
C SER F 174 -4.52 -18.69 -16.13
N THR F 175 -5.51 -17.88 -15.77
CA THR F 175 -5.72 -16.56 -16.35
C THR F 175 -6.16 -15.62 -15.24
N PHE F 176 -5.24 -14.83 -14.73
CA PHE F 176 -5.49 -14.06 -13.52
C PHE F 176 -6.55 -12.98 -13.79
N PRO F 177 -7.40 -12.68 -12.82
CA PRO F 177 -8.37 -11.60 -12.99
C PRO F 177 -7.70 -10.25 -13.12
N LYS F 178 -8.37 -9.34 -13.82
CA LYS F 178 -7.85 -7.99 -14.00
C LYS F 178 -7.70 -7.30 -12.66
N ILE F 179 -6.61 -6.57 -12.47
CA ILE F 179 -6.29 -5.91 -11.21
C ILE F 179 -6.51 -4.41 -11.35
N ASP F 180 -7.22 -3.82 -10.40
CA ASP F 180 -7.61 -2.41 -10.45
C ASP F 180 -7.18 -1.67 -9.21
N PHE F 181 -5.95 -1.89 -8.74
CA PHE F 181 -5.46 -1.19 -7.57
C PHE F 181 -3.95 -1.29 -7.53
N LYS F 182 -3.35 -0.59 -6.58
CA LYS F 182 -1.91 -0.58 -6.38
C LYS F 182 -1.58 -1.25 -5.06
N LEU F 183 -0.73 -2.26 -5.09
CA LEU F 183 -0.29 -2.94 -3.88
C LEU F 183 0.95 -2.26 -3.33
N GLN F 184 0.85 -1.76 -2.10
CA GLN F 184 1.97 -1.15 -1.41
C GLN F 184 2.26 -1.96 -0.16
N ASN F 185 3.46 -2.54 -0.09
CA ASN F 185 3.82 -3.37 1.04
C ASN F 185 3.96 -2.54 2.30
N LYS F 186 3.54 -3.10 3.43
CA LYS F 186 3.74 -2.49 4.73
C LYS F 186 4.48 -3.42 5.70
N ASP F 187 4.80 -4.63 5.28
CA ASP F 187 5.58 -5.57 6.07
C ASP F 187 7.02 -5.53 5.59
N PHE F 188 7.95 -5.22 6.49
CA PHE F 188 9.37 -5.20 6.17
C PHE F 188 10.15 -6.25 6.94
N SER F 189 9.49 -7.35 7.33
CA SER F 189 10.16 -8.39 8.11
C SER F 189 10.67 -9.51 7.21
N ASP F 190 9.79 -10.08 6.38
CA ASP F 190 10.16 -11.20 5.52
C ASP F 190 10.84 -10.66 4.27
N THR F 191 12.03 -11.17 3.97
CA THR F 191 12.85 -10.65 2.89
C THR F 191 12.70 -11.41 1.58
N ILE F 192 11.60 -12.15 1.40
CA ILE F 192 11.34 -12.84 0.13
C ILE F 192 9.95 -12.57 -0.40
N ASN F 193 9.19 -11.67 0.22
CA ASN F 193 7.82 -11.44 -0.20
C ASN F 193 7.78 -10.75 -1.56
N CYS F 194 6.66 -10.92 -2.26
CA CYS F 194 6.50 -10.40 -3.61
C CYS F 194 5.05 -10.00 -3.84
N GLY F 195 4.86 -8.95 -4.63
CA GLY F 195 3.52 -8.47 -4.91
C GLY F 195 2.73 -9.43 -5.79
N PHE F 196 3.27 -9.74 -6.96
CA PHE F 196 2.57 -10.60 -7.91
C PHE F 196 3.56 -11.58 -8.52
N LEU F 197 3.15 -12.85 -8.59
CA LEU F 197 3.95 -13.88 -9.24
C LEU F 197 3.07 -14.56 -10.26
N MET F 198 3.46 -14.49 -11.53
CA MET F 198 2.68 -15.05 -12.62
C MET F 198 3.49 -16.17 -13.27
N ASP F 199 2.81 -17.19 -13.77
CA ASP F 199 3.46 -18.37 -14.32
C ASP F 199 2.52 -18.98 -15.34
N ASN F 200 2.88 -18.88 -16.62
CA ASN F 200 2.09 -19.44 -17.72
C ASN F 200 0.65 -18.91 -17.68
N THR F 201 0.52 -17.61 -17.41
CA THR F 201 -0.78 -16.97 -17.26
C THR F 201 -0.77 -15.63 -17.97
N THR F 202 -1.94 -15.16 -18.37
CA THR F 202 -2.10 -13.82 -18.93
C THR F 202 -2.58 -12.90 -17.84
N PHE F 203 -1.75 -11.92 -17.47
CA PHE F 203 -2.02 -11.02 -16.36
C PHE F 203 -2.09 -9.60 -16.87
N GLU F 204 -3.14 -8.88 -16.48
CA GLU F 204 -3.36 -7.54 -16.99
C GLU F 204 -3.72 -6.59 -15.86
N MET F 205 -3.03 -5.44 -15.82
CA MET F 205 -3.34 -4.38 -14.88
C MET F 205 -4.01 -3.25 -15.64
N THR F 206 -4.81 -2.45 -14.94
CA THR F 206 -5.64 -1.48 -15.62
C THR F 206 -5.13 -0.04 -15.53
N GLU F 207 -3.82 0.17 -15.48
CA GLU F 207 -3.14 1.46 -15.53
C GLU F 207 -3.42 2.32 -14.30
N ARG F 208 -4.11 1.78 -13.30
CA ARG F 208 -4.41 2.51 -12.08
C ARG F 208 -3.51 2.12 -10.92
N GLY F 209 -2.78 1.00 -11.03
CA GLY F 209 -2.01 0.52 -9.90
C GLY F 209 -0.74 -0.21 -10.31
N GLY F 210 -0.05 -0.71 -9.30
CA GLY F 210 1.17 -1.48 -9.46
C GLY F 210 1.55 -2.07 -8.12
N SER F 211 2.74 -2.65 -8.07
CA SER F 211 3.27 -3.22 -6.83
C SER F 211 4.45 -2.38 -6.36
N THR F 212 4.39 -1.96 -5.10
CA THR F 212 5.33 -0.97 -4.57
C THR F 212 5.84 -1.44 -3.21
N HIS F 213 7.12 -1.16 -2.96
CA HIS F 213 7.79 -1.27 -1.67
C HIS F 213 8.08 -2.70 -1.23
N PHE F 214 7.71 -3.71 -2.01
CA PHE F 214 7.90 -5.08 -1.57
C PHE F 214 9.39 -5.39 -1.41
N ASN F 215 9.70 -6.32 -0.50
CA ASN F 215 11.09 -6.53 -0.12
C ASN F 215 11.91 -7.14 -1.25
N PHE F 216 11.41 -8.22 -1.87
CA PHE F 216 12.21 -8.95 -2.84
C PHE F 216 11.94 -8.51 -4.28
N ILE F 217 10.74 -8.71 -4.77
CA ILE F 217 10.41 -8.36 -6.16
C ILE F 217 8.97 -7.87 -6.19
N GLY F 218 8.66 -7.01 -7.17
CA GLY F 218 7.32 -6.49 -7.28
C GLY F 218 6.46 -7.22 -8.28
N LEU F 219 7.06 -7.93 -9.23
CA LEU F 219 6.31 -8.70 -10.20
C LEU F 219 7.25 -9.68 -10.85
N CYS F 220 6.76 -10.88 -11.12
CA CYS F 220 7.54 -11.92 -11.77
C CYS F 220 6.76 -12.49 -12.93
N GLY F 221 7.45 -12.77 -14.03
CA GLY F 221 6.83 -13.42 -15.16
C GLY F 221 7.66 -14.59 -15.62
N VAL F 222 7.12 -15.80 -15.51
CA VAL F 222 7.87 -17.02 -15.78
C VAL F 222 7.04 -17.89 -16.70
N ASN F 223 7.73 -18.80 -17.39
CA ASN F 223 7.10 -19.92 -18.08
C ASN F 223 6.10 -19.46 -19.13
N GLY F 224 6.46 -18.41 -19.86
CA GLY F 224 5.66 -17.96 -20.99
C GLY F 224 4.43 -17.17 -20.65
N SER F 225 4.34 -16.62 -19.44
CA SER F 225 3.24 -15.74 -19.11
C SER F 225 3.28 -14.51 -19.99
N HIS F 226 2.15 -13.80 -20.06
CA HIS F 226 2.10 -12.50 -20.71
C HIS F 226 1.57 -11.48 -19.73
N ILE F 227 2.33 -10.41 -19.52
CA ILE F 227 2.02 -9.39 -18.54
C ILE F 227 1.81 -8.07 -19.25
N GLN F 228 0.62 -7.50 -19.08
CA GLN F 228 0.28 -6.21 -19.67
C GLN F 228 0.10 -5.22 -18.54
N THR F 229 1.04 -4.29 -18.41
CA THR F 229 1.03 -3.32 -17.32
C THR F 229 1.49 -1.97 -17.85
N ASN F 230 0.53 -1.18 -18.35
CA ASN F 230 0.80 0.17 -18.83
C ASN F 230 0.51 1.18 -17.73
N TYR F 231 1.29 2.26 -17.71
CA TYR F 231 1.09 3.37 -16.78
C TYR F 231 1.09 2.93 -15.32
N CYS F 232 1.88 1.91 -14.99
CA CYS F 232 1.92 1.39 -13.63
C CYS F 232 3.18 1.88 -12.90
N ASP F 233 3.22 1.59 -11.61
CA ASP F 233 4.32 2.00 -10.75
C ASP F 233 4.88 0.79 -10.04
N PHE F 234 6.19 0.57 -10.16
CA PHE F 234 6.91 -0.47 -9.44
C PHE F 234 8.13 0.19 -8.82
N SER F 235 7.98 0.79 -7.65
CA SER F 235 9.03 1.59 -7.05
C SER F 235 9.34 1.10 -5.64
N TYR F 236 10.62 1.21 -5.27
CA TYR F 236 11.16 0.87 -3.95
C TYR F 236 11.15 -0.63 -3.68
N ASN F 237 10.92 -1.47 -4.68
CA ASN F 237 10.86 -2.92 -4.49
C ASN F 237 12.27 -3.47 -4.32
N GLY F 238 12.82 -3.29 -3.12
CA GLY F 238 14.10 -3.90 -2.84
C GLY F 238 14.80 -3.21 -1.68
N ASN F 239 16.13 -3.24 -1.76
CA ASN F 239 17.03 -2.83 -0.70
C ASN F 239 17.45 -1.37 -0.81
N ARG F 240 16.82 -0.60 -1.69
CA ARG F 240 17.35 0.73 -2.04
C ARG F 240 17.42 1.65 -0.84
N GLU F 241 16.54 1.47 0.14
CA GLU F 241 16.51 2.40 1.27
C GLU F 241 17.70 2.27 2.20
N GLN F 242 18.54 1.24 2.03
CA GLN F 242 19.59 0.98 3.00
C GLN F 242 21.00 1.07 2.43
N LEU F 243 21.23 0.62 1.20
CA LEU F 243 22.60 0.53 0.71
C LEU F 243 23.19 1.92 0.48
N GLU F 244 24.52 1.99 0.57
CA GLU F 244 25.24 3.25 0.45
C GLU F 244 25.18 3.79 -0.97
N GLU F 245 25.46 5.08 -1.10
CA GLU F 245 25.51 5.74 -2.40
C GLU F 245 26.95 5.85 -2.86
N TYR F 246 27.14 5.85 -4.18
CA TYR F 246 28.46 5.98 -4.81
C TYR F 246 29.42 4.88 -4.39
N ASN F 247 28.91 3.68 -4.14
CA ASN F 247 29.71 2.52 -3.78
C ASN F 247 29.21 1.35 -4.61
N LYS F 248 30.00 0.93 -5.60
CA LYS F 248 29.59 -0.12 -6.51
C LYS F 248 29.73 -1.51 -5.91
N ASP F 249 30.46 -1.65 -4.81
CA ASP F 249 30.78 -2.95 -4.23
C ASP F 249 30.02 -3.07 -2.90
N GLN F 250 28.77 -3.50 -2.98
CA GLN F 250 27.96 -3.74 -1.79
C GLN F 250 26.80 -4.66 -2.14
N ASN F 251 26.17 -5.19 -1.12
CA ASN F 251 25.09 -6.16 -1.29
C ASN F 251 23.84 -5.45 -1.80
N MET F 252 23.61 -5.54 -3.11
CA MET F 252 22.37 -5.07 -3.71
C MET F 252 21.40 -6.24 -3.75
N TYR F 253 20.21 -6.05 -3.20
CA TYR F 253 19.22 -7.12 -3.09
C TYR F 253 17.85 -6.61 -3.52
N GLY F 254 17.07 -7.50 -4.11
CA GLY F 254 15.70 -7.17 -4.45
C GLY F 254 15.58 -6.35 -5.71
N ASP F 255 14.67 -6.73 -6.60
CA ASP F 255 14.57 -6.07 -7.89
C ASP F 255 13.15 -6.16 -8.40
N GLY F 256 12.63 -5.04 -8.89
CA GLY F 256 11.25 -4.98 -9.35
C GLY F 256 11.13 -5.38 -10.82
N LEU F 257 9.98 -5.96 -11.17
CA LEU F 257 9.62 -6.29 -12.54
C LEU F 257 10.63 -7.25 -13.18
N ARG F 258 10.67 -8.46 -12.63
CA ARG F 258 11.51 -9.53 -13.17
C ARG F 258 10.70 -10.34 -14.18
N ILE F 259 11.28 -10.55 -15.36
CA ILE F 259 10.61 -11.23 -16.46
C ILE F 259 11.54 -12.31 -17.02
N PHE F 260 11.10 -13.56 -16.95
CA PHE F 260 11.82 -14.69 -17.54
C PHE F 260 10.95 -15.36 -18.59
N ASN F 261 11.44 -15.44 -19.82
CA ASN F 261 10.77 -16.17 -20.89
C ASN F 261 9.32 -15.74 -21.04
N SER F 262 9.07 -14.45 -20.86
CA SER F 262 7.70 -13.94 -20.85
C SER F 262 7.62 -12.68 -21.68
N SER F 263 6.41 -12.39 -22.16
CA SER F 263 6.16 -11.23 -23.01
C SER F 263 5.45 -10.17 -22.18
N LEU F 264 6.04 -8.98 -22.14
CA LEU F 264 5.49 -7.86 -21.38
C LEU F 264 5.28 -6.68 -22.32
N THR F 265 4.13 -6.03 -22.21
CA THR F 265 3.80 -4.85 -23.01
C THR F 265 3.28 -3.74 -22.09
N GLY F 266 4.20 -2.96 -21.55
CA GLY F 266 3.82 -1.86 -20.67
C GLY F 266 4.63 -0.61 -20.89
N ASN F 267 3.96 0.49 -21.20
CA ASN F 267 4.60 1.76 -21.46
C ASN F 267 4.33 2.75 -20.33
N TYR F 268 5.05 3.86 -20.37
CA TYR F 268 4.88 4.97 -19.44
C TYR F 268 4.96 4.54 -17.98
N MET F 269 5.64 3.43 -17.70
CA MET F 269 5.75 2.95 -16.33
C MET F 269 6.63 3.88 -15.51
N THR F 270 6.82 3.51 -14.25
CA THR F 270 7.66 4.28 -13.34
C THR F 270 8.30 3.28 -12.37
N VAL F 271 9.57 2.97 -12.62
CA VAL F 271 10.30 2.05 -11.76
C VAL F 271 11.46 2.77 -11.12
N ASN F 272 11.25 3.36 -9.95
CA ASN F 272 12.25 4.18 -9.28
C ASN F 272 12.72 3.50 -8.00
N ARG F 273 14.02 3.57 -7.75
CA ARG F 273 14.60 3.18 -6.47
C ARG F 273 14.39 1.71 -6.15
N CYS F 274 14.52 0.82 -7.12
CA CYS F 274 14.58 -0.59 -6.82
C CYS F 274 15.95 -0.94 -6.26
N GLY F 275 15.99 -1.94 -5.37
CA GLY F 275 17.25 -2.32 -4.77
C GLY F 275 18.25 -2.87 -5.77
N GLU F 276 17.78 -3.54 -6.80
CA GLU F 276 18.61 -4.11 -7.84
C GLU F 276 17.89 -3.82 -9.16
N ILE F 277 18.23 -4.57 -10.21
CA ILE F 277 17.77 -4.32 -11.57
C ILE F 277 16.28 -4.05 -11.65
N GLY F 278 15.91 -2.90 -12.18
CA GLY F 278 14.52 -2.61 -12.48
C GLY F 278 14.22 -2.98 -13.92
N ILE F 279 13.01 -3.46 -14.16
CA ILE F 279 12.60 -3.90 -15.48
C ILE F 279 13.56 -4.96 -16.00
N HIS F 280 13.84 -5.96 -15.17
CA HIS F 280 14.72 -7.05 -15.55
C HIS F 280 14.09 -7.90 -16.65
N PHE F 281 14.87 -8.19 -17.69
CA PHE F 281 14.48 -9.12 -18.73
C PHE F 281 15.56 -10.16 -18.90
N SER F 282 15.15 -11.39 -19.22
CA SER F 282 16.15 -12.45 -19.34
C SER F 282 15.51 -13.69 -19.95
N HIS F 283 16.36 -14.53 -20.52
CA HIS F 283 16.00 -15.87 -20.97
C HIS F 283 14.85 -15.84 -21.98
N GLY F 284 15.07 -15.14 -23.09
CA GLY F 284 14.16 -15.18 -24.20
C GLY F 284 12.94 -14.28 -24.11
N ALA F 285 12.86 -13.43 -23.09
CA ALA F 285 11.71 -12.56 -22.94
C ALA F 285 11.65 -11.55 -24.09
N SER F 286 10.43 -11.16 -24.47
CA SER F 286 10.22 -10.18 -25.51
C SER F 286 9.50 -8.98 -24.90
N GLY F 287 10.26 -8.04 -24.35
CA GLY F 287 9.71 -6.92 -23.61
C GLY F 287 9.35 -5.75 -24.49
N TYR F 288 8.30 -5.04 -24.08
CA TYR F 288 7.85 -3.81 -24.74
C TYR F 288 7.60 -2.76 -23.66
N ILE F 289 8.65 -2.02 -23.32
CA ILE F 289 8.53 -0.84 -22.46
C ILE F 289 8.76 0.37 -23.35
N ASP F 290 8.22 1.52 -22.95
CA ASP F 290 8.30 2.69 -23.80
C ASP F 290 7.91 3.93 -23.00
N PHE F 291 8.71 4.98 -23.13
CA PHE F 291 8.58 6.21 -22.35
C PHE F 291 8.67 5.98 -20.85
N THR F 292 9.07 4.77 -20.44
CA THR F 292 9.21 4.47 -19.02
C THR F 292 10.32 5.30 -18.41
N GLU F 293 10.11 5.74 -17.18
CA GLU F 293 11.14 6.47 -16.45
C GLU F 293 11.58 5.63 -15.27
N ALA F 294 12.89 5.41 -15.15
CA ALA F 294 13.48 4.63 -14.08
C ALA F 294 14.62 5.42 -13.49
N ARG F 295 14.63 5.59 -12.17
CA ARG F 295 15.58 6.50 -11.54
C ARG F 295 16.09 5.94 -10.23
N PHE F 296 17.39 6.09 -10.01
CA PHE F 296 18.05 5.83 -8.72
C PHE F 296 18.02 4.37 -8.32
N ASN F 297 17.94 3.45 -9.28
CA ASN F 297 18.01 2.03 -8.95
C ASN F 297 19.38 1.67 -8.41
N GLY F 298 19.41 0.66 -7.53
CA GLY F 298 20.67 0.26 -6.93
C GLY F 298 21.63 -0.38 -7.91
N HIS F 299 21.10 -1.17 -8.83
CA HIS F 299 21.86 -1.84 -9.88
C HIS F 299 21.33 -1.34 -11.23
N HIS F 300 21.69 -2.05 -12.29
CA HIS F 300 21.24 -1.72 -13.64
C HIS F 300 19.78 -1.29 -13.66
N GLY F 301 19.52 -0.10 -14.21
CA GLY F 301 18.15 0.40 -14.25
C GLY F 301 17.29 -0.31 -15.27
N LEU F 302 17.91 -1.01 -16.21
CA LEU F 302 17.20 -1.80 -17.21
C LEU F 302 18.23 -2.74 -17.82
N MET F 303 17.98 -4.05 -17.72
CA MET F 303 18.96 -5.04 -18.16
C MET F 303 18.25 -6.13 -18.96
N VAL F 304 18.60 -6.23 -20.23
CA VAL F 304 18.04 -7.23 -21.14
C VAL F 304 19.12 -8.27 -21.40
N THR F 305 18.84 -9.52 -21.01
CA THR F 305 19.90 -10.53 -20.89
C THR F 305 19.50 -11.83 -21.57
N THR F 306 20.53 -12.57 -22.01
CA THR F 306 20.42 -13.98 -22.35
C THR F 306 19.34 -14.22 -23.42
N GLY F 307 19.61 -13.67 -24.60
CA GLY F 307 18.82 -13.94 -25.77
C GLY F 307 17.51 -13.18 -25.85
N SER F 308 17.18 -12.38 -24.84
CA SER F 308 15.91 -11.68 -24.82
C SER F 308 15.99 -10.37 -25.58
N GLN F 309 14.89 -9.96 -26.18
CA GLN F 309 14.81 -8.74 -26.96
C GLN F 309 13.85 -7.78 -26.29
N ALA F 310 13.98 -6.49 -26.60
CA ALA F 310 13.18 -5.48 -25.94
C ALA F 310 13.14 -4.21 -26.79
N SER F 311 12.17 -3.35 -26.47
CA SER F 311 12.09 -2.00 -27.01
C SER F 311 12.04 -1.05 -25.83
N ALA F 312 12.77 0.05 -25.91
CA ALA F 312 12.74 1.07 -24.85
C ALA F 312 12.84 2.47 -25.45
N ARG F 313 12.08 2.73 -26.50
CA ARG F 313 12.15 4.03 -27.15
C ARG F 313 11.78 5.15 -26.19
N ASN F 314 12.50 6.26 -26.28
CA ASN F 314 12.22 7.47 -25.49
C ASN F 314 12.11 7.17 -24.00
N CYS F 315 12.88 6.20 -23.54
CA CYS F 315 12.83 5.75 -22.15
C CYS F 315 13.94 6.43 -21.36
N LYS F 316 13.62 6.94 -20.18
CA LYS F 316 14.56 7.67 -19.35
C LYS F 316 15.02 6.78 -18.20
N ILE F 317 16.34 6.61 -18.08
CA ILE F 317 16.94 5.80 -17.02
C ILE F 317 18.17 6.55 -16.53
N THR F 318 18.06 7.20 -15.37
CA THR F 318 19.14 8.02 -14.87
C THR F 318 19.44 7.67 -13.42
N ASP F 319 20.68 7.94 -13.01
CA ASP F 319 21.18 7.94 -11.64
C ASP F 319 21.32 6.57 -10.99
N THR F 320 21.33 5.48 -11.75
CA THR F 320 21.58 4.18 -11.15
C THR F 320 23.03 4.10 -10.67
N ILE F 321 23.24 3.37 -9.57
CA ILE F 321 24.58 3.25 -9.00
C ILE F 321 25.52 2.55 -9.98
N ASP F 322 25.06 1.44 -10.55
CA ASP F 322 25.79 0.72 -11.58
C ASP F 322 25.35 1.21 -12.95
N ASP F 323 25.68 0.44 -13.99
CA ASP F 323 25.29 0.79 -15.36
C ASP F 323 23.80 1.05 -15.44
N ASN F 324 23.41 2.05 -16.22
CA ASN F 324 21.99 2.37 -16.35
C ASN F 324 21.27 1.35 -17.21
N VAL F 325 21.72 1.15 -18.44
CA VAL F 325 21.10 0.22 -19.36
C VAL F 325 22.14 -0.81 -19.77
N VAL F 326 21.80 -2.09 -19.66
CA VAL F 326 22.73 -3.16 -19.97
C VAL F 326 22.09 -4.08 -21.00
N SER F 327 22.80 -4.31 -22.10
CA SER F 327 22.45 -5.34 -23.05
C SER F 327 23.47 -6.46 -22.91
N TYR F 328 22.99 -7.68 -22.71
CA TYR F 328 23.83 -8.77 -22.25
C TYR F 328 23.49 -10.05 -22.99
N ALA F 329 24.53 -10.78 -23.39
CA ALA F 329 24.40 -12.14 -23.90
C ALA F 329 23.41 -12.23 -25.05
N SER F 330 23.76 -11.58 -26.17
CA SER F 330 22.99 -11.62 -27.40
C SER F 330 21.56 -11.13 -27.18
N SER F 331 21.45 -9.89 -26.71
CA SER F 331 20.16 -9.26 -26.46
C SER F 331 20.03 -8.01 -27.32
N ASP F 332 18.81 -7.75 -27.78
CA ASP F 332 18.53 -6.60 -28.62
C ASP F 332 17.66 -5.60 -27.87
N ILE F 333 18.08 -4.32 -27.91
CA ILE F 333 17.35 -3.24 -27.29
C ILE F 333 17.20 -2.15 -28.34
N ASP F 334 16.19 -1.29 -28.15
CA ASP F 334 15.99 -0.14 -29.01
C ASP F 334 15.76 1.09 -28.14
N LEU F 335 16.63 2.08 -28.27
CA LEU F 335 16.54 3.33 -27.51
C LEU F 335 16.58 4.49 -28.50
N ARG F 336 15.43 4.82 -29.06
CA ARG F 336 15.40 5.81 -30.14
C ARG F 336 15.85 7.18 -29.65
N SER F 337 15.32 7.64 -28.51
CA SER F 337 15.69 8.95 -28.00
C SER F 337 15.88 8.92 -26.49
N SER F 338 16.37 7.80 -25.96
CA SER F 338 16.51 7.63 -24.53
C SER F 338 17.44 8.68 -23.94
N ASP F 339 17.43 8.77 -22.61
CA ASP F 339 18.33 9.63 -21.85
C ASP F 339 18.87 8.81 -20.69
N CYS F 340 20.07 8.26 -20.86
CA CYS F 340 20.70 7.40 -19.86
C CYS F 340 21.96 8.09 -19.37
N SER F 341 21.84 8.85 -18.29
CA SER F 341 22.94 9.69 -17.84
C SER F 341 23.00 9.69 -16.32
N ASN F 342 23.97 10.43 -15.80
CA ASN F 342 24.18 10.61 -14.35
C ASN F 342 24.36 9.30 -13.61
N SER F 343 24.91 8.28 -14.26
CA SER F 343 25.25 7.05 -13.57
C SER F 343 26.21 7.36 -12.43
N GLN F 344 25.99 6.71 -11.29
CA GLN F 344 26.72 7.08 -10.08
C GLN F 344 28.18 6.64 -10.14
N THR F 345 28.45 5.44 -10.67
CA THR F 345 29.80 4.91 -10.60
C THR F 345 30.31 4.32 -11.91
N THR F 346 29.46 3.86 -12.80
CA THR F 346 29.94 3.10 -13.96
C THR F 346 29.20 3.58 -15.21
N TYR F 347 29.29 2.78 -16.28
CA TYR F 347 28.94 3.23 -17.62
C TYR F 347 27.47 3.59 -17.74
N GLY F 348 27.19 4.66 -18.48
CA GLY F 348 25.81 5.04 -18.71
C GLY F 348 25.05 4.04 -19.56
N VAL F 349 25.66 3.59 -20.64
CA VAL F 349 25.07 2.57 -21.52
C VAL F 349 26.16 1.56 -21.86
N ILE F 350 25.85 0.28 -21.73
CA ILE F 350 26.82 -0.77 -21.95
C ILE F 350 26.19 -1.88 -22.75
N ALA F 351 26.87 -2.33 -23.81
CA ALA F 351 26.45 -3.46 -24.62
C ALA F 351 27.56 -4.50 -24.57
N THR F 352 27.28 -5.63 -23.93
CA THR F 352 28.32 -6.58 -23.57
C THR F 352 27.86 -7.97 -23.96
N ARG F 353 28.82 -8.84 -24.32
CA ARG F 353 28.55 -10.21 -24.73
C ARG F 353 27.65 -10.28 -25.96
N SER F 354 28.15 -9.72 -27.07
CA SER F 354 27.56 -9.91 -28.38
C SER F 354 26.10 -9.46 -28.44
N SER F 355 25.80 -8.31 -27.84
CA SER F 355 24.46 -7.77 -27.85
C SER F 355 24.37 -6.55 -28.77
N ASN F 356 23.14 -6.12 -29.02
CA ASN F 356 22.88 -4.97 -29.88
C ASN F 356 22.05 -3.94 -29.13
N ILE F 357 22.35 -2.67 -29.39
CA ILE F 357 21.55 -1.55 -28.91
C ILE F 357 21.37 -0.59 -30.08
N ASN F 358 20.30 0.19 -30.02
CA ASN F 358 20.03 1.25 -31.00
C ASN F 358 19.87 2.53 -30.21
N PHE F 359 20.98 3.19 -29.91
CA PHE F 359 21.00 4.42 -29.14
C PHE F 359 20.95 5.63 -30.07
N ASP F 360 19.88 5.68 -30.87
CA ASP F 360 19.86 6.53 -32.06
C ASP F 360 20.18 7.98 -31.74
N LYS F 361 19.50 8.56 -30.75
CA LYS F 361 19.77 9.94 -30.38
C LYS F 361 19.88 10.11 -28.88
N GLY F 362 20.57 9.17 -28.23
CA GLY F 362 20.57 9.14 -26.78
C GLY F 362 21.42 10.23 -26.16
N ILE F 363 21.45 10.21 -24.83
CA ILE F 363 22.24 11.13 -24.03
C ILE F 363 22.90 10.34 -22.90
N ALA F 364 24.18 10.58 -22.68
CA ALA F 364 24.92 9.92 -21.61
C ALA F 364 25.95 10.90 -21.06
N ASN F 365 25.58 11.61 -20.00
CA ASN F 365 26.44 12.62 -19.39
C ASN F 365 26.59 12.35 -17.90
N GLY F 366 27.75 12.73 -17.36
CA GLY F 366 27.98 12.69 -15.93
C GLY F 366 28.27 11.33 -15.35
N CYS F 367 28.35 10.28 -16.17
CA CYS F 367 28.53 8.94 -15.64
C CYS F 367 29.89 8.79 -14.97
N GLY F 368 29.98 7.87 -14.01
CA GLY F 368 31.24 7.62 -13.34
C GLY F 368 32.28 7.01 -14.27
N ALA F 369 31.86 6.09 -15.12
CA ALA F 369 32.68 5.53 -16.18
C ALA F 369 32.28 6.14 -17.51
N SER F 370 32.78 5.56 -18.59
CA SER F 370 32.47 6.06 -19.93
C SER F 370 30.98 6.00 -20.22
N GLY F 371 30.48 7.04 -20.89
CA GLY F 371 29.04 7.17 -21.08
C GLY F 371 28.45 6.09 -21.95
N ILE F 372 29.10 5.77 -23.07
CA ILE F 372 28.66 4.73 -23.98
C ILE F 372 29.79 3.74 -24.15
N MET F 373 29.54 2.48 -23.78
CA MET F 373 30.50 1.42 -23.97
C MET F 373 29.85 0.29 -24.76
N ALA F 374 30.60 -0.24 -25.71
CA ALA F 374 30.20 -1.44 -26.45
C ALA F 374 31.37 -2.40 -26.43
N ASN F 375 31.16 -3.57 -25.81
CA ASN F 375 32.26 -4.45 -25.47
C ASN F 375 31.95 -5.88 -25.88
N ARG F 376 33.00 -6.65 -26.13
CA ARG F 376 32.91 -8.08 -26.39
C ARG F 376 31.99 -8.39 -27.57
N GLY F 377 32.39 -7.92 -28.74
CA GLY F 377 31.68 -8.27 -29.96
C GLY F 377 30.28 -7.71 -30.07
N CYS F 378 30.04 -6.51 -29.58
CA CYS F 378 28.72 -5.91 -29.60
C CYS F 378 28.64 -4.83 -30.68
N SER F 379 27.44 -4.26 -30.81
CA SER F 379 27.20 -3.19 -31.77
C SER F 379 26.28 -2.15 -31.15
N ILE F 380 26.58 -0.88 -31.40
CA ILE F 380 25.77 0.24 -30.94
C ILE F 380 25.67 1.26 -32.05
N ASP F 381 24.46 1.78 -32.26
CA ASP F 381 24.23 2.86 -33.21
C ASP F 381 23.86 4.10 -32.41
N ALA F 382 24.71 5.11 -32.46
CA ALA F 382 24.59 6.29 -31.61
C ALA F 382 24.75 7.56 -32.42
N THR F 383 24.05 7.66 -33.54
CA THR F 383 24.30 8.73 -34.50
C THR F 383 24.08 10.11 -33.89
N GLY F 384 22.92 10.33 -33.30
CA GLY F 384 22.66 11.63 -32.70
C GLY F 384 23.09 11.76 -31.26
N ALA F 385 23.82 10.77 -30.74
CA ALA F 385 24.06 10.67 -29.30
C ALA F 385 24.87 11.86 -28.80
N THR F 386 25.00 11.92 -27.48
CA THR F 386 25.78 12.93 -26.80
C THR F 386 26.40 12.30 -25.56
N ALA F 387 27.72 12.43 -25.43
CA ALA F 387 28.44 11.84 -24.28
C ALA F 387 29.46 12.88 -23.81
N SER F 388 29.04 13.73 -22.88
CA SER F 388 29.86 14.82 -22.40
C SER F 388 29.96 14.78 -20.89
N ARG F 389 30.96 15.49 -20.36
CA ARG F 389 31.19 15.69 -18.93
C ARG F 389 31.39 14.38 -18.18
N ASN F 390 31.61 13.27 -18.88
CA ASN F 390 31.85 12.00 -18.22
C ASN F 390 33.16 12.05 -17.44
N LYS F 391 33.25 11.21 -16.41
CA LYS F 391 34.51 11.09 -15.69
C LYS F 391 35.57 10.40 -16.53
N TRP F 392 35.14 9.56 -17.47
CA TRP F 392 35.99 8.80 -18.37
C TRP F 392 35.56 9.07 -19.82
N HIS F 393 36.03 8.21 -20.73
CA HIS F 393 35.80 8.36 -22.16
C HIS F 393 34.33 8.63 -22.47
N GLY F 394 34.08 9.29 -23.61
CA GLY F 394 32.71 9.53 -24.02
C GLY F 394 32.10 8.35 -24.74
N VAL F 395 32.77 7.86 -25.78
CA VAL F 395 32.32 6.68 -26.50
C VAL F 395 33.48 5.72 -26.62
N ILE F 396 33.43 4.61 -25.88
CA ILE F 396 34.49 3.62 -25.89
C ILE F 396 33.95 2.35 -26.54
N ALA F 397 34.75 1.76 -27.42
CA ALA F 397 34.46 0.47 -28.02
C ALA F 397 35.67 -0.42 -27.81
N SER F 398 35.45 -1.60 -27.24
CA SER F 398 36.55 -2.47 -26.86
C SER F 398 36.24 -3.91 -27.23
N ASN F 399 37.31 -4.64 -27.55
CA ASN F 399 37.24 -6.08 -27.81
C ASN F 399 36.25 -6.41 -28.91
N ASN F 400 36.58 -5.94 -30.12
CA ASN F 400 35.92 -6.37 -31.35
C ASN F 400 34.45 -5.92 -31.40
N SER F 401 34.16 -4.69 -31.00
CA SER F 401 32.78 -4.21 -30.97
C SER F 401 32.67 -2.90 -31.75
N LYS F 402 31.70 -2.84 -32.66
CA LYS F 402 31.50 -1.69 -33.53
C LYS F 402 30.57 -0.69 -32.87
N VAL F 403 30.84 0.60 -33.11
CA VAL F 403 29.95 1.68 -32.70
C VAL F 403 29.80 2.62 -33.88
N ASP F 404 28.67 3.32 -33.92
CA ASP F 404 28.42 4.33 -34.96
C ASP F 404 28.10 5.65 -34.28
N PHE F 405 28.90 6.67 -34.58
CA PHE F 405 28.76 8.00 -33.98
C PHE F 405 28.75 9.01 -35.14
N THR F 406 27.61 9.18 -35.79
CA THR F 406 27.61 9.92 -37.05
C THR F 406 27.74 11.41 -36.82
N SER F 407 27.03 11.95 -35.83
CA SER F 407 27.15 13.38 -35.56
C SER F 407 27.22 13.66 -34.06
N GLY F 408 27.58 12.66 -33.26
CA GLY F 408 27.53 12.83 -31.82
C GLY F 408 28.61 13.77 -31.31
N ASN F 409 28.35 14.29 -30.11
CA ASN F 409 29.27 15.19 -29.44
C ASN F 409 29.88 14.49 -28.24
N ALA F 410 31.18 14.67 -28.04
CA ALA F 410 31.90 14.15 -26.88
C ALA F 410 32.78 15.27 -26.34
N ASN F 411 32.23 16.08 -25.44
CA ASN F 411 32.88 17.29 -24.99
C ASN F 411 33.24 17.21 -23.51
N GLU F 412 34.35 17.84 -23.14
CA GLU F 412 34.71 18.12 -21.75
C GLU F 412 34.66 16.87 -20.88
N ASN F 413 35.18 15.76 -21.41
CA ASN F 413 35.23 14.53 -20.64
C ASN F 413 36.40 14.56 -19.67
N GLY F 414 36.70 13.41 -19.08
CA GLY F 414 37.83 13.28 -18.19
C GLY F 414 38.99 12.54 -18.83
N LEU F 415 38.72 11.91 -19.97
CA LEU F 415 39.69 11.07 -20.67
C LEU F 415 39.39 11.18 -22.16
N ASP F 416 39.90 10.23 -22.94
CA ASP F 416 39.79 10.28 -24.39
C ASP F 416 38.34 10.38 -24.83
N GLY F 417 38.07 11.29 -25.77
CA GLY F 417 36.70 11.50 -26.21
C GLY F 417 36.10 10.29 -26.90
N ILE F 418 36.85 9.70 -27.82
CA ILE F 418 36.44 8.50 -28.53
C ILE F 418 37.61 7.53 -28.51
N GLN F 419 37.38 6.32 -28.02
CA GLN F 419 38.45 5.35 -27.88
C GLN F 419 38.02 4.02 -28.47
N CYS F 420 38.87 3.47 -29.33
CA CYS F 420 38.72 2.10 -29.82
C CYS F 420 39.82 1.25 -29.21
N THR F 421 39.52 -0.01 -28.95
CA THR F 421 40.44 -0.84 -28.18
C THR F 421 40.33 -2.29 -28.62
N HIS F 422 41.43 -2.83 -29.16
CA HIS F 422 41.54 -4.22 -29.57
C HIS F 422 40.47 -4.61 -30.59
N GLY F 423 40.59 -4.04 -31.79
CA GLY F 423 39.83 -4.47 -32.93
C GLY F 423 38.51 -3.76 -33.11
N SER F 424 38.06 -3.02 -32.12
CA SER F 424 36.81 -2.27 -32.24
C SER F 424 36.95 -1.18 -33.28
N THR F 425 35.82 -0.83 -33.92
CA THR F 425 35.79 0.24 -34.90
C THR F 425 34.67 1.20 -34.56
N VAL F 426 34.98 2.48 -34.46
CA VAL F 426 33.98 3.53 -34.24
C VAL F 426 33.96 4.41 -35.48
N GLN F 427 32.76 4.72 -35.95
CA GLN F 427 32.59 5.55 -37.13
C GLN F 427 32.07 6.90 -36.67
N ALA F 428 32.81 7.97 -36.97
CA ALA F 428 32.44 9.33 -36.58
C ALA F 428 32.55 10.24 -37.79
N ARG F 429 31.46 10.29 -38.59
CA ARG F 429 31.52 11.01 -39.85
C ARG F 429 31.68 12.51 -39.64
N LEU F 430 30.85 13.10 -38.79
CA LEU F 430 30.93 14.52 -38.50
C LEU F 430 30.83 14.79 -37.00
N SER F 431 31.43 13.92 -36.19
CA SER F 431 31.36 14.09 -34.75
C SER F 431 32.10 15.34 -34.32
N THR F 432 31.66 15.92 -33.22
CA THR F 432 32.29 17.08 -32.62
C THR F 432 32.87 16.66 -31.27
N THR F 433 34.20 16.64 -31.17
CA THR F 433 34.89 16.14 -29.98
C THR F 433 35.91 17.20 -29.55
N ASN F 434 35.46 18.15 -28.75
CA ASN F 434 36.31 19.27 -28.36
C ASN F 434 36.13 19.58 -26.88
N GLY F 435 37.17 20.14 -26.28
CA GLY F 435 37.16 20.52 -24.89
C GLY F 435 37.49 19.43 -23.92
N ASN F 436 37.89 18.25 -24.40
CA ASN F 436 38.12 17.11 -23.52
C ASN F 436 39.32 17.35 -22.61
N LYS F 437 39.59 16.36 -21.76
CA LYS F 437 40.68 16.46 -20.82
C LYS F 437 41.98 15.84 -21.32
N ARG F 438 41.91 14.88 -22.24
CA ARG F 438 43.10 14.36 -22.89
C ARG F 438 42.69 13.50 -24.07
N ASN F 439 43.46 13.57 -25.16
CA ASN F 439 43.36 12.66 -26.29
C ASN F 439 41.95 12.63 -26.88
N GLY F 440 41.57 13.76 -27.46
CA GLY F 440 40.26 13.94 -28.08
C GLY F 440 39.71 12.71 -28.79
N VAL F 441 40.54 12.00 -29.54
CA VAL F 441 40.20 10.69 -30.06
C VAL F 441 41.46 9.84 -30.07
N LEU F 442 41.33 8.60 -29.62
CA LEU F 442 42.48 7.70 -29.52
C LEU F 442 42.09 6.35 -30.10
N ALA F 443 42.99 5.77 -30.89
CA ALA F 443 42.83 4.43 -31.41
C ALA F 443 43.86 3.54 -30.74
N TYR F 444 43.41 2.62 -29.90
CA TYR F 444 44.27 1.73 -29.13
C TYR F 444 44.15 0.35 -29.75
N ALA F 445 44.95 0.08 -30.77
CA ALA F 445 44.86 -1.16 -31.53
C ALA F 445 43.47 -1.35 -32.10
N GLY F 446 42.85 -0.26 -32.56
CA GLY F 446 41.54 -0.32 -33.17
C GLY F 446 41.43 0.70 -34.29
N ASP F 447 40.33 0.60 -35.02
CA ASP F 447 40.09 1.46 -36.17
C ASP F 447 39.11 2.58 -35.81
N VAL F 448 39.45 3.79 -36.23
CA VAL F 448 38.59 4.96 -36.01
C VAL F 448 38.46 5.70 -37.33
N TYR F 449 37.23 6.02 -37.73
CA TYR F 449 36.98 6.70 -39.00
C TYR F 449 36.30 8.02 -38.73
N CYS F 450 36.93 9.12 -39.16
CA CYS F 450 36.45 10.47 -38.84
C CYS F 450 36.48 11.32 -40.12
N GLN F 451 35.39 11.28 -40.88
CA GLN F 451 35.37 11.96 -42.17
C GLN F 451 35.69 13.43 -42.04
N GLU F 452 34.97 14.14 -41.19
CA GLU F 452 35.19 15.57 -40.99
C GLU F 452 35.08 15.93 -39.51
N ILE F 453 35.74 15.14 -38.66
CA ILE F 453 35.69 15.34 -37.22
C ILE F 453 36.18 16.74 -36.86
N ASN F 454 35.64 17.30 -35.78
CA ASN F 454 36.07 18.59 -35.25
C ASN F 454 36.65 18.37 -33.87
N CYS F 455 37.93 18.67 -33.70
CA CYS F 455 38.60 18.60 -32.41
C CYS F 455 39.11 19.98 -32.03
N ASP F 456 39.15 20.26 -30.74
CA ASP F 456 39.54 21.59 -30.27
C ASP F 456 39.78 21.53 -28.76
N GLY F 457 40.85 22.17 -28.31
CA GLY F 457 41.07 22.38 -26.90
C GLY F 457 41.32 21.15 -26.07
N ASN F 458 41.69 20.03 -26.69
CA ASN F 458 41.92 18.81 -25.93
C ASN F 458 43.18 18.93 -25.08
N GLY F 459 43.25 18.10 -24.03
CA GLY F 459 44.37 18.15 -23.13
C GLY F 459 45.64 17.49 -23.65
N ARG F 460 45.51 16.67 -24.69
CA ARG F 460 46.65 15.97 -25.30
C ARG F 460 46.34 15.83 -26.77
N ARG F 461 47.03 14.90 -27.43
CA ARG F 461 46.93 14.66 -28.85
C ARG F 461 45.49 14.69 -29.34
N GLY F 462 45.22 15.52 -30.34
CA GLY F 462 43.88 15.59 -30.90
C GLY F 462 43.47 14.28 -31.56
N LEU F 463 44.36 13.69 -32.34
CA LEU F 463 44.16 12.37 -32.92
C LEU F 463 45.38 11.52 -32.59
N GLU F 464 45.17 10.22 -32.46
CA GLU F 464 46.25 9.32 -32.09
C GLU F 464 45.91 7.90 -32.49
N ALA F 465 46.93 7.15 -32.89
CA ALA F 465 46.79 5.72 -33.17
C ALA F 465 48.03 5.02 -32.65
N THR F 466 47.84 3.99 -31.84
CA THR F 466 48.94 3.32 -31.19
C THR F 466 48.73 1.82 -31.19
N ARG F 467 49.84 1.08 -31.14
CA ARG F 467 49.83 -0.38 -31.02
C ARG F 467 49.02 -1.04 -32.12
N GLY F 468 49.12 -0.50 -33.34
CA GLY F 468 48.43 -1.07 -34.47
C GLY F 468 47.14 -0.37 -34.85
N GLY F 469 46.85 0.79 -34.26
CA GLY F 469 45.61 1.48 -34.57
C GLY F 469 45.60 2.01 -36.00
N TYR F 470 44.46 2.60 -36.36
CA TYR F 470 44.28 3.20 -37.67
C TYR F 470 43.18 4.24 -37.57
N VAL F 471 43.50 5.48 -37.93
CA VAL F 471 42.54 6.58 -37.92
C VAL F 471 42.45 7.14 -39.32
N ALA F 472 41.26 7.05 -39.91
CA ALA F 472 41.02 7.57 -41.26
C ALA F 472 40.22 8.85 -41.14
N ALA F 473 40.73 9.93 -41.73
CA ALA F 473 40.09 11.24 -41.57
C ALA F 473 40.37 12.06 -42.83
N TYR F 474 39.40 12.10 -43.74
CA TYR F 474 39.58 12.90 -44.94
C TYR F 474 39.73 14.38 -44.63
N GLY F 475 38.91 14.91 -43.73
CA GLY F 475 38.90 16.33 -43.50
C GLY F 475 39.00 16.73 -42.04
N ALA F 476 39.84 16.04 -41.29
CA ALA F 476 39.97 16.31 -39.86
C ALA F 476 40.32 17.77 -39.61
N LYS F 477 39.67 18.38 -38.63
CA LYS F 477 39.84 19.79 -38.33
C LYS F 477 40.44 19.99 -36.93
N VAL F 478 41.29 19.06 -36.49
CA VAL F 478 41.88 19.11 -35.17
C VAL F 478 42.68 20.40 -35.00
N SER F 479 42.53 21.06 -33.85
CA SER F 479 43.23 22.31 -33.61
C SER F 479 43.28 22.57 -32.11
N ARG F 480 44.16 23.48 -31.72
CA ARG F 480 44.25 24.04 -30.37
C ARG F 480 44.55 22.99 -29.31
N SER F 481 44.89 21.76 -29.69
CA SER F 481 45.20 20.74 -28.71
C SER F 481 46.48 21.11 -27.95
N LYS F 482 46.54 20.70 -26.69
CA LYS F 482 47.67 21.08 -25.83
C LYS F 482 48.98 20.50 -26.35
N ASP F 483 48.95 19.26 -26.82
CA ASP F 483 50.10 18.58 -27.39
C ASP F 483 49.90 18.40 -28.88
N ASP F 484 50.80 17.64 -29.50
CA ASP F 484 50.78 17.37 -30.93
C ASP F 484 49.37 17.10 -31.43
N ASN F 485 48.96 17.85 -32.46
CA ASN F 485 47.60 17.71 -32.98
C ASN F 485 47.35 16.29 -33.49
N VAL F 486 48.33 15.72 -34.19
CA VAL F 486 48.22 14.37 -34.73
C VAL F 486 49.50 13.63 -34.36
N LEU F 487 49.37 12.39 -33.91
CA LEU F 487 50.50 11.58 -33.53
C LEU F 487 50.21 10.13 -33.87
N ALA F 488 51.03 9.53 -34.73
CA ALA F 488 50.93 8.13 -35.07
C ALA F 488 52.03 7.40 -34.31
N TYR F 489 51.66 6.76 -33.20
CA TYR F 489 52.62 6.13 -32.29
C TYR F 489 52.77 4.67 -32.71
N GLY F 490 53.55 4.44 -33.77
CA GLY F 490 53.70 3.10 -34.28
C GLY F 490 52.44 2.55 -34.92
N SER F 491 51.71 3.40 -35.64
CA SER F 491 50.48 2.99 -36.31
C SER F 491 50.29 3.90 -37.52
N MET F 492 49.17 3.72 -38.22
CA MET F 492 48.91 4.46 -39.44
C MET F 492 47.74 5.42 -39.24
N ILE F 493 47.86 6.61 -39.84
CA ILE F 493 46.80 7.59 -39.87
C ILE F 493 46.67 8.09 -41.29
N SER F 494 45.45 8.45 -41.69
CA SER F 494 45.17 8.95 -43.04
C SER F 494 44.38 10.26 -42.93
N ILE F 495 45.10 11.36 -42.78
CA ILE F 495 44.52 12.69 -42.83
C ILE F 495 44.86 13.26 -44.21
N ASN F 496 44.00 12.98 -45.19
CA ASN F 496 44.33 13.31 -46.57
C ASN F 496 44.31 14.83 -46.80
N GLU F 497 43.17 15.47 -46.54
CA GLU F 497 43.06 16.92 -46.67
C GLU F 497 42.51 17.45 -45.37
N ALA F 498 43.38 17.65 -44.38
CA ALA F 498 43.00 18.14 -43.08
C ALA F 498 43.16 19.65 -43.01
N LEU F 499 42.86 20.20 -41.84
CA LEU F 499 43.05 21.62 -41.57
C LEU F 499 43.35 21.73 -40.08
N ILE F 500 44.63 21.74 -39.73
CA ILE F 500 45.07 21.80 -38.34
C ILE F 500 45.72 23.15 -38.09
N GLU F 501 45.64 23.62 -36.84
CA GLU F 501 46.23 24.92 -36.52
C GLU F 501 46.47 25.02 -35.03
N ARG F 502 47.44 25.87 -34.69
CA ARG F 502 47.64 26.39 -33.33
C ARG F 502 47.86 25.29 -32.30
N ALA F 503 48.45 24.17 -32.71
CA ALA F 503 48.79 23.12 -31.76
C ALA F 503 49.88 23.58 -30.80
N GLY F 504 49.83 23.07 -29.58
CA GLY F 504 50.86 23.40 -28.61
C GLY F 504 52.22 22.85 -28.98
N ARG F 505 52.24 21.69 -29.63
CA ARG F 505 53.46 21.04 -30.08
C ARG F 505 53.33 20.67 -31.56
N ASN F 506 54.22 19.78 -32.00
CA ASN F 506 54.31 19.35 -33.41
C ASN F 506 52.95 19.24 -34.06
N GLY F 507 52.79 19.88 -35.21
CA GLY F 507 51.54 19.76 -35.94
C GLY F 507 51.26 18.34 -36.37
N ILE F 508 52.27 17.64 -36.85
CA ILE F 508 52.17 16.23 -37.21
C ILE F 508 53.39 15.52 -36.67
N GLU F 509 53.19 14.36 -36.05
CA GLU F 509 54.31 13.58 -35.53
C GLU F 509 54.06 12.12 -35.83
N ALA F 510 55.10 11.44 -36.32
CA ALA F 510 55.08 10.00 -36.54
C ALA F 510 56.28 9.40 -35.84
N THR F 511 56.03 8.46 -34.94
CA THR F 511 57.08 7.94 -34.07
C THR F 511 57.09 6.41 -34.12
N ARG F 512 58.29 5.86 -33.94
CA ARG F 512 58.47 4.41 -33.77
C ARG F 512 57.94 3.63 -34.97
N GLY F 513 58.05 4.21 -36.15
CA GLY F 513 57.72 3.50 -37.36
C GLY F 513 56.33 3.71 -37.89
N GLY F 514 55.62 4.72 -37.42
CA GLY F 514 54.29 4.99 -37.95
C GLY F 514 54.32 5.48 -39.38
N GLN F 515 53.13 5.64 -39.95
CA GLN F 515 52.97 6.21 -41.27
C GLN F 515 51.76 7.13 -41.27
N ILE F 516 51.92 8.31 -41.85
CA ILE F 516 50.86 9.31 -41.89
C ILE F 516 50.66 9.76 -43.32
N PHE F 517 49.41 9.77 -43.78
CA PHE F 517 49.07 10.16 -45.13
C PHE F 517 48.59 11.61 -45.12
N ALA F 518 48.84 12.31 -46.22
CA ALA F 518 48.44 13.70 -46.34
C ALA F 518 48.59 14.14 -47.79
N ASP F 519 47.63 14.92 -48.27
CA ASP F 519 47.66 15.44 -49.63
C ASP F 519 47.69 16.95 -49.69
N ARG F 520 46.72 17.61 -49.05
CA ARG F 520 46.60 19.06 -49.12
C ARG F 520 46.45 19.66 -47.73
N ILE F 521 47.02 19.01 -46.72
CA ILE F 521 46.73 19.38 -45.34
C ILE F 521 47.39 20.72 -45.04
N THR F 522 46.64 21.59 -44.37
CA THR F 522 47.10 22.93 -44.04
C THR F 522 47.48 22.98 -42.57
N ILE F 523 48.74 23.28 -42.29
CA ILE F 523 49.22 23.46 -40.94
C ILE F 523 49.23 24.96 -40.65
N THR F 524 49.23 25.31 -39.36
CA THR F 524 49.25 26.71 -38.96
C THR F 524 49.68 26.82 -37.51
N GLY F 525 50.64 27.69 -37.25
CA GLY F 525 50.96 28.11 -35.89
C GLY F 525 51.32 27.00 -34.93
N SER F 526 52.08 26.02 -35.38
CA SER F 526 52.49 24.94 -34.49
C SER F 526 53.50 25.44 -33.47
N GLY F 527 53.51 24.79 -32.30
CA GLY F 527 54.45 25.16 -31.28
C GLY F 527 55.87 24.71 -31.57
N ASP F 528 56.02 23.63 -32.34
CA ASP F 528 57.31 23.08 -32.72
C ASP F 528 57.27 22.67 -34.18
N PHE F 529 58.22 21.84 -34.61
CA PHE F 529 58.32 21.37 -35.99
C PHE F 529 56.95 21.07 -36.59
N GLY F 530 56.71 21.62 -37.77
CA GLY F 530 55.41 21.42 -38.41
C GLY F 530 55.14 19.97 -38.72
N ILE F 531 56.13 19.27 -39.28
CA ILE F 531 56.06 17.84 -39.52
C ILE F 531 57.33 17.21 -38.98
N LEU F 532 57.19 16.31 -38.01
CA LEU F 532 58.31 15.62 -37.42
C LEU F 532 58.18 14.13 -37.71
N ALA F 533 59.24 13.52 -38.22
CA ALA F 533 59.27 12.10 -38.52
C ALA F 533 60.38 11.47 -37.69
N TYR F 534 60.02 10.49 -36.87
CA TYR F 534 60.96 9.74 -36.05
C TYR F 534 60.97 8.30 -36.56
N ALA F 535 61.90 8.01 -37.47
CA ALA F 535 62.03 6.68 -38.05
C ALA F 535 60.70 6.23 -38.68
N SER F 536 60.02 7.17 -39.33
CA SER F 536 58.67 6.93 -39.80
C SER F 536 58.40 7.71 -41.09
N LYS F 537 57.50 7.17 -41.90
CA LYS F 537 57.14 7.76 -43.18
C LYS F 537 56.05 8.80 -42.99
N VAL F 538 56.18 9.92 -43.69
CA VAL F 538 55.12 10.93 -43.80
C VAL F 538 54.99 11.30 -45.27
N PHE F 539 53.76 11.26 -45.79
CA PHE F 539 53.50 11.61 -47.18
C PHE F 539 52.63 12.85 -47.21
N ALA F 540 53.08 13.89 -47.92
CA ALA F 540 52.31 15.13 -48.04
C ALA F 540 52.60 15.72 -49.42
N GLU F 541 51.75 15.41 -50.39
CA GLU F 541 52.04 15.79 -51.77
C GLU F 541 52.08 17.30 -51.94
N ALA F 542 51.09 18.00 -51.38
CA ALA F 542 50.98 19.45 -51.60
C ALA F 542 50.58 20.15 -50.31
N SER F 543 51.21 19.79 -49.20
CA SER F 543 50.85 20.37 -47.91
C SER F 543 51.19 21.85 -47.87
N ASN F 544 50.40 22.61 -47.11
CA ASN F 544 50.63 24.04 -46.89
C ASN F 544 50.97 24.23 -45.43
N ILE F 545 52.22 24.57 -45.14
CA ILE F 545 52.70 24.76 -43.78
C ILE F 545 53.05 26.23 -43.58
N SER F 546 52.54 26.81 -42.50
CA SER F 546 52.75 28.23 -42.24
C SER F 546 52.72 28.48 -40.74
N GLY F 547 53.32 29.59 -40.33
CA GLY F 547 53.28 30.01 -38.94
C GLY F 547 53.98 29.09 -37.97
N THR F 548 54.73 28.11 -38.45
CA THR F 548 55.41 27.18 -37.58
C THR F 548 56.53 27.89 -36.83
N LYS F 549 56.70 27.53 -35.55
CA LYS F 549 57.73 28.17 -34.74
C LYS F 549 59.13 27.66 -35.13
N ASN F 550 59.34 26.36 -35.05
CA ASN F 550 60.62 25.76 -35.37
C ASN F 550 60.64 25.36 -36.85
N GLU F 551 61.61 24.54 -37.23
CA GLU F 551 61.76 24.15 -38.63
C GLU F 551 60.49 23.49 -39.14
N PRO F 552 59.92 23.96 -40.26
CA PRO F 552 58.64 23.41 -40.72
C PRO F 552 58.67 21.92 -41.00
N VAL F 553 59.76 21.39 -41.53
CA VAL F 553 59.88 19.97 -41.83
C VAL F 553 61.11 19.44 -41.13
N TYR F 554 60.96 18.32 -40.42
CA TYR F 554 62.03 17.73 -39.64
C TYR F 554 61.92 16.23 -39.74
N ALA F 555 63.06 15.55 -39.86
CA ALA F 555 63.07 14.10 -39.97
C ALA F 555 64.36 13.56 -39.38
N THR F 556 64.27 12.52 -38.58
CA THR F 556 65.40 12.08 -37.77
C THR F 556 65.35 10.56 -37.63
N ARG F 557 66.54 9.96 -37.53
CA ARG F 557 66.70 8.52 -37.30
C ARG F 557 65.97 7.70 -38.37
N GLY F 558 66.05 8.16 -39.61
CA GLY F 558 65.35 7.52 -40.70
C GLY F 558 63.99 8.13 -40.95
N GLY F 559 63.30 7.57 -41.92
CA GLY F 559 61.97 8.05 -42.23
C GLY F 559 61.97 9.07 -43.35
N GLU F 560 60.92 9.06 -44.14
CA GLU F 560 60.80 9.90 -45.32
C GLU F 560 59.75 10.98 -45.11
N VAL F 561 59.95 12.11 -45.77
CA VAL F 561 58.92 13.15 -45.84
C VAL F 561 58.81 13.57 -47.31
N THR F 562 57.87 12.97 -48.04
CA THR F 562 57.74 13.22 -49.47
C THR F 562 56.86 14.45 -49.71
N CYS F 563 57.25 15.57 -49.10
CA CYS F 563 56.52 16.83 -49.24
C CYS F 563 56.94 17.48 -50.54
N PHE F 564 56.34 17.04 -51.64
CA PHE F 564 56.78 17.51 -52.95
C PHE F 564 56.28 18.92 -53.26
N GLY F 565 54.97 19.08 -53.39
CA GLY F 565 54.44 20.36 -53.83
C GLY F 565 54.14 21.31 -52.68
N SER F 566 54.90 21.18 -51.60
CA SER F 566 54.59 21.91 -50.37
C SER F 566 54.82 23.41 -50.55
N ASN F 567 53.86 24.20 -50.06
CA ASN F 567 54.00 25.65 -49.98
C ASN F 567 54.25 26.02 -48.53
N ILE F 568 55.47 26.43 -48.21
CA ILE F 568 55.89 26.69 -46.85
C ILE F 568 56.35 28.14 -46.75
N SER F 569 56.17 28.73 -45.57
CA SER F 569 56.59 30.11 -45.34
C SER F 569 57.10 30.21 -43.90
N SER F 570 58.42 30.19 -43.73
CA SER F 570 59.02 30.35 -42.41
C SER F 570 60.47 30.80 -42.59
N ASN F 571 60.98 31.47 -41.56
CA ASN F 571 62.36 31.97 -41.60
C ASN F 571 63.38 30.87 -41.38
N LYS F 572 63.03 29.84 -40.61
CA LYS F 572 63.94 28.72 -40.39
C LYS F 572 64.13 27.93 -41.68
N THR F 573 65.13 27.05 -41.66
CA THR F 573 65.37 26.19 -42.81
C THR F 573 64.14 25.35 -43.11
N VAL F 574 63.71 25.36 -44.36
CA VAL F 574 62.44 24.72 -44.72
C VAL F 574 62.53 23.20 -44.57
N TYR F 575 63.58 22.60 -45.12
CA TYR F 575 63.77 21.16 -45.07
C TYR F 575 64.94 20.84 -44.15
N ASN F 576 64.74 19.89 -43.24
CA ASN F 576 65.78 19.47 -42.32
C ASN F 576 65.87 17.95 -42.29
N VAL F 577 67.08 17.45 -42.13
CA VAL F 577 67.35 16.02 -42.08
C VAL F 577 68.43 15.76 -41.05
N TYR F 578 68.23 14.74 -40.22
CA TYR F 578 69.24 14.34 -39.25
C TYR F 578 69.24 12.82 -39.14
N ASN F 579 70.42 12.28 -38.82
CA ASN F 579 70.57 10.88 -38.44
C ASN F 579 70.04 9.93 -39.52
N GLY F 580 70.22 10.30 -40.78
CA GLY F 580 69.95 9.39 -41.88
C GLY F 580 68.58 9.50 -42.51
N SER F 581 67.81 10.54 -42.22
CA SER F 581 66.48 10.65 -42.78
C SER F 581 66.53 11.10 -44.24
N ARG F 582 65.40 11.01 -44.92
CA ARG F 582 65.31 11.36 -46.33
C ARG F 582 64.11 12.27 -46.55
N ILE F 583 64.27 13.20 -47.51
CA ILE F 583 63.18 14.09 -47.91
C ILE F 583 63.22 14.22 -49.42
N PHE F 584 62.05 14.18 -50.05
CA PHE F 584 61.90 14.38 -51.49
C PHE F 584 60.91 15.51 -51.71
N THR F 585 61.27 16.48 -52.55
CA THR F 585 60.45 17.67 -52.72
C THR F 585 60.65 18.23 -54.11
N ASP F 586 60.04 19.39 -54.36
CA ASP F 586 60.06 20.02 -55.67
C ASP F 586 61.25 20.96 -55.80
N LYS F 587 61.49 21.42 -57.03
CA LYS F 587 62.54 22.37 -57.34
C LYS F 587 62.00 23.73 -57.75
N ASP F 588 60.75 23.80 -58.22
CA ASP F 588 60.19 25.07 -58.68
C ASP F 588 60.17 26.09 -57.56
N HIS F 589 59.77 25.67 -56.36
CA HIS F 589 59.84 26.54 -55.19
C HIS F 589 61.29 26.61 -54.72
N GLY F 590 61.76 27.83 -54.47
CA GLY F 590 63.09 27.99 -53.93
C GLY F 590 63.07 28.03 -52.42
N TYR F 591 63.37 26.90 -51.78
CA TYR F 591 63.29 26.77 -50.33
C TYR F 591 64.65 26.37 -49.77
N SER F 592 64.92 26.82 -48.55
CA SER F 592 66.17 26.50 -47.89
C SER F 592 66.26 25.00 -47.63
N THR F 593 67.48 24.54 -47.33
CA THR F 593 67.74 23.14 -47.06
C THR F 593 68.87 23.03 -46.06
N ASN F 594 68.78 22.03 -45.18
CA ASN F 594 69.82 21.85 -44.16
C ASN F 594 71.09 21.29 -44.77
N VAL F 595 70.98 20.46 -45.80
CA VAL F 595 72.10 19.76 -46.39
C VAL F 595 72.06 19.97 -47.90
N ASP F 596 73.24 19.94 -48.51
CA ASP F 596 73.32 20.07 -49.96
C ASP F 596 72.42 19.01 -50.62
N PRO F 597 71.64 19.40 -51.62
CA PRO F 597 70.45 18.61 -51.99
C PRO F 597 70.71 17.14 -52.26
N GLN F 598 71.54 16.81 -53.24
CA GLN F 598 71.67 15.41 -53.68
C GLN F 598 73.07 14.93 -53.35
N THR F 599 73.26 14.51 -52.10
CA THR F 599 74.52 14.00 -51.60
C THR F 599 74.24 13.05 -50.46
N LEU F 600 75.13 12.08 -50.27
CA LEU F 600 75.03 11.13 -49.17
C LEU F 600 76.00 11.53 -48.07
N SER F 601 75.47 11.70 -46.86
CA SER F 601 76.28 12.05 -45.70
C SER F 601 75.68 11.36 -44.49
N SER F 602 76.23 11.67 -43.30
CA SER F 602 75.67 11.14 -42.07
C SER F 602 74.19 11.48 -41.97
N LYS F 603 73.81 12.66 -42.43
CA LYS F 603 72.41 12.97 -42.67
C LYS F 603 72.06 12.56 -44.10
N GLY F 604 70.89 11.98 -44.27
CA GLY F 604 70.53 11.38 -45.54
C GLY F 604 70.22 12.40 -46.61
N LEU F 605 69.96 11.87 -47.80
CA LEU F 605 69.76 12.71 -48.98
C LEU F 605 68.47 13.51 -48.87
N ILE F 606 68.48 14.71 -49.46
CA ILE F 606 67.32 15.58 -49.54
C ILE F 606 67.16 15.95 -51.01
N ILE F 607 66.41 15.13 -51.75
CA ILE F 607 66.29 15.36 -53.19
C ILE F 607 65.36 16.54 -53.43
N LEU F 608 65.89 17.61 -54.01
CA LEU F 608 65.11 18.78 -54.35
C LEU F 608 64.50 18.71 -55.74
N GLY F 609 64.68 17.60 -56.44
CA GLY F 609 64.17 17.47 -57.80
C GLY F 609 62.66 17.55 -57.90
N ASN G 6 -44.08 -59.35 34.81
CA ASN G 6 -42.98 -58.53 35.29
C ASN G 6 -43.34 -57.80 36.57
N ASP G 7 -42.47 -56.90 37.01
CA ASP G 7 -42.76 -56.11 38.20
C ASP G 7 -43.84 -55.09 37.89
N TYR G 8 -44.49 -54.60 38.94
CA TYR G 8 -45.57 -53.63 38.81
C TYR G 8 -45.10 -52.28 39.33
N ILE G 9 -45.33 -51.23 38.53
CA ILE G 9 -45.20 -49.86 38.99
C ILE G 9 -46.42 -49.10 38.49
N GLY G 10 -46.69 -47.95 39.12
CA GLY G 10 -47.82 -47.15 38.72
C GLY G 10 -47.73 -46.69 37.27
N LYS G 11 -48.87 -46.41 36.66
CA LYS G 11 -48.87 -45.94 35.28
C LYS G 11 -48.11 -44.62 35.18
N ASN G 12 -47.47 -44.40 34.04
CA ASN G 12 -46.61 -43.24 33.88
C ASN G 12 -47.43 -41.96 33.96
N LYS G 13 -47.11 -41.13 34.94
CA LYS G 13 -47.72 -39.82 35.10
C LYS G 13 -46.62 -38.78 34.97
N ASP G 14 -46.79 -37.85 34.03
CA ASP G 14 -45.74 -36.88 33.75
C ASP G 14 -45.64 -35.88 34.89
N VAL G 15 -44.74 -36.15 35.84
CA VAL G 15 -44.64 -35.36 37.06
C VAL G 15 -43.33 -34.58 37.15
N GLY G 16 -42.34 -34.88 36.32
CA GLY G 16 -41.05 -34.25 36.44
C GLY G 16 -40.15 -34.98 37.40
N LEU G 17 -38.96 -34.41 37.59
CA LEU G 17 -37.95 -35.06 38.41
C LEU G 17 -38.28 -34.93 39.88
N LYS G 18 -37.91 -35.94 40.65
CA LYS G 18 -38.16 -35.98 42.09
C LYS G 18 -36.90 -35.63 42.86
N VAL G 19 -37.08 -35.08 44.06
CA VAL G 19 -35.95 -34.79 44.92
C VAL G 19 -35.45 -36.07 45.57
N GLU G 20 -34.21 -36.04 46.06
CA GLU G 20 -33.56 -37.24 46.56
C GLU G 20 -34.26 -37.79 47.81
N LEU G 21 -33.80 -38.94 48.31
CA LEU G 21 -34.48 -39.59 49.42
C LEU G 21 -34.40 -38.75 50.70
N THR G 22 -33.31 -38.03 50.90
CA THR G 22 -33.15 -37.24 52.12
C THR G 22 -34.26 -36.19 52.23
N GLU G 23 -34.58 -35.52 51.13
CA GLU G 23 -35.62 -34.50 51.16
C GLU G 23 -36.99 -35.13 51.39
N ASP G 24 -37.24 -36.28 50.77
CA ASP G 24 -38.47 -37.01 51.03
C ASP G 24 -38.62 -37.33 52.51
N ILE G 25 -37.54 -37.83 53.13
CA ILE G 25 -37.60 -38.20 54.54
C ILE G 25 -37.85 -36.97 55.41
N ASP G 26 -37.18 -35.86 55.11
CA ASP G 26 -37.37 -34.66 55.92
C ASP G 26 -38.81 -34.17 55.84
N ARG G 27 -39.37 -34.13 54.63
CA ARG G 27 -40.75 -33.68 54.50
C ARG G 27 -41.71 -34.66 55.17
N ARG G 28 -41.43 -35.95 55.10
CA ARG G 28 -42.28 -36.93 55.76
C ARG G 28 -42.27 -36.74 57.27
N ILE G 29 -41.10 -36.47 57.83
CA ILE G 29 -41.01 -36.25 59.28
C ILE G 29 -41.78 -35.00 59.68
N MET G 30 -41.63 -33.92 58.91
CA MET G 30 -42.36 -32.68 59.22
C MET G 30 -43.87 -32.90 59.12
N GLU G 31 -44.32 -33.61 58.08
CA GLU G 31 -45.75 -33.87 57.94
C GLU G 31 -46.26 -34.75 59.06
N HIS G 32 -45.45 -35.72 59.52
CA HIS G 32 -45.84 -36.53 60.65
C HIS G 32 -46.01 -35.70 61.91
N ARG G 33 -45.09 -34.76 62.14
CA ARG G 33 -45.21 -33.88 63.31
C ARG G 33 -46.49 -33.06 63.25
N ASN G 34 -46.76 -32.45 62.09
CA ASN G 34 -47.97 -31.63 61.96
C ASN G 34 -49.23 -32.48 62.16
N ARG G 35 -49.26 -33.67 61.56
CA ARG G 35 -50.41 -34.55 61.71
C ARG G 35 -50.62 -34.92 63.17
N PHE G 36 -49.54 -35.23 63.89
CA PHE G 36 -49.70 -35.58 65.29
C PHE G 36 -50.26 -34.41 66.09
N ARG G 37 -49.75 -33.21 65.84
CA ARG G 37 -50.26 -32.05 66.58
C ARG G 37 -51.76 -31.88 66.34
N ARG G 38 -52.18 -31.95 65.08
CA ARG G 38 -53.60 -31.81 64.79
C ARG G 38 -54.42 -32.91 65.46
N LEU G 39 -53.93 -34.15 65.39
CA LEU G 39 -54.67 -35.26 65.97
C LEU G 39 -54.85 -35.09 67.47
N ILE G 40 -53.79 -34.72 68.18
CA ILE G 40 -53.88 -34.65 69.63
C ILE G 40 -54.74 -33.46 70.05
N PHE G 41 -54.63 -32.33 69.34
CA PHE G 41 -55.50 -31.19 69.67
C PHE G 41 -56.97 -31.57 69.47
N ASN G 42 -57.29 -32.19 68.34
CA ASN G 42 -58.67 -32.57 68.09
C ASN G 42 -59.16 -33.58 69.11
N ARG G 43 -58.31 -34.56 69.47
CA ARG G 43 -58.74 -35.58 70.42
C ARG G 43 -59.01 -34.99 71.79
N TYR G 44 -58.19 -34.03 72.22
CA TYR G 44 -58.47 -33.36 73.47
C TYR G 44 -59.77 -32.56 73.39
N VAL G 45 -60.04 -31.96 72.23
CA VAL G 45 -61.30 -31.25 72.05
C VAL G 45 -62.48 -32.20 72.22
N GLU G 46 -62.38 -33.41 71.64
CA GLU G 46 -63.47 -34.37 71.82
C GLU G 46 -63.56 -34.86 73.26
N PHE G 47 -62.42 -35.06 73.92
CA PHE G 47 -62.43 -35.61 75.26
C PHE G 47 -62.98 -34.62 76.28
N LEU G 48 -62.86 -33.31 76.01
CA LEU G 48 -63.25 -32.32 77.00
C LEU G 48 -64.71 -32.42 77.45
N PRO G 49 -65.71 -32.46 76.56
CA PRO G 49 -67.09 -32.43 77.06
C PRO G 49 -67.47 -33.64 77.90
N LEU G 50 -66.73 -34.74 77.79
CA LEU G 50 -67.09 -35.98 78.44
C LEU G 50 -66.51 -36.14 79.83
N LEU G 51 -65.82 -35.12 80.34
CA LEU G 51 -65.14 -35.25 81.64
C LEU G 51 -66.14 -35.25 82.79
N ILE G 52 -67.13 -34.37 82.75
CA ILE G 52 -68.08 -34.20 83.84
C ILE G 52 -69.37 -34.94 83.51
N ASN G 53 -69.86 -35.73 84.45
CA ASN G 53 -71.06 -36.52 84.29
C ASN G 53 -71.97 -36.28 85.49
N TYR G 54 -73.26 -36.56 85.30
CA TYR G 54 -74.27 -36.23 86.29
C TYR G 54 -74.99 -37.49 86.75
N THR G 55 -75.21 -37.60 88.06
CA THR G 55 -75.91 -38.73 88.65
C THR G 55 -77.41 -38.62 88.43
N ASN G 56 -78.08 -39.77 88.53
CA ASN G 56 -79.54 -39.86 88.51
C ASN G 56 -80.11 -39.17 87.26
N GLN G 57 -79.66 -39.61 86.09
CA GLN G 57 -80.12 -39.01 84.85
C GLN G 57 -81.54 -39.43 84.52
N ASN G 58 -82.01 -40.55 85.06
CA ASN G 58 -83.36 -41.02 84.76
C ASN G 58 -84.44 -40.12 85.35
N SER G 59 -84.09 -39.26 86.30
CA SER G 59 -85.10 -38.45 86.97
C SER G 59 -85.77 -37.47 86.00
N VAL G 60 -84.99 -36.82 85.14
CA VAL G 60 -85.49 -35.77 84.29
C VAL G 60 -85.04 -35.99 82.85
N GLY G 61 -85.77 -35.39 81.92
CA GLY G 61 -85.44 -35.48 80.51
C GLY G 61 -84.54 -34.35 80.04
N ILE G 62 -83.28 -34.37 80.47
CA ILE G 62 -82.38 -33.26 80.18
C ILE G 62 -81.46 -33.51 78.98
N ASP G 63 -81.07 -34.76 78.73
CA ASP G 63 -80.10 -35.09 77.67
C ASP G 63 -78.78 -34.37 77.99
N PHE G 64 -78.13 -34.89 79.03
CA PHE G 64 -76.98 -34.20 79.62
C PHE G 64 -75.83 -34.02 78.63
N LEU G 65 -75.75 -34.87 77.61
CA LEU G 65 -74.63 -34.75 76.67
C LEU G 65 -74.68 -33.43 75.91
N GLN G 66 -75.86 -33.06 75.41
CA GLN G 66 -76.02 -31.78 74.74
C GLN G 66 -75.74 -30.63 75.71
N LEU G 67 -76.15 -30.79 76.97
CA LEU G 67 -75.88 -29.76 77.96
C LEU G 67 -74.38 -29.54 78.14
N GLU G 68 -73.63 -30.63 78.28
CA GLU G 68 -72.19 -30.51 78.47
C GLU G 68 -71.52 -29.91 77.24
N ILE G 69 -71.96 -30.32 76.05
CA ILE G 69 -71.37 -29.79 74.83
C ILE G 69 -71.62 -28.29 74.73
N ALA G 70 -72.87 -27.88 74.98
CA ALA G 70 -73.22 -26.46 74.91
C ALA G 70 -72.45 -25.65 75.94
N LEU G 71 -72.30 -26.19 77.16
CA LEU G 71 -71.52 -25.49 78.18
C LEU G 71 -70.06 -25.35 77.77
N ARG G 72 -69.49 -26.41 77.19
CA ARG G 72 -68.07 -26.36 76.81
C ARG G 72 -67.84 -25.36 75.68
N GLN G 73 -68.78 -25.26 74.74
CA GLN G 73 -68.61 -24.20 73.74
C GLN G 73 -68.85 -22.80 74.31
N GLY G 74 -69.35 -22.68 75.54
CA GLY G 74 -69.44 -21.39 76.21
C GLY G 74 -70.83 -20.80 76.30
N TYR G 75 -71.86 -21.52 75.91
CA TYR G 75 -73.22 -20.98 76.02
C TYR G 75 -73.64 -20.90 77.48
N GLN G 76 -74.64 -20.05 77.74
CA GLN G 76 -75.26 -19.96 79.05
C GLN G 76 -76.56 -20.76 79.01
N VAL G 77 -76.42 -22.08 79.17
CA VAL G 77 -77.56 -22.97 78.96
C VAL G 77 -78.58 -22.77 80.07
N VAL G 78 -79.85 -23.01 79.73
CA VAL G 78 -80.96 -22.92 80.66
C VAL G 78 -81.64 -24.27 80.72
N VAL G 79 -81.89 -24.78 81.93
CA VAL G 79 -82.65 -26.01 82.11
C VAL G 79 -83.81 -25.69 83.04
N GLY G 80 -84.97 -26.29 82.80
CA GLY G 80 -86.12 -25.97 83.60
C GLY G 80 -87.35 -26.70 83.12
N LYS G 81 -88.47 -26.39 83.76
CA LYS G 81 -89.73 -27.06 83.46
C LYS G 81 -90.44 -26.38 82.30
N ALA G 82 -90.93 -27.18 81.37
CA ALA G 82 -91.60 -26.71 80.17
C ALA G 82 -93.12 -26.89 80.32
N ARG G 83 -93.84 -26.62 79.23
CA ARG G 83 -95.29 -26.75 79.25
C ARG G 83 -95.72 -28.19 79.54
N ASN G 84 -94.91 -29.17 79.15
CA ASN G 84 -95.21 -30.55 79.48
C ASN G 84 -95.16 -30.81 80.98
N GLY G 85 -94.46 -29.96 81.74
CA GLY G 85 -94.19 -30.25 83.13
C GLY G 85 -92.98 -31.12 83.35
N VAL G 86 -92.18 -31.36 82.32
CA VAL G 86 -90.98 -32.21 82.40
C VAL G 86 -89.76 -31.30 82.30
N ILE G 87 -88.77 -31.58 83.15
CA ILE G 87 -87.55 -30.77 83.13
C ILE G 87 -86.76 -31.08 81.88
N MET G 88 -86.36 -30.04 81.16
CA MET G 88 -85.62 -30.22 79.90
C MET G 88 -84.74 -28.99 79.69
N ILE G 89 -83.88 -29.08 78.69
CA ILE G 89 -82.99 -27.99 78.31
C ILE G 89 -83.82 -26.98 77.52
N LEU G 90 -84.14 -25.85 78.13
CA LEU G 90 -84.75 -24.76 77.40
C LEU G 90 -83.67 -24.05 76.57
N GLY G 91 -84.05 -22.96 75.94
CA GLY G 91 -83.09 -22.23 75.11
C GLY G 91 -82.00 -21.59 75.94
N TYR G 92 -80.88 -21.31 75.29
CA TYR G 92 -79.78 -20.64 75.95
C TYR G 92 -80.07 -19.15 76.13
N ILE G 93 -79.58 -18.59 77.22
CA ILE G 93 -79.67 -17.15 77.43
C ILE G 93 -78.61 -16.46 76.59
N GLN G 94 -79.00 -15.36 75.95
CA GLN G 94 -78.12 -14.65 75.04
C GLN G 94 -77.75 -13.30 75.63
N SER G 95 -76.52 -12.87 75.34
CA SER G 95 -76.01 -11.56 75.72
C SER G 95 -75.88 -11.39 77.23
N MET G 96 -76.88 -10.74 77.83
CA MET G 96 -76.76 -10.25 79.20
C MET G 96 -76.57 -11.40 80.20
N TYR G 97 -75.81 -11.12 81.26
CA TYR G 97 -75.57 -12.06 82.34
C TYR G 97 -76.86 -12.44 83.05
N LYS G 114 -82.95 -7.55 88.38
CA LYS G 114 -84.30 -7.98 88.02
C LYS G 114 -84.32 -9.46 87.62
N ARG G 115 -85.33 -10.18 88.08
CA ARG G 115 -85.46 -11.60 87.78
C ARG G 115 -85.73 -11.81 86.30
N LEU G 116 -85.12 -12.85 85.73
CA LEU G 116 -85.37 -13.18 84.34
C LEU G 116 -86.78 -13.74 84.19
N THR G 117 -87.59 -13.07 83.38
CA THR G 117 -89.02 -13.34 83.29
C THR G 117 -89.37 -14.16 82.06
N GLN G 118 -88.47 -15.04 81.62
CA GLN G 118 -88.66 -16.00 80.53
C GLN G 118 -88.66 -15.31 79.16
N ASP G 119 -88.72 -13.99 79.10
CA ASP G 119 -88.63 -13.31 77.81
C ASP G 119 -87.19 -13.23 77.32
N ASP G 120 -86.22 -13.50 78.19
CA ASP G 120 -84.82 -13.42 77.79
C ASP G 120 -84.30 -14.74 77.23
N ILE G 121 -85.05 -15.83 77.40
CA ILE G 121 -84.60 -17.12 76.89
C ILE G 121 -84.81 -17.18 75.39
N THR G 122 -83.77 -17.59 74.66
CA THR G 122 -83.86 -17.82 73.22
C THR G 122 -84.14 -19.31 73.02
N PHE G 123 -85.42 -19.66 73.04
CA PHE G 123 -85.84 -21.05 73.10
C PHE G 123 -85.35 -21.82 71.87
N ILE G 124 -84.99 -23.09 72.09
CA ILE G 124 -84.63 -24.02 71.03
C ILE G 124 -85.58 -25.19 70.95
N ILE G 125 -86.53 -25.30 71.87
CA ILE G 125 -87.48 -26.41 71.92
C ILE G 125 -88.55 -26.17 70.87
N PRO G 126 -89.22 -27.21 70.35
CA PRO G 126 -90.45 -26.98 69.56
C PRO G 126 -91.41 -26.01 70.23
N ASP G 127 -92.26 -25.38 69.42
CA ASP G 127 -93.00 -24.21 69.88
C ASP G 127 -94.00 -24.57 70.99
N TYR G 128 -94.59 -25.76 70.93
CA TYR G 128 -95.63 -26.09 71.90
C TYR G 128 -95.08 -26.32 73.29
N LEU G 129 -93.78 -26.61 73.42
CA LEU G 129 -93.16 -26.79 74.73
C LEU G 129 -92.41 -25.53 75.15
N ARG G 130 -93.16 -24.44 75.31
CA ARG G 130 -92.56 -23.19 75.76
C ARG G 130 -93.41 -22.61 76.88
N PRO G 131 -92.84 -22.41 78.08
CA PRO G 131 -93.66 -21.97 79.21
C PRO G 131 -94.21 -20.58 78.98
N ASP G 132 -95.50 -20.41 79.28
CA ASP G 132 -96.11 -19.09 79.14
C ASP G 132 -95.61 -18.13 80.21
N TYR G 133 -95.35 -18.64 81.40
CA TYR G 133 -94.86 -17.83 82.52
C TYR G 133 -93.80 -18.65 83.25
N ALA G 134 -92.54 -18.27 83.09
CA ALA G 134 -91.45 -18.93 83.77
C ALA G 134 -90.58 -17.90 84.48
N LEU G 135 -90.10 -18.25 85.66
CA LEU G 135 -89.27 -17.37 86.46
C LEU G 135 -88.01 -18.11 86.88
N GLU G 136 -86.88 -17.41 86.83
CA GLU G 136 -85.63 -18.00 87.27
C GLU G 136 -85.68 -18.30 88.75
N ILE G 137 -85.22 -19.49 89.13
CA ILE G 137 -85.06 -19.83 90.53
C ILE G 137 -83.95 -18.98 91.11
N GLU G 138 -84.19 -18.39 92.27
CA GLU G 138 -83.25 -17.45 92.87
C GLU G 138 -82.82 -17.96 94.23
N TYR G 139 -81.64 -17.52 94.66
CA TYR G 139 -81.15 -17.95 95.97
C TYR G 139 -81.91 -17.30 97.10
N TYR G 140 -82.47 -16.10 96.88
CA TYR G 140 -83.50 -15.62 97.78
C TYR G 140 -84.68 -16.56 97.68
N ASP G 141 -85.46 -16.68 98.75
CA ASP G 141 -86.59 -17.59 98.81
C ASP G 141 -86.15 -19.06 98.83
N ASN G 142 -84.95 -19.34 99.33
CA ASN G 142 -84.45 -20.71 99.49
C ASN G 142 -84.62 -21.56 98.23
N CYS G 143 -84.60 -20.91 97.07
CA CYS G 143 -84.81 -21.57 95.78
C CYS G 143 -86.10 -22.38 95.76
N GLN G 144 -87.08 -22.01 96.57
CA GLN G 144 -88.32 -22.76 96.70
C GLN G 144 -89.37 -22.33 95.70
N SER G 145 -89.06 -21.40 94.81
CA SER G 145 -90.00 -20.93 93.81
C SER G 145 -89.25 -20.55 92.54
N GLY G 146 -89.80 -20.94 91.40
CA GLY G 146 -89.18 -20.65 90.13
C GLY G 146 -89.44 -21.71 89.08
N ASP G 147 -88.86 -21.57 87.91
CA ASP G 147 -89.10 -22.56 86.86
C ASP G 147 -87.84 -23.11 86.22
N PHE G 148 -86.82 -22.28 86.01
CA PHE G 148 -85.64 -22.73 85.28
C PHE G 148 -84.35 -22.32 86.00
N ILE G 149 -83.24 -22.78 85.44
CA ILE G 149 -81.91 -22.66 86.04
C ILE G 149 -80.93 -22.29 84.94
N VAL G 150 -80.01 -21.37 85.27
CA VAL G 150 -79.00 -20.91 84.32
C VAL G 150 -77.66 -21.48 84.72
N LEU G 151 -77.01 -22.19 83.81
CA LEU G 151 -75.72 -22.80 84.06
C LEU G 151 -74.63 -22.15 83.21
N ARG G 152 -73.44 -22.05 83.80
CA ARG G 152 -72.26 -21.56 83.10
C ARG G 152 -71.13 -22.56 83.29
N ASN G 153 -70.20 -22.56 82.33
CA ASN G 153 -69.12 -23.55 82.37
C ASN G 153 -68.26 -23.39 83.61
N LYS G 154 -67.91 -22.16 83.97
CA LYS G 154 -67.02 -21.89 85.09
C LYS G 154 -67.58 -20.77 85.95
N PRO G 155 -67.33 -20.80 87.26
CA PRO G 155 -67.84 -19.72 88.12
C PRO G 155 -67.23 -18.37 87.78
N VAL G 156 -65.91 -18.31 87.63
CA VAL G 156 -65.23 -17.14 87.09
C VAL G 156 -64.30 -17.63 85.99
N ASN G 157 -64.43 -17.03 84.81
CA ASN G 157 -63.67 -17.46 83.64
C ASN G 157 -62.70 -16.36 83.20
N LEU G 158 -61.41 -16.67 83.30
CA LEU G 158 -60.36 -15.77 82.86
C LEU G 158 -59.51 -16.36 81.74
N ASN G 159 -59.73 -17.64 81.40
CA ASN G 159 -58.92 -18.34 80.42
C ASN G 159 -59.81 -18.95 79.33
N ASN G 160 -59.30 -18.93 78.11
CA ASN G 160 -59.90 -19.70 77.02
C ASN G 160 -59.29 -21.10 77.09
N ASP G 161 -60.11 -22.07 77.49
CA ASP G 161 -59.59 -23.42 77.73
C ASP G 161 -58.91 -24.01 76.51
N TYR G 162 -59.31 -23.57 75.31
CA TYR G 162 -58.68 -24.09 74.10
C TYR G 162 -57.28 -23.53 73.92
N GLN G 163 -56.98 -22.38 74.53
CA GLN G 163 -55.64 -21.83 74.43
C GLN G 163 -54.64 -22.66 75.24
N ILE G 164 -55.08 -23.23 76.36
CA ILE G 164 -54.22 -24.12 77.12
C ILE G 164 -53.85 -25.35 76.29
N ILE G 165 -54.82 -25.92 75.58
CA ILE G 165 -54.54 -27.05 74.72
C ILE G 165 -53.59 -26.65 73.61
N GLU G 166 -53.80 -25.48 73.02
CA GLU G 166 -52.89 -24.99 71.98
C GLU G 166 -51.51 -24.73 72.54
N HIS G 167 -51.43 -24.36 73.82
CA HIS G 167 -50.13 -24.09 74.42
C HIS G 167 -49.29 -25.34 74.53
N TYR G 168 -49.89 -26.45 74.95
CA TYR G 168 -49.13 -27.66 75.21
C TYR G 168 -48.98 -28.54 73.98
N CYS G 169 -49.88 -28.44 73.01
CA CYS G 169 -49.71 -29.21 71.78
C CYS G 169 -48.48 -28.76 71.01
N ASP G 170 -48.09 -27.49 71.15
CA ASP G 170 -46.82 -27.05 70.58
C ASP G 170 -45.66 -27.78 71.22
N GLU G 171 -45.69 -27.93 72.55
CA GLU G 171 -44.62 -28.64 73.24
C GLU G 171 -44.66 -30.14 72.94
N LEU G 172 -45.87 -30.68 72.72
CA LEU G 172 -45.98 -32.09 72.40
C LEU G 172 -45.56 -32.37 70.96
N ALA G 173 -45.83 -31.44 70.05
CA ALA G 173 -45.45 -31.64 68.65
C ALA G 173 -43.93 -31.66 68.49
N GLU G 174 -43.22 -30.82 69.23
CA GLU G 174 -41.77 -30.80 69.11
C GLU G 174 -41.14 -32.08 69.63
N ILE G 175 -41.68 -32.64 70.71
CA ILE G 175 -41.13 -33.89 71.24
C ILE G 175 -41.33 -35.02 70.25
N ILE G 176 -42.52 -35.10 69.64
CA ILE G 176 -42.77 -36.14 68.64
C ILE G 176 -41.85 -35.96 67.44
N LEU G 177 -41.58 -34.70 67.06
CA LEU G 177 -40.63 -34.45 65.99
C LEU G 177 -39.26 -34.99 66.33
N SER G 178 -38.86 -34.89 67.59
CA SER G 178 -37.57 -35.45 68.00
C SER G 178 -37.67 -36.96 68.17
N ARG G 179 -38.80 -37.46 68.67
CA ARG G 179 -38.94 -38.90 68.89
C ARG G 179 -39.02 -39.66 67.58
N PHE G 180 -39.70 -39.09 66.58
CA PHE G 180 -39.80 -39.77 65.29
C PHE G 180 -38.49 -39.70 64.52
N SER G 181 -37.79 -38.57 64.62
CA SER G 181 -36.50 -38.45 63.97
C SER G 181 -35.49 -39.44 64.53
N LEU G 182 -35.63 -39.81 65.81
CA LEU G 182 -34.74 -40.81 66.38
C LEU G 182 -35.07 -42.21 65.90
N ILE G 183 -36.34 -42.48 65.59
CA ILE G 183 -36.72 -43.79 65.07
C ILE G 183 -36.16 -43.99 63.68
N MET G 184 -36.32 -42.98 62.81
CA MET G 184 -35.83 -43.10 61.45
C MET G 184 -34.30 -43.07 61.40
N GLN G 185 -33.68 -42.36 62.33
CA GLN G 185 -32.23 -42.30 62.37
C GLN G 185 -31.63 -43.62 62.84
N SER G 186 -32.26 -44.25 63.83
CA SER G 186 -31.70 -45.42 64.50
C SER G 186 -31.87 -46.65 63.60
N LYS G 187 -30.93 -46.79 62.67
CA LYS G 187 -30.86 -47.98 61.82
C LYS G 187 -29.41 -48.44 61.76
N PHE G 188 -29.19 -49.71 62.04
CA PHE G 188 -27.84 -50.26 62.18
C PHE G 188 -27.47 -51.06 60.94
N SER G 189 -26.17 -51.14 60.68
CA SER G 189 -25.67 -51.86 59.51
C SER G 189 -24.24 -52.31 59.79
N LYS G 190 -23.82 -53.31 59.02
CA LYS G 190 -22.45 -53.82 59.06
C LYS G 190 -21.77 -53.44 57.76
N ILE G 191 -20.60 -52.82 57.86
CA ILE G 191 -19.94 -52.21 56.71
C ILE G 191 -18.60 -52.91 56.49
N PHE G 192 -18.41 -53.45 55.30
CA PHE G 192 -17.17 -54.13 54.94
C PHE G 192 -16.33 -53.20 54.08
N LEU G 193 -15.07 -52.99 54.47
CA LEU G 193 -14.15 -52.13 53.75
C LEU G 193 -13.14 -53.00 53.01
N SER G 194 -13.03 -52.81 51.71
CA SER G 194 -12.13 -53.60 50.87
C SER G 194 -12.00 -52.88 49.53
N ASP G 195 -11.34 -53.52 48.57
CA ASP G 195 -11.28 -53.00 47.22
C ASP G 195 -12.67 -53.07 46.58
N ILE G 196 -12.90 -52.20 45.60
CA ILE G 196 -14.26 -51.94 45.14
C ILE G 196 -14.89 -53.16 44.47
N GLN G 197 -14.10 -54.08 43.92
CA GLN G 197 -14.69 -55.27 43.30
C GLN G 197 -14.01 -56.54 43.76
N ASP G 198 -13.52 -56.57 44.99
CA ASP G 198 -12.87 -57.77 45.53
C ASP G 198 -13.92 -58.82 45.82
N GLU G 199 -14.05 -59.80 44.94
CA GLU G 199 -15.13 -60.79 45.04
C GLU G 199 -15.05 -61.64 46.30
N THR G 200 -14.04 -61.46 47.14
CA THR G 200 -14.01 -62.17 48.41
C THR G 200 -15.11 -61.70 49.34
N ILE G 201 -15.45 -60.40 49.27
CA ILE G 201 -16.46 -59.85 50.18
C ILE G 201 -17.80 -60.51 49.94
N ASN G 202 -18.19 -60.68 48.67
CA ASN G 202 -19.46 -61.32 48.37
C ASN G 202 -19.48 -62.74 48.91
N GLN G 203 -18.38 -63.48 48.73
CA GLN G 203 -18.29 -64.81 49.33
C GLN G 203 -18.31 -64.73 50.84
N PHE G 204 -17.62 -63.74 51.42
CA PHE G 204 -17.57 -63.61 52.87
C PHE G 204 -18.95 -63.29 53.45
N ILE G 205 -19.70 -62.42 52.79
CA ILE G 205 -21.04 -62.07 53.26
C ILE G 205 -21.96 -63.28 53.15
N ASN G 206 -21.84 -64.04 52.06
CA ASN G 206 -22.69 -65.21 51.86
C ASN G 206 -22.50 -66.21 52.97
N LYS G 207 -21.25 -66.45 53.37
CA LYS G 207 -20.99 -67.34 54.50
C LYS G 207 -21.51 -66.74 55.80
N LEU G 208 -21.21 -65.47 56.04
CA LEU G 208 -21.53 -64.86 57.32
C LEU G 208 -23.03 -64.78 57.55
N TYR G 209 -23.80 -64.41 56.52
CA TYR G 209 -25.24 -64.29 56.69
C TYR G 209 -25.87 -65.63 57.02
N ASN G 210 -25.57 -66.66 56.24
CA ASN G 210 -25.96 -68.00 56.61
C ASN G 210 -25.17 -68.46 57.82
N GLY G 211 -25.46 -69.68 58.27
CA GLY G 211 -24.66 -70.25 59.33
C GLY G 211 -23.20 -70.40 58.91
N ALA G 212 -22.29 -69.93 59.74
CA ALA G 212 -20.87 -70.11 59.47
C ALA G 212 -20.07 -69.98 60.75
N PRO G 213 -19.95 -71.07 61.52
CA PRO G 213 -19.16 -70.99 62.75
C PRO G 213 -17.70 -70.63 62.51
N PHE G 214 -17.10 -71.13 61.43
CA PHE G 214 -15.69 -70.91 61.15
C PHE G 214 -15.52 -70.46 59.70
N ILE G 215 -14.87 -69.34 59.50
CA ILE G 215 -14.57 -68.81 58.16
C ILE G 215 -13.07 -68.62 58.05
N LYS G 216 -12.51 -69.09 56.94
CA LYS G 216 -11.07 -69.05 56.72
C LYS G 216 -10.75 -68.00 55.67
N THR G 217 -9.89 -67.04 56.02
CA THR G 217 -9.48 -65.98 55.11
C THR G 217 -7.97 -65.79 55.22
N ASP G 218 -7.49 -64.76 54.53
CA ASP G 218 -6.07 -64.39 54.59
C ASP G 218 -5.91 -63.18 55.50
N LYS G 219 -4.65 -62.74 55.67
CA LYS G 219 -4.36 -61.65 56.59
C LYS G 219 -4.85 -60.31 56.06
N TYR G 220 -5.12 -60.21 54.75
CA TYR G 220 -5.38 -58.91 54.15
C TYR G 220 -6.83 -58.47 54.30
N ILE G 221 -7.70 -59.33 54.83
CA ILE G 221 -9.09 -58.90 55.03
C ILE G 221 -9.25 -58.23 56.38
N ASP G 222 -8.45 -58.63 57.38
CA ASP G 222 -8.31 -57.96 58.67
C ASP G 222 -9.66 -57.72 59.34
N PRO G 223 -10.31 -58.75 59.86
CA PRO G 223 -11.70 -58.58 60.34
C PRO G 223 -11.85 -57.57 61.47
N GLU G 224 -10.82 -57.31 62.26
CA GLU G 224 -11.00 -56.45 63.44
C GLU G 224 -11.26 -55.00 63.04
N GLU G 225 -10.63 -54.51 61.98
CA GLU G 225 -10.74 -53.11 61.61
C GLU G 225 -11.36 -52.86 60.24
N ASP G 226 -11.34 -53.84 59.33
CA ASP G 226 -11.96 -53.62 58.03
C ASP G 226 -13.47 -53.83 58.06
N ILE G 227 -13.99 -54.45 59.11
CA ILE G 227 -15.42 -54.61 59.31
C ILE G 227 -15.84 -53.73 60.46
N ILE G 228 -16.65 -52.72 60.18
CA ILE G 228 -17.03 -51.71 61.15
C ILE G 228 -18.53 -51.71 61.30
N ASP G 229 -19.00 -51.76 62.55
CA ASP G 229 -20.43 -51.73 62.84
C ASP G 229 -20.87 -50.29 63.01
N LEU G 230 -21.90 -49.91 62.26
CA LEU G 230 -22.43 -48.55 62.28
C LEU G 230 -23.77 -48.55 63.02
N GLY G 231 -23.83 -47.80 64.12
CA GLY G 231 -25.01 -47.80 64.96
C GLY G 231 -25.63 -46.41 65.04
N SER G 232 -26.68 -46.32 65.84
CA SER G 232 -27.37 -45.05 66.02
C SER G 232 -26.60 -44.11 66.94
N ASP G 233 -25.96 -44.68 67.96
CA ASP G 233 -25.21 -44.00 69.02
C ASP G 233 -26.14 -43.27 69.99
N PHE G 234 -27.45 -43.27 69.76
CA PHE G 234 -28.39 -42.57 70.62
C PHE G 234 -29.49 -43.48 71.13
N VAL G 235 -29.46 -44.77 70.78
CA VAL G 235 -30.54 -45.68 71.16
C VAL G 235 -30.59 -45.85 72.67
N THR G 236 -29.43 -45.88 73.32
CA THR G 236 -29.38 -46.16 74.75
C THR G 236 -30.05 -45.06 75.58
N THR G 237 -29.79 -43.80 75.24
CA THR G 237 -30.21 -42.69 76.08
C THR G 237 -31.28 -41.80 75.46
N ALA G 238 -31.10 -41.41 74.19
CA ALA G 238 -32.00 -40.42 73.61
C ALA G 238 -33.44 -40.92 73.54
N LEU G 239 -33.63 -42.18 73.14
CA LEU G 239 -34.98 -42.71 73.04
C LEU G 239 -35.67 -42.79 74.40
N VAL G 240 -34.95 -43.22 75.42
CA VAL G 240 -35.56 -43.40 76.73
C VAL G 240 -35.92 -42.05 77.36
N GLU G 241 -34.99 -41.10 77.30
CA GLU G 241 -35.22 -39.81 77.95
C GLU G 241 -36.32 -39.02 77.27
N MET G 242 -36.51 -39.22 75.96
CA MET G 242 -37.51 -38.44 75.24
C MET G 242 -38.91 -38.90 75.58
N LYS G 243 -39.12 -40.21 75.74
CA LYS G 243 -40.44 -40.68 76.15
C LYS G 243 -40.77 -40.22 77.56
N ARG G 244 -39.76 -40.16 78.44
CA ARG G 244 -40.00 -39.64 79.78
C ARG G 244 -40.50 -38.20 79.72
N GLU G 245 -39.91 -37.39 78.86
CA GLU G 245 -40.35 -36.00 78.73
C GLU G 245 -41.66 -35.89 77.98
N TYR G 246 -41.94 -36.81 77.06
CA TYR G 246 -43.22 -36.79 76.38
C TYR G 246 -44.37 -37.05 77.36
N GLN G 247 -44.19 -38.05 78.23
CA GLN G 247 -45.25 -38.35 79.19
C GLN G 247 -45.40 -37.25 80.23
N ASN G 248 -44.32 -36.51 80.49
CA ASN G 248 -44.43 -35.36 81.38
C ASN G 248 -45.35 -34.31 80.80
N LYS G 249 -45.21 -34.00 79.52
CA LYS G 249 -46.02 -32.96 78.90
C LYS G 249 -47.49 -33.36 78.85
N VAL G 250 -47.77 -34.63 78.53
CA VAL G 250 -49.16 -35.09 78.57
C VAL G 250 -49.70 -35.00 79.99
N SER G 251 -48.85 -35.28 80.99
CA SER G 251 -49.28 -35.15 82.37
C SER G 251 -49.60 -33.70 82.71
N GLU G 252 -48.76 -32.75 82.27
CA GLU G 252 -49.01 -31.35 82.57
C GLU G 252 -50.26 -30.84 81.87
N LEU G 253 -50.53 -31.32 80.66
CA LEU G 253 -51.73 -30.92 79.96
C LEU G 253 -52.98 -31.37 80.70
N SER G 254 -52.98 -32.62 81.15
CA SER G 254 -54.16 -33.14 81.85
C SER G 254 -54.37 -32.43 83.18
N ASN G 255 -53.30 -32.21 83.95
CA ASN G 255 -53.44 -31.55 85.25
C ASN G 255 -53.93 -30.12 85.08
N PHE G 256 -53.46 -29.44 84.04
CA PHE G 256 -53.87 -28.05 83.82
C PHE G 256 -55.37 -27.96 83.57
N LEU G 257 -55.90 -28.86 82.75
CA LEU G 257 -57.34 -28.97 82.57
C LEU G 257 -57.92 -29.79 83.72
N GLY G 258 -59.18 -30.18 83.60
CA GLY G 258 -59.79 -30.97 84.66
C GLY G 258 -59.39 -32.42 84.66
N VAL G 259 -58.68 -32.88 83.63
CA VAL G 259 -58.36 -34.30 83.50
C VAL G 259 -57.47 -34.73 84.64
N ASN G 260 -57.88 -35.81 85.32
CA ASN G 260 -57.13 -36.29 86.47
C ASN G 260 -57.46 -37.76 86.69
N SER G 261 -56.62 -38.41 87.49
CA SER G 261 -56.87 -39.76 87.97
C SER G 261 -56.59 -39.83 89.46
N LEU G 262 -57.07 -38.83 90.20
CA LEU G 262 -56.69 -38.69 91.60
C LEU G 262 -57.37 -39.76 92.46
N ALA G 263 -58.51 -40.28 92.01
CA ALA G 263 -59.18 -41.32 92.77
C ALA G 263 -58.33 -42.57 92.83
N VAL G 264 -57.78 -42.99 91.70
CA VAL G 264 -56.91 -44.17 91.67
C VAL G 264 -55.58 -43.86 92.34
N ASP G 265 -55.06 -42.65 92.15
CA ASP G 265 -53.76 -42.30 92.72
C ASP G 265 -53.79 -42.38 94.24
N LYS G 266 -54.90 -41.98 94.85
CA LYS G 266 -55.00 -42.06 96.31
C LYS G 266 -54.95 -43.51 96.79
N GLU G 267 -55.68 -44.40 96.12
CA GLU G 267 -55.68 -45.81 96.52
C GLU G 267 -54.32 -46.45 96.29
N SER G 268 -53.70 -46.17 95.15
CA SER G 268 -52.42 -46.81 94.82
C SER G 268 -51.33 -46.37 95.77
N GLY G 269 -51.44 -45.17 96.32
CA GLY G 269 -50.45 -44.65 97.24
C GLY G 269 -49.30 -43.88 96.59
N VAL G 270 -49.45 -43.44 95.35
CA VAL G 270 -48.37 -42.66 94.74
C VAL G 270 -48.27 -41.29 95.41
N SER G 271 -47.11 -40.68 95.25
CA SER G 271 -46.81 -39.41 95.90
C SER G 271 -46.46 -38.35 94.86
N ASP G 272 -46.37 -37.11 95.34
CA ASP G 272 -46.01 -36.01 94.45
C ASP G 272 -44.59 -36.16 93.93
N THR G 273 -43.67 -36.65 94.77
CA THR G 273 -42.30 -36.88 94.31
C THR G 273 -42.22 -38.10 93.41
N GLU G 274 -42.93 -39.18 93.75
CA GLU G 274 -42.87 -40.40 92.97
C GLU G 274 -43.43 -40.17 91.57
N ALA G 275 -44.63 -39.62 91.47
CA ALA G 275 -45.22 -39.25 90.20
C ALA G 275 -45.09 -37.74 90.03
N LYS G 276 -44.35 -37.32 89.01
CA LYS G 276 -43.93 -35.93 88.89
C LYS G 276 -45.14 -35.08 88.52
N SER G 277 -45.95 -34.79 89.53
CA SER G 277 -47.14 -33.96 89.38
C SER G 277 -47.52 -33.41 90.74
N ASN G 278 -48.40 -32.42 90.73
CA ASN G 278 -48.87 -31.78 91.95
C ASN G 278 -50.34 -32.13 92.13
N ARG G 279 -50.64 -32.93 93.15
CA ARG G 279 -52.02 -33.35 93.40
C ARG G 279 -52.89 -32.16 93.79
N SER G 280 -52.37 -31.27 94.62
CA SER G 280 -53.17 -30.14 95.08
C SER G 280 -53.51 -29.20 93.93
N PHE G 281 -52.60 -29.06 92.96
CA PHE G 281 -52.87 -28.21 91.81
C PHE G 281 -53.93 -28.82 90.91
N THR G 282 -53.80 -30.11 90.58
CA THR G 282 -54.75 -30.73 89.66
C THR G 282 -56.09 -30.96 90.33
N THR G 283 -56.12 -31.06 91.66
CA THR G 283 -57.39 -31.18 92.36
C THR G 283 -58.22 -29.91 92.19
N SER G 284 -57.60 -28.75 92.33
CA SER G 284 -58.33 -27.50 92.26
C SER G 284 -58.83 -27.21 90.85
N ASN G 285 -58.07 -27.63 89.84
CA ASN G 285 -58.52 -27.45 88.45
C ASN G 285 -59.79 -28.23 88.18
N SER G 286 -59.88 -29.45 88.73
CA SER G 286 -61.10 -30.23 88.56
C SER G 286 -62.27 -29.58 89.29
N ASN G 287 -62.00 -28.89 90.40
CA ASN G 287 -63.06 -28.22 91.13
C ASN G 287 -63.64 -27.05 90.35
N ILE G 288 -62.89 -26.52 89.37
CA ILE G 288 -63.35 -25.35 88.63
C ILE G 288 -64.65 -25.66 87.90
N TYR G 289 -64.72 -26.84 87.28
CA TYR G 289 -65.91 -27.18 86.50
C TYR G 289 -66.97 -27.85 87.34
N LEU G 290 -66.58 -28.56 88.41
CA LEU G 290 -67.57 -29.13 89.32
C LEU G 290 -68.37 -28.03 89.99
N ARG G 291 -67.70 -26.96 90.43
CA ARG G 291 -68.39 -25.84 91.04
C ARG G 291 -69.11 -24.97 90.02
N GLY G 292 -68.75 -25.10 88.74
CA GLY G 292 -69.51 -24.40 87.71
C GLY G 292 -70.93 -24.92 87.61
N ARG G 293 -71.12 -26.22 87.83
CA ARG G 293 -72.43 -26.85 87.81
C ARG G 293 -73.15 -26.71 89.15
N ASN G 294 -72.72 -25.77 89.98
CA ASN G 294 -73.41 -25.51 91.24
C ASN G 294 -74.90 -25.20 91.08
N PRO G 295 -75.35 -24.44 90.06
CA PRO G 295 -76.79 -24.15 89.96
C PRO G 295 -77.70 -25.37 89.98
N PHE G 296 -77.14 -26.56 89.81
CA PHE G 296 -77.96 -27.76 89.89
C PHE G 296 -78.48 -28.01 91.31
N GLU G 297 -77.82 -27.44 92.33
CA GLU G 297 -78.35 -27.54 93.68
C GLU G 297 -79.65 -26.76 93.82
N MET G 298 -79.75 -25.63 93.12
CA MET G 298 -81.00 -24.87 93.14
C MET G 298 -82.14 -25.68 92.51
N LEU G 299 -81.85 -26.37 91.40
CA LEU G 299 -82.84 -27.27 90.82
C LEU G 299 -83.17 -28.41 91.76
N ASN G 300 -82.14 -28.96 92.43
CA ASN G 300 -82.37 -30.04 93.39
C ASN G 300 -83.23 -29.57 94.56
N ARG G 301 -83.16 -28.27 94.88
CA ARG G 301 -83.90 -27.76 96.03
C ARG G 301 -85.33 -27.39 95.66
N ARG G 302 -85.55 -26.90 94.43
CA ARG G 302 -86.89 -26.50 94.03
C ARG G 302 -87.78 -27.72 93.79
N PHE G 303 -87.42 -28.55 92.82
CA PHE G 303 -88.05 -29.85 92.63
C PHE G 303 -87.26 -30.89 93.40
N ASN G 304 -87.97 -31.84 94.00
CA ASN G 304 -87.32 -32.85 94.82
C ASN G 304 -86.55 -33.80 93.89
N LEU G 305 -85.27 -33.51 93.68
CA LEU G 305 -84.42 -34.31 92.81
C LEU G 305 -83.04 -34.41 93.43
N ASP G 306 -82.26 -35.38 92.95
CA ASP G 306 -80.87 -35.56 93.37
C ASP G 306 -80.01 -35.67 92.12
N ILE G 307 -79.60 -34.53 91.58
CA ILE G 307 -78.70 -34.47 90.44
C ILE G 307 -77.43 -33.79 90.90
N HIS G 308 -76.33 -34.52 90.93
CA HIS G 308 -75.06 -34.01 91.45
C HIS G 308 -73.98 -34.28 90.42
N PRO G 309 -73.29 -33.26 89.92
CA PRO G 309 -72.21 -33.50 88.96
C PRO G 309 -71.05 -34.23 89.61
N TYR G 310 -70.35 -35.03 88.80
CA TYR G 310 -69.16 -35.73 89.27
C TYR G 310 -68.23 -35.95 88.09
N TYR G 311 -66.95 -36.13 88.40
CA TYR G 311 -65.96 -36.38 87.38
C TYR G 311 -66.08 -37.82 86.86
N ASP G 312 -66.14 -37.97 85.54
CA ASP G 312 -66.26 -39.29 84.92
C ASP G 312 -64.87 -39.94 84.91
N ASP G 313 -64.49 -40.46 86.09
CA ASP G 313 -63.15 -41.02 86.24
C ASP G 313 -63.01 -42.34 85.52
N GLU G 314 -64.05 -43.18 85.53
CA GLU G 314 -63.95 -44.55 85.09
C GLU G 314 -64.87 -44.82 83.91
N ALA G 315 -64.33 -45.53 82.91
CA ALA G 315 -65.12 -46.13 81.85
C ALA G 315 -65.35 -47.59 82.21
N ILE G 316 -66.61 -47.96 82.44
CA ILE G 316 -66.92 -49.27 82.97
C ILE G 316 -66.43 -50.35 82.01
N SER G 317 -66.00 -51.49 82.58
CA SER G 317 -65.39 -52.56 81.80
C SER G 317 -66.01 -53.89 82.19
N GLU G 318 -65.77 -54.90 81.36
CA GLU G 318 -66.26 -56.24 81.67
C GLU G 318 -65.64 -56.77 82.95
N MET G 319 -64.36 -56.52 83.16
CA MET G 319 -63.71 -56.94 84.40
C MET G 319 -64.27 -56.17 85.60
N ASP G 320 -64.53 -54.87 85.43
CA ASP G 320 -65.08 -54.09 86.53
C ASP G 320 -66.45 -54.61 86.94
N ILE G 321 -67.28 -54.98 85.97
CA ILE G 321 -68.60 -55.53 86.28
C ILE G 321 -68.46 -56.86 87.00
N MET G 322 -67.55 -57.71 86.53
CA MET G 322 -67.31 -58.98 87.22
C MET G 322 -66.70 -58.76 88.60
N ASN G 323 -65.83 -57.77 88.73
CA ASN G 323 -65.19 -57.51 90.01
C ASN G 323 -66.20 -57.08 91.07
N LEU G 324 -67.19 -56.27 90.68
CA LEU G 324 -68.22 -55.86 91.63
C LEU G 324 -69.03 -57.05 92.11
N LYS G 325 -69.40 -57.95 91.20
CA LYS G 325 -70.16 -59.14 91.59
C LYS G 325 -69.33 -60.08 92.46
N THR G 326 -68.06 -60.28 92.08
CA THR G 326 -67.17 -61.16 92.82
C THR G 326 -66.81 -60.61 94.20
N ASP G 327 -67.01 -59.31 94.42
CA ASP G 327 -66.71 -58.53 95.62
C ASP G 327 -65.21 -58.24 95.67
N ASN G 328 -64.40 -58.91 94.84
CA ASN G 328 -62.98 -58.60 94.76
C ASN G 328 -62.88 -57.38 93.84
N PHE G 329 -62.97 -56.20 94.47
CA PHE G 329 -62.97 -54.93 93.74
C PHE G 329 -62.04 -53.95 94.43
N GLY G 330 -61.18 -53.30 93.66
CA GLY G 330 -60.33 -52.26 94.17
C GLY G 330 -59.09 -52.81 94.88
N GLY G 331 -58.19 -51.89 95.20
CA GLY G 331 -56.96 -52.23 95.89
C GLY G 331 -55.74 -52.01 95.02
N GLY G 332 -54.62 -52.54 95.52
CA GLY G 332 -53.36 -52.45 94.81
C GLY G 332 -52.47 -51.33 95.32
N LYS G 333 -51.40 -51.70 96.00
CA LYS G 333 -50.44 -50.74 96.54
C LYS G 333 -49.14 -50.83 95.74
N VAL G 334 -48.64 -49.68 95.29
CA VAL G 334 -47.42 -49.64 94.51
C VAL G 334 -46.22 -50.04 95.37
N ASN H 6 -51.43 -28.25 41.98
CA ASN H 6 -50.27 -28.77 42.68
C ASN H 6 -50.23 -28.32 44.13
N ASP H 7 -49.10 -27.76 44.56
CA ASP H 7 -48.96 -27.32 45.94
C ASP H 7 -49.86 -26.13 46.22
N TYR H 8 -50.14 -25.91 47.50
CA TYR H 8 -50.94 -24.78 47.94
C TYR H 8 -50.08 -23.80 48.73
N ILE H 9 -50.31 -22.52 48.48
CA ILE H 9 -49.63 -21.43 49.17
C ILE H 9 -50.64 -20.31 49.33
N GLY H 10 -50.60 -19.65 50.48
CA GLY H 10 -51.54 -18.57 50.72
C GLY H 10 -51.40 -17.46 49.69
N LYS H 11 -52.47 -16.69 49.52
CA LYS H 11 -52.44 -15.60 48.55
C LYS H 11 -51.34 -14.61 48.91
N ASN H 12 -50.73 -14.03 47.87
CA ASN H 12 -49.58 -13.16 48.09
C ASN H 12 -49.96 -11.97 48.95
N LYS H 13 -49.28 -11.81 50.08
CA LYS H 13 -49.44 -10.67 50.96
C LYS H 13 -48.12 -9.94 51.00
N ASP H 14 -48.13 -8.67 50.57
CA ASP H 14 -46.89 -7.89 50.45
C ASP H 14 -46.42 -7.45 51.84
N VAL H 15 -45.96 -8.43 52.62
CA VAL H 15 -45.52 -8.14 53.98
C VAL H 15 -44.09 -7.62 53.99
N GLY H 16 -43.29 -7.98 52.99
CA GLY H 16 -41.91 -7.58 52.96
C GLY H 16 -40.95 -8.75 52.94
N LEU H 17 -39.84 -8.64 53.67
CA LEU H 17 -38.85 -9.71 53.77
C LEU H 17 -38.85 -10.24 55.19
N LYS H 18 -38.94 -11.57 55.33
CA LYS H 18 -39.01 -12.18 56.64
C LYS H 18 -37.60 -12.41 57.19
N VAL H 19 -37.49 -12.37 58.52
CA VAL H 19 -36.22 -12.69 59.17
C VAL H 19 -36.02 -14.21 59.16
N GLU H 20 -34.78 -14.63 59.39
CA GLU H 20 -34.40 -16.03 59.21
C GLU H 20 -35.09 -16.95 60.22
N LEU H 21 -34.82 -18.25 60.13
CA LEU H 21 -35.47 -19.21 61.01
C LEU H 21 -35.06 -19.01 62.46
N THR H 22 -33.80 -18.64 62.71
CA THR H 22 -33.33 -18.50 64.08
C THR H 22 -34.10 -17.41 64.83
N GLU H 23 -34.28 -16.25 64.20
CA GLU H 23 -35.00 -15.16 64.85
C GLU H 23 -36.46 -15.53 65.07
N ASP H 24 -37.08 -16.19 64.09
CA ASP H 24 -38.46 -16.62 64.24
C ASP H 24 -38.62 -17.59 65.40
N ILE H 25 -37.69 -18.54 65.52
CA ILE H 25 -37.76 -19.52 66.61
C ILE H 25 -37.56 -18.83 67.96
N ASP H 26 -36.61 -17.91 68.04
CA ASP H 26 -36.40 -17.21 69.31
C ASP H 26 -37.62 -16.40 69.72
N ARG H 27 -38.25 -15.70 68.77
CA ARG H 27 -39.45 -14.96 69.09
C ARG H 27 -40.58 -15.89 69.51
N ARG H 28 -40.69 -17.04 68.85
CA ARG H 28 -41.73 -18.00 69.23
C ARG H 28 -41.53 -18.49 70.65
N ILE H 29 -40.28 -18.77 71.04
CA ILE H 29 -40.02 -19.21 72.40
C ILE H 29 -40.37 -18.11 73.41
N MET H 30 -40.01 -16.87 73.10
CA MET H 30 -40.33 -15.77 74.01
C MET H 30 -41.83 -15.62 74.19
N GLU H 31 -42.59 -15.67 73.09
CA GLU H 31 -44.05 -15.57 73.20
C GLU H 31 -44.63 -16.76 73.95
N HIS H 32 -44.03 -17.94 73.77
CA HIS H 32 -44.49 -19.11 74.52
C HIS H 32 -44.31 -18.91 76.02
N ARG H 33 -43.16 -18.36 76.43
CA ARG H 33 -42.92 -18.11 77.85
C ARG H 33 -43.94 -17.11 78.40
N ASN H 34 -44.14 -16.01 77.69
CA ASN H 34 -45.09 -15.00 78.17
C ASN H 34 -46.49 -15.57 78.26
N ARG H 35 -46.89 -16.37 77.26
CA ARG H 35 -48.21 -16.99 77.28
C ARG H 35 -48.36 -17.92 78.47
N PHE H 36 -47.33 -18.72 78.76
CA PHE H 36 -47.44 -19.62 79.91
C PHE H 36 -47.58 -18.83 81.21
N ARG H 37 -46.79 -17.76 81.37
CA ARG H 37 -46.90 -16.97 82.59
C ARG H 37 -48.32 -16.45 82.75
N ARG H 38 -48.88 -15.87 81.69
CA ARG H 38 -50.24 -15.35 81.77
C ARG H 38 -51.22 -16.46 82.10
N LEU H 39 -51.09 -17.62 81.45
CA LEU H 39 -52.02 -18.72 81.67
C LEU H 39 -52.01 -19.17 83.12
N ILE H 40 -50.82 -19.38 83.69
CA ILE H 40 -50.77 -19.93 85.04
C ILE H 40 -51.23 -18.91 86.06
N PHE H 41 -50.87 -17.63 85.90
CA PHE H 41 -51.34 -16.62 86.83
C PHE H 41 -52.87 -16.53 86.79
N ASN H 42 -53.44 -16.53 85.58
CA ASN H 42 -54.88 -16.42 85.46
C ASN H 42 -55.57 -17.66 85.99
N ARG H 43 -54.95 -18.83 85.85
CA ARG H 43 -55.55 -20.05 86.39
C ARG H 43 -55.57 -20.03 87.91
N TYR H 44 -54.49 -19.57 88.54
CA TYR H 44 -54.49 -19.48 89.99
C TYR H 44 -55.53 -18.47 90.47
N VAL H 45 -55.63 -17.32 89.81
CA VAL H 45 -56.70 -16.39 90.14
C VAL H 45 -58.07 -17.03 89.91
N GLU H 46 -58.15 -17.94 88.93
CA GLU H 46 -59.41 -18.56 88.56
C GLU H 46 -59.91 -19.49 89.66
N PHE H 47 -59.04 -20.35 90.18
CA PHE H 47 -59.49 -21.33 91.16
C PHE H 47 -59.18 -20.91 92.60
N LEU H 48 -58.68 -19.70 92.82
CA LEU H 48 -58.57 -19.21 94.19
C LEU H 48 -59.89 -19.20 94.94
N PRO H 49 -60.99 -18.67 94.38
CA PRO H 49 -62.23 -18.58 95.19
C PRO H 49 -62.80 -19.92 95.62
N LEU H 50 -62.43 -21.02 94.97
CA LEU H 50 -63.06 -22.31 95.20
C LEU H 50 -62.33 -23.17 96.22
N LEU H 51 -61.31 -22.62 96.89
CA LEU H 51 -60.56 -23.43 97.86
C LEU H 51 -61.41 -23.79 99.07
N ILE H 52 -62.20 -22.85 99.56
CA ILE H 52 -62.99 -23.04 100.77
C ILE H 52 -64.43 -23.32 100.39
N ASN H 53 -65.03 -24.32 101.02
CA ASN H 53 -66.43 -24.68 100.78
C ASN H 53 -67.11 -24.87 102.13
N TYR H 54 -68.43 -24.82 102.12
CA TYR H 54 -69.22 -24.83 103.34
C TYR H 54 -70.22 -25.98 103.33
N THR H 55 -70.52 -26.50 104.51
CA THR H 55 -71.45 -27.62 104.66
C THR H 55 -72.87 -27.12 104.86
N ASN H 56 -73.83 -28.03 104.70
CA ASN H 56 -75.24 -27.76 104.93
C ASN H 56 -75.70 -26.53 104.15
N GLN H 57 -75.36 -26.51 102.86
CA GLN H 57 -75.77 -25.40 101.99
C GLN H 57 -77.27 -25.33 101.82
N ASN H 58 -78.00 -26.42 102.07
CA ASN H 58 -79.45 -26.41 101.86
C ASN H 58 -80.17 -25.67 102.97
N SER H 59 -79.50 -25.36 104.08
CA SER H 59 -80.18 -24.70 105.19
C SER H 59 -80.60 -23.27 104.82
N VAL H 60 -79.77 -22.56 104.08
CA VAL H 60 -79.98 -21.15 103.82
C VAL H 60 -79.76 -20.85 102.34
N GLY H 61 -80.55 -19.94 101.79
CA GLY H 61 -80.39 -19.48 100.43
C GLY H 61 -79.33 -18.40 100.32
N ILE H 62 -78.07 -18.79 100.33
CA ILE H 62 -76.98 -17.85 100.56
C ILE H 62 -76.09 -17.62 99.33
N ASP H 63 -76.09 -18.51 98.35
CA ASP H 63 -75.27 -18.37 97.15
C ASP H 63 -73.79 -18.27 97.52
N PHE H 64 -73.28 -19.40 98.03
CA PHE H 64 -71.93 -19.42 98.59
C PHE H 64 -70.87 -19.03 97.57
N LEU H 65 -71.12 -19.29 96.28
CA LEU H 65 -70.11 -18.99 95.26
C LEU H 65 -69.84 -17.50 95.18
N GLN H 66 -70.89 -16.69 95.09
CA GLN H 66 -70.71 -15.24 95.05
C GLN H 66 -70.09 -14.75 96.35
N LEU H 67 -70.43 -15.40 97.47
CA LEU H 67 -69.82 -15.05 98.75
C LEU H 67 -68.30 -15.21 98.67
N GLU H 68 -67.83 -16.37 98.20
CA GLU H 68 -66.40 -16.62 98.15
C GLU H 68 -65.71 -15.67 97.16
N ILE H 69 -66.34 -15.42 96.01
CA ILE H 69 -65.72 -14.53 95.03
C ILE H 69 -65.60 -13.12 95.60
N ALA H 70 -66.67 -12.62 96.24
CA ALA H 70 -66.62 -11.29 96.82
C ALA H 70 -65.60 -11.21 97.94
N LEU H 71 -65.51 -12.26 98.78
CA LEU H 71 -64.52 -12.25 99.85
C LEU H 71 -63.11 -12.22 99.29
N ARG H 72 -62.84 -13.00 98.23
CA ARG H 72 -61.51 -13.01 97.65
C ARG H 72 -61.17 -11.66 97.03
N GLN H 73 -62.15 -11.02 96.38
CA GLN H 73 -61.86 -9.71 95.81
C GLN H 73 -61.62 -8.63 96.86
N GLY H 74 -61.97 -8.88 98.12
CA GLY H 74 -61.64 -7.97 99.20
C GLY H 74 -62.81 -7.32 99.88
N TYR H 75 -64.04 -7.59 99.45
CA TYR H 75 -65.20 -6.95 100.08
C TYR H 75 -65.40 -7.47 101.49
N GLN H 76 -66.22 -6.76 102.25
CA GLN H 76 -66.66 -7.19 103.58
C GLN H 76 -68.14 -7.55 103.48
N VAL H 77 -68.40 -8.80 103.09
CA VAL H 77 -69.75 -9.23 102.80
C VAL H 77 -70.57 -9.33 104.08
N VAL H 78 -71.82 -8.90 104.01
CA VAL H 78 -72.78 -9.03 105.10
C VAL H 78 -73.71 -10.19 104.78
N VAL H 79 -73.83 -11.11 105.73
CA VAL H 79 -74.73 -12.25 105.61
C VAL H 79 -75.74 -12.17 106.75
N GLY H 80 -77.02 -12.26 106.42
CA GLY H 80 -78.02 -12.12 107.46
C GLY H 80 -79.42 -12.34 106.93
N LYS H 81 -80.38 -12.12 107.81
CA LYS H 81 -81.78 -12.38 107.52
C LYS H 81 -82.44 -11.16 106.91
N ALA H 82 -83.16 -11.37 105.80
CA ALA H 82 -83.84 -10.29 105.11
C ALA H 82 -85.31 -10.23 105.52
N ARG H 83 -86.08 -9.38 104.85
CA ARG H 83 -87.49 -9.25 105.15
C ARG H 83 -88.25 -10.54 104.86
N ASN H 84 -87.76 -11.35 103.93
CA ASN H 84 -88.37 -12.65 103.68
C ASN H 84 -88.22 -13.60 104.86
N GLY H 85 -87.29 -13.32 105.77
CA GLY H 85 -87.00 -14.23 106.85
C GLY H 85 -86.02 -15.33 106.50
N VAL H 86 -85.43 -15.29 105.31
CA VAL H 86 -84.47 -16.30 104.85
C VAL H 86 -83.08 -15.68 104.83
N ILE H 87 -82.11 -16.37 105.41
CA ILE H 87 -80.74 -15.89 105.43
C ILE H 87 -80.22 -15.79 104.01
N MET H 88 -79.56 -14.68 103.70
CA MET H 88 -78.99 -14.46 102.38
C MET H 88 -77.80 -13.52 102.52
N ILE H 89 -77.26 -13.11 101.36
CA ILE H 89 -76.16 -12.16 101.30
C ILE H 89 -76.78 -10.78 101.13
N LEU H 90 -76.75 -9.97 102.18
CA LEU H 90 -77.11 -8.57 102.04
C LEU H 90 -75.91 -7.84 101.45
N GLY H 91 -76.00 -6.53 101.32
CA GLY H 91 -74.92 -5.79 100.71
C GLY H 91 -73.70 -5.71 101.60
N TYR H 92 -72.57 -5.38 100.97
CA TYR H 92 -71.30 -5.24 101.66
C TYR H 92 -71.25 -3.94 102.45
N ILE H 93 -70.13 -3.73 103.14
CA ILE H 93 -69.88 -2.50 103.90
C ILE H 93 -68.66 -1.83 103.29
N GLN H 94 -68.85 -0.60 102.81
CA GLN H 94 -67.75 0.17 102.23
C GLN H 94 -67.18 1.16 103.24
N SER H 95 -66.64 0.62 104.33
CA SER H 95 -66.05 1.44 105.37
C SER H 95 -64.98 0.65 106.09
N MET H 96 -64.07 1.37 106.73
CA MET H 96 -63.01 0.73 107.51
C MET H 96 -63.55 0.28 108.86
N TYR H 97 -62.86 -0.67 109.48
CA TYR H 97 -63.26 -1.17 110.79
C TYR H 97 -62.13 -1.01 111.80
N LYS H 114 -72.32 1.34 119.15
CA LYS H 114 -71.26 0.90 118.26
C LYS H 114 -71.75 -0.21 117.33
N ARG H 115 -72.88 -0.81 117.69
CA ARG H 115 -73.46 -1.87 116.87
C ARG H 115 -73.82 -1.34 115.50
N LEU H 116 -73.49 -2.10 114.46
CA LEU H 116 -73.95 -1.75 113.13
C LEU H 116 -75.46 -1.86 113.05
N THR H 117 -76.10 -0.83 112.51
CA THR H 117 -77.55 -0.69 112.60
C THR H 117 -78.24 -0.81 111.25
N GLN H 118 -77.63 -1.54 110.30
CA GLN H 118 -78.20 -1.84 109.00
C GLN H 118 -78.21 -0.62 108.08
N ASP H 119 -77.89 0.56 108.64
CA ASP H 119 -77.70 1.73 107.80
C ASP H 119 -76.35 1.69 107.10
N ASP H 120 -75.35 1.06 107.72
CA ASP H 120 -74.03 0.99 107.12
C ASP H 120 -73.97 -0.01 105.97
N ILE H 121 -74.93 -0.94 105.91
CA ILE H 121 -74.93 -1.94 104.85
C ILE H 121 -75.22 -1.26 103.51
N THR H 122 -74.39 -1.56 102.52
CA THR H 122 -74.58 -1.04 101.16
C THR H 122 -75.29 -2.12 100.36
N PHE H 123 -76.62 -2.12 100.45
CA PHE H 123 -77.42 -3.25 100.00
C PHE H 123 -77.25 -3.52 98.51
N ILE H 124 -77.32 -4.80 98.15
CA ILE H 124 -77.39 -5.22 96.75
C ILE H 124 -78.64 -6.04 96.45
N ILE H 125 -79.36 -6.50 97.47
CA ILE H 125 -80.60 -7.27 97.30
C ILE H 125 -81.69 -6.32 96.80
N PRO H 126 -82.78 -6.85 96.21
CA PRO H 126 -83.86 -5.97 95.74
C PRO H 126 -84.48 -5.12 96.84
N ASP H 127 -85.32 -4.16 96.45
CA ASP H 127 -85.90 -3.22 97.40
C ASP H 127 -86.79 -3.95 98.41
N TYR H 128 -87.60 -4.89 97.94
CA TYR H 128 -88.54 -5.57 98.82
C TYR H 128 -87.87 -6.48 99.83
N LEU H 129 -86.56 -6.73 99.69
CA LEU H 129 -85.81 -7.55 100.62
C LEU H 129 -85.05 -6.75 101.67
N ARG H 130 -85.09 -5.43 101.61
CA ARG H 130 -84.33 -4.61 102.55
C ARG H 130 -84.98 -4.66 103.93
N PRO H 131 -84.27 -5.11 104.97
CA PRO H 131 -84.86 -5.09 106.31
C PRO H 131 -85.04 -3.67 106.80
N ASP H 132 -86.16 -3.43 107.49
CA ASP H 132 -86.42 -2.10 108.03
C ASP H 132 -85.57 -1.83 109.27
N TYR H 133 -85.23 -2.88 110.02
CA TYR H 133 -84.51 -2.71 111.28
C TYR H 133 -83.72 -3.98 111.54
N ALA H 134 -82.40 -3.92 111.37
CA ALA H 134 -81.53 -5.06 111.61
C ALA H 134 -80.34 -4.61 112.44
N LEU H 135 -79.85 -5.52 113.28
CA LEU H 135 -78.72 -5.24 114.16
C LEU H 135 -77.68 -6.33 114.01
N GLU H 136 -76.41 -5.95 114.02
CA GLU H 136 -75.33 -6.91 113.89
C GLU H 136 -75.28 -7.84 115.10
N ILE H 137 -75.01 -9.12 114.84
CA ILE H 137 -74.80 -10.06 115.93
C ILE H 137 -73.42 -9.83 116.52
N GLU H 138 -73.37 -9.59 117.83
CA GLU H 138 -72.11 -9.32 118.50
C GLU H 138 -71.90 -10.32 119.62
N TYR H 139 -70.62 -10.50 120.00
CA TYR H 139 -70.29 -11.52 120.98
C TYR H 139 -70.84 -11.22 122.36
N TYR H 140 -71.13 -9.94 122.65
CA TYR H 140 -71.89 -9.64 123.86
C TYR H 140 -73.25 -10.32 123.75
N ASP H 141 -73.80 -10.71 124.90
CA ASP H 141 -75.07 -11.43 125.02
C ASP H 141 -75.04 -12.76 124.30
N ASN H 142 -73.84 -13.29 124.06
CA ASN H 142 -73.63 -14.66 123.61
C ASN H 142 -74.17 -14.88 122.19
N CYS H 143 -74.10 -13.85 121.36
CA CYS H 143 -74.57 -13.90 119.97
C CYS H 143 -76.01 -14.36 119.85
N GLN H 144 -76.80 -14.23 120.91
CA GLN H 144 -78.17 -14.70 120.93
C GLN H 144 -79.16 -13.69 120.37
N SER H 145 -78.69 -12.52 119.93
CA SER H 145 -79.56 -11.53 119.33
C SER H 145 -78.84 -10.84 118.19
N GLY H 146 -79.58 -10.54 117.13
CA GLY H 146 -79.01 -9.88 115.97
C GLY H 146 -79.71 -10.38 114.72
N ASP H 147 -79.25 -9.84 113.59
CA ASP H 147 -79.85 -10.20 112.31
C ASP H 147 -78.82 -10.59 111.26
N PHE H 148 -77.60 -10.04 111.34
CA PHE H 148 -76.61 -10.31 110.30
C PHE H 148 -75.22 -10.36 110.91
N ILE H 149 -74.26 -10.80 110.09
CA ILE H 149 -72.86 -10.85 110.47
C ILE H 149 -72.05 -10.23 109.34
N VAL H 150 -70.80 -9.90 109.65
CA VAL H 150 -69.87 -9.32 108.68
C VAL H 150 -68.68 -10.26 108.55
N LEU H 151 -68.39 -10.68 107.32
CA LEU H 151 -67.27 -11.57 107.04
C LEU H 151 -66.15 -10.80 106.36
N ARG H 152 -64.92 -11.25 106.59
CA ARG H 152 -63.76 -10.70 105.92
C ARG H 152 -62.87 -11.84 105.45
N ASN H 153 -62.07 -11.57 104.44
CA ASN H 153 -61.28 -12.62 103.81
C ASN H 153 -60.29 -13.24 104.77
N LYS H 154 -59.58 -12.42 105.54
CA LYS H 154 -58.54 -12.89 106.44
C LYS H 154 -58.70 -12.21 107.79
N PRO H 155 -58.33 -12.89 108.88
CA PRO H 155 -58.43 -12.25 110.20
C PRO H 155 -57.51 -11.05 110.33
N VAL H 156 -56.23 -11.25 110.06
CA VAL H 156 -55.26 -10.16 109.95
C VAL H 156 -54.77 -10.12 108.51
N ASN H 157 -54.82 -8.95 107.90
CA ASN H 157 -54.58 -8.80 106.47
C ASN H 157 -53.35 -7.91 106.30
N LEU H 158 -52.18 -8.54 106.20
CA LEU H 158 -50.93 -7.83 106.01
C LEU H 158 -50.33 -8.00 104.62
N ASN H 159 -50.78 -8.98 103.85
CA ASN H 159 -50.16 -9.31 102.57
C ASN H 159 -51.22 -9.42 101.49
N ASN H 160 -50.83 -9.09 100.27
CA ASN H 160 -51.71 -9.19 99.11
C ASN H 160 -51.51 -10.57 98.48
N ASP H 161 -52.58 -11.36 98.45
CA ASP H 161 -52.49 -12.71 97.89
C ASP H 161 -52.10 -12.68 96.42
N TYR H 162 -52.68 -11.75 95.66
CA TYR H 162 -52.39 -11.70 94.23
C TYR H 162 -50.93 -11.33 93.96
N GLN H 163 -50.26 -10.70 94.93
CA GLN H 163 -48.84 -10.44 94.75
C GLN H 163 -48.03 -11.71 94.92
N ILE H 164 -48.44 -12.59 95.83
CA ILE H 164 -47.73 -13.86 96.02
C ILE H 164 -47.78 -14.69 94.74
N ILE H 165 -48.92 -14.66 94.05
CA ILE H 165 -49.03 -15.37 92.77
C ILE H 165 -48.08 -14.75 91.75
N GLU H 166 -47.99 -13.42 91.73
CA GLU H 166 -47.09 -12.77 90.78
C GLU H 166 -45.63 -13.07 91.10
N HIS H 167 -45.29 -13.21 92.38
CA HIS H 167 -43.90 -13.45 92.74
C HIS H 167 -43.43 -14.81 92.25
N TYR H 168 -44.29 -15.82 92.32
CA TYR H 168 -43.88 -17.16 91.92
C TYR H 168 -44.14 -17.43 90.45
N CYS H 169 -45.11 -16.73 89.84
CA CYS H 169 -45.31 -16.89 88.41
C CYS H 169 -44.13 -16.37 87.62
N ASP H 170 -43.37 -15.43 88.19
CA ASP H 170 -42.13 -14.99 87.55
C ASP H 170 -41.08 -16.08 87.57
N GLU H 171 -41.01 -16.85 88.66
CA GLU H 171 -40.04 -17.93 88.74
C GLU H 171 -40.48 -19.14 87.92
N LEU H 172 -41.79 -19.35 87.76
CA LEU H 172 -42.27 -20.44 86.92
C LEU H 172 -42.10 -20.11 85.44
N ALA H 173 -42.22 -18.83 85.07
CA ALA H 173 -42.07 -18.44 83.68
C ALA H 173 -40.64 -18.61 83.21
N GLU H 174 -39.67 -18.39 84.10
CA GLU H 174 -38.27 -18.55 83.72
C GLU H 174 -37.94 -20.00 83.47
N ILE H 175 -38.54 -20.93 84.24
CA ILE H 175 -38.26 -22.34 84.06
C ILE H 175 -38.80 -22.84 82.74
N ILE H 176 -40.02 -22.41 82.38
CA ILE H 176 -40.61 -22.84 81.11
C ILE H 176 -39.79 -22.33 79.94
N LEU H 177 -39.21 -21.14 80.05
CA LEU H 177 -38.25 -20.69 79.05
C LEU H 177 -37.09 -21.66 78.94
N SER H 178 -36.58 -22.13 80.08
CA SER H 178 -35.46 -23.08 80.04
C SER H 178 -35.91 -24.47 79.63
N ARG H 179 -37.10 -24.89 80.06
CA ARG H 179 -37.58 -26.22 79.70
C ARG H 179 -37.95 -26.31 78.23
N PHE H 180 -38.61 -25.28 77.71
CA PHE H 180 -38.99 -25.30 76.29
C PHE H 180 -37.79 -25.10 75.39
N SER H 181 -36.83 -24.28 75.81
CA SER H 181 -35.61 -24.12 75.01
C SER H 181 -34.82 -25.40 74.91
N LEU H 182 -35.04 -26.34 75.85
CA LEU H 182 -34.37 -27.63 75.79
C LEU H 182 -35.06 -28.58 74.82
N ILE H 183 -36.38 -28.48 74.69
CA ILE H 183 -37.10 -29.36 73.78
C ILE H 183 -36.80 -28.98 72.34
N MET H 184 -36.82 -27.69 72.03
CA MET H 184 -36.52 -27.25 70.67
C MET H 184 -35.07 -27.55 70.30
N GLN H 185 -34.14 -27.31 71.23
CA GLN H 185 -32.73 -27.56 70.97
C GLN H 185 -32.45 -29.05 70.76
N SER H 186 -33.05 -29.90 71.59
CA SER H 186 -32.72 -31.32 71.61
C SER H 186 -33.32 -32.02 70.41
N LYS H 187 -32.62 -31.93 69.28
CA LYS H 187 -32.99 -32.64 68.07
C LYS H 187 -31.75 -33.33 67.52
N PHE H 188 -31.88 -34.63 67.24
CA PHE H 188 -30.75 -35.48 66.89
C PHE H 188 -30.73 -35.74 65.39
N SER H 189 -29.53 -35.77 64.82
CA SER H 189 -29.35 -36.11 63.42
C SER H 189 -27.98 -36.72 63.23
N LYS H 190 -27.83 -37.47 62.14
CA LYS H 190 -26.59 -38.14 61.80
C LYS H 190 -25.99 -37.50 60.57
N ILE H 191 -24.73 -37.07 60.67
CA ILE H 191 -24.09 -36.27 59.64
C ILE H 191 -23.07 -37.14 58.88
N PHE H 192 -23.11 -37.06 57.56
CA PHE H 192 -22.16 -37.76 56.70
C PHE H 192 -21.17 -36.73 56.14
N LEU H 193 -19.89 -36.97 56.35
CA LEU H 193 -18.84 -36.11 55.85
C LEU H 193 -18.19 -36.75 54.63
N SER H 194 -18.15 -36.02 53.53
CA SER H 194 -17.57 -36.49 52.28
C SER H 194 -17.41 -35.29 51.36
N ASP H 195 -17.12 -35.56 50.09
CA ASP H 195 -17.03 -34.50 49.11
C ASP H 195 -18.41 -33.93 48.83
N ILE H 196 -18.44 -32.65 48.43
CA ILE H 196 -19.69 -31.90 48.38
C ILE H 196 -20.67 -32.47 47.36
N GLN H 197 -20.19 -33.15 46.32
CA GLN H 197 -21.11 -33.79 45.38
C GLN H 197 -20.81 -35.27 45.19
N ASP H 198 -20.19 -35.92 46.18
CA ASP H 198 -19.84 -37.32 46.08
C ASP H 198 -21.10 -38.17 46.12
N GLU H 199 -21.43 -38.81 44.99
CA GLU H 199 -22.66 -39.57 44.90
C GLU H 199 -22.67 -40.82 45.76
N THR H 200 -21.53 -41.22 46.33
CA THR H 200 -21.53 -42.40 47.17
C THR H 200 -22.33 -42.19 48.44
N ILE H 201 -22.56 -40.95 48.85
CA ILE H 201 -23.36 -40.69 50.04
C ILE H 201 -24.82 -41.00 49.79
N ASN H 202 -25.34 -40.58 48.63
CA ASN H 202 -26.75 -40.78 48.33
C ASN H 202 -27.09 -42.27 48.29
N GLN H 203 -26.21 -43.08 47.69
CA GLN H 203 -26.43 -44.52 47.68
C GLN H 203 -26.28 -45.10 49.08
N PHE H 204 -25.39 -44.52 49.89
CA PHE H 204 -25.18 -45.01 51.24
C PHE H 204 -26.40 -44.73 52.12
N ILE H 205 -26.91 -43.50 52.08
CA ILE H 205 -28.07 -43.14 52.90
C ILE H 205 -29.28 -43.96 52.50
N ASN H 206 -29.49 -44.15 51.19
CA ASN H 206 -30.62 -44.94 50.73
C ASN H 206 -30.55 -46.37 51.27
N LYS H 207 -29.38 -46.98 51.22
CA LYS H 207 -29.24 -48.32 51.79
C LYS H 207 -29.43 -48.30 53.30
N LEU H 208 -28.82 -47.33 53.98
CA LEU H 208 -28.88 -47.30 55.45
C LEU H 208 -30.30 -47.07 55.95
N TYR H 209 -31.03 -46.14 55.34
CA TYR H 209 -32.38 -45.83 55.81
C TYR H 209 -33.31 -47.02 55.61
N ASN H 210 -33.28 -47.61 54.43
CA ASN H 210 -33.98 -48.88 54.24
C ASN H 210 -33.24 -49.99 54.96
N GLY H 211 -33.80 -51.18 54.92
CA GLY H 211 -33.10 -52.32 55.48
C GLY H 211 -31.82 -52.61 54.73
N ALA H 212 -30.72 -52.73 55.46
CA ALA H 212 -29.44 -53.09 54.85
C ALA H 212 -28.55 -53.69 55.92
N PRO H 213 -28.66 -54.99 56.17
CA PRO H 213 -27.77 -55.62 57.15
C PRO H 213 -26.30 -55.50 56.79
N PHE H 214 -25.95 -55.55 55.51
CA PHE H 214 -24.56 -55.52 55.09
C PHE H 214 -24.38 -54.48 53.98
N ILE H 215 -23.45 -53.56 54.17
CA ILE H 215 -23.12 -52.54 53.19
C ILE H 215 -21.65 -52.68 52.82
N LYS H 216 -21.35 -52.53 51.54
CA LYS H 216 -20.00 -52.71 51.03
C LYS H 216 -19.47 -51.38 50.49
N THR H 217 -18.36 -50.92 51.06
CA THR H 217 -17.68 -49.71 50.60
C THR H 217 -16.18 -49.99 50.56
N ASP H 218 -15.40 -48.93 50.38
CA ASP H 218 -13.95 -49.04 50.40
C ASP H 218 -13.38 -48.12 51.47
N LYS H 219 -12.05 -48.13 51.58
CA LYS H 219 -11.38 -47.51 52.73
C LYS H 219 -11.50 -45.99 52.75
N TYR H 220 -11.83 -45.36 51.62
CA TYR H 220 -11.76 -43.91 51.56
C TYR H 220 -12.92 -43.21 52.24
N ILE H 221 -13.90 -43.96 52.74
CA ILE H 221 -14.96 -43.41 53.60
C ILE H 221 -15.10 -44.38 54.77
N ASP H 222 -14.40 -44.10 55.87
CA ASP H 222 -14.43 -44.99 57.03
C ASP H 222 -15.49 -44.50 58.02
N PRO H 223 -16.43 -45.36 58.43
CA PRO H 223 -17.52 -44.89 59.28
C PRO H 223 -17.07 -44.39 60.64
N GLU H 224 -15.87 -44.74 61.08
CA GLU H 224 -15.42 -44.31 62.40
C GLU H 224 -15.29 -42.79 62.48
N GLU H 225 -14.91 -42.14 61.38
CA GLU H 225 -14.65 -40.72 61.38
C GLU H 225 -15.58 -39.90 60.50
N ASP H 226 -16.02 -40.43 59.36
CA ASP H 226 -16.83 -39.62 58.45
C ASP H 226 -18.30 -39.57 58.83
N ILE H 227 -18.76 -40.40 59.75
CA ILE H 227 -20.16 -40.43 60.16
C ILE H 227 -20.22 -40.06 61.64
N ILE H 228 -20.66 -38.84 61.93
CA ILE H 228 -20.76 -38.34 63.29
C ILE H 228 -22.22 -38.02 63.57
N ASP H 229 -22.55 -37.92 64.86
CA ASP H 229 -23.91 -37.70 65.30
C ASP H 229 -24.00 -36.42 66.13
N LEU H 230 -25.05 -35.65 65.90
CA LEU H 230 -25.34 -34.46 66.70
C LEU H 230 -26.31 -34.84 67.81
N GLY H 231 -25.96 -34.51 69.05
CA GLY H 231 -26.80 -34.81 70.18
C GLY H 231 -27.06 -33.57 71.01
N SER H 232 -28.11 -33.65 71.82
CA SER H 232 -28.44 -32.54 72.70
C SER H 232 -27.35 -32.32 73.74
N ASP H 233 -26.77 -33.40 74.25
CA ASP H 233 -25.79 -33.45 75.33
C ASP H 233 -26.44 -33.04 76.66
N PHE H 234 -27.72 -32.69 76.67
CA PHE H 234 -28.43 -32.31 77.89
C PHE H 234 -29.66 -33.16 78.16
N VAL H 235 -30.02 -34.08 77.27
CA VAL H 235 -31.18 -34.92 77.49
C VAL H 235 -30.98 -35.82 78.69
N THR H 236 -29.74 -36.23 78.96
CA THR H 236 -29.47 -37.13 80.08
C THR H 236 -29.77 -36.46 81.41
N THR H 237 -29.39 -35.19 81.56
CA THR H 237 -29.48 -34.52 82.86
C THR H 237 -30.40 -33.32 82.88
N ALA H 238 -30.27 -32.41 81.91
CA ALA H 238 -30.94 -31.11 82.01
C ALA H 238 -32.46 -31.25 81.97
N LEU H 239 -32.97 -32.17 81.15
CA LEU H 239 -34.42 -32.32 81.06
C LEU H 239 -35.02 -32.83 82.37
N VAL H 240 -34.28 -33.67 83.09
CA VAL H 240 -34.78 -34.18 84.36
C VAL H 240 -34.71 -33.11 85.45
N GLU H 241 -33.57 -32.42 85.54
CA GLU H 241 -33.37 -31.45 86.61
C GLU H 241 -34.30 -30.26 86.49
N MET H 242 -34.52 -29.76 85.27
CA MET H 242 -35.38 -28.59 85.10
C MET H 242 -36.81 -28.91 85.50
N LYS H 243 -37.32 -30.08 85.12
CA LYS H 243 -38.67 -30.46 85.55
C LYS H 243 -38.75 -30.59 87.06
N ARG H 244 -37.74 -31.21 87.68
CA ARG H 244 -37.75 -31.34 89.13
C ARG H 244 -37.77 -29.97 89.81
N GLU H 245 -37.07 -28.99 89.23
CA GLU H 245 -37.12 -27.65 89.79
C GLU H 245 -38.43 -26.95 89.44
N TYR H 246 -39.04 -27.30 88.32
CA TYR H 246 -40.36 -26.76 87.99
C TYR H 246 -41.40 -27.23 88.99
N GLN H 247 -41.33 -28.51 89.39
CA GLN H 247 -42.31 -29.03 90.33
C GLN H 247 -42.14 -28.43 91.71
N ASN H 248 -40.94 -27.97 92.05
CA ASN H 248 -40.72 -27.35 93.36
C ASN H 248 -41.42 -26.01 93.45
N LYS H 249 -41.27 -25.16 92.43
CA LYS H 249 -41.83 -23.82 92.49
C LYS H 249 -43.35 -23.85 92.50
N VAL H 250 -43.96 -24.74 91.72
CA VAL H 250 -45.42 -24.87 91.76
C VAL H 250 -45.85 -25.46 93.10
N SER H 251 -44.98 -26.25 93.73
CA SER H 251 -45.28 -26.73 95.08
C SER H 251 -45.06 -25.64 96.11
N GLU H 252 -44.01 -24.83 95.95
CA GLU H 252 -43.78 -23.73 96.87
C GLU H 252 -44.89 -22.69 96.78
N LEU H 253 -45.38 -22.43 95.57
CA LEU H 253 -46.45 -21.45 95.40
C LEU H 253 -47.74 -21.95 96.06
N SER H 254 -48.08 -23.22 95.87
CA SER H 254 -49.32 -23.73 96.43
C SER H 254 -49.29 -23.73 97.96
N ASN H 255 -48.16 -24.14 98.54
CA ASN H 255 -48.05 -24.13 99.99
C ASN H 255 -48.12 -22.72 100.55
N PHE H 256 -47.59 -21.74 99.83
CA PHE H 256 -47.65 -20.36 100.29
C PHE H 256 -49.10 -19.89 100.37
N LEU H 257 -49.90 -20.23 99.37
CA LEU H 257 -51.33 -20.00 99.46
C LEU H 257 -51.97 -21.14 100.25
N GLY H 258 -53.31 -21.18 100.24
CA GLY H 258 -53.99 -22.23 100.98
C GLY H 258 -53.96 -23.58 100.31
N VAL H 259 -53.53 -23.64 99.05
CA VAL H 259 -53.60 -24.89 98.29
C VAL H 259 -52.74 -25.94 98.96
N ASN H 260 -53.35 -27.10 99.23
CA ASN H 260 -52.66 -28.16 99.94
C ASN H 260 -53.33 -29.49 99.66
N SER H 261 -52.65 -30.57 100.04
CA SER H 261 -53.18 -31.92 99.95
C SER H 261 -52.85 -32.69 101.22
N LEU H 262 -53.06 -32.05 102.37
CA LEU H 262 -52.60 -32.64 103.64
C LEU H 262 -53.47 -33.81 104.06
N ALA H 263 -54.73 -33.82 103.64
CA ALA H 263 -55.61 -34.93 103.99
C ALA H 263 -55.11 -36.24 103.40
N VAL H 264 -54.65 -36.21 102.15
CA VAL H 264 -54.14 -37.41 101.51
C VAL H 264 -52.75 -37.76 102.06
N ASP H 265 -51.91 -36.74 102.28
CA ASP H 265 -50.54 -37.00 102.71
C ASP H 265 -50.50 -37.71 104.05
N LYS H 266 -51.41 -37.37 104.96
CA LYS H 266 -51.42 -38.04 106.26
C LYS H 266 -51.72 -39.53 106.13
N GLU H 267 -52.62 -39.89 105.22
CA GLU H 267 -52.95 -41.31 105.03
C GLU H 267 -51.80 -42.05 104.36
N SER H 268 -51.23 -41.46 103.30
CA SER H 268 -50.16 -42.13 102.57
C SER H 268 -48.91 -42.29 103.40
N GLY H 269 -48.60 -41.31 104.25
CA GLY H 269 -47.42 -41.38 105.08
C GLY H 269 -46.17 -40.78 104.51
N VAL H 270 -46.29 -39.80 103.61
CA VAL H 270 -45.12 -39.12 103.08
C VAL H 270 -44.51 -38.25 104.17
N SER H 271 -43.20 -38.37 104.36
CA SER H 271 -42.53 -37.64 105.41
C SER H 271 -42.24 -36.20 104.96
N ASP H 272 -41.63 -35.43 105.86
CA ASP H 272 -41.29 -34.04 105.55
C ASP H 272 -40.17 -33.96 104.53
N THR H 273 -39.20 -34.87 104.61
CA THR H 273 -38.09 -34.86 103.66
C THR H 273 -38.41 -35.66 102.40
N GLU H 274 -39.34 -36.61 102.47
CA GLU H 274 -39.69 -37.39 101.28
C GLU H 274 -40.27 -36.50 100.20
N ALA H 275 -41.27 -35.70 100.54
CA ALA H 275 -41.79 -34.67 99.65
C ALA H 275 -41.17 -33.34 100.08
N LYS H 276 -40.44 -32.70 99.17
CA LYS H 276 -39.63 -31.54 99.51
C LYS H 276 -40.55 -30.36 99.79
N SER H 277 -41.12 -30.37 100.99
CA SER H 277 -42.00 -29.31 101.45
C SER H 277 -42.09 -29.38 102.97
N ASN H 278 -42.71 -28.37 103.55
CA ASN H 278 -42.91 -28.29 104.99
C ASN H 278 -44.40 -28.41 105.29
N ARG H 279 -44.74 -29.20 106.31
CA ARG H 279 -46.15 -29.40 106.64
C ARG H 279 -46.67 -28.31 107.57
N SER H 280 -45.87 -27.91 108.56
CA SER H 280 -46.33 -26.91 109.50
C SER H 280 -46.56 -25.57 108.82
N PHE H 281 -45.76 -25.27 107.79
CA PHE H 281 -45.94 -24.02 107.07
C PHE H 281 -47.22 -24.04 106.23
N THR H 282 -47.46 -25.14 105.51
CA THR H 282 -48.62 -25.19 104.64
C THR H 282 -49.90 -25.43 105.43
N THR H 283 -49.80 -25.98 106.64
CA THR H 283 -50.98 -26.13 107.47
C THR H 283 -51.45 -24.79 108.00
N SER H 284 -50.53 -23.97 108.51
CA SER H 284 -50.90 -22.69 109.07
C SER H 284 -51.36 -21.72 108.00
N ASN H 285 -50.82 -21.84 106.78
CA ASN H 285 -51.26 -21.00 105.69
C ASN H 285 -52.74 -21.24 105.37
N SER H 286 -53.16 -22.50 105.38
CA SER H 286 -54.57 -22.81 105.14
C SER H 286 -55.44 -22.30 106.28
N ASN H 287 -54.89 -22.26 107.50
CA ASN H 287 -55.67 -21.82 108.65
C ASN H 287 -56.01 -20.34 108.58
N ILE H 288 -55.28 -19.55 107.77
CA ILE H 288 -55.59 -18.13 107.66
C ILE H 288 -56.99 -17.95 107.07
N TYR H 289 -57.33 -18.73 106.05
CA TYR H 289 -58.59 -18.55 105.37
C TYR H 289 -59.74 -19.25 106.09
N LEU H 290 -59.49 -20.40 106.70
CA LEU H 290 -60.53 -21.06 107.47
C LEU H 290 -60.94 -20.23 108.68
N ARG H 291 -59.97 -19.61 109.34
CA ARG H 291 -60.28 -18.76 110.49
C ARG H 291 -60.83 -17.41 110.05
N GLY H 292 -60.60 -17.03 108.80
CA GLY H 292 -61.19 -15.79 108.31
C GLY H 292 -62.70 -15.85 108.23
N ARG H 293 -63.25 -17.04 108.04
CA ARG H 293 -64.68 -17.26 108.02
C ARG H 293 -65.24 -17.57 109.40
N ASN H 294 -64.54 -17.17 110.47
CA ASN H 294 -65.01 -17.38 111.82
C ASN H 294 -66.39 -16.82 112.11
N PRO H 295 -66.78 -15.62 111.61
CA PRO H 295 -68.12 -15.09 111.92
C PRO H 295 -69.26 -16.07 111.63
N PHE H 296 -69.02 -17.08 110.81
CA PHE H 296 -70.06 -18.07 110.55
C PHE H 296 -70.43 -18.84 111.82
N GLU H 297 -69.55 -18.84 112.82
CA GLU H 297 -69.92 -19.43 114.10
C GLU H 297 -70.98 -18.59 114.81
N MET H 298 -70.99 -17.28 114.56
CA MET H 298 -71.99 -16.42 115.17
C MET H 298 -73.38 -16.70 114.61
N LEU H 299 -73.46 -17.02 113.31
CA LEU H 299 -74.74 -17.40 112.73
C LEU H 299 -75.31 -18.64 113.40
N ASN H 300 -74.45 -19.63 113.66
CA ASN H 300 -74.91 -20.89 114.23
C ASN H 300 -75.54 -20.69 115.61
N ARG H 301 -74.94 -19.84 116.43
CA ARG H 301 -75.50 -19.60 117.76
C ARG H 301 -76.81 -18.83 117.69
N ARG H 302 -76.90 -17.86 116.76
CA ARG H 302 -78.11 -17.03 116.69
C ARG H 302 -79.29 -17.85 116.17
N PHE H 303 -79.20 -18.34 114.95
CA PHE H 303 -80.17 -19.30 114.41
C PHE H 303 -79.50 -20.65 114.39
N ASN H 304 -80.17 -21.66 114.96
CA ASN H 304 -79.54 -22.96 115.13
C ASN H 304 -79.22 -23.56 113.77
N LEU H 305 -77.94 -23.54 113.40
CA LEU H 305 -77.50 -23.96 112.08
C LEU H 305 -76.13 -24.59 112.21
N ASP H 306 -75.78 -25.46 111.26
CA ASP H 306 -74.47 -26.08 111.21
C ASP H 306 -73.85 -25.75 109.85
N ILE H 307 -73.21 -24.59 109.78
CA ILE H 307 -72.44 -24.18 108.60
C ILE H 307 -71.01 -23.97 109.06
N HIS H 308 -70.10 -24.83 108.58
CA HIS H 308 -68.71 -24.76 108.97
C HIS H 308 -67.85 -24.78 107.72
N PRO H 309 -66.91 -23.83 107.57
CA PRO H 309 -66.02 -23.86 106.42
C PRO H 309 -65.07 -25.05 106.48
N TYR H 310 -64.64 -25.51 105.31
CA TYR H 310 -63.68 -26.59 105.21
C TYR H 310 -62.99 -26.50 103.86
N TYR H 311 -61.70 -26.81 103.84
CA TYR H 311 -60.96 -26.83 102.59
C TYR H 311 -61.55 -27.88 101.65
N ASP H 312 -61.82 -27.49 100.41
CA ASP H 312 -62.38 -28.41 99.41
C ASP H 312 -61.23 -29.23 98.85
N ASP H 313 -60.91 -30.31 99.54
CA ASP H 313 -59.76 -31.14 99.24
C ASP H 313 -60.05 -32.20 98.18
N GLU H 314 -61.31 -32.42 97.82
CA GLU H 314 -61.68 -33.55 96.98
C GLU H 314 -62.59 -33.11 95.85
N ALA H 315 -62.30 -33.61 94.65
CA ALA H 315 -63.18 -33.49 93.50
C ALA H 315 -63.84 -34.86 93.30
N ILE H 316 -65.17 -34.90 93.37
CA ILE H 316 -65.87 -36.17 93.37
C ILE H 316 -65.72 -36.86 92.02
N SER H 317 -65.34 -38.14 92.05
CA SER H 317 -65.12 -38.93 90.84
C SER H 317 -66.13 -40.07 90.80
N GLU H 318 -66.23 -40.70 89.63
CA GLU H 318 -67.05 -41.91 89.53
C GLU H 318 -66.46 -43.03 90.37
N MET H 319 -65.13 -43.12 90.44
CA MET H 319 -64.50 -44.12 91.28
C MET H 319 -64.83 -43.89 92.75
N ASP H 320 -64.80 -42.63 93.19
CA ASP H 320 -65.07 -42.35 94.60
C ASP H 320 -66.50 -42.73 94.96
N ILE H 321 -67.48 -42.38 94.12
CA ILE H 321 -68.86 -42.72 94.42
C ILE H 321 -69.03 -44.24 94.49
N MET H 322 -68.34 -44.97 93.62
CA MET H 322 -68.38 -46.42 93.68
C MET H 322 -67.56 -46.95 94.85
N ASN H 323 -66.52 -46.22 95.26
CA ASN H 323 -65.74 -46.65 96.41
C ASN H 323 -66.52 -46.54 97.70
N LEU H 324 -67.44 -45.57 97.79
CA LEU H 324 -68.28 -45.46 98.98
C LEU H 324 -69.15 -46.69 99.14
N LYS H 325 -69.82 -47.12 98.07
CA LYS H 325 -70.72 -48.25 98.16
C LYS H 325 -69.96 -49.56 98.34
N THR H 326 -68.80 -49.68 97.72
CA THR H 326 -67.97 -50.87 97.87
C THR H 326 -67.33 -50.94 99.25
N ASP H 327 -67.36 -49.85 100.01
CA ASP H 327 -66.87 -49.68 101.38
C ASP H 327 -65.34 -49.57 101.32
N ASN H 328 -64.72 -49.87 100.19
CA ASN H 328 -63.27 -49.76 100.04
C ASN H 328 -62.98 -48.30 99.70
N PHE H 329 -62.59 -47.53 100.72
CA PHE H 329 -62.25 -46.13 100.55
C PHE H 329 -60.90 -45.88 101.21
N GLY H 330 -59.97 -45.31 100.46
CA GLY H 330 -58.69 -44.89 101.00
C GLY H 330 -57.75 -46.04 101.25
N GLY H 331 -56.56 -45.70 101.72
CA GLY H 331 -55.53 -46.65 102.06
C GLY H 331 -54.23 -46.34 101.37
N GLY H 332 -53.37 -47.34 101.31
CA GLY H 332 -52.07 -47.21 100.68
C GLY H 332 -51.00 -46.70 101.62
N LYS H 333 -49.76 -46.73 101.13
CA LYS H 333 -48.62 -46.24 101.87
C LYS H 333 -47.50 -45.93 100.88
N VAL H 334 -46.54 -45.14 101.33
CA VAL H 334 -45.41 -44.77 100.48
C VAL H 334 -44.12 -45.37 101.04
N SER I 2 -27.54 -26.13 43.12
CA SER I 2 -28.16 -24.82 43.03
C SER I 2 -29.42 -24.74 43.89
N LYS I 3 -29.53 -25.64 44.87
CA LYS I 3 -30.72 -25.65 45.72
C LYS I 3 -30.74 -24.44 46.65
N HIS I 4 -29.60 -23.86 46.96
CA HIS I 4 -29.53 -22.70 47.84
C HIS I 4 -29.00 -21.46 47.14
N THR I 5 -27.84 -21.56 46.51
CA THR I 5 -27.29 -20.45 45.72
C THR I 5 -26.72 -21.04 44.44
N THR I 6 -26.38 -20.16 43.50
CA THR I 6 -25.98 -20.60 42.19
C THR I 6 -24.61 -21.28 42.21
N THR I 7 -24.31 -21.97 41.12
CA THR I 7 -23.02 -22.60 40.90
C THR I 7 -22.17 -21.72 39.98
N LEU I 8 -20.86 -21.99 39.98
CA LEU I 8 -19.98 -21.25 39.08
C LEU I 8 -20.37 -21.50 37.62
N TYR I 9 -20.79 -22.73 37.32
CA TYR I 9 -21.17 -23.05 35.95
C TYR I 9 -22.34 -22.18 35.50
N GLU I 10 -23.32 -21.95 36.37
CA GLU I 10 -24.46 -21.14 35.98
C GLU I 10 -24.07 -19.71 35.69
N ILE I 11 -23.19 -19.13 36.51
CA ILE I 11 -22.76 -17.75 36.29
C ILE I 11 -21.99 -17.64 34.98
N ILE I 12 -21.06 -18.58 34.75
CA ILE I 12 -20.27 -18.53 33.53
C ILE I 12 -21.17 -18.72 32.31
N GLU I 13 -22.13 -19.63 32.39
CA GLU I 13 -23.07 -19.84 31.29
C GLU I 13 -23.90 -18.59 31.03
N SER I 14 -24.34 -17.91 32.09
CA SER I 14 -25.13 -16.70 31.92
C SER I 14 -24.33 -15.62 31.21
N GLU I 15 -23.07 -15.43 31.63
CA GLU I 15 -22.24 -14.42 30.97
C GLU I 15 -21.96 -14.79 29.51
N LEU I 16 -21.72 -16.08 29.24
CA LEU I 16 -21.49 -16.50 27.86
C LEU I 16 -22.72 -16.26 27.01
N GLN I 17 -23.91 -16.50 27.56
CA GLN I 17 -25.14 -16.19 26.82
C GLN I 17 -25.27 -14.70 26.59
N ARG I 18 -24.84 -13.89 27.55
CA ARG I 18 -24.81 -12.44 27.34
C ARG I 18 -23.92 -12.08 26.16
N LEU I 19 -22.79 -12.77 26.02
CA LEU I 19 -21.89 -12.47 24.91
C LEU I 19 -22.52 -12.72 23.55
N GLY I 20 -23.64 -13.45 23.49
CA GLY I 20 -24.34 -13.69 22.26
C GLY I 20 -24.11 -15.05 21.64
N LEU I 21 -23.35 -15.91 22.30
CA LEU I 21 -23.05 -17.24 21.75
C LEU I 21 -24.27 -18.14 21.83
N ASN I 22 -24.39 -19.05 20.88
CA ASN I 22 -25.42 -20.07 20.87
C ASN I 22 -24.78 -21.42 20.67
N GLU I 23 -25.21 -22.41 21.45
CA GLU I 23 -24.56 -23.70 21.43
C GLU I 23 -25.18 -24.67 20.43
N PHE I 24 -26.43 -24.47 20.04
CA PHE I 24 -27.13 -25.48 19.24
C PHE I 24 -27.08 -25.16 17.74
N VAL I 25 -27.61 -24.01 17.33
CA VAL I 25 -27.83 -23.76 15.91
C VAL I 25 -26.50 -23.48 15.20
N ASN I 26 -25.62 -22.71 15.85
CA ASN I 26 -24.29 -22.37 15.31
C ASN I 26 -24.46 -21.82 13.89
N ASN I 27 -23.67 -22.27 12.91
CA ASN I 27 -23.69 -21.71 11.56
C ASN I 27 -24.57 -22.53 10.63
N ASP I 28 -25.88 -22.47 10.91
CA ASP I 28 -26.94 -23.07 10.12
C ASP I 28 -26.91 -24.59 10.12
N ARG I 29 -26.19 -25.22 11.04
CA ARG I 29 -26.24 -26.66 11.23
C ARG I 29 -26.39 -26.95 12.71
N ILE I 30 -27.45 -27.65 13.08
CA ILE I 30 -27.82 -27.81 14.48
C ILE I 30 -27.16 -29.07 15.03
N HIS I 31 -26.47 -28.92 16.14
CA HIS I 31 -25.90 -30.04 16.89
C HIS I 31 -26.36 -29.94 18.33
N PHE I 32 -26.88 -31.04 18.88
CA PHE I 32 -27.30 -31.02 20.26
C PHE I 32 -26.11 -30.89 21.21
N ASN I 33 -25.04 -31.65 20.95
CA ASN I 33 -23.79 -31.55 21.70
C ASN I 33 -22.65 -31.30 20.71
N ASP I 34 -22.39 -30.02 20.45
CA ASP I 34 -21.49 -29.63 19.38
C ASP I 34 -20.07 -30.10 19.65
N SER I 35 -19.65 -30.07 20.91
CA SER I 35 -18.31 -30.40 21.40
C SER I 35 -17.31 -29.30 21.03
N LYS I 36 -17.73 -28.28 20.30
CA LYS I 36 -16.90 -27.13 19.98
C LYS I 36 -17.50 -25.82 20.44
N HIS I 37 -18.81 -25.64 20.30
CA HIS I 37 -19.47 -24.41 20.71
C HIS I 37 -20.33 -24.57 21.96
N ALA I 38 -20.52 -25.79 22.46
CA ALA I 38 -21.29 -25.99 23.68
C ALA I 38 -20.59 -25.30 24.85
N PHE I 39 -21.39 -24.80 25.79
CA PHE I 39 -20.79 -24.12 26.93
C PHE I 39 -19.94 -25.08 27.76
N MET I 40 -20.44 -26.28 28.00
CA MET I 40 -19.56 -27.35 28.43
C MET I 40 -18.70 -27.77 27.25
N GLN I 41 -17.55 -28.38 27.55
CA GLN I 41 -16.47 -28.58 26.58
C GLN I 41 -15.93 -27.26 26.05
N LYS I 42 -16.26 -26.16 26.70
CA LYS I 42 -15.62 -24.87 26.49
C LYS I 42 -15.00 -24.32 27.76
N MET I 43 -15.72 -24.37 28.88
CA MET I 43 -15.15 -24.04 30.17
C MET I 43 -14.25 -25.15 30.69
N LEU I 44 -14.28 -26.32 30.06
CA LEU I 44 -13.34 -27.38 30.43
C LEU I 44 -12.03 -27.22 29.69
N TYR I 45 -12.08 -26.77 28.43
CA TYR I 45 -10.88 -26.40 27.70
C TYR I 45 -10.39 -25.00 28.06
N PHE I 46 -11.15 -24.26 28.86
CA PHE I 46 -10.77 -22.92 29.31
C PHE I 46 -10.49 -22.00 28.13
N ASP I 47 -11.53 -21.75 27.34
CA ASP I 47 -11.41 -20.87 26.18
C ASP I 47 -11.11 -19.45 26.64
N ASP I 48 -10.82 -18.59 25.66
CA ASP I 48 -10.53 -17.19 25.97
C ASP I 48 -11.75 -16.49 26.55
N ASP I 49 -12.95 -16.81 26.05
CA ASP I 49 -14.16 -16.20 26.57
C ASP I 49 -14.35 -16.54 28.05
N VAL I 50 -14.15 -17.80 28.42
CA VAL I 50 -14.34 -18.20 29.80
C VAL I 50 -13.31 -17.53 30.70
N LYS I 51 -12.07 -17.41 30.22
CA LYS I 51 -11.05 -16.73 31.02
C LYS I 51 -11.39 -15.26 31.23
N GLN I 52 -11.88 -14.60 30.17
CA GLN I 52 -12.30 -13.21 30.34
C GLN I 52 -13.44 -13.11 31.33
N ILE I 53 -14.38 -14.04 31.28
CA ILE I 53 -15.53 -14.01 32.19
C ILE I 53 -15.06 -14.17 33.64
N VAL I 54 -14.16 -15.13 33.86
CA VAL I 54 -13.66 -15.38 35.21
C VAL I 54 -12.89 -14.16 35.72
N ASP I 55 -12.03 -13.58 34.88
CA ASP I 55 -11.29 -12.40 35.28
C ASP I 55 -12.20 -11.20 35.52
N HIS I 56 -13.36 -11.17 34.87
CA HIS I 56 -14.29 -10.07 35.09
C HIS I 56 -15.07 -10.24 36.39
N MET I 57 -15.45 -11.48 36.72
CA MET I 57 -16.37 -11.71 37.84
C MET I 57 -15.67 -12.17 39.11
N PHE I 58 -14.96 -13.30 39.09
CA PHE I 58 -14.50 -13.89 40.35
C PHE I 58 -13.23 -13.20 40.85
N PHE I 59 -12.15 -13.28 40.09
CA PHE I 59 -10.92 -12.56 40.40
C PHE I 59 -11.04 -11.20 39.71
N LYS I 60 -11.56 -10.22 40.43
CA LYS I 60 -11.92 -8.96 39.80
C LYS I 60 -10.68 -8.18 39.39
N GLY I 61 -10.25 -8.36 38.14
CA GLY I 61 -9.12 -7.63 37.60
C GLY I 61 -7.81 -7.92 38.30
N PHE I 62 -7.60 -9.15 38.77
CA PHE I 62 -6.35 -9.55 39.38
C PHE I 62 -5.67 -10.54 38.46
N MET I 63 -4.50 -10.19 37.96
CA MET I 63 -3.77 -11.01 37.01
C MET I 63 -2.32 -11.13 37.45
N PHE I 64 -1.80 -12.34 37.47
CA PHE I 64 -0.38 -12.54 37.74
C PHE I 64 0.43 -12.12 36.52
N ASN I 65 1.67 -11.65 36.77
CA ASN I 65 2.50 -11.14 35.70
C ASN I 65 2.78 -12.21 34.66
N ASP I 66 3.18 -13.39 35.11
CA ASP I 66 3.41 -14.50 34.18
C ASP I 66 2.08 -14.95 33.59
N GLU I 67 2.08 -15.21 32.29
CA GLU I 67 0.84 -15.62 31.63
C GLU I 67 0.48 -17.06 31.96
N ARG I 68 1.44 -17.97 31.91
CA ARG I 68 1.16 -19.38 32.17
C ARG I 68 0.70 -19.59 33.60
N ILE I 69 1.33 -18.89 34.56
CA ILE I 69 0.93 -19.00 35.95
C ILE I 69 -0.52 -18.58 36.11
N ASP I 70 -0.88 -17.44 35.51
CA ASP I 70 -2.25 -16.95 35.60
C ASP I 70 -3.23 -17.95 35.01
N ARG I 71 -2.95 -18.42 33.80
CA ARG I 71 -3.88 -19.33 33.14
C ARG I 71 -4.05 -20.61 33.93
N TYR I 72 -2.95 -21.21 34.40
CA TYR I 72 -3.07 -22.48 35.11
C TYR I 72 -3.77 -22.30 36.44
N PHE I 73 -3.46 -21.22 37.17
CA PHE I 73 -4.10 -21.01 38.47
C PHE I 73 -5.60 -20.83 38.31
N LYS I 74 -6.02 -19.99 37.36
CA LYS I 74 -7.45 -19.75 37.21
C LYS I 74 -8.16 -20.94 36.60
N GLU I 75 -7.50 -21.71 35.74
CA GLU I 75 -8.10 -22.93 35.23
C GLU I 75 -8.30 -23.94 36.35
N SER I 76 -7.32 -24.09 37.23
CA SER I 76 -7.49 -24.97 38.37
C SER I 76 -8.63 -24.52 39.26
N PHE I 77 -8.71 -23.21 39.52
CA PHE I 77 -9.79 -22.70 40.37
C PHE I 77 -11.15 -22.99 39.75
N THR I 78 -11.31 -22.71 38.46
CA THR I 78 -12.62 -22.87 37.85
C THR I 78 -12.95 -24.33 37.59
N LEU I 79 -11.94 -25.21 37.57
CA LEU I 79 -12.20 -26.63 37.37
C LEU I 79 -12.56 -27.31 38.68
N ARG I 80 -11.90 -26.93 39.77
CA ARG I 80 -12.17 -27.57 41.05
C ARG I 80 -13.60 -27.31 41.51
N PHE I 81 -14.09 -26.08 41.35
CA PHE I 81 -15.39 -25.66 41.85
C PHE I 81 -16.38 -25.40 40.72
N LEU I 82 -16.37 -26.25 39.69
CA LEU I 82 -17.26 -26.02 38.56
C LEU I 82 -18.72 -26.13 38.95
N TYR I 83 -19.06 -27.12 39.77
CA TYR I 83 -20.44 -27.37 40.16
C TYR I 83 -20.75 -26.96 41.60
N ARG I 84 -19.76 -26.46 42.33
CA ARG I 84 -20.01 -26.06 43.71
C ARG I 84 -20.80 -24.76 43.75
N GLU I 85 -21.53 -24.56 44.85
CA GLU I 85 -22.35 -23.38 45.03
C GLU I 85 -21.59 -22.35 45.85
N ILE I 86 -21.75 -21.07 45.48
CA ILE I 86 -21.05 -20.02 46.21
C ILE I 86 -21.56 -19.97 47.64
N GLY I 87 -20.64 -19.78 48.58
CA GLY I 87 -21.01 -19.79 49.99
C GLY I 87 -21.91 -18.64 50.39
N ARG I 88 -21.59 -17.44 49.91
CA ARG I 88 -22.29 -16.24 50.35
C ARG I 88 -23.59 -16.07 49.57
N GLN I 89 -24.41 -15.11 50.03
CA GLN I 89 -25.71 -14.91 49.42
C GLN I 89 -25.60 -14.42 47.99
N THR I 90 -24.59 -13.62 47.69
CA THR I 90 -24.45 -12.95 46.41
C THR I 90 -23.08 -13.24 45.81
N VAL I 91 -22.91 -12.85 44.54
CA VAL I 91 -21.64 -13.12 43.86
C VAL I 91 -20.61 -12.05 44.18
N GLU I 92 -21.06 -10.86 44.63
CA GLU I 92 -20.10 -9.82 45.01
C GLU I 92 -19.34 -10.20 46.27
N SER I 93 -20.04 -10.70 47.29
CA SER I 93 -19.35 -11.10 48.51
C SER I 93 -18.40 -12.27 48.25
N PHE I 94 -18.83 -13.24 47.47
CA PHE I 94 -17.98 -14.36 47.12
C PHE I 94 -16.77 -13.89 46.32
N ALA I 95 -16.98 -12.94 45.39
CA ALA I 95 -15.87 -12.40 44.62
C ALA I 95 -14.88 -11.66 45.51
N SER I 96 -15.38 -10.90 46.48
CA SER I 96 -14.49 -10.19 47.40
C SER I 96 -13.67 -11.18 48.22
N GLN I 97 -14.31 -12.24 48.71
CA GLN I 97 -13.57 -13.24 49.47
C GLN I 97 -12.50 -13.91 48.62
N VAL I 98 -12.85 -14.27 47.38
CA VAL I 98 -11.89 -14.91 46.49
C VAL I 98 -10.72 -13.98 46.20
N LEU I 99 -11.01 -12.70 45.94
CA LEU I 99 -9.95 -11.75 45.66
C LEU I 99 -9.04 -11.56 46.87
N TYR I 100 -9.62 -11.50 48.07
CA TYR I 100 -8.80 -11.36 49.27
C TYR I 100 -7.89 -12.56 49.45
N ILE I 101 -8.44 -13.77 49.27
CA ILE I 101 -7.63 -14.97 49.46
C ILE I 101 -6.53 -15.03 48.42
N THR I 102 -6.82 -14.59 47.19
CA THR I 102 -5.79 -14.57 46.16
C THR I 102 -4.69 -13.57 46.49
N MET I 103 -5.06 -12.36 46.92
CA MET I 103 -4.06 -11.35 47.21
C MET I 103 -3.18 -11.75 48.38
N THR I 104 -3.78 -12.32 49.43
CA THR I 104 -3.01 -12.67 50.61
C THR I 104 -1.97 -13.73 50.31
N HIS I 105 -2.32 -14.74 49.51
CA HIS I 105 -1.42 -15.83 49.18
C HIS I 105 -0.82 -15.69 47.79
N GLU I 106 -0.58 -14.47 47.32
CA GLU I 106 -0.05 -14.30 45.98
C GLU I 106 1.40 -14.77 45.89
N ASP I 107 2.17 -14.59 46.97
CA ASP I 107 3.57 -14.99 46.94
C ASP I 107 3.72 -16.51 46.92
N TYR I 108 2.92 -17.20 47.72
CA TYR I 108 2.94 -18.66 47.71
C TYR I 108 2.49 -19.19 46.36
N ILE I 109 1.48 -18.58 45.77
CA ILE I 109 1.04 -18.99 44.43
C ILE I 109 2.17 -18.80 43.43
N TYR I 110 2.84 -17.66 43.48
CA TYR I 110 3.95 -17.40 42.57
C TYR I 110 5.04 -18.45 42.69
N ARG I 111 5.48 -18.73 43.92
CA ARG I 111 6.55 -19.71 44.11
C ARG I 111 6.11 -21.10 43.68
N VAL I 112 4.89 -21.50 44.05
CA VAL I 112 4.46 -22.87 43.82
C VAL I 112 4.24 -23.13 42.33
N TYR I 113 3.57 -22.21 41.64
CA TYR I 113 3.42 -22.34 40.20
C TYR I 113 4.66 -21.80 39.50
N GLY I 114 4.69 -21.93 38.18
CA GLY I 114 5.79 -21.40 37.40
C GLY I 114 7.04 -22.27 37.51
N SER I 115 8.10 -21.79 36.85
CA SER I 115 9.32 -22.57 36.77
C SER I 115 10.11 -22.54 38.07
N ASP I 116 10.02 -21.42 38.82
CA ASP I 116 10.85 -21.26 40.01
C ASP I 116 10.66 -22.39 41.01
N MET I 117 9.51 -23.05 40.98
CA MET I 117 9.25 -24.16 41.88
C MET I 117 10.34 -25.21 41.81
N TYR I 118 10.87 -25.46 40.60
CA TYR I 118 11.89 -26.50 40.47
C TYR I 118 13.09 -26.20 41.36
N LYS I 119 13.43 -24.92 41.54
CA LYS I 119 14.55 -24.57 42.40
C LYS I 119 14.35 -25.10 43.82
N TYR I 120 13.13 -25.04 44.32
CA TYR I 120 12.85 -25.56 45.66
C TYR I 120 12.77 -27.08 45.66
N ILE I 121 12.44 -27.68 44.52
CA ILE I 121 12.23 -29.12 44.46
C ILE I 121 13.53 -29.84 44.75
N GLU I 122 14.62 -29.36 44.16
CA GLU I 122 15.96 -29.92 44.33
C GLU I 122 16.79 -28.82 44.97
N GLN I 123 17.23 -29.03 46.21
CA GLN I 123 17.83 -27.95 46.99
C GLN I 123 18.97 -27.30 46.24
N VAL I 124 18.76 -26.04 45.85
CA VAL I 124 19.72 -25.29 45.06
C VAL I 124 20.25 -24.16 45.91
N THR I 125 21.57 -24.03 45.99
CA THR I 125 22.23 -22.98 46.73
C THR I 125 23.08 -22.15 45.78
N ASP I 126 22.68 -20.91 45.57
CA ASP I 126 23.45 -19.97 44.75
C ASP I 126 24.40 -19.20 45.66
N THR I 127 25.69 -19.25 45.35
CA THR I 127 26.71 -18.59 46.13
C THR I 127 27.50 -17.65 45.22
N GLN I 128 27.72 -16.42 45.70
CA GLN I 128 28.53 -15.45 44.99
C GLN I 128 29.62 -14.94 45.92
N SER I 129 30.56 -14.20 45.34
CA SER I 129 31.61 -13.56 46.12
C SER I 129 32.26 -12.49 45.26
N GLN I 130 33.04 -11.62 45.91
CA GLN I 130 33.84 -10.64 45.21
C GLN I 130 34.88 -10.10 46.17
N ASP I 131 36.15 -10.27 45.83
CA ASP I 131 37.26 -9.73 46.62
C ASP I 131 37.95 -8.67 45.79
N LEU I 132 38.07 -7.47 46.34
CA LEU I 132 38.76 -6.36 45.69
C LEU I 132 39.91 -5.91 46.55
N GLY I 133 41.13 -6.11 46.06
CA GLY I 133 42.33 -5.84 46.84
C GLY I 133 43.11 -4.67 46.28
N LYS I 134 43.83 -3.98 47.17
CA LYS I 134 44.69 -2.88 46.82
C LYS I 134 45.93 -2.95 47.71
N ALA I 135 47.08 -2.62 47.14
CA ALA I 135 48.32 -2.70 47.90
C ALA I 135 49.36 -1.80 47.28
N ILE I 136 49.94 -0.91 48.09
CA ILE I 136 51.02 -0.04 47.67
C ILE I 136 52.18 -0.23 48.61
N GLU I 137 53.36 -0.51 48.06
CA GLU I 137 54.57 -0.70 48.84
C GLU I 137 55.63 0.28 48.36
N ASN I 138 56.22 1.01 49.29
CA ASN I 138 57.21 2.04 48.97
C ASN I 138 58.48 1.74 49.75
N ALA I 139 59.58 1.57 49.05
CA ALA I 139 60.85 1.22 49.67
C ALA I 139 61.91 2.23 49.25
N ILE I 140 62.65 2.75 50.23
CA ILE I 140 63.74 3.69 50.00
C ILE I 140 65.01 3.09 50.59
N GLU I 141 66.05 2.97 49.77
CA GLU I 141 67.31 2.38 50.18
C GLU I 141 68.44 3.35 49.92
N GLN I 142 69.29 3.56 50.93
CA GLN I 142 70.47 4.41 50.80
C GLN I 142 71.70 3.62 51.24
N GLY I 143 72.81 3.85 50.56
CA GLY I 143 74.04 3.16 50.90
C GLY I 143 75.27 4.02 50.73
N GLN I 144 76.24 3.87 51.62
CA GLN I 144 77.50 4.59 51.55
C GLN I 144 78.65 3.60 51.65
N THR I 145 79.74 3.90 50.96
CA THR I 145 80.92 3.04 50.95
C THR I 145 82.17 3.90 51.02
N LYS I 146 83.13 3.47 51.82
CA LYS I 146 84.40 4.17 51.97
C LYS I 146 85.53 3.15 51.94
N ASP I 147 86.50 3.35 51.06
CA ASP I 147 87.62 2.45 50.91
C ASP I 147 88.92 3.24 51.05
N ARG I 148 89.99 2.54 51.44
CA ARG I 148 91.29 3.17 51.59
C ARG I 148 92.36 2.11 51.40
N GLN I 149 93.23 2.32 50.41
CA GLN I 149 94.30 1.39 50.10
C GLN I 149 95.64 2.08 50.26
N GLN I 150 96.60 1.39 50.88
CA GLN I 150 97.93 1.91 51.09
C GLN I 150 98.93 0.81 50.83
N ASP I 151 99.83 1.02 49.87
CA ASP I 151 100.77 0.00 49.44
C ASP I 151 102.20 0.50 49.57
N LYS I 152 103.13 -0.44 49.64
CA LYS I 152 104.56 -0.14 49.70
C LYS I 152 105.31 -1.15 48.86
N GLY I 153 106.26 -0.69 48.07
CA GLY I 153 107.07 -1.57 47.25
C GLY I 153 108.54 -1.26 47.41
N HIS I 154 109.37 -2.29 47.23
CA HIS I 154 110.81 -2.15 47.34
C HIS I 154 111.47 -3.35 46.70
N GLU I 155 112.31 -3.11 45.70
CA GLU I 155 113.05 -4.19 45.04
C GLU I 155 114.48 -3.74 44.78
N GLU I 156 115.42 -4.66 44.99
CA GLU I 156 116.84 -4.41 44.78
C GLU I 156 117.45 -5.61 44.04
N TYR I 157 118.52 -5.35 43.30
CA TYR I 157 119.10 -6.39 42.46
C TYR I 157 120.59 -6.14 42.25
N LYS I 158 121.29 -7.21 41.88
CA LYS I 158 122.73 -7.17 41.62
C LYS I 158 123.02 -8.10 40.45
N ASP I 159 123.96 -7.71 39.58
CA ASP I 159 124.37 -8.53 38.47
C ASP I 159 125.87 -8.44 38.25
N TYR I 160 126.44 -9.52 37.73
CA TYR I 160 127.85 -9.58 37.37
C TYR I 160 127.99 -10.45 36.13
N GLU I 161 128.68 -9.96 35.11
CA GLU I 161 128.98 -10.78 33.94
C GLU I 161 130.36 -10.43 33.43
N ASP I 162 131.21 -11.45 33.29
CA ASP I 162 132.60 -11.28 32.89
C ASP I 162 132.81 -11.96 31.54
N THR I 163 133.33 -11.22 30.57
CA THR I 163 133.55 -11.74 29.23
C THR I 163 135.03 -11.68 28.90
N ILE I 164 135.61 -12.83 28.53
CA ILE I 164 137.02 -12.93 28.15
C ILE I 164 137.09 -13.45 26.72
N THR I 165 137.81 -12.74 25.87
CA THR I 165 137.88 -13.05 24.45
C THR I 165 139.32 -13.29 24.02
N LYS I 166 139.49 -14.18 23.05
CA LYS I 166 140.78 -14.42 22.40
C LYS I 166 140.58 -14.37 20.90
N SER I 167 141.53 -13.79 20.19
CA SER I 167 141.46 -13.70 18.73
C SER I 167 142.84 -13.94 18.14
N PHE I 168 142.96 -14.99 17.33
CA PHE I 168 144.16 -15.31 16.58
C PHE I 168 143.84 -15.20 15.11
N ASP I 169 144.67 -14.47 14.37
CA ASP I 169 144.53 -14.40 12.92
C ASP I 169 145.90 -14.18 12.29
N ASP I 170 146.23 -15.01 11.30
CA ASP I 170 147.52 -14.99 10.65
C ASP I 170 147.35 -14.57 9.20
N ASN I 171 148.27 -13.74 8.71
CA ASN I 171 148.23 -13.25 7.34
C ASN I 171 149.57 -13.53 6.67
N ARG I 172 149.53 -14.22 5.53
CA ARG I 172 150.71 -14.50 4.73
C ARG I 172 150.43 -14.08 3.30
N THR I 173 151.39 -13.42 2.66
CA THR I 173 151.19 -12.91 1.31
C THR I 173 152.53 -12.87 0.57
N ALA I 174 152.45 -12.88 -0.76
CA ALA I 174 153.62 -12.76 -1.61
C ALA I 174 153.20 -12.32 -3.00
N GLU I 175 154.16 -11.82 -3.77
CA GLU I 175 153.91 -11.37 -5.12
C GLU I 175 155.02 -11.85 -6.04
N SER I 176 154.71 -11.91 -7.34
CA SER I 176 155.64 -12.36 -8.35
C SER I 176 155.61 -11.39 -9.53
N THR I 177 156.49 -11.64 -10.49
CA THR I 177 156.57 -10.82 -11.68
C THR I 177 156.93 -11.65 -12.92
N ASP I 196 159.89 -11.47 -4.83
CA ASP I 196 158.94 -12.23 -4.02
C ASP I 196 158.30 -11.35 -2.96
N THR I 197 159.12 -10.81 -2.06
CA THR I 197 158.68 -9.92 -0.98
C THR I 197 157.56 -10.56 -0.15
N ASN I 198 157.82 -11.77 0.33
CA ASN I 198 156.86 -12.45 1.20
C ASN I 198 156.77 -11.69 2.51
N THR I 199 155.56 -11.63 3.07
CA THR I 199 155.30 -10.92 4.31
C THR I 199 154.49 -11.80 5.25
N ILE I 200 154.92 -11.90 6.49
CA ILE I 200 154.21 -12.64 7.53
C ILE I 200 153.86 -11.68 8.65
N SER I 201 152.59 -11.68 9.06
CA SER I 201 152.11 -10.87 10.16
C SER I 201 151.01 -11.61 10.88
N ARG I 202 151.21 -11.87 12.16
CA ARG I 202 150.24 -12.55 13.00
C ARG I 202 149.90 -11.67 14.18
N ASP I 203 148.64 -11.72 14.62
CA ASP I 203 148.12 -10.81 15.63
C ASP I 203 147.57 -11.60 16.82
N LYS I 204 147.64 -10.98 18.00
CA LYS I 204 147.04 -11.51 19.21
C LYS I 204 146.30 -10.38 19.90
N ASN I 205 145.05 -10.64 20.29
CA ASN I 205 144.25 -9.63 20.98
C ASN I 205 143.44 -10.34 22.05
N THR I 206 143.44 -9.75 23.25
CA THR I 206 142.70 -10.30 24.38
C THR I 206 141.98 -9.17 25.09
N SER I 207 140.77 -9.44 25.55
CA SER I 207 139.95 -8.46 26.25
C SER I 207 139.25 -9.11 27.43
N GLU I 208 138.90 -8.30 28.42
CA GLU I 208 138.16 -8.78 29.57
C GLU I 208 137.46 -7.60 30.22
N THR I 209 136.13 -7.64 30.27
CA THR I 209 135.33 -6.59 30.87
C THR I 209 134.53 -7.17 32.03
N VAL I 210 134.58 -6.48 33.17
CA VAL I 210 133.85 -6.88 34.37
C VAL I 210 132.86 -5.78 34.71
N SER I 211 131.59 -6.15 34.85
CA SER I 211 130.53 -5.19 35.08
C SER I 211 129.85 -5.47 36.41
N GLU I 212 129.44 -4.40 37.08
CA GLU I 212 128.72 -4.47 38.34
C GLU I 212 127.40 -3.73 38.20
N LYS I 213 126.31 -4.41 38.50
CA LYS I 213 124.97 -3.84 38.44
C LYS I 213 124.46 -3.69 39.85
N THR I 214 123.85 -2.55 40.16
CA THR I 214 123.26 -2.35 41.47
C THR I 214 122.11 -1.37 41.33
N GLY I 215 121.01 -1.64 42.01
CA GLY I 215 119.85 -0.78 41.91
C GLY I 215 118.97 -0.88 43.14
N THR I 216 118.03 0.06 43.22
CA THR I 216 117.04 0.10 44.29
C THR I 216 115.85 0.90 43.80
N LYS I 217 114.65 0.34 43.97
CA LYS I 217 113.44 1.00 43.54
C LYS I 217 112.39 0.87 44.63
N ASP I 218 111.89 2.02 45.11
CA ASP I 218 110.87 2.05 46.12
C ASP I 218 109.66 2.80 45.57
N ASN I 219 108.46 2.38 46.00
CA ASN I 219 107.25 3.06 45.58
C ASN I 219 106.18 2.90 46.64
N THR I 220 105.27 3.87 46.70
CA THR I 220 104.14 3.84 47.60
C THR I 220 102.89 4.19 46.82
N PHE I 221 101.75 3.66 47.26
CA PHE I 221 100.47 3.90 46.64
C PHE I 221 99.44 4.23 47.71
N ASP I 222 98.49 5.10 47.35
CA ASP I 222 97.45 5.52 48.28
C ASP I 222 96.19 5.83 47.48
N SER I 223 95.06 5.33 47.95
CA SER I 223 93.79 5.50 47.25
C SER I 223 92.67 5.69 48.25
N LEU I 224 91.77 6.63 47.97
CA LEU I 224 90.60 6.89 48.80
C LEU I 224 89.38 6.90 47.89
N ARG I 225 88.42 6.04 48.18
CA ARG I 225 87.25 5.85 47.33
C ARG I 225 85.98 5.96 48.17
N ASN I 226 85.07 6.82 47.76
CA ASN I 226 83.79 7.02 48.44
C ASN I 226 82.66 6.76 47.47
N GLY I 227 81.60 6.12 47.96
CA GLY I 227 80.46 5.80 47.13
C GLY I 227 79.15 6.16 47.79
N GLU I 228 78.15 6.42 46.96
CA GLU I 228 76.80 6.70 47.42
C GLU I 228 75.82 6.03 46.47
N SER I 229 74.63 5.71 46.99
CA SER I 229 73.64 5.01 46.19
C SER I 229 72.27 5.21 46.80
N ASP I 230 71.28 5.49 45.96
CA ASP I 230 69.90 5.65 46.37
C ASP I 230 69.01 4.73 45.54
N THR I 231 67.79 4.53 46.01
CA THR I 231 66.81 3.71 45.31
C THR I 231 65.43 3.97 45.90
N LYS I 232 64.44 4.10 45.04
CA LYS I 232 63.05 4.26 45.47
C LYS I 232 62.17 3.35 44.62
N ARG I 233 61.39 2.50 45.27
CA ARG I 233 60.45 1.64 44.57
C ARG I 233 59.04 1.97 45.02
N ASN I 234 58.06 1.72 44.14
CA ASN I 234 56.66 1.99 44.44
C ASN I 234 55.81 1.08 43.57
N THR I 235 55.25 0.04 44.17
CA THR I 235 54.44 -0.94 43.46
C THR I 235 52.99 -0.84 43.93
N GLN I 236 52.07 -0.66 42.99
CA GLN I 236 50.64 -0.61 43.27
C GLN I 236 49.96 -1.79 42.59
N SER I 237 49.24 -2.58 43.36
CA SER I 237 48.61 -3.79 42.85
C SER I 237 47.10 -3.71 43.05
N GLN I 238 46.37 -4.41 42.20
CA GLN I 238 44.92 -4.53 42.30
C GLN I 238 44.51 -5.95 41.96
N ASN I 239 43.59 -6.50 42.74
CA ASN I 239 43.05 -7.83 42.50
C ASN I 239 41.54 -7.74 42.37
N GLU I 240 40.95 -8.73 41.73
CA GLU I 240 39.51 -8.88 41.68
C GLU I 240 39.19 -10.34 41.41
N MET I 241 38.33 -10.92 42.25
CA MET I 241 38.03 -12.34 42.17
C MET I 241 36.52 -12.51 42.29
N ASN I 242 35.90 -13.11 41.27
CA ASN I 242 34.47 -13.37 41.25
C ASN I 242 34.22 -14.86 41.28
N ARG I 243 33.45 -15.32 42.25
CA ARG I 243 33.14 -16.73 42.41
C ARG I 243 31.65 -16.95 42.30
N THR I 244 31.27 -18.04 41.64
CA THR I 244 29.87 -18.39 41.46
C THR I 244 29.72 -19.89 41.60
N GLY I 245 28.72 -20.32 42.34
CA GLY I 245 28.48 -21.75 42.55
C GLY I 245 27.00 -22.04 42.57
N LEU I 246 26.66 -23.28 42.26
CA LEU I 246 25.28 -23.74 42.28
C LEU I 246 25.27 -25.22 42.64
N THR I 247 25.08 -25.52 43.92
CA THR I 247 25.07 -26.89 44.41
C THR I 247 23.63 -27.41 44.41
N LYS I 248 23.36 -28.38 43.55
CA LYS I 248 22.03 -28.94 43.38
C LYS I 248 21.98 -30.29 44.08
N GLN I 249 21.06 -30.42 45.03
CA GLN I 249 20.95 -31.61 45.87
C GLN I 249 19.63 -32.30 45.60
N TYR I 250 19.67 -33.61 45.38
CA TYR I 250 18.49 -34.40 45.06
C TYR I 250 18.15 -35.29 46.24
N LEU I 251 17.13 -34.91 47.01
CA LEU I 251 16.65 -35.71 48.12
C LEU I 251 15.26 -36.23 47.78
N ILE I 252 15.02 -37.51 48.06
CA ILE I 252 13.72 -38.10 47.76
C ILE I 252 12.64 -37.55 48.69
N ASP I 253 13.04 -37.07 49.87
CA ASP I 253 12.08 -36.50 50.81
C ASP I 253 11.43 -35.25 50.22
N ASN I 254 12.21 -34.40 49.58
CA ASN I 254 11.66 -33.18 49.00
C ASN I 254 10.67 -33.50 47.89
N LEU I 255 10.71 -34.70 47.34
CA LEU I 255 9.72 -35.08 46.33
C LEU I 255 8.38 -35.40 46.97
N GLN I 256 8.38 -36.03 48.15
CA GLN I 256 7.13 -36.32 48.83
C GLN I 256 6.41 -35.04 49.24
N LYS I 257 7.15 -34.03 49.68
CA LYS I 257 6.53 -32.78 50.10
C LYS I 257 5.97 -31.99 48.93
N LEU I 258 6.30 -32.39 47.70
CA LEU I 258 5.73 -31.75 46.52
C LEU I 258 4.23 -31.95 46.40
N TYR I 259 3.69 -33.05 46.95
CA TYR I 259 2.33 -33.46 46.65
C TYR I 259 1.32 -32.37 46.98
N SER I 260 1.19 -32.00 48.25
CA SER I 260 0.14 -31.11 48.69
C SER I 260 0.49 -29.64 48.48
N MET I 261 1.55 -29.35 47.72
CA MET I 261 1.96 -27.96 47.56
C MET I 261 0.95 -27.16 46.77
N ARG I 262 0.45 -27.73 45.66
CA ARG I 262 -0.56 -27.01 44.88
C ARG I 262 -1.96 -27.27 45.41
N ASP I 263 -2.21 -28.45 45.97
CA ASP I 263 -3.57 -28.79 46.40
C ASP I 263 -4.01 -27.91 47.58
N THR I 264 -3.12 -27.68 48.55
CA THR I 264 -3.50 -26.87 49.70
C THR I 264 -3.82 -25.44 49.32
N ILE I 265 -3.61 -25.05 48.07
CA ILE I 265 -4.02 -23.72 47.63
C ILE I 265 -5.54 -23.63 47.61
N PHE I 266 -6.21 -24.70 47.17
CA PHE I 266 -7.65 -24.72 47.03
C PHE I 266 -8.35 -25.42 48.18
N LYS I 267 -7.64 -25.71 49.27
CA LYS I 267 -8.32 -26.13 50.48
C LYS I 267 -8.70 -24.94 51.34
N THR I 268 -7.97 -23.84 51.22
CA THR I 268 -8.36 -22.61 51.90
C THR I 268 -9.41 -21.84 51.10
N TYR I 269 -9.42 -22.01 49.77
CA TYR I 269 -10.50 -21.45 48.96
C TYR I 269 -11.82 -22.12 49.29
N ASP I 270 -11.80 -23.45 49.44
CA ASP I 270 -13.04 -24.19 49.67
C ASP I 270 -13.67 -23.84 51.01
N LYS I 271 -12.85 -23.66 52.04
CA LYS I 271 -13.39 -23.49 53.38
C LYS I 271 -13.98 -22.10 53.60
N GLU I 272 -13.53 -21.10 52.84
CA GLU I 272 -13.89 -19.73 53.13
C GLU I 272 -14.72 -19.05 52.05
N CYS I 273 -15.11 -19.77 50.99
CA CYS I 273 -15.89 -19.14 49.94
C CYS I 273 -17.07 -19.94 49.43
N PHE I 274 -17.18 -21.23 49.72
CA PHE I 274 -18.19 -22.07 49.10
C PHE I 274 -19.09 -22.71 50.15
N LEU I 275 -20.26 -23.14 49.70
CA LEU I 275 -21.24 -23.76 50.59
C LEU I 275 -20.85 -25.20 50.89
N HIS I 276 -20.89 -25.56 52.17
CA HIS I 276 -20.44 -26.86 52.64
C HIS I 276 -21.56 -27.84 52.91
N ILE I 277 -22.81 -27.47 52.60
CA ILE I 277 -23.94 -28.36 52.73
C ILE I 277 -24.46 -28.67 51.33
N TRP I 278 -24.95 -29.89 51.12
CA TRP I 278 -25.36 -30.33 49.80
C TRP I 278 -26.54 -29.52 49.28
N SER J 2 -21.99 -51.04 37.47
CA SER J 2 -22.72 -50.05 36.67
C SER J 2 -24.16 -49.89 37.16
N LYS J 3 -24.42 -50.31 38.40
CA LYS J 3 -25.75 -50.10 38.96
C LYS J 3 -26.02 -48.63 39.17
N HIS J 4 -24.98 -47.85 39.44
CA HIS J 4 -25.08 -46.41 39.59
C HIS J 4 -24.14 -45.75 38.61
N THR J 5 -24.64 -44.78 37.86
CA THR J 5 -23.84 -44.04 36.88
C THR J 5 -23.29 -45.06 35.86
N THR J 6 -22.00 -45.04 35.55
CA THR J 6 -21.44 -45.97 34.58
C THR J 6 -19.97 -46.17 34.87
N THR J 7 -19.36 -47.10 34.15
CA THR J 7 -17.94 -47.39 34.29
C THR J 7 -17.17 -46.81 33.11
N LEU J 8 -15.84 -46.73 33.27
CA LEU J 8 -14.99 -46.22 32.21
C LEU J 8 -15.05 -47.11 30.98
N TYR J 9 -15.15 -48.43 31.18
CA TYR J 9 -15.13 -49.35 30.06
C TYR J 9 -16.31 -49.11 29.12
N GLU J 10 -17.50 -48.86 29.67
CA GLU J 10 -18.64 -48.61 28.80
C GLU J 10 -18.49 -47.32 28.02
N ILE J 11 -17.90 -46.29 28.63
CA ILE J 11 -17.67 -45.03 27.92
C ILE J 11 -16.72 -45.25 26.75
N ILE J 12 -15.61 -45.93 27.01
CA ILE J 12 -14.62 -46.16 25.96
C ILE J 12 -15.19 -47.05 24.87
N GLU J 13 -15.96 -48.07 25.25
CA GLU J 13 -16.60 -48.94 24.27
C GLU J 13 -17.59 -48.15 23.42
N SER J 14 -18.33 -47.24 24.03
CA SER J 14 -19.26 -46.41 23.27
C SER J 14 -18.53 -45.57 22.23
N GLU J 15 -17.44 -44.91 22.65
CA GLU J 15 -16.70 -44.09 21.69
C GLU J 15 -16.07 -44.93 20.60
N LEU J 16 -15.54 -46.11 20.95
CA LEU J 16 -14.94 -46.97 19.94
C LEU J 16 -15.99 -47.47 18.95
N GLN J 17 -17.19 -47.78 19.43
CA GLN J 17 -18.26 -48.16 18.53
C GLN J 17 -18.66 -47.01 17.62
N ARG J 18 -18.65 -45.79 18.16
CA ARG J 18 -18.97 -44.63 17.33
C ARG J 18 -17.91 -44.40 16.27
N LEU J 19 -16.65 -44.75 16.57
CA LEU J 19 -15.60 -44.65 15.56
C LEU J 19 -15.86 -45.53 14.36
N GLY J 20 -16.68 -46.56 14.49
CA GLY J 20 -17.01 -47.45 13.39
C GLY J 20 -16.40 -48.84 13.48
N LEU J 21 -15.58 -49.12 14.49
CA LEU J 21 -14.98 -50.43 14.62
C LEU J 21 -16.02 -51.45 15.05
N ASN J 22 -15.75 -52.72 14.74
CA ASN J 22 -16.61 -53.83 15.13
C ASN J 22 -15.78 -54.98 15.66
N GLU J 23 -16.33 -55.71 16.63
CA GLU J 23 -15.59 -56.78 17.28
C GLU J 23 -15.38 -57.99 16.39
N PHE J 24 -16.42 -58.41 15.67
CA PHE J 24 -16.53 -59.79 15.22
C PHE J 24 -16.11 -60.02 13.77
N VAL J 25 -16.77 -59.35 12.81
CA VAL J 25 -16.61 -59.74 11.41
C VAL J 25 -15.19 -59.46 10.93
N ASN J 26 -14.70 -58.24 11.16
CA ASN J 26 -13.36 -57.82 10.75
C ASN J 26 -13.20 -58.07 9.26
N ASN J 27 -12.19 -58.83 8.81
CA ASN J 27 -11.93 -59.03 7.40
C ASN J 27 -12.57 -60.34 6.93
N ASP J 28 -13.91 -60.33 6.93
CA ASP J 28 -14.73 -61.44 6.43
C ASP J 28 -14.45 -62.75 7.16
N ARG J 29 -13.99 -62.69 8.40
CA ARG J 29 -13.80 -63.87 9.23
C ARG J 29 -14.20 -63.55 10.65
N ILE J 30 -15.23 -64.22 11.15
CA ILE J 30 -15.83 -63.89 12.43
C ILE J 30 -15.03 -64.56 13.54
N HIS J 31 -14.75 -63.81 14.59
CA HIS J 31 -14.09 -64.33 15.79
C HIS J 31 -14.79 -63.77 17.02
N PHE J 32 -15.09 -64.64 17.98
CA PHE J 32 -15.72 -64.15 19.21
C PHE J 32 -14.70 -63.44 20.10
N ASN J 33 -13.59 -64.10 20.41
CA ASN J 33 -12.48 -63.50 21.14
C ASN J 33 -11.32 -63.41 20.16
N ASP J 34 -11.21 -62.27 19.48
CA ASP J 34 -10.30 -62.15 18.35
C ASP J 34 -8.89 -61.79 18.81
N SER J 35 -8.76 -61.08 19.93
CA SER J 35 -7.54 -60.55 20.53
C SER J 35 -7.02 -59.35 19.75
N LYS J 36 -7.58 -59.03 18.59
CA LYS J 36 -7.40 -57.75 17.94
C LYS J 36 -8.77 -57.29 17.48
N HIS J 37 -8.93 -55.97 17.33
CA HIS J 37 -10.21 -55.34 17.01
C HIS J 37 -11.29 -55.64 18.04
N ALA J 38 -10.93 -56.27 19.16
CA ALA J 38 -11.83 -56.45 20.29
C ALA J 38 -11.53 -55.36 21.30
N PHE J 39 -12.57 -54.69 21.79
CA PHE J 39 -12.35 -53.49 22.59
C PHE J 39 -11.60 -53.81 23.87
N MET J 40 -12.05 -54.80 24.63
CA MET J 40 -11.13 -55.41 25.58
C MET J 40 -10.05 -56.16 24.80
N GLN J 41 -8.82 -56.10 25.31
CA GLN J 41 -7.56 -56.40 24.64
C GLN J 41 -7.16 -55.24 23.72
N LYS J 42 -7.98 -54.20 23.59
CA LYS J 42 -7.57 -52.94 22.98
C LYS J 42 -7.38 -51.84 24.01
N MET J 43 -8.10 -51.89 25.14
CA MET J 43 -7.78 -51.03 26.26
C MET J 43 -6.55 -51.51 27.02
N LEU J 44 -6.39 -52.82 27.14
CA LEU J 44 -5.26 -53.37 27.91
C LEU J 44 -3.94 -53.15 27.18
N TYR J 45 -3.93 -53.28 25.86
CA TYR J 45 -2.71 -53.15 25.08
C TYR J 45 -2.34 -51.70 24.78
N PHE J 46 -2.91 -50.75 25.51
CA PHE J 46 -2.54 -49.33 25.41
C PHE J 46 -2.75 -48.80 23.99
N ASP J 47 -3.75 -49.29 23.29
CA ASP J 47 -3.87 -49.02 21.87
C ASP J 47 -4.09 -47.52 21.61
N ASP J 48 -3.78 -47.12 20.38
CA ASP J 48 -3.79 -45.69 20.04
C ASP J 48 -5.19 -45.10 20.13
N ASP J 49 -6.19 -45.83 19.65
CA ASP J 49 -7.56 -45.31 19.68
C ASP J 49 -8.04 -45.10 21.11
N VAL J 50 -7.70 -46.02 22.00
CA VAL J 50 -8.10 -45.87 23.41
C VAL J 50 -7.44 -44.65 24.01
N LYS J 51 -6.15 -44.43 23.72
CA LYS J 51 -5.48 -43.24 24.22
C LYS J 51 -6.11 -41.97 23.66
N GLN J 52 -6.48 -41.98 22.39
CA GLN J 52 -7.17 -40.84 21.80
C GLN J 52 -8.47 -40.55 22.53
N ILE J 53 -9.25 -41.60 22.81
CA ILE J 53 -10.53 -41.42 23.49
C ILE J 53 -10.31 -40.89 24.90
N VAL J 54 -9.33 -41.44 25.61
CA VAL J 54 -9.07 -40.99 26.98
C VAL J 54 -8.65 -39.52 26.99
N ASP J 55 -7.79 -39.13 26.06
CA ASP J 55 -7.39 -37.73 25.99
C ASP J 55 -8.57 -36.83 25.63
N HIS J 56 -9.43 -37.28 24.73
CA HIS J 56 -10.56 -36.45 24.32
C HIS J 56 -11.58 -36.31 25.45
N MET J 57 -11.73 -37.35 26.27
CA MET J 57 -12.84 -37.37 27.22
C MET J 57 -12.44 -36.99 28.64
N PHE J 58 -11.49 -37.72 29.23
CA PHE J 58 -11.19 -37.53 30.65
C PHE J 58 -10.16 -36.42 30.88
N PHE J 59 -8.94 -36.59 30.36
CA PHE J 59 -7.93 -35.55 30.45
C PHE J 59 -8.12 -34.60 29.27
N LYS J 60 -9.08 -33.70 29.42
CA LYS J 60 -9.57 -32.95 28.26
C LYS J 60 -8.49 -32.05 27.68
N GLY J 61 -7.90 -32.47 26.57
CA GLY J 61 -6.87 -31.70 25.91
C GLY J 61 -5.66 -31.41 26.78
N PHE J 62 -5.25 -32.37 27.59
CA PHE J 62 -4.08 -32.22 28.47
C PHE J 62 -3.06 -33.29 28.12
N MET J 63 -1.88 -32.87 27.70
CA MET J 63 -0.79 -33.78 27.39
C MET J 63 0.47 -33.32 28.10
N PHE J 64 1.21 -34.27 28.65
CA PHE J 64 2.53 -33.96 29.19
C PHE J 64 3.52 -33.76 28.05
N ASN J 65 4.61 -33.07 28.34
CA ASN J 65 5.59 -32.75 27.31
C ASN J 65 6.19 -34.02 26.71
N ASP J 66 6.67 -34.92 27.57
CA ASP J 66 7.25 -36.17 27.10
C ASP J 66 6.16 -37.09 26.57
N GLU J 67 6.52 -37.90 25.57
CA GLU J 67 5.59 -38.89 25.05
C GLU J 67 5.50 -40.11 25.95
N ARG J 68 6.64 -40.60 26.44
CA ARG J 68 6.63 -41.79 27.29
C ARG J 68 5.92 -41.53 28.60
N ILE J 69 6.20 -40.38 29.23
CA ILE J 69 5.55 -40.04 30.49
C ILE J 69 4.04 -39.98 30.30
N ASP J 70 3.60 -39.29 29.24
CA ASP J 70 2.18 -39.13 28.99
C ASP J 70 1.52 -40.48 28.77
N ARG J 71 2.11 -41.30 27.89
CA ARG J 71 1.53 -42.60 27.59
C ARG J 71 1.43 -43.47 28.83
N TYR J 72 2.52 -43.58 29.58
CA TYR J 72 2.52 -44.44 30.76
C TYR J 72 1.55 -43.94 31.82
N PHE J 73 1.51 -42.63 32.07
CA PHE J 73 0.61 -42.11 33.08
C PHE J 73 -0.84 -42.36 32.70
N LYS J 74 -1.23 -41.98 31.49
CA LYS J 74 -2.63 -42.12 31.10
C LYS J 74 -3.04 -43.59 31.01
N GLU J 75 -2.14 -44.48 30.59
CA GLU J 75 -2.52 -45.87 30.48
C GLU J 75 -2.60 -46.53 31.86
N SER J 76 -1.72 -46.15 32.79
CA SER J 76 -1.85 -46.64 34.15
C SER J 76 -3.16 -46.15 34.77
N PHE J 77 -3.53 -44.89 34.51
CA PHE J 77 -4.79 -44.38 35.02
C PHE J 77 -5.97 -45.16 34.45
N THR J 78 -6.01 -45.35 33.14
CA THR J 78 -7.15 -46.02 32.54
C THR J 78 -7.14 -47.52 32.83
N LEU J 79 -6.03 -48.06 33.32
CA LEU J 79 -6.02 -49.46 33.71
C LEU J 79 -6.47 -49.65 35.16
N ARG J 80 -6.00 -48.79 36.07
CA ARG J 80 -6.33 -48.97 37.47
C ARG J 80 -7.82 -48.78 37.72
N PHE J 81 -8.49 -47.97 36.91
CA PHE J 81 -9.91 -47.68 37.05
C PHE J 81 -10.72 -48.18 35.85
N LEU J 82 -10.31 -49.28 35.24
CA LEU J 82 -10.97 -49.74 34.03
C LEU J 82 -12.42 -50.15 34.30
N TYR J 83 -12.67 -50.79 35.43
CA TYR J 83 -13.96 -51.36 35.75
C TYR J 83 -14.67 -50.65 36.91
N ARG J 84 -14.21 -49.48 37.31
CA ARG J 84 -14.81 -48.75 38.40
C ARG J 84 -15.93 -47.86 37.89
N GLU J 85 -17.05 -47.83 38.61
CA GLU J 85 -18.12 -46.93 38.25
C GLU J 85 -17.70 -45.49 38.47
N ILE J 86 -18.36 -44.58 37.76
CA ILE J 86 -17.93 -43.19 37.67
C ILE J 86 -18.62 -42.42 38.77
N GLY J 87 -17.91 -41.48 39.39
CA GLY J 87 -18.51 -40.63 40.39
C GLY J 87 -19.14 -39.39 39.77
N ARG J 88 -19.76 -38.59 40.63
CA ARG J 88 -20.29 -37.27 40.28
C ARG J 88 -21.25 -37.32 39.10
N GLN J 89 -22.11 -38.34 39.04
CA GLN J 89 -23.17 -38.40 38.03
C GLN J 89 -22.61 -38.31 36.61
N THR J 90 -22.74 -37.13 36.02
CA THR J 90 -22.37 -36.91 34.63
C THR J 90 -20.88 -37.15 34.39
N VAL J 91 -20.51 -37.30 33.12
CA VAL J 91 -19.11 -37.48 32.77
C VAL J 91 -18.32 -36.18 32.95
N GLU J 92 -18.91 -35.04 32.60
CA GLU J 92 -18.14 -33.80 32.55
C GLU J 92 -17.65 -33.38 33.94
N SER J 93 -18.46 -33.59 34.97
CA SER J 93 -18.01 -33.25 36.32
C SER J 93 -16.80 -34.08 36.70
N PHE J 94 -16.84 -35.38 36.39
CA PHE J 94 -15.70 -36.24 36.65
C PHE J 94 -14.48 -35.80 35.83
N ALA J 95 -14.71 -35.40 34.58
CA ALA J 95 -13.60 -34.93 33.75
C ALA J 95 -12.98 -33.67 34.34
N SER J 96 -13.81 -32.77 34.85
CA SER J 96 -13.31 -31.56 35.48
C SER J 96 -12.49 -31.91 36.72
N GLN J 97 -12.96 -32.85 37.54
CA GLN J 97 -12.21 -33.24 38.72
C GLN J 97 -10.87 -33.87 38.32
N VAL J 98 -10.87 -34.71 37.28
CA VAL J 98 -9.64 -35.36 36.83
C VAL J 98 -8.65 -34.32 36.31
N LEU J 99 -9.15 -33.36 35.52
CA LEU J 99 -8.28 -32.30 35.03
C LEU J 99 -7.71 -31.48 36.18
N TYR J 100 -8.53 -31.18 37.18
CA TYR J 100 -8.02 -30.44 38.33
C TYR J 100 -6.92 -31.21 39.03
N ILE J 101 -7.12 -32.50 39.26
CA ILE J 101 -6.11 -33.30 39.94
C ILE J 101 -4.82 -33.33 39.13
N THR J 102 -4.94 -33.52 37.81
CA THR J 102 -3.76 -33.58 36.97
C THR J 102 -3.01 -32.24 36.97
N MET J 103 -3.73 -31.14 36.80
CA MET J 103 -3.06 -29.85 36.77
C MET J 103 -2.47 -29.49 38.12
N THR J 104 -3.05 -30.01 39.20
CA THR J 104 -2.52 -29.76 40.53
C THR J 104 -1.28 -30.59 40.84
N HIS J 105 -1.21 -31.82 40.35
CA HIS J 105 -0.10 -32.72 40.63
C HIS J 105 0.79 -32.90 39.41
N GLU J 106 0.75 -31.93 38.50
CA GLU J 106 1.59 -31.95 37.31
C GLU J 106 3.07 -32.15 37.65
N ASP J 107 3.60 -31.38 38.58
CA ASP J 107 5.04 -31.45 38.87
C ASP J 107 5.41 -32.82 39.42
N TYR J 108 4.63 -33.32 40.38
CA TYR J 108 4.92 -34.61 40.97
C TYR J 108 4.80 -35.74 39.96
N ILE J 109 3.78 -35.69 39.10
CA ILE J 109 3.64 -36.72 38.07
C ILE J 109 4.81 -36.66 37.11
N TYR J 110 5.22 -35.46 36.71
CA TYR J 110 6.30 -35.30 35.76
C TYR J 110 7.61 -35.85 36.31
N ARG J 111 7.91 -35.56 37.58
CA ARG J 111 9.17 -36.01 38.12
C ARG J 111 9.16 -37.49 38.51
N VAL J 112 8.01 -38.00 38.97
CA VAL J 112 7.94 -39.39 39.39
C VAL J 112 8.11 -40.32 38.18
N TYR J 113 7.41 -40.02 37.10
CA TYR J 113 7.66 -40.72 35.86
C TYR J 113 8.88 -40.11 35.16
N GLY J 114 9.29 -40.74 34.06
CA GLY J 114 10.40 -40.25 33.28
C GLY J 114 11.75 -40.60 33.87
N SER J 115 12.80 -40.21 33.14
CA SER J 115 14.16 -40.58 33.52
C SER J 115 14.62 -39.83 34.76
N ASP J 116 14.16 -38.59 34.95
CA ASP J 116 14.66 -37.76 36.04
C ASP J 116 14.52 -38.44 37.40
N MET J 117 13.56 -39.36 37.53
CA MET J 117 13.35 -40.03 38.81
C MET J 117 14.62 -40.72 39.30
N TYR J 118 15.45 -41.21 38.39
CA TYR J 118 16.66 -41.90 38.84
C TYR J 118 17.54 -40.97 39.65
N LYS J 119 17.58 -39.69 39.27
CA LYS J 119 18.41 -38.73 40.00
C LYS J 119 17.98 -38.61 41.45
N TYR J 120 16.74 -38.97 41.78
CA TYR J 120 16.30 -38.92 43.16
C TYR J 120 16.55 -40.24 43.89
N ILE J 121 16.64 -41.35 43.15
CA ILE J 121 16.81 -42.65 43.80
C ILE J 121 18.17 -42.72 44.49
N GLU J 122 19.21 -42.28 43.80
CA GLU J 122 20.52 -42.07 44.40
C GLU J 122 20.70 -40.57 44.60
N GLN J 123 21.16 -40.18 45.78
CA GLN J 123 21.16 -38.76 46.13
C GLN J 123 22.20 -38.00 45.32
N VAL J 124 21.97 -37.87 44.02
CA VAL J 124 22.89 -37.15 43.15
C VAL J 124 23.00 -35.71 43.62
N THR J 125 24.22 -35.19 43.69
CA THR J 125 24.47 -33.80 44.03
C THR J 125 25.36 -33.18 42.95
N ASP J 126 24.75 -32.45 42.03
CA ASP J 126 25.49 -31.77 40.97
C ASP J 126 26.09 -30.48 41.53
N THR J 127 27.41 -30.42 41.55
CA THR J 127 28.14 -29.23 41.98
C THR J 127 28.73 -28.55 40.75
N GLN J 128 28.57 -27.23 40.66
CA GLN J 128 29.09 -26.47 39.54
C GLN J 128 29.60 -25.14 40.07
N SER J 129 30.76 -24.71 39.59
CA SER J 129 31.39 -23.50 40.08
C SER J 129 32.10 -22.78 38.94
N GLN J 130 32.56 -21.57 39.22
CA GLN J 130 33.30 -20.76 38.25
C GLN J 130 34.03 -19.65 38.99
N ASP J 131 35.29 -19.45 38.64
CA ASP J 131 36.11 -18.41 39.24
C ASP J 131 36.67 -17.52 38.13
N LEU J 132 36.59 -16.22 38.31
CA LEU J 132 37.17 -15.26 37.37
C LEU J 132 38.03 -14.27 38.15
N GLY J 133 39.31 -14.21 37.81
CA GLY J 133 40.24 -13.34 38.50
C GLY J 133 40.96 -12.39 37.56
N LYS J 134 41.36 -11.25 38.09
CA LYS J 134 42.15 -10.28 37.35
C LYS J 134 43.19 -9.68 38.29
N ALA J 135 44.26 -9.15 37.72
CA ALA J 135 45.31 -8.55 38.52
C ALA J 135 46.05 -7.51 37.68
N ILE J 136 46.46 -6.44 38.35
CA ILE J 136 47.24 -5.36 37.75
C ILE J 136 48.31 -4.95 38.73
N GLU J 137 49.53 -4.76 38.25
CA GLU J 137 50.63 -4.35 39.12
C GLU J 137 51.59 -3.48 38.34
N ASN J 138 51.93 -2.32 38.88
CA ASN J 138 52.87 -1.39 38.26
C ASN J 138 53.99 -1.13 39.24
N ALA J 139 55.23 -1.42 38.83
CA ALA J 139 56.41 -1.19 39.65
C ALA J 139 57.24 -0.10 39.01
N ILE J 140 57.60 0.91 39.80
CA ILE J 140 58.40 2.03 39.34
C ILE J 140 59.60 2.17 40.26
N GLU J 141 60.80 2.28 39.68
CA GLU J 141 62.02 2.36 40.47
C GLU J 141 62.93 3.44 39.91
N GLN J 142 63.57 4.17 40.81
CA GLN J 142 64.55 5.19 40.44
C GLN J 142 65.81 4.97 41.28
N GLY J 143 66.95 5.31 40.71
CA GLY J 143 68.21 5.10 41.38
C GLY J 143 69.21 6.17 41.03
N GLN J 144 70.13 6.42 41.97
CA GLN J 144 71.23 7.36 41.77
C GLN J 144 72.51 6.74 42.32
N THR J 145 73.64 7.06 41.70
CA THR J 145 74.94 6.59 42.15
C THR J 145 75.92 7.75 42.13
N LYS J 146 77.01 7.60 42.87
CA LYS J 146 78.04 8.62 42.94
C LYS J 146 79.30 8.00 43.50
N ASP J 147 80.39 8.07 42.74
CA ASP J 147 81.66 7.51 43.16
C ASP J 147 82.77 8.52 42.96
N ARG J 148 83.77 8.46 43.82
CA ARG J 148 84.97 9.26 43.69
C ARG J 148 86.19 8.38 43.93
N GLN J 149 87.33 8.77 43.38
CA GLN J 149 88.56 8.04 43.58
C GLN J 149 89.73 9.01 43.50
N GLN J 150 90.63 8.93 44.49
CA GLN J 150 91.79 9.80 44.55
C GLN J 150 93.02 8.95 44.81
N ASP J 151 93.98 8.97 43.87
CA ASP J 151 95.18 8.18 43.98
C ASP J 151 96.40 9.08 44.16
N LYS J 152 97.43 8.52 44.77
CA LYS J 152 98.73 9.19 44.88
C LYS J 152 99.82 8.15 44.70
N GLY J 153 100.85 8.51 43.93
CA GLY J 153 101.93 7.59 43.66
C GLY J 153 103.27 8.28 43.87
N HIS J 154 104.29 7.46 44.09
CA HIS J 154 105.64 7.94 44.31
C HIS J 154 106.60 6.84 43.91
N GLU J 155 107.73 7.21 43.31
CA GLU J 155 108.72 6.23 42.90
C GLU J 155 110.11 6.83 43.06
N GLU J 156 111.10 5.98 43.30
CA GLU J 156 112.47 6.41 43.52
C GLU J 156 113.43 5.42 42.88
N TYR J 157 114.17 5.88 41.88
CA TYR J 157 115.24 5.09 41.28
C TYR J 157 116.54 5.31 42.04
N LYS J 158 117.44 4.35 41.92
CA LYS J 158 118.81 4.50 42.40
C LYS J 158 119.64 3.42 41.74
N ASP J 159 120.60 3.80 40.90
CA ASP J 159 121.40 2.85 40.15
C ASP J 159 122.87 3.16 40.32
N TYR J 160 123.69 2.12 40.29
CA TYR J 160 125.15 2.25 40.33
C TYR J 160 125.75 1.41 39.22
N GLU J 161 126.91 1.85 38.72
CA GLU J 161 127.55 1.22 37.57
C GLU J 161 129.04 1.14 37.81
N ASP J 162 129.60 -0.07 37.70
CA ASP J 162 131.04 -0.27 37.66
C ASP J 162 131.37 -1.09 36.43
N THR J 163 132.27 -0.57 35.60
CA THR J 163 132.76 -1.29 34.44
C THR J 163 134.26 -1.14 34.37
N ILE J 164 134.97 -2.25 34.19
CA ILE J 164 136.43 -2.26 34.10
C ILE J 164 136.82 -3.11 32.92
N THR J 165 137.49 -2.50 31.94
CA THR J 165 137.93 -3.20 30.74
C THR J 165 139.45 -3.16 30.68
N LYS J 166 140.07 -4.33 30.50
CA LYS J 166 141.51 -4.43 30.30
C LYS J 166 141.75 -5.23 29.03
N SER J 167 142.28 -4.56 28.00
CA SER J 167 142.51 -5.19 26.71
C SER J 167 144.00 -5.23 26.43
N PHE J 168 144.52 -6.42 26.18
CA PHE J 168 145.90 -6.63 25.78
C PHE J 168 145.92 -7.13 24.34
N ASP J 169 146.67 -6.46 23.48
CA ASP J 169 146.80 -6.90 22.10
C ASP J 169 148.21 -6.68 21.60
N ASP J 170 148.77 -7.70 20.98
CA ASP J 170 150.13 -7.66 20.45
C ASP J 170 150.12 -8.18 19.01
N ASN J 171 150.95 -7.58 18.17
CA ASN J 171 151.08 -8.01 16.78
C ASN J 171 152.54 -7.97 16.37
N ARG J 172 152.95 -8.98 15.59
CA ARG J 172 154.32 -9.11 15.12
C ARG J 172 154.31 -9.28 13.60
N THR J 173 155.01 -8.39 12.90
CA THR J 173 155.05 -8.40 11.44
C THR J 173 156.50 -8.42 10.98
N ALA J 174 156.76 -9.21 9.94
CA ALA J 174 158.09 -9.29 9.35
C ALA J 174 157.95 -9.71 7.89
N GLU J 175 158.82 -9.17 7.04
CA GLU J 175 158.84 -9.49 5.63
C GLU J 175 160.23 -9.87 5.18
N SER J 176 160.32 -10.71 4.16
CA SER J 176 161.58 -11.19 3.64
C SER J 176 161.57 -11.14 2.12
N THR J 177 162.77 -11.04 1.54
CA THR J 177 162.92 -10.96 0.10
C THR J 177 163.54 -12.24 -0.46
N ASP J 196 165.31 -8.31 8.51
CA ASP J 196 164.74 -7.72 7.31
C ASP J 196 163.47 -6.94 7.60
N THR J 197 163.64 -5.72 8.14
CA THR J 197 162.54 -4.81 8.46
C THR J 197 161.50 -5.47 9.37
N ASN J 198 161.97 -6.09 10.43
CA ASN J 198 161.06 -6.63 11.44
C ASN J 198 160.37 -5.49 12.17
N THR J 199 159.08 -5.66 12.43
CA THR J 199 158.28 -4.66 13.12
C THR J 199 157.54 -5.31 14.28
N ILE J 200 157.66 -4.71 15.45
CA ILE J 200 156.99 -5.18 16.66
C ILE J 200 156.26 -4.00 17.29
N SER J 201 155.04 -4.24 17.76
CA SER J 201 154.21 -3.20 18.33
C SER J 201 153.54 -3.67 19.60
N ARG J 202 153.22 -2.72 20.47
CA ARG J 202 152.51 -2.97 21.72
C ARG J 202 151.64 -1.76 22.02
N ASP J 203 150.50 -2.01 22.68
CA ASP J 203 149.59 -0.94 23.07
C ASP J 203 148.75 -1.40 24.26
N LYS J 204 148.43 -0.46 25.15
CA LYS J 204 147.71 -0.73 26.38
C LYS J 204 146.37 0.00 26.31
N ASN J 205 145.28 -0.75 26.46
CA ASN J 205 143.95 -0.14 26.50
C ASN J 205 143.28 -0.57 27.80
N THR J 206 143.11 0.39 28.72
CA THR J 206 142.37 0.17 29.96
C THR J 206 141.45 1.36 30.17
N SER J 207 140.21 1.09 30.56
CA SER J 207 139.25 2.15 30.81
C SER J 207 138.18 1.67 31.77
N GLU J 208 137.69 2.57 32.61
CA GLU J 208 136.60 2.27 33.52
C GLU J 208 135.57 3.39 33.45
N THR J 209 134.30 3.02 33.61
CA THR J 209 133.21 3.98 33.64
C THR J 209 132.30 3.67 34.83
N VAL J 210 131.91 4.72 35.55
CA VAL J 210 130.95 4.62 36.64
C VAL J 210 129.85 5.64 36.41
N SER J 211 128.62 5.28 36.73
CA SER J 211 127.49 6.16 36.54
C SER J 211 126.43 5.87 37.58
N GLU J 212 125.90 6.95 38.18
CA GLU J 212 124.83 6.86 39.16
C GLU J 212 123.64 7.64 38.66
N LYS J 213 122.49 6.98 38.53
CA LYS J 213 121.28 7.60 38.04
C LYS J 213 120.16 7.44 39.07
N THR J 214 119.49 8.54 39.38
CA THR J 214 118.38 8.55 40.32
C THR J 214 117.17 9.18 39.65
N GLY J 215 115.99 8.77 40.07
CA GLY J 215 114.77 9.28 39.47
C GLY J 215 113.68 9.45 40.52
N THR J 216 112.61 10.13 40.10
CA THR J 216 111.47 10.39 40.97
C THR J 216 110.27 10.67 40.10
N LYS J 217 109.19 9.91 40.30
CA LYS J 217 107.97 10.07 39.53
C LYS J 217 106.79 10.14 40.47
N ASP J 218 105.92 11.12 40.24
CA ASP J 218 104.69 11.31 41.01
C ASP J 218 103.51 11.38 40.07
N ASN J 219 102.34 10.99 40.56
CA ASN J 219 101.12 11.08 39.78
C ASN J 219 99.91 11.09 40.69
N THR J 220 98.92 11.89 40.33
CA THR J 220 97.66 11.99 41.05
C THR J 220 96.53 11.68 40.09
N PHE J 221 95.50 11.00 40.58
CA PHE J 221 94.35 10.62 39.78
C PHE J 221 93.09 11.02 40.51
N ASP J 222 92.07 11.45 39.75
CA ASP J 222 90.82 11.90 40.34
C ASP J 222 89.70 11.55 39.37
N SER J 223 88.81 10.65 39.80
CA SER J 223 87.71 10.19 38.98
C SER J 223 86.41 10.42 39.72
N LEU J 224 85.43 11.01 39.04
CA LEU J 224 84.10 11.24 39.60
C LEU J 224 83.09 10.65 38.64
N ARG J 225 82.32 9.68 39.12
CA ARG J 225 81.38 8.94 38.29
C ARG J 225 79.98 9.03 38.90
N ASN J 226 79.00 9.38 38.06
CA ASN J 226 77.61 9.45 38.48
C ASN J 226 76.79 8.48 37.64
N GLY J 227 75.51 8.37 37.99
CA GLY J 227 74.62 7.50 37.25
C GLY J 227 73.17 7.76 37.64
N GLU J 228 72.27 7.20 36.83
CA GLU J 228 70.85 7.22 37.14
C GLU J 228 70.19 6.01 36.48
N SER J 229 69.15 5.50 37.12
CA SER J 229 68.43 4.35 36.61
C SER J 229 66.94 4.66 36.58
N ASP J 230 66.18 3.78 35.93
CA ASP J 230 64.74 3.93 35.84
C ASP J 230 64.17 2.64 35.27
N THR J 231 63.10 2.14 35.89
CA THR J 231 62.43 0.94 35.41
C THR J 231 60.94 1.09 35.59
N LYS J 232 60.19 0.38 34.74
CA LYS J 232 58.73 0.33 34.85
C LYS J 232 58.28 -1.05 34.42
N ARG J 233 57.87 -1.89 35.37
CA ARG J 233 57.37 -3.22 35.06
C ARG J 233 55.88 -3.25 35.34
N ASN J 234 55.09 -3.65 34.34
CA ASN J 234 53.64 -3.63 34.42
C ASN J 234 53.10 -4.96 33.91
N THR J 235 52.45 -5.71 34.80
CA THR J 235 51.91 -7.02 34.48
C THR J 235 50.41 -7.04 34.70
N GLN J 236 49.68 -7.64 33.77
CA GLN J 236 48.25 -7.84 33.89
C GLN J 236 47.94 -9.31 33.65
N SER J 237 47.12 -9.89 34.53
CA SER J 237 46.85 -11.32 34.49
C SER J 237 45.35 -11.57 34.51
N GLN J 238 44.97 -12.75 34.02
CA GLN J 238 43.59 -13.21 34.07
C GLN J 238 43.58 -14.68 34.43
N ASN J 239 42.65 -15.08 35.28
CA ASN J 239 42.46 -16.47 35.67
C ASN J 239 41.04 -16.88 35.36
N GLU J 240 40.82 -18.18 35.24
CA GLU J 240 39.48 -18.73 35.05
C GLU J 240 39.50 -20.21 35.36
N MET J 241 38.66 -20.62 36.31
CA MET J 241 38.59 -22.01 36.72
C MET J 241 37.13 -22.46 36.73
N ASN J 242 36.85 -23.58 36.07
CA ASN J 242 35.50 -24.12 35.99
C ASN J 242 35.52 -25.53 36.55
N ARG J 243 35.03 -25.70 37.77
CA ARG J 243 35.06 -26.98 38.47
C ARG J 243 33.64 -27.50 38.62
N THR J 244 33.43 -28.75 38.21
CA THR J 244 32.12 -29.40 38.31
C THR J 244 32.30 -30.77 38.94
N GLY J 245 31.20 -31.30 39.47
CA GLY J 245 31.23 -32.61 40.10
C GLY J 245 29.85 -33.24 40.08
N LEU J 246 29.80 -34.51 40.48
CA LEU J 246 28.53 -35.23 40.55
C LEU J 246 28.75 -36.46 41.44
N THR J 247 28.07 -36.47 42.59
CA THR J 247 28.24 -37.52 43.58
C THR J 247 26.91 -38.26 43.75
N LYS J 248 26.94 -39.58 43.61
CA LYS J 248 25.76 -40.41 43.76
C LYS J 248 25.98 -41.37 44.92
N GLN J 249 25.10 -41.32 45.92
CA GLN J 249 25.14 -42.23 47.04
C GLN J 249 23.96 -43.18 46.96
N TYR J 250 24.24 -44.47 47.09
CA TYR J 250 23.21 -45.50 47.04
C TYR J 250 22.92 -45.97 48.47
N LEU J 251 21.67 -45.86 48.89
CA LEU J 251 21.24 -46.36 50.19
C LEU J 251 19.99 -47.19 50.01
N ILE J 252 19.86 -48.23 50.86
CA ILE J 252 18.65 -49.04 50.83
C ILE J 252 17.46 -48.23 51.30
N ASP J 253 17.67 -47.29 52.23
CA ASP J 253 16.56 -46.49 52.75
C ASP J 253 15.83 -45.74 51.65
N ASN J 254 16.53 -45.45 50.55
CA ASN J 254 15.87 -44.76 49.44
C ASN J 254 14.98 -45.69 48.63
N LEU J 255 15.36 -46.97 48.52
CA LEU J 255 14.53 -47.91 47.78
C LEU J 255 13.20 -48.16 48.48
N GLN J 256 13.21 -48.24 49.81
CA GLN J 256 11.96 -48.44 50.55
C GLN J 256 11.04 -47.26 50.36
N LYS J 257 11.58 -46.05 50.31
CA LYS J 257 10.75 -44.87 50.09
C LYS J 257 10.33 -44.74 48.64
N LEU J 258 11.00 -45.48 47.74
CA LEU J 258 10.66 -45.46 46.32
C LEU J 258 9.35 -46.18 46.03
N TYR J 259 8.95 -47.12 46.89
CA TYR J 259 7.96 -48.12 46.51
C TYR J 259 6.65 -47.49 46.06
N SER J 260 6.09 -46.59 46.87
CA SER J 260 4.73 -46.13 46.68
C SER J 260 4.63 -44.73 46.09
N MET J 261 5.70 -44.23 45.46
CA MET J 261 5.62 -42.90 44.87
C MET J 261 4.65 -42.89 43.69
N ARG J 262 4.69 -43.93 42.86
CA ARG J 262 3.78 -43.97 41.72
C ARG J 262 2.36 -44.28 42.16
N ASP J 263 2.19 -45.18 43.13
CA ASP J 263 0.86 -45.59 43.54
C ASP J 263 0.12 -44.46 44.24
N THR J 264 0.85 -43.56 44.90
CA THR J 264 0.22 -42.46 45.62
C THR J 264 -0.53 -41.53 44.68
N ILE J 265 -0.19 -41.53 43.39
CA ILE J 265 -0.90 -40.67 42.43
C ILE J 265 -2.37 -41.01 42.40
N PHE J 266 -2.70 -42.29 42.35
CA PHE J 266 -4.06 -42.73 42.10
C PHE J 266 -4.88 -42.91 43.36
N LYS J 267 -4.29 -42.71 44.54
CA LYS J 267 -5.11 -42.67 45.75
C LYS J 267 -5.88 -41.36 45.83
N THR J 268 -5.32 -40.28 45.28
CA THR J 268 -6.06 -39.03 45.24
C THR J 268 -7.12 -39.05 44.15
N TYR J 269 -6.84 -39.70 43.02
CA TYR J 269 -7.84 -39.84 41.98
C TYR J 269 -9.02 -40.66 42.47
N ASP J 270 -8.74 -41.76 43.18
CA ASP J 270 -9.81 -42.65 43.62
C ASP J 270 -10.65 -42.01 44.71
N LYS J 271 -10.03 -41.20 45.57
CA LYS J 271 -10.75 -40.65 46.72
C LYS J 271 -11.84 -39.69 46.26
N GLU J 272 -11.55 -38.87 45.25
CA GLU J 272 -12.45 -37.78 44.87
C GLU J 272 -13.27 -38.06 43.62
N CYS J 273 -12.69 -38.66 42.59
CA CYS J 273 -13.34 -38.67 41.28
C CYS J 273 -14.30 -39.84 41.12
N PHE J 274 -14.11 -40.93 41.85
CA PHE J 274 -14.82 -42.17 41.58
C PHE J 274 -15.81 -42.52 42.68
N LEU J 275 -16.71 -43.45 42.35
CA LEU J 275 -17.71 -43.94 43.29
C LEU J 275 -17.07 -44.89 44.28
N HIS J 276 -17.67 -44.97 45.47
CA HIS J 276 -17.07 -45.67 46.59
C HIS J 276 -17.93 -46.80 47.15
N ILE J 277 -19.15 -47.01 46.66
CA ILE J 277 -20.01 -48.07 47.14
C ILE J 277 -20.24 -49.05 46.00
N TRP J 278 -20.10 -50.33 46.29
CA TRP J 278 -20.21 -51.40 45.30
C TRP J 278 -21.45 -51.28 44.44
N LEU K 1 57.95 2.31 -6.82
CA LEU K 1 56.88 1.50 -6.26
C LEU K 1 55.76 2.40 -5.74
N ILE K 2 54.54 2.20 -6.23
CA ILE K 2 53.38 2.99 -5.86
C ILE K 2 52.35 2.06 -5.22
N ILE K 3 51.91 2.42 -4.01
CA ILE K 3 50.91 1.66 -3.27
C ILE K 3 49.65 2.51 -3.19
N LYS K 4 48.54 1.94 -3.64
CA LYS K 4 47.25 2.63 -3.63
C LYS K 4 46.39 2.04 -2.52
N HIS K 5 45.89 2.91 -1.64
CA HIS K 5 45.04 2.48 -0.54
C HIS K 5 43.77 3.31 -0.49
N GLN K 6 42.64 2.64 -0.39
CA GLN K 6 41.36 3.31 -0.26
C GLN K 6 40.97 3.40 1.21
N MET K 7 40.54 4.58 1.64
CA MET K 7 40.23 4.83 3.04
C MET K 7 38.93 5.61 3.13
N LYS K 8 38.34 5.59 4.33
CA LYS K 8 37.09 6.28 4.60
C LYS K 8 37.31 7.30 5.71
N LEU K 9 37.07 8.57 5.39
CA LEU K 9 37.38 9.67 6.29
C LEU K 9 36.15 10.55 6.50
N HIS K 10 35.95 10.98 7.74
CA HIS K 10 34.89 11.94 8.03
C HIS K 10 35.25 13.30 7.45
N LEU K 11 34.37 14.29 7.66
CA LEU K 11 34.59 15.61 7.08
C LEU K 11 35.88 16.25 7.59
N ASN K 12 36.12 16.19 8.90
CA ASN K 12 37.34 16.80 9.43
C ASN K 12 38.59 16.11 8.90
N GLU K 13 38.57 14.78 8.90
CA GLU K 13 39.71 14.03 8.37
C GLU K 13 39.87 14.27 6.88
N LEU K 14 38.75 14.35 6.15
CA LEU K 14 38.84 14.60 4.71
C LEU K 14 39.43 15.97 4.43
N VAL K 15 39.01 17.00 5.17
CA VAL K 15 39.55 18.34 4.98
C VAL K 15 41.04 18.37 5.31
N ASP K 16 41.42 17.74 6.42
CA ASP K 16 42.83 17.73 6.80
C ASP K 16 43.66 17.02 5.73
N TRP K 17 43.18 15.87 5.23
CA TRP K 17 43.92 15.14 4.21
C TRP K 17 44.00 15.93 2.92
N ALA K 18 42.90 16.55 2.50
CA ALA K 18 42.90 17.28 1.24
C ALA K 18 43.83 18.49 1.29
N TRP K 19 43.82 19.21 2.41
CA TRP K 19 44.72 20.36 2.51
C TRP K 19 46.17 19.92 2.72
N ARG K 20 46.38 18.74 3.29
CA ARG K 20 47.74 18.25 3.48
C ARG K 20 48.35 17.78 2.16
N ASN K 21 47.56 17.06 1.35
CA ASN K 21 47.97 16.61 0.03
C ASN K 21 47.18 17.44 -0.98
N GLY K 22 47.75 18.59 -1.36
CA GLY K 22 47.05 19.61 -2.12
C GLY K 22 46.14 19.14 -3.23
N VAL K 23 44.89 19.55 -3.17
CA VAL K 23 43.90 19.30 -4.21
C VAL K 23 43.41 20.64 -4.72
N THR K 24 43.44 20.82 -6.04
CA THR K 24 43.07 22.11 -6.60
C THR K 24 41.55 22.26 -6.72
N SER K 25 40.92 21.40 -7.52
CA SER K 25 39.49 21.53 -7.76
C SER K 25 38.90 20.17 -8.03
N GLU K 26 38.04 19.71 -7.11
CA GLU K 26 37.39 18.42 -7.24
C GLU K 26 36.35 18.26 -6.12
N LYS K 27 35.35 17.44 -6.39
CA LYS K 27 34.21 17.23 -5.49
C LYS K 27 34.28 15.85 -4.87
N PHE K 28 34.18 15.81 -3.54
CA PHE K 28 34.12 14.56 -2.78
C PHE K 28 32.69 14.28 -2.38
N HIS K 29 32.26 13.04 -2.58
CA HIS K 29 30.93 12.60 -2.18
C HIS K 29 31.01 11.66 -0.98
N SER K 30 29.87 11.46 -0.33
CA SER K 30 29.77 10.63 0.85
C SER K 30 28.67 9.59 0.66
N ASN K 31 28.43 8.80 1.71
CA ASN K 31 27.43 7.74 1.63
C ASN K 31 26.02 8.30 1.52
N ASN K 32 25.69 9.29 2.35
CA ASN K 32 24.32 9.77 2.45
C ASN K 32 23.97 10.82 1.41
N GLY K 33 24.76 10.92 0.34
CA GLY K 33 24.51 11.89 -0.70
C GLY K 33 25.10 13.26 -0.45
N SER K 34 25.62 13.50 0.75
CA SER K 34 26.27 14.78 1.03
C SER K 34 27.58 14.88 0.27
N TYR K 35 27.92 16.11 -0.11
CA TYR K 35 29.16 16.33 -0.85
C TYR K 35 29.83 17.62 -0.38
N VAL K 36 31.13 17.67 -0.63
CA VAL K 36 31.95 18.86 -0.40
C VAL K 36 32.72 19.15 -1.68
N ILE K 37 32.99 20.42 -1.94
CA ILE K 37 33.66 20.84 -3.17
C ILE K 37 34.88 21.65 -2.80
N PHE K 38 36.04 21.26 -3.32
CA PHE K 38 37.23 22.09 -3.25
C PHE K 38 37.44 22.75 -4.60
N ASP K 39 37.69 24.05 -4.61
CA ASP K 39 37.97 24.79 -5.84
C ASP K 39 39.13 25.72 -5.52
N HIS K 40 40.24 25.53 -6.24
CA HIS K 40 41.48 26.25 -5.96
C HIS K 40 41.88 26.08 -4.50
N SER K 41 41.75 24.85 -4.00
CA SER K 41 42.11 24.50 -2.63
C SER K 41 41.33 25.32 -1.61
N ALA K 42 40.05 25.57 -1.91
CA ALA K 42 39.16 26.26 -0.99
C ALA K 42 37.83 25.53 -0.94
N VAL K 43 37.24 25.45 0.24
CA VAL K 43 36.00 24.72 0.44
C VAL K 43 34.83 25.62 0.04
N VAL K 44 34.46 25.56 -1.24
CA VAL K 44 33.44 26.48 -1.75
C VAL K 44 32.05 26.07 -1.25
N GLU K 45 31.71 24.79 -1.39
CA GLU K 45 30.34 24.36 -1.12
C GLU K 45 30.33 23.06 -0.31
N THR K 46 29.39 22.98 0.62
CA THR K 46 29.09 21.75 1.35
C THR K 46 27.58 21.56 1.32
N TYR K 47 27.13 20.32 1.25
CA TYR K 47 25.70 20.04 1.15
C TYR K 47 25.28 19.04 2.21
N ILE K 48 24.74 19.54 3.32
CA ILE K 48 24.13 18.75 4.38
C ILE K 48 25.02 17.58 4.77
N ILE K 49 26.18 17.88 5.35
CA ILE K 49 27.15 16.83 5.71
C ILE K 49 26.98 16.58 7.21
N ASN K 50 26.17 15.58 7.54
CA ASN K 50 25.99 15.18 8.92
C ASN K 50 27.26 14.50 9.44
N LYS K 51 27.27 14.24 10.74
CA LYS K 51 28.34 13.46 11.33
C LYS K 51 28.24 12.02 10.83
N ASN K 52 29.23 11.21 11.24
CA ASN K 52 29.35 9.80 10.84
C ASN K 52 29.09 9.59 9.35
N ASP K 53 29.48 10.58 8.54
CA ASP K 53 29.45 10.46 7.08
C ASP K 53 30.85 10.12 6.61
N LEU K 54 30.96 9.07 5.80
CA LEU K 54 32.25 8.54 5.37
C LEU K 54 32.49 8.90 3.91
N PHE K 55 33.51 9.70 3.67
CA PHE K 55 33.97 10.02 2.32
C PHE K 55 35.07 9.04 1.95
N ASN K 56 34.90 8.35 0.82
CA ASN K 56 35.88 7.38 0.37
C ASN K 56 36.92 8.08 -0.50
N VAL K 57 38.17 7.96 -0.12
CA VAL K 57 39.28 8.64 -0.79
C VAL K 57 40.39 7.63 -1.05
N THR K 58 40.90 7.63 -2.27
CA THR K 58 42.06 6.81 -2.63
C THR K 58 43.32 7.63 -2.40
N GLU K 59 44.37 6.98 -1.91
CA GLU K 59 45.61 7.64 -1.55
C GLU K 59 46.78 6.87 -2.13
N GLU K 60 47.73 7.60 -2.73
CA GLU K 60 48.90 7.02 -3.36
C GLU K 60 50.12 7.30 -2.48
N ILE K 61 50.82 6.25 -2.09
CA ILE K 61 52.03 6.35 -1.29
C ILE K 61 53.18 5.77 -2.09
N GLU K 62 54.26 6.54 -2.20
CA GLU K 62 55.47 6.07 -2.87
C GLU K 62 56.33 5.33 -1.84
N ILE K 63 56.68 4.08 -2.15
CA ILE K 63 57.45 3.23 -1.26
C ILE K 63 58.83 3.03 -1.86
N THR K 64 59.87 3.29 -1.07
CA THR K 64 61.25 3.19 -1.52
C THR K 64 62.12 2.96 -0.30
N LEU K 65 63.17 2.16 -0.47
CA LEU K 65 64.03 1.80 0.65
C LEU K 65 64.61 3.03 1.34
N ASP K 66 64.90 4.08 0.58
CA ASP K 66 65.45 5.29 1.18
C ASP K 66 64.39 6.11 1.90
N LYS K 67 63.19 6.18 1.34
CA LYS K 67 62.15 7.01 1.91
C LYS K 67 61.61 6.40 3.21
N PRO K 68 61.45 7.19 4.27
CA PRO K 68 60.92 6.64 5.52
C PRO K 68 59.46 6.22 5.38
N ILE K 69 59.05 5.28 6.22
CA ILE K 69 57.71 4.73 6.23
C ILE K 69 57.04 5.10 7.55
N ASP K 70 55.76 5.46 7.47
CA ASP K 70 55.04 5.89 8.68
C ASP K 70 54.94 4.76 9.70
N TYR K 71 54.54 3.57 9.26
CA TYR K 71 54.29 2.46 10.18
C TYR K 71 54.37 1.16 9.40
N PHE K 72 55.42 0.36 9.66
CA PHE K 72 55.53 -0.90 8.96
C PHE K 72 55.82 -2.01 9.97
N LEU K 73 55.72 -3.24 9.48
CA LEU K 73 55.86 -4.45 10.28
C LEU K 73 56.85 -5.37 9.60
N GLU K 74 57.78 -5.93 10.37
CA GLU K 74 58.83 -6.78 9.84
C GLU K 74 58.78 -8.15 10.50
N LYS K 75 59.03 -9.19 9.70
CA LYS K 75 59.04 -10.57 10.15
C LYS K 75 60.37 -11.20 9.77
N ASP K 76 61.06 -11.76 10.76
CA ASP K 76 62.34 -12.40 10.57
C ASP K 76 62.15 -13.82 10.03
N MET K 77 63.28 -14.53 9.90
CA MET K 77 63.21 -15.91 9.42
C MET K 77 62.68 -16.85 10.49
N TYR K 78 63.07 -16.63 11.75
CA TYR K 78 62.64 -17.51 12.82
C TYR K 78 61.15 -17.43 13.05
N GLY K 79 60.59 -16.22 13.02
CA GLY K 79 59.16 -16.06 13.22
C GLY K 79 58.78 -14.84 14.03
N ASN K 80 59.78 -14.13 14.56
CA ASN K 80 59.51 -12.96 15.38
C ASN K 80 58.95 -11.82 14.53
N TYR K 81 57.87 -11.22 14.99
CA TYR K 81 57.27 -10.06 14.34
C TYR K 81 57.54 -8.82 15.17
N ARG K 82 57.89 -7.73 14.50
CA ARG K 82 58.09 -6.45 15.15
C ARG K 82 57.44 -5.35 14.32
N GLU K 83 57.26 -4.19 14.94
CA GLU K 83 56.71 -3.03 14.25
C GLU K 83 57.61 -1.83 14.45
N HIS K 84 57.73 -1.01 13.41
CA HIS K 84 58.56 0.18 13.45
C HIS K 84 57.78 1.38 12.93
N PHE K 85 58.13 2.56 13.45
CA PHE K 85 57.50 3.82 13.07
C PHE K 85 58.57 4.79 12.58
N GLY K 86 58.27 5.47 11.48
CA GLY K 86 59.12 6.57 11.02
C GLY K 86 60.55 6.19 10.73
N ILE K 87 60.77 5.03 10.15
CA ILE K 87 62.11 4.52 9.86
C ILE K 87 62.13 3.97 8.46
N ALA K 88 63.14 4.34 7.67
CA ALA K 88 63.28 3.81 6.32
C ALA K 88 63.67 2.33 6.37
N ILE K 89 63.30 1.60 5.32
CA ILE K 89 63.57 0.17 5.29
C ILE K 89 65.07 -0.11 5.36
N ASN K 90 65.86 0.72 4.66
CA ASN K 90 67.32 0.54 4.70
C ASN K 90 67.89 0.87 6.08
N ASP K 91 67.13 1.59 6.90
CA ASP K 91 67.64 2.05 8.19
C ASP K 91 67.70 0.89 9.20
N LEU K 92 66.92 -0.16 9.00
CA LEU K 92 66.86 -1.26 9.96
C LEU K 92 68.25 -1.84 10.22
N LEU K 93 68.56 -2.03 11.49
CA LEU K 93 69.88 -2.54 11.85
C LEU K 93 70.09 -3.96 11.35
N PHE K 94 69.06 -4.80 11.48
CA PHE K 94 69.16 -6.21 11.10
C PHE K 94 68.26 -6.45 9.90
N LEU K 95 68.80 -6.20 8.71
CA LEU K 95 68.16 -6.61 7.46
C LEU K 95 68.63 -7.98 7.01
N ASN K 96 69.66 -8.53 7.65
CA ASN K 96 70.19 -9.83 7.25
C ASN K 96 69.15 -10.93 7.44
N THR K 97 68.43 -10.89 8.56
CA THR K 97 67.45 -11.91 8.90
C THR K 97 66.01 -11.47 8.67
N THR K 98 65.81 -10.26 8.14
CA THR K 98 64.46 -9.76 7.88
C THR K 98 63.96 -10.44 6.61
N VAL K 99 62.87 -11.20 6.73
CA VAL K 99 62.35 -11.93 5.57
C VAL K 99 61.23 -11.14 4.91
N ASN K 100 60.29 -10.63 5.68
CA ASN K 100 59.14 -9.96 5.10
C ASN K 100 58.92 -8.61 5.77
N ILE K 101 58.39 -7.66 4.99
CA ILE K 101 58.00 -6.35 5.53
C ILE K 101 56.69 -5.95 4.88
N TRP K 102 55.66 -5.74 5.71
CA TRP K 102 54.36 -5.22 5.31
C TRP K 102 54.23 -3.79 5.82
N LEU K 103 53.29 -3.06 5.23
CA LEU K 103 53.02 -1.68 5.60
C LEU K 103 51.66 -1.61 6.30
N VAL K 104 51.66 -1.23 7.57
CA VAL K 104 50.43 -1.16 8.34
C VAL K 104 49.71 0.11 7.93
N ASN K 105 48.45 -0.02 7.53
CA ASN K 105 47.80 1.00 6.71
C ASN K 105 46.75 1.79 7.49
N ASP K 106 46.86 1.81 8.84
CA ASP K 106 46.10 2.70 9.71
C ASP K 106 44.65 2.19 9.77
N ASP K 107 44.30 1.28 8.87
CA ASP K 107 43.04 0.55 8.93
C ASP K 107 43.23 -0.84 9.53
N ASN K 108 44.42 -1.14 10.03
CA ASN K 108 44.90 -2.43 10.47
C ASN K 108 45.06 -3.39 9.28
N SER K 109 44.96 -2.89 8.05
CA SER K 109 45.25 -3.71 6.90
C SER K 109 46.76 -3.86 6.72
N HIS K 110 47.15 -4.83 5.90
CA HIS K 110 48.55 -5.14 5.69
C HIS K 110 48.81 -5.27 4.19
N ILE K 111 49.83 -4.56 3.71
CA ILE K 111 50.22 -4.59 2.30
C ILE K 111 51.69 -4.99 2.22
N LEU K 112 51.97 -6.06 1.50
CA LEU K 112 53.34 -6.54 1.37
C LEU K 112 54.14 -5.58 0.51
N ILE K 113 55.33 -5.20 0.99
CA ILE K 113 56.20 -4.36 0.19
C ILE K 113 57.59 -4.98 0.04
N TYR K 114 58.01 -5.81 1.00
CA TYR K 114 59.37 -6.34 0.98
C TYR K 114 59.33 -7.85 1.19
N LYS K 115 59.96 -8.59 0.27
CA LYS K 115 59.89 -10.05 0.29
C LYS K 115 61.25 -10.61 -0.11
N ASP K 116 61.93 -11.24 0.86
CA ASP K 116 63.14 -12.01 0.61
C ASP K 116 64.23 -11.17 -0.05
N GLY K 117 64.62 -10.10 0.65
CA GLY K 117 65.76 -9.31 0.23
C GLY K 117 65.50 -8.30 -0.87
N LYS K 118 64.28 -8.19 -1.37
CA LYS K 118 63.97 -7.29 -2.46
C LYS K 118 62.62 -6.63 -2.21
N LEU K 119 62.40 -5.49 -2.85
CA LEU K 119 61.07 -4.90 -2.87
C LEU K 119 60.13 -5.83 -3.62
N ILE K 120 58.83 -5.69 -3.32
CA ILE K 120 57.86 -6.66 -3.82
C ILE K 120 57.75 -6.60 -5.33
N ASP K 121 58.00 -5.43 -5.92
CA ASP K 121 57.93 -5.33 -7.38
C ASP K 121 59.10 -6.04 -8.05
N GLU K 122 60.27 -6.02 -7.40
CA GLU K 122 61.44 -6.67 -7.99
C GLU K 122 61.34 -8.19 -7.89
N TYR K 123 60.71 -8.70 -6.83
CA TYR K 123 60.55 -10.14 -6.68
C TYR K 123 59.66 -10.67 -7.81
N MET K 124 59.93 -11.91 -8.24
CA MET K 124 59.30 -12.44 -9.44
C MET K 124 58.31 -13.57 -9.19
N TYR K 125 58.33 -14.21 -8.02
CA TYR K 125 57.31 -15.18 -7.62
C TYR K 125 57.20 -16.32 -8.64
N HIS K 126 58.28 -17.10 -8.70
CA HIS K 126 58.32 -18.24 -9.60
C HIS K 126 57.19 -19.21 -9.29
N GLN K 127 56.53 -19.70 -10.34
CA GLN K 127 55.54 -20.74 -10.20
C GLN K 127 56.23 -22.11 -10.15
N PHE K 128 55.44 -23.17 -10.24
CA PHE K 128 55.96 -24.53 -10.22
C PHE K 128 55.55 -25.28 -11.48
N GLU K 129 56.48 -26.07 -12.00
CA GLU K 129 56.19 -26.95 -13.13
C GLU K 129 57.28 -28.01 -13.20
N TYR K 130 56.88 -29.25 -13.49
CA TYR K 130 57.87 -30.29 -13.74
C TYR K 130 58.64 -29.96 -15.01
N GLU K 131 59.94 -30.21 -14.99
CA GLU K 131 60.80 -29.87 -16.11
C GLU K 131 60.70 -30.96 -17.17
N ALA K 132 60.38 -30.56 -18.39
CA ALA K 132 60.25 -31.47 -19.52
C ALA K 132 60.05 -30.65 -20.78
N ASN K 133 60.53 -31.18 -21.90
CA ASN K 133 60.35 -30.53 -23.19
C ASN K 133 59.01 -30.95 -23.79
N GLN K 134 58.80 -30.61 -25.06
CA GLN K 134 57.60 -31.04 -25.75
C GLN K 134 57.58 -32.56 -25.89
N ASN K 135 56.38 -33.13 -25.84
CA ASN K 135 56.26 -34.57 -26.05
C ASN K 135 56.66 -34.94 -27.47
N LYS K 136 56.07 -34.29 -28.47
CA LYS K 136 56.40 -34.49 -29.88
C LYS K 136 56.36 -35.97 -30.24
N HIS K 137 55.36 -36.68 -29.72
CA HIS K 137 55.22 -38.12 -29.91
C HIS K 137 53.89 -38.39 -30.60
N ILE K 138 53.88 -39.37 -31.50
CA ILE K 138 52.67 -39.78 -32.19
C ILE K 138 52.01 -40.90 -31.40
N TYR K 139 50.75 -40.70 -31.02
CA TYR K 139 50.00 -41.66 -30.23
C TYR K 139 48.94 -42.34 -31.08
N PRO K 140 48.58 -43.58 -30.76
CA PRO K 140 47.46 -44.23 -31.45
C PRO K 140 46.15 -43.53 -31.12
N ASN K 141 45.20 -43.62 -32.05
CA ASN K 141 43.91 -42.99 -31.92
C ASN K 141 42.83 -44.03 -31.68
N ASN K 142 41.87 -43.68 -30.83
CA ASN K 142 40.73 -44.56 -30.51
C ASN K 142 39.47 -43.92 -31.10
N LYS K 143 39.19 -44.25 -32.36
CA LYS K 143 38.04 -43.71 -33.06
C LYS K 143 37.56 -44.67 -34.13
N LEU L 1 30.49 -16.08 5.08
CA LEU L 1 31.61 -15.51 4.34
C LEU L 1 32.26 -16.59 3.47
N ILE L 2 31.71 -16.80 2.28
CA ILE L 2 32.21 -17.81 1.35
C ILE L 2 32.92 -17.09 0.22
N ILE L 3 34.15 -17.52 -0.07
CA ILE L 3 35.00 -16.89 -1.07
C ILE L 3 35.30 -17.91 -2.15
N LYS L 4 34.94 -17.58 -3.40
CA LYS L 4 35.34 -18.37 -4.54
C LYS L 4 36.84 -18.22 -4.74
N HIS L 5 37.51 -19.31 -5.15
CA HIS L 5 38.94 -19.29 -5.40
C HIS L 5 39.20 -20.17 -6.61
N GLN L 6 39.49 -19.56 -7.75
CA GLN L 6 39.78 -20.27 -8.98
C GLN L 6 41.28 -20.50 -9.08
N MET L 7 41.67 -21.72 -9.44
CA MET L 7 43.08 -22.07 -9.50
C MET L 7 43.30 -23.08 -10.61
N LYS L 8 44.56 -23.21 -11.01
CA LYS L 8 44.99 -24.17 -12.02
C LYS L 8 45.90 -25.20 -11.37
N LEU L 9 45.54 -26.47 -11.52
CA LEU L 9 46.19 -27.57 -10.83
C LEU L 9 46.71 -28.59 -11.83
N HIS L 10 47.85 -29.18 -11.52
CA HIS L 10 48.34 -30.30 -12.31
C HIS L 10 47.47 -31.52 -12.04
N LEU L 11 47.81 -32.64 -12.70
CA LEU L 11 47.00 -33.84 -12.55
C LEU L 11 47.01 -34.35 -11.12
N ASN L 12 48.18 -34.37 -10.48
CA ASN L 12 48.25 -34.87 -9.11
C ASN L 12 47.46 -33.97 -8.16
N GLU L 13 47.63 -32.66 -8.28
CA GLU L 13 46.88 -31.75 -7.43
C GLU L 13 45.39 -31.83 -7.69
N LEU L 14 45.00 -31.97 -8.96
CA LEU L 14 43.58 -32.10 -9.29
C LEU L 14 42.99 -33.36 -8.68
N VAL L 15 43.70 -34.49 -8.79
CA VAL L 15 43.21 -35.73 -8.23
C VAL L 15 43.08 -35.60 -6.72
N ASP L 16 44.08 -35.03 -6.07
CA ASP L 16 44.04 -34.86 -4.61
C ASP L 16 42.86 -33.99 -4.21
N TRP L 17 42.69 -32.85 -4.88
CA TRP L 17 41.59 -31.95 -4.55
C TRP L 17 40.24 -32.62 -4.78
N ALA L 18 40.11 -33.37 -5.86
CA ALA L 18 38.85 -34.05 -6.15
C ALA L 18 38.53 -35.09 -5.08
N TRP L 19 39.53 -35.83 -4.63
CA TRP L 19 39.26 -36.87 -3.65
C TRP L 19 38.99 -36.29 -2.26
N ARG L 20 39.67 -35.19 -1.91
CA ARG L 20 39.37 -34.54 -0.64
C ARG L 20 37.97 -33.95 -0.63
N ASN L 21 37.63 -33.17 -1.65
CA ASN L 21 36.31 -32.56 -1.78
C ASN L 21 35.49 -33.45 -2.73
N GLY L 22 34.89 -34.49 -2.17
CA GLY L 22 34.27 -35.55 -2.93
C GLY L 22 33.47 -35.15 -4.15
N VAL L 23 33.82 -35.72 -5.29
CA VAL L 23 33.13 -35.48 -6.55
C VAL L 23 32.58 -36.82 -7.03
N THR L 24 31.25 -36.90 -7.14
CA THR L 24 30.63 -38.18 -7.51
C THR L 24 30.91 -38.51 -8.97
N SER L 25 30.71 -37.55 -9.86
CA SER L 25 30.90 -37.79 -11.29
C SER L 25 31.06 -36.45 -12.01
N GLU L 26 32.17 -36.30 -12.72
CA GLU L 26 32.48 -35.04 -13.40
C GLU L 26 33.69 -35.18 -14.31
N LYS L 27 33.70 -34.46 -15.42
CA LYS L 27 34.83 -34.45 -16.34
C LYS L 27 35.56 -33.12 -16.25
N PHE L 28 36.87 -33.19 -16.03
CA PHE L 28 37.71 -31.99 -15.94
C PHE L 28 38.56 -31.89 -17.20
N HIS L 29 38.40 -30.80 -17.93
CA HIS L 29 39.23 -30.47 -19.09
C HIS L 29 40.45 -29.70 -18.65
N SER L 30 41.50 -29.76 -19.46
CA SER L 30 42.79 -29.16 -19.12
C SER L 30 43.08 -27.98 -20.03
N ASN L 31 44.27 -27.41 -19.82
CA ASN L 31 44.74 -26.34 -20.69
C ASN L 31 44.91 -26.81 -22.13
N ASN L 32 45.47 -28.00 -22.31
CA ASN L 32 45.87 -28.50 -23.62
C ASN L 32 44.87 -29.48 -24.20
N GLY L 33 43.63 -29.51 -23.70
CA GLY L 33 42.59 -30.31 -24.27
C GLY L 33 42.47 -31.72 -23.71
N SER L 34 43.42 -32.16 -22.90
CA SER L 34 43.30 -33.44 -22.22
C SER L 34 42.25 -33.35 -21.12
N TYR L 35 41.64 -34.48 -20.81
CA TYR L 35 40.56 -34.51 -19.84
C TYR L 35 40.69 -35.74 -18.95
N VAL L 36 40.17 -35.63 -17.73
CA VAL L 36 40.08 -36.75 -16.80
C VAL L 36 38.64 -36.85 -16.31
N ILE L 37 38.09 -38.06 -16.31
CA ILE L 37 36.70 -38.29 -15.96
C ILE L 37 36.64 -39.04 -14.64
N PHE L 38 35.98 -38.44 -13.64
CA PHE L 38 35.68 -39.12 -12.39
C PHE L 38 34.28 -39.69 -12.47
N ASP L 39 34.15 -40.98 -12.16
CA ASP L 39 32.85 -41.62 -12.06
C ASP L 39 32.80 -42.39 -10.74
N HIS L 40 31.78 -42.12 -9.94
CA HIS L 40 31.64 -42.70 -8.60
C HIS L 40 32.89 -42.46 -7.77
N SER L 41 33.40 -41.22 -7.81
CA SER L 41 34.60 -40.79 -7.10
C SER L 41 35.80 -41.67 -7.39
N ALA L 42 35.86 -42.27 -8.57
CA ALA L 42 36.99 -43.09 -8.99
C ALA L 42 37.39 -42.68 -10.39
N VAL L 43 38.71 -42.52 -10.62
CA VAL L 43 39.19 -42.16 -11.94
C VAL L 43 38.92 -43.30 -12.90
N VAL L 44 38.31 -42.97 -14.05
CA VAL L 44 37.89 -44.01 -14.99
C VAL L 44 38.63 -43.86 -16.31
N GLU L 45 38.51 -42.70 -16.94
CA GLU L 45 39.07 -42.49 -18.27
C GLU L 45 39.87 -41.20 -18.29
N THR L 46 41.12 -41.28 -18.73
CA THR L 46 41.98 -40.12 -18.91
C THR L 46 42.49 -40.10 -20.32
N TYR L 47 42.38 -38.95 -20.98
CA TYR L 47 43.00 -38.75 -22.28
C TYR L 47 44.51 -38.61 -22.11
N ILE L 48 45.19 -38.33 -23.21
CA ILE L 48 46.64 -38.19 -23.17
C ILE L 48 47.00 -36.92 -22.38
N ILE L 49 47.45 -37.10 -21.15
CA ILE L 49 47.71 -35.99 -20.24
C ILE L 49 49.21 -35.88 -20.04
N ASN L 50 49.79 -34.79 -20.51
CA ASN L 50 51.21 -34.54 -20.36
C ASN L 50 51.48 -33.83 -19.03
N LYS L 51 52.75 -33.81 -18.65
CA LYS L 51 53.15 -33.03 -17.48
C LYS L 51 52.94 -31.55 -17.75
N ASN L 52 52.73 -30.79 -16.69
CA ASN L 52 52.48 -29.35 -16.70
C ASN L 52 51.13 -28.99 -17.31
N ASP L 53 50.25 -29.97 -17.53
CA ASP L 53 48.90 -29.66 -17.96
C ASP L 53 48.12 -29.03 -16.80
N LEU L 54 47.37 -27.99 -17.10
CA LEU L 54 46.68 -27.21 -16.09
C LEU L 54 45.16 -27.43 -16.20
N PHE L 55 44.55 -27.81 -15.08
CA PHE L 55 43.11 -27.95 -14.98
C PHE L 55 42.55 -26.82 -14.13
N ASN L 56 41.46 -26.22 -14.57
CA ASN L 56 40.83 -25.12 -13.83
C ASN L 56 39.80 -25.67 -12.86
N VAL L 57 39.94 -25.33 -11.58
CA VAL L 57 38.99 -25.72 -10.57
C VAL L 57 38.74 -24.54 -9.63
N THR L 58 37.48 -24.37 -9.25
CA THR L 58 37.07 -23.32 -8.31
C THR L 58 36.64 -23.98 -7.01
N GLU L 59 37.25 -23.56 -5.90
CA GLU L 59 36.92 -24.08 -4.59
C GLU L 59 36.46 -22.94 -3.69
N GLU L 60 35.49 -23.24 -2.83
CA GLU L 60 34.95 -22.25 -1.91
C GLU L 60 35.66 -22.39 -0.56
N ILE L 61 36.31 -21.32 -0.13
CA ILE L 61 36.87 -21.22 1.21
C ILE L 61 35.97 -20.31 2.02
N GLU L 62 35.42 -20.82 3.12
CA GLU L 62 34.53 -20.03 3.95
C GLU L 62 35.23 -19.68 5.25
N ILE L 63 35.19 -18.40 5.61
CA ILE L 63 35.88 -17.87 6.78
C ILE L 63 34.85 -17.60 7.85
N THR L 64 34.85 -18.43 8.90
CA THR L 64 33.93 -18.27 10.01
C THR L 64 34.69 -18.47 11.30
N LEU L 65 34.14 -17.93 12.38
CA LEU L 65 34.79 -18.03 13.68
C LEU L 65 34.86 -19.48 14.15
N ASP L 66 33.81 -20.26 13.89
CA ASP L 66 33.73 -21.60 14.45
C ASP L 66 34.60 -22.61 13.69
N LYS L 67 34.76 -22.47 12.38
CA LYS L 67 35.53 -23.45 11.62
C LYS L 67 37.02 -23.12 11.61
N PRO L 68 37.87 -24.13 11.47
CA PRO L 68 39.31 -23.89 11.49
C PRO L 68 39.78 -23.07 10.30
N ILE L 69 40.85 -22.32 10.52
CA ILE L 69 41.55 -21.56 9.49
C ILE L 69 42.98 -22.07 9.42
N ASP L 70 43.46 -22.31 8.19
CA ASP L 70 44.73 -23.02 8.02
C ASP L 70 45.90 -22.22 8.58
N TYR L 71 45.91 -20.90 8.40
CA TYR L 71 47.07 -20.10 8.77
C TYR L 71 46.61 -18.68 9.03
N PHE L 72 46.67 -18.23 10.28
CA PHE L 72 46.31 -16.85 10.57
C PHE L 72 47.26 -16.26 11.60
N LEU L 73 47.23 -14.93 11.67
CA LEU L 73 48.12 -14.13 12.49
C LEU L 73 47.28 -13.27 13.43
N GLU L 74 47.60 -13.31 14.71
CA GLU L 74 46.81 -12.66 15.75
C GLU L 74 47.65 -11.65 16.50
N LYS L 75 47.08 -10.47 16.75
CA LYS L 75 47.74 -9.43 17.53
C LYS L 75 46.99 -9.20 18.82
N ASP L 76 47.67 -9.40 19.95
CA ASP L 76 47.08 -9.15 21.25
C ASP L 76 46.89 -7.65 21.47
N MET L 77 46.14 -7.32 22.52
CA MET L 77 45.97 -5.91 22.87
C MET L 77 47.25 -5.34 23.48
N TYR L 78 48.12 -6.19 24.01
CA TYR L 78 49.36 -5.70 24.59
C TYR L 78 50.37 -5.32 23.51
N GLY L 79 50.38 -6.03 22.39
CA GLY L 79 51.31 -5.74 21.32
C GLY L 79 52.08 -6.96 20.85
N ASN L 80 51.63 -8.14 21.25
CA ASN L 80 52.29 -9.38 20.83
C ASN L 80 51.68 -9.90 19.54
N TYR L 81 52.52 -10.40 18.65
CA TYR L 81 52.09 -11.03 17.41
C TYR L 81 52.37 -12.52 17.48
N ARG L 82 51.36 -13.33 17.19
CA ARG L 82 51.51 -14.77 17.18
C ARG L 82 50.86 -15.33 15.94
N GLU L 83 51.26 -16.54 15.55
CA GLU L 83 50.70 -17.19 14.38
C GLU L 83 50.15 -18.55 14.77
N HIS L 84 48.98 -18.90 14.23
CA HIS L 84 48.30 -20.15 14.55
C HIS L 84 47.95 -20.88 13.27
N PHE L 85 48.18 -22.20 13.29
CA PHE L 85 47.98 -23.05 12.12
C PHE L 85 46.83 -24.03 12.41
N GLY L 86 45.83 -24.00 11.54
CA GLY L 86 44.80 -25.04 11.53
C GLY L 86 43.94 -25.14 12.77
N ILE L 87 43.63 -24.01 13.39
CA ILE L 87 42.69 -23.96 14.51
C ILE L 87 41.67 -22.87 14.24
N ALA L 88 40.48 -23.04 14.82
CA ALA L 88 39.44 -22.03 14.66
C ALA L 88 39.75 -20.79 15.47
N ILE L 89 39.15 -19.67 15.09
CA ILE L 89 39.38 -18.43 15.81
C ILE L 89 38.87 -18.53 17.24
N ASN L 90 37.71 -19.18 17.43
CA ASN L 90 37.18 -19.35 18.78
C ASN L 90 38.04 -20.29 19.62
N ASP L 91 38.93 -21.05 18.99
CA ASP L 91 39.75 -22.00 19.75
C ASP L 91 40.86 -21.33 20.53
N LEU L 92 41.07 -20.03 20.33
CA LEU L 92 42.05 -19.32 21.14
C LEU L 92 41.60 -19.30 22.60
N LEU L 93 42.56 -19.47 23.51
CA LEU L 93 42.23 -19.52 24.93
C LEU L 93 41.56 -18.22 25.38
N PHE L 94 42.18 -17.09 25.10
CA PHE L 94 41.65 -15.79 25.49
C PHE L 94 41.45 -14.96 24.23
N LEU L 95 40.29 -15.12 23.60
CA LEU L 95 39.93 -14.28 22.47
C LEU L 95 39.62 -12.86 22.92
N ASN L 96 39.46 -12.64 24.22
CA ASN L 96 39.17 -11.30 24.73
C ASN L 96 40.30 -10.34 24.41
N THR L 97 41.55 -10.78 24.56
CA THR L 97 42.68 -9.87 24.36
C THR L 97 42.93 -9.60 22.89
N THR L 98 42.58 -10.55 22.02
CA THR L 98 42.91 -10.43 20.60
C THR L 98 42.24 -9.20 19.98
N VAL L 99 43.03 -8.43 19.23
CA VAL L 99 42.55 -7.21 18.59
C VAL L 99 42.33 -7.40 17.10
N ASN L 100 43.33 -7.93 16.40
CA ASN L 100 43.23 -8.11 14.95
C ASN L 100 43.70 -9.52 14.59
N ILE L 101 43.07 -10.07 13.56
CA ILE L 101 43.43 -11.37 13.01
C ILE L 101 43.45 -11.27 11.48
N TRP L 102 44.60 -11.62 10.90
CA TRP L 102 44.82 -11.58 9.46
C TRP L 102 45.01 -13.00 8.93
N LEU L 103 44.28 -13.36 7.89
CA LEU L 103 44.53 -14.60 7.19
C LEU L 103 45.87 -14.51 6.44
N VAL L 104 46.52 -15.65 6.25
CA VAL L 104 47.78 -15.71 5.51
C VAL L 104 47.58 -16.57 4.27
N ASN L 105 48.11 -16.10 3.13
CA ASN L 105 47.78 -16.67 1.83
C ASN L 105 48.97 -17.31 1.14
N ASP L 106 49.97 -17.77 1.88
CA ASP L 106 51.11 -18.53 1.33
C ASP L 106 51.97 -17.67 0.42
N ASP L 107 51.56 -16.43 0.17
CA ASP L 107 52.37 -15.45 -0.51
C ASP L 107 52.99 -14.46 0.46
N ASN L 108 52.90 -14.74 1.76
CA ASN L 108 53.28 -13.81 2.82
C ASN L 108 52.47 -12.51 2.73
N SER L 109 51.24 -12.62 2.27
CA SER L 109 50.33 -11.48 2.17
C SER L 109 49.21 -11.66 3.18
N HIS L 110 49.02 -10.68 4.05
CA HIS L 110 48.02 -10.73 5.10
C HIS L 110 46.75 -10.03 4.63
N ILE L 111 45.61 -10.66 4.88
CA ILE L 111 44.31 -10.06 4.63
C ILE L 111 43.56 -9.98 5.96
N LEU L 112 43.11 -8.79 6.32
CA LEU L 112 42.39 -8.61 7.57
C LEU L 112 41.05 -9.34 7.51
N ILE L 113 40.78 -10.16 8.51
CA ILE L 113 39.48 -10.83 8.58
C ILE L 113 38.78 -10.49 9.89
N TYR L 114 39.54 -10.20 10.95
CA TYR L 114 38.93 -9.94 12.26
C TYR L 114 39.46 -8.62 12.80
N LYS L 115 38.56 -7.66 12.98
CA LYS L 115 38.91 -6.39 13.59
C LYS L 115 37.75 -5.89 14.42
N ASP L 116 38.07 -5.15 15.49
CA ASP L 116 37.09 -4.48 16.33
C ASP L 116 36.09 -5.49 16.90
N GLY L 117 36.55 -6.73 17.14
CA GLY L 117 35.72 -7.72 17.77
C GLY L 117 34.75 -8.46 16.88
N LYS L 118 34.73 -8.16 15.59
CA LYS L 118 33.78 -8.79 14.68
C LYS L 118 34.48 -9.17 13.38
N LEU L 119 33.91 -10.15 12.68
CA LEU L 119 34.46 -10.55 11.39
C LEU L 119 34.30 -9.45 10.36
N ILE L 120 35.17 -9.48 9.35
CA ILE L 120 35.09 -8.54 8.25
C ILE L 120 34.11 -9.07 7.22
N ASP L 121 33.17 -8.22 6.80
CA ASP L 121 32.15 -8.63 5.84
C ASP L 121 32.78 -9.00 4.51
N GLU L 122 31.96 -9.58 3.63
CA GLU L 122 32.47 -10.15 2.39
C GLU L 122 33.07 -9.10 1.48
N TYR L 123 32.43 -7.94 1.37
CA TYR L 123 32.89 -6.94 0.40
C TYR L 123 34.16 -6.24 0.87
N MET L 124 34.27 -5.94 2.16
CA MET L 124 35.53 -5.44 2.68
C MET L 124 36.63 -6.48 2.54
N TYR L 125 36.28 -7.76 2.66
CA TYR L 125 37.27 -8.80 2.43
C TYR L 125 37.74 -8.82 0.99
N HIS L 126 36.82 -8.64 0.04
CA HIS L 126 37.24 -8.55 -1.36
C HIS L 126 38.16 -7.37 -1.59
N GLN L 127 37.82 -6.22 -0.99
CA GLN L 127 38.66 -5.05 -1.09
C GLN L 127 40.06 -5.34 -0.55
N PHE L 128 40.14 -5.95 0.63
CA PHE L 128 41.44 -6.25 1.22
C PHE L 128 42.20 -7.30 0.43
N GLU L 129 41.49 -8.25 -0.20
CA GLU L 129 42.14 -9.26 -1.01
C GLU L 129 42.78 -8.64 -2.24
N TYR L 130 42.09 -7.70 -2.88
CA TYR L 130 42.71 -6.92 -3.94
C TYR L 130 43.88 -6.11 -3.41
N GLU L 131 43.72 -5.53 -2.22
CA GLU L 131 44.62 -4.52 -1.69
C GLU L 131 45.90 -5.09 -1.11
N ALA L 132 45.91 -6.37 -0.71
CA ALA L 132 47.01 -6.88 0.09
C ALA L 132 48.28 -7.05 -0.72
N ASN L 133 48.17 -7.59 -1.92
CA ASN L 133 49.32 -7.79 -2.81
C ASN L 133 48.99 -7.13 -4.15
N GLN L 134 49.23 -5.82 -4.23
CA GLN L 134 48.96 -5.10 -5.47
C GLN L 134 50.08 -5.32 -6.48
N ASN L 135 51.30 -5.02 -6.08
CA ASN L 135 52.44 -5.09 -6.99
C ASN L 135 53.11 -6.45 -6.87
N LYS L 136 52.36 -7.47 -7.26
CA LYS L 136 52.83 -8.84 -7.28
C LYS L 136 53.11 -9.22 -8.73
N HIS L 137 54.39 -9.24 -9.10
CA HIS L 137 54.80 -9.64 -10.43
C HIS L 137 55.10 -11.14 -10.44
N ILE L 138 54.44 -11.86 -11.34
CA ILE L 138 54.61 -13.30 -11.47
C ILE L 138 55.54 -13.55 -12.65
N TYR L 139 56.41 -14.54 -12.51
CA TYR L 139 57.38 -14.83 -13.55
C TYR L 139 56.66 -15.31 -14.81
N PRO L 140 56.91 -14.71 -15.97
CA PRO L 140 56.27 -15.19 -17.19
C PRO L 140 57.05 -16.35 -17.80
N ASN L 141 56.42 -17.51 -17.92
CA ASN L 141 57.09 -18.67 -18.50
C ASN L 141 56.06 -19.50 -19.24
N ASN L 142 56.34 -19.80 -20.50
CA ASN L 142 55.43 -20.55 -21.35
C ASN L 142 56.19 -21.65 -22.07
N LYS L 143 55.76 -22.90 -21.87
CA LYS L 143 56.22 -24.04 -22.63
C LYS L 143 54.99 -24.82 -23.08
N ALA L 144 54.91 -25.13 -24.37
CA ALA L 144 53.72 -25.79 -24.89
C ALA L 144 53.53 -27.16 -24.26
N SER L 145 54.61 -27.94 -24.16
CA SER L 145 54.56 -29.27 -23.56
C SER L 145 53.49 -30.15 -24.21
N GLY L 146 53.41 -30.09 -25.53
CA GLY L 146 52.45 -30.92 -26.23
C GLY L 146 52.49 -30.65 -27.72
N THR L 147 51.84 -31.55 -28.45
CA THR L 147 51.68 -31.48 -29.90
C THR L 147 50.56 -32.45 -30.24
N TYR L 148 49.79 -32.13 -31.30
CA TYR L 148 48.64 -32.93 -31.69
C TYR L 148 49.01 -34.41 -31.71
N PRO L 149 48.48 -35.20 -30.77
CA PRO L 149 49.02 -36.55 -30.55
C PRO L 149 48.89 -37.48 -31.75
N HIS L 150 47.88 -37.31 -32.58
CA HIS L 150 47.59 -38.29 -33.61
C HIS L 150 48.29 -37.94 -34.92
N LYS L 151 48.32 -38.91 -35.84
CA LYS L 151 49.18 -38.81 -37.01
C LYS L 151 48.64 -37.84 -38.05
N THR L 152 47.33 -37.58 -38.02
CA THR L 152 46.62 -36.73 -38.99
C THR L 152 47.14 -36.88 -40.42
N SER M 42 -100.87 6.21 96.10
CA SER M 42 -100.54 4.81 95.86
C SER M 42 -100.60 4.02 97.16
N GLU M 43 -101.60 4.32 97.99
CA GLU M 43 -101.75 3.60 99.25
C GLU M 43 -102.11 2.14 99.03
N ALA M 44 -102.90 1.86 98.00
CA ALA M 44 -103.25 0.47 97.71
C ALA M 44 -102.02 -0.34 97.34
N PHE M 45 -101.10 0.25 96.57
CA PHE M 45 -99.85 -0.43 96.24
C PHE M 45 -99.07 -0.77 97.49
N VAL M 46 -98.96 0.17 98.43
CA VAL M 46 -98.19 -0.07 99.65
C VAL M 46 -98.86 -1.15 100.50
N GLN M 47 -100.20 -1.10 100.60
CA GLN M 47 -100.91 -2.12 101.35
C GLN M 47 -100.70 -3.50 100.75
N LEU M 48 -100.77 -3.60 99.42
CA LEU M 48 -100.57 -4.89 98.76
C LEU M 48 -99.15 -5.40 98.98
N GLU M 49 -98.16 -4.51 98.88
CA GLU M 49 -96.78 -4.92 99.11
C GLU M 49 -96.60 -5.43 100.53
N GLN M 50 -97.18 -4.73 101.51
CA GLN M 50 -97.05 -5.16 102.89
C GLN M 50 -97.72 -6.51 103.12
N ARG M 51 -98.90 -6.70 102.52
CA ARG M 51 -99.58 -7.99 102.65
C ARG M 51 -98.75 -9.12 102.05
N ILE M 52 -98.16 -8.87 100.88
CA ILE M 52 -97.33 -9.89 100.25
C ILE M 52 -96.12 -10.21 101.12
N SER M 53 -95.49 -9.18 101.69
CA SER M 53 -94.31 -9.42 102.54
C SER M 53 -94.68 -10.21 103.78
N SER M 54 -95.80 -9.87 104.43
CA SER M 54 -96.21 -10.61 105.62
C SER M 54 -96.55 -12.06 105.28
N LEU M 55 -97.22 -12.27 104.15
CA LEU M 55 -97.53 -13.63 103.71
C LEU M 55 -96.25 -14.40 103.42
N GLU M 56 -95.25 -13.75 102.81
CA GLU M 56 -93.97 -14.37 102.57
C GLU M 56 -93.30 -14.79 103.87
N GLN M 57 -93.33 -13.92 104.88
CA GLN M 57 -92.75 -14.26 106.17
C GLN M 57 -93.44 -15.48 106.77
N ARG M 58 -94.78 -15.49 106.74
CA ARG M 58 -95.51 -16.62 107.30
C ARG M 58 -95.20 -17.91 106.56
N LEU M 59 -95.14 -17.86 105.24
CA LEU M 59 -94.86 -19.06 104.45
C LEU M 59 -93.46 -19.57 104.70
N ASN M 60 -92.48 -18.67 104.81
CA ASN M 60 -91.11 -19.09 105.10
C ASN M 60 -91.02 -19.73 106.47
N ASN M 61 -91.72 -19.17 107.46
CA ASN M 61 -91.74 -19.79 108.78
C ASN M 61 -92.37 -21.19 108.70
N LEU M 62 -93.46 -21.31 107.94
CA LEU M 62 -94.15 -22.60 107.83
C LEU M 62 -93.26 -23.66 107.18
N GLU M 63 -92.51 -23.27 106.15
CA GLU M 63 -91.67 -24.26 105.46
C GLU M 63 -90.60 -24.82 106.38
N SER M 64 -90.00 -23.99 107.22
CA SER M 64 -88.99 -24.47 108.16
C SER M 64 -89.63 -25.18 109.35
N SER N 42 -94.04 0.03 84.19
CA SER N 42 -94.63 -0.50 85.41
C SER N 42 -93.80 -1.66 85.95
N GLU N 43 -92.55 -1.37 86.34
CA GLU N 43 -91.68 -2.40 86.89
C GLU N 43 -92.22 -2.90 88.23
N ALA N 44 -92.74 -2.00 89.06
CA ALA N 44 -93.22 -2.39 90.39
C ALA N 44 -94.36 -3.38 90.29
N PHE N 45 -95.30 -3.16 89.36
CA PHE N 45 -96.42 -4.08 89.22
C PHE N 45 -95.93 -5.45 88.75
N VAL N 46 -94.96 -5.48 87.84
CA VAL N 46 -94.41 -6.75 87.38
C VAL N 46 -93.76 -7.49 88.54
N GLN N 47 -93.02 -6.77 89.38
CA GLN N 47 -92.40 -7.40 90.54
C GLN N 47 -93.44 -7.93 91.50
N LEU N 48 -94.53 -7.18 91.72
CA LEU N 48 -95.60 -7.66 92.59
C LEU N 48 -96.22 -8.94 92.04
N GLU N 49 -96.46 -8.97 90.72
CA GLU N 49 -97.03 -10.17 90.12
C GLU N 49 -96.09 -11.36 90.27
N GLN N 50 -94.79 -11.15 90.06
CA GLN N 50 -93.83 -12.23 90.23
C GLN N 50 -93.82 -12.74 91.67
N ARG N 51 -93.87 -11.82 92.64
CA ARG N 51 -93.88 -12.23 94.04
C ARG N 51 -95.13 -13.01 94.38
N ILE N 52 -96.28 -12.57 93.87
CA ILE N 52 -97.54 -13.29 94.12
C ILE N 52 -97.46 -14.69 93.52
N SER N 53 -96.96 -14.80 92.29
CA SER N 53 -96.84 -16.10 91.65
C SER N 53 -95.90 -17.02 92.43
N SER N 54 -94.78 -16.48 92.92
CA SER N 54 -93.86 -17.28 93.70
C SER N 54 -94.51 -17.79 94.98
N LEU N 55 -95.18 -16.88 95.72
CA LEU N 55 -95.86 -17.29 96.95
C LEU N 55 -96.91 -18.35 96.67
N GLU N 56 -97.61 -18.19 95.56
CA GLU N 56 -98.67 -19.11 95.18
C GLU N 56 -98.09 -20.49 94.85
N GLN N 57 -96.92 -20.51 94.21
CA GLN N 57 -96.23 -21.78 93.98
C GLN N 57 -95.76 -22.42 95.28
N ARG N 58 -95.24 -21.63 96.23
CA ARG N 58 -94.93 -22.17 97.54
C ARG N 58 -96.13 -22.88 98.14
N LEU N 59 -97.28 -22.19 98.17
CA LEU N 59 -98.42 -22.76 98.87
C LEU N 59 -98.97 -23.97 98.14
N ASN N 60 -98.94 -23.95 96.80
CA ASN N 60 -99.37 -25.12 96.04
C ASN N 60 -98.47 -26.31 96.30
N ASN N 61 -97.16 -26.09 96.39
CA ASN N 61 -96.24 -27.19 96.69
C ASN N 61 -96.44 -27.69 98.12
N LEU N 62 -96.69 -26.77 99.06
CA LEU N 62 -96.86 -27.17 100.45
C LEU N 62 -98.15 -27.97 100.65
N GLU N 63 -99.18 -27.64 99.87
CA GLU N 63 -100.44 -28.36 100.00
C GLU N 63 -100.33 -29.80 99.52
N SER N 64 -99.25 -30.15 98.84
CA SER N 64 -99.03 -31.51 98.37
C SER N 64 -98.88 -32.48 99.54
N SER O 42 -108.18 0.04 86.76
CA SER O 42 -107.40 -0.61 87.80
C SER O 42 -107.96 -1.99 88.13
N GLU O 43 -108.39 -2.72 87.09
CA GLU O 43 -108.89 -4.07 87.30
C GLU O 43 -107.79 -5.00 87.78
N ALA O 44 -106.56 -4.78 87.30
CA ALA O 44 -105.44 -5.61 87.73
C ALA O 44 -105.22 -5.51 89.23
N PHE O 45 -105.44 -4.33 89.82
CA PHE O 45 -105.34 -4.20 91.27
C PHE O 45 -106.41 -5.02 91.97
N VAL O 46 -107.63 -5.04 91.41
CA VAL O 46 -108.69 -5.89 91.95
C VAL O 46 -108.27 -7.35 91.89
N GLN O 47 -107.64 -7.75 90.79
CA GLN O 47 -107.18 -9.13 90.65
C GLN O 47 -106.12 -9.47 91.70
N LEU O 48 -105.18 -8.55 91.92
CA LEU O 48 -104.16 -8.76 92.94
C LEU O 48 -104.79 -8.91 94.32
N GLU O 49 -105.75 -8.04 94.64
CA GLU O 49 -106.42 -8.12 95.93
C GLU O 49 -107.15 -9.44 96.07
N GLN O 50 -107.81 -9.89 94.99
CA GLN O 50 -108.56 -11.15 95.07
C GLN O 50 -107.60 -12.33 95.29
N ARG O 51 -106.48 -12.36 94.57
CA ARG O 51 -105.53 -13.46 94.75
C ARG O 51 -104.94 -13.45 96.15
N ILE O 52 -104.59 -12.27 96.65
CA ILE O 52 -104.01 -12.18 97.99
C ILE O 52 -105.02 -12.61 99.04
N SER O 53 -106.28 -12.20 98.89
CA SER O 53 -107.31 -12.61 99.83
C SER O 53 -107.51 -14.11 99.78
N SER O 54 -107.47 -14.71 98.59
CA SER O 54 -107.61 -16.15 98.49
C SER O 54 -106.46 -16.86 99.20
N LEU O 55 -105.23 -16.38 99.02
CA LEU O 55 -104.09 -17.00 99.69
C LEU O 55 -104.21 -16.87 101.20
N GLU O 56 -104.60 -15.68 101.69
CA GLU O 56 -104.74 -15.49 103.12
C GLU O 56 -105.83 -16.37 103.70
N GLN O 57 -106.95 -16.49 102.99
CA GLN O 57 -108.02 -17.37 103.46
C GLN O 57 -107.55 -18.82 103.50
N ARG O 58 -106.81 -19.24 102.48
CA ARG O 58 -106.28 -20.60 102.47
C ARG O 58 -105.39 -20.85 103.68
N LEU O 59 -104.47 -19.93 103.96
CA LEU O 59 -103.56 -20.12 105.09
C LEU O 59 -104.31 -20.06 106.42
N ASN O 60 -105.33 -19.21 106.52
CA ASN O 60 -106.10 -19.12 107.76
C ASN O 60 -106.87 -20.41 108.02
N ASN O 61 -107.57 -20.92 107.01
CA ASN O 61 -108.27 -22.21 107.16
C ASN O 61 -107.28 -23.33 107.45
N LEU O 62 -106.07 -23.27 106.88
CA LEU O 62 -105.06 -24.28 107.19
C LEU O 62 -104.66 -24.20 108.66
N GLU O 63 -104.46 -22.99 109.17
CA GLU O 63 -104.00 -22.83 110.56
C GLU O 63 -105.03 -23.34 111.56
N SER O 64 -106.30 -23.05 111.33
CA SER O 64 -107.36 -23.47 112.25
C SER O 64 -107.69 -24.94 112.07
N SER P 42 -102.62 -6.01 78.88
CA SER P 42 -103.37 -7.24 79.08
C SER P 42 -102.92 -7.94 80.36
N GLU P 43 -102.61 -7.15 81.39
CA GLU P 43 -102.12 -7.71 82.64
C GLU P 43 -103.17 -8.60 83.30
N ALA P 44 -104.42 -8.12 83.36
CA ALA P 44 -105.47 -8.91 83.97
C ALA P 44 -105.59 -10.28 83.30
N PHE P 45 -105.28 -10.36 82.01
CA PHE P 45 -105.36 -11.63 81.32
C PHE P 45 -104.32 -12.62 81.84
N VAL P 46 -103.07 -12.18 82.02
CA VAL P 46 -102.08 -13.11 82.53
C VAL P 46 -102.37 -13.43 84.00
N GLN P 47 -103.02 -12.52 84.73
CA GLN P 47 -103.46 -12.87 86.08
C GLN P 47 -104.50 -14.00 86.04
N LEU P 48 -105.46 -13.91 85.14
CA LEU P 48 -106.43 -14.99 84.98
C LEU P 48 -105.74 -16.29 84.59
N GLU P 49 -104.77 -16.21 83.68
CA GLU P 49 -104.03 -17.40 83.27
C GLU P 49 -103.30 -18.03 84.44
N GLN P 50 -102.71 -17.21 85.30
CA GLN P 50 -101.98 -17.77 86.44
C GLN P 50 -102.92 -18.37 87.47
N ARG P 51 -104.08 -17.75 87.69
CA ARG P 51 -105.05 -18.35 88.60
C ARG P 51 -105.53 -19.70 88.08
N ILE P 52 -105.80 -19.79 86.78
CA ILE P 52 -106.25 -21.07 86.23
C ILE P 52 -105.14 -22.10 86.24
N SER P 53 -103.88 -21.65 86.06
CA SER P 53 -102.76 -22.57 86.18
C SER P 53 -102.65 -23.11 87.60
N SER P 54 -102.89 -22.25 88.60
CA SER P 54 -102.89 -22.72 89.99
C SER P 54 -104.00 -23.72 90.24
N LEU P 55 -105.19 -23.47 89.70
CA LEU P 55 -106.27 -24.42 89.86
C LEU P 55 -105.92 -25.77 89.22
N GLU P 56 -105.28 -25.72 88.05
CA GLU P 56 -104.80 -26.94 87.41
C GLU P 56 -103.80 -27.67 88.28
N GLN P 57 -102.85 -26.92 88.87
CA GLN P 57 -101.86 -27.54 89.75
C GLN P 57 -102.51 -28.17 90.96
N ARG P 58 -103.49 -27.48 91.55
CA ARG P 58 -104.26 -28.03 92.67
C ARG P 58 -104.90 -29.36 92.28
N LEU P 59 -105.61 -29.38 91.17
CA LEU P 59 -106.33 -30.59 90.80
C LEU P 59 -105.37 -31.73 90.47
N ASN P 60 -104.24 -31.42 89.82
CA ASN P 60 -103.25 -32.45 89.55
C ASN P 60 -102.66 -33.00 90.84
N ASN P 61 -102.37 -32.13 91.82
CA ASN P 61 -101.84 -32.59 93.10
C ASN P 61 -102.85 -33.46 93.83
N LEU P 62 -104.13 -33.08 93.77
CA LEU P 62 -105.16 -33.87 94.44
C LEU P 62 -105.33 -35.22 93.75
N GLU P 63 -105.28 -35.25 92.42
CA GLU P 63 -105.47 -36.50 91.69
C GLU P 63 -104.39 -37.51 92.03
N SER P 64 -103.14 -37.07 92.11
CA SER P 64 -102.03 -37.96 92.43
C SER P 64 -101.94 -38.20 93.94
N SER Q 42 -107.34 -13.17 69.33
CA SER Q 42 -107.95 -13.66 70.56
C SER Q 42 -107.61 -15.12 70.80
N GLU Q 43 -106.43 -15.54 70.32
CA GLU Q 43 -105.98 -16.91 70.53
C GLU Q 43 -105.83 -17.21 72.01
N ALA Q 44 -105.27 -16.27 72.77
CA ALA Q 44 -105.16 -16.45 74.20
C ALA Q 44 -106.53 -16.60 74.85
N PHE Q 45 -107.52 -15.83 74.40
CA PHE Q 45 -108.85 -15.91 74.99
C PHE Q 45 -109.49 -17.26 74.74
N VAL Q 46 -109.40 -17.76 73.50
CA VAL Q 46 -110.05 -19.04 73.19
C VAL Q 46 -109.34 -20.18 73.90
N GLN Q 47 -108.00 -20.14 73.97
CA GLN Q 47 -107.31 -21.21 74.67
C GLN Q 47 -107.58 -21.16 76.18
N LEU Q 48 -107.76 -19.95 76.74
CA LEU Q 48 -108.12 -19.84 78.14
C LEU Q 48 -109.52 -20.38 78.38
N GLU Q 49 -110.45 -20.11 77.46
CA GLU Q 49 -111.79 -20.67 77.59
C GLU Q 49 -111.76 -22.19 77.51
N GLN Q 50 -110.91 -22.74 76.63
CA GLN Q 50 -110.76 -24.19 76.55
C GLN Q 50 -110.20 -24.76 77.84
N ARG Q 51 -109.21 -24.08 78.43
CA ARG Q 51 -108.68 -24.52 79.72
C ARG Q 51 -109.76 -24.50 80.79
N ILE Q 52 -110.57 -23.44 80.81
CA ILE Q 52 -111.65 -23.33 81.79
C ILE Q 52 -112.63 -24.48 81.62
N SER Q 53 -113.03 -24.76 80.38
CA SER Q 53 -114.00 -25.82 80.11
C SER Q 53 -113.44 -27.18 80.49
N SER Q 54 -112.16 -27.44 80.16
CA SER Q 54 -111.55 -28.71 80.52
C SER Q 54 -111.49 -28.88 82.03
N LEU Q 55 -111.17 -27.81 82.75
CA LEU Q 55 -111.14 -27.89 84.21
C LEU Q 55 -112.53 -28.14 84.78
N GLU Q 56 -113.56 -27.50 84.22
CA GLU Q 56 -114.91 -27.78 84.68
C GLU Q 56 -115.29 -29.23 84.44
N GLN Q 57 -114.94 -29.77 83.27
CA GLN Q 57 -115.25 -31.15 82.97
C GLN Q 57 -114.55 -32.10 83.94
N ARG Q 58 -113.27 -31.85 84.21
CA ARG Q 58 -112.53 -32.71 85.12
C ARG Q 58 -113.08 -32.62 86.54
N LEU Q 59 -113.48 -31.42 86.96
CA LEU Q 59 -114.11 -31.27 88.29
C LEU Q 59 -115.44 -31.99 88.36
N ASN Q 60 -116.24 -31.92 87.29
CA ASN Q 60 -117.51 -32.64 87.26
C ASN Q 60 -117.30 -34.13 87.34
N ASN Q 61 -116.26 -34.63 86.67
CA ASN Q 61 -115.91 -36.05 86.82
C ASN Q 61 -115.50 -36.36 88.25
N LEU Q 62 -114.68 -35.50 88.85
CA LEU Q 62 -114.15 -35.79 90.18
C LEU Q 62 -115.23 -35.77 91.26
N GLU Q 63 -116.18 -34.84 91.17
CA GLU Q 63 -117.16 -34.68 92.23
C GLU Q 63 -118.07 -35.90 92.36
N SER Q 64 -118.21 -36.68 91.29
CA SER Q 64 -119.03 -37.88 91.34
C SER Q 64 -118.56 -38.91 90.33
N SER R 42 -114.90 -5.99 79.08
CA SER R 42 -115.86 -6.66 78.22
C SER R 42 -116.71 -7.65 79.02
N GLU R 43 -117.88 -8.00 78.46
CA GLU R 43 -118.77 -8.93 79.15
C GLU R 43 -118.13 -10.31 79.29
N ALA R 44 -117.47 -10.79 78.24
CA ALA R 44 -116.81 -12.09 78.30
C ALA R 44 -115.77 -12.15 79.40
N PHE R 45 -115.11 -11.02 79.66
CA PHE R 45 -114.17 -10.96 80.78
C PHE R 45 -114.88 -11.18 82.11
N VAL R 46 -116.07 -10.60 82.28
CA VAL R 46 -116.82 -10.81 83.51
C VAL R 46 -117.29 -12.26 83.62
N GLN R 47 -117.67 -12.86 82.49
CA GLN R 47 -118.04 -14.27 82.52
C GLN R 47 -116.85 -15.13 82.93
N LEU R 48 -115.67 -14.83 82.41
CA LEU R 48 -114.47 -15.58 82.80
C LEU R 48 -114.18 -15.39 84.28
N GLU R 49 -114.32 -14.17 84.79
CA GLU R 49 -114.13 -13.91 86.21
C GLU R 49 -115.08 -14.75 87.05
N GLN R 50 -116.36 -14.75 86.68
CA GLN R 50 -117.34 -15.54 87.43
C GLN R 50 -117.03 -17.03 87.37
N ARG R 51 -116.64 -17.52 86.19
CA ARG R 51 -116.35 -18.94 86.06
C ARG R 51 -115.13 -19.35 86.89
N ILE R 52 -114.08 -18.52 86.89
CA ILE R 52 -112.89 -18.83 87.69
C ILE R 52 -113.22 -18.78 89.18
N SER R 53 -114.02 -17.79 89.60
CA SER R 53 -114.40 -17.71 91.00
C SER R 53 -115.23 -18.91 91.42
N SER R 54 -116.16 -19.34 90.56
CA SER R 54 -116.96 -20.51 90.87
C SER R 54 -116.09 -21.77 90.94
N LEU R 55 -115.10 -21.88 90.05
CA LEU R 55 -114.18 -23.01 90.11
C LEU R 55 -113.39 -23.02 91.40
N GLU R 56 -112.92 -21.84 91.83
CA GLU R 56 -112.18 -21.76 93.08
C GLU R 56 -113.05 -22.16 94.27
N GLN R 57 -114.30 -21.67 94.29
CA GLN R 57 -115.20 -22.03 95.38
C GLN R 57 -115.50 -23.53 95.39
N ARG R 58 -115.69 -24.11 94.20
CA ARG R 58 -115.98 -25.54 94.11
C ARG R 58 -114.80 -26.36 94.61
N LEU R 59 -113.58 -25.99 94.19
CA LEU R 59 -112.41 -26.72 94.66
C LEU R 59 -112.26 -26.57 96.17
N ASN R 60 -112.49 -25.36 96.69
CA ASN R 60 -112.32 -25.13 98.13
C ASN R 60 -113.31 -25.94 98.95
N ASN R 61 -114.60 -25.90 98.60
CA ASN R 61 -115.57 -26.62 99.42
C ASN R 61 -115.53 -28.12 99.15
N LEU R 62 -114.97 -28.52 98.01
CA LEU R 62 -114.71 -29.94 97.79
C LEU R 62 -113.58 -30.44 98.66
N GLU R 63 -112.54 -29.60 98.86
CA GLU R 63 -111.42 -30.00 99.70
C GLU R 63 -111.86 -30.24 101.13
N SER R 64 -112.71 -29.37 101.67
CA SER R 64 -113.24 -29.49 103.02
C SER R 64 -112.12 -29.58 104.07
N SER S 42 -82.74 13.43 134.09
CA SER S 42 -82.71 12.15 133.37
C SER S 42 -82.81 10.98 134.33
N GLU S 43 -83.56 11.17 135.41
CA GLU S 43 -83.75 10.09 136.38
C GLU S 43 -84.49 8.92 135.74
N ALA S 44 -85.51 9.20 134.94
CA ALA S 44 -86.25 8.13 134.28
C ALA S 44 -85.35 7.35 133.34
N PHE S 45 -84.39 8.04 132.71
CA PHE S 45 -83.43 7.34 131.85
C PHE S 45 -82.60 6.34 132.65
N VAL S 46 -82.12 6.74 133.83
CA VAL S 46 -81.35 5.84 134.67
C VAL S 46 -82.20 4.66 135.13
N GLN S 47 -83.45 4.94 135.49
CA GLN S 47 -84.35 3.85 135.89
C GLN S 47 -84.55 2.85 134.76
N LEU S 48 -84.78 3.36 133.54
CA LEU S 48 -84.97 2.48 132.40
C LEU S 48 -83.72 1.66 132.11
N GLU S 49 -82.55 2.30 132.18
CA GLU S 49 -81.30 1.57 131.93
C GLU S 49 -81.11 0.47 132.96
N GLN S 50 -81.40 0.75 134.23
CA GLN S 50 -81.23 -0.26 135.27
C GLN S 50 -82.21 -1.40 135.07
N ARG S 51 -83.46 -1.09 134.72
CA ARG S 51 -84.44 -2.15 134.45
C ARG S 51 -83.98 -3.02 133.28
N ILE S 52 -83.49 -2.40 132.21
CA ILE S 52 -83.01 -3.16 131.06
C ILE S 52 -81.85 -4.07 131.46
N SER S 53 -80.90 -3.54 132.23
CA SER S 53 -79.75 -4.34 132.62
C SER S 53 -80.15 -5.52 133.49
N SER S 54 -81.07 -5.30 134.43
CA SER S 54 -81.56 -6.41 135.25
C SER S 54 -82.27 -7.45 134.39
N LEU S 55 -83.01 -6.99 133.38
CA LEU S 55 -83.67 -7.93 132.48
C LEU S 55 -82.65 -8.75 131.71
N GLU S 56 -81.56 -8.12 131.25
CA GLU S 56 -80.51 -8.85 130.55
C GLU S 56 -79.89 -9.91 131.45
N GLN S 57 -79.61 -9.55 132.71
CA GLN S 57 -79.04 -10.53 133.63
C GLN S 57 -79.99 -11.70 133.85
N ARG S 58 -81.29 -11.40 134.01
CA ARG S 58 -82.26 -12.46 134.21
C ARG S 58 -82.33 -13.39 133.01
N LEU S 59 -82.33 -12.83 131.79
CA LEU S 59 -82.38 -13.66 130.60
C LEU S 59 -81.11 -14.49 130.45
N ASN S 60 -79.95 -13.91 130.76
CA ASN S 60 -78.70 -14.66 130.69
C ASN S 60 -78.74 -15.83 131.65
N ASN S 61 -79.22 -15.62 132.87
CA ASN S 61 -79.35 -16.72 133.82
C ASN S 61 -80.32 -17.77 133.33
N LEU S 62 -81.44 -17.33 132.72
CA LEU S 62 -82.46 -18.28 132.28
C LEU S 62 -81.93 -19.17 131.16
N GLU S 63 -81.24 -18.58 130.17
CA GLU S 63 -80.77 -19.37 129.05
C GLU S 63 -79.64 -20.31 129.47
N SER S 64 -78.80 -19.89 130.40
CA SER S 64 -77.70 -20.72 130.86
C SER S 64 -77.57 -20.68 132.38
N SER T 42 -79.06 12.00 120.22
CA SER T 42 -79.76 11.08 121.12
C SER T 42 -79.27 9.65 120.92
N GLU T 43 -77.95 9.46 120.95
CA GLU T 43 -77.39 8.13 120.73
C GLU T 43 -77.69 7.22 121.91
N ALA T 44 -77.85 7.79 123.12
CA ALA T 44 -78.18 6.97 124.28
C ALA T 44 -79.54 6.31 124.12
N PHE T 45 -80.53 7.06 123.63
CA PHE T 45 -81.84 6.48 123.40
C PHE T 45 -81.78 5.40 122.31
N VAL T 46 -80.95 5.61 121.29
CA VAL T 46 -80.77 4.60 120.26
C VAL T 46 -80.20 3.33 120.87
N GLN T 47 -79.22 3.48 121.76
CA GLN T 47 -78.64 2.30 122.42
C GLN T 47 -79.68 1.57 123.27
N LEU T 48 -80.51 2.33 124.00
CA LEU T 48 -81.54 1.69 124.80
C LEU T 48 -82.54 0.95 123.94
N GLU T 49 -82.94 1.56 122.81
CA GLU T 49 -83.86 0.90 121.89
C GLU T 49 -83.25 -0.38 121.33
N GLN T 50 -81.97 -0.33 120.95
CA GLN T 50 -81.32 -1.53 120.44
C GLN T 50 -81.27 -2.62 121.51
N ARG T 51 -80.98 -2.24 122.75
CA ARG T 51 -80.96 -3.23 123.83
C ARG T 51 -82.33 -3.87 124.03
N ILE T 52 -83.39 -3.05 124.00
CA ILE T 52 -84.72 -3.60 124.22
C ILE T 52 -85.13 -4.51 123.08
N SER T 53 -84.81 -4.13 121.83
CA SER T 53 -85.11 -4.98 120.69
C SER T 53 -84.36 -6.29 120.78
N SER T 54 -83.08 -6.24 121.19
CA SER T 54 -82.31 -7.45 121.37
C SER T 54 -82.93 -8.36 122.42
N LEU T 55 -83.37 -7.77 123.54
CA LEU T 55 -84.01 -8.57 124.59
C LEU T 55 -85.30 -9.20 124.10
N GLU T 56 -86.10 -8.45 123.35
CA GLU T 56 -87.34 -9.00 122.83
C GLU T 56 -87.08 -10.16 121.89
N GLN T 57 -86.10 -10.00 120.99
CA GLN T 57 -85.75 -11.09 120.08
C GLN T 57 -85.26 -12.31 120.85
N ARG T 58 -84.43 -12.09 121.88
CA ARG T 58 -83.90 -13.19 122.65
C ARG T 58 -85.02 -13.97 123.33
N LEU T 59 -85.94 -13.25 123.97
CA LEU T 59 -87.02 -13.92 124.69
C LEU T 59 -87.97 -14.62 123.73
N ASN T 60 -88.27 -13.99 122.60
CA ASN T 60 -89.16 -14.62 121.62
C ASN T 60 -88.56 -15.89 121.07
N ASN T 61 -87.26 -15.89 120.79
CA ASN T 61 -86.59 -17.11 120.34
C ASN T 61 -86.62 -18.15 121.45
N LEU T 62 -86.38 -17.73 122.69
CA LEU T 62 -86.32 -18.67 123.82
C LEU T 62 -87.66 -19.36 124.04
N GLU T 63 -88.76 -18.64 123.88
CA GLU T 63 -90.08 -19.21 124.18
C GLU T 63 -90.37 -20.41 123.30
N SER T 64 -90.07 -20.32 122.01
CA SER T 64 -90.33 -21.42 121.10
C SER T 64 -89.05 -22.18 120.77
N SER U 42 -92.69 13.35 126.06
CA SER U 42 -91.98 12.19 126.58
C SER U 42 -92.80 10.92 126.38
N GLU U 43 -93.58 10.88 125.30
CA GLU U 43 -94.39 9.70 125.01
C GLU U 43 -93.51 8.54 124.53
N ALA U 44 -92.35 8.83 123.95
CA ALA U 44 -91.41 7.76 123.61
C ALA U 44 -90.92 7.04 124.86
N PHE U 45 -90.68 7.78 125.94
CA PHE U 45 -90.34 7.14 127.20
C PHE U 45 -91.51 6.28 127.70
N VAL U 46 -92.74 6.73 127.45
CA VAL U 46 -93.89 5.92 127.80
C VAL U 46 -93.89 4.62 127.00
N GLN U 47 -93.50 4.70 125.72
CA GLN U 47 -93.40 3.50 124.90
C GLN U 47 -92.36 2.55 125.44
N LEU U 48 -91.19 3.07 125.83
CA LEU U 48 -90.14 2.23 126.40
C LEU U 48 -90.61 1.58 127.70
N GLU U 49 -91.31 2.34 128.53
CA GLU U 49 -91.86 1.79 129.76
C GLU U 49 -92.85 0.67 129.46
N GLN U 50 -93.69 0.87 128.44
CA GLN U 50 -94.64 -0.17 128.04
C GLN U 50 -93.91 -1.45 127.60
N ARG U 51 -92.86 -1.31 126.79
CA ARG U 51 -92.13 -2.48 126.33
C ARG U 51 -91.46 -3.21 127.49
N ILE U 52 -90.80 -2.47 128.38
CA ILE U 52 -90.12 -3.10 129.50
C ILE U 52 -91.13 -3.76 130.44
N SER U 53 -92.27 -3.09 130.66
CA SER U 53 -93.31 -3.67 131.51
C SER U 53 -93.85 -4.96 130.91
N SER U 54 -94.07 -4.98 129.59
CA SER U 54 -94.54 -6.19 128.95
C SER U 54 -93.54 -7.32 129.12
N LEU U 55 -92.25 -7.02 128.92
CA LEU U 55 -91.22 -8.05 129.11
C LEU U 55 -91.22 -8.57 130.54
N GLU U 56 -91.31 -7.68 131.52
CA GLU U 56 -91.29 -8.11 132.92
C GLU U 56 -92.51 -8.96 133.26
N GLN U 57 -93.69 -8.56 132.79
CA GLN U 57 -94.87 -9.37 133.05
C GLN U 57 -94.75 -10.75 132.41
N ARG U 58 -94.24 -10.80 131.17
CA ARG U 58 -94.06 -12.11 130.53
C ARG U 58 -93.13 -12.99 131.35
N LEU U 59 -92.00 -12.43 131.80
CA LEU U 59 -91.04 -13.25 132.55
C LEU U 59 -91.56 -13.64 133.92
N ASN U 60 -92.34 -12.77 134.56
CA ASN U 60 -92.91 -13.13 135.86
C ASN U 60 -93.96 -14.23 135.73
N ASN U 61 -94.79 -14.17 134.68
CA ASN U 61 -95.72 -15.26 134.44
C ASN U 61 -94.98 -16.55 134.09
N LEU U 62 -93.86 -16.43 133.39
CA LEU U 62 -93.07 -17.62 133.06
C LEU U 62 -92.49 -18.26 134.33
N GLU U 63 -91.82 -17.46 135.17
CA GLU U 63 -91.16 -18.01 136.34
C GLU U 63 -92.16 -18.52 137.36
N SER U 64 -93.22 -17.76 137.62
CA SER U 64 -94.21 -18.15 138.61
C SER U 64 -95.49 -18.68 137.95
N SER V 42 -89.36 10.88 114.60
CA SER V 42 -90.35 9.82 114.47
C SER V 42 -89.85 8.53 115.08
N GLU V 43 -89.17 8.65 116.23
CA GLU V 43 -88.68 7.46 116.92
C GLU V 43 -89.83 6.65 117.50
N ALA V 44 -90.91 7.33 117.89
CA ALA V 44 -92.08 6.61 118.40
C ALA V 44 -92.68 5.70 117.35
N PHE V 45 -92.62 6.12 116.09
CA PHE V 45 -93.13 5.24 115.03
C PHE V 45 -92.26 4.00 114.90
N VAL V 46 -90.94 4.16 115.05
CA VAL V 46 -90.06 2.99 115.08
C VAL V 46 -90.41 2.10 116.27
N GLN V 47 -90.78 2.72 117.39
CA GLN V 47 -91.24 1.95 118.55
C GLN V 47 -92.46 1.10 118.20
N LEU V 48 -93.42 1.72 117.51
CA LEU V 48 -94.63 0.99 117.10
C LEU V 48 -94.29 -0.15 116.15
N GLU V 49 -93.41 0.11 115.18
CA GLU V 49 -93.00 -0.95 114.26
C GLU V 49 -92.34 -2.10 115.00
N GLN V 50 -91.50 -1.79 115.99
CA GLN V 50 -90.85 -2.85 116.75
C GLN V 50 -91.87 -3.67 117.56
N ARG V 51 -92.83 -2.98 118.18
CA ARG V 51 -93.88 -3.71 118.91
C ARG V 51 -94.64 -4.63 117.97
N ILE V 52 -95.02 -4.13 116.80
CA ILE V 52 -95.80 -4.96 115.89
C ILE V 52 -94.96 -6.11 115.35
N SER V 53 -93.66 -5.88 115.13
CA SER V 53 -92.78 -6.94 114.63
C SER V 53 -92.64 -8.05 115.67
N SER V 54 -92.48 -7.68 116.94
CA SER V 54 -92.45 -8.68 117.99
C SER V 54 -93.78 -9.42 118.07
N LEU V 55 -94.88 -8.71 117.83
CA LEU V 55 -96.20 -9.36 117.83
C LEU V 55 -96.28 -10.43 116.75
N GLU V 56 -95.89 -10.08 115.51
CA GLU V 56 -95.95 -11.08 114.44
C GLU V 56 -94.99 -12.23 114.71
N GLN V 57 -93.81 -11.94 115.25
CA GLN V 57 -92.86 -13.01 115.57
C GLN V 57 -93.45 -13.98 116.57
N ARG V 58 -94.04 -13.46 117.65
CA ARG V 58 -94.62 -14.32 118.68
C ARG V 58 -95.77 -15.13 118.12
N LEU V 59 -96.64 -14.50 117.33
CA LEU V 59 -97.81 -15.22 116.83
C LEU V 59 -97.40 -16.27 115.79
N ASN V 60 -96.41 -15.97 114.96
CA ASN V 60 -95.92 -16.94 114.00
C ASN V 60 -95.29 -18.13 114.71
N ASN V 61 -94.52 -17.88 115.78
CA ASN V 61 -94.00 -18.98 116.57
C ASN V 61 -95.12 -19.79 117.19
N LEU V 62 -96.20 -19.11 117.60
CA LEU V 62 -97.36 -19.81 118.14
C LEU V 62 -98.00 -20.73 117.12
N GLU V 63 -98.12 -20.26 115.87
CA GLU V 63 -98.80 -21.04 114.84
C GLU V 63 -98.04 -22.33 114.54
N SER V 64 -96.71 -22.26 114.49
CA SER V 64 -95.90 -23.44 114.20
C SER V 64 -95.12 -23.90 115.43
N SER W 42 -96.30 9.21 103.70
CA SER W 42 -96.78 8.41 104.83
C SER W 42 -96.81 6.93 104.47
N GLU W 43 -95.78 6.48 103.75
CA GLU W 43 -95.70 5.07 103.38
C GLU W 43 -95.55 4.18 104.61
N ALA W 44 -94.73 4.61 105.57
CA ALA W 44 -94.51 3.82 106.79
C ALA W 44 -95.81 3.67 107.57
N PHE W 45 -96.61 4.75 107.65
CA PHE W 45 -97.88 4.68 108.36
C PHE W 45 -98.79 3.64 107.70
N VAL W 46 -98.85 3.64 106.37
CA VAL W 46 -99.70 2.69 105.66
C VAL W 46 -99.21 1.26 105.90
N GLN W 47 -97.89 1.05 105.86
CA GLN W 47 -97.35 -0.28 106.12
C GLN W 47 -97.69 -0.76 107.51
N LEU W 48 -97.53 0.10 108.52
CA LEU W 48 -97.86 -0.28 109.89
C LEU W 48 -99.35 -0.59 110.03
N GLU W 49 -100.20 0.25 109.42
CA GLU W 49 -101.64 0.02 109.49
C GLU W 49 -102.00 -1.32 108.88
N GLN W 50 -101.42 -1.63 107.72
CA GLN W 50 -101.72 -2.91 107.06
C GLN W 50 -101.22 -4.09 107.87
N ARG W 51 -100.04 -3.97 108.48
CA ARG W 51 -99.54 -5.05 109.33
C ARG W 51 -100.47 -5.29 110.52
N ILE W 52 -100.91 -4.20 111.17
CA ILE W 52 -101.83 -4.36 112.29
C ILE W 52 -103.12 -5.02 111.83
N SER W 53 -103.65 -4.57 110.69
CA SER W 53 -104.92 -5.11 110.19
C SER W 53 -104.80 -6.59 109.89
N SER W 54 -103.71 -7.00 109.24
CA SER W 54 -103.50 -8.42 109.01
C SER W 54 -103.41 -9.18 110.33
N LEU W 55 -102.80 -8.56 111.36
CA LEU W 55 -102.70 -9.22 112.65
C LEU W 55 -104.07 -9.46 113.28
N GLU W 56 -104.95 -8.43 113.29
CA GLU W 56 -106.24 -8.71 113.91
C GLU W 56 -107.08 -9.64 113.02
N GLN W 57 -106.88 -9.61 111.71
CA GLN W 57 -107.58 -10.60 110.88
C GLN W 57 -107.17 -12.01 111.27
N ARG W 58 -105.87 -12.25 111.40
CA ARG W 58 -105.39 -13.58 111.78
C ARG W 58 -105.93 -14.00 113.15
N LEU W 59 -105.86 -13.10 114.14
CA LEU W 59 -106.27 -13.49 115.48
C LEU W 59 -107.78 -13.63 115.59
N ASN W 60 -108.53 -12.80 114.86
CA ASN W 60 -109.98 -12.94 114.85
C ASN W 60 -110.40 -14.26 114.24
N ASN W 61 -109.75 -14.66 113.13
CA ASN W 61 -110.02 -15.98 112.58
C ASN W 61 -109.63 -17.06 113.56
N LEU W 62 -108.56 -16.84 114.34
CA LEU W 62 -108.16 -17.83 115.34
C LEU W 62 -109.22 -17.99 116.41
N GLU W 63 -109.81 -16.88 116.89
CA GLU W 63 -110.85 -16.97 117.90
C GLU W 63 -112.10 -17.65 117.38
N SER W 64 -112.46 -17.38 116.12
CA SER W 64 -113.64 -18.00 115.52
C SER W 64 -113.35 -19.42 115.07
N SER X 42 -101.72 13.40 118.08
CA SER X 42 -102.39 12.94 116.87
C SER X 42 -103.39 11.84 117.19
N GLU X 43 -104.60 11.97 116.64
CA GLU X 43 -105.63 10.95 116.89
C GLU X 43 -105.26 9.61 116.28
N ALA X 44 -104.58 9.63 115.13
CA ALA X 44 -104.16 8.37 114.50
C ALA X 44 -103.18 7.62 115.39
N PHE X 45 -102.22 8.32 115.98
CA PHE X 45 -101.23 7.65 116.83
C PHE X 45 -101.89 7.00 118.03
N VAL X 46 -102.79 7.71 118.70
CA VAL X 46 -103.41 7.14 119.89
C VAL X 46 -104.35 6.00 119.52
N GLN X 47 -105.04 6.11 118.37
CA GLN X 47 -105.90 5.01 117.97
C GLN X 47 -105.09 3.76 117.66
N LEU X 48 -103.95 3.92 116.98
CA LEU X 48 -103.04 2.79 116.80
C LEU X 48 -102.52 2.30 118.14
N GLU X 49 -102.38 3.22 119.10
CA GLU X 49 -101.91 2.83 120.43
C GLU X 49 -102.84 1.84 121.09
N GLN X 50 -104.14 2.16 121.20
CA GLN X 50 -105.01 1.19 121.86
C GLN X 50 -105.25 -0.02 120.97
N ARG X 51 -105.14 0.15 119.65
CA ARG X 51 -105.25 -1.03 118.77
C ARG X 51 -104.15 -2.04 119.08
N ILE X 52 -102.90 -1.58 119.13
CA ILE X 52 -101.79 -2.49 119.39
C ILE X 52 -101.87 -3.02 120.82
N SER X 53 -102.25 -2.17 121.78
CA SER X 53 -102.34 -2.63 123.17
C SER X 53 -103.40 -3.70 123.33
N SER X 54 -104.58 -3.50 122.72
CA SER X 54 -105.63 -4.51 122.80
C SER X 54 -105.23 -5.78 122.06
N LEU X 55 -104.51 -5.65 120.95
CA LEU X 55 -104.02 -6.81 120.23
C LEU X 55 -103.06 -7.62 121.10
N GLU X 56 -102.14 -6.93 121.79
CA GLU X 56 -101.21 -7.59 122.68
C GLU X 56 -101.94 -8.28 123.84
N GLN X 57 -102.92 -7.59 124.42
CA GLN X 57 -103.68 -8.18 125.52
C GLN X 57 -104.45 -9.40 125.05
N ARG X 58 -105.02 -9.35 123.84
CA ARG X 58 -105.74 -10.49 123.30
C ARG X 58 -104.81 -11.67 123.07
N LEU X 59 -103.60 -11.41 122.55
CA LEU X 59 -102.64 -12.50 122.37
C LEU X 59 -102.24 -13.11 123.71
N ASN X 60 -102.01 -12.27 124.72
CA ASN X 60 -101.65 -12.79 126.03
C ASN X 60 -102.79 -13.61 126.64
N ASN X 61 -104.03 -13.12 126.50
CA ASN X 61 -105.18 -13.86 127.02
C ASN X 61 -105.35 -15.19 126.31
N LEU X 62 -105.12 -15.23 124.99
CA LEU X 62 -105.16 -16.49 124.27
C LEU X 62 -104.08 -17.44 124.77
N GLU X 63 -102.88 -16.92 125.00
CA GLU X 63 -101.82 -17.74 125.58
C GLU X 63 -102.19 -18.17 127.00
N SER X 64 -102.74 -17.24 127.78
CA SER X 64 -103.11 -17.49 129.19
C SER X 64 -101.92 -18.00 129.99
#